data_8K43
#
_entry.id   8K43
#
_cell.length_a   1.00
_cell.length_b   1.00
_cell.length_c   1.00
_cell.angle_alpha   90.00
_cell.angle_beta   90.00
_cell.angle_gamma   90.00
#
_symmetry.space_group_name_H-M   'P 1'
#
loop_
_entity.id
_entity.type
_entity.pdbx_description
1 polymer 'RNA-directed RNA polymerase (Fragment)'
2 polymer VP2
#
loop_
_entity_poly.entity_id
_entity_poly.type
_entity_poly.pdbx_seq_one_letter_code
_entity_poly.pdbx_strand_id
1 'polypeptide(L)'
;MDVQEQFEGYLREEVDLLNKFEDSHFKQLEIFYTKSQTDHVINKDKLQFNALPFHTTLYKEINGKRVRLGTLLNWTKAER
LDTIRHESMIKDERLRRLIDFDYGWIDYAVVLQRYLDEGNTIESANILQFDGDFVNNIKHPTQKNNFLDIKVIKECETYI
LMKDDNGIRDPDILRAWELNSIPEVIELDVDGETKKFNLRKEMIKRIQDEAPVYFFCNPYRYAVANLDPNIPEVRLWLEY
FIGSEDFFGFNGPNVIVSKSLLAAKRFEVVVNHLRKVAAFELDVESKEVMNEWIKYIMIDPVYRSYKNRGAFGNLNQHVF
ARTKSEGLSWSLIDIGTTNFELKPTKKVAGSYVNKFNLVDDVLVEESLKDLRNEGLHKMADVTRRMIDADITPENVKKGK
LNRLALSYCGYTGSHSATAMVKQFNGTKDLDPNCDPMFVDIVKDNMRVYMQEGLQKYPQGSRKSNRLDILFKGGTSSASS
TNEHAVVNGRFRYRSELYRERDVNSSTVFKTATPGQYRVVKKISAKLKSKNANIVTHPMNFINFKVDDLDIVVNAGSRLV
RGTRAKRIITPNYGTIYAASLMTVLPAVRLLSSRASNMGALSTQGRIGTTYHGALPHDVMAPQLAVTSSDDVSKICVAKD
FGQFDTSQWGQISKAHADGVRSMKAHYSMGHDTLVDLDLNDASFADLLEVTAMSYERPLKYKMNGLVCESAGVKSGELTT
QTRNTTTNISHSTVALDDYNNRAYRLNLPKLELVTDNKVGDDSVEVLRVVDGSPLTPEIAKLYVNCMQDHADKNHLEISA
KRTIVGNNVAEHIKIWVFKGYLALDVFLDSVTSEKNSFSNLNYLEQVNILYDMAMTLMIRYCSVQACMTQFCNDMKLLNG
IRAGNYTFIPTPKIICAYGTPEICLRAPEIRSFGRYLPIDEDEYSVLNDLVASLSTNKPKMDFVAQMFEQNGNQVHGIWL
DHFKRKNDVNPDGGGIHISEGLKRLMPEYCERHLNELVYKTLDDKVIRDYTSDIIITNICKGKLSKAPKLAFFANFYLSL
TGFNGVDSPYLTADEGVKNVHRVIGLSYRNTLSTSPTANVDRILRNNPGSAPAYLTGNDILGVLSDYPYQNWRTVVELLD
ITEPSATAIIEVATNQMHAYLADKDLNTANLFDNTSRTYDISDRTYPKFVNITSNLSNSNRRGFQLEAMKHIIYMARRGI
ATLANTHPSKIGNTVYYDY
;
Z
2 'polypeptide(L)'
;MPRKKDQVTKNDDGNQTSDVQTQDFKTAVQPDTNTAQLIKTYSNPKQRGDKGEIIYDGGLSSKLADVVDKTTEPHNADGA
VKDGRIAPVKLDLEKQKLDKLKLFETSPFDPLTIKNNQDVVDKLYATQSSSIQEVVPTKTFATELQFGVTSEDMAKIYGA
VAAVSKNVNSSVTYEVKRGTHELIKVPTIPHNLVLIQSDNGKHALIKEDLGQWPVETGISLVNQAGVFAVQLANKLGIDK
PFVLDAGSNYFTDTSFIDTRKYCTDGLSPREIQKALNRQRAYYDRPELTISENKTLLSQSIIYPDADGNDVSIIFSGAMS
HAIFTYAQSQWNKNIIKLDDYIREITLTVPKQYRPRRFKEIEHTHGYVYRELNQGSLLPLVDANLKESSSYYFKKLMSSI
SNVPVDARTLQSATAALAADTGQAVNRAQHVSMLTNRLTTANAPTVRAITVLTCMFKQFRIGMTYALDPNIMDVAAATCM
LLFRPAQSISDEQYRYCLQTMAVFLTNTTYDIVNNDTIDVLKMKLRNQGWPFVERYNAVEIDMSVEPLRSPGQVGRYYNP
FNIDPLTKKHVEDRLEEFINQVQVGRFRNASGNAVGTTLAAFLRACRDKTSANWRGYSVLVSRYRSLIPNELFESLRNIS
GEYNINPQDEHSFFFALAQINADDEFIGAIDKESAEYLDEYATLARDISNSLTLVKAAFGPLERTSGSIINHANNLNKVI
NHVFADKPLISETMLKILTIDGTTGKDGYRNWLDKLVGHNYPVYVEPVVNIMNFISARFVADSSYFGYTNEIMIMPNHIN
VPVDDRFGFRDSPFCTSLPRTIMGNDVRRISYNVFSMMEDIDDVISEGFILYDAYFNFSYDIMTTDGVTRLKEDILIVTD
TGNDIKPIHFYIYFENRNDKKLRYESKMNVSYRLYIKTPACLLPLSDYMRAQHDYVSPSSSRVYIKDPAVVYTRS
;
a,A,B,A1,B1,A2,B2,A3,B3,A4,B4
#
# COMPACT_ATOMS: atom_id res chain seq x y z
N ASP A 2 -25.56 -13.90 25.24
CA ASP A 2 -24.77 -13.56 26.42
C ASP A 2 -23.34 -14.06 26.28
N VAL A 3 -22.98 -14.46 25.07
CA VAL A 3 -21.62 -14.95 24.82
C VAL A 3 -20.61 -13.82 24.97
N GLN A 4 -20.98 -12.60 24.60
CA GLN A 4 -20.06 -11.47 24.71
C GLN A 4 -19.67 -11.21 26.15
N GLU A 5 -20.63 -11.28 27.08
CA GLU A 5 -20.33 -11.06 28.48
C GLU A 5 -19.40 -12.14 29.02
N GLN A 6 -19.62 -13.39 28.61
CA GLN A 6 -18.73 -14.47 29.02
C GLN A 6 -17.32 -14.24 28.49
N PHE A 7 -17.20 -13.77 27.23
CA PHE A 7 -15.90 -13.47 26.67
C PHE A 7 -15.19 -12.37 27.46
N GLU A 8 -15.93 -11.32 27.81
CA GLU A 8 -15.33 -10.24 28.58
C GLU A 8 -14.88 -10.73 29.96
N GLY A 9 -15.69 -11.56 30.61
CA GLY A 9 -15.30 -12.11 31.89
C GLY A 9 -14.05 -12.98 31.78
N TYR A 10 -13.95 -13.76 30.72
CA TYR A 10 -12.76 -14.58 30.51
C TYR A 10 -11.52 -13.73 30.31
N LEU A 11 -11.64 -12.62 29.57
CA LEU A 11 -10.51 -11.71 29.42
C LEU A 11 -10.11 -11.09 30.75
N ARG A 12 -11.09 -10.74 31.58
CA ARG A 12 -10.77 -10.19 32.89
C ARG A 12 -10.05 -11.23 33.75
N GLU A 13 -10.48 -12.49 33.67
CA GLU A 13 -9.76 -13.55 34.37
C GLU A 13 -8.34 -13.70 33.84
N GLU A 14 -8.16 -13.50 32.53
CA GLU A 14 -6.83 -13.50 31.95
C GLU A 14 -5.94 -12.43 32.58
N VAL A 15 -6.49 -11.22 32.74
CA VAL A 15 -5.72 -10.15 33.36
C VAL A 15 -5.35 -10.50 34.78
N ASP A 16 -6.31 -11.06 35.54
CA ASP A 16 -6.03 -11.45 36.91
C ASP A 16 -4.92 -12.49 36.96
N LEU A 17 -4.96 -13.47 36.06
CA LEU A 17 -3.93 -14.50 36.03
C LEU A 17 -2.56 -13.90 35.68
N LEU A 18 -2.53 -12.93 34.76
CA LEU A 18 -1.28 -12.28 34.41
C LEU A 18 -0.67 -11.57 35.62
N ASN A 19 -1.51 -10.85 36.37
CA ASN A 19 -1.01 -10.16 37.55
C ASN A 19 -0.49 -11.15 38.59
N LYS A 20 -1.22 -12.25 38.82
CA LYS A 20 -0.77 -13.25 39.77
C LYS A 20 0.55 -13.87 39.34
N PHE A 21 0.70 -14.14 38.04
CA PHE A 21 1.92 -14.76 37.52
C PHE A 21 3.12 -13.83 37.70
N GLU A 22 2.95 -12.55 37.39
CA GLU A 22 4.05 -11.61 37.59
C GLU A 22 4.43 -11.49 39.07
N ASP A 23 3.41 -11.41 39.94
CA ASP A 23 3.69 -11.31 41.37
C ASP A 23 4.42 -12.55 41.87
N SER A 24 4.01 -13.73 41.42
CA SER A 24 4.69 -14.95 41.83
C SER A 24 6.13 -14.97 41.35
N HIS A 25 6.37 -14.49 40.13
CA HIS A 25 7.74 -14.43 39.63
C HIS A 25 8.61 -13.54 40.52
N PHE A 26 8.09 -12.37 40.89
CA PHE A 26 8.89 -11.47 41.73
C PHE A 26 9.12 -12.07 43.12
N LYS A 27 8.09 -12.69 43.70
CA LYS A 27 8.25 -13.33 45.00
C LYS A 27 9.30 -14.43 44.94
N GLN A 28 9.30 -15.22 43.86
CA GLN A 28 10.27 -16.31 43.77
C GLN A 28 11.68 -15.77 43.57
N LEU A 29 11.83 -14.71 42.78
CA LEU A 29 13.16 -14.11 42.65
C LEU A 29 13.59 -13.40 43.93
N GLU A 30 12.68 -13.16 44.86
CA GLU A 30 13.05 -12.55 46.12
C GLU A 30 13.87 -13.47 47.03
N ILE A 31 14.03 -14.74 46.68
CA ILE A 31 14.76 -15.66 47.56
C ILE A 31 16.16 -15.92 47.02
N PHE A 32 16.33 -15.82 45.69
CA PHE A 32 17.65 -16.03 45.11
C PHE A 32 18.55 -14.83 45.37
N TYR A 33 17.98 -13.64 45.30
CA TYR A 33 18.61 -12.42 45.77
C TYR A 33 17.73 -11.82 46.84
N THR A 34 18.32 -11.07 47.76
CA THR A 34 17.59 -10.59 48.92
C THR A 34 16.44 -9.69 48.50
N LYS A 35 15.60 -9.36 49.48
CA LYS A 35 14.44 -8.51 49.23
C LYS A 35 14.89 -7.17 48.64
N SER A 36 14.10 -6.66 47.70
CA SER A 36 14.43 -5.41 47.03
C SER A 36 14.59 -4.29 48.05
N GLN A 37 15.67 -3.53 47.91
CA GLN A 37 15.99 -2.50 48.90
C GLN A 37 15.46 -1.13 48.54
N THR A 38 15.38 -0.81 47.25
CA THR A 38 14.89 0.50 46.83
C THR A 38 13.98 0.35 45.61
N ASP A 39 13.10 1.33 45.45
CA ASP A 39 12.22 1.43 44.29
C ASP A 39 12.65 2.66 43.49
N HIS A 40 13.37 2.42 42.39
CA HIS A 40 13.94 3.48 41.59
C HIS A 40 12.98 3.82 40.46
N VAL A 41 12.54 5.07 40.42
CA VAL A 41 11.64 5.53 39.36
C VAL A 41 12.46 5.85 38.13
N ILE A 42 11.99 5.39 36.97
CA ILE A 42 12.81 5.43 35.77
C ILE A 42 13.05 6.88 35.34
N ASN A 43 12.03 7.72 35.43
CA ASN A 43 12.10 9.10 34.96
C ASN A 43 12.15 10.12 36.10
N LYS A 44 11.30 9.96 37.12
CA LYS A 44 11.20 10.97 38.17
C LYS A 44 12.49 11.06 38.97
N ASP A 45 12.99 9.94 39.46
CA ASP A 45 14.20 9.94 40.29
C ASP A 45 15.43 10.16 39.43
N LYS A 46 16.48 10.68 40.06
CA LYS A 46 17.76 10.92 39.41
C LYS A 46 18.85 10.17 40.18
N LEU A 47 19.53 9.27 39.49
CA LEU A 47 20.65 8.52 40.05
C LEU A 47 21.82 8.57 39.08
N GLN A 48 23.03 8.55 39.62
CA GLN A 48 24.25 8.67 38.84
C GLN A 48 24.91 7.32 38.58
N PHE A 49 24.12 6.24 38.54
CA PHE A 49 24.54 4.87 38.29
C PHE A 49 25.35 4.28 39.43
N ASN A 50 25.67 5.05 40.46
CA ASN A 50 26.28 4.54 41.67
C ASN A 50 25.35 4.84 42.85
N ALA A 51 25.74 4.39 44.03
CA ALA A 51 24.93 4.46 45.24
C ALA A 51 23.58 3.75 45.08
N LEU A 52 23.41 2.98 44.03
CA LEU A 52 22.24 2.13 43.85
C LEU A 52 22.48 0.81 44.57
N PRO A 53 21.53 0.35 45.38
CA PRO A 53 21.76 -0.86 46.18
C PRO A 53 21.96 -2.11 45.34
N PHE A 54 22.22 -3.23 46.01
CA PHE A 54 22.47 -4.49 45.30
C PHE A 54 21.25 -4.92 44.51
N HIS A 55 20.06 -4.76 45.07
CA HIS A 55 18.81 -5.15 44.43
C HIS A 55 17.87 -3.95 44.42
N THR A 56 17.40 -3.57 43.23
CA THR A 56 16.52 -2.42 43.09
C THR A 56 15.37 -2.78 42.16
N THR A 57 14.20 -2.22 42.43
CA THR A 57 13.02 -2.41 41.57
C THR A 57 12.86 -1.17 40.70
N LEU A 58 13.06 -1.33 39.40
CA LEU A 58 12.88 -0.24 38.45
C LEU A 58 11.41 -0.14 38.07
N TYR A 59 10.83 1.02 38.37
CA TYR A 59 9.45 1.37 38.06
C TYR A 59 9.43 2.52 37.07
N LYS A 60 8.30 2.68 36.38
CA LYS A 60 8.08 3.82 35.50
C LYS A 60 6.74 4.45 35.83
N GLU A 61 6.70 5.77 35.88
CA GLU A 61 5.50 6.52 36.23
C GLU A 61 4.88 7.11 34.98
N ILE A 62 3.57 6.94 34.83
CA ILE A 62 2.85 7.45 33.68
C ILE A 62 1.41 7.72 34.08
N ASN A 63 0.95 8.94 33.80
CA ASN A 63 -0.43 9.36 34.06
C ASN A 63 -0.81 9.00 35.51
N GLY A 64 -0.05 9.58 36.43
CA GLY A 64 -0.33 9.44 37.85
C GLY A 64 -0.29 8.03 38.38
N LYS A 65 0.27 7.10 37.60
CA LYS A 65 0.33 5.70 37.98
C LYS A 65 1.73 5.16 37.71
N ARG A 66 2.13 4.17 38.49
CA ARG A 66 3.44 3.55 38.37
C ARG A 66 3.31 2.10 37.94
N VAL A 67 4.17 1.68 37.02
CA VAL A 67 4.23 0.31 36.55
C VAL A 67 5.60 -0.26 36.89
N ARG A 68 5.67 -1.58 36.94
CA ARG A 68 6.85 -2.30 37.44
C ARG A 68 7.66 -2.81 36.25
N LEU A 69 8.73 -2.08 35.90
CA LEU A 69 9.55 -2.48 34.76
C LEU A 69 10.36 -3.73 35.05
N GLY A 70 11.06 -3.79 36.18
CA GLY A 70 11.87 -4.96 36.44
C GLY A 70 12.79 -4.77 37.62
N THR A 71 13.89 -5.54 37.62
CA THR A 71 14.84 -5.54 38.71
C THR A 71 16.25 -5.30 38.21
N LEU A 72 17.01 -4.49 38.94
CA LEU A 72 18.41 -4.24 38.67
C LEU A 72 19.27 -4.81 39.80
N LEU A 73 20.38 -5.44 39.42
CA LEU A 73 21.32 -6.02 40.36
C LEU A 73 22.69 -5.42 40.11
N ASN A 74 23.26 -4.79 41.14
CA ASN A 74 24.58 -4.18 41.08
C ASN A 74 25.54 -5.11 41.81
N TRP A 75 26.47 -5.72 41.07
CA TRP A 75 27.32 -6.76 41.63
C TRP A 75 28.47 -6.21 42.46
N THR A 76 28.73 -4.90 42.41
CA THR A 76 29.74 -4.32 43.29
C THR A 76 29.34 -4.43 44.74
N LYS A 77 28.06 -4.17 45.04
CA LYS A 77 27.55 -4.29 46.41
C LYS A 77 27.09 -5.72 46.69
N ALA A 78 28.02 -6.66 46.50
CA ALA A 78 27.74 -8.07 46.71
C ALA A 78 27.62 -8.44 48.18
N GLU A 79 27.95 -7.52 49.10
CA GLU A 79 27.92 -7.85 50.52
C GLU A 79 26.53 -8.31 50.95
N ARG A 80 25.48 -7.71 50.39
CA ARG A 80 24.13 -8.11 50.72
C ARG A 80 23.91 -9.60 50.49
N LEU A 81 24.58 -10.17 49.49
CA LEU A 81 24.39 -11.58 49.17
C LEU A 81 24.93 -12.50 50.26
N ASP A 82 25.85 -12.02 51.12
CA ASP A 82 26.25 -12.85 52.23
C ASP A 82 25.18 -12.97 53.30
N THR A 83 24.10 -12.19 53.20
CA THR A 83 22.98 -12.35 54.12
C THR A 83 22.31 -13.71 53.93
N ILE A 84 22.22 -14.18 52.68
CA ILE A 84 21.53 -15.42 52.37
C ILE A 84 22.51 -16.57 52.15
N ARG A 85 23.58 -16.36 51.41
CA ARG A 85 24.55 -17.40 51.13
C ARG A 85 25.94 -16.91 51.51
N HIS A 86 26.66 -17.73 52.28
CA HIS A 86 28.02 -17.40 52.67
C HIS A 86 28.70 -18.66 53.18
N GLU A 87 30.04 -18.64 53.17
CA GLU A 87 30.81 -19.77 53.66
C GLU A 87 30.70 -19.93 55.17
N SER A 88 30.35 -18.86 55.89
CA SER A 88 30.26 -18.95 57.35
C SER A 88 29.20 -19.95 57.79
N MET A 89 28.04 -19.93 57.14
CA MET A 89 26.97 -20.83 57.54
C MET A 89 27.29 -22.28 57.19
N ILE A 90 28.03 -22.50 56.11
CA ILE A 90 28.37 -23.87 55.71
C ILE A 90 29.32 -24.45 56.74
N LYS A 91 28.94 -25.59 57.31
CA LYS A 91 29.72 -26.19 58.39
C LYS A 91 30.07 -27.66 58.11
N ASP A 92 29.17 -28.39 57.47
CA ASP A 92 29.38 -29.81 57.27
C ASP A 92 30.58 -30.06 56.36
N GLU A 93 31.40 -31.04 56.75
CA GLU A 93 32.69 -31.24 56.08
C GLU A 93 32.52 -31.71 54.64
N ARG A 94 31.37 -32.27 54.29
CA ARG A 94 31.21 -32.79 52.94
C ARG A 94 31.08 -31.67 51.91
N LEU A 95 30.40 -30.58 52.26
CA LEU A 95 30.15 -29.51 51.31
C LEU A 95 31.30 -28.51 51.20
N ARG A 96 32.29 -28.58 52.09
CA ARG A 96 33.44 -27.69 51.96
C ARG A 96 34.17 -27.95 50.64
N ARG A 97 34.35 -29.23 50.29
CA ARG A 97 35.00 -29.56 49.02
C ARG A 97 34.17 -29.09 47.84
N LEU A 98 32.84 -29.16 47.94
CA LEU A 98 31.99 -28.65 46.87
C LEU A 98 32.17 -27.15 46.72
N ILE A 99 32.32 -26.44 47.84
CA ILE A 99 32.56 -25.01 47.79
C ILE A 99 33.91 -24.72 47.14
N ASP A 100 34.94 -25.48 47.50
CA ASP A 100 36.27 -25.21 46.95
C ASP A 100 36.36 -25.57 45.47
N PHE A 101 35.63 -26.59 45.03
CA PHE A 101 35.69 -26.99 43.62
C PHE A 101 35.24 -25.84 42.73
N ASP A 102 34.08 -25.27 43.02
CA ASP A 102 33.61 -24.08 42.33
C ASP A 102 32.56 -23.42 43.22
N TYR A 103 32.69 -22.11 43.40
CA TYR A 103 31.81 -21.40 44.32
C TYR A 103 30.36 -21.42 43.88
N GLY A 104 30.07 -21.76 42.63
CA GLY A 104 28.72 -21.65 42.10
C GLY A 104 27.69 -22.45 42.86
N TRP A 105 28.11 -23.48 43.57
CA TRP A 105 27.17 -24.33 44.31
C TRP A 105 26.78 -23.75 45.66
N ILE A 106 27.34 -22.60 46.04
CA ILE A 106 27.22 -22.12 47.43
C ILE A 106 25.76 -22.15 47.87
N ASP A 107 24.88 -21.54 47.07
CA ASP A 107 23.45 -21.52 47.40
C ASP A 107 22.94 -22.94 47.67
N TYR A 108 23.06 -23.81 46.67
CA TYR A 108 22.59 -25.18 46.85
C TYR A 108 23.20 -25.78 48.10
N ALA A 109 24.48 -25.52 48.33
CA ALA A 109 25.16 -26.08 49.50
C ALA A 109 24.41 -25.75 50.77
N VAL A 110 24.12 -24.46 50.99
CA VAL A 110 23.47 -24.10 52.25
C VAL A 110 22.08 -24.73 52.30
N VAL A 111 21.40 -24.82 51.16
CA VAL A 111 20.11 -25.50 51.14
C VAL A 111 20.27 -26.93 51.60
N LEU A 112 21.27 -27.63 51.07
CA LEU A 112 21.52 -28.99 51.48
C LEU A 112 21.73 -29.08 52.98
N GLN A 113 22.39 -28.07 53.57
CA GLN A 113 22.66 -28.14 54.99
C GLN A 113 21.37 -28.16 55.80
N ARG A 114 20.35 -27.43 55.36
CA ARG A 114 19.08 -27.51 56.08
C ARG A 114 18.60 -28.95 56.13
N TYR A 115 18.67 -29.65 54.99
CA TYR A 115 18.32 -31.07 54.97
C TYR A 115 19.18 -31.83 55.97
N LEU A 116 20.48 -31.54 56.00
CA LEU A 116 21.36 -32.17 56.98
C LEU A 116 20.99 -31.77 58.40
N ASP A 117 20.60 -30.51 58.62
CA ASP A 117 20.14 -30.12 59.94
C ASP A 117 18.75 -30.65 60.26
N GLU A 118 18.08 -31.27 59.28
CA GLU A 118 16.84 -31.96 59.58
C GLU A 118 17.10 -33.32 60.22
N GLY A 119 18.35 -33.73 60.33
CA GLY A 119 18.73 -34.97 60.97
C GLY A 119 18.93 -36.13 60.01
N ASN A 120 18.39 -36.04 58.80
CA ASN A 120 18.53 -37.12 57.84
C ASN A 120 19.91 -37.06 57.17
N THR A 121 20.57 -38.20 57.07
CA THR A 121 21.88 -38.31 56.47
C THR A 121 21.84 -39.30 55.31
N ILE A 122 22.51 -38.97 54.22
CA ILE A 122 22.57 -39.83 53.06
C ILE A 122 23.74 -40.79 53.20
N GLU A 123 23.70 -41.87 52.43
CA GLU A 123 24.72 -42.90 52.45
C GLU A 123 25.49 -42.91 51.13
N SER A 124 26.77 -43.23 51.21
CA SER A 124 27.60 -43.30 50.02
C SER A 124 27.16 -44.44 49.12
N ALA A 125 27.42 -44.30 47.83
CA ALA A 125 27.03 -45.28 46.83
C ALA A 125 28.27 -45.83 46.13
N ASN A 126 28.18 -47.09 45.71
CA ASN A 126 29.28 -47.75 45.03
C ASN A 126 29.44 -47.19 43.62
N ILE A 127 30.67 -46.89 43.25
CA ILE A 127 31.01 -46.42 41.91
C ILE A 127 31.69 -47.58 41.19
N LEU A 128 31.18 -47.90 40.00
CA LEU A 128 31.69 -49.05 39.26
C LEU A 128 33.11 -48.80 38.79
N GLN A 129 33.94 -49.83 38.88
CA GLN A 129 35.37 -49.70 38.64
C GLN A 129 35.73 -49.96 37.19
N PHE A 130 37.01 -49.83 36.87
CA PHE A 130 37.50 -50.03 35.51
C PHE A 130 37.50 -51.51 35.17
N ASP A 131 37.00 -51.85 34.00
CA ASP A 131 37.03 -53.22 33.47
C ASP A 131 38.21 -53.35 32.52
N GLY A 132 39.15 -54.24 32.85
CA GLY A 132 40.44 -54.24 32.20
C GLY A 132 40.38 -54.56 30.71
N ASP A 133 39.36 -55.29 30.27
CA ASP A 133 39.32 -55.77 28.89
C ASP A 133 39.36 -54.63 27.88
N PHE A 134 38.99 -53.42 28.30
CA PHE A 134 39.03 -52.25 27.42
C PHE A 134 40.43 -52.08 26.83
N VAL A 135 41.48 -52.46 27.56
CA VAL A 135 42.84 -52.26 27.06
C VAL A 135 43.06 -53.05 25.78
N ASN A 136 42.32 -54.14 25.59
CA ASN A 136 42.42 -54.91 24.35
C ASN A 136 41.61 -54.31 23.21
N ASN A 137 40.75 -53.34 23.50
CA ASN A 137 39.86 -52.76 22.50
C ASN A 137 40.42 -51.52 21.83
N ILE A 138 41.59 -51.05 22.25
CA ILE A 138 42.21 -49.89 21.60
C ILE A 138 43.05 -50.39 20.42
N LYS A 139 42.77 -49.87 19.24
CA LYS A 139 43.51 -50.21 18.04
C LYS A 139 44.12 -48.94 17.46
N HIS A 140 45.42 -48.97 17.21
CA HIS A 140 46.11 -47.85 16.59
C HIS A 140 46.54 -48.25 15.20
N PRO A 141 45.77 -47.93 14.16
CA PRO A 141 46.09 -48.41 12.82
C PRO A 141 47.24 -47.64 12.20
N THR A 142 47.95 -48.31 11.30
CA THR A 142 49.07 -47.73 10.58
C THR A 142 49.24 -48.47 9.27
N GLN A 143 50.15 -47.97 8.44
CA GLN A 143 50.37 -48.57 7.13
C GLN A 143 50.93 -49.99 7.23
N LYS A 144 51.60 -50.32 8.34
CA LYS A 144 52.22 -51.63 8.48
C LYS A 144 51.18 -52.75 8.44
N ASN A 145 50.05 -52.54 9.10
CA ASN A 145 48.99 -53.55 9.16
C ASN A 145 47.91 -53.33 8.11
N ASN A 146 48.22 -52.53 7.07
CA ASN A 146 47.25 -52.18 6.04
C ASN A 146 46.00 -51.54 6.63
N PHE A 147 46.20 -50.74 7.68
CA PHE A 147 45.11 -50.05 8.38
C PHE A 147 44.05 -51.04 8.83
N LEU A 148 44.51 -52.17 9.37
CA LEU A 148 43.64 -53.25 9.85
C LEU A 148 42.75 -53.79 8.75
N ASP A 149 43.23 -53.74 7.50
CA ASP A 149 42.55 -54.34 6.36
C ASP A 149 41.13 -53.80 6.19
N ILE A 150 41.00 -52.48 6.31
CA ILE A 150 39.73 -51.80 6.10
C ILE A 150 39.95 -50.72 5.03
N LYS A 151 39.08 -50.73 4.01
CA LYS A 151 39.32 -49.90 2.83
C LYS A 151 39.10 -48.42 3.11
N VAL A 152 38.10 -48.08 3.93
CA VAL A 152 37.71 -46.69 4.08
C VAL A 152 38.79 -45.90 4.81
N ILE A 153 39.45 -46.50 5.79
CA ILE A 153 40.41 -45.78 6.61
C ILE A 153 41.71 -45.60 5.84
N LYS A 154 42.13 -44.35 5.71
CA LYS A 154 43.41 -43.99 5.11
C LYS A 154 43.97 -42.80 5.88
N GLU A 155 45.26 -42.87 6.24
CA GLU A 155 45.96 -41.80 6.94
C GLU A 155 45.24 -41.46 8.26
N CYS A 156 45.29 -42.42 9.17
CA CYS A 156 44.68 -42.30 10.49
C CYS A 156 45.77 -42.15 11.56
N GLU A 157 45.63 -41.14 12.42
CA GLU A 157 46.54 -40.93 13.53
C GLU A 157 45.80 -40.90 14.88
N THR A 158 44.72 -41.66 15.00
CA THR A 158 43.96 -41.70 16.23
C THR A 158 43.59 -43.14 16.56
N TYR A 159 43.29 -43.37 17.83
CA TYR A 159 42.87 -44.69 18.27
C TYR A 159 41.45 -44.98 17.84
N ILE A 160 41.12 -46.27 17.75
CA ILE A 160 39.80 -46.74 17.37
C ILE A 160 39.37 -47.79 18.38
N LEU A 161 38.10 -47.75 18.77
CA LEU A 161 37.54 -48.72 19.70
C LEU A 161 36.75 -49.73 18.87
N MET A 162 37.36 -50.89 18.62
CA MET A 162 36.77 -51.92 17.78
C MET A 162 36.50 -53.16 18.62
N LYS A 163 35.44 -53.89 18.26
CA LYS A 163 35.06 -55.09 19.00
C LYS A 163 36.16 -56.14 18.91
N ASP A 164 36.43 -56.78 20.04
CA ASP A 164 37.45 -57.82 20.11
C ASP A 164 36.95 -58.97 20.98
N ASP A 165 37.54 -60.14 20.79
CA ASP A 165 37.14 -61.32 21.57
C ASP A 165 37.46 -61.13 23.04
N ASN A 166 38.61 -60.53 23.35
CA ASN A 166 39.00 -60.23 24.72
C ASN A 166 38.64 -58.80 25.12
N GLY A 167 37.57 -58.25 24.54
CA GLY A 167 37.16 -56.89 24.82
C GLY A 167 35.72 -56.82 25.24
N ILE A 168 35.39 -55.73 25.94
CA ILE A 168 34.03 -55.52 26.42
C ILE A 168 33.11 -55.19 25.24
N ARG A 169 31.85 -55.59 25.36
CA ARG A 169 30.89 -55.33 24.30
C ARG A 169 30.57 -53.84 24.22
N ASP A 170 30.32 -53.36 23.00
CA ASP A 170 30.08 -51.95 22.70
C ASP A 170 31.21 -51.11 23.26
N PRO A 171 32.42 -51.22 22.70
CA PRO A 171 33.55 -50.49 23.28
C PRO A 171 33.45 -48.99 23.12
N ASP A 172 32.78 -48.50 22.08
CA ASP A 172 32.79 -47.07 21.79
C ASP A 172 32.06 -46.27 22.87
N ILE A 173 30.97 -46.83 23.41
CA ILE A 173 30.14 -46.07 24.33
C ILE A 173 30.90 -45.77 25.61
N LEU A 174 30.89 -44.51 26.02
CA LEU A 174 31.61 -44.10 27.21
C LEU A 174 30.90 -44.62 28.46
N ARG A 175 31.67 -45.14 29.39
CA ARG A 175 31.15 -45.70 30.63
C ARG A 175 31.53 -44.80 31.80
N ALA A 176 30.66 -44.79 32.81
CA ALA A 176 30.95 -44.04 34.02
C ALA A 176 32.02 -44.76 34.82
N TRP A 177 33.16 -44.10 35.04
CA TRP A 177 34.31 -44.73 35.66
C TRP A 177 34.92 -43.80 36.70
N GLU A 178 35.51 -44.42 37.72
CA GLU A 178 36.34 -43.69 38.67
C GLU A 178 37.62 -43.22 38.01
N LEU A 179 38.05 -42.02 38.37
CA LEU A 179 39.20 -41.41 37.71
C LEU A 179 40.54 -41.96 38.17
N ASN A 180 40.57 -42.78 39.23
CA ASN A 180 41.82 -43.41 39.67
C ASN A 180 42.02 -44.68 38.86
N SER A 181 42.16 -44.51 37.55
CA SER A 181 42.48 -45.58 36.63
C SER A 181 43.72 -45.19 35.85
N ILE A 182 44.41 -46.21 35.34
CA ILE A 182 45.82 -46.16 34.92
C ILE A 182 46.17 -44.87 34.19
N PRO A 183 47.00 -44.01 34.78
CA PRO A 183 47.46 -42.82 34.05
C PRO A 183 48.11 -43.14 32.72
N GLU A 184 48.89 -44.22 32.66
CA GLU A 184 49.74 -44.52 31.52
C GLU A 184 49.75 -46.03 31.33
N VAL A 185 49.37 -46.48 30.13
CA VAL A 185 49.27 -47.89 29.83
C VAL A 185 50.04 -48.17 28.54
N ILE A 186 50.83 -49.24 28.55
CA ILE A 186 51.63 -49.59 27.38
C ILE A 186 50.72 -50.12 26.28
N GLU A 187 51.07 -49.79 25.03
CA GLU A 187 50.29 -50.21 23.87
C GLU A 187 51.13 -51.15 23.01
N LEU A 188 50.52 -52.25 22.56
CA LEU A 188 51.22 -53.26 21.76
C LEU A 188 50.95 -53.00 20.29
N ASP A 189 51.65 -52.01 19.74
CA ASP A 189 51.57 -51.71 18.32
C ASP A 189 52.51 -52.64 17.55
N VAL A 190 52.78 -52.30 16.29
CA VAL A 190 53.72 -53.08 15.50
C VAL A 190 55.10 -53.05 16.15
N ASP A 191 55.53 -51.88 16.61
CA ASP A 191 56.78 -51.81 17.37
C ASP A 191 56.60 -52.34 18.78
N GLY A 192 55.42 -52.16 19.37
CA GLY A 192 55.14 -52.63 20.71
C GLY A 192 55.60 -51.71 21.83
N GLU A 193 56.22 -50.58 21.50
CA GLU A 193 56.73 -49.65 22.50
C GLU A 193 55.84 -48.43 22.69
N THR A 194 54.72 -48.34 21.96
CA THR A 194 53.87 -47.16 22.05
C THR A 194 53.22 -47.07 23.42
N LYS A 195 53.16 -45.86 23.95
CA LYS A 195 52.54 -45.58 25.24
C LYS A 195 51.42 -44.57 25.05
N LYS A 196 50.27 -44.84 25.66
CA LYS A 196 49.09 -43.99 25.53
C LYS A 196 48.61 -43.58 26.90
N PHE A 197 48.31 -42.29 27.06
CA PHE A 197 47.81 -41.76 28.34
C PHE A 197 46.30 -41.96 28.36
N ASN A 198 45.89 -43.18 28.69
CA ASN A 198 44.48 -43.56 28.59
C ASN A 198 43.61 -42.69 29.48
N LEU A 199 44.06 -42.41 30.71
CA LEU A 199 43.29 -41.58 31.61
C LEU A 199 43.09 -40.18 31.03
N ARG A 200 44.16 -39.59 30.48
CA ARG A 200 44.09 -38.23 29.98
C ARG A 200 43.10 -38.11 28.83
N LYS A 201 43.22 -38.98 27.83
CA LYS A 201 42.30 -38.91 26.69
C LYS A 201 40.88 -39.22 27.13
N GLU A 202 40.68 -40.33 27.85
CA GLU A 202 39.32 -40.71 28.24
C GLU A 202 38.67 -39.70 29.18
N MET A 203 39.46 -38.88 29.86
CA MET A 203 38.87 -37.87 30.73
C MET A 203 38.63 -36.55 30.02
N ILE A 204 39.48 -36.17 29.08
CA ILE A 204 39.33 -34.89 28.41
C ILE A 204 38.43 -35.02 27.19
N LYS A 205 38.85 -35.83 26.22
CA LYS A 205 38.16 -35.86 24.94
C LYS A 205 36.75 -36.42 25.07
N ARG A 206 36.61 -37.51 25.83
CA ARG A 206 35.34 -38.22 25.87
C ARG A 206 34.29 -37.49 26.71
N ILE A 207 34.71 -36.70 27.69
CA ILE A 207 33.73 -36.00 28.53
C ILE A 207 33.07 -34.86 27.78
N GLN A 208 33.63 -34.42 26.66
CA GLN A 208 33.07 -33.33 25.87
C GLN A 208 32.53 -33.77 24.53
N ASP A 209 33.21 -34.68 23.84
CA ASP A 209 32.71 -35.14 22.55
C ASP A 209 31.51 -36.05 22.72
N GLU A 210 31.53 -36.94 23.72
CA GLU A 210 30.51 -37.97 23.83
C GLU A 210 29.29 -37.47 24.60
N ALA A 211 29.50 -36.82 25.74
CA ALA A 211 28.42 -36.48 26.66
C ALA A 211 28.46 -34.99 26.98
N PRO A 212 27.99 -34.14 26.07
CA PRO A 212 27.91 -32.72 26.37
C PRO A 212 26.68 -32.41 27.22
N VAL A 213 26.85 -31.48 28.16
CA VAL A 213 25.76 -30.96 28.97
C VAL A 213 25.78 -29.45 28.86
N TYR A 214 24.71 -28.88 28.29
CA TYR A 214 24.58 -27.45 28.09
C TYR A 214 23.19 -27.04 28.59
N PHE A 215 23.11 -26.69 29.87
CA PHE A 215 21.84 -26.30 30.46
C PHE A 215 21.40 -24.95 29.89
N PHE A 216 20.08 -24.81 29.71
CA PHE A 216 19.54 -23.57 29.18
C PHE A 216 19.77 -22.40 30.13
N CYS A 217 19.73 -22.66 31.43
CA CYS A 217 19.97 -21.66 32.45
C CYS A 217 21.20 -22.06 33.27
N ASN A 218 21.46 -21.31 34.33
CA ASN A 218 22.55 -21.66 35.23
C ASN A 218 22.18 -22.93 35.99
N PRO A 219 22.97 -24.00 35.86
CA PRO A 219 22.59 -25.26 36.53
C PRO A 219 22.45 -25.12 38.04
N TYR A 220 23.27 -24.27 38.67
CA TYR A 220 23.17 -24.08 40.11
C TYR A 220 21.82 -23.47 40.48
N ARG A 221 21.38 -22.46 39.74
CA ARG A 221 20.09 -21.84 40.01
C ARG A 221 18.96 -22.85 39.85
N TYR A 222 19.02 -23.66 38.79
CA TYR A 222 17.97 -24.65 38.56
C TYR A 222 17.95 -25.70 39.66
N ALA A 223 19.13 -26.14 40.09
CA ALA A 223 19.20 -27.12 41.17
C ALA A 223 18.61 -26.56 42.44
N VAL A 224 18.91 -25.30 42.75
CA VAL A 224 18.31 -24.68 43.94
C VAL A 224 16.81 -24.60 43.80
N ALA A 225 16.31 -24.22 42.62
CA ALA A 225 14.90 -23.94 42.46
C ALA A 225 14.05 -25.22 42.48
N ASN A 226 14.48 -26.25 41.76
CA ASN A 226 13.64 -27.44 41.58
C ASN A 226 14.07 -28.65 42.38
N LEU A 227 15.38 -28.88 42.54
CA LEU A 227 15.86 -30.12 43.16
C LEU A 227 15.62 -30.05 44.67
N ASP A 228 14.42 -30.44 45.07
CA ASP A 228 14.06 -30.49 46.48
C ASP A 228 14.61 -31.76 47.10
N PRO A 229 15.37 -31.67 48.19
CA PRO A 229 16.02 -32.87 48.74
C PRO A 229 15.06 -33.96 49.17
N ASN A 230 13.84 -33.61 49.62
CA ASN A 230 12.92 -34.60 50.14
C ASN A 230 12.36 -35.53 49.07
N ILE A 231 12.51 -35.19 47.80
CA ILE A 231 12.05 -36.08 46.73
C ILE A 231 12.89 -37.34 46.71
N PRO A 232 12.29 -38.53 46.59
CA PRO A 232 13.10 -39.75 46.61
C PRO A 232 14.17 -39.80 45.54
N GLU A 233 13.86 -39.32 44.33
CA GLU A 233 14.88 -39.31 43.27
C GLU A 233 16.02 -38.36 43.59
N VAL A 234 15.71 -37.19 44.15
CA VAL A 234 16.77 -36.26 44.52
C VAL A 234 17.64 -36.86 45.62
N ARG A 235 17.03 -37.54 46.58
CA ARG A 235 17.81 -38.21 47.61
C ARG A 235 18.70 -39.29 47.00
N LEU A 236 18.17 -40.06 46.06
CA LEU A 236 18.95 -41.11 45.43
C LEU A 236 20.14 -40.53 44.66
N TRP A 237 19.91 -39.44 43.93
CA TRP A 237 21.01 -38.80 43.22
C TRP A 237 22.03 -38.23 44.20
N LEU A 238 21.56 -37.66 45.30
CA LEU A 238 22.46 -37.12 46.32
C LEU A 238 23.36 -38.22 46.87
N GLU A 239 22.78 -39.40 47.11
CA GLU A 239 23.58 -40.55 47.52
C GLU A 239 24.71 -40.81 46.54
N TYR A 240 24.45 -40.62 45.25
CA TYR A 240 25.49 -40.68 44.23
C TYR A 240 26.29 -39.39 44.11
N PHE A 241 25.80 -38.29 44.67
CA PHE A 241 26.45 -36.98 44.49
C PHE A 241 27.31 -36.58 45.68
N ILE A 242 26.71 -36.46 46.87
CA ILE A 242 27.48 -36.15 48.06
C ILE A 242 28.04 -37.40 48.70
N GLY A 243 27.23 -38.46 48.79
CA GLY A 243 27.77 -39.76 49.13
C GLY A 243 28.76 -40.21 48.07
N SER A 244 29.86 -40.80 48.52
CA SER A 244 31.00 -41.22 47.71
C SER A 244 31.76 -40.04 47.12
N GLU A 245 31.32 -38.80 47.38
CA GLU A 245 32.03 -37.59 46.98
C GLU A 245 32.24 -37.53 45.46
N ASP A 246 31.13 -37.56 44.73
CA ASP A 246 31.15 -37.43 43.27
C ASP A 246 30.81 -35.99 42.92
N PHE A 247 31.80 -35.24 42.46
CA PHE A 247 31.67 -33.81 42.26
C PHE A 247 31.88 -33.47 40.79
N PHE A 248 31.21 -32.41 40.35
CA PHE A 248 31.38 -31.91 38.98
C PHE A 248 30.98 -30.44 38.95
N GLY A 249 31.47 -29.74 37.93
CA GLY A 249 31.17 -28.33 37.80
C GLY A 249 31.33 -27.90 36.36
N PHE A 250 31.02 -26.63 36.11
CA PHE A 250 31.09 -26.06 34.77
C PHE A 250 31.99 -24.83 34.78
N ASN A 251 32.94 -24.81 33.84
CA ASN A 251 33.81 -23.66 33.62
C ASN A 251 33.65 -23.23 32.18
N GLY A 252 33.22 -21.98 31.98
CA GLY A 252 32.88 -21.50 30.67
C GLY A 252 31.80 -22.37 30.05
N PRO A 253 32.10 -22.96 28.90
CA PRO A 253 31.17 -23.93 28.30
C PRO A 253 31.43 -25.38 28.67
N ASN A 254 32.57 -25.69 29.27
CA ASN A 254 32.99 -27.07 29.47
C ASN A 254 32.68 -27.54 30.88
N VAL A 255 32.80 -28.85 31.08
CA VAL A 255 32.49 -29.50 32.35
C VAL A 255 33.76 -30.10 32.91
N ILE A 256 33.99 -29.88 34.21
CA ILE A 256 35.15 -30.40 34.92
C ILE A 256 34.67 -31.40 35.97
N VAL A 257 35.30 -32.57 36.00
CA VAL A 257 34.91 -33.64 36.91
C VAL A 257 35.96 -33.75 38.00
N SER A 258 35.61 -34.50 39.06
CA SER A 258 36.47 -34.64 40.23
C SER A 258 36.96 -36.07 40.42
N LYS A 259 36.05 -37.04 40.54
CA LYS A 259 36.47 -38.39 40.90
C LYS A 259 35.86 -39.43 39.97
N SER A 260 34.69 -39.14 39.41
CA SER A 260 33.97 -40.08 38.57
C SER A 260 33.70 -39.47 37.20
N LEU A 261 33.87 -40.28 36.16
CA LEU A 261 33.47 -39.88 34.83
C LEU A 261 31.94 -39.85 34.73
N LEU A 262 31.45 -39.03 33.80
CA LEU A 262 30.02 -38.92 33.52
C LEU A 262 29.23 -38.48 34.75
N ALA A 263 29.84 -37.64 35.59
CA ALA A 263 29.15 -37.15 36.78
C ALA A 263 27.98 -36.26 36.39
N ALA A 264 28.18 -35.35 35.43
CA ALA A 264 27.12 -34.44 35.03
C ALA A 264 25.97 -35.15 34.35
N LYS A 265 26.21 -36.33 33.77
CA LYS A 265 25.13 -37.07 33.14
C LYS A 265 24.09 -37.50 34.16
N ARG A 266 24.50 -37.78 35.40
CA ARG A 266 23.53 -38.11 36.43
C ARG A 266 22.64 -36.91 36.74
N PHE A 267 23.22 -35.72 36.81
CA PHE A 267 22.43 -34.50 36.99
C PHE A 267 21.43 -34.32 35.85
N GLU A 268 21.90 -34.49 34.62
CA GLU A 268 21.00 -34.38 33.47
C GLU A 268 19.88 -35.39 33.56
N VAL A 269 20.21 -36.62 33.95
CA VAL A 269 19.21 -37.69 34.00
C VAL A 269 18.16 -37.40 35.06
N VAL A 270 18.60 -36.95 36.24
CA VAL A 270 17.64 -36.73 37.33
C VAL A 270 16.75 -35.53 37.04
N VAL A 271 17.31 -34.45 36.47
CA VAL A 271 16.46 -33.32 36.13
C VAL A 271 15.49 -33.69 35.02
N ASN A 272 15.94 -34.52 34.07
CA ASN A 272 15.04 -35.00 33.04
C ASN A 272 13.91 -35.82 33.64
N HIS A 273 14.23 -36.67 34.62
CA HIS A 273 13.18 -37.45 35.28
C HIS A 273 12.16 -36.54 35.92
N LEU A 274 12.62 -35.57 36.69
CA LEU A 274 11.71 -34.67 37.39
C LEU A 274 10.80 -33.96 36.40
N ARG A 275 11.39 -33.34 35.38
CA ARG A 275 10.59 -32.56 34.44
C ARG A 275 9.63 -33.44 33.64
N LYS A 276 10.09 -34.59 33.16
CA LYS A 276 9.24 -35.46 32.37
C LYS A 276 8.08 -36.00 33.19
N VAL A 277 8.35 -36.41 34.43
CA VAL A 277 7.28 -36.90 35.30
C VAL A 277 6.26 -35.81 35.57
N ALA A 278 6.75 -34.59 35.85
CA ALA A 278 5.83 -33.48 36.10
C ALA A 278 4.98 -33.18 34.86
N ALA A 279 5.59 -33.20 33.68
CA ALA A 279 4.88 -32.80 32.48
C ALA A 279 3.86 -33.84 32.04
N PHE A 280 4.25 -35.12 32.04
CA PHE A 280 3.38 -36.15 31.47
C PHE A 280 2.18 -36.46 32.36
N GLU A 281 2.18 -36.03 33.61
CA GLU A 281 1.10 -36.34 34.55
C GLU A 281 0.86 -37.85 34.62
N LEU A 282 1.95 -38.59 34.78
CA LEU A 282 1.90 -40.03 34.75
C LEU A 282 1.14 -40.58 35.95
N ASP A 283 0.45 -41.71 35.74
CA ASP A 283 -0.28 -42.38 36.80
C ASP A 283 0.69 -43.11 37.72
N VAL A 284 0.14 -43.65 38.81
CA VAL A 284 0.98 -44.21 39.88
C VAL A 284 1.80 -45.37 39.37
N GLU A 285 1.23 -46.21 38.51
CA GLU A 285 1.98 -47.32 37.94
C GLU A 285 3.15 -46.82 37.11
N SER A 286 2.91 -45.75 36.33
CA SER A 286 3.99 -45.14 35.57
C SER A 286 5.06 -44.55 36.49
N LYS A 287 4.63 -43.94 37.59
CA LYS A 287 5.60 -43.47 38.57
C LYS A 287 6.45 -44.61 39.10
N GLU A 288 5.83 -45.77 39.35
CA GLU A 288 6.59 -46.90 39.85
C GLU A 288 7.61 -47.39 38.83
N VAL A 289 7.21 -47.50 37.56
CA VAL A 289 8.16 -48.00 36.57
C VAL A 289 9.27 -46.99 36.31
N MET A 290 8.99 -45.69 36.43
CA MET A 290 10.05 -44.70 36.30
C MET A 290 10.97 -44.69 37.52
N ASN A 291 10.44 -44.97 38.71
CA ASN A 291 11.30 -45.21 39.87
C ASN A 291 12.24 -46.37 39.59
N GLU A 292 11.70 -47.45 39.02
CA GLU A 292 12.52 -48.62 38.71
C GLU A 292 13.61 -48.26 37.71
N TRP A 293 13.26 -47.53 36.66
CA TRP A 293 14.22 -47.20 35.61
C TRP A 293 15.30 -46.26 36.13
N ILE A 294 14.92 -45.24 36.91
CA ILE A 294 15.90 -44.31 37.45
C ILE A 294 16.83 -45.03 38.42
N LYS A 295 16.32 -46.02 39.16
CA LYS A 295 17.21 -46.84 39.96
C LYS A 295 18.16 -47.67 39.10
N TYR A 296 17.63 -48.26 38.03
CA TYR A 296 18.42 -49.19 37.24
C TYR A 296 19.53 -48.50 36.45
N ILE A 297 19.30 -47.27 35.98
CA ILE A 297 20.24 -46.63 35.08
C ILE A 297 21.06 -45.53 35.75
N MET A 298 20.92 -45.35 37.07
CA MET A 298 21.78 -44.40 37.75
C MET A 298 23.23 -44.88 37.81
N ILE A 299 23.46 -46.18 37.74
CA ILE A 299 24.82 -46.72 37.76
C ILE A 299 25.60 -46.22 36.54
N ASP A 300 25.02 -46.37 35.37
CA ASP A 300 25.61 -45.88 34.13
C ASP A 300 24.55 -45.09 33.36
N PRO A 301 24.65 -43.76 33.33
CA PRO A 301 23.54 -42.96 32.77
C PRO A 301 23.22 -43.27 31.32
N VAL A 302 24.23 -43.65 30.52
CA VAL A 302 24.06 -43.76 29.08
C VAL A 302 24.11 -45.21 28.61
N TYR A 303 25.01 -46.01 29.16
CA TYR A 303 25.26 -47.33 28.59
C TYR A 303 24.05 -48.25 28.74
N ARG A 304 23.34 -48.18 29.86
CA ARG A 304 22.19 -49.05 30.04
C ARG A 304 21.13 -48.81 28.96
N SER A 305 20.89 -47.55 28.63
CA SER A 305 19.99 -47.23 27.52
C SER A 305 20.47 -47.86 26.22
N TYR A 306 21.78 -47.81 25.98
CA TYR A 306 22.34 -48.42 24.77
C TYR A 306 22.18 -49.93 24.78
N LYS A 307 22.19 -50.55 25.95
CA LYS A 307 21.86 -51.97 26.03
C LYS A 307 20.42 -52.21 25.60
N ASN A 308 19.47 -51.49 26.18
CA ASN A 308 18.07 -51.84 25.95
C ASN A 308 17.44 -51.16 24.74
N ARG A 309 18.22 -50.46 23.91
CA ARG A 309 17.66 -49.90 22.67
C ARG A 309 16.93 -50.95 21.85
N GLY A 310 17.58 -52.08 21.60
CA GLY A 310 17.00 -53.06 20.69
C GLY A 310 15.73 -53.68 21.24
N ALA A 311 15.74 -54.07 22.52
CA ALA A 311 14.56 -54.64 23.12
C ALA A 311 13.42 -53.64 23.16
N PHE A 312 13.72 -52.38 23.51
CA PHE A 312 12.68 -51.37 23.55
C PHE A 312 12.08 -51.12 22.18
N GLY A 313 12.91 -51.07 21.14
CA GLY A 313 12.40 -50.89 19.80
C GLY A 313 11.52 -52.04 19.36
N ASN A 314 11.97 -53.27 19.61
CA ASN A 314 11.19 -54.43 19.21
C ASN A 314 9.85 -54.48 19.95
N LEU A 315 9.84 -54.11 21.23
CA LEU A 315 8.59 -54.11 21.97
C LEU A 315 7.67 -52.97 21.54
N ASN A 316 8.22 -51.80 21.25
CA ASN A 316 7.41 -50.64 20.89
C ASN A 316 6.84 -50.76 19.49
N GLN A 317 7.50 -51.54 18.62
CA GLN A 317 6.97 -51.72 17.27
C GLN A 317 5.59 -52.35 17.28
N HIS A 318 5.35 -53.27 18.21
CA HIS A 318 4.12 -54.05 18.24
C HIS A 318 3.11 -53.54 19.25
N VAL A 319 3.31 -52.34 19.79
CA VAL A 319 2.38 -51.80 20.78
C VAL A 319 1.00 -51.68 20.15
N PHE A 320 -0.02 -52.17 20.86
CA PHE A 320 -1.42 -52.14 20.44
C PHE A 320 -1.66 -52.97 19.18
N ALA A 321 -0.88 -54.04 18.99
CA ALA A 321 -1.01 -54.84 17.79
C ALA A 321 -2.37 -55.53 17.72
N ARG A 322 -2.81 -56.13 18.81
CA ARG A 322 -4.14 -56.74 18.91
C ARG A 322 -4.96 -55.93 19.90
N THR A 323 -5.74 -54.99 19.38
CA THR A 323 -6.60 -54.15 20.20
C THR A 323 -8.06 -54.48 19.89
N LYS A 324 -8.81 -54.86 20.94
CA LYS A 324 -10.21 -55.17 20.76
C LYS A 324 -11.05 -53.90 20.56
N SER A 325 -10.55 -52.75 20.98
CA SER A 325 -11.31 -51.51 20.91
C SER A 325 -11.55 -51.09 19.46
N GLU A 326 -12.73 -50.54 19.21
CA GLU A 326 -13.07 -50.13 17.84
C GLU A 326 -12.32 -48.88 17.42
N GLY A 327 -12.14 -47.94 18.33
CA GLY A 327 -11.44 -46.72 17.97
C GLY A 327 -12.26 -45.83 17.06
N LEU A 328 -11.55 -45.00 16.32
CA LEU A 328 -12.18 -44.02 15.42
C LEU A 328 -12.55 -44.69 14.10
N SER A 329 -13.07 -43.87 13.17
CA SER A 329 -13.41 -44.35 11.84
C SER A 329 -13.33 -43.19 10.86
N TRP A 330 -12.78 -43.47 9.68
CA TRP A 330 -12.68 -42.49 8.62
C TRP A 330 -13.01 -43.16 7.28
N SER A 331 -13.39 -42.34 6.32
CA SER A 331 -13.74 -42.84 4.99
C SER A 331 -12.50 -43.02 4.13
N LEU A 332 -12.49 -44.08 3.33
CA LEU A 332 -11.43 -44.35 2.39
C LEU A 332 -11.67 -43.69 1.04
N ILE A 333 -12.75 -42.93 0.91
CA ILE A 333 -13.08 -42.30 -0.36
C ILE A 333 -11.99 -41.32 -0.75
N ASP A 334 -11.60 -41.35 -2.02
CA ASP A 334 -10.63 -40.42 -2.59
C ASP A 334 -9.29 -40.58 -1.86
N ILE A 335 -8.84 -41.84 -1.77
CA ILE A 335 -7.60 -42.13 -1.06
C ILE A 335 -6.39 -42.06 -1.97
N GLY A 336 -6.57 -42.15 -3.28
CA GLY A 336 -5.45 -42.19 -4.20
C GLY A 336 -5.14 -40.87 -4.87
N THR A 337 -5.63 -39.77 -4.31
CA THR A 337 -5.37 -38.45 -4.86
C THR A 337 -4.82 -37.55 -3.76
N THR A 338 -4.20 -36.45 -4.19
CA THR A 338 -3.66 -35.47 -3.25
C THR A 338 -4.76 -34.79 -2.43
N ASN A 339 -5.98 -34.72 -2.94
CA ASN A 339 -7.07 -34.01 -2.29
C ASN A 339 -7.71 -34.81 -1.15
N PHE A 340 -7.06 -35.86 -0.66
CA PHE A 340 -7.63 -36.66 0.40
C PHE A 340 -7.77 -35.86 1.69
N GLU A 341 -8.88 -36.08 2.39
CA GLU A 341 -9.15 -35.44 3.66
C GLU A 341 -9.78 -36.45 4.60
N LEU A 342 -9.62 -36.22 5.90
CA LEU A 342 -10.18 -37.11 6.90
C LEU A 342 -11.63 -36.74 7.17
N LYS A 343 -12.55 -37.65 6.84
CA LYS A 343 -13.97 -37.43 7.05
C LYS A 343 -14.56 -38.59 7.82
N PRO A 344 -15.50 -38.34 8.72
CA PRO A 344 -16.09 -39.43 9.50
C PRO A 344 -17.00 -40.30 8.65
N THR A 345 -17.15 -41.55 9.09
CA THR A 345 -18.02 -42.51 8.40
C THR A 345 -18.33 -43.65 9.37
N LYS A 346 -19.60 -44.01 9.45
CA LYS A 346 -20.03 -45.05 10.38
C LYS A 346 -19.45 -46.41 9.97
N LYS A 347 -19.02 -47.18 10.96
CA LYS A 347 -18.51 -48.52 10.75
C LYS A 347 -19.28 -49.48 11.64
N VAL A 348 -19.50 -50.69 11.14
CA VAL A 348 -20.24 -51.71 11.88
C VAL A 348 -19.30 -52.36 12.89
N ALA A 349 -19.80 -52.54 14.11
CA ALA A 349 -18.99 -53.11 15.17
C ALA A 349 -18.64 -54.56 14.87
N GLY A 350 -17.51 -55.00 15.43
CA GLY A 350 -17.05 -56.36 15.25
C GLY A 350 -15.95 -56.57 14.24
N SER A 351 -15.37 -55.49 13.70
CA SER A 351 -14.31 -55.61 12.71
C SER A 351 -12.97 -55.98 13.33
N TYR A 352 -12.88 -56.00 14.66
CA TYR A 352 -11.61 -56.27 15.33
C TYR A 352 -11.08 -57.67 15.03
N VAL A 353 -11.96 -58.68 14.98
CA VAL A 353 -11.48 -60.03 14.73
C VAL A 353 -10.89 -60.15 13.33
N ASN A 354 -11.39 -59.39 12.36
CA ASN A 354 -10.89 -59.50 11.00
C ASN A 354 -9.52 -58.85 10.84
N LYS A 355 -9.22 -57.81 11.60
CA LYS A 355 -7.93 -57.15 11.50
C LYS A 355 -6.81 -58.07 11.98
N PHE A 356 -5.63 -57.89 11.41
CA PHE A 356 -4.48 -58.73 11.78
C PHE A 356 -3.21 -57.95 11.54
N ASN A 357 -2.29 -58.04 12.49
CA ASN A 357 -0.97 -57.41 12.39
C ASN A 357 0.10 -58.43 12.77
N LEU A 358 1.11 -58.56 11.92
CA LEU A 358 2.20 -59.49 12.19
C LEU A 358 2.94 -59.09 13.45
N VAL A 359 3.27 -60.08 14.28
CA VAL A 359 3.81 -59.79 15.60
C VAL A 359 5.24 -60.31 15.75
N ASP A 360 5.58 -61.37 15.02
CA ASP A 360 6.88 -62.04 15.15
C ASP A 360 7.17 -62.37 16.63
N ASP A 361 6.32 -63.25 17.16
CA ASP A 361 6.24 -63.46 18.60
C ASP A 361 7.57 -63.94 19.19
N VAL A 362 8.34 -64.73 18.45
CA VAL A 362 9.59 -65.28 18.99
C VAL A 362 10.52 -64.15 19.40
N LEU A 363 10.66 -63.14 18.55
CA LEU A 363 11.47 -61.98 18.89
C LEU A 363 10.89 -61.22 20.08
N VAL A 364 9.55 -61.15 20.18
CA VAL A 364 8.94 -60.44 21.29
C VAL A 364 9.28 -61.12 22.61
N GLU A 365 9.13 -62.45 22.68
CA GLU A 365 9.52 -63.17 23.88
C GLU A 365 11.01 -63.09 24.15
N GLU A 366 11.85 -63.08 23.10
CA GLU A 366 13.28 -62.94 23.33
C GLU A 366 13.60 -61.59 23.95
N SER A 367 12.97 -60.52 23.46
CA SER A 367 13.18 -59.20 24.04
C SER A 367 12.66 -59.15 25.47
N LEU A 368 11.53 -59.82 25.73
CA LEU A 368 11.00 -59.88 27.09
C LEU A 368 12.01 -60.55 28.02
N LYS A 369 12.58 -61.68 27.58
CA LYS A 369 13.56 -62.39 28.40
C LYS A 369 14.79 -61.54 28.64
N ASP A 370 15.25 -60.81 27.63
CA ASP A 370 16.38 -59.91 27.81
C ASP A 370 16.04 -58.85 28.86
N LEU A 371 14.82 -58.30 28.79
CA LEU A 371 14.40 -57.30 29.75
C LEU A 371 14.39 -57.85 31.18
N ARG A 372 13.88 -59.08 31.34
CA ARG A 372 13.92 -59.70 32.67
C ARG A 372 15.36 -59.89 33.13
N ASN A 373 16.25 -60.31 32.23
CA ASN A 373 17.65 -60.52 32.59
C ASN A 373 18.28 -59.22 33.08
N GLU A 374 18.00 -58.12 32.39
CA GLU A 374 18.48 -56.82 32.88
C GLU A 374 17.84 -56.44 34.21
N GLY A 375 16.66 -56.96 34.51
CA GLY A 375 15.98 -56.64 35.75
C GLY A 375 14.82 -55.68 35.61
N LEU A 376 14.45 -55.30 34.39
CA LEU A 376 13.33 -54.39 34.17
C LEU A 376 12.03 -55.20 34.03
N HIS A 377 11.63 -55.79 35.16
CA HIS A 377 10.49 -56.71 35.15
C HIS A 377 9.17 -55.97 34.96
N LYS A 378 8.97 -54.89 35.71
CA LYS A 378 7.69 -54.18 35.64
C LYS A 378 7.48 -53.56 34.27
N MET A 379 8.53 -52.98 33.68
CA MET A 379 8.38 -52.39 32.36
C MET A 379 8.08 -53.45 31.31
N ALA A 380 8.73 -54.61 31.40
CA ALA A 380 8.42 -55.69 30.49
C ALA A 380 6.97 -56.15 30.63
N ASP A 381 6.49 -56.26 31.88
CA ASP A 381 5.11 -56.68 32.09
C ASP A 381 4.13 -55.68 31.54
N VAL A 382 4.36 -54.38 31.77
CA VAL A 382 3.42 -53.38 31.30
C VAL A 382 3.44 -53.29 29.77
N THR A 383 4.62 -53.46 29.16
CA THR A 383 4.67 -53.48 27.70
C THR A 383 3.92 -54.68 27.14
N ARG A 384 4.09 -55.85 27.76
CA ARG A 384 3.37 -57.03 27.30
C ARG A 384 1.87 -56.84 27.43
N ARG A 385 1.41 -56.23 28.53
CA ARG A 385 -0.01 -55.93 28.66
C ARG A 385 -0.48 -54.96 27.59
N MET A 386 0.29 -53.91 27.34
CA MET A 386 -0.09 -52.91 26.34
C MET A 386 -0.10 -53.47 24.94
N ILE A 387 0.61 -54.57 24.70
CA ILE A 387 0.58 -55.19 23.38
C ILE A 387 -0.84 -55.54 22.97
N ASP A 388 -1.63 -56.06 23.90
CA ASP A 388 -2.98 -56.54 23.60
C ASP A 388 -4.07 -55.73 24.30
N ALA A 389 -3.76 -54.56 24.83
CA ALA A 389 -4.71 -53.81 25.62
C ALA A 389 -5.63 -52.98 24.73
N ASP A 390 -6.51 -52.20 25.37
CA ASP A 390 -7.45 -51.34 24.68
C ASP A 390 -6.83 -49.96 24.46
N ILE A 391 -7.60 -49.05 23.87
CA ILE A 391 -7.12 -47.72 23.51
C ILE A 391 -7.65 -46.71 24.52
N THR A 392 -6.73 -46.02 25.19
CA THR A 392 -7.04 -45.00 26.19
C THR A 392 -5.82 -44.11 26.30
N PRO A 393 -6.00 -42.82 26.61
CA PRO A 393 -4.81 -41.96 26.76
C PRO A 393 -3.81 -42.47 27.78
N GLU A 394 -4.28 -43.01 28.90
CA GLU A 394 -3.37 -43.61 29.86
C GLU A 394 -2.66 -44.83 29.26
N ASN A 395 -3.39 -45.64 28.52
CA ASN A 395 -2.80 -46.82 27.90
C ASN A 395 -1.71 -46.45 26.91
N VAL A 396 -1.96 -45.43 26.07
CA VAL A 396 -0.96 -45.05 25.08
C VAL A 396 0.22 -44.35 25.74
N LYS A 397 0.00 -43.61 26.83
CA LYS A 397 1.12 -43.06 27.57
C LYS A 397 1.97 -44.17 28.17
N LYS A 398 1.31 -45.20 28.70
CA LYS A 398 2.04 -46.35 29.22
C LYS A 398 2.82 -47.07 28.13
N GLY A 399 2.25 -47.12 26.91
CA GLY A 399 2.98 -47.71 25.80
C GLY A 399 4.20 -46.92 25.40
N LYS A 400 4.07 -45.60 25.29
CA LYS A 400 5.20 -44.74 24.93
C LYS A 400 6.13 -44.48 26.10
N LEU A 401 5.79 -45.02 27.28
CA LEU A 401 6.61 -44.82 28.46
C LEU A 401 8.00 -45.40 28.28
N ASN A 402 8.16 -46.42 27.44
CA ASN A 402 9.49 -46.97 27.20
C ASN A 402 10.38 -45.96 26.46
N ARG A 403 9.83 -45.27 25.46
CA ARG A 403 10.60 -44.21 24.81
C ARG A 403 10.82 -43.04 25.74
N LEU A 404 9.85 -42.78 26.63
CA LEU A 404 10.08 -41.80 27.68
C LEU A 404 11.30 -42.18 28.51
N ALA A 405 11.43 -43.46 28.83
CA ALA A 405 12.59 -43.94 29.58
C ALA A 405 13.87 -43.79 28.78
N LEU A 406 13.82 -44.06 27.48
CA LEU A 406 15.02 -43.92 26.66
C LEU A 406 15.46 -42.46 26.54
N SER A 407 14.51 -41.52 26.60
CA SER A 407 14.83 -40.11 26.45
C SER A 407 15.63 -39.54 27.62
N TYR A 408 16.03 -40.38 28.57
CA TYR A 408 16.63 -39.88 29.80
C TYR A 408 18.07 -39.41 29.58
N CYS A 409 18.82 -40.11 28.74
CA CYS A 409 20.24 -39.83 28.60
C CYS A 409 20.48 -38.43 28.03
N GLY A 410 19.73 -38.04 27.02
CA GLY A 410 19.93 -36.75 26.38
C GLY A 410 20.78 -36.83 25.14
N TYR A 411 21.75 -35.93 25.02
CA TYR A 411 22.67 -35.92 23.88
C TYR A 411 23.83 -36.85 24.18
N THR A 412 23.79 -38.06 23.60
CA THR A 412 24.86 -39.03 23.76
C THR A 412 25.23 -39.60 22.40
N GLY A 413 26.53 -39.68 22.14
CA GLY A 413 27.02 -40.26 20.91
C GLY A 413 28.23 -41.12 21.16
N SER A 414 28.54 -41.95 20.18
CA SER A 414 29.68 -42.85 20.26
C SER A 414 30.97 -42.09 19.97
N HIS A 415 32.08 -42.81 20.00
CA HIS A 415 33.37 -42.21 19.68
C HIS A 415 33.37 -41.69 18.24
N SER A 416 33.96 -40.50 18.05
CA SER A 416 33.90 -39.85 16.75
C SER A 416 34.58 -40.67 15.66
N ALA A 417 35.83 -41.08 15.90
CA ALA A 417 36.55 -41.87 14.91
C ALA A 417 35.90 -43.22 14.71
N THR A 418 35.49 -43.87 15.80
CA THR A 418 34.80 -45.14 15.70
C THR A 418 33.50 -44.98 14.92
N ALA A 419 32.74 -43.91 15.19
CA ALA A 419 31.52 -43.66 14.44
C ALA A 419 31.82 -43.49 12.95
N MET A 420 32.90 -42.78 12.63
CA MET A 420 33.28 -42.62 11.23
C MET A 420 33.54 -43.98 10.59
N VAL A 421 34.32 -44.83 11.26
CA VAL A 421 34.68 -46.09 10.62
C VAL A 421 33.47 -47.01 10.48
N LYS A 422 32.53 -46.98 11.43
CA LYS A 422 31.33 -47.81 11.27
C LYS A 422 30.42 -47.26 10.18
N GLN A 423 30.14 -45.96 10.19
CA GLN A 423 29.21 -45.41 9.22
C GLN A 423 29.78 -45.48 7.80
N PHE A 424 31.07 -45.19 7.65
CA PHE A 424 31.67 -45.16 6.32
C PHE A 424 31.75 -46.56 5.72
N ASN A 425 32.06 -47.55 6.53
CA ASN A 425 32.20 -48.93 6.07
C ASN A 425 30.93 -49.71 6.41
N ASP A 435 22.42 -57.03 -8.52
CA ASP A 435 21.28 -57.47 -9.31
C ASP A 435 21.09 -56.56 -10.52
N PRO A 436 21.23 -57.13 -11.72
CA PRO A 436 21.05 -56.32 -12.94
C PRO A 436 19.68 -55.68 -13.04
N MET A 437 18.63 -56.38 -12.61
CA MET A 437 17.29 -55.79 -12.61
C MET A 437 17.23 -54.58 -11.70
N PHE A 438 17.85 -54.68 -10.52
CA PHE A 438 17.84 -53.56 -9.57
C PHE A 438 18.55 -52.35 -10.14
N VAL A 439 19.72 -52.56 -10.75
CA VAL A 439 20.47 -51.43 -11.29
C VAL A 439 19.73 -50.82 -12.47
N ASP A 440 19.07 -51.65 -13.28
CA ASP A 440 18.27 -51.12 -14.38
C ASP A 440 17.11 -50.28 -13.88
N ILE A 441 16.42 -50.76 -12.85
CA ILE A 441 15.27 -50.02 -12.32
C ILE A 441 15.71 -48.70 -11.71
N VAL A 442 16.79 -48.72 -10.92
CA VAL A 442 17.24 -47.48 -10.29
C VAL A 442 17.76 -46.50 -11.34
N LYS A 443 18.42 -47.00 -12.38
CA LYS A 443 18.85 -46.13 -13.47
C LYS A 443 17.66 -45.48 -14.17
N ASP A 444 16.62 -46.27 -14.43
CA ASP A 444 15.43 -45.72 -15.09
C ASP A 444 14.77 -44.65 -14.23
N ASN A 445 14.66 -44.91 -12.92
CA ASN A 445 14.02 -43.94 -12.05
C ASN A 445 14.82 -42.65 -11.97
N MET A 446 16.15 -42.75 -11.85
CA MET A 446 16.97 -41.55 -11.83
C MET A 446 16.86 -40.80 -13.15
N ARG A 447 16.82 -41.52 -14.27
CA ARG A 447 16.70 -40.86 -15.57
C ARG A 447 15.39 -40.10 -15.68
N VAL A 448 14.28 -40.71 -15.23
CA VAL A 448 12.99 -40.03 -15.36
C VAL A 448 12.92 -38.82 -14.44
N TYR A 449 13.51 -38.93 -13.23
CA TYR A 449 13.55 -37.77 -12.34
C TYR A 449 14.36 -36.64 -12.95
N MET A 450 15.53 -36.98 -13.53
CA MET A 450 16.37 -35.95 -14.14
C MET A 450 15.66 -35.29 -15.31
N GLN A 451 14.98 -36.07 -16.15
CA GLN A 451 14.27 -35.50 -17.30
C GLN A 451 13.18 -34.55 -16.84
N GLU A 452 12.39 -34.96 -15.85
CA GLU A 452 11.32 -34.08 -15.36
C GLU A 452 11.90 -32.82 -14.74
N GLY A 453 12.98 -32.94 -13.96
CA GLY A 453 13.58 -31.77 -13.36
C GLY A 453 14.13 -30.80 -14.40
N LEU A 454 14.81 -31.32 -15.42
CA LEU A 454 15.35 -30.45 -16.45
C LEU A 454 14.24 -29.80 -17.28
N GLN A 455 13.12 -30.51 -17.48
CA GLN A 455 12.01 -29.89 -18.20
C GLN A 455 11.37 -28.78 -17.38
N LYS A 456 11.22 -28.99 -16.06
CA LYS A 456 10.51 -27.99 -15.25
C LYS A 456 11.34 -26.72 -15.06
N TYR A 457 12.62 -26.85 -14.76
CA TYR A 457 13.50 -25.71 -14.51
C TYR A 457 14.73 -25.82 -15.39
N PRO A 458 14.67 -25.32 -16.61
CA PRO A 458 15.80 -25.44 -17.55
C PRO A 458 16.78 -24.27 -17.54
N GLN A 459 16.69 -23.36 -16.57
CA GLN A 459 17.55 -22.18 -16.59
C GLN A 459 19.00 -22.50 -16.29
N GLY A 460 19.29 -23.66 -15.70
CA GLY A 460 20.65 -24.00 -15.37
C GLY A 460 21.53 -24.17 -16.58
N SER A 461 20.98 -24.70 -17.68
CA SER A 461 21.78 -24.99 -18.86
C SER A 461 22.33 -23.71 -19.48
N ARG A 462 21.54 -22.64 -19.52
CA ARG A 462 21.97 -21.41 -20.16
C ARG A 462 23.13 -20.79 -19.41
N LYS A 463 24.13 -20.32 -20.16
CA LYS A 463 25.35 -19.80 -19.53
C LYS A 463 25.10 -18.49 -18.79
N SER A 464 24.15 -17.69 -19.26
CA SER A 464 23.90 -16.39 -18.65
C SER A 464 23.39 -16.54 -17.22
N ASN A 465 22.50 -17.50 -16.99
CA ASN A 465 21.85 -17.64 -15.69
C ASN A 465 22.75 -18.28 -14.63
N ARG A 466 23.94 -18.76 -15.02
CA ARG A 466 24.77 -19.52 -14.10
C ARG A 466 25.22 -18.66 -12.92
N LEU A 467 25.63 -17.42 -13.18
CA LEU A 467 26.10 -16.57 -12.09
C LEU A 467 24.97 -16.25 -11.11
N ASP A 468 23.78 -15.96 -11.62
CA ASP A 468 22.65 -15.68 -10.74
C ASP A 468 22.30 -16.90 -9.91
N ILE A 469 22.29 -18.08 -10.52
CA ILE A 469 21.98 -19.30 -9.77
C ILE A 469 23.05 -19.56 -8.71
N LEU A 470 24.32 -19.33 -9.06
CA LEU A 470 25.40 -19.53 -8.10
C LEU A 470 25.25 -18.59 -6.92
N PHE A 471 24.91 -17.33 -7.17
CA PHE A 471 24.73 -16.38 -6.08
C PHE A 471 23.56 -16.78 -5.20
N LYS A 472 22.43 -17.14 -5.81
CA LYS A 472 21.25 -17.48 -5.01
C LYS A 472 21.46 -18.75 -4.20
N GLY A 473 22.13 -19.74 -4.78
CA GLY A 473 22.36 -20.99 -4.09
C GLY A 473 23.32 -20.88 -2.92
N SER A 479 29.35 -25.78 0.96
CA SER A 479 30.51 -24.92 0.87
C SER A 479 31.81 -25.72 0.96
N SER A 480 32.41 -25.72 2.16
CA SER A 480 33.64 -26.47 2.43
C SER A 480 34.76 -26.08 1.47
N THR A 481 34.92 -24.78 1.25
CA THR A 481 36.01 -24.27 0.42
C THR A 481 37.27 -24.12 1.26
N ASN A 482 38.42 -24.39 0.63
CA ASN A 482 39.68 -24.43 1.37
C ASN A 482 40.10 -23.05 1.86
N GLU A 483 39.98 -22.02 1.03
CA GLU A 483 40.51 -20.70 1.32
C GLU A 483 39.38 -19.74 1.67
N HIS A 484 39.55 -18.98 2.74
CA HIS A 484 38.62 -17.95 3.15
C HIS A 484 39.37 -16.69 3.53
N ALA A 485 38.70 -15.55 3.42
CA ALA A 485 39.30 -14.28 3.82
C ALA A 485 39.18 -14.10 5.33
N VAL A 486 40.01 -13.20 5.86
CA VAL A 486 40.05 -12.92 7.29
C VAL A 486 39.90 -11.43 7.51
N VAL A 487 39.15 -11.04 8.54
CA VAL A 487 38.97 -9.66 8.92
C VAL A 487 39.60 -9.45 10.29
N ASN A 488 40.48 -8.47 10.40
CA ASN A 488 41.18 -8.15 11.63
C ASN A 488 40.92 -6.70 11.99
N GLY A 489 40.71 -6.43 13.27
CA GLY A 489 40.47 -5.05 13.69
C GLY A 489 40.24 -4.98 15.18
N ARG A 490 39.90 -3.78 15.63
CA ARG A 490 39.58 -3.53 17.03
C ARG A 490 38.26 -2.77 17.09
N PHE A 491 37.30 -3.32 17.83
CA PHE A 491 35.99 -2.70 17.99
C PHE A 491 35.99 -1.92 19.30
N ARG A 492 35.74 -0.62 19.22
CA ARG A 492 35.77 0.27 20.36
C ARG A 492 34.39 0.86 20.61
N TYR A 493 34.01 0.97 21.88
CA TYR A 493 32.76 1.65 22.21
C TYR A 493 32.87 2.22 23.63
N ARG A 494 32.04 3.23 23.88
CA ARG A 494 32.08 4.00 25.12
C ARG A 494 31.06 3.42 26.08
N SER A 495 31.52 3.02 27.27
CA SER A 495 30.69 2.42 28.30
C SER A 495 30.76 3.28 29.56
N GLU A 496 29.59 3.67 30.06
CA GLU A 496 29.47 4.36 31.36
C GLU A 496 28.99 3.39 32.42
N LEU A 497 29.49 2.16 32.37
CA LEU A 497 28.90 1.05 33.11
C LEU A 497 29.90 0.28 33.96
N TYR A 498 31.20 0.34 33.65
CA TYR A 498 32.21 -0.39 34.41
C TYR A 498 32.56 0.40 35.68
N ARG A 499 33.64 0.00 36.34
CA ARG A 499 34.10 0.66 37.55
C ARG A 499 35.55 1.10 37.37
N GLU A 500 36.03 1.88 38.35
CA GLU A 500 37.41 2.38 38.28
C GLU A 500 38.42 1.26 38.45
N ARG A 501 38.09 0.25 39.26
CA ARG A 501 39.02 -0.85 39.51
C ARG A 501 39.27 -1.65 38.24
N ASP A 502 38.24 -1.87 37.44
CA ASP A 502 38.36 -2.69 36.24
C ASP A 502 39.26 -2.09 35.19
N VAL A 503 39.63 -0.81 35.30
CA VAL A 503 40.41 -0.15 34.26
C VAL A 503 41.78 -0.80 34.19
N ASN A 504 42.09 -1.39 33.03
CA ASN A 504 43.41 -1.94 32.76
C ASN A 504 43.83 -1.51 31.35
N SER A 505 45.14 -1.45 31.14
CA SER A 505 45.67 -0.90 29.89
C SER A 505 45.36 -1.76 28.68
N SER A 506 44.85 -2.99 28.87
CA SER A 506 44.60 -3.87 27.74
C SER A 506 43.26 -3.58 27.08
N THR A 507 42.18 -3.52 27.86
CA THR A 507 40.83 -3.51 27.30
C THR A 507 40.10 -2.20 27.55
N VAL A 508 39.94 -1.78 28.80
CA VAL A 508 39.08 -0.65 29.15
C VAL A 508 39.96 0.52 29.60
N PHE A 509 39.72 1.69 29.02
CA PHE A 509 40.56 2.86 29.19
C PHE A 509 39.78 3.95 29.91
N LYS A 510 40.44 4.58 30.88
CA LYS A 510 39.87 5.71 31.61
C LYS A 510 39.95 6.93 30.70
N THR A 511 38.80 7.55 30.43
CA THR A 511 38.69 8.63 29.47
C THR A 511 38.57 9.98 30.18
N ALA A 512 38.35 11.03 29.38
CA ALA A 512 38.25 12.38 29.95
C ALA A 512 37.07 12.51 30.90
N THR A 513 35.92 11.96 30.52
CA THR A 513 34.76 12.00 31.40
C THR A 513 35.02 11.19 32.66
N PRO A 514 34.70 11.72 33.85
CA PRO A 514 35.02 10.99 35.09
C PRO A 514 34.38 9.61 35.18
N GLY A 515 33.21 9.42 34.59
CA GLY A 515 32.52 8.15 34.72
C GLY A 515 32.46 7.30 33.48
N GLN A 516 32.92 7.85 32.35
CA GLN A 516 32.82 7.17 31.07
C GLN A 516 34.18 6.57 30.69
N TYR A 517 34.16 5.32 30.25
CA TYR A 517 35.35 4.58 29.85
C TYR A 517 35.21 4.14 28.40
N ARG A 518 36.33 3.78 27.80
CA ARG A 518 36.36 3.32 26.41
C ARG A 518 36.86 1.88 26.38
N VAL A 519 36.02 0.96 25.96
CA VAL A 519 36.35 -0.46 25.93
C VAL A 519 36.60 -0.89 24.49
N VAL A 520 37.72 -1.55 24.26
CA VAL A 520 38.13 -2.04 22.95
C VAL A 520 38.26 -3.55 23.02
N LYS A 521 37.90 -4.22 21.93
CA LYS A 521 37.96 -5.68 21.84
C LYS A 521 38.61 -6.02 20.51
N LYS A 522 39.68 -6.81 20.56
CA LYS A 522 40.47 -7.12 19.37
C LYS A 522 39.89 -8.37 18.71
N ILE A 523 39.50 -8.25 17.45
CA ILE A 523 38.87 -9.35 16.71
C ILE A 523 39.74 -9.69 15.50
N SER A 524 39.77 -10.98 15.19
CA SER A 524 40.44 -11.47 13.98
C SER A 524 39.76 -12.79 13.63
N ALA A 525 38.86 -12.75 12.66
CA ALA A 525 38.03 -13.91 12.36
C ALA A 525 37.87 -14.11 10.86
N LYS A 526 37.62 -15.35 10.48
CA LYS A 526 37.46 -15.73 9.07
C LYS A 526 35.99 -15.81 8.72
N LEU A 527 35.64 -15.28 7.55
CA LEU A 527 34.26 -15.31 7.08
C LEU A 527 33.99 -16.67 6.45
N LYS A 528 33.70 -17.64 7.30
CA LYS A 528 33.57 -19.02 6.87
C LYS A 528 32.21 -19.36 6.27
N SER A 529 31.23 -18.47 6.39
CA SER A 529 29.89 -18.78 5.88
C SER A 529 29.90 -18.84 4.35
N LYS A 530 28.90 -19.55 3.81
CA LYS A 530 28.86 -19.78 2.38
C LYS A 530 28.69 -18.49 1.59
N ASN A 531 27.81 -17.60 2.05
CA ASN A 531 27.54 -16.38 1.30
C ASN A 531 28.74 -15.42 1.32
N ALA A 532 29.35 -15.24 2.49
CA ALA A 532 30.51 -14.36 2.58
C ALA A 532 31.66 -14.88 1.73
N ASN A 533 31.87 -16.20 1.73
CA ASN A 533 32.91 -16.77 0.90
C ASN A 533 32.56 -16.63 -0.58
N ILE A 534 31.28 -16.73 -0.92
CA ILE A 534 30.85 -16.59 -2.31
C ILE A 534 31.16 -15.20 -2.81
N VAL A 535 30.82 -14.18 -2.02
CA VAL A 535 31.07 -12.81 -2.48
C VAL A 535 32.56 -12.49 -2.47
N THR A 536 33.28 -12.91 -1.43
CA THR A 536 34.69 -12.53 -1.30
C THR A 536 35.58 -13.32 -2.27
N HIS A 537 35.37 -14.62 -2.39
CA HIS A 537 36.23 -15.50 -3.18
C HIS A 537 35.39 -16.38 -4.09
N PRO A 538 34.97 -15.86 -5.25
CA PRO A 538 34.17 -16.67 -6.17
C PRO A 538 34.97 -17.55 -7.10
N MET A 539 36.26 -17.30 -7.28
CA MET A 539 37.06 -18.11 -8.19
C MET A 539 37.14 -19.55 -7.74
N ASN A 540 37.10 -19.79 -6.42
CA ASN A 540 37.09 -21.16 -5.92
C ASN A 540 35.82 -21.89 -6.36
N PHE A 541 34.68 -21.21 -6.32
CA PHE A 541 33.43 -21.84 -6.72
C PHE A 541 33.31 -21.97 -8.23
N ILE A 542 33.86 -21.03 -8.99
CA ILE A 542 33.65 -21.02 -10.43
C ILE A 542 34.63 -21.95 -11.14
N ASN A 543 35.93 -21.66 -11.00
CA ASN A 543 36.94 -22.47 -11.67
C ASN A 543 36.98 -23.87 -11.08
N PHE A 544 37.07 -24.87 -11.94
CA PHE A 544 37.13 -26.27 -11.51
C PHE A 544 38.31 -26.96 -12.19
N LYS A 545 39.13 -27.62 -11.39
CA LYS A 545 40.19 -28.49 -11.87
C LYS A 545 39.82 -29.93 -11.53
N VAL A 546 40.41 -30.87 -12.28
CA VAL A 546 40.12 -32.28 -12.02
C VAL A 546 40.56 -32.66 -10.61
N ASP A 547 41.68 -32.10 -10.15
CA ASP A 547 42.22 -32.44 -8.85
C ASP A 547 41.25 -32.16 -7.71
N ASP A 548 40.27 -31.27 -7.92
CA ASP A 548 39.30 -30.99 -6.87
C ASP A 548 38.44 -32.20 -6.54
N LEU A 549 38.38 -33.19 -7.43
CA LEU A 549 37.70 -34.43 -7.08
C LEU A 549 38.49 -35.27 -6.09
N ASP A 550 39.75 -34.91 -5.82
CA ASP A 550 40.60 -35.69 -4.93
C ASP A 550 40.90 -34.98 -3.61
N ILE A 551 40.64 -33.68 -3.51
CA ILE A 551 40.98 -32.97 -2.28
C ILE A 551 40.01 -33.35 -1.17
N VAL A 552 40.43 -33.07 0.06
CA VAL A 552 39.65 -33.41 1.25
C VAL A 552 38.91 -32.17 1.73
N VAL A 553 37.76 -32.38 2.35
CA VAL A 553 36.96 -31.31 2.92
C VAL A 553 36.59 -31.69 4.35
N ASN A 554 36.58 -30.70 5.24
CA ASN A 554 36.27 -30.95 6.63
C ASN A 554 34.83 -31.41 6.80
N ALA A 555 34.62 -32.35 7.72
CA ALA A 555 33.30 -32.89 8.00
C ALA A 555 32.78 -32.34 9.32
N GLY A 556 31.46 -32.41 9.49
CA GLY A 556 30.84 -31.95 10.73
C GLY A 556 30.16 -33.08 11.46
N SER A 557 29.99 -32.93 12.77
CA SER A 557 29.38 -33.95 13.60
C SER A 557 28.20 -33.36 14.34
N ARG A 558 27.06 -34.07 14.31
CA ARG A 558 25.85 -33.64 14.98
C ARG A 558 25.35 -34.78 15.86
N LEU A 559 25.35 -34.54 17.18
CA LEU A 559 24.73 -35.48 18.10
C LEU A 559 23.23 -35.25 18.14
N VAL A 560 22.49 -36.31 18.44
CA VAL A 560 21.03 -36.26 18.44
C VAL A 560 20.51 -36.59 19.82
N ARG A 561 19.32 -36.09 20.12
CA ARG A 561 18.67 -36.39 21.38
C ARG A 561 18.21 -37.84 21.38
N GLY A 562 18.49 -38.54 22.47
CA GLY A 562 18.29 -39.98 22.55
C GLY A 562 19.60 -40.73 22.49
N THR A 563 19.52 -41.98 22.07
CA THR A 563 20.69 -42.83 21.91
C THR A 563 20.85 -43.32 20.48
N ARG A 564 20.33 -42.56 19.53
CA ARG A 564 20.52 -42.88 18.11
C ARG A 564 21.97 -42.59 17.70
N ALA A 565 22.35 -43.17 16.57
CA ALA A 565 23.73 -43.03 16.09
C ALA A 565 24.04 -41.57 15.77
N LYS A 566 25.27 -41.17 16.04
CA LYS A 566 25.70 -39.80 15.75
C LYS A 566 25.69 -39.56 14.25
N ARG A 567 25.25 -38.37 13.86
CA ARG A 567 25.17 -38.02 12.44
C ARG A 567 26.45 -37.32 12.00
N ILE A 568 26.93 -37.68 10.82
CA ILE A 568 28.10 -37.08 10.21
C ILE A 568 27.67 -36.37 8.93
N ILE A 569 28.05 -35.10 8.81
CA ILE A 569 27.70 -34.28 7.66
C ILE A 569 28.94 -34.08 6.81
N THR A 570 28.83 -34.38 5.52
CA THR A 570 29.96 -34.34 4.59
C THR A 570 29.62 -33.41 3.44
N PRO A 571 29.86 -32.12 3.58
CA PRO A 571 29.56 -31.19 2.48
C PRO A 571 30.45 -31.44 1.27
N ASN A 572 29.90 -31.12 0.10
CA ASN A 572 30.66 -31.23 -1.14
C ASN A 572 31.52 -29.99 -1.34
N TYR A 573 32.51 -30.13 -2.20
CA TYR A 573 33.41 -29.02 -2.50
C TYR A 573 32.68 -27.95 -3.31
N GLY A 574 33.27 -26.76 -3.34
CA GLY A 574 32.59 -25.62 -3.94
C GLY A 574 32.29 -25.81 -5.41
N THR A 575 33.26 -26.31 -6.18
CA THR A 575 33.04 -26.54 -7.60
C THR A 575 31.97 -27.60 -7.83
N ILE A 576 32.05 -28.71 -7.08
CA ILE A 576 31.04 -29.75 -7.18
C ILE A 576 29.70 -29.21 -6.73
N TYR A 577 29.70 -28.33 -5.73
CA TYR A 577 28.45 -27.72 -5.28
C TYR A 577 27.82 -26.88 -6.38
N ALA A 578 28.62 -26.10 -7.10
CA ALA A 578 28.09 -25.30 -8.19
C ALA A 578 27.54 -26.18 -9.30
N ALA A 579 28.25 -27.26 -9.62
CA ALA A 579 27.75 -28.20 -10.63
C ALA A 579 26.43 -28.81 -10.20
N SER A 580 26.32 -29.19 -8.93
CA SER A 580 25.08 -29.78 -8.42
C SER A 580 23.95 -28.77 -8.48
N LEU A 581 24.23 -27.50 -8.16
CA LEU A 581 23.21 -26.47 -8.28
C LEU A 581 22.73 -26.34 -9.71
N MET A 582 23.66 -26.40 -10.67
CA MET A 582 23.27 -26.27 -12.07
C MET A 582 22.44 -27.46 -12.55
N THR A 583 22.82 -28.68 -12.15
CA THR A 583 22.27 -29.88 -12.76
C THR A 583 21.25 -30.60 -11.89
N VAL A 584 21.63 -30.98 -10.66
CA VAL A 584 20.77 -31.86 -9.88
C VAL A 584 19.69 -31.09 -9.13
N LEU A 585 19.93 -29.81 -8.85
CA LEU A 585 18.95 -29.03 -8.09
C LEU A 585 17.56 -29.01 -8.69
N PRO A 586 17.36 -28.90 -10.01
CA PRO A 586 15.99 -28.96 -10.54
C PRO A 586 15.23 -30.23 -10.16
N ALA A 587 15.91 -31.38 -10.14
CA ALA A 587 15.24 -32.62 -9.78
C ALA A 587 14.77 -32.59 -8.34
N VAL A 588 15.61 -32.08 -7.43
CA VAL A 588 15.22 -31.99 -6.03
C VAL A 588 14.06 -31.02 -5.86
N ARG A 589 14.12 -29.89 -6.57
CA ARG A 589 13.04 -28.91 -6.47
C ARG A 589 11.72 -29.49 -6.97
N LEU A 590 11.76 -30.24 -8.07
CA LEU A 590 10.54 -30.87 -8.58
C LEU A 590 10.04 -31.93 -7.61
N LEU A 591 10.95 -32.69 -7.01
CA LEU A 591 10.53 -33.70 -6.03
C LEU A 591 9.86 -33.06 -4.83
N SER A 592 10.38 -31.93 -4.36
CA SER A 592 9.83 -31.29 -3.17
C SER A 592 8.45 -30.71 -3.43
N SER A 593 8.15 -30.35 -4.68
CA SER A 593 6.89 -29.66 -5.00
C SER A 593 5.79 -30.68 -5.24
N ARG A 594 4.78 -30.70 -4.37
CA ARG A 594 3.59 -31.50 -4.57
C ARG A 594 2.38 -30.58 -4.44
N ALA A 595 1.45 -30.67 -5.40
CA ALA A 595 0.32 -29.77 -5.47
C ALA A 595 -0.97 -30.59 -5.52
N SER A 596 -2.10 -29.88 -5.54
CA SER A 596 -3.39 -30.53 -5.53
C SER A 596 -3.71 -31.11 -6.90
N ASN A 597 -4.77 -31.93 -6.94
CA ASN A 597 -5.26 -32.54 -8.18
C ASN A 597 -4.19 -33.38 -8.85
N MET A 598 -3.52 -34.21 -8.06
CA MET A 598 -2.52 -35.15 -8.57
C MET A 598 -2.75 -36.53 -7.98
N GLY A 599 -2.41 -37.54 -8.76
CA GLY A 599 -2.55 -38.91 -8.28
C GLY A 599 -1.53 -39.24 -7.21
N ALA A 600 -1.91 -40.18 -6.34
CA ALA A 600 -1.03 -40.56 -5.23
C ALA A 600 0.22 -41.27 -5.75
N LEU A 601 0.07 -42.19 -6.70
CA LEU A 601 1.21 -42.90 -7.26
C LEU A 601 1.83 -42.12 -8.43
N SER A 602 2.13 -40.85 -8.18
CA SER A 602 2.82 -40.00 -9.14
C SER A 602 4.20 -39.67 -8.59
N THR A 603 5.05 -39.12 -9.47
CA THR A 603 6.41 -38.80 -9.06
C THR A 603 6.42 -37.83 -7.88
N GLN A 604 5.59 -36.79 -7.94
CA GLN A 604 5.51 -35.86 -6.82
C GLN A 604 4.68 -36.44 -5.67
N GLY A 605 3.65 -37.22 -6.00
CA GLY A 605 2.78 -37.76 -4.96
C GLY A 605 3.46 -38.75 -4.05
N ARG A 606 4.37 -39.55 -4.60
CA ARG A 606 5.02 -40.59 -3.80
C ARG A 606 5.85 -40.00 -2.67
N ILE A 607 6.54 -38.89 -2.94
CA ILE A 607 7.39 -38.26 -1.94
C ILE A 607 6.80 -36.93 -1.50
N ALA A 614 5.95 -30.60 9.60
CA ALA A 614 4.69 -30.51 8.89
C ALA A 614 3.53 -30.90 9.79
N LEU A 615 2.43 -31.36 9.17
CA LEU A 615 1.24 -31.76 9.91
C LEU A 615 1.15 -33.27 9.94
N PRO A 616 1.29 -33.90 11.12
CA PRO A 616 1.28 -35.37 11.15
C PRO A 616 0.00 -35.99 10.62
N HIS A 617 -1.16 -35.37 10.86
CA HIS A 617 -2.42 -35.99 10.45
C HIS A 617 -2.54 -36.05 8.93
N ASP A 618 -2.11 -34.99 8.24
CA ASP A 618 -2.28 -34.94 6.80
C ASP A 618 -1.30 -35.88 6.10
N VAL A 619 -0.03 -35.89 6.55
CA VAL A 619 0.96 -36.71 5.90
C VAL A 619 0.68 -38.19 6.10
N MET A 620 0.16 -38.56 7.26
CA MET A 620 -0.15 -39.96 7.58
C MET A 620 -1.63 -40.27 7.38
N ALA A 621 -2.34 -39.43 6.63
CA ALA A 621 -3.79 -39.59 6.49
C ALA A 621 -4.20 -40.91 5.86
N PRO A 622 -3.61 -41.37 4.75
CA PRO A 622 -4.04 -42.67 4.22
C PRO A 622 -3.89 -43.81 5.20
N GLN A 623 -2.79 -43.82 5.95
CA GLN A 623 -2.61 -44.86 6.96
C GLN A 623 -3.61 -44.71 8.09
N LEU A 624 -3.88 -43.47 8.50
CA LEU A 624 -4.85 -43.24 9.56
C LEU A 624 -6.23 -43.72 9.16
N ALA A 625 -6.58 -43.56 7.88
CA ALA A 625 -7.86 -44.05 7.40
C ALA A 625 -7.88 -45.57 7.27
N VAL A 626 -6.77 -46.16 6.83
CA VAL A 626 -6.72 -47.61 6.66
C VAL A 626 -6.80 -48.32 7.99
N THR A 627 -6.08 -47.83 9.00
CA THR A 627 -6.05 -48.52 10.29
C THR A 627 -7.37 -48.44 11.03
N SER A 628 -8.31 -47.61 10.59
CA SER A 628 -9.65 -47.53 11.18
C SER A 628 -10.65 -47.69 10.04
N SER A 629 -10.96 -48.93 9.69
CA SER A 629 -11.82 -49.20 8.55
C SER A 629 -12.35 -50.62 8.63
N ASP A 630 -13.61 -50.79 8.24
CA ASP A 630 -14.19 -52.13 8.18
C ASP A 630 -13.57 -52.96 7.07
N ASP A 631 -13.07 -52.30 6.02
CA ASP A 631 -12.46 -53.02 4.91
C ASP A 631 -11.14 -53.63 5.36
N VAL A 632 -10.97 -54.92 5.09
CA VAL A 632 -9.79 -55.65 5.54
C VAL A 632 -8.83 -56.00 4.40
N SER A 633 -9.20 -55.73 3.15
CA SER A 633 -8.27 -55.96 2.06
C SER A 633 -7.07 -55.03 2.13
N LYS A 634 -7.29 -53.79 2.55
CA LYS A 634 -6.22 -52.81 2.63
C LYS A 634 -5.24 -53.17 3.74
N ILE A 635 -3.95 -53.11 3.45
CA ILE A 635 -2.91 -53.43 4.41
C ILE A 635 -1.87 -52.31 4.38
N CYS A 636 -1.25 -52.07 5.53
CA CYS A 636 -0.20 -51.08 5.68
C CYS A 636 1.12 -51.80 5.87
N VAL A 637 2.10 -51.49 5.03
CA VAL A 637 3.43 -52.08 5.13
C VAL A 637 4.45 -50.96 5.29
N ALA A 638 5.26 -51.07 6.34
CA ALA A 638 6.27 -50.08 6.69
C ALA A 638 7.64 -50.73 6.62
N LYS A 639 8.55 -50.07 5.92
CA LYS A 639 9.91 -50.54 5.71
C LYS A 639 10.89 -49.48 6.18
N ASP A 640 11.88 -49.90 6.96
CA ASP A 640 12.97 -49.04 7.41
C ASP A 640 14.27 -49.71 6.96
N PHE A 641 15.10 -48.95 6.24
CA PHE A 641 16.35 -49.47 5.72
C PHE A 641 17.51 -48.88 6.51
N GLY A 642 18.38 -49.74 7.01
CA GLY A 642 19.53 -49.31 7.77
C GLY A 642 20.81 -49.93 7.23
N GLN A 643 21.90 -49.18 7.36
CA GLN A 643 23.21 -49.61 6.88
C GLN A 643 23.18 -49.97 5.40
N PHE A 644 22.46 -49.17 4.62
CA PHE A 644 22.39 -49.36 3.18
C PHE A 644 23.50 -48.62 2.43
N ASP A 645 24.35 -47.89 3.16
CA ASP A 645 25.50 -47.25 2.52
C ASP A 645 26.43 -48.29 1.90
N THR A 646 26.63 -49.41 2.59
CA THR A 646 27.39 -50.50 2.01
C THR A 646 26.72 -51.02 0.75
N SER A 647 25.39 -51.14 0.76
CA SER A 647 24.67 -51.42 -0.48
C SER A 647 24.76 -50.26 -1.45
N GLN A 648 24.82 -49.02 -0.94
CA GLN A 648 25.00 -47.87 -1.81
C GLN A 648 26.37 -47.88 -2.48
N TRP A 649 27.35 -48.51 -1.84
CA TRP A 649 28.66 -48.67 -2.45
C TRP A 649 28.57 -49.58 -3.68
N GLY A 650 29.27 -49.21 -4.73
CA GLY A 650 29.41 -50.10 -5.87
C GLY A 650 28.44 -49.88 -7.01
N GLN A 651 27.64 -50.91 -7.29
CA GLN A 651 26.89 -50.96 -8.55
C GLN A 651 25.86 -49.84 -8.66
N ILE A 652 25.09 -49.59 -7.59
CA ILE A 652 23.99 -48.66 -7.72
C ILE A 652 24.48 -47.22 -7.75
N SER A 653 25.66 -46.94 -7.18
CA SER A 653 26.25 -45.63 -7.37
C SER A 653 26.58 -45.38 -8.84
N LYS A 654 27.15 -46.38 -9.51
CA LYS A 654 27.38 -46.27 -10.95
C LYS A 654 26.06 -46.18 -11.71
N ALA A 655 25.01 -46.83 -11.21
CA ALA A 655 23.71 -46.71 -11.86
C ALA A 655 23.17 -45.29 -11.77
N HIS A 656 23.31 -44.65 -10.61
CA HIS A 656 22.95 -43.24 -10.50
C HIS A 656 23.78 -42.38 -11.43
N ALA A 657 25.09 -42.66 -11.51
CA ALA A 657 25.95 -41.90 -12.41
C ALA A 657 25.50 -42.04 -13.86
N ASP A 658 25.15 -43.26 -14.28
CA ASP A 658 24.69 -43.47 -15.65
C ASP A 658 23.35 -42.80 -15.89
N GLY A 659 22.46 -42.82 -14.90
CA GLY A 659 21.19 -42.12 -15.04
C GLY A 659 21.40 -40.63 -15.23
N VAL A 660 22.37 -40.05 -14.52
CA VAL A 660 22.69 -38.64 -14.73
C VAL A 660 23.31 -38.43 -16.10
N ARG A 661 24.21 -39.34 -16.52
CA ARG A 661 24.87 -39.19 -17.82
C ARG A 661 23.90 -39.29 -18.97
N SER A 662 22.78 -40.00 -18.79
CA SER A 662 21.84 -40.22 -19.88
C SER A 662 21.28 -38.92 -20.45
N MET A 663 21.33 -37.83 -19.67
CA MET A 663 20.78 -36.57 -20.13
C MET A 663 21.75 -35.79 -21.02
N LYS A 664 22.98 -36.25 -21.17
CA LYS A 664 23.94 -35.52 -21.99
C LYS A 664 23.64 -35.62 -23.48
N ALA A 665 22.79 -36.56 -23.88
CA ALA A 665 22.46 -36.70 -25.29
C ALA A 665 21.62 -35.54 -25.81
N HIS A 666 21.04 -34.74 -24.92
CA HIS A 666 20.21 -33.61 -25.31
C HIS A 666 20.97 -32.31 -25.38
N TYR A 667 22.27 -32.31 -25.09
CA TYR A 667 23.08 -31.09 -25.11
C TYR A 667 24.29 -31.32 -25.99
N SER A 668 24.50 -30.41 -26.94
CA SER A 668 25.38 -30.70 -28.07
C SER A 668 26.85 -30.67 -27.67
N MET A 669 27.34 -29.52 -27.22
CA MET A 669 28.76 -29.39 -26.94
C MET A 669 29.15 -30.23 -25.73
N GLY A 670 30.24 -30.98 -25.87
CA GLY A 670 30.69 -31.83 -24.79
C GLY A 670 32.05 -32.42 -25.12
N HIS A 671 32.70 -32.92 -24.08
CA HIS A 671 34.02 -33.53 -24.18
C HIS A 671 33.93 -35.00 -23.81
N ASP A 672 34.86 -35.79 -24.34
CA ASP A 672 34.87 -37.22 -24.06
C ASP A 672 35.12 -37.51 -22.59
N THR A 673 36.06 -36.79 -21.97
CA THR A 673 36.47 -37.04 -20.60
C THR A 673 36.41 -35.74 -19.80
N LEU A 674 36.62 -35.87 -18.49
CA LEU A 674 36.62 -34.70 -17.62
C LEU A 674 37.79 -33.80 -17.95
N VAL A 675 37.52 -32.50 -18.06
CA VAL A 675 38.55 -31.49 -18.26
C VAL A 675 38.26 -30.32 -17.33
N ASP A 676 39.29 -29.51 -17.09
CA ASP A 676 39.11 -28.28 -16.32
C ASP A 676 38.23 -27.32 -17.10
N LEU A 677 37.23 -26.74 -16.42
CA LEU A 677 36.24 -25.92 -17.10
C LEU A 677 35.99 -24.63 -16.34
N ASP A 678 35.41 -23.67 -17.06
CA ASP A 678 34.91 -22.44 -16.48
C ASP A 678 33.39 -22.54 -16.39
N LEU A 679 32.84 -22.26 -15.20
CA LEU A 679 31.43 -22.55 -14.95
C LEU A 679 30.52 -21.79 -15.90
N ASN A 680 30.80 -20.51 -16.13
CA ASN A 680 29.93 -19.71 -16.99
C ASN A 680 30.26 -19.85 -18.47
N ASP A 681 31.25 -20.66 -18.83
CA ASP A 681 31.53 -20.96 -20.24
C ASP A 681 31.38 -22.43 -20.61
N ALA A 682 31.30 -23.32 -19.63
CA ALA A 682 31.26 -24.75 -19.90
C ALA A 682 29.89 -25.16 -20.44
N SER A 683 29.89 -26.10 -21.38
CA SER A 683 28.64 -26.67 -21.87
C SER A 683 28.03 -27.56 -20.80
N PHE A 684 26.71 -27.74 -20.89
CA PHE A 684 26.00 -28.48 -19.86
C PHE A 684 26.45 -29.93 -19.79
N ALA A 685 26.96 -30.48 -20.90
CA ALA A 685 27.43 -31.86 -20.89
C ALA A 685 28.61 -32.03 -19.93
N ASP A 686 29.52 -31.06 -19.90
CA ASP A 686 30.65 -31.14 -19.00
C ASP A 686 30.20 -31.09 -17.53
N LEU A 687 29.23 -30.22 -17.23
CA LEU A 687 28.71 -30.15 -15.86
C LEU A 687 28.02 -31.45 -15.47
N LEU A 688 27.24 -32.03 -16.39
CA LEU A 688 26.60 -33.31 -16.10
C LEU A 688 27.65 -34.40 -15.86
N GLU A 689 28.70 -34.41 -16.66
CA GLU A 689 29.75 -35.42 -16.49
C GLU A 689 30.47 -35.24 -15.16
N VAL A 690 30.73 -33.99 -14.76
CA VAL A 690 31.41 -33.77 -13.48
C VAL A 690 30.51 -34.16 -12.31
N THR A 691 29.21 -33.92 -12.43
CA THR A 691 28.29 -34.38 -11.38
C THR A 691 28.27 -35.90 -11.32
N ALA A 692 28.30 -36.57 -12.48
CA ALA A 692 28.34 -38.02 -12.49
C ALA A 692 29.61 -38.54 -11.82
N MET A 693 30.76 -37.91 -12.11
CA MET A 693 32.01 -38.32 -11.48
C MET A 693 31.94 -38.11 -9.97
N SER A 694 31.38 -36.98 -9.53
CA SER A 694 31.24 -36.75 -8.11
C SER A 694 30.32 -37.79 -7.47
N TYR A 695 29.29 -38.21 -8.20
CA TYR A 695 28.36 -39.21 -7.69
C TYR A 695 29.05 -40.57 -7.53
N GLU A 696 29.83 -40.98 -8.54
CA GLU A 696 30.31 -42.35 -8.56
C GLU A 696 31.69 -42.52 -7.94
N ARG A 697 32.55 -41.51 -8.01
CA ARG A 697 33.88 -41.64 -7.44
C ARG A 697 33.83 -41.55 -5.91
N PRO A 698 34.70 -42.27 -5.22
CA PRO A 698 34.80 -42.09 -3.77
C PRO A 698 35.31 -40.70 -3.43
N LEU A 699 34.80 -40.16 -2.33
CA LEU A 699 35.17 -38.83 -1.85
C LEU A 699 35.82 -38.94 -0.49
N LYS A 700 36.82 -38.09 -0.25
CA LYS A 700 37.62 -38.13 0.97
C LYS A 700 37.16 -37.05 1.94
N TYR A 701 37.06 -37.40 3.21
CA TYR A 701 36.63 -36.49 4.26
C TYR A 701 37.51 -36.68 5.48
N LYS A 702 37.69 -35.61 6.25
CA LYS A 702 38.56 -35.64 7.41
C LYS A 702 37.90 -34.98 8.60
N MET A 703 38.18 -35.52 9.78
CA MET A 703 37.84 -34.86 11.05
C MET A 703 38.62 -35.54 12.16
N ASN A 704 39.09 -34.73 13.11
CA ASN A 704 39.80 -35.23 14.29
C ASN A 704 41.01 -36.08 13.89
N GLY A 705 41.68 -35.68 12.82
CA GLY A 705 42.85 -36.40 12.37
C GLY A 705 42.56 -37.76 11.76
N LEU A 706 41.33 -37.99 11.31
CA LEU A 706 40.97 -39.24 10.64
C LEU A 706 40.39 -38.93 9.28
N VAL A 707 40.86 -39.64 8.26
CA VAL A 707 40.48 -39.43 6.87
C VAL A 707 39.86 -40.72 6.33
N CYS A 708 38.70 -40.60 5.68
CA CYS A 708 37.98 -41.75 5.18
C CYS A 708 37.39 -41.44 3.81
N GLU A 709 37.16 -42.49 3.03
CA GLU A 709 36.64 -42.38 1.68
C GLU A 709 35.29 -43.07 1.58
N SER A 710 34.37 -42.45 0.84
CA SER A 710 33.01 -42.96 0.67
C SER A 710 32.69 -43.11 -0.80
N ALA A 711 32.15 -44.27 -1.17
CA ALA A 711 31.70 -44.53 -2.53
C ALA A 711 30.20 -44.72 -2.62
N GLY A 712 29.47 -44.49 -1.52
CA GLY A 712 28.03 -44.67 -1.51
C GLY A 712 27.25 -43.38 -1.62
N VAL A 713 26.33 -43.16 -0.70
CA VAL A 713 25.50 -41.95 -0.73
C VAL A 713 26.34 -40.72 -0.44
N LYS A 714 27.44 -40.87 0.31
CA LYS A 714 28.39 -39.82 0.67
C LYS A 714 27.78 -38.75 1.56
N SER A 715 26.49 -38.84 1.89
CA SER A 715 25.82 -37.86 2.75
C SER A 715 25.97 -36.44 2.21
N GLY A 716 26.08 -36.31 0.89
CA GLY A 716 26.20 -34.99 0.29
C GLY A 716 24.86 -34.26 0.35
N GLU A 717 24.90 -33.01 0.81
CA GLU A 717 23.67 -32.25 0.96
C GLU A 717 23.01 -32.01 -0.39
N LEU A 718 21.68 -31.89 -0.36
CA LEU A 718 20.82 -31.64 -1.51
C LEU A 718 20.76 -32.83 -2.46
N THR A 719 21.39 -33.97 -2.09
CA THR A 719 21.39 -35.15 -2.94
C THR A 719 21.02 -36.43 -2.22
N THR A 720 21.05 -36.47 -0.90
CA THR A 720 20.74 -37.72 -0.18
C THR A 720 19.30 -38.14 -0.40
N GLN A 721 18.36 -37.19 -0.33
CA GLN A 721 16.94 -37.53 -0.38
C GLN A 721 16.61 -38.22 -1.70
N THR A 722 17.08 -37.65 -2.81
CA THR A 722 16.74 -38.19 -4.13
C THR A 722 17.28 -39.62 -4.30
N ARG A 723 18.56 -39.81 -3.98
CA ARG A 723 19.16 -41.13 -4.14
C ARG A 723 18.48 -42.16 -3.25
N ASN A 724 18.24 -41.79 -1.99
CA ASN A 724 17.63 -42.73 -1.05
C ASN A 724 16.22 -43.10 -1.49
N THR A 725 15.43 -42.12 -1.92
CA THR A 725 14.06 -42.45 -2.32
C THR A 725 14.04 -43.24 -3.63
N THR A 726 14.98 -42.98 -4.54
CA THR A 726 15.05 -43.80 -5.75
C THR A 726 15.37 -45.25 -5.42
N THR A 727 16.34 -45.46 -4.53
CA THR A 727 16.68 -46.82 -4.12
C THR A 727 15.50 -47.51 -3.45
N ASN A 728 14.79 -46.78 -2.59
CA ASN A 728 13.63 -47.36 -1.91
C ASN A 728 12.52 -47.70 -2.90
N ILE A 729 12.30 -46.85 -3.90
CA ILE A 729 11.29 -47.13 -4.92
C ILE A 729 11.63 -48.40 -5.68
N SER A 730 12.91 -48.54 -6.06
CA SER A 730 13.32 -49.76 -6.76
C SER A 730 13.10 -50.99 -5.89
N HIS A 731 13.47 -50.89 -4.61
CA HIS A 731 13.25 -52.00 -3.68
C HIS A 731 11.78 -52.39 -3.62
N SER A 732 10.91 -51.41 -3.46
CA SER A 732 9.48 -51.69 -3.36
C SER A 732 8.97 -52.35 -4.64
N THR A 733 9.40 -51.86 -5.79
CA THR A 733 8.94 -52.42 -7.06
C THR A 733 9.35 -53.88 -7.19
N VAL A 734 10.63 -54.19 -6.93
CA VAL A 734 11.08 -55.57 -7.12
C VAL A 734 10.39 -56.48 -6.10
N ALA A 735 10.23 -56.00 -4.86
CA ALA A 735 9.58 -56.83 -3.84
C ALA A 735 8.15 -57.15 -4.23
N LEU A 736 7.40 -56.15 -4.70
CA LEU A 736 6.01 -56.40 -5.09
C LEU A 736 5.94 -57.35 -6.27
N ASP A 737 6.82 -57.18 -7.26
CA ASP A 737 6.81 -58.08 -8.40
C ASP A 737 7.13 -59.52 -7.98
N ASP A 738 8.10 -59.68 -7.10
CA ASP A 738 8.45 -61.01 -6.63
C ASP A 738 7.29 -61.65 -5.87
N TYR A 739 6.62 -60.87 -5.01
CA TYR A 739 5.48 -61.43 -4.30
C TYR A 739 4.38 -61.84 -5.26
N ASN A 740 4.15 -61.04 -6.30
CA ASN A 740 3.13 -61.41 -7.29
C ASN A 740 3.50 -62.71 -8.00
N ASN A 741 4.77 -62.87 -8.34
CA ASN A 741 5.20 -64.12 -8.97
C ASN A 741 4.99 -65.31 -8.05
N ARG A 742 5.34 -65.18 -6.78
CA ARG A 742 5.11 -66.27 -5.83
C ARG A 742 3.63 -66.55 -5.66
N ALA A 743 2.80 -65.51 -5.60
CA ALA A 743 1.36 -65.70 -5.47
C ALA A 743 0.78 -66.39 -6.69
N TYR A 744 1.36 -66.18 -7.87
CA TYR A 744 0.93 -66.96 -9.02
C TYR A 744 1.38 -68.41 -8.91
N ARG A 745 2.63 -68.64 -8.48
CA ARG A 745 3.14 -70.00 -8.41
C ARG A 745 2.32 -70.86 -7.47
N LEU A 746 2.12 -70.39 -6.24
CA LEU A 746 1.25 -71.05 -5.28
C LEU A 746 0.03 -70.16 -5.07
N ASN A 747 -1.16 -70.72 -5.27
CA ASN A 747 -2.38 -69.92 -5.37
C ASN A 747 -2.63 -69.08 -4.13
N LEU A 748 -2.55 -67.76 -4.30
CA LEU A 748 -2.80 -66.80 -3.22
C LEU A 748 -3.28 -65.51 -3.86
N PRO A 749 -4.16 -64.76 -3.19
CA PRO A 749 -4.62 -63.49 -3.75
C PRO A 749 -3.46 -62.52 -3.92
N LYS A 750 -3.53 -61.71 -4.97
CA LYS A 750 -2.45 -60.81 -5.33
C LYS A 750 -2.63 -59.46 -4.65
N LEU A 751 -1.57 -58.64 -4.71
CA LEU A 751 -1.54 -57.34 -4.05
C LEU A 751 -1.42 -56.24 -5.10
N GLU A 752 -1.82 -55.03 -4.72
CA GLU A 752 -1.83 -53.91 -5.66
C GLU A 752 -1.64 -52.65 -4.84
N LEU A 753 -0.67 -51.83 -5.25
CA LEU A 753 -0.23 -50.68 -4.46
C LEU A 753 -1.21 -49.51 -4.64
N VAL A 754 -1.77 -49.04 -3.53
CA VAL A 754 -2.75 -47.95 -3.60
C VAL A 754 -2.03 -46.60 -3.51
N THR A 755 -1.40 -46.32 -2.37
CA THR A 755 -0.64 -45.09 -2.18
C THR A 755 0.64 -45.43 -1.41
N ASP A 756 1.58 -44.50 -1.43
CA ASP A 756 2.86 -44.71 -0.75
C ASP A 756 3.44 -43.37 -0.33
N ASN A 757 4.33 -43.41 0.66
CA ASN A 757 5.07 -42.25 1.12
C ASN A 757 6.47 -42.76 1.39
N LYS A 758 7.48 -42.00 0.97
CA LYS A 758 8.85 -42.50 0.91
C LYS A 758 9.78 -41.33 1.26
N VAL A 759 10.13 -41.20 2.55
CA VAL A 759 10.95 -40.09 3.01
C VAL A 759 12.25 -40.66 3.56
N GLY A 760 13.37 -40.20 3.02
CA GLY A 760 14.66 -40.73 3.44
C GLY A 760 14.71 -42.22 3.19
N ASP A 761 15.06 -42.97 4.22
CA ASP A 761 15.08 -44.43 4.16
C ASP A 761 13.82 -45.06 4.76
N ASP A 762 12.84 -44.26 5.17
CA ASP A 762 11.62 -44.76 5.79
C ASP A 762 10.49 -44.68 4.78
N SER A 763 9.80 -45.80 4.58
CA SER A 763 8.73 -45.87 3.59
C SER A 763 7.51 -46.56 4.20
N VAL A 764 6.33 -46.07 3.84
CA VAL A 764 5.08 -46.70 4.23
C VAL A 764 4.14 -46.70 3.03
N GLU A 765 3.64 -47.88 2.66
CA GLU A 765 2.70 -47.97 1.55
C GLU A 765 1.47 -48.76 1.97
N VAL A 766 0.36 -48.50 1.29
CA VAL A 766 -0.88 -49.25 1.47
C VAL A 766 -1.08 -50.12 0.25
N LEU A 767 -1.24 -51.43 0.48
CA LEU A 767 -1.47 -52.39 -0.59
C LEU A 767 -2.87 -52.98 -0.44
N ARG A 768 -3.57 -53.08 -1.56
CA ARG A 768 -4.92 -53.61 -1.57
C ARG A 768 -4.92 -54.98 -2.24
N VAL A 769 -5.57 -55.95 -1.60
CA VAL A 769 -5.77 -57.26 -2.22
C VAL A 769 -6.71 -57.10 -3.40
N VAL A 770 -6.35 -57.70 -4.54
CA VAL A 770 -7.09 -57.46 -5.77
C VAL A 770 -8.50 -58.04 -5.70
N ASP A 771 -8.65 -59.26 -5.17
CA ASP A 771 -9.94 -59.92 -5.16
C ASP A 771 -10.78 -59.56 -3.95
N GLY A 772 -10.27 -58.75 -3.04
CA GLY A 772 -11.02 -58.32 -1.88
C GLY A 772 -11.03 -59.30 -0.73
N SER A 773 -10.34 -60.42 -0.83
CA SER A 773 -10.27 -61.36 0.27
C SER A 773 -9.55 -60.74 1.46
N PRO A 774 -9.95 -61.08 2.67
CA PRO A 774 -9.30 -60.51 3.86
C PRO A 774 -7.84 -60.90 3.94
N LEU A 775 -7.04 -60.02 4.54
CA LEU A 775 -5.62 -60.30 4.73
C LEU A 775 -5.44 -61.53 5.61
N THR A 776 -4.46 -62.36 5.25
CA THR A 776 -4.19 -63.63 5.91
C THR A 776 -2.74 -63.66 6.36
N PRO A 777 -2.46 -64.31 7.49
CA PRO A 777 -1.05 -64.42 7.93
C PRO A 777 -0.14 -65.04 6.88
N GLU A 778 -0.66 -65.94 6.05
CA GLU A 778 0.16 -66.46 4.95
C GLU A 778 0.58 -65.35 4.00
N ILE A 779 -0.34 -64.43 3.68
CA ILE A 779 -0.03 -63.33 2.78
C ILE A 779 1.08 -62.46 3.38
N ALA A 780 0.93 -62.11 4.66
CA ALA A 780 1.93 -61.28 5.31
C ALA A 780 3.28 -61.98 5.36
N LYS A 781 3.29 -63.27 5.68
CA LYS A 781 4.55 -64.01 5.75
C LYS A 781 5.24 -64.05 4.39
N LEU A 782 4.47 -64.33 3.33
CA LEU A 782 5.05 -64.38 2.00
C LEU A 782 5.60 -63.03 1.58
N TYR A 783 4.87 -61.94 1.88
CA TYR A 783 5.37 -60.62 1.50
C TYR A 783 6.61 -60.26 2.30
N VAL A 784 6.66 -60.65 3.58
CA VAL A 784 7.83 -60.34 4.40
C VAL A 784 9.06 -61.09 3.92
N ASN A 785 8.88 -62.33 3.44
CA ASN A 785 10.03 -63.17 3.08
C ASN A 785 10.91 -62.54 2.00
N CYS A 786 10.37 -61.61 1.21
CA CYS A 786 11.16 -60.79 0.27
C CYS A 786 11.81 -61.73 -0.74
N MET A 787 13.12 -61.65 -0.96
CA MET A 787 13.81 -62.45 -1.97
C MET A 787 14.07 -63.84 -1.42
N GLN A 788 13.10 -64.73 -1.59
CA GLN A 788 13.23 -66.11 -1.15
C GLN A 788 13.87 -66.96 -2.25
N ASP A 789 14.77 -67.84 -1.85
CA ASP A 789 15.54 -68.74 -2.70
C ASP A 789 16.50 -68.01 -3.63
N HIS A 790 16.55 -66.67 -3.56
CA HIS A 790 17.50 -65.88 -4.35
C HIS A 790 18.64 -65.34 -3.51
N ALA A 791 18.41 -65.09 -2.23
CA ALA A 791 19.42 -64.59 -1.32
C ALA A 791 19.51 -65.52 -0.10
N ASP A 792 20.46 -65.21 0.78
CA ASP A 792 20.68 -66.02 1.97
C ASP A 792 19.56 -65.82 2.99
N LYS A 793 19.50 -66.74 3.95
CA LYS A 793 18.48 -66.68 5.00
C LYS A 793 18.66 -65.47 5.90
N ASN A 794 19.88 -64.92 6.00
CA ASN A 794 20.10 -63.74 6.82
C ASN A 794 19.31 -62.55 6.27
N HIS A 795 19.21 -62.44 4.95
CA HIS A 795 18.40 -61.38 4.37
C HIS A 795 16.94 -61.51 4.77
N LEU A 796 16.42 -62.75 4.74
CA LEU A 796 15.04 -62.98 5.16
C LEU A 796 14.84 -62.61 6.62
N GLU A 797 15.79 -63.00 7.48
CA GLU A 797 15.67 -62.70 8.91
C GLU A 797 15.68 -61.20 9.15
N ILE A 798 16.62 -60.47 8.55
CA ILE A 798 16.72 -59.04 8.79
C ILE A 798 15.51 -58.32 8.21
N SER A 799 15.00 -58.80 7.07
CA SER A 799 13.77 -58.21 6.52
C SER A 799 12.60 -58.43 7.47
N ALA A 800 12.52 -59.61 8.09
CA ALA A 800 11.46 -59.85 9.07
C ALA A 800 11.59 -58.91 10.25
N LYS A 801 12.81 -58.69 10.74
CA LYS A 801 12.97 -57.82 11.91
C LYS A 801 12.68 -56.36 11.57
N ARG A 802 13.03 -55.90 10.37
CA ARG A 802 12.92 -54.49 10.05
C ARG A 802 11.47 -54.07 9.81
N THR A 803 10.83 -54.64 8.80
CA THR A 803 9.54 -54.17 8.32
C THR A 803 8.43 -54.63 9.25
N ILE A 804 7.26 -53.99 9.12
CA ILE A 804 6.03 -54.53 9.71
C ILE A 804 4.91 -54.42 8.68
N VAL A 805 3.94 -55.31 8.80
CA VAL A 805 2.75 -55.33 7.95
C VAL A 805 1.55 -55.56 8.84
N GLY A 806 0.49 -54.78 8.62
CA GLY A 806 -0.67 -54.94 9.48
C GLY A 806 -1.86 -54.13 9.02
N ASN A 807 -2.88 -54.12 9.89
CA ASN A 807 -4.09 -53.34 9.69
C ASN A 807 -4.45 -52.49 10.90
N ASN A 808 -3.69 -52.58 11.99
CA ASN A 808 -4.03 -51.90 13.23
C ASN A 808 -3.05 -50.78 13.58
N VAL A 809 -1.75 -51.01 13.45
CA VAL A 809 -0.74 -50.06 13.90
C VAL A 809 0.32 -49.90 12.80
N ALA A 810 0.75 -48.66 12.58
CA ALA A 810 1.85 -48.38 11.67
C ALA A 810 2.70 -47.24 12.23
N GLU A 811 3.88 -47.04 11.66
CA GLU A 811 4.78 -45.98 12.09
C GLU A 811 5.49 -45.39 10.89
N HIS A 812 5.82 -44.10 10.99
CA HIS A 812 6.57 -43.42 9.93
C HIS A 812 7.07 -42.07 10.46
N ILE A 813 8.38 -41.84 10.32
CA ILE A 813 9.07 -40.67 10.86
C ILE A 813 8.56 -40.31 12.25
N LYS A 814 8.70 -41.25 13.18
CA LYS A 814 8.40 -41.00 14.59
C LYS A 814 6.93 -40.62 14.80
N ILE A 815 6.06 -41.02 13.87
CA ILE A 815 4.62 -40.85 14.03
C ILE A 815 4.01 -42.24 14.10
N TRP A 816 3.27 -42.50 15.17
CA TRP A 816 2.68 -43.81 15.44
C TRP A 816 1.17 -43.72 15.26
N VAL A 817 0.63 -44.46 14.29
CA VAL A 817 -0.79 -44.45 14.01
C VAL A 817 -1.38 -45.77 14.46
N PHE A 818 -2.54 -45.70 15.12
CA PHE A 818 -3.19 -46.90 15.66
C PHE A 818 -4.69 -46.67 15.69
N LYS A 819 -5.41 -47.45 14.88
CA LYS A 819 -6.88 -47.45 14.84
C LYS A 819 -7.43 -46.03 14.73
N GLY A 820 -6.91 -45.28 13.76
CA GLY A 820 -7.39 -43.93 13.55
C GLY A 820 -6.96 -42.93 14.59
N TYR A 821 -5.86 -43.20 15.30
CA TYR A 821 -5.37 -42.29 16.32
C TYR A 821 -3.89 -42.04 16.10
N LEU A 822 -3.44 -40.86 16.53
CA LEU A 822 -2.08 -40.39 16.32
C LEU A 822 -1.29 -40.41 17.63
N ALA A 823 0.02 -40.59 17.52
CA ALA A 823 0.94 -40.47 18.64
C ALA A 823 2.25 -39.92 18.14
N LEU A 824 2.75 -38.88 18.78
CA LEU A 824 3.98 -38.25 18.38
C LEU A 824 5.13 -38.78 19.22
N ASP A 825 6.31 -38.20 19.06
CA ASP A 825 7.50 -38.65 19.79
C ASP A 825 7.70 -37.81 21.05
N VAL A 826 8.64 -38.24 21.88
CA VAL A 826 8.87 -37.61 23.17
C VAL A 826 10.27 -37.03 23.32
N PHE A 827 11.23 -37.38 22.45
CA PHE A 827 12.60 -36.87 22.57
C PHE A 827 12.62 -35.41 22.12
N LEU A 828 12.16 -34.53 23.00
CA LEU A 828 12.14 -33.11 22.68
C LEU A 828 12.02 -32.31 23.96
N ASP A 829 12.96 -31.41 24.20
CA ASP A 829 13.01 -30.61 25.41
C ASP A 829 13.87 -29.39 25.14
N SER A 830 14.03 -28.54 26.16
CA SER A 830 14.78 -27.31 26.01
C SER A 830 15.87 -27.09 27.05
N VAL A 831 16.02 -28.00 28.03
CA VAL A 831 17.02 -27.79 29.07
C VAL A 831 18.42 -27.97 28.52
N THR A 832 18.67 -29.07 27.82
CA THR A 832 19.99 -29.37 27.29
C THR A 832 19.94 -29.31 25.77
N SER A 833 20.84 -28.53 25.17
CA SER A 833 20.86 -28.33 23.74
C SER A 833 22.28 -28.52 23.21
N GLU A 834 22.37 -28.97 21.96
CA GLU A 834 23.65 -29.07 21.29
C GLU A 834 24.25 -27.69 21.07
N LYS A 835 25.58 -27.61 21.16
CA LYS A 835 26.37 -26.43 20.84
C LYS A 835 26.05 -25.23 21.72
N ASN A 836 25.24 -25.41 22.77
CA ASN A 836 24.95 -24.38 23.78
C ASN A 836 24.44 -23.07 23.16
N SER A 837 23.92 -23.13 21.93
CA SER A 837 23.50 -21.92 21.22
C SER A 837 22.47 -21.13 22.01
N PHE A 838 21.67 -21.81 22.84
CA PHE A 838 20.68 -21.12 23.67
C PHE A 838 21.33 -19.99 24.47
N SER A 839 22.51 -20.23 25.04
CA SER A 839 23.15 -19.22 25.87
C SER A 839 23.69 -18.05 25.09
N ASN A 840 23.71 -18.11 23.76
CA ASN A 840 24.27 -17.04 22.96
C ASN A 840 23.25 -16.01 22.52
N LEU A 841 21.98 -16.40 22.37
CA LEU A 841 20.98 -15.50 21.81
C LEU A 841 20.56 -14.43 22.83
N ASN A 842 19.94 -13.38 22.31
CA ASN A 842 19.44 -12.31 23.16
C ASN A 842 18.25 -12.79 23.99
N TYR A 843 17.77 -11.89 24.85
CA TYR A 843 16.69 -12.25 25.77
C TYR A 843 15.43 -12.64 25.02
N LEU A 844 15.02 -11.82 24.06
CA LEU A 844 13.77 -12.08 23.35
C LEU A 844 13.86 -13.38 22.56
N GLU A 845 15.02 -13.68 21.99
CA GLU A 845 15.17 -14.93 21.27
C GLU A 845 15.04 -16.12 22.19
N GLN A 846 15.60 -16.03 23.40
CA GLN A 846 15.46 -17.10 24.38
C GLN A 846 14.00 -17.28 24.78
N VAL A 847 13.29 -16.18 25.01
CA VAL A 847 11.88 -16.26 25.35
C VAL A 847 11.11 -16.93 24.22
N ASN A 848 11.41 -16.56 22.98
CA ASN A 848 10.75 -17.17 21.83
C ASN A 848 11.04 -18.66 21.73
N ILE A 849 12.28 -19.05 21.99
CA ILE A 849 12.64 -20.47 21.92
C ILE A 849 11.87 -21.27 22.97
N LEU A 850 11.83 -20.75 24.20
CA LEU A 850 11.08 -21.44 25.25
C LEU A 850 9.60 -21.53 24.89
N TYR A 851 9.04 -20.44 24.39
CA TYR A 851 7.63 -20.42 24.03
C TYR A 851 7.34 -21.43 22.93
N ASP A 852 8.20 -21.49 21.91
CA ASP A 852 7.99 -22.41 20.80
C ASP A 852 8.10 -23.86 21.25
N MET A 853 9.09 -24.17 22.08
CA MET A 853 9.19 -25.55 22.57
C MET A 853 7.97 -25.93 23.38
N ALA A 854 7.47 -25.01 24.22
CA ALA A 854 6.27 -25.29 24.98
C ALA A 854 5.08 -25.54 24.06
N MET A 855 4.96 -24.75 23.00
CA MET A 855 3.85 -24.93 22.07
C MET A 855 3.92 -26.30 21.39
N THR A 856 5.08 -26.66 20.85
CA THR A 856 5.17 -27.97 20.19
C THR A 856 4.99 -29.10 21.19
N LEU A 857 5.28 -28.85 22.47
CA LEU A 857 5.00 -29.86 23.48
C LEU A 857 3.49 -30.01 23.69
N MET A 858 2.75 -28.91 23.67
CA MET A 858 1.32 -28.99 23.99
C MET A 858 0.55 -29.87 23.00
N ILE A 859 1.03 -30.00 21.76
CA ILE A 859 0.32 -30.84 20.80
C ILE A 859 0.47 -32.32 21.09
N ARG A 860 1.38 -32.70 21.98
CA ARG A 860 1.73 -34.10 22.19
C ARG A 860 2.01 -34.34 23.68
N TYR A 861 1.12 -35.08 24.34
CA TYR A 861 1.30 -35.64 25.67
C TYR A 861 1.30 -34.62 26.80
N CYS A 862 1.18 -33.33 26.52
CA CYS A 862 1.27 -32.31 27.56
C CYS A 862 0.04 -31.42 27.52
N SER A 863 -0.55 -31.19 28.69
CA SER A 863 -1.72 -30.34 28.81
C SER A 863 -1.31 -28.90 29.12
N VAL A 864 -2.29 -27.99 29.05
CA VAL A 864 -2.00 -26.58 29.33
C VAL A 864 -1.49 -26.39 30.75
N GLN A 865 -2.05 -27.13 31.70
CA GLN A 865 -1.61 -26.97 33.09
C GLN A 865 -0.13 -27.34 33.23
N ALA A 866 0.24 -28.54 32.78
CA ALA A 866 1.61 -28.99 32.93
C ALA A 866 2.57 -28.18 32.08
N CYS A 867 2.22 -27.94 30.82
CA CYS A 867 3.10 -27.20 29.93
C CYS A 867 3.27 -25.76 30.40
N MET A 868 2.21 -25.14 30.91
CA MET A 868 2.30 -23.77 31.39
C MET A 868 3.10 -23.69 32.68
N THR A 869 2.96 -24.67 33.58
CA THR A 869 3.82 -24.67 34.76
C THR A 869 5.28 -24.81 34.37
N GLN A 870 5.57 -25.72 33.44
CA GLN A 870 6.93 -25.89 32.97
C GLN A 870 7.46 -24.60 32.35
N PHE A 871 6.63 -23.92 31.55
CA PHE A 871 7.05 -22.69 30.91
C PHE A 871 7.31 -21.58 31.93
N CYS A 872 6.46 -21.47 32.95
CA CYS A 872 6.68 -20.45 33.96
C CYS A 872 7.96 -20.70 34.75
N ASN A 873 8.21 -21.96 35.12
CA ASN A 873 9.46 -22.28 35.80
C ASN A 873 10.67 -22.04 34.90
N ASP A 874 10.54 -22.31 33.60
CA ASP A 874 11.63 -21.99 32.68
C ASP A 874 11.88 -20.49 32.62
N MET A 875 10.81 -19.69 32.61
CA MET A 875 10.97 -18.23 32.61
C MET A 875 11.64 -17.75 33.89
N LYS A 876 11.27 -18.33 35.03
CA LYS A 876 11.75 -17.83 36.31
C LYS A 876 13.26 -17.95 36.46
N LEU A 877 13.91 -18.83 35.70
CA LEU A 877 15.32 -19.11 35.85
C LEU A 877 16.18 -18.54 34.74
N LEU A 878 15.62 -17.68 33.89
CA LEU A 878 16.39 -17.14 32.77
C LEU A 878 17.49 -16.21 33.28
N ASN A 879 18.61 -16.19 32.54
CA ASN A 879 19.81 -15.53 33.02
C ASN A 879 19.63 -14.04 33.21
N GLY A 880 18.98 -13.38 32.25
CA GLY A 880 18.80 -11.95 32.30
C GLY A 880 19.93 -11.20 31.59
N ILE A 881 19.66 -9.94 31.30
CA ILE A 881 20.62 -9.13 30.54
C ILE A 881 21.79 -8.77 31.44
N ARG A 882 22.97 -9.25 31.09
CA ARG A 882 24.18 -9.01 31.89
C ARG A 882 25.11 -8.08 31.13
N ALA A 883 25.53 -7.00 31.78
CA ALA A 883 26.44 -6.06 31.14
C ALA A 883 27.35 -5.48 32.20
N GLY A 884 28.65 -5.51 31.95
CA GLY A 884 29.60 -5.01 32.93
C GLY A 884 29.46 -5.77 34.22
N ASN A 885 29.17 -5.03 35.31
CA ASN A 885 28.90 -5.63 36.60
C ASN A 885 27.46 -5.41 37.05
N TYR A 886 26.56 -5.16 36.11
CA TYR A 886 25.14 -4.99 36.40
C TYR A 886 24.31 -6.02 35.63
N THR A 887 23.14 -6.32 36.17
CA THR A 887 22.23 -7.29 35.56
C THR A 887 20.80 -6.79 35.64
N PHE A 888 20.09 -6.89 34.53
CA PHE A 888 18.69 -6.50 34.43
C PHE A 888 17.83 -7.75 34.25
N ILE A 889 16.82 -7.89 35.10
CA ILE A 889 15.80 -8.91 34.93
C ILE A 889 14.49 -8.20 34.65
N PRO A 890 14.02 -8.18 33.41
CA PRO A 890 12.79 -7.47 33.09
C PRO A 890 11.57 -8.19 33.65
N THR A 891 10.45 -7.46 33.65
CA THR A 891 9.21 -8.02 34.14
C THR A 891 8.78 -9.20 33.27
N PRO A 892 8.15 -10.21 33.86
CA PRO A 892 7.65 -11.33 33.05
C PRO A 892 6.39 -11.00 32.27
N LYS A 893 5.81 -9.83 32.47
CA LYS A 893 4.63 -9.39 31.73
C LYS A 893 4.96 -8.91 30.32
N ILE A 894 6.19 -9.13 29.85
CA ILE A 894 6.54 -8.77 28.48
C ILE A 894 5.97 -9.73 27.46
N ILE A 895 5.42 -10.86 27.90
CA ILE A 895 4.85 -11.82 26.95
C ILE A 895 3.66 -11.21 26.24
N CYS A 896 2.75 -10.59 27.00
CA CYS A 896 1.56 -10.00 26.38
C CYS A 896 1.88 -8.75 25.57
N ALA A 897 3.06 -8.18 25.75
CA ALA A 897 3.41 -6.95 25.05
C ALA A 897 3.68 -7.22 23.56
N TYR A 898 3.53 -6.17 22.77
CA TYR A 898 3.80 -6.26 21.35
C TYR A 898 5.30 -6.43 21.08
N GLY A 899 5.64 -7.34 20.19
CA GLY A 899 7.02 -7.63 19.89
C GLY A 899 7.41 -9.02 20.36
N THR A 900 6.98 -9.36 21.55
CA THR A 900 6.97 -10.75 22.01
C THR A 900 5.66 -11.40 21.57
N PRO A 901 5.61 -12.73 21.52
CA PRO A 901 4.32 -13.37 21.21
C PRO A 901 3.28 -12.98 22.24
N GLU A 902 2.29 -12.18 21.82
CA GLU A 902 1.28 -11.66 22.74
C GLU A 902 0.29 -12.77 23.01
N ILE A 903 0.35 -13.34 24.21
CA ILE A 903 -0.40 -14.56 24.51
C ILE A 903 -1.19 -14.37 25.80
N CYS A 904 -2.35 -15.00 25.85
CA CYS A 904 -3.10 -15.20 27.08
C CYS A 904 -2.72 -16.55 27.66
N LEU A 905 -2.57 -16.59 28.98
CA LEU A 905 -2.02 -17.79 29.61
C LEU A 905 -2.89 -19.02 29.41
N ARG A 906 -4.21 -18.86 29.51
CA ARG A 906 -5.08 -20.02 29.37
C ARG A 906 -5.20 -20.48 27.92
N ALA A 907 -4.87 -19.63 26.95
CA ALA A 907 -4.90 -19.98 25.53
C ALA A 907 -3.58 -19.59 24.90
N PRO A 908 -2.53 -20.36 25.13
CA PRO A 908 -1.19 -19.95 24.65
C PRO A 908 -1.00 -20.09 23.16
N GLU A 909 -1.81 -20.90 22.49
CA GLU A 909 -1.60 -21.13 21.06
C GLU A 909 -1.80 -19.87 20.25
N ILE A 910 -2.82 -19.08 20.58
CA ILE A 910 -3.15 -17.88 19.81
C ILE A 910 -2.07 -16.83 20.06
N ARG A 911 -1.24 -16.58 19.05
CA ARG A 911 -0.27 -15.51 19.14
C ARG A 911 -0.93 -14.16 18.84
N SER A 912 -0.31 -13.11 19.37
CA SER A 912 -0.75 -11.73 19.14
C SER A 912 -2.17 -11.48 19.64
N PHE A 913 -2.60 -12.23 20.66
CA PHE A 913 -3.90 -12.03 21.28
C PHE A 913 -3.83 -11.14 22.52
N GLY A 914 -2.62 -10.74 22.94
CA GLY A 914 -2.50 -9.94 24.14
C GLY A 914 -3.00 -8.52 23.98
N ARG A 915 -3.16 -8.06 22.74
CA ARG A 915 -3.66 -6.70 22.52
C ARG A 915 -5.09 -6.55 23.02
N TYR A 916 -5.92 -7.56 22.81
CA TYR A 916 -7.33 -7.47 23.15
C TYR A 916 -7.60 -7.59 24.65
N LEU A 917 -6.60 -7.98 25.43
CA LEU A 917 -6.81 -8.13 26.86
C LEU A 917 -7.05 -6.76 27.50
N PRO A 918 -7.85 -6.71 28.57
CA PRO A 918 -8.19 -5.43 29.23
C PRO A 918 -7.09 -4.89 30.13
N ILE A 919 -5.85 -4.90 29.61
CA ILE A 919 -4.76 -4.23 30.31
C ILE A 919 -4.99 -2.73 30.24
N ASP A 920 -4.53 -2.02 31.26
CA ASP A 920 -4.64 -0.57 31.26
C ASP A 920 -3.86 0.00 30.08
N GLU A 921 -4.41 1.05 29.48
CA GLU A 921 -3.78 1.62 28.28
C GLU A 921 -2.38 2.13 28.57
N ASP A 922 -2.21 2.85 29.70
CA ASP A 922 -0.89 3.34 30.06
C ASP A 922 0.06 2.20 30.36
N GLU A 923 -0.40 1.19 31.10
CA GLU A 923 0.44 0.03 31.39
C GLU A 923 0.88 -0.67 30.13
N TYR A 924 -0.06 -0.89 29.20
CA TYR A 924 0.28 -1.56 27.95
C TYR A 924 1.25 -0.72 27.13
N SER A 925 1.07 0.60 27.13
CA SER A 925 1.98 1.46 26.39
C SER A 925 3.39 1.36 26.94
N VAL A 926 3.52 1.43 28.27
CA VAL A 926 4.86 1.39 28.86
C VAL A 926 5.50 0.02 28.64
N LEU A 927 4.70 -1.05 28.71
CA LEU A 927 5.23 -2.38 28.41
C LEU A 927 5.72 -2.47 26.97
N ASN A 928 4.97 -1.87 26.04
CA ASN A 928 5.36 -1.90 24.64
C ASN A 928 6.68 -1.15 24.44
N ASP A 929 6.83 0.02 25.05
CA ASP A 929 8.11 0.72 24.97
C ASP A 929 9.25 -0.08 25.59
N LEU A 930 8.98 -0.76 26.72
CA LEU A 930 10.02 -1.57 27.34
C LEU A 930 10.50 -2.67 26.40
N VAL A 931 9.56 -3.43 25.85
CA VAL A 931 9.95 -4.54 24.98
C VAL A 931 10.58 -4.03 23.69
N ALA A 932 10.13 -2.87 23.19
CA ALA A 932 10.76 -2.30 22.01
C ALA A 932 12.21 -1.91 22.30
N SER A 933 12.46 -1.34 23.47
CA SER A 933 13.82 -0.96 23.84
C SER A 933 14.70 -2.16 24.16
N LEU A 934 14.09 -3.31 24.49
CA LEU A 934 14.88 -4.49 24.82
C LEU A 934 15.69 -5.02 23.64
N SER A 935 15.37 -4.61 22.42
CA SER A 935 16.11 -5.02 21.23
C SER A 935 16.47 -3.80 20.41
N THR A 936 17.73 -3.72 20.00
CA THR A 936 18.22 -2.59 19.22
C THR A 936 19.07 -3.10 18.06
N ASN A 937 19.17 -2.29 17.01
CA ASN A 937 19.95 -2.63 15.84
C ASN A 937 21.16 -1.73 15.66
N LYS A 938 21.36 -0.75 16.55
CA LYS A 938 22.54 0.12 16.46
C LYS A 938 23.86 -0.62 16.59
N PRO A 939 24.05 -1.56 17.53
CA PRO A 939 25.38 -2.19 17.65
C PRO A 939 25.85 -2.89 16.38
N LYS A 940 24.96 -3.58 15.67
CA LYS A 940 25.38 -4.24 14.45
C LYS A 940 25.80 -3.24 13.39
N MET A 941 25.06 -2.13 13.27
CA MET A 941 25.44 -1.10 12.31
C MET A 941 26.79 -0.51 12.64
N ASP A 942 27.04 -0.23 13.93
CA ASP A 942 28.34 0.31 14.32
C ASP A 942 29.46 -0.67 14.04
N PHE A 943 29.24 -1.94 14.36
CA PHE A 943 30.26 -2.96 14.11
C PHE A 943 30.59 -3.06 12.63
N VAL A 944 29.56 -3.10 11.79
CA VAL A 944 29.78 -3.20 10.35
C VAL A 944 30.50 -1.97 9.83
N ALA A 945 30.11 -0.78 10.31
CA ALA A 945 30.75 0.45 9.84
C ALA A 945 32.22 0.47 10.20
N GLN A 946 32.57 0.07 11.43
CA GLN A 946 33.97 0.11 11.81
C GLN A 946 34.77 -0.97 11.08
N MET A 947 34.17 -2.14 10.86
CA MET A 947 34.86 -3.16 10.08
C MET A 947 35.14 -2.67 8.66
N PHE A 948 34.17 -1.97 8.05
CA PHE A 948 34.39 -1.43 6.72
C PHE A 948 35.48 -0.37 6.73
N GLU A 949 35.47 0.51 7.74
CA GLU A 949 36.49 1.56 7.80
C GLU A 949 37.88 1.00 8.09
N GLN A 950 37.97 -0.17 8.70
CA GLN A 950 39.28 -0.72 9.04
C GLN A 950 39.82 -1.70 8.01
N ASN A 951 38.96 -2.40 7.27
CA ASN A 951 39.41 -3.43 6.35
C ASN A 951 39.12 -3.13 4.88
N GLY A 952 38.23 -2.19 4.59
CA GLY A 952 37.98 -1.82 3.21
C GLY A 952 37.09 -2.80 2.47
N ASN A 953 37.13 -2.68 1.14
CA ASN A 953 36.27 -3.46 0.28
C ASN A 953 36.63 -4.94 0.32
N GLN A 954 35.60 -5.79 0.21
CA GLN A 954 35.78 -7.23 0.28
C GLN A 954 35.10 -7.98 -0.85
N VAL A 955 34.38 -7.32 -1.73
CA VAL A 955 33.65 -7.96 -2.81
C VAL A 955 34.56 -8.07 -4.02
N HIS A 956 34.42 -9.18 -4.76
CA HIS A 956 35.21 -9.38 -5.97
C HIS A 956 34.75 -8.46 -7.09
N GLY A 957 35.60 -8.29 -8.09
CA GLY A 957 35.26 -7.45 -9.22
C GLY A 957 34.24 -8.06 -10.15
N ILE A 958 34.15 -9.39 -10.18
CA ILE A 958 33.17 -10.05 -11.05
C ILE A 958 31.76 -9.71 -10.59
N TRP A 959 31.51 -9.77 -9.27
CA TRP A 959 30.22 -9.36 -8.74
C TRP A 959 30.01 -7.86 -8.86
N LEU A 960 31.10 -7.09 -8.93
CA LEU A 960 30.97 -5.65 -9.12
C LEU A 960 30.46 -5.32 -10.51
N ASP A 961 31.05 -5.95 -11.53
CA ASP A 961 30.62 -5.64 -12.89
C ASP A 961 29.31 -6.34 -13.27
N HIS A 962 29.05 -7.53 -12.71
CA HIS A 962 27.84 -8.25 -13.09
C HIS A 962 26.58 -7.53 -12.61
N PHE A 963 26.62 -6.94 -11.42
CA PHE A 963 25.48 -6.25 -10.85
C PHE A 963 25.50 -4.79 -11.32
N LYS A 964 25.01 -4.57 -12.52
CA LYS A 964 24.93 -3.26 -13.13
C LYS A 964 23.53 -3.03 -13.65
N ARG A 965 23.16 -1.77 -13.80
CA ARG A 965 21.81 -1.41 -14.23
C ARG A 965 21.61 -1.85 -15.67
N LYS A 966 20.56 -2.64 -15.91
CA LYS A 966 20.26 -3.18 -17.23
C LYS A 966 18.95 -2.68 -17.81
N ASN A 967 17.97 -2.35 -16.97
CA ASN A 967 16.65 -1.98 -17.48
C ASN A 967 16.64 -0.61 -18.15
N ASP A 968 17.73 0.15 -18.07
CA ASP A 968 17.84 1.46 -18.73
C ASP A 968 16.74 2.40 -18.25
N VAL A 969 16.78 2.69 -16.95
CA VAL A 969 15.79 3.55 -16.30
C VAL A 969 16.55 4.59 -15.50
N ASN A 970 16.06 5.83 -15.53
CA ASN A 970 16.71 6.92 -14.82
C ASN A 970 16.78 6.60 -13.34
N PRO A 971 17.97 6.62 -12.73
CA PRO A 971 18.05 6.38 -11.28
C PRO A 971 17.27 7.39 -10.46
N ASP A 972 17.20 8.64 -10.92
CA ASP A 972 16.46 9.66 -10.21
C ASP A 972 14.97 9.31 -10.09
N GLY A 973 14.47 8.44 -10.96
CA GLY A 973 13.07 8.11 -10.94
C GLY A 973 12.21 9.23 -11.50
N GLY A 974 11.03 9.40 -10.94
CA GLY A 974 10.16 10.47 -11.35
C GLY A 974 10.35 11.70 -10.50
N GLY A 975 11.50 11.78 -9.84
CA GLY A 975 11.74 12.80 -8.85
C GLY A 975 11.19 12.48 -7.48
N ILE A 976 10.72 11.25 -7.27
CA ILE A 976 10.09 10.86 -6.01
C ILE A 976 11.14 10.77 -4.92
N HIS A 977 10.68 10.69 -3.67
CA HIS A 977 11.58 10.63 -2.52
C HIS A 977 12.17 9.23 -2.43
N ILE A 978 13.49 9.13 -2.63
CA ILE A 978 14.19 7.85 -2.55
C ILE A 978 14.58 7.64 -1.09
N SER A 979 13.94 6.69 -0.43
CA SER A 979 14.20 6.43 0.97
C SER A 979 15.55 5.74 1.14
N GLU A 980 15.91 5.49 2.41
CA GLU A 980 17.19 4.87 2.70
C GLU A 980 17.27 3.44 2.16
N GLY A 981 16.19 2.67 2.33
CA GLY A 981 16.21 1.30 1.84
C GLY A 981 16.33 1.20 0.34
N LEU A 982 15.62 2.07 -0.37
CA LEU A 982 15.69 2.09 -1.83
C LEU A 982 17.11 2.43 -2.28
N LYS A 983 17.74 3.40 -1.62
CA LYS A 983 19.12 3.73 -1.97
C LYS A 983 20.06 2.58 -1.64
N ARG A 984 19.75 1.81 -0.59
CA ARG A 984 20.57 0.64 -0.26
C ARG A 984 20.48 -0.41 -1.35
N LEU A 985 19.28 -0.68 -1.84
CA LEU A 985 19.08 -1.77 -2.77
C LEU A 985 19.21 -1.37 -4.23
N MET A 986 19.36 -0.09 -4.53
CA MET A 986 19.43 0.34 -5.92
C MET A 986 20.80 -0.02 -6.50
N PRO A 987 20.87 -0.39 -7.78
CA PRO A 987 22.12 -0.97 -8.32
C PRO A 987 23.33 -0.06 -8.21
N GLU A 988 23.18 1.24 -8.44
CA GLU A 988 24.35 2.12 -8.47
C GLU A 988 25.02 2.23 -7.10
N TYR A 989 24.27 1.94 -6.03
CA TYR A 989 24.83 1.89 -4.68
C TYR A 989 24.94 0.47 -4.16
N CYS A 990 24.99 -0.52 -5.05
CA CYS A 990 25.01 -1.92 -4.63
C CYS A 990 26.28 -2.28 -3.88
N GLU A 991 27.43 -1.79 -4.36
CA GLU A 991 28.72 -2.27 -3.86
C GLU A 991 28.81 -2.15 -2.35
N ARG A 992 28.57 -0.94 -1.82
CA ARG A 992 28.61 -0.75 -0.38
C ARG A 992 27.66 -1.71 0.31
N HIS A 993 26.42 -1.80 -0.19
CA HIS A 993 25.45 -2.73 0.37
C HIS A 993 26.01 -4.14 0.42
N LEU A 994 26.65 -4.57 -0.66
CA LEU A 994 27.21 -5.92 -0.69
C LEU A 994 28.20 -6.11 0.45
N ASN A 995 29.07 -5.12 0.68
CA ASN A 995 30.04 -5.24 1.75
C ASN A 995 29.35 -5.46 3.08
N GLU A 996 28.25 -4.73 3.33
CA GLU A 996 27.51 -4.90 4.57
C GLU A 996 27.13 -6.36 4.77
N LEU A 997 26.66 -7.03 3.72
CA LEU A 997 26.29 -8.43 3.83
C LEU A 997 27.44 -9.24 4.38
N VAL A 998 28.65 -9.05 3.82
CA VAL A 998 29.81 -9.77 4.31
C VAL A 998 29.99 -9.54 5.80
N TYR A 999 29.92 -8.28 6.22
CA TYR A 999 30.13 -7.96 7.62
C TYR A 999 28.92 -8.30 8.48
N LYS A 1000 27.76 -8.55 7.87
CA LYS A 1000 26.66 -9.09 8.64
C LYS A 1000 26.81 -10.59 8.84
N THR A 1001 27.68 -11.23 8.05
CA THR A 1001 27.96 -12.65 8.25
C THR A 1001 28.66 -12.89 9.59
N LEU A 1002 29.61 -12.03 9.93
CA LEU A 1002 30.47 -12.26 11.08
C LEU A 1002 29.69 -12.07 12.37
N ASP A 1003 29.80 -13.05 13.28
CA ASP A 1003 29.15 -13.01 14.58
C ASP A 1003 30.21 -13.18 15.65
N ASP A 1004 30.11 -12.38 16.72
CA ASP A 1004 31.12 -12.39 17.77
C ASP A 1004 30.47 -11.92 19.06
N LYS A 1005 31.13 -12.21 20.18
CA LYS A 1005 30.60 -11.83 21.49
C LYS A 1005 30.31 -10.33 21.58
N VAL A 1006 31.17 -9.51 20.97
CA VAL A 1006 31.23 -8.10 21.32
C VAL A 1006 29.95 -7.38 20.93
N ILE A 1007 29.29 -7.80 19.85
CA ILE A 1007 28.06 -7.13 19.44
C ILE A 1007 26.99 -7.30 20.50
N ARG A 1008 26.86 -8.51 21.07
CA ARG A 1008 25.84 -8.70 22.09
C ARG A 1008 26.24 -8.11 23.44
N ASP A 1009 27.54 -8.08 23.79
CA ASP A 1009 27.89 -7.33 24.99
C ASP A 1009 27.57 -5.85 24.83
N TYR A 1010 27.85 -5.29 23.65
CA TYR A 1010 27.52 -3.88 23.39
C TYR A 1010 26.01 -3.67 23.43
N THR A 1011 25.24 -4.62 22.90
CA THR A 1011 23.79 -4.50 22.95
C THR A 1011 23.29 -4.49 24.39
N SER A 1012 23.83 -5.38 25.22
CA SER A 1012 23.44 -5.40 26.63
C SER A 1012 23.80 -4.08 27.32
N ASP A 1013 24.98 -3.54 27.03
CA ASP A 1013 25.39 -2.29 27.64
C ASP A 1013 24.46 -1.16 27.22
N ILE A 1014 24.11 -1.10 25.93
CA ILE A 1014 23.20 -0.07 25.45
C ILE A 1014 21.85 -0.21 26.10
N ILE A 1015 21.35 -1.43 26.24
CA ILE A 1015 20.06 -1.66 26.88
C ILE A 1015 20.10 -1.16 28.32
N ILE A 1016 21.17 -1.48 29.04
CA ILE A 1016 21.26 -1.08 30.44
C ILE A 1016 21.27 0.43 30.57
N THR A 1017 22.13 1.09 29.80
CA THR A 1017 22.23 2.54 29.88
C THR A 1017 20.92 3.21 29.51
N ASN A 1018 20.29 2.76 28.41
CA ASN A 1018 19.04 3.36 27.97
C ASN A 1018 17.94 3.15 28.99
N ILE A 1019 17.85 1.95 29.57
CA ILE A 1019 16.81 1.70 30.55
C ILE A 1019 17.00 2.57 31.78
N CYS A 1020 18.20 2.56 32.36
CA CYS A 1020 18.41 3.27 33.61
C CYS A 1020 18.31 4.78 33.43
N LYS A 1021 18.80 5.30 32.30
CA LYS A 1021 18.75 6.74 32.08
C LYS A 1021 17.35 7.28 31.89
N GLY A 1022 16.36 6.41 31.67
CA GLY A 1022 15.00 6.83 31.44
C GLY A 1022 14.59 6.93 29.98
N LYS A 1023 15.41 6.43 29.06
CA LYS A 1023 15.14 6.50 27.63
C LYS A 1023 14.50 5.18 27.22
N LEU A 1024 13.21 5.23 26.89
CA LEU A 1024 12.48 4.07 26.40
C LEU A 1024 12.19 4.26 24.92
N SER A 1025 12.55 3.25 24.12
CA SER A 1025 12.29 3.31 22.70
C SER A 1025 10.79 3.32 22.43
N LYS A 1026 10.36 4.13 21.47
CA LYS A 1026 8.94 4.29 21.19
C LYS A 1026 8.48 3.11 20.35
N ALA A 1027 7.49 2.37 20.85
CA ALA A 1027 7.08 1.14 20.19
C ALA A 1027 6.37 1.45 18.87
N PRO A 1028 6.59 0.62 17.84
CA PRO A 1028 5.87 0.83 16.58
C PRO A 1028 4.39 0.50 16.73
N LYS A 1029 3.57 1.14 15.89
CA LYS A 1029 2.13 0.96 15.96
C LYS A 1029 1.72 -0.43 15.47
N LEU A 1030 0.51 -0.82 15.84
CA LEU A 1030 -0.04 -2.11 15.43
C LEU A 1030 -0.70 -1.99 14.07
N ALA A 1031 -0.43 -2.95 13.20
CA ALA A 1031 -0.99 -2.91 11.84
C ALA A 1031 -2.50 -3.08 11.86
N PHE A 1032 -2.99 -4.09 12.57
CA PHE A 1032 -4.41 -4.41 12.59
C PHE A 1032 -4.90 -4.54 14.02
N PHE A 1033 -6.08 -4.00 14.28
CA PHE A 1033 -6.71 -4.09 15.60
C PHE A 1033 -8.19 -3.79 15.43
N ALA A 1034 -9.04 -4.71 15.85
CA ALA A 1034 -10.48 -4.50 15.77
C ALA A 1034 -11.16 -5.37 16.81
N ASN A 1035 -12.13 -4.79 17.51
CA ASN A 1035 -12.94 -5.53 18.48
C ASN A 1035 -14.07 -6.22 17.75
N PHE A 1036 -14.13 -7.54 17.85
CA PHE A 1036 -15.15 -8.34 17.21
C PHE A 1036 -16.14 -8.85 18.25
N TYR A 1037 -17.43 -8.76 17.93
CA TYR A 1037 -18.50 -9.13 18.85
C TYR A 1037 -19.11 -10.44 18.40
N LEU A 1038 -19.30 -11.37 19.33
CA LEU A 1038 -19.57 -12.76 19.01
C LEU A 1038 -21.03 -13.12 19.24
N SER A 1039 -21.48 -14.14 18.51
CA SER A 1039 -22.80 -14.72 18.68
C SER A 1039 -22.67 -16.23 18.56
N LEU A 1040 -23.69 -16.96 19.02
CA LEU A 1040 -23.63 -18.42 18.99
C LEU A 1040 -23.85 -18.95 17.57
N THR A 1041 -23.32 -20.13 17.32
CA THR A 1041 -23.49 -20.82 16.04
C THR A 1041 -23.19 -22.30 16.25
N GLY A 1042 -23.19 -23.07 15.15
CA GLY A 1042 -23.04 -24.49 15.21
C GLY A 1042 -21.62 -24.97 14.95
N PHE A 1043 -21.42 -26.28 15.15
CA PHE A 1043 -20.13 -26.91 14.98
C PHE A 1043 -19.86 -27.21 13.51
N ASN A 1044 -18.58 -27.29 13.15
CA ASN A 1044 -18.21 -27.56 11.76
C ASN A 1044 -17.19 -28.66 11.64
N GLY A 1045 -16.32 -28.81 12.63
CA GLY A 1045 -15.17 -29.69 12.52
C GLY A 1045 -15.47 -31.14 12.79
N VAL A 1046 -14.41 -31.93 12.83
CA VAL A 1046 -14.48 -33.37 13.08
C VAL A 1046 -13.52 -33.68 14.22
N ASP A 1047 -13.80 -34.77 14.94
CA ASP A 1047 -13.05 -35.08 16.15
C ASP A 1047 -11.58 -35.33 15.83
N SER A 1048 -10.73 -35.00 16.80
CA SER A 1048 -9.29 -34.93 16.57
C SER A 1048 -8.67 -36.31 16.67
N PRO A 1049 -7.87 -36.74 15.69
CA PRO A 1049 -7.12 -37.98 15.84
C PRO A 1049 -6.07 -37.93 16.93
N TYR A 1050 -5.65 -36.74 17.34
CA TYR A 1050 -4.68 -36.59 18.42
C TYR A 1050 -5.36 -36.94 19.74
N LEU A 1051 -5.26 -38.21 20.14
CA LEU A 1051 -5.89 -38.64 21.38
C LEU A 1051 -5.14 -38.13 22.60
N THR A 1052 -3.83 -38.09 22.54
CA THR A 1052 -2.99 -37.69 23.66
C THR A 1052 -2.96 -36.18 23.86
N ALA A 1053 -3.35 -35.42 22.86
CA ALA A 1053 -3.23 -33.97 22.93
C ALA A 1053 -4.18 -33.42 24.00
N ASP A 1054 -3.98 -32.14 24.32
CA ASP A 1054 -4.79 -31.54 25.37
C ASP A 1054 -6.23 -31.35 24.92
N GLU A 1055 -7.11 -31.14 25.90
CA GLU A 1055 -8.54 -31.06 25.61
C GLU A 1055 -8.87 -29.84 24.77
N GLY A 1056 -8.17 -28.73 25.01
CA GLY A 1056 -8.46 -27.51 24.25
C GLY A 1056 -8.21 -27.66 22.76
N VAL A 1057 -7.08 -28.29 22.40
CA VAL A 1057 -6.75 -28.46 20.99
C VAL A 1057 -7.76 -29.39 20.32
N LYS A 1058 -8.16 -30.47 21.02
CA LYS A 1058 -9.15 -31.37 20.45
C LYS A 1058 -10.50 -30.67 20.30
N ASN A 1059 -10.86 -29.82 21.25
CA ASN A 1059 -12.08 -29.04 21.13
C ASN A 1059 -12.02 -28.11 19.93
N VAL A 1060 -10.86 -27.47 19.71
CA VAL A 1060 -10.71 -26.59 18.54
C VAL A 1060 -10.86 -27.40 17.26
N HIS A 1061 -10.27 -28.59 17.21
CA HIS A 1061 -10.41 -29.44 16.04
C HIS A 1061 -11.87 -29.82 15.83
N ARG A 1062 -12.62 -30.05 16.92
CA ARG A 1062 -14.02 -30.40 16.80
C ARG A 1062 -14.87 -29.22 16.33
N VAL A 1063 -14.49 -28.00 16.69
CA VAL A 1063 -15.28 -26.82 16.34
C VAL A 1063 -14.95 -26.31 14.95
N ILE A 1064 -13.67 -26.08 14.67
CA ILE A 1064 -13.28 -25.48 13.39
C ILE A 1064 -12.90 -26.56 12.39
N GLY A 1065 -11.87 -27.34 12.70
CA GLY A 1065 -11.46 -28.43 11.85
C GLY A 1065 -9.95 -28.58 11.84
N LEU A 1066 -9.48 -29.43 10.94
CA LEU A 1066 -8.06 -29.68 10.76
C LEU A 1066 -7.57 -29.11 9.45
N SER A 1067 -6.31 -28.73 9.41
CA SER A 1067 -5.73 -28.09 8.24
C SER A 1067 -5.06 -29.12 7.35
N TYR A 1068 -4.68 -28.68 6.15
CA TYR A 1068 -4.02 -29.54 5.19
C TYR A 1068 -3.01 -28.71 4.40
N ARG A 1069 -2.05 -29.40 3.81
CA ARG A 1069 -0.95 -28.72 3.13
C ARG A 1069 -1.44 -27.97 1.90
N ASN A 1070 -2.46 -28.50 1.22
CA ASN A 1070 -3.03 -27.77 0.09
C ASN A 1070 -3.68 -26.47 0.55
N THR A 1071 -4.42 -26.50 1.65
CA THR A 1071 -5.10 -25.32 2.16
C THR A 1071 -4.24 -24.45 3.05
N LEU A 1072 -3.03 -24.89 3.41
CA LEU A 1072 -2.18 -24.11 4.29
C LEU A 1072 -1.71 -22.84 3.60
N SER A 1073 -1.74 -21.73 4.34
CA SER A 1073 -1.32 -20.45 3.79
C SER A 1073 0.19 -20.40 3.63
N THR A 1074 0.65 -19.59 2.68
CA THR A 1074 2.05 -19.44 2.37
C THR A 1074 2.50 -18.03 2.72
N SER A 1075 3.67 -17.92 3.34
CA SER A 1075 4.19 -16.62 3.73
C SER A 1075 4.49 -15.79 2.48
N PRO A 1076 4.25 -14.48 2.50
CA PRO A 1076 4.53 -13.66 1.32
C PRO A 1076 5.99 -13.65 0.92
N THR A 1077 6.90 -13.69 1.89
CA THR A 1077 8.32 -13.69 1.58
C THR A 1077 8.72 -14.93 0.79
N ALA A 1078 8.18 -16.09 1.16
CA ALA A 1078 8.45 -17.30 0.40
C ALA A 1078 7.91 -17.21 -1.01
N ASN A 1079 6.72 -16.62 -1.17
CA ASN A 1079 6.15 -16.47 -2.51
C ASN A 1079 7.02 -15.56 -3.38
N VAL A 1080 7.49 -14.45 -2.82
CA VAL A 1080 8.35 -13.55 -3.58
C VAL A 1080 9.66 -14.25 -3.91
N ASP A 1081 10.19 -15.05 -2.99
CA ASP A 1081 11.41 -15.80 -3.27
C ASP A 1081 11.19 -16.79 -4.40
N ARG A 1082 10.05 -17.47 -4.40
CA ARG A 1082 9.75 -18.40 -5.49
C ARG A 1082 9.66 -17.67 -6.83
N ILE A 1083 9.01 -16.50 -6.83
CA ILE A 1083 8.89 -15.73 -8.07
C ILE A 1083 10.26 -15.31 -8.57
N LEU A 1084 11.12 -14.84 -7.66
CA LEU A 1084 12.46 -14.41 -8.06
C LEU A 1084 13.28 -15.58 -8.58
N ARG A 1085 13.20 -16.73 -7.92
CA ARG A 1085 14.02 -17.86 -8.30
C ARG A 1085 13.56 -18.51 -9.59
N ASN A 1086 12.25 -18.53 -9.85
CA ASN A 1086 11.75 -19.16 -11.06
C ASN A 1086 12.11 -18.38 -12.32
N ASN A 1087 12.46 -17.11 -12.19
CA ASN A 1087 12.80 -16.26 -13.33
C ASN A 1087 14.16 -15.61 -13.09
N PRO A 1088 15.25 -16.37 -13.22
CA PRO A 1088 16.58 -15.78 -13.06
C PRO A 1088 16.88 -14.78 -14.16
N GLY A 1089 17.67 -13.78 -13.82
CA GLY A 1089 18.04 -12.74 -14.74
C GLY A 1089 17.03 -11.60 -14.84
N SER A 1090 15.82 -11.80 -14.33
CA SER A 1090 14.83 -10.72 -14.34
C SER A 1090 15.12 -9.69 -13.25
N ALA A 1091 15.60 -10.14 -12.09
CA ALA A 1091 15.94 -9.27 -10.98
C ALA A 1091 17.34 -9.58 -10.52
N PRO A 1092 18.02 -8.62 -9.90
CA PRO A 1092 19.37 -8.89 -9.39
C PRO A 1092 19.36 -10.02 -8.37
N ALA A 1093 20.41 -10.83 -8.40
CA ALA A 1093 20.45 -12.03 -7.58
C ALA A 1093 20.47 -11.70 -6.09
N TYR A 1094 21.07 -10.58 -5.71
CA TYR A 1094 21.18 -10.26 -4.29
C TYR A 1094 19.85 -9.93 -3.65
N LEU A 1095 18.85 -9.54 -4.45
CA LEU A 1095 17.57 -9.14 -3.89
C LEU A 1095 16.84 -10.34 -3.30
N THR A 1096 16.37 -10.19 -2.07
CA THR A 1096 15.58 -11.21 -1.39
C THR A 1096 14.16 -10.70 -1.20
N GLY A 1097 13.26 -11.65 -0.93
CA GLY A 1097 11.86 -11.28 -0.75
C GLY A 1097 11.64 -10.33 0.41
N ASN A 1098 12.42 -10.50 1.48
CA ASN A 1098 12.25 -9.66 2.67
C ASN A 1098 12.55 -8.20 2.36
N ASP A 1099 13.63 -7.93 1.63
CA ASP A 1099 14.02 -6.55 1.35
C ASP A 1099 13.00 -5.87 0.44
N ILE A 1100 12.58 -6.56 -0.62
CA ILE A 1100 11.58 -6.00 -1.52
C ILE A 1100 10.27 -5.75 -0.78
N LEU A 1101 9.86 -6.70 0.06
CA LEU A 1101 8.64 -6.52 0.81
C LEU A 1101 8.73 -5.33 1.75
N GLY A 1102 9.89 -5.15 2.41
CA GLY A 1102 10.04 -4.01 3.30
C GLY A 1102 10.00 -2.69 2.57
N VAL A 1103 10.74 -2.59 1.45
CA VAL A 1103 10.77 -1.32 0.74
C VAL A 1103 9.41 -1.02 0.12
N LEU A 1104 8.66 -2.04 -0.29
CA LEU A 1104 7.31 -1.80 -0.75
C LEU A 1104 6.41 -1.34 0.39
N SER A 1105 6.55 -1.94 1.57
CA SER A 1105 5.75 -1.55 2.72
C SER A 1105 6.07 -0.13 3.18
N ASP A 1106 7.25 0.38 2.85
CA ASP A 1106 7.56 1.77 3.20
C ASP A 1106 6.79 2.75 2.33
N TYR A 1107 6.74 2.49 1.02
CA TYR A 1107 6.12 3.40 0.07
C TYR A 1107 4.62 3.17 -0.06
N PRO A 1108 3.87 4.18 -0.48
CA PRO A 1108 2.46 3.95 -0.83
C PRO A 1108 2.35 3.06 -2.06
N TYR A 1109 1.23 2.34 -2.15
CA TYR A 1109 1.10 1.39 -3.24
C TYR A 1109 0.96 2.07 -4.59
N GLN A 1110 0.48 3.32 -4.60
CA GLN A 1110 0.29 4.04 -5.86
C GLN A 1110 1.59 4.15 -6.63
N ASN A 1111 2.71 4.31 -5.94
CA ASN A 1111 4.01 4.42 -6.58
C ASN A 1111 4.77 3.10 -6.63
N TRP A 1112 4.16 2.00 -6.20
CA TRP A 1112 4.88 0.74 -6.08
C TRP A 1112 5.57 0.36 -7.38
N ARG A 1113 4.89 0.54 -8.51
CA ARG A 1113 5.48 0.20 -9.80
C ARG A 1113 6.79 0.93 -10.01
N THR A 1114 6.79 2.26 -9.78
CA THR A 1114 8.04 3.01 -9.92
C THR A 1114 9.13 2.41 -9.07
N VAL A 1115 8.78 1.96 -7.86
CA VAL A 1115 9.76 1.35 -6.96
C VAL A 1115 10.41 0.15 -7.63
N VAL A 1116 9.60 -0.74 -8.22
CA VAL A 1116 10.17 -1.94 -8.81
C VAL A 1116 10.95 -1.60 -10.07
N GLU A 1117 10.75 -0.41 -10.62
CA GLU A 1117 11.60 0.03 -11.73
C GLU A 1117 12.96 0.46 -11.24
N LEU A 1118 13.04 1.00 -10.02
CA LEU A 1118 14.33 1.44 -9.48
C LEU A 1118 15.13 0.29 -8.89
N LEU A 1119 14.49 -0.84 -8.60
CA LEU A 1119 15.20 -2.03 -8.14
C LEU A 1119 15.64 -2.91 -9.29
N ASP A 1120 15.41 -2.48 -10.53
CA ASP A 1120 15.84 -3.18 -11.74
C ASP A 1120 15.23 -4.59 -11.75
N ILE A 1121 13.90 -4.62 -11.74
CA ILE A 1121 13.15 -5.87 -11.79
C ILE A 1121 12.44 -5.93 -13.13
N THR A 1122 12.80 -6.94 -13.94
CA THR A 1122 12.17 -7.11 -15.23
C THR A 1122 10.72 -7.53 -15.06
N GLU A 1123 9.94 -7.34 -16.13
CA GLU A 1123 8.48 -7.42 -16.04
C GLU A 1123 7.92 -8.73 -15.49
N PRO A 1124 8.37 -9.92 -15.92
CA PRO A 1124 7.76 -11.15 -15.39
C PRO A 1124 7.83 -11.24 -13.88
N SER A 1125 8.94 -10.82 -13.29
CA SER A 1125 9.02 -10.77 -11.83
C SER A 1125 8.29 -9.56 -11.27
N ALA A 1126 8.31 -8.43 -11.98
CA ALA A 1126 7.75 -7.20 -11.44
C ALA A 1126 6.25 -7.32 -11.22
N THR A 1127 5.53 -7.79 -12.24
CA THR A 1127 4.07 -7.88 -12.12
C THR A 1127 3.66 -8.87 -11.03
N ALA A 1128 4.33 -10.02 -10.97
CA ALA A 1128 4.01 -11.01 -9.95
C ALA A 1128 4.31 -10.48 -8.56
N ILE A 1129 5.43 -9.78 -8.39
CA ILE A 1129 5.76 -9.20 -7.08
C ILE A 1129 4.71 -8.17 -6.69
N ILE A 1130 4.27 -7.35 -7.65
CA ILE A 1130 3.25 -6.36 -7.36
C ILE A 1130 1.95 -7.04 -6.93
N GLU A 1131 1.56 -8.11 -7.62
CA GLU A 1131 0.33 -8.82 -7.25
C GLU A 1131 0.44 -9.42 -5.85
N VAL A 1132 1.59 -10.04 -5.54
CA VAL A 1132 1.77 -10.64 -4.23
C VAL A 1132 1.71 -9.58 -3.14
N ALA A 1133 2.36 -8.44 -3.36
CA ALA A 1133 2.30 -7.35 -2.38
C ALA A 1133 0.88 -6.84 -2.22
N THR A 1134 0.14 -6.74 -3.33
CA THR A 1134 -1.24 -6.24 -3.26
C THR A 1134 -2.13 -7.17 -2.45
N ASN A 1135 -1.98 -8.48 -2.64
CA ASN A 1135 -2.88 -9.42 -1.98
C ASN A 1135 -2.37 -9.93 -0.65
N GLN A 1136 -1.08 -9.78 -0.34
CA GLN A 1136 -0.51 -10.44 0.84
C GLN A 1136 0.36 -9.49 1.66
N MET A 1137 -0.01 -8.22 1.74
CA MET A 1137 0.71 -7.30 2.62
C MET A 1137 0.32 -7.48 4.08
N HIS A 1138 -0.86 -8.05 4.34
CA HIS A 1138 -1.32 -8.20 5.72
C HIS A 1138 -0.39 -9.12 6.52
N ALA A 1139 0.06 -10.20 5.90
CA ALA A 1139 0.93 -11.14 6.59
C ALA A 1139 2.26 -10.49 6.96
N TYR A 1140 2.81 -9.69 6.05
CA TYR A 1140 4.08 -9.02 6.34
C TYR A 1140 3.90 -7.95 7.40
N LEU A 1141 2.82 -7.18 7.32
CA LEU A 1141 2.60 -6.12 8.31
C LEU A 1141 2.31 -6.67 9.69
N ALA A 1142 1.64 -7.81 9.77
CA ALA A 1142 1.32 -8.40 11.07
C ALA A 1142 2.58 -8.85 11.79
N ASP A 1143 3.51 -9.49 11.08
CA ASP A 1143 4.73 -10.02 11.67
C ASP A 1143 5.94 -9.15 11.36
N LYS A 1144 5.74 -7.85 11.21
CA LYS A 1144 6.84 -6.96 10.83
C LYS A 1144 7.82 -6.75 11.97
N ASP A 1145 7.32 -6.64 13.20
CA ASP A 1145 8.14 -6.26 14.33
C ASP A 1145 8.67 -7.44 15.14
N LEU A 1146 8.36 -8.67 14.72
CA LEU A 1146 8.75 -9.86 15.47
C LEU A 1146 9.57 -10.78 14.58
N ASN A 1147 10.71 -11.24 15.09
CA ASN A 1147 11.58 -12.16 14.36
C ASN A 1147 11.05 -13.57 14.57
N THR A 1148 10.36 -14.10 13.55
CA THR A 1148 9.72 -15.41 13.64
C THR A 1148 10.61 -16.53 13.12
N ALA A 1149 11.94 -16.35 13.19
CA ALA A 1149 12.84 -17.40 12.71
C ALA A 1149 12.77 -18.64 13.60
N ASN A 1150 12.53 -18.45 14.89
CA ASN A 1150 12.52 -19.55 15.84
C ASN A 1150 11.10 -19.99 16.24
N LEU A 1151 10.09 -19.55 15.51
CA LEU A 1151 8.70 -19.88 15.82
C LEU A 1151 8.17 -20.85 14.77
N PHE A 1152 7.97 -22.10 15.16
CA PHE A 1152 7.29 -23.10 14.36
C PHE A 1152 6.06 -23.52 15.15
N ASP A 1153 4.98 -22.77 15.00
CA ASP A 1153 3.76 -23.00 15.78
C ASP A 1153 3.03 -24.20 15.19
N ASN A 1154 3.36 -25.38 15.70
CA ASN A 1154 2.76 -26.61 15.20
C ASN A 1154 1.30 -26.70 15.62
N THR A 1155 1.01 -26.43 16.89
CA THR A 1155 -0.37 -26.49 17.37
C THR A 1155 -1.24 -25.46 16.68
N SER A 1156 -0.70 -24.26 16.45
CA SER A 1156 -1.45 -23.25 15.72
C SER A 1156 -1.64 -23.63 14.26
N ARG A 1157 -0.68 -24.37 13.69
CA ARG A 1157 -0.79 -24.79 12.29
C ARG A 1157 -1.79 -25.92 12.12
N THR A 1158 -1.99 -26.75 13.14
CA THR A 1158 -2.94 -27.86 13.01
C THR A 1158 -4.36 -27.36 12.82
N TYR A 1159 -4.68 -26.17 13.32
CA TYR A 1159 -6.02 -25.62 13.18
C TYR A 1159 -6.27 -25.22 11.72
N ASP A 1160 -7.53 -25.26 11.32
CA ASP A 1160 -7.92 -25.01 9.93
C ASP A 1160 -8.36 -23.55 9.89
N ILE A 1161 -7.40 -22.66 9.65
CA ILE A 1161 -7.70 -21.24 9.47
C ILE A 1161 -7.38 -20.89 8.02
N SER A 1162 -8.40 -20.96 7.16
CA SER A 1162 -8.22 -20.73 5.73
C SER A 1162 -9.53 -20.24 5.15
N ASP A 1163 -9.60 -20.16 3.82
CA ASP A 1163 -10.80 -19.68 3.16
C ASP A 1163 -11.98 -20.63 3.33
N ARG A 1164 -11.72 -21.89 3.70
CA ARG A 1164 -12.81 -22.84 3.87
C ARG A 1164 -13.63 -22.55 5.11
N THR A 1165 -13.02 -21.96 6.13
CA THR A 1165 -13.71 -21.71 7.40
C THR A 1165 -14.04 -20.25 7.64
N TYR A 1166 -13.58 -19.34 6.79
CA TYR A 1166 -13.90 -17.93 6.99
C TYR A 1166 -15.39 -17.62 6.88
N PRO A 1167 -16.11 -18.06 5.84
CA PRO A 1167 -17.54 -17.68 5.76
C PRO A 1167 -18.37 -18.17 6.91
N LYS A 1168 -18.03 -19.31 7.51
CA LYS A 1168 -18.85 -19.87 8.58
C LYS A 1168 -18.59 -19.21 9.93
N PHE A 1169 -17.56 -18.38 10.07
CA PHE A 1169 -17.20 -17.83 11.36
C PHE A 1169 -16.91 -16.34 11.38
N VAL A 1170 -16.79 -15.69 10.23
CA VAL A 1170 -16.49 -14.26 10.16
C VAL A 1170 -17.51 -13.60 9.25
N ASN A 1171 -18.08 -12.48 9.71
CA ASN A 1171 -19.07 -11.73 8.95
C ASN A 1171 -18.59 -10.29 8.83
N ILE A 1172 -17.98 -9.96 7.69
CA ILE A 1172 -17.52 -8.61 7.40
C ILE A 1172 -18.31 -8.10 6.20
N THR A 1173 -19.03 -7.00 6.38
CA THR A 1173 -19.87 -6.46 5.32
C THR A 1173 -19.28 -5.24 4.64
N SER A 1174 -18.28 -4.60 5.24
CA SER A 1174 -17.71 -3.40 4.66
C SER A 1174 -16.87 -3.74 3.44
N ASN A 1175 -16.71 -2.75 2.56
CA ASN A 1175 -15.93 -2.90 1.34
C ASN A 1175 -14.49 -2.51 1.62
N LEU A 1176 -13.60 -3.50 1.64
CA LEU A 1176 -12.19 -3.30 1.95
C LEU A 1176 -11.34 -4.02 0.92
N SER A 1177 -10.09 -3.59 0.81
CA SER A 1177 -9.12 -4.25 -0.06
C SER A 1177 -8.79 -5.63 0.48
N ASN A 1178 -8.21 -6.46 -0.39
CA ASN A 1178 -8.01 -7.86 -0.07
C ASN A 1178 -7.06 -8.03 1.12
N SER A 1179 -5.97 -7.25 1.16
CA SER A 1179 -5.02 -7.38 2.25
C SER A 1179 -5.67 -7.02 3.60
N ASN A 1180 -6.36 -5.87 3.64
CA ASN A 1180 -7.03 -5.47 4.86
C ASN A 1180 -8.12 -6.45 5.25
N ARG A 1181 -8.86 -6.96 4.25
CA ARG A 1181 -9.90 -7.94 4.54
C ARG A 1181 -9.32 -9.19 5.17
N ARG A 1182 -8.22 -9.69 4.63
CA ARG A 1182 -7.62 -10.90 5.19
C ARG A 1182 -7.05 -10.64 6.58
N GLY A 1183 -6.45 -9.48 6.80
CA GLY A 1183 -5.96 -9.15 8.12
C GLY A 1183 -7.07 -9.13 9.15
N PHE A 1184 -8.19 -8.49 8.82
CA PHE A 1184 -9.29 -8.46 9.77
C PHE A 1184 -9.93 -9.83 9.93
N GLN A 1185 -9.87 -10.67 8.90
CA GLN A 1185 -10.37 -12.03 9.04
C GLN A 1185 -9.53 -12.83 10.03
N LEU A 1186 -8.20 -12.70 9.98
CA LEU A 1186 -7.37 -13.32 11.02
C LEU A 1186 -7.66 -12.73 12.40
N GLU A 1187 -7.89 -11.42 12.47
CA GLU A 1187 -8.22 -10.81 13.75
C GLU A 1187 -9.48 -11.44 14.34
N ALA A 1188 -10.51 -11.64 13.52
CA ALA A 1188 -11.72 -12.30 14.00
C ALA A 1188 -11.45 -13.76 14.35
N MET A 1189 -10.62 -14.44 13.55
CA MET A 1189 -10.30 -15.84 13.81
C MET A 1189 -9.64 -16.01 15.17
N LYS A 1190 -8.90 -15.01 15.63
CA LYS A 1190 -8.29 -15.10 16.95
C LYS A 1190 -9.36 -15.23 18.03
N HIS A 1191 -10.38 -14.38 17.98
CA HIS A 1191 -11.49 -14.49 18.93
C HIS A 1191 -12.21 -15.83 18.77
N ILE A 1192 -12.41 -16.26 17.53
CA ILE A 1192 -13.11 -17.51 17.28
C ILE A 1192 -12.37 -18.68 17.92
N ILE A 1193 -11.05 -18.71 17.76
CA ILE A 1193 -10.25 -19.80 18.32
C ILE A 1193 -10.25 -19.75 19.83
N TYR A 1194 -10.13 -18.54 20.41
CA TYR A 1194 -10.15 -18.45 21.86
C TYR A 1194 -11.47 -18.97 22.43
N MET A 1195 -12.58 -18.63 21.79
CA MET A 1195 -13.86 -19.12 22.27
C MET A 1195 -14.00 -20.62 22.03
N ALA A 1196 -13.54 -21.11 20.88
CA ALA A 1196 -13.71 -22.50 20.52
C ALA A 1196 -12.83 -23.43 21.35
N ARG A 1197 -11.78 -22.89 21.98
CA ARG A 1197 -10.98 -23.72 22.87
C ARG A 1197 -11.81 -24.33 23.98
N ARG A 1198 -12.93 -23.70 24.32
CA ARG A 1198 -13.82 -24.17 25.38
C ARG A 1198 -15.04 -24.91 24.84
N GLY A 1199 -15.04 -25.28 23.57
CA GLY A 1199 -16.14 -26.06 23.02
C GLY A 1199 -17.37 -25.26 22.63
N ILE A 1200 -17.26 -23.94 22.51
CA ILE A 1200 -18.37 -23.10 22.10
C ILE A 1200 -18.04 -22.52 20.73
N ALA A 1201 -18.90 -22.77 19.75
CA ALA A 1201 -18.71 -22.25 18.39
C ALA A 1201 -19.41 -20.91 18.26
N THR A 1202 -18.67 -19.90 17.81
CA THR A 1202 -19.18 -18.55 17.73
C THR A 1202 -18.92 -17.96 16.35
N LEU A 1203 -19.69 -16.91 16.06
CA LEU A 1203 -19.62 -16.13 14.82
C LEU A 1203 -19.26 -14.70 15.19
N ALA A 1204 -18.23 -14.16 14.53
CA ALA A 1204 -17.77 -12.82 14.82
C ALA A 1204 -18.41 -11.81 13.88
N ASN A 1205 -18.72 -10.64 14.43
CA ASN A 1205 -19.30 -9.54 13.67
C ASN A 1205 -18.59 -8.25 14.06
N THR A 1206 -18.67 -7.26 13.17
CA THR A 1206 -17.99 -5.99 13.33
C THR A 1206 -18.85 -4.93 14.01
N HIS A 1207 -19.91 -5.33 14.71
CA HIS A 1207 -20.84 -4.37 15.29
C HIS A 1207 -21.62 -5.04 16.42
N PRO A 1208 -21.81 -4.34 17.54
CA PRO A 1208 -22.55 -4.94 18.66
C PRO A 1208 -24.01 -5.18 18.32
N SER A 1209 -24.59 -6.18 18.97
CA SER A 1209 -25.98 -6.52 18.75
C SER A 1209 -26.93 -5.54 19.43
N LYS A 1210 -26.54 -4.96 20.57
CA LYS A 1210 -27.39 -4.06 21.33
C LYS A 1210 -26.55 -2.85 21.76
N ILE A 1211 -26.52 -1.82 20.92
CA ILE A 1211 -25.80 -0.60 21.28
C ILE A 1211 -26.54 0.13 22.38
N GLY A 1212 -27.84 0.31 22.23
CA GLY A 1212 -28.63 0.98 23.24
C GLY A 1212 -29.59 0.04 23.93
N ASN A 1213 -30.08 0.43 25.11
CA ASN A 1213 -31.04 -0.41 25.82
C ASN A 1213 -32.32 -0.61 25.02
N THR A 1214 -32.62 0.29 24.09
CA THR A 1214 -33.81 0.20 23.26
C THR A 1214 -33.53 -0.37 21.88
N VAL A 1215 -32.39 -0.06 21.30
CA VAL A 1215 -32.09 -0.42 19.91
C VAL A 1215 -31.39 -1.76 19.86
N TYR A 1216 -31.68 -2.52 18.80
CA TYR A 1216 -31.05 -3.80 18.53
C TYR A 1216 -30.67 -3.85 17.06
N TYR A 1217 -29.45 -4.31 16.78
CA TYR A 1217 -28.89 -4.25 15.44
C TYR A 1217 -28.80 -5.63 14.82
N ASP A 1218 -28.87 -5.66 13.49
CA ASP A 1218 -28.73 -6.89 12.72
C ASP A 1218 -27.92 -6.62 11.47
N TYR A 1219 -27.16 -7.62 11.05
CA TYR A 1219 -26.32 -7.55 9.85
C TYR A 1219 -25.38 -6.35 9.87
N GLU B 94 -18.16 1.01 33.85
CA GLU B 94 -19.30 0.65 33.02
C GLU B 94 -19.58 1.74 31.97
N LYS B 95 -19.14 2.96 32.27
CA LYS B 95 -19.35 4.06 31.33
C LYS B 95 -18.44 3.92 30.11
N GLN B 96 -17.26 3.33 30.28
CA GLN B 96 -16.34 3.19 29.15
C GLN B 96 -16.92 2.28 28.07
N LYS B 97 -17.54 1.17 28.48
CA LYS B 97 -18.17 0.27 27.51
C LYS B 97 -19.29 0.98 26.76
N LEU B 98 -20.12 1.74 27.47
CA LEU B 98 -21.20 2.47 26.82
C LEU B 98 -20.65 3.50 25.84
N ASP B 99 -19.58 4.21 26.22
CA ASP B 99 -18.99 5.18 25.32
C ASP B 99 -18.44 4.52 24.06
N LYS B 100 -17.73 3.40 24.23
CA LYS B 100 -17.20 2.68 23.08
C LYS B 100 -18.34 2.20 22.16
N LEU B 101 -19.43 1.71 22.76
CA LEU B 101 -20.55 1.27 21.94
C LEU B 101 -21.19 2.43 21.20
N LYS B 102 -21.39 3.57 21.87
CA LYS B 102 -21.97 4.73 21.20
C LYS B 102 -21.08 5.28 20.11
N LEU B 103 -19.77 5.05 20.19
CA LEU B 103 -18.88 5.46 19.11
C LEU B 103 -19.28 4.80 17.80
N PHE B 104 -19.81 3.57 17.84
CA PHE B 104 -20.20 2.88 16.62
C PHE B 104 -21.35 3.60 15.92
N GLU B 105 -22.27 4.15 16.71
CA GLU B 105 -23.46 4.78 16.14
C GLU B 105 -23.31 6.27 15.90
N THR B 106 -22.34 6.93 16.54
CA THR B 106 -22.15 8.36 16.34
C THR B 106 -21.54 8.71 14.99
N SER B 107 -21.03 7.72 14.25
CA SER B 107 -20.38 7.96 12.97
C SER B 107 -20.67 6.77 12.07
N PRO B 108 -20.66 6.96 10.74
CA PRO B 108 -20.93 5.84 9.83
C PRO B 108 -19.73 4.95 9.54
N PHE B 109 -18.58 5.24 10.12
CA PHE B 109 -17.38 4.46 9.88
C PHE B 109 -17.16 3.44 11.00
N ASP B 110 -16.35 2.44 10.68
CA ASP B 110 -15.89 1.42 11.61
C ASP B 110 -14.38 1.37 11.52
N PRO B 111 -13.70 0.84 12.55
CA PRO B 111 -12.23 0.85 12.53
C PRO B 111 -11.64 0.16 11.30
N LEU B 112 -12.31 -0.85 10.77
CA LEU B 112 -11.86 -1.49 9.53
C LEU B 112 -11.85 -0.48 8.39
N THR B 113 -12.95 0.25 8.22
CA THR B 113 -13.03 1.24 7.14
C THR B 113 -12.09 2.41 7.39
N ILE B 114 -11.89 2.79 8.65
CA ILE B 114 -10.95 3.86 8.96
C ILE B 114 -9.55 3.46 8.54
N LYS B 115 -9.15 2.23 8.87
CA LYS B 115 -7.83 1.75 8.46
C LYS B 115 -7.73 1.68 6.94
N ASN B 116 -8.78 1.20 6.27
CA ASN B 116 -8.75 1.12 4.82
C ASN B 116 -8.58 2.50 4.19
N ASN B 117 -9.32 3.49 4.68
CA ASN B 117 -9.21 4.84 4.14
C ASN B 117 -7.84 5.45 4.43
N GLN B 118 -7.31 5.22 5.64
CA GLN B 118 -6.01 5.77 5.98
C GLN B 118 -4.89 5.11 5.20
N ASP B 119 -5.10 3.89 4.71
CA ASP B 119 -4.08 3.21 3.92
C ASP B 119 -3.88 3.85 2.55
N VAL B 120 -4.75 4.79 2.16
CA VAL B 120 -4.71 5.37 0.83
C VAL B 120 -3.93 6.68 0.80
N VAL B 121 -4.14 7.56 1.78
CA VAL B 121 -3.54 8.88 1.74
C VAL B 121 -2.24 8.99 2.55
N ASP B 122 -1.94 8.00 3.39
CA ASP B 122 -0.72 8.07 4.19
C ASP B 122 0.51 7.98 3.29
N LYS B 123 1.47 8.87 3.52
CA LYS B 123 2.75 8.90 2.82
C LYS B 123 2.61 9.18 1.33
N LEU B 124 1.39 9.47 0.87
CA LEU B 124 1.19 9.71 -0.56
C LEU B 124 1.74 11.05 -0.98
N TYR B 125 1.46 12.10 -0.20
CA TYR B 125 1.86 13.44 -0.60
C TYR B 125 3.38 13.62 -0.48
N ALA B 126 3.99 13.07 0.57
CA ALA B 126 5.40 13.30 0.80
C ALA B 126 6.28 12.59 -0.21
N THR B 127 5.81 11.45 -0.75
CA THR B 127 6.65 10.65 -1.64
C THR B 127 6.83 11.29 -3.00
N GLN B 128 5.81 11.98 -3.52
CA GLN B 128 5.88 12.52 -4.86
C GLN B 128 6.84 13.70 -4.95
N SER B 129 7.22 14.03 -6.18
CA SER B 129 8.15 15.10 -6.46
C SER B 129 7.49 16.46 -6.24
N SER B 130 8.32 17.51 -6.28
CA SER B 130 7.83 18.85 -6.00
C SER B 130 6.80 19.30 -7.02
N SER B 131 7.06 19.05 -8.31
CA SER B 131 6.12 19.46 -9.34
C SER B 131 4.78 18.76 -9.18
N ILE B 132 4.79 17.45 -8.93
CA ILE B 132 3.55 16.72 -8.69
C ILE B 132 2.91 17.17 -7.39
N GLN B 133 3.73 17.48 -6.38
CA GLN B 133 3.19 18.00 -5.13
C GLN B 133 2.45 19.31 -5.34
N GLU B 134 2.85 20.09 -6.33
CA GLU B 134 2.13 21.32 -6.63
C GLU B 134 0.75 21.08 -7.21
N VAL B 135 0.45 19.85 -7.65
CA VAL B 135 -0.82 19.60 -8.31
C VAL B 135 -1.56 18.42 -7.67
N VAL B 136 -1.32 18.19 -6.38
CA VAL B 136 -2.07 17.16 -5.64
C VAL B 136 -2.43 17.71 -4.27
N PRO B 137 -3.55 17.24 -3.72
CA PRO B 137 -3.97 17.71 -2.39
C PRO B 137 -3.02 17.27 -1.30
N THR B 138 -2.95 18.08 -0.25
CA THR B 138 -2.12 17.76 0.91
C THR B 138 -2.77 16.68 1.76
N LYS B 139 -1.97 16.08 2.65
CA LYS B 139 -2.47 14.98 3.46
C LYS B 139 -3.60 15.42 4.38
N THR B 140 -3.45 16.58 5.01
CA THR B 140 -4.53 17.11 5.84
C THR B 140 -5.78 17.36 5.01
N PHE B 141 -5.59 17.89 3.79
CA PHE B 141 -6.72 18.10 2.90
C PHE B 141 -7.40 16.78 2.56
N ALA B 142 -6.60 15.74 2.29
CA ALA B 142 -7.18 14.44 1.96
C ALA B 142 -7.96 13.87 3.13
N THR B 143 -7.41 13.98 4.34
CA THR B 143 -8.12 13.49 5.52
C THR B 143 -9.42 14.27 5.74
N GLU B 144 -9.39 15.58 5.51
CA GLU B 144 -10.61 16.38 5.64
C GLU B 144 -11.67 15.95 4.63
N LEU B 145 -11.25 15.68 3.40
CA LEU B 145 -12.21 15.26 2.38
C LEU B 145 -12.80 13.88 2.69
N GLN B 146 -11.94 12.91 2.99
CA GLN B 146 -12.43 11.55 3.20
C GLN B 146 -13.05 11.34 4.58
N PHE B 147 -12.87 12.27 5.51
CA PHE B 147 -13.50 12.17 6.82
C PHE B 147 -14.28 13.42 7.16
N GLU C 182 -65.65 7.19 48.23
CA GLU C 182 -66.12 6.22 49.21
C GLU C 182 -67.25 6.81 50.06
N LEU C 183 -68.45 6.27 49.89
CA LEU C 183 -69.59 6.74 50.66
C LEU C 183 -69.42 6.40 52.14
N ILE C 184 -69.91 7.29 53.00
CA ILE C 184 -69.86 7.09 54.44
C ILE C 184 -71.27 6.76 54.92
N LYS C 185 -71.41 5.65 55.61
CA LYS C 185 -72.70 5.22 56.13
C LYS C 185 -72.91 5.83 57.51
N VAL C 186 -73.89 6.72 57.62
CA VAL C 186 -74.16 7.43 58.87
C VAL C 186 -75.05 6.54 59.72
N PRO C 187 -74.60 6.08 60.88
CA PRO C 187 -75.39 5.12 61.66
C PRO C 187 -76.50 5.75 62.48
N THR C 188 -76.44 7.04 62.79
CA THR C 188 -77.40 7.68 63.67
C THR C 188 -77.84 9.01 63.09
N ILE C 189 -79.12 9.32 63.27
CA ILE C 189 -79.67 10.62 62.85
C ILE C 189 -79.13 11.71 63.78
N PRO C 190 -78.63 12.83 63.26
CA PRO C 190 -78.07 13.89 64.12
C PRO C 190 -79.12 14.87 64.62
N HIS C 191 -79.94 14.44 65.56
CA HIS C 191 -80.88 15.34 66.21
C HIS C 191 -80.16 16.25 67.20
N ASN C 192 -80.80 17.38 67.51
CA ASN C 192 -80.24 18.35 68.46
C ASN C 192 -81.30 18.85 69.43
N LEU C 193 -82.22 17.98 69.83
CA LEU C 193 -83.28 18.38 70.74
C LEU C 193 -82.81 18.25 72.18
N VAL C 194 -83.07 19.28 72.98
CA VAL C 194 -82.75 19.30 74.40
C VAL C 194 -84.00 19.69 75.17
N LEU C 195 -84.35 18.90 76.18
CA LEU C 195 -85.55 19.12 76.98
C LEU C 195 -85.17 19.86 78.26
N ILE C 196 -85.76 21.03 78.46
CA ILE C 196 -85.48 21.86 79.64
C ILE C 196 -86.77 21.96 80.45
N GLN C 197 -86.70 21.57 81.72
CA GLN C 197 -87.87 21.55 82.59
C GLN C 197 -87.52 22.17 83.93
N SER C 198 -88.50 22.85 84.53
CA SER C 198 -88.29 23.53 85.80
C SER C 198 -88.23 22.52 86.94
N ASP C 199 -87.70 22.97 88.07
CA ASP C 199 -87.63 22.12 89.26
C ASP C 199 -89.04 21.79 89.76
N ASN C 200 -89.96 22.75 89.71
CA ASN C 200 -91.34 22.47 90.01
C ASN C 200 -91.91 21.44 89.04
N GLY C 201 -91.49 21.49 87.78
CA GLY C 201 -92.04 20.66 86.74
C GLY C 201 -93.25 21.22 86.05
N LYS C 202 -93.73 22.40 86.48
CA LYS C 202 -94.91 22.98 85.87
C LYS C 202 -94.68 23.31 84.39
N HIS C 203 -93.51 23.85 84.07
CA HIS C 203 -93.18 24.25 82.71
C HIS C 203 -92.10 23.36 82.14
N ALA C 204 -92.19 23.11 80.84
CA ALA C 204 -91.18 22.37 80.10
C ALA C 204 -91.14 22.88 78.67
N LEU C 205 -89.97 22.70 78.04
CA LEU C 205 -89.80 23.17 76.67
C LEU C 205 -88.72 22.35 75.99
N ILE C 206 -88.70 22.43 74.66
CA ILE C 206 -87.74 21.71 73.83
C ILE C 206 -87.00 22.73 72.98
N LYS C 207 -85.67 22.56 72.89
CA LYS C 207 -84.81 23.53 72.23
C LYS C 207 -83.92 22.83 71.22
N GLU C 208 -83.66 23.53 70.12
CA GLU C 208 -82.70 23.09 69.11
C GLU C 208 -81.37 23.79 69.34
N ASP C 209 -80.31 23.01 69.47
CA ASP C 209 -78.97 23.54 69.74
C ASP C 209 -78.15 23.45 68.47
N LEU C 210 -78.00 24.58 67.79
CA LEU C 210 -77.12 24.70 66.64
C LEU C 210 -75.92 25.60 66.90
N GLY C 211 -75.85 26.20 68.09
CA GLY C 211 -74.73 27.04 68.44
C GLY C 211 -74.95 28.50 68.05
N GLN C 212 -74.15 29.37 68.65
CA GLN C 212 -74.17 30.79 68.37
C GLN C 212 -72.99 31.15 67.47
N TRP C 213 -73.28 31.84 66.37
CA TRP C 213 -72.26 32.21 65.39
C TRP C 213 -72.16 33.72 65.33
N PRO C 214 -70.97 34.31 65.58
CA PRO C 214 -70.86 35.77 65.60
C PRO C 214 -70.94 36.35 64.19
N VAL C 215 -71.96 37.17 63.97
CA VAL C 215 -72.22 37.78 62.68
C VAL C 215 -71.89 39.28 62.78
N GLU C 216 -71.16 39.78 61.79
CA GLU C 216 -70.72 41.17 61.78
C GLU C 216 -71.66 42.02 60.94
N THR C 217 -71.51 43.34 61.08
CA THR C 217 -72.31 44.31 60.36
C THR C 217 -71.41 45.15 59.47
N GLY C 218 -72.00 45.76 58.44
CA GLY C 218 -71.26 46.52 57.48
C GLY C 218 -70.63 45.70 56.38
N ILE C 219 -70.62 44.38 56.51
CA ILE C 219 -70.11 43.48 55.49
C ILE C 219 -71.31 42.69 54.96
N SER C 220 -71.13 42.10 53.78
CA SER C 220 -72.21 41.32 53.17
C SER C 220 -72.54 40.12 54.03
N LEU C 221 -73.81 39.74 54.04
CA LEU C 221 -74.28 38.66 54.91
C LEU C 221 -74.16 37.30 54.25
N VAL C 222 -74.23 37.24 52.91
CA VAL C 222 -74.19 35.94 52.22
C VAL C 222 -72.82 35.29 52.37
N ASN C 223 -71.76 36.09 52.33
CA ASN C 223 -70.41 35.53 52.47
C ASN C 223 -70.22 34.91 53.85
N GLN C 224 -70.61 35.64 54.90
CA GLN C 224 -70.53 35.08 56.24
C GLN C 224 -71.45 33.87 56.38
N ALA C 225 -72.60 33.90 55.71
CA ALA C 225 -73.51 32.77 55.76
C ALA C 225 -72.85 31.53 55.18
N GLY C 226 -72.14 31.65 54.07
CA GLY C 226 -71.44 30.51 53.51
C GLY C 226 -70.30 30.03 54.39
N VAL C 227 -69.54 30.97 54.96
CA VAL C 227 -68.44 30.60 55.85
C VAL C 227 -68.98 29.81 57.03
N PHE C 228 -70.11 30.23 57.59
CA PHE C 228 -70.72 29.49 58.69
C PHE C 228 -71.39 28.20 58.22
N ALA C 229 -71.86 28.16 56.98
CA ALA C 229 -72.54 26.99 56.46
C ALA C 229 -71.57 25.82 56.30
N VAL C 230 -70.34 26.11 55.90
CA VAL C 230 -69.33 25.04 55.82
C VAL C 230 -69.16 24.38 57.18
N GLN C 231 -69.01 25.19 58.22
CA GLN C 231 -68.83 24.65 59.57
C GLN C 231 -70.08 23.92 60.05
N LEU C 232 -71.27 24.44 59.70
CA LEU C 232 -72.51 23.77 60.09
C LEU C 232 -72.62 22.41 59.44
N ALA C 233 -72.26 22.31 58.15
CA ALA C 233 -72.27 21.01 57.49
C ALA C 233 -71.25 20.07 58.11
N ASN C 234 -70.08 20.60 58.49
CA ASN C 234 -69.11 19.77 59.19
C ASN C 234 -69.66 19.26 60.52
N LYS C 235 -70.45 20.09 61.20
CA LYS C 235 -71.00 19.71 62.50
C LYS C 235 -72.01 18.58 62.37
N LEU C 236 -72.78 18.56 61.30
CA LEU C 236 -73.86 17.59 61.13
C LEU C 236 -73.44 16.33 60.40
N GLY C 237 -72.17 16.23 59.99
CA GLY C 237 -71.73 15.07 59.21
C GLY C 237 -72.42 15.01 57.86
N ILE C 238 -72.48 16.14 57.17
CA ILE C 238 -73.26 16.28 55.95
C ILE C 238 -72.37 16.66 54.76
N ASP C 239 -71.27 17.36 55.04
CA ASP C 239 -70.46 17.92 53.96
C ASP C 239 -69.91 16.83 53.05
N LYS C 240 -69.31 15.80 53.62
CA LYS C 240 -68.76 14.72 52.82
C LYS C 240 -69.89 13.84 52.28
N PRO C 241 -69.69 13.20 51.12
CA PRO C 241 -70.72 12.31 50.58
C PRO C 241 -71.04 11.19 51.56
N PHE C 242 -72.32 10.83 51.64
CA PHE C 242 -72.76 9.88 52.65
C PHE C 242 -74.08 9.25 52.22
N VAL C 243 -74.43 8.16 52.91
CA VAL C 243 -75.72 7.52 52.81
C VAL C 243 -76.16 7.14 54.22
N LEU C 244 -77.47 7.05 54.42
CA LEU C 244 -78.02 6.80 55.74
C LEU C 244 -78.14 5.30 55.99
N ASP C 245 -77.75 4.89 57.20
CA ASP C 245 -77.78 3.48 57.61
C ASP C 245 -78.38 3.37 59.01
N ALA C 246 -79.53 4.00 59.22
CA ALA C 246 -80.19 4.01 60.51
C ALA C 246 -81.34 3.00 60.58
N GLY C 247 -81.45 2.11 59.61
CA GLY C 247 -82.56 1.16 59.60
C GLY C 247 -82.49 0.15 60.73
N SER C 248 -81.30 -0.30 61.08
CA SER C 248 -81.13 -1.38 62.05
C SER C 248 -81.24 -0.91 63.49
N ASN C 249 -81.39 0.38 63.74
CA ASN C 249 -81.49 0.91 65.10
C ASN C 249 -82.94 0.82 65.56
N TYR C 250 -83.34 -0.39 65.96
CA TYR C 250 -84.70 -0.59 66.43
C TYR C 250 -84.76 -1.78 67.36
N PHE C 251 -85.84 -1.83 68.14
CA PHE C 251 -86.13 -2.97 69.01
C PHE C 251 -87.61 -3.30 68.89
N THR C 252 -88.03 -4.35 69.59
CA THR C 252 -89.41 -4.80 69.57
C THR C 252 -89.94 -4.92 71.00
N ASP C 253 -91.25 -4.69 71.15
CA ASP C 253 -91.87 -4.67 72.46
C ASP C 253 -92.06 -6.08 73.01
N THR C 254 -92.27 -6.16 74.32
CA THR C 254 -92.49 -7.45 74.96
C THR C 254 -93.85 -8.03 74.61
N SER C 255 -94.87 -7.19 74.45
CA SER C 255 -96.20 -7.67 74.13
C SER C 255 -96.21 -8.37 72.78
N PHE C 256 -96.97 -9.46 72.69
CA PHE C 256 -96.96 -10.30 71.50
C PHE C 256 -97.75 -9.70 70.34
N ILE C 257 -98.74 -8.85 70.61
CA ILE C 257 -99.46 -8.20 69.51
C ILE C 257 -98.58 -7.17 68.82
N ASP C 258 -97.80 -6.42 69.58
CA ASP C 258 -97.01 -5.31 69.04
C ASP C 258 -95.82 -5.87 68.28
N THR C 259 -95.94 -5.93 66.95
CA THR C 259 -94.84 -6.29 66.07
C THR C 259 -94.10 -5.07 65.54
N ARG C 260 -94.48 -3.87 65.98
CA ARG C 260 -93.87 -2.66 65.46
C ARG C 260 -92.42 -2.55 65.89
N LYS C 261 -91.62 -1.91 65.04
CA LYS C 261 -90.19 -1.72 65.28
C LYS C 261 -89.99 -0.33 65.86
N TYR C 262 -89.66 -0.26 67.14
CA TYR C 262 -89.45 1.01 67.82
C TYR C 262 -88.03 1.48 67.55
N CYS C 263 -87.88 2.64 66.91
CA CYS C 263 -86.57 3.20 66.64
C CYS C 263 -85.96 3.78 67.91
N THR C 264 -84.63 3.72 67.98
CA THR C 264 -83.89 4.18 69.15
C THR C 264 -83.25 5.54 68.96
N ASP C 265 -83.41 6.17 67.80
CA ASP C 265 -82.79 7.45 67.52
C ASP C 265 -83.69 8.60 67.91
N GLY C 266 -83.13 9.81 67.87
CA GLY C 266 -83.89 11.00 68.19
C GLY C 266 -84.16 11.12 69.69
N LEU C 267 -84.97 12.12 70.02
CA LEU C 267 -85.40 12.32 71.40
C LEU C 267 -86.22 11.13 71.85
N SER C 268 -85.71 10.37 72.82
CA SER C 268 -86.39 9.16 73.24
C SER C 268 -87.74 9.50 73.84
N PRO C 269 -88.80 8.75 73.50
CA PRO C 269 -90.11 9.03 74.10
C PRO C 269 -90.15 8.84 75.61
N ARG C 270 -89.18 8.13 76.19
CA ARG C 270 -89.14 7.98 77.64
C ARG C 270 -88.88 9.32 78.32
N GLU C 271 -88.02 10.15 77.73
CA GLU C 271 -87.75 11.47 78.31
C GLU C 271 -89.00 12.33 78.30
N ILE C 272 -89.71 12.35 77.18
CA ILE C 272 -90.95 13.12 77.10
C ILE C 272 -92.00 12.57 78.05
N GLN C 273 -92.04 11.24 78.20
CA GLN C 273 -92.96 10.63 79.16
C GLN C 273 -92.65 11.09 80.58
N LYS C 274 -91.38 11.10 80.96
CA LYS C 274 -91.00 11.54 82.30
C LYS C 274 -91.33 13.00 82.52
N ALA C 275 -91.06 13.84 81.52
CA ALA C 275 -91.35 15.27 81.66
C ALA C 275 -92.85 15.51 81.80
N LEU C 276 -93.66 14.83 80.98
CA LEU C 276 -95.10 14.97 81.07
C LEU C 276 -95.62 14.46 82.40
N ASN C 277 -95.04 13.36 82.90
CA ASN C 277 -95.45 12.84 84.20
C ASN C 277 -95.15 13.84 85.31
N ARG C 278 -93.99 14.49 85.27
CA ARG C 278 -93.69 15.51 86.27
C ARG C 278 -94.64 16.70 86.14
N GLN C 279 -94.95 17.10 84.91
CA GLN C 279 -95.87 18.22 84.72
C GLN C 279 -97.24 17.91 85.28
N ARG C 280 -97.72 16.68 85.08
CA ARG C 280 -99.00 16.28 85.66
C ARG C 280 -98.89 16.09 87.17
N ALA C 281 -97.68 15.80 87.67
CA ALA C 281 -97.48 15.68 89.10
C ALA C 281 -97.58 17.03 89.80
N TYR C 282 -97.18 18.10 89.11
CA TYR C 282 -97.35 19.43 89.69
C TYR C 282 -98.83 19.76 89.87
N TYR C 283 -99.63 19.56 88.83
CA TYR C 283 -101.03 19.96 88.82
C TYR C 283 -101.93 19.02 89.59
N ASP C 284 -101.37 18.06 90.34
CA ASP C 284 -102.11 17.05 91.08
C ASP C 284 -102.94 16.15 90.18
N ARG C 285 -102.72 16.19 88.88
CA ARG C 285 -103.38 15.28 87.97
C ARG C 285 -102.81 13.88 88.13
N PRO C 286 -103.59 12.86 87.78
CA PRO C 286 -103.04 11.50 87.81
C PRO C 286 -101.97 11.32 86.73
N GLU C 287 -101.10 10.35 86.95
CA GLU C 287 -100.05 10.07 85.99
C GLU C 287 -100.65 9.52 84.70
N LEU C 288 -99.81 9.48 83.65
CA LEU C 288 -100.25 8.95 82.38
C LEU C 288 -100.73 7.51 82.53
N THR C 289 -101.87 7.20 81.93
CA THR C 289 -102.43 5.87 82.04
C THR C 289 -101.63 4.89 81.19
N ILE C 290 -102.03 3.62 81.25
CA ILE C 290 -101.34 2.59 80.47
C ILE C 290 -101.55 2.83 78.98
N SER C 291 -102.79 3.13 78.58
CA SER C 291 -103.07 3.36 77.16
C SER C 291 -102.32 4.58 76.64
N GLU C 292 -102.30 5.67 77.43
CA GLU C 292 -101.56 6.85 77.00
C GLU C 292 -100.06 6.57 76.93
N ASN C 293 -99.54 5.76 77.86
CA ASN C 293 -98.13 5.40 77.81
C ASN C 293 -97.80 4.61 76.55
N LYS C 294 -98.66 3.67 76.18
CA LYS C 294 -98.44 2.92 74.94
C LYS C 294 -98.55 3.83 73.73
N THR C 295 -99.48 4.79 73.75
CA THR C 295 -99.60 5.73 72.63
C THR C 295 -98.34 6.56 72.48
N LEU C 296 -97.78 7.04 73.59
CA LEU C 296 -96.62 7.92 73.51
C LEU C 296 -95.34 7.16 73.17
N LEU C 297 -95.13 5.99 73.79
CA LEU C 297 -93.87 5.28 73.62
C LEU C 297 -93.71 4.64 72.25
N SER C 298 -94.76 4.62 71.43
CA SER C 298 -94.71 4.02 70.11
C SER C 298 -94.68 5.06 69.00
N GLN C 299 -94.38 6.31 69.32
CA GLN C 299 -94.41 7.37 68.32
C GLN C 299 -93.26 7.24 67.33
N SER C 300 -92.06 6.92 67.82
CA SER C 300 -90.89 6.77 66.97
C SER C 300 -90.83 5.34 66.47
N ILE C 301 -90.90 5.15 65.15
CA ILE C 301 -91.02 3.82 64.59
C ILE C 301 -90.32 3.75 63.25
N ILE C 302 -89.86 2.55 62.90
CA ILE C 302 -89.22 2.28 61.60
C ILE C 302 -90.12 1.33 60.83
N TYR C 303 -90.52 1.73 59.63
CA TYR C 303 -91.35 0.85 58.82
C TYR C 303 -90.78 0.75 57.40
N PRO C 304 -90.97 -0.38 56.75
CA PRO C 304 -90.49 -0.52 55.36
C PRO C 304 -91.31 0.33 54.40
N ASP C 305 -90.70 0.64 53.28
CA ASP C 305 -91.32 1.41 52.22
C ASP C 305 -91.51 0.48 51.03
N ALA C 306 -92.22 0.96 50.00
CA ALA C 306 -92.61 0.11 48.89
C ALA C 306 -91.39 -0.48 48.18
N ASP C 307 -90.38 0.35 47.93
CA ASP C 307 -89.23 -0.09 47.15
C ASP C 307 -88.13 -0.72 48.00
N GLY C 308 -88.35 -0.87 49.30
CA GLY C 308 -87.37 -1.49 50.18
C GLY C 308 -86.69 -0.56 51.13
N ASN C 309 -86.84 0.75 50.97
CA ASN C 309 -86.24 1.70 51.89
C ASN C 309 -86.93 1.62 53.25
N ASP C 310 -86.24 2.11 54.27
CA ASP C 310 -86.76 2.12 55.63
C ASP C 310 -87.00 3.55 56.07
N VAL C 311 -88.23 3.84 56.50
CA VAL C 311 -88.60 5.16 56.95
C VAL C 311 -88.66 5.14 58.48
N SER C 312 -87.89 6.02 59.11
CA SER C 312 -87.82 6.13 60.55
C SER C 312 -88.43 7.47 60.97
N ILE C 313 -89.44 7.41 61.83
CA ILE C 313 -90.11 8.59 62.34
C ILE C 313 -89.64 8.78 63.78
N ILE C 314 -89.01 9.93 64.05
CA ILE C 314 -88.37 10.22 65.32
C ILE C 314 -88.57 11.69 65.66
N PHE C 315 -88.29 12.03 66.92
CA PHE C 315 -88.39 13.41 67.37
C PHE C 315 -87.08 14.13 67.05
N SER C 316 -87.16 15.20 66.27
CA SER C 316 -85.98 15.92 65.82
C SER C 316 -86.36 17.35 65.49
N GLY C 317 -85.36 18.22 65.42
CA GLY C 317 -85.60 19.61 65.13
C GLY C 317 -85.87 19.86 63.66
N ALA C 318 -86.39 21.05 63.38
CA ALA C 318 -86.78 21.40 62.02
C ALA C 318 -85.57 21.65 61.13
N MET C 319 -84.60 22.42 61.63
CA MET C 319 -83.44 22.78 60.81
C MET C 319 -82.61 21.55 60.47
N SER C 320 -82.34 20.70 61.47
CA SER C 320 -81.59 19.48 61.21
C SER C 320 -82.31 18.59 60.21
N HIS C 321 -83.63 18.45 60.38
CA HIS C 321 -84.41 17.61 59.47
C HIS C 321 -84.31 18.13 58.04
N ALA C 322 -84.54 19.43 57.84
CA ALA C 322 -84.53 19.99 56.50
C ALA C 322 -83.15 19.85 55.86
N ILE C 323 -82.10 20.22 56.59
CA ILE C 323 -80.76 20.19 56.03
C ILE C 323 -80.34 18.75 55.71
N PHE C 324 -80.61 17.83 56.62
CA PHE C 324 -80.24 16.43 56.39
C PHE C 324 -80.98 15.85 55.19
N THR C 325 -82.28 16.11 55.08
CA THR C 325 -83.03 15.59 53.94
C THR C 325 -82.55 16.18 52.63
N TYR C 326 -82.29 17.49 52.60
CA TYR C 326 -81.82 18.12 51.38
C TYR C 326 -80.46 17.56 50.97
N ALA C 327 -79.56 17.39 51.93
CA ALA C 327 -78.24 16.83 51.62
C ALA C 327 -78.36 15.40 51.14
N GLN C 328 -79.26 14.62 51.75
CA GLN C 328 -79.48 13.26 51.30
C GLN C 328 -79.92 13.22 49.85
N SER C 329 -80.85 14.10 49.47
CA SER C 329 -81.31 14.12 48.08
C SER C 329 -80.18 14.53 47.14
N GLN C 330 -79.44 15.57 47.50
CA GLN C 330 -78.38 16.05 46.63
C GLN C 330 -77.31 14.98 46.42
N TRP C 331 -76.94 14.25 47.47
CA TRP C 331 -75.94 13.20 47.31
C TRP C 331 -76.52 11.97 46.62
N ASN C 332 -77.81 11.69 46.80
CA ASN C 332 -78.45 10.59 46.09
C ASN C 332 -78.52 10.86 44.59
N LYS C 333 -78.45 12.13 44.18
CA LYS C 333 -78.46 12.44 42.76
C LYS C 333 -77.31 11.79 41.99
N ASN C 334 -76.23 11.41 42.68
CA ASN C 334 -75.05 10.87 42.01
C ASN C 334 -74.85 9.38 42.19
N ILE C 335 -75.73 8.69 42.92
CA ILE C 335 -75.63 7.25 43.11
C ILE C 335 -76.42 6.57 42.00
N ILE C 336 -75.74 5.73 41.21
CA ILE C 336 -76.38 5.09 40.07
C ILE C 336 -76.06 3.60 40.08
N LYS C 337 -76.94 2.81 39.47
CA LYS C 337 -76.73 1.37 39.40
C LYS C 337 -75.51 1.04 38.56
N LEU C 338 -74.92 -0.12 38.84
CA LEU C 338 -73.70 -0.51 38.14
C LEU C 338 -73.94 -0.69 36.65
N ASP C 339 -75.08 -1.27 36.27
CA ASP C 339 -75.36 -1.50 34.86
C ASP C 339 -75.46 -0.18 34.10
N ASP C 340 -76.08 0.83 34.70
CA ASP C 340 -76.20 2.13 34.05
C ASP C 340 -74.82 2.76 33.84
N TYR C 341 -73.94 2.67 34.84
CA TYR C 341 -72.60 3.21 34.69
C TYR C 341 -71.83 2.48 33.61
N ILE C 342 -71.93 1.15 33.58
CA ILE C 342 -71.26 0.37 32.54
C ILE C 342 -71.77 0.76 31.17
N ARG C 343 -73.08 1.00 31.05
CA ARG C 343 -73.65 1.46 29.79
C ARG C 343 -73.10 2.82 29.41
N GLU C 344 -72.95 3.72 30.39
CA GLU C 344 -72.45 5.05 30.10
C GLU C 344 -71.00 5.02 29.60
N ILE C 345 -70.17 4.17 30.20
CA ILE C 345 -68.75 4.13 29.84
C ILE C 345 -68.44 2.99 28.87
N THR C 346 -69.45 2.43 28.21
CA THR C 346 -69.20 1.28 27.34
C THR C 346 -68.53 1.67 26.03
N LEU C 347 -68.63 2.93 25.61
CA LEU C 347 -68.08 3.32 24.32
C LEU C 347 -66.57 3.43 24.34
N THR C 348 -65.99 3.73 25.51
CA THR C 348 -64.59 4.08 25.63
C THR C 348 -63.68 2.90 25.97
N VAL C 349 -64.22 1.70 26.09
CA VAL C 349 -63.42 0.54 26.46
C VAL C 349 -62.65 0.04 25.23
N PRO C 350 -61.32 -0.01 25.28
CA PRO C 350 -60.55 -0.49 24.14
C PRO C 350 -60.77 -1.98 23.91
N LYS C 351 -60.41 -2.43 22.71
CA LYS C 351 -60.71 -3.79 22.28
C LYS C 351 -59.76 -4.81 22.92
N GLN C 352 -58.50 -4.46 23.12
CA GLN C 352 -57.50 -5.47 23.47
C GLN C 352 -57.62 -5.95 24.91
N TYR C 353 -58.10 -5.10 25.81
CA TYR C 353 -58.12 -5.44 27.23
C TYR C 353 -59.24 -6.44 27.54
N ARG C 354 -59.05 -7.20 28.65
CA ARG C 354 -59.87 -8.34 29.03
C ARG C 354 -61.06 -7.90 29.88
N PRO C 355 -62.28 -8.30 29.52
CA PRO C 355 -63.46 -7.91 30.31
C PRO C 355 -63.40 -8.47 31.71
N ARG C 356 -63.96 -7.72 32.65
CA ARG C 356 -63.94 -8.07 34.06
C ARG C 356 -65.26 -8.68 34.46
N ARG C 357 -65.22 -9.91 34.95
CA ARG C 357 -66.42 -10.56 35.45
C ARG C 357 -66.87 -9.92 36.76
N PHE C 358 -68.18 -9.78 36.91
CA PHE C 358 -68.77 -9.23 38.11
C PHE C 358 -69.61 -10.31 38.80
N LYS C 359 -69.62 -10.27 40.13
CA LYS C 359 -70.48 -11.17 40.88
C LYS C 359 -71.94 -10.83 40.59
N GLU C 360 -72.79 -11.86 40.64
CA GLU C 360 -74.19 -11.65 40.29
C GLU C 360 -74.87 -10.65 41.22
N ILE C 361 -74.42 -10.59 42.47
CA ILE C 361 -74.97 -9.61 43.41
C ILE C 361 -74.66 -8.20 42.95
N GLU C 362 -73.42 -7.97 42.51
CA GLU C 362 -73.04 -6.65 42.02
C GLU C 362 -73.78 -6.26 40.76
N HIS C 363 -74.38 -7.23 40.07
CA HIS C 363 -75.22 -6.91 38.92
C HIS C 363 -76.66 -6.64 39.32
N THR C 364 -77.20 -7.45 40.23
CA THR C 364 -78.58 -7.25 40.66
C THR C 364 -78.72 -6.10 41.64
N HIS C 365 -77.74 -5.91 42.53
CA HIS C 365 -77.84 -4.91 43.59
C HIS C 365 -76.64 -3.99 43.66
N GLY C 366 -75.89 -3.83 42.58
CA GLY C 366 -74.71 -2.98 42.61
C GLY C 366 -75.06 -1.51 42.42
N TYR C 367 -74.45 -0.68 43.25
CA TYR C 367 -74.62 0.77 43.17
C TYR C 367 -73.25 1.43 43.31
N VAL C 368 -73.03 2.48 42.53
CA VAL C 368 -71.75 3.19 42.46
C VAL C 368 -72.01 4.69 42.62
N TYR C 369 -71.12 5.36 43.36
CA TYR C 369 -71.16 6.80 43.51
C TYR C 369 -70.04 7.39 42.65
N ARG C 370 -70.42 7.96 41.50
CA ARG C 370 -69.47 8.58 40.60
C ARG C 370 -70.05 9.87 40.06
N GLU C 371 -69.25 10.93 40.04
CA GLU C 371 -69.62 12.15 39.34
C GLU C 371 -69.41 11.95 37.84
N LEU C 372 -70.40 12.33 37.04
CA LEU C 372 -70.37 12.07 35.61
C LEU C 372 -70.29 13.33 34.76
N ASN C 373 -70.14 14.50 35.37
CA ASN C 373 -69.94 15.72 34.60
C ASN C 373 -68.46 15.93 34.31
N GLN C 374 -68.15 16.26 33.06
CA GLN C 374 -66.77 16.41 32.61
C GLN C 374 -66.42 17.89 32.56
N GLY C 375 -65.42 18.29 33.34
CA GLY C 375 -64.99 19.67 33.36
C GLY C 375 -64.04 19.95 32.21
N SER C 376 -64.35 20.99 31.44
CA SER C 376 -63.51 21.35 30.30
C SER C 376 -62.16 21.87 30.77
N LEU C 377 -61.09 21.39 30.14
CA LEU C 377 -59.75 21.88 30.40
C LEU C 377 -59.37 23.05 29.51
N LEU C 378 -60.28 23.49 28.64
CA LEU C 378 -59.95 24.54 27.69
C LEU C 378 -59.64 25.90 28.31
N PRO C 379 -60.20 26.30 29.46
CA PRO C 379 -59.77 27.58 30.04
C PRO C 379 -58.26 27.70 30.27
N LEU C 380 -57.67 26.72 30.95
CA LEU C 380 -56.22 26.76 31.18
C LEU C 380 -55.44 26.69 29.88
N VAL C 381 -55.86 25.82 28.96
CA VAL C 381 -55.12 25.65 27.72
C VAL C 381 -55.14 26.93 26.90
N ASP C 382 -56.29 27.60 26.85
CA ASP C 382 -56.41 28.82 26.07
C ASP C 382 -55.69 29.98 26.74
N ALA C 383 -55.77 30.09 28.07
CA ALA C 383 -55.20 31.24 28.75
C ALA C 383 -53.68 31.26 28.64
N ASN C 384 -53.02 30.14 28.97
CA ASN C 384 -51.57 30.01 28.88
C ASN C 384 -51.29 28.82 27.98
N LEU C 385 -51.20 29.07 26.68
CA LEU C 385 -51.10 27.98 25.72
C LEU C 385 -49.71 27.35 25.72
N LYS C 386 -48.67 28.17 25.77
CA LYS C 386 -47.33 27.61 25.61
C LYS C 386 -46.89 26.80 26.83
N GLU C 387 -47.33 27.18 28.03
CA GLU C 387 -46.96 26.39 29.21
C GLU C 387 -47.57 24.99 29.12
N SER C 388 -48.86 24.91 28.83
CA SER C 388 -49.53 23.61 28.72
C SER C 388 -48.94 22.78 27.58
N SER C 389 -48.68 23.44 26.44
CA SER C 389 -48.10 22.72 25.31
C SER C 389 -46.73 22.15 25.69
N SER C 390 -45.90 22.96 26.35
CA SER C 390 -44.58 22.49 26.74
C SER C 390 -44.67 21.32 27.70
N TYR C 391 -45.56 21.42 28.70
CA TYR C 391 -45.69 20.36 29.70
C TYR C 391 -46.11 19.05 29.04
N TYR C 392 -47.17 19.09 28.24
CA TYR C 392 -47.67 17.86 27.64
C TYR C 392 -46.68 17.28 26.64
N PHE C 393 -46.02 18.14 25.85
CA PHE C 393 -45.06 17.66 24.89
C PHE C 393 -43.85 17.02 25.58
N LYS C 394 -43.38 17.63 26.68
CA LYS C 394 -42.26 17.06 27.41
C LYS C 394 -42.61 15.69 27.98
N LYS C 395 -43.80 15.56 28.59
CA LYS C 395 -44.19 14.26 29.12
C LYS C 395 -44.32 13.22 28.02
N LEU C 396 -44.96 13.59 26.91
CA LEU C 396 -45.17 12.64 25.81
C LEU C 396 -43.85 12.19 25.22
N MET C 397 -42.90 13.12 25.03
CA MET C 397 -41.62 12.72 24.44
C MET C 397 -40.75 11.93 25.42
N SER C 398 -40.79 12.27 26.71
CA SER C 398 -40.11 11.43 27.69
C SER C 398 -40.65 10.01 27.66
N SER C 399 -41.95 9.86 27.42
CA SER C 399 -42.53 8.52 27.28
C SER C 399 -42.05 7.85 26.00
N ILE C 400 -42.12 8.56 24.87
CA ILE C 400 -41.89 7.92 23.57
C ILE C 400 -40.43 7.55 23.37
N SER C 401 -39.50 8.32 23.96
CA SER C 401 -38.08 8.14 23.65
C SER C 401 -37.56 6.74 23.98
N ASN C 402 -38.23 6.00 24.86
CA ASN C 402 -37.73 4.72 25.33
C ASN C 402 -38.33 3.52 24.62
N VAL C 403 -38.92 3.72 23.44
CA VAL C 403 -39.53 2.58 22.75
C VAL C 403 -38.44 1.71 22.13
N PRO C 404 -38.41 0.42 22.41
CA PRO C 404 -37.42 -0.46 21.78
C PRO C 404 -37.61 -0.51 20.27
N VAL C 405 -36.49 -0.56 19.54
CA VAL C 405 -36.50 -0.64 18.09
C VAL C 405 -35.46 -1.65 17.64
N ASP C 406 -35.63 -2.13 16.41
CA ASP C 406 -34.67 -3.01 15.75
C ASP C 406 -34.21 -2.33 14.47
N ALA C 407 -32.91 -2.02 14.40
CA ALA C 407 -32.39 -1.18 13.34
C ALA C 407 -31.27 -1.88 12.59
N ARG C 408 -31.21 -1.68 11.28
CA ARG C 408 -30.10 -2.16 10.50
C ARG C 408 -28.85 -1.34 10.80
N THR C 409 -27.70 -2.00 10.74
CA THR C 409 -26.43 -1.34 11.02
C THR C 409 -26.20 -0.17 10.08
N LEU C 410 -25.70 0.94 10.63
CA LEU C 410 -25.42 2.11 9.81
C LEU C 410 -24.32 1.84 8.80
N GLN C 411 -23.29 1.09 9.20
CA GLN C 411 -22.21 0.77 8.28
C GLN C 411 -22.69 -0.07 7.10
N SER C 412 -23.60 -1.02 7.36
CA SER C 412 -24.13 -1.83 6.28
C SER C 412 -24.88 -0.99 5.25
N ALA C 413 -25.73 -0.08 5.73
CA ALA C 413 -26.46 0.80 4.81
C ALA C 413 -25.51 1.72 4.06
N THR C 414 -24.47 2.22 4.73
CA THR C 414 -23.50 3.06 4.06
C THR C 414 -22.79 2.28 2.97
N ALA C 415 -22.43 1.03 3.24
CA ALA C 415 -21.80 0.20 2.22
C ALA C 415 -22.74 -0.04 1.04
N ALA C 416 -24.02 -0.28 1.32
CA ALA C 416 -24.98 -0.48 0.24
C ALA C 416 -25.09 0.76 -0.63
N LEU C 417 -25.20 1.93 0.00
CA LEU C 417 -25.31 3.17 -0.77
C LEU C 417 -24.04 3.44 -1.56
N ALA C 418 -22.87 3.19 -0.95
CA ALA C 418 -21.61 3.44 -1.65
C ALA C 418 -21.48 2.54 -2.86
N ALA C 419 -21.92 1.28 -2.74
CA ALA C 419 -21.90 0.39 -3.90
C ALA C 419 -22.91 0.82 -4.94
N ASP C 420 -24.07 1.32 -4.51
CA ASP C 420 -25.10 1.76 -5.46
C ASP C 420 -24.60 2.88 -6.34
N THR C 421 -23.95 3.87 -5.75
CA THR C 421 -23.32 4.95 -6.50
C THR C 421 -21.87 4.57 -6.78
N GLY C 422 -21.08 5.51 -7.28
CA GLY C 422 -19.66 5.29 -7.38
C GLY C 422 -18.92 6.02 -6.29
N GLN C 423 -18.53 5.32 -5.23
CA GLN C 423 -17.86 5.92 -4.09
C GLN C 423 -16.44 5.38 -4.01
N ALA C 424 -15.47 6.28 -4.05
CA ALA C 424 -14.07 5.92 -3.96
C ALA C 424 -13.40 6.84 -2.95
N VAL C 425 -12.39 6.31 -2.25
CA VAL C 425 -11.71 7.08 -1.23
C VAL C 425 -10.64 8.00 -1.81
N ASN C 426 -10.23 7.79 -3.06
CA ASN C 426 -9.20 8.63 -3.64
C ASN C 426 -9.72 9.99 -4.08
N ARG C 427 -10.98 10.04 -4.54
CA ARG C 427 -11.52 11.24 -5.18
C ARG C 427 -12.71 11.76 -4.40
N ALA C 428 -12.75 13.08 -4.19
CA ALA C 428 -13.85 13.70 -3.47
C ALA C 428 -15.14 13.63 -4.29
N GLN C 429 -16.25 13.36 -3.62
CA GLN C 429 -17.53 13.18 -4.28
C GLN C 429 -18.64 13.68 -3.37
N HIS C 430 -19.83 13.82 -3.95
CA HIS C 430 -20.99 14.28 -3.19
C HIS C 430 -21.56 13.18 -2.30
N VAL C 431 -21.50 11.93 -2.76
CA VAL C 431 -21.97 10.82 -1.94
C VAL C 431 -21.17 10.72 -0.65
N SER C 432 -19.87 11.04 -0.72
CA SER C 432 -19.06 11.08 0.50
C SER C 432 -19.57 12.15 1.45
N MET C 433 -19.94 13.31 0.92
CA MET C 433 -20.50 14.36 1.78
C MET C 433 -21.81 13.91 2.42
N LEU C 434 -22.65 13.21 1.66
CA LEU C 434 -23.88 12.69 2.25
C LEU C 434 -23.60 11.68 3.35
N THR C 435 -22.66 10.77 3.12
CA THR C 435 -22.43 9.65 4.02
C THR C 435 -21.33 9.92 5.03
N ASN C 436 -20.87 11.16 5.15
CA ASN C 436 -19.83 11.50 6.10
C ASN C 436 -20.36 12.01 7.44
N ARG C 437 -21.66 12.26 7.54
CA ARG C 437 -22.23 12.81 8.77
C ARG C 437 -23.57 12.17 9.10
N LEU C 438 -23.69 10.86 8.87
CA LEU C 438 -24.87 10.11 9.26
C LEU C 438 -24.72 9.74 10.74
N THR C 439 -25.52 10.37 11.59
CA THR C 439 -25.48 10.13 13.03
C THR C 439 -26.82 9.57 13.50
N THR C 440 -26.76 8.48 14.26
CA THR C 440 -27.95 7.87 14.85
C THR C 440 -28.09 8.22 16.32
N ALA C 441 -27.24 9.12 16.83
CA ALA C 441 -27.24 9.42 18.26
C ALA C 441 -28.56 10.01 18.71
N ASN C 442 -29.13 10.94 17.95
CA ASN C 442 -30.39 11.58 18.31
C ASN C 442 -31.59 10.94 17.61
N ALA C 443 -31.50 9.65 17.29
CA ALA C 443 -32.63 8.96 16.67
C ALA C 443 -33.87 8.95 17.56
N PRO C 444 -33.81 8.63 18.85
CA PRO C 444 -35.06 8.62 19.65
C PRO C 444 -35.78 9.96 19.69
N THR C 445 -35.04 11.07 19.71
CA THR C 445 -35.69 12.37 19.74
C THR C 445 -36.46 12.63 18.45
N VAL C 446 -35.87 12.31 17.31
CA VAL C 446 -36.56 12.49 16.03
C VAL C 446 -37.75 11.54 15.93
N ARG C 447 -37.60 10.33 16.47
CA ARG C 447 -38.71 9.39 16.49
C ARG C 447 -39.89 9.95 17.28
N ALA C 448 -39.60 10.49 18.47
CA ALA C 448 -40.65 11.09 19.29
C ALA C 448 -41.27 12.29 18.58
N ILE C 449 -40.45 13.09 17.90
CA ILE C 449 -40.98 14.23 17.18
C ILE C 449 -41.91 13.78 16.06
N THR C 450 -41.55 12.70 15.37
CA THR C 450 -42.41 12.16 14.33
C THR C 450 -43.75 11.70 14.90
N VAL C 451 -43.70 10.99 16.03
CA VAL C 451 -44.94 10.55 16.66
C VAL C 451 -45.80 11.73 17.05
N LEU C 452 -45.17 12.78 17.61
CA LEU C 452 -45.93 13.97 18.00
C LEU C 452 -46.55 14.65 16.80
N THR C 453 -45.81 14.75 15.69
CA THR C 453 -46.36 15.36 14.48
C THR C 453 -47.56 14.59 13.97
N CYS C 454 -47.47 13.26 13.95
CA CYS C 454 -48.58 12.46 13.46
C CYS C 454 -49.73 12.34 14.47
N MET C 455 -49.52 12.76 15.73
CA MET C 455 -50.53 12.61 16.76
C MET C 455 -51.47 13.81 16.84
N PHE C 456 -50.91 15.03 16.92
CA PHE C 456 -51.72 16.21 17.12
C PHE C 456 -52.27 16.73 15.79
N LYS C 457 -53.21 17.68 15.90
CA LYS C 457 -53.84 18.25 14.71
C LYS C 457 -52.94 19.24 13.99
N GLN C 458 -52.09 19.96 14.72
CA GLN C 458 -51.22 20.96 14.12
C GLN C 458 -49.98 21.08 14.98
N PHE C 459 -48.88 20.50 14.51
CA PHE C 459 -47.61 20.51 15.22
C PHE C 459 -46.52 20.85 14.21
N ARG C 460 -46.02 22.08 14.27
CA ARG C 460 -45.06 22.56 13.29
C ARG C 460 -43.63 22.24 13.72
N ILE C 461 -42.81 21.87 12.74
CA ILE C 461 -41.38 21.64 12.93
C ILE C 461 -40.63 22.28 11.77
N GLY C 462 -39.47 22.88 12.08
CA GLY C 462 -38.66 23.50 11.06
C GLY C 462 -37.19 23.18 11.27
N MET C 463 -36.43 23.29 10.18
CA MET C 463 -34.99 23.09 10.20
C MET C 463 -34.28 24.35 9.73
N THR C 464 -33.13 24.64 10.33
CA THR C 464 -32.28 25.75 9.92
C THR C 464 -31.09 25.16 9.19
N TYR C 465 -31.01 25.39 7.88
CA TYR C 465 -29.93 24.86 7.09
C TYR C 465 -28.69 25.76 7.19
N ALA C 466 -27.59 25.29 6.65
CA ALA C 466 -26.35 26.05 6.70
C ALA C 466 -26.46 27.29 5.81
N LEU C 467 -25.60 28.27 6.09
CA LEU C 467 -25.57 29.48 5.29
C LEU C 467 -25.20 29.18 3.85
N ASP C 468 -24.25 28.27 3.64
CA ASP C 468 -23.94 27.78 2.31
C ASP C 468 -24.54 26.39 2.15
N PRO C 469 -25.64 26.23 1.43
CA PRO C 469 -26.28 24.91 1.36
C PRO C 469 -25.42 23.91 0.61
N ASN C 470 -25.60 22.64 0.96
CA ASN C 470 -24.91 21.54 0.31
C ASN C 470 -25.91 20.40 0.12
N ILE C 471 -25.41 19.23 -0.30
CA ILE C 471 -26.28 18.14 -0.68
C ILE C 471 -27.04 17.59 0.52
N MET C 472 -26.48 17.68 1.73
CA MET C 472 -27.20 17.26 2.92
C MET C 472 -28.47 18.08 3.11
N ASP C 473 -28.37 19.39 2.89
CA ASP C 473 -29.52 20.27 3.07
C ASP C 473 -30.62 19.92 2.07
N VAL C 474 -30.25 19.64 0.82
CA VAL C 474 -31.24 19.24 -0.16
C VAL C 474 -31.89 17.92 0.23
N ALA C 475 -31.09 16.96 0.70
CA ALA C 475 -31.66 15.68 1.12
C ALA C 475 -32.63 15.86 2.27
N ALA C 476 -32.27 16.67 3.26
CA ALA C 476 -33.14 16.88 4.40
C ALA C 476 -34.41 17.62 4.02
N ALA C 477 -34.30 18.63 3.15
CA ALA C 477 -35.49 19.35 2.71
C ALA C 477 -36.42 18.44 1.93
N THR C 478 -35.87 17.61 1.05
CA THR C 478 -36.69 16.66 0.31
C THR C 478 -37.36 15.68 1.25
N CYS C 479 -36.63 15.21 2.27
CA CYS C 479 -37.23 14.29 3.23
C CYS C 479 -38.37 14.95 3.99
N MET C 480 -38.19 16.19 4.43
CA MET C 480 -39.27 16.90 5.11
C MET C 480 -40.48 17.05 4.21
N LEU C 481 -40.27 17.44 2.95
CA LEU C 481 -41.39 17.68 2.06
C LEU C 481 -42.11 16.37 1.71
N LEU C 482 -41.36 15.28 1.56
CA LEU C 482 -41.96 14.04 1.09
C LEU C 482 -42.64 13.28 2.22
N PHE C 483 -41.96 13.10 3.35
CA PHE C 483 -42.42 12.18 4.35
C PHE C 483 -43.00 12.82 5.61
N ARG C 484 -42.68 14.08 5.88
CA ARG C 484 -43.40 14.75 6.96
C ARG C 484 -44.77 15.20 6.49
N PRO C 485 -45.76 15.23 7.39
CA PRO C 485 -47.11 15.63 6.98
C PRO C 485 -47.15 17.07 6.52
N ALA C 486 -48.09 17.35 5.61
CA ALA C 486 -48.26 18.71 5.12
C ALA C 486 -48.69 19.65 6.23
N GLN C 487 -49.57 19.17 7.11
CA GLN C 487 -50.03 20.00 8.22
C GLN C 487 -48.88 20.39 9.13
N SER C 488 -47.85 19.55 9.24
CA SER C 488 -46.71 19.87 10.09
C SER C 488 -45.85 20.98 9.50
N ILE C 489 -45.77 21.07 8.18
CA ILE C 489 -44.93 22.07 7.53
C ILE C 489 -45.75 23.33 7.33
N SER C 490 -45.20 24.46 7.76
CA SER C 490 -45.85 25.75 7.55
C SER C 490 -45.44 26.34 6.21
N ASP C 491 -46.18 27.38 5.78
CA ASP C 491 -45.91 28.00 4.50
C ASP C 491 -44.54 28.66 4.47
N GLU C 492 -44.14 29.32 5.56
CA GLU C 492 -42.82 29.92 5.63
C GLU C 492 -41.73 28.86 5.59
N GLN C 493 -41.93 27.74 6.29
CA GLN C 493 -40.97 26.64 6.23
C GLN C 493 -40.90 26.06 4.82
N TYR C 494 -42.05 25.96 4.15
CA TYR C 494 -42.08 25.48 2.77
C TYR C 494 -41.29 26.39 1.86
N ARG C 495 -41.48 27.71 2.01
CA ARG C 495 -40.74 28.67 1.20
C ARG C 495 -39.24 28.58 1.47
N TYR C 496 -38.86 28.44 2.74
CA TYR C 496 -37.45 28.35 3.07
C TYR C 496 -36.82 27.10 2.48
N CYS C 497 -37.52 25.96 2.56
CA CYS C 497 -37.01 24.73 1.98
C CYS C 497 -36.85 24.86 0.48
N LEU C 498 -37.85 25.43 -0.19
CA LEU C 498 -37.76 25.61 -1.64
C LEU C 498 -36.62 26.55 -1.99
N GLN C 499 -36.42 27.59 -1.19
CA GLN C 499 -35.34 28.54 -1.45
C GLN C 499 -33.97 27.85 -1.33
N THR C 500 -33.78 27.04 -0.29
CA THR C 500 -32.51 26.34 -0.14
C THR C 500 -32.28 25.38 -1.31
N MET C 501 -33.32 24.65 -1.70
CA MET C 501 -33.19 23.73 -2.83
C MET C 501 -32.83 24.46 -4.11
N ALA C 502 -33.48 25.61 -4.36
CA ALA C 502 -33.17 26.38 -5.56
C ALA C 502 -31.77 26.96 -5.51
N VAL C 503 -31.31 27.35 -4.32
CA VAL C 503 -29.95 27.86 -4.18
C VAL C 503 -28.95 26.78 -4.54
N PHE C 504 -29.16 25.56 -4.06
CA PHE C 504 -28.20 24.49 -4.34
C PHE C 504 -28.24 24.07 -5.80
N LEU C 505 -29.44 23.83 -6.35
CA LEU C 505 -29.58 23.11 -7.60
C LEU C 505 -29.75 24.00 -8.83
N THR C 506 -29.82 25.33 -8.67
CA THR C 506 -30.25 26.18 -9.78
C THR C 506 -29.35 27.40 -9.97
N ASN C 507 -28.09 27.32 -9.54
CA ASN C 507 -27.09 28.33 -9.87
C ASN C 507 -27.54 29.74 -9.46
N THR C 508 -27.91 29.87 -8.18
CA THR C 508 -28.46 31.11 -7.69
C THR C 508 -28.06 31.30 -6.23
N THR C 509 -28.24 32.52 -5.74
CA THR C 509 -27.90 32.87 -4.37
C THR C 509 -29.17 33.15 -3.57
N TYR C 510 -28.98 33.34 -2.26
CA TYR C 510 -30.12 33.60 -1.38
C TYR C 510 -30.76 34.95 -1.69
N ASP C 511 -29.94 35.96 -2.01
CA ASP C 511 -30.46 37.29 -2.29
C ASP C 511 -31.30 37.33 -3.57
N ILE C 512 -31.11 36.37 -4.47
CA ILE C 512 -31.90 36.34 -5.69
C ILE C 512 -33.35 35.97 -5.39
N VAL C 513 -33.55 34.99 -4.52
CA VAL C 513 -34.86 34.40 -4.28
C VAL C 513 -35.51 34.93 -3.01
N ASN C 514 -34.97 36.01 -2.43
CA ASN C 514 -35.57 36.56 -1.22
C ASN C 514 -36.97 37.10 -1.48
N ASN C 515 -37.16 37.77 -2.62
CA ASN C 515 -38.46 38.29 -3.01
C ASN C 515 -39.31 37.28 -3.77
N ASP C 516 -38.76 36.10 -4.08
CA ASP C 516 -39.50 35.12 -4.86
C ASP C 516 -40.57 34.45 -4.02
N THR C 517 -41.69 34.14 -4.65
CA THR C 517 -42.83 33.51 -3.99
C THR C 517 -42.77 32.00 -4.21
N ILE C 518 -43.82 31.30 -3.79
CA ILE C 518 -43.85 29.85 -3.91
C ILE C 518 -43.92 29.43 -5.38
N ASP C 519 -44.78 30.10 -6.16
CA ASP C 519 -44.97 29.69 -7.55
C ASP C 519 -43.70 29.86 -8.38
N VAL C 520 -43.00 30.98 -8.17
CA VAL C 520 -41.77 31.23 -8.92
C VAL C 520 -40.71 30.20 -8.56
N LEU C 521 -40.58 29.87 -7.28
CA LEU C 521 -39.61 28.86 -6.86
C LEU C 521 -39.96 27.50 -7.46
N LYS C 522 -41.24 27.14 -7.45
CA LYS C 522 -41.65 25.86 -8.01
C LYS C 522 -41.35 25.81 -9.51
N MET C 523 -41.65 26.88 -10.23
CA MET C 523 -41.39 26.91 -11.66
C MET C 523 -39.90 26.85 -11.94
N LYS C 524 -39.09 27.57 -11.16
CA LYS C 524 -37.65 27.54 -11.35
C LYS C 524 -37.08 26.13 -11.11
N LEU C 525 -37.54 25.47 -10.06
CA LEU C 525 -37.02 24.14 -9.78
C LEU C 525 -37.52 23.10 -10.78
N ARG C 526 -38.75 23.27 -11.28
CA ARG C 526 -39.27 22.32 -12.26
C ARG C 526 -38.66 22.52 -13.64
N ASN C 527 -38.29 23.75 -13.99
CA ASN C 527 -37.66 23.99 -15.29
C ASN C 527 -36.33 23.24 -15.40
N GLN C 528 -35.57 23.21 -14.31
CA GLN C 528 -34.30 22.48 -14.31
C GLN C 528 -34.48 20.97 -14.22
N GLY C 529 -35.70 20.50 -13.99
CA GLY C 529 -35.98 19.07 -13.96
C GLY C 529 -36.21 18.47 -12.59
N TRP C 530 -36.30 19.28 -11.54
CA TRP C 530 -36.50 18.74 -10.20
C TRP C 530 -37.99 18.67 -9.89
N PRO C 531 -38.55 17.48 -9.62
CA PRO C 531 -39.99 17.38 -9.44
C PRO C 531 -40.45 17.42 -7.98
N PHE C 532 -39.53 17.35 -7.02
CA PHE C 532 -39.90 17.29 -5.60
C PHE C 532 -40.08 18.71 -5.05
N VAL C 533 -41.18 19.33 -5.45
CA VAL C 533 -41.46 20.70 -5.07
C VAL C 533 -42.89 20.85 -4.54
N GLU C 534 -43.45 19.76 -4.01
CA GLU C 534 -44.84 19.75 -3.58
C GLU C 534 -44.98 19.18 -2.18
N ARG C 535 -45.88 19.77 -1.39
CA ARG C 535 -46.24 19.21 -0.10
C ARG C 535 -47.33 18.17 -0.28
N TYR C 536 -47.40 17.24 0.68
CA TYR C 536 -48.31 16.11 0.57
C TYR C 536 -49.10 15.94 1.85
N ASN C 537 -50.42 15.92 1.74
CA ASN C 537 -51.30 15.81 2.90
C ASN C 537 -51.33 14.37 3.41
N ALA C 538 -51.22 14.21 4.72
CA ALA C 538 -51.33 12.89 5.32
C ALA C 538 -52.78 12.44 5.32
N VAL C 539 -52.97 11.14 5.52
CA VAL C 539 -54.29 10.51 5.46
C VAL C 539 -54.71 10.12 6.87
N GLU C 540 -55.89 10.59 7.28
CA GLU C 540 -56.36 10.37 8.64
C GLU C 540 -56.93 8.97 8.81
N ILE C 541 -56.75 8.43 10.02
CA ILE C 541 -57.33 7.16 10.42
C ILE C 541 -58.11 7.39 11.70
N ASP C 542 -59.33 6.89 11.76
CA ASP C 542 -60.19 7.08 12.92
C ASP C 542 -59.88 6.03 13.98
N MET C 543 -59.88 6.46 15.24
CA MET C 543 -59.65 5.53 16.33
C MET C 543 -60.84 4.60 16.51
N SER C 544 -60.54 3.35 16.89
CA SER C 544 -61.59 2.36 17.06
C SER C 544 -62.53 2.73 18.19
N VAL C 545 -62.00 3.27 19.28
CA VAL C 545 -62.79 3.60 20.46
C VAL C 545 -62.79 5.11 20.64
N GLU C 546 -63.68 5.57 21.52
CA GLU C 546 -63.83 7.00 21.73
C GLU C 546 -62.59 7.56 22.43
N PRO C 547 -62.18 8.78 22.09
CA PRO C 547 -61.10 9.43 22.84
C PRO C 547 -61.57 9.72 24.26
N LEU C 548 -60.61 9.72 25.19
CA LEU C 548 -60.95 9.96 26.58
C LEU C 548 -61.38 11.40 26.78
N ARG C 549 -62.34 11.59 27.71
CA ARG C 549 -62.86 12.90 28.08
C ARG C 549 -63.48 13.65 26.90
N SER C 550 -63.91 12.92 25.87
CA SER C 550 -64.58 13.52 24.70
C SER C 550 -65.88 12.76 24.45
N PRO C 551 -66.91 13.04 25.24
CA PRO C 551 -68.18 12.33 25.06
C PRO C 551 -68.81 12.63 23.71
N GLY C 552 -69.33 11.59 23.06
CA GLY C 552 -70.02 11.75 21.79
C GLY C 552 -69.15 12.32 20.69
N GLN C 553 -67.88 11.92 20.63
CA GLN C 553 -66.97 12.43 19.62
C GLN C 553 -66.14 11.28 19.08
N VAL C 554 -65.62 11.47 17.86
CA VAL C 554 -64.78 10.50 17.19
C VAL C 554 -63.41 11.12 16.98
N GLY C 555 -62.36 10.40 17.37
CA GLY C 555 -61.00 10.87 17.26
C GLY C 555 -60.29 10.32 16.04
N ARG C 556 -59.24 11.03 15.63
CA ARG C 556 -58.51 10.66 14.43
C ARG C 556 -57.04 11.01 14.60
N TYR C 557 -56.19 10.34 13.82
CA TYR C 557 -54.77 10.64 13.83
C TYR C 557 -54.20 10.42 12.43
N TYR C 558 -53.14 11.16 12.12
CA TYR C 558 -52.52 11.09 10.81
C TYR C 558 -51.64 9.86 10.69
N ASN C 559 -51.68 9.23 9.52
CA ASN C 559 -50.80 8.10 9.26
C ASN C 559 -49.38 8.59 8.97
N PRO C 560 -48.36 7.95 9.54
CA PRO C 560 -46.99 8.43 9.35
C PRO C 560 -46.53 8.27 7.91
N PHE C 561 -45.62 9.16 7.53
CA PHE C 561 -44.85 9.08 6.28
C PHE C 561 -45.72 9.22 5.04
N ASN C 562 -46.89 9.85 5.16
CA ASN C 562 -47.76 10.16 4.03
C ASN C 562 -48.06 8.91 3.21
N ILE C 563 -48.37 7.81 3.89
CA ILE C 563 -48.68 6.54 3.24
C ILE C 563 -50.17 6.28 3.42
N ASP C 564 -50.85 6.03 2.32
CA ASP C 564 -52.27 5.74 2.36
C ASP C 564 -52.48 4.34 2.92
N PRO C 565 -53.24 4.17 4.01
CA PRO C 565 -53.46 2.83 4.54
C PRO C 565 -54.13 1.89 3.56
N LEU C 566 -54.99 2.41 2.68
CA LEU C 566 -55.70 1.54 1.74
C LEU C 566 -54.78 1.01 0.66
N THR C 567 -53.94 1.87 0.09
CA THR C 567 -53.08 1.49 -1.02
C THR C 567 -51.71 0.99 -0.58
N LYS C 568 -51.34 1.18 0.68
CA LYS C 568 -50.06 0.71 1.22
C LYS C 568 -48.88 1.25 0.42
N LYS C 569 -48.93 2.53 0.07
CA LYS C 569 -47.84 3.20 -0.62
C LYS C 569 -47.98 4.70 -0.39
N HIS C 570 -47.01 5.45 -0.92
CA HIS C 570 -47.00 6.90 -0.73
C HIS C 570 -48.19 7.53 -1.43
N VAL C 571 -48.58 8.71 -0.93
CA VAL C 571 -49.71 9.43 -1.51
C VAL C 571 -49.42 9.81 -2.96
N GLU C 572 -48.17 10.18 -3.26
CA GLU C 572 -47.77 10.50 -4.61
C GLU C 572 -47.56 9.21 -5.39
N ASP C 573 -48.34 9.01 -6.45
CA ASP C 573 -48.32 7.78 -7.21
C ASP C 573 -47.27 7.77 -8.31
N ARG C 574 -46.57 8.88 -8.53
CA ARG C 574 -45.54 8.99 -9.55
C ARG C 574 -44.14 9.08 -8.93
N LEU C 575 -43.98 8.53 -7.73
CA LEU C 575 -42.72 8.72 -7.00
C LEU C 575 -41.57 8.00 -7.69
N GLU C 576 -41.80 6.80 -8.21
CA GLU C 576 -40.76 6.10 -8.95
C GLU C 576 -40.38 6.88 -10.20
N GLU C 577 -41.38 7.42 -10.91
CA GLU C 577 -41.09 8.23 -12.09
C GLU C 577 -40.29 9.46 -11.72
N PHE C 578 -40.63 10.10 -10.60
CA PHE C 578 -39.89 11.28 -10.18
C PHE C 578 -38.46 10.94 -9.81
N ILE C 579 -38.24 9.79 -9.17
CA ILE C 579 -36.88 9.37 -8.83
C ILE C 579 -36.08 9.11 -10.10
N ASN C 580 -36.71 8.46 -11.09
CA ASN C 580 -36.04 8.25 -12.37
C ASN C 580 -35.72 9.57 -13.07
N GLN C 581 -36.63 10.53 -12.97
CA GLN C 581 -36.39 11.85 -13.54
C GLN C 581 -35.18 12.50 -12.89
N VAL C 582 -35.10 12.45 -11.56
CA VAL C 582 -33.94 12.99 -10.87
C VAL C 582 -32.68 12.27 -11.30
N GLN C 583 -32.76 10.96 -11.48
CA GLN C 583 -31.60 10.19 -11.91
C GLN C 583 -31.09 10.64 -13.28
N VAL C 584 -32.01 10.86 -14.23
CA VAL C 584 -31.60 11.23 -15.58
C VAL C 584 -31.34 12.72 -15.73
N GLY C 585 -31.71 13.53 -14.74
CA GLY C 585 -31.54 14.96 -14.84
C GLY C 585 -30.10 15.41 -14.62
N ARG C 586 -29.86 16.68 -14.94
CA ARG C 586 -28.55 17.29 -14.78
C ARG C 586 -28.67 18.50 -13.87
N PHE C 587 -28.05 18.41 -12.70
CA PHE C 587 -28.07 19.50 -11.72
C PHE C 587 -26.64 19.86 -11.36
N ARG C 588 -26.38 21.15 -11.23
CA ARG C 588 -25.10 21.73 -10.86
C ARG C 588 -24.01 21.48 -11.89
N ASN C 589 -24.29 20.75 -12.97
CA ASN C 589 -23.27 20.45 -13.97
C ASN C 589 -23.95 20.10 -15.27
N ALA C 590 -23.49 20.72 -16.37
CA ALA C 590 -24.05 20.43 -17.68
C ALA C 590 -23.79 18.98 -18.08
N SER C 591 -22.59 18.48 -17.80
CA SER C 591 -22.21 17.12 -18.12
C SER C 591 -21.88 16.36 -16.85
N GLY C 592 -22.41 15.16 -16.73
CA GLY C 592 -22.19 14.34 -15.55
C GLY C 592 -23.44 14.31 -14.69
N ASN C 593 -23.77 13.11 -14.20
CA ASN C 593 -24.98 12.89 -13.41
C ASN C 593 -24.65 12.53 -11.97
N ALA C 594 -23.61 13.15 -11.40
CA ALA C 594 -23.20 12.81 -10.04
C ALA C 594 -24.28 13.17 -9.03
N VAL C 595 -24.73 14.43 -9.05
CA VAL C 595 -25.71 14.89 -8.06
C VAL C 595 -27.03 14.15 -8.23
N GLY C 596 -27.48 14.00 -9.47
CA GLY C 596 -28.75 13.32 -9.71
C GLY C 596 -28.71 11.88 -9.25
N THR C 597 -27.64 11.16 -9.60
CA THR C 597 -27.54 9.76 -9.19
C THR C 597 -27.48 9.63 -7.67
N THR C 598 -26.68 10.47 -7.02
CA THR C 598 -26.56 10.40 -5.56
C THR C 598 -27.90 10.65 -4.89
N LEU C 599 -28.60 11.71 -5.31
CA LEU C 599 -29.88 12.03 -4.70
C LEU C 599 -30.92 10.97 -4.99
N ALA C 600 -30.92 10.42 -6.21
CA ALA C 600 -31.88 9.37 -6.54
C ALA C 600 -31.66 8.13 -5.68
N ALA C 601 -30.40 7.74 -5.50
CA ALA C 601 -30.11 6.58 -4.65
C ALA C 601 -30.56 6.84 -3.22
N PHE C 602 -30.24 8.02 -2.69
CA PHE C 602 -30.61 8.33 -1.31
C PHE C 602 -32.13 8.31 -1.14
N LEU C 603 -32.85 8.94 -2.06
CA LEU C 603 -34.30 9.00 -1.98
C LEU C 603 -34.92 7.61 -2.11
N ARG C 604 -34.38 6.78 -2.99
CA ARG C 604 -34.90 5.43 -3.14
C ARG C 604 -34.71 4.63 -1.85
N ALA C 605 -33.53 4.75 -1.22
CA ALA C 605 -33.31 4.05 0.04
C ALA C 605 -34.30 4.52 1.11
N CYS C 606 -34.49 5.84 1.22
CA CYS C 606 -35.42 6.36 2.22
C CYS C 606 -36.84 5.89 1.95
N ARG C 607 -37.25 5.86 0.68
CA ARG C 607 -38.59 5.42 0.34
C ARG C 607 -38.79 3.96 0.71
N ASP C 608 -37.79 3.11 0.43
CA ASP C 608 -37.91 1.70 0.82
C ASP C 608 -38.02 1.56 2.32
N LYS C 609 -37.22 2.29 3.08
CA LYS C 609 -37.27 2.18 4.54
C LYS C 609 -38.64 2.60 5.07
N THR C 610 -39.18 3.72 4.58
CA THR C 610 -40.47 4.17 5.06
C THR C 610 -41.58 3.19 4.68
N SER C 611 -41.55 2.69 3.44
CA SER C 611 -42.56 1.75 3.01
C SER C 611 -42.52 0.46 3.81
N ALA C 612 -41.33 0.07 4.27
CA ALA C 612 -41.23 -1.14 5.09
C ALA C 612 -41.69 -0.89 6.53
N ASN C 613 -41.40 0.27 7.10
CA ASN C 613 -41.56 0.48 8.53
C ASN C 613 -42.73 1.37 8.93
N TRP C 614 -43.62 1.74 8.00
CA TRP C 614 -44.71 2.64 8.39
C TRP C 614 -45.65 2.04 9.43
N ARG C 615 -45.76 0.70 9.49
CA ARG C 615 -46.80 0.07 10.30
C ARG C 615 -46.57 0.28 11.79
N GLY C 616 -45.34 0.03 12.26
CA GLY C 616 -45.08 0.17 13.69
C GLY C 616 -45.24 1.60 14.16
N TYR C 617 -44.80 2.56 13.35
CA TYR C 617 -44.99 3.96 13.70
C TYR C 617 -46.47 4.32 13.74
N SER C 618 -47.25 3.75 12.82
CA SER C 618 -48.70 3.98 12.87
C SER C 618 -49.30 3.44 14.16
N VAL C 619 -48.89 2.25 14.58
CA VAL C 619 -49.42 1.66 15.81
C VAL C 619 -49.05 2.52 17.01
N LEU C 620 -47.79 2.94 17.08
CA LEU C 620 -47.34 3.77 18.20
C LEU C 620 -48.08 5.10 18.23
N VAL C 621 -48.29 5.71 17.06
CA VAL C 621 -49.00 6.98 17.00
C VAL C 621 -50.44 6.80 17.48
N SER C 622 -51.09 5.71 17.06
CA SER C 622 -52.45 5.44 17.53
C SER C 622 -52.50 5.32 19.04
N ARG C 623 -51.61 4.49 19.60
CA ARG C 623 -51.65 4.26 21.03
C ARG C 623 -51.41 5.55 21.81
N TYR C 624 -50.36 6.29 21.44
CA TYR C 624 -50.08 7.53 22.16
C TYR C 624 -51.13 8.60 21.88
N ARG C 625 -51.90 8.47 20.80
CA ARG C 625 -53.02 9.37 20.59
C ARG C 625 -54.18 9.03 21.50
N SER C 626 -54.28 7.76 21.92
CA SER C 626 -55.34 7.38 22.84
C SER C 626 -55.22 8.02 24.21
N LEU C 627 -54.10 8.68 24.51
CA LEU C 627 -53.87 9.27 25.82
C LEU C 627 -54.36 10.70 25.95
N ILE C 628 -54.52 11.42 24.84
CA ILE C 628 -54.89 12.84 24.91
C ILE C 628 -56.34 13.03 24.47
N PRO C 629 -57.08 13.94 25.08
CA PRO C 629 -58.47 14.18 24.69
C PRO C 629 -58.53 15.02 23.41
N ASN C 630 -59.76 15.34 23.00
CA ASN C 630 -59.96 16.08 21.77
C ASN C 630 -59.65 17.56 21.93
N GLU C 631 -59.92 18.13 23.11
CA GLU C 631 -59.57 19.53 23.34
C GLU C 631 -58.07 19.76 23.20
N LEU C 632 -57.28 18.87 23.78
CA LEU C 632 -55.83 18.96 23.62
C LEU C 632 -55.39 18.64 22.20
N PHE C 633 -56.12 17.75 21.52
CA PHE C 633 -55.80 17.42 20.14
C PHE C 633 -55.98 18.61 19.23
N GLU C 634 -57.03 19.40 19.44
CA GLU C 634 -57.33 20.52 18.57
C GLU C 634 -56.72 21.85 19.03
N SER C 635 -56.28 21.93 20.29
CA SER C 635 -55.84 23.20 20.85
C SER C 635 -54.33 23.33 20.99
N LEU C 636 -53.64 22.25 21.36
CA LEU C 636 -52.21 22.35 21.63
C LEU C 636 -51.43 22.66 20.37
N ARG C 637 -50.49 23.62 20.49
CA ARG C 637 -49.64 24.03 19.39
C ARG C 637 -48.21 24.18 19.89
N ASN C 638 -47.26 23.99 18.98
CA ASN C 638 -45.84 24.18 19.29
C ASN C 638 -45.46 25.58 18.84
N ILE C 639 -45.29 26.49 19.80
CA ILE C 639 -44.96 27.87 19.51
C ILE C 639 -43.60 28.27 20.06
N SER C 640 -43.05 27.54 21.02
CA SER C 640 -41.76 27.89 21.57
C SER C 640 -40.62 27.51 20.64
N GLY C 641 -40.87 26.62 19.69
CA GLY C 641 -39.82 26.18 18.79
C GLY C 641 -38.74 25.35 19.44
N GLU C 642 -39.03 24.74 20.59
CA GLU C 642 -38.00 23.98 21.30
C GLU C 642 -37.68 22.70 20.56
N TYR C 643 -38.65 22.09 19.89
CA TYR C 643 -38.47 20.79 19.27
C TYR C 643 -38.29 20.99 17.77
N ASN C 644 -37.05 21.19 17.36
CA ASN C 644 -36.66 21.26 15.97
C ASN C 644 -35.81 20.04 15.64
N ILE C 645 -35.59 19.82 14.34
CA ILE C 645 -34.78 18.71 13.86
C ILE C 645 -33.64 19.29 13.02
N ASN C 646 -32.43 18.85 13.30
CA ASN C 646 -31.29 19.24 12.47
C ASN C 646 -31.35 18.50 11.14
N PRO C 647 -30.89 19.14 10.06
CA PRO C 647 -30.93 18.46 8.75
C PRO C 647 -30.17 17.15 8.72
N GLN C 648 -29.00 17.10 9.37
CA GLN C 648 -28.27 15.85 9.44
C GLN C 648 -29.09 14.79 10.15
N ASP C 649 -29.75 15.15 11.24
CA ASP C 649 -30.56 14.19 11.98
C ASP C 649 -31.73 13.70 11.14
N GLU C 650 -32.34 14.59 10.36
CA GLU C 650 -33.47 14.18 9.52
C GLU C 650 -33.03 13.19 8.45
N HIS C 651 -31.96 13.53 7.72
CA HIS C 651 -31.53 12.63 6.66
C HIS C 651 -31.01 11.31 7.22
N SER C 652 -30.35 11.33 8.38
CA SER C 652 -29.93 10.09 9.01
C SER C 652 -31.12 9.27 9.48
N PHE C 653 -32.13 9.93 10.03
CA PHE C 653 -33.30 9.23 10.53
C PHE C 653 -34.05 8.54 9.39
N PHE C 654 -34.11 9.18 8.23
CA PHE C 654 -34.81 8.56 7.12
C PHE C 654 -33.95 7.54 6.38
N PHE C 655 -32.62 7.68 6.43
CA PHE C 655 -31.76 6.68 5.78
C PHE C 655 -31.71 5.39 6.58
N ALA C 656 -31.60 5.49 7.90
CA ALA C 656 -31.40 4.32 8.75
C ALA C 656 -32.60 4.09 9.66
N LEU C 657 -33.80 4.18 9.08
CA LEU C 657 -35.03 4.05 9.86
C LEU C 657 -35.06 2.71 10.59
N ALA C 658 -35.42 2.76 11.87
CA ALA C 658 -35.50 1.58 12.71
C ALA C 658 -36.93 1.03 12.73
N GLN C 659 -37.03 -0.26 13.02
CA GLN C 659 -38.32 -0.93 13.10
C GLN C 659 -38.80 -0.89 14.54
N ILE C 660 -39.93 -0.24 14.77
CA ILE C 660 -40.44 -0.07 16.12
C ILE C 660 -40.95 -1.40 16.64
N ASN C 661 -40.44 -1.81 17.80
CA ASN C 661 -40.77 -3.10 18.40
C ASN C 661 -41.49 -2.84 19.72
N ALA C 662 -42.68 -3.42 19.87
CA ALA C 662 -43.50 -3.24 21.06
C ALA C 662 -43.33 -4.46 21.95
N ASP C 663 -42.68 -4.27 23.10
CA ASP C 663 -42.50 -5.33 24.08
C ASP C 663 -43.57 -5.23 25.17
N ASP C 664 -43.64 -6.27 25.99
CA ASP C 664 -44.64 -6.30 27.06
C ASP C 664 -44.37 -5.23 28.12
N GLU C 665 -43.08 -5.01 28.44
CA GLU C 665 -42.74 -4.00 29.44
C GLU C 665 -43.17 -2.61 28.99
N PHE C 666 -43.00 -2.31 27.70
CA PHE C 666 -43.42 -1.03 27.18
C PHE C 666 -44.93 -0.85 27.31
N ILE C 667 -45.70 -1.90 27.04
CA ILE C 667 -47.16 -1.81 27.16
C ILE C 667 -47.56 -1.61 28.61
N GLY C 668 -46.91 -2.32 29.54
CA GLY C 668 -47.23 -2.11 30.94
C GLY C 668 -46.93 -0.71 31.41
N ALA C 669 -45.77 -0.18 31.02
CA ALA C 669 -45.44 1.20 31.36
C ALA C 669 -46.47 2.16 30.77
N ILE C 670 -46.91 1.89 29.54
CA ILE C 670 -47.90 2.75 28.91
C ILE C 670 -49.22 2.72 29.66
N ASP C 671 -49.62 1.55 30.16
CA ASP C 671 -50.84 1.48 30.95
C ASP C 671 -50.71 2.30 32.23
N LYS C 672 -49.55 2.20 32.89
CA LYS C 672 -49.33 3.01 34.10
C LYS C 672 -49.43 4.49 33.78
N GLU C 673 -48.82 4.93 32.68
CA GLU C 673 -48.93 6.33 32.30
C GLU C 673 -50.35 6.72 31.92
N SER C 674 -51.12 5.79 31.34
CA SER C 674 -52.51 6.11 31.03
C SER C 674 -53.29 6.41 32.30
N ALA C 675 -53.07 5.60 33.34
CA ALA C 675 -53.71 5.90 34.63
C ALA C 675 -53.26 7.25 35.16
N GLU C 676 -51.96 7.55 35.06
CA GLU C 676 -51.45 8.83 35.55
C GLU C 676 -52.08 10.00 34.82
N TYR C 677 -52.19 9.92 33.49
CA TYR C 677 -52.80 10.99 32.71
C TYR C 677 -54.27 11.16 33.06
N LEU C 678 -55.00 10.05 33.25
CA LEU C 678 -56.40 10.16 33.65
C LEU C 678 -56.53 10.92 34.96
N ASP C 679 -55.73 10.54 35.96
CA ASP C 679 -55.80 11.23 37.25
C ASP C 679 -55.45 12.71 37.11
N GLU C 680 -54.42 13.03 36.33
CA GLU C 680 -54.00 14.41 36.21
C GLU C 680 -55.04 15.25 35.47
N TYR C 681 -55.70 14.68 34.46
CA TYR C 681 -56.76 15.41 33.77
C TYR C 681 -57.91 15.71 34.71
N ALA C 682 -58.30 14.73 35.53
CA ALA C 682 -59.39 14.96 36.48
C ALA C 682 -59.02 16.05 37.49
N THR C 683 -57.79 16.01 38.01
CA THR C 683 -57.37 17.03 38.96
C THR C 683 -57.35 18.42 38.32
N LEU C 684 -56.88 18.50 37.07
CA LEU C 684 -56.89 19.79 36.37
C LEU C 684 -58.31 20.32 36.20
N ALA C 685 -59.25 19.44 35.85
CA ALA C 685 -60.64 19.88 35.69
C ALA C 685 -61.20 20.41 37.01
N ARG C 686 -60.93 19.70 38.11
CA ARG C 686 -61.42 20.16 39.41
C ARG C 686 -60.81 21.51 39.78
N ASP C 687 -59.51 21.67 39.55
CA ASP C 687 -58.85 22.93 39.88
C ASP C 687 -59.41 24.07 39.05
N ILE C 688 -59.67 23.83 37.77
CA ILE C 688 -60.23 24.86 36.91
C ILE C 688 -61.62 25.26 37.40
N SER C 689 -62.44 24.29 37.79
CA SER C 689 -63.78 24.61 38.28
C SER C 689 -63.71 25.45 39.56
N ASN C 690 -62.83 25.07 40.48
CA ASN C 690 -62.67 25.84 41.71
C ASN C 690 -62.20 27.27 41.42
N SER C 691 -61.26 27.43 40.49
CA SER C 691 -60.75 28.75 40.16
C SER C 691 -61.84 29.60 39.52
N LEU C 692 -62.66 29.01 38.65
CA LEU C 692 -63.76 29.75 38.05
C LEU C 692 -64.74 30.22 39.12
N THR C 693 -65.08 29.35 40.07
CA THR C 693 -65.97 29.76 41.14
C THR C 693 -65.38 30.91 41.95
N LEU C 694 -64.08 30.81 42.28
CA LEU C 694 -63.45 31.85 43.08
C LEU C 694 -63.44 33.19 42.34
N VAL C 695 -63.09 33.17 41.04
CA VAL C 695 -62.98 34.41 40.29
C VAL C 695 -64.36 35.02 40.05
N LYS C 696 -65.40 34.19 39.98
CA LYS C 696 -66.75 34.74 39.85
C LYS C 696 -67.22 35.34 41.15
N ALA C 697 -66.89 34.71 42.28
CA ALA C 697 -67.39 35.19 43.57
C ALA C 697 -66.61 36.40 44.08
N ALA C 698 -65.33 36.53 43.74
CA ALA C 698 -64.49 37.53 44.39
C ALA C 698 -64.41 38.84 43.61
N PHE C 699 -63.92 38.79 42.37
CA PHE C 699 -63.55 39.99 41.63
C PHE C 699 -64.69 40.43 40.73
N GLY C 700 -64.98 41.73 40.75
CA GLY C 700 -65.99 42.30 39.89
C GLY C 700 -65.39 42.94 38.66
N PRO C 701 -66.15 43.79 37.99
CA PRO C 701 -65.65 44.44 36.77
C PRO C 701 -64.58 45.46 37.07
N LEU C 702 -63.75 45.73 36.05
CA LEU C 702 -62.69 46.71 36.13
C LEU C 702 -63.08 47.95 35.33
N GLU C 703 -62.47 49.08 35.69
CA GLU C 703 -62.80 50.37 35.09
C GLU C 703 -61.53 51.12 34.74
N ARG C 704 -61.68 52.11 33.86
CA ARG C 704 -60.56 52.94 33.45
C ARG C 704 -60.08 53.89 34.54
N THR C 705 -60.82 54.00 35.64
CA THR C 705 -60.47 54.96 36.68
C THR C 705 -59.46 54.36 37.65
N SER C 706 -58.54 55.20 38.12
CA SER C 706 -57.66 54.79 39.20
C SER C 706 -58.45 54.70 40.51
N GLY C 707 -57.89 53.96 41.46
CA GLY C 707 -58.61 53.57 42.66
C GLY C 707 -59.34 52.27 42.42
N SER C 708 -59.94 52.12 41.24
CA SER C 708 -60.43 50.80 40.84
C SER C 708 -59.29 49.83 40.61
N ILE C 709 -58.22 50.30 39.96
CA ILE C 709 -57.03 49.46 39.78
C ILE C 709 -56.40 49.14 41.13
N ILE C 710 -56.35 50.12 42.02
CA ILE C 710 -55.78 49.90 43.35
C ILE C 710 -56.59 48.85 44.11
N ASN C 711 -57.92 48.97 44.05
CA ASN C 711 -58.79 48.02 44.73
C ASN C 711 -58.62 46.62 44.15
N HIS C 712 -58.54 46.53 42.81
CA HIS C 712 -58.36 45.22 42.19
C HIS C 712 -57.04 44.59 42.59
N ALA C 713 -55.97 45.38 42.61
CA ALA C 713 -54.67 44.84 42.99
C ALA C 713 -54.67 44.35 44.44
N ASN C 714 -55.25 45.14 45.34
CA ASN C 714 -55.29 44.73 46.74
C ASN C 714 -56.12 43.46 46.92
N ASN C 715 -57.27 43.38 46.25
CA ASN C 715 -58.10 42.19 46.37
C ASN C 715 -57.39 40.97 45.80
N LEU C 716 -56.68 41.14 44.69
CA LEU C 716 -55.92 40.04 44.10
C LEU C 716 -54.86 39.54 45.06
N ASN C 717 -54.13 40.46 45.70
CA ASN C 717 -53.11 40.05 46.66
C ASN C 717 -53.72 39.32 47.84
N LYS C 718 -54.85 39.83 48.37
CA LYS C 718 -55.50 39.16 49.48
C LYS C 718 -55.96 37.76 49.10
N VAL C 719 -56.55 37.61 47.92
CA VAL C 719 -57.04 36.31 47.47
C VAL C 719 -55.88 35.33 47.33
N ILE C 720 -54.79 35.77 46.70
CA ILE C 720 -53.65 34.87 46.50
C ILE C 720 -53.08 34.44 47.84
N ASN C 721 -52.87 35.40 48.74
CA ASN C 721 -52.32 35.08 50.05
C ASN C 721 -53.21 34.11 50.82
N HIS C 722 -54.53 34.30 50.75
CA HIS C 722 -55.42 33.43 51.50
C HIS C 722 -55.47 32.03 50.91
N VAL C 723 -55.55 31.92 49.58
CA VAL C 723 -55.69 30.60 48.97
C VAL C 723 -54.40 29.79 49.10
N PHE C 724 -53.25 30.46 49.12
CA PHE C 724 -52.00 29.69 49.20
C PHE C 724 -51.60 29.32 50.62
N ALA C 725 -52.26 29.87 51.63
CA ALA C 725 -51.91 29.54 53.01
C ALA C 725 -52.51 28.20 53.42
N ASP C 726 -51.90 27.60 54.44
CA ASP C 726 -52.28 26.28 54.97
C ASP C 726 -52.22 25.30 53.81
N LYS C 727 -53.21 24.43 53.64
CA LYS C 727 -53.21 23.53 52.50
C LYS C 727 -53.54 24.31 51.24
N PRO C 728 -52.67 24.30 50.22
CA PRO C 728 -52.95 25.08 49.01
C PRO C 728 -54.23 24.59 48.33
N LEU C 729 -55.01 25.55 47.84
CA LEU C 729 -56.25 25.20 47.16
C LEU C 729 -55.99 24.44 45.86
N ILE C 730 -54.92 24.79 45.18
CA ILE C 730 -54.62 24.26 43.85
C ILE C 730 -53.73 23.04 43.98
N SER C 731 -53.94 22.06 43.10
CA SER C 731 -53.18 20.83 43.15
C SER C 731 -51.74 21.07 42.69
N GLU C 732 -50.88 20.08 42.97
CA GLU C 732 -49.47 20.21 42.64
C GLU C 732 -49.22 20.16 41.14
N THR C 733 -49.98 19.35 40.40
CA THR C 733 -49.79 19.26 38.96
C THR C 733 -50.12 20.58 38.27
N MET C 734 -51.16 21.27 38.73
CA MET C 734 -51.48 22.58 38.18
C MET C 734 -50.39 23.59 38.48
N LEU C 735 -49.84 23.54 39.71
CA LEU C 735 -48.72 24.41 40.03
C LEU C 735 -47.53 24.12 39.13
N LYS C 736 -47.29 22.84 38.82
CA LYS C 736 -46.19 22.48 37.94
C LYS C 736 -46.39 23.04 36.54
N ILE C 737 -47.60 22.88 35.99
CA ILE C 737 -47.82 23.33 34.61
C ILE C 737 -47.79 24.85 34.54
N LEU C 738 -48.26 25.56 35.57
CA LEU C 738 -48.14 27.02 35.58
C LEU C 738 -46.70 27.46 35.78
N THR C 739 -45.91 26.70 36.56
CA THR C 739 -44.54 27.09 36.88
C THR C 739 -43.59 26.83 35.72
N ILE C 740 -43.86 25.83 34.88
CA ILE C 740 -42.94 25.37 33.85
C ILE C 740 -42.35 26.53 33.03
N ASP C 741 -43.06 27.66 32.99
CA ASP C 741 -42.49 28.85 32.36
C ASP C 741 -41.29 29.36 33.14
N GLY C 742 -41.36 29.35 34.47
CA GLY C 742 -40.27 29.83 35.29
C GLY C 742 -40.72 30.71 36.44
N THR C 743 -42.03 30.84 36.62
CA THR C 743 -42.56 31.69 37.66
C THR C 743 -42.48 30.99 39.02
N THR C 744 -42.82 31.73 40.07
CA THR C 744 -42.69 31.24 41.43
C THR C 744 -43.82 30.31 41.85
N GLY C 745 -44.88 30.21 41.06
CA GLY C 745 -46.01 29.38 41.42
C GLY C 745 -47.17 30.22 41.93
N LYS C 746 -46.86 31.21 42.76
CA LYS C 746 -47.87 32.18 43.15
C LYS C 746 -48.12 33.19 42.03
N ASP C 747 -47.06 33.61 41.34
CA ASP C 747 -47.21 34.58 40.26
C ASP C 747 -47.99 34.01 39.10
N GLY C 748 -47.71 32.76 38.71
CA GLY C 748 -48.44 32.16 37.62
C GLY C 748 -49.92 32.00 37.91
N TYR C 749 -50.24 31.54 39.13
CA TYR C 749 -51.64 31.42 39.52
C TYR C 749 -52.31 32.79 39.58
N ARG C 750 -51.60 33.80 40.07
CA ARG C 750 -52.17 35.15 40.12
C ARG C 750 -52.48 35.65 38.71
N ASN C 751 -51.55 35.45 37.78
CA ASN C 751 -51.78 35.88 36.40
C ASN C 751 -52.95 35.14 35.78
N TRP C 752 -53.03 33.82 36.00
CA TRP C 752 -54.15 33.06 35.46
C TRP C 752 -55.48 33.52 36.04
N LEU C 753 -55.52 33.76 37.35
CA LEU C 753 -56.75 34.22 37.98
C LEU C 753 -57.15 35.59 37.44
N ASP C 754 -56.19 36.48 37.24
CA ASP C 754 -56.51 37.78 36.66
C ASP C 754 -57.05 37.65 35.25
N LYS C 755 -56.48 36.72 34.47
CA LYS C 755 -56.94 36.52 33.10
C LYS C 755 -58.36 35.97 33.03
N LEU C 756 -58.84 35.36 34.10
CA LEU C 756 -60.16 34.73 34.12
C LEU C 756 -61.26 35.66 34.60
N VAL C 757 -60.95 36.92 34.89
CA VAL C 757 -61.95 37.84 35.41
C VAL C 757 -62.99 38.13 34.34
N GLY C 758 -64.26 38.03 34.71
CA GLY C 758 -65.34 38.31 33.78
C GLY C 758 -65.44 37.33 32.62
N HIS C 759 -65.32 36.04 32.90
CA HIS C 759 -65.38 35.03 31.87
C HIS C 759 -66.83 34.71 31.50
N ASN C 760 -66.99 33.93 30.44
CA ASN C 760 -68.29 33.40 30.04
C ASN C 760 -68.30 31.88 30.02
N TYR C 761 -67.29 31.23 30.58
CA TYR C 761 -67.22 29.78 30.56
C TYR C 761 -68.35 29.20 31.41
N PRO C 762 -69.07 28.20 30.91
CA PRO C 762 -70.09 27.56 31.75
C PRO C 762 -69.46 26.76 32.87
N VAL C 763 -70.17 26.70 33.99
CA VAL C 763 -69.73 25.94 35.16
C VAL C 763 -70.90 25.08 35.63
N TYR C 764 -70.57 24.01 36.35
CA TYR C 764 -71.56 23.06 36.82
C TYR C 764 -71.76 23.22 38.33
N VAL C 765 -73.02 23.26 38.75
CA VAL C 765 -73.36 23.39 40.17
C VAL C 765 -73.29 21.99 40.77
N GLU C 766 -72.23 21.72 41.52
CA GLU C 766 -72.06 20.42 42.15
C GLU C 766 -72.99 20.29 43.36
N PRO C 767 -73.26 19.06 43.80
CA PRO C 767 -74.15 18.89 44.97
C PRO C 767 -73.69 19.63 46.22
N VAL C 768 -72.38 19.70 46.45
CA VAL C 768 -71.88 20.38 47.65
C VAL C 768 -72.19 21.87 47.58
N VAL C 769 -72.09 22.46 46.40
CA VAL C 769 -72.42 23.87 46.25
C VAL C 769 -73.88 24.11 46.58
N ASN C 770 -74.77 23.22 46.11
CA ASN C 770 -76.18 23.36 46.43
C ASN C 770 -76.43 23.22 47.92
N ILE C 771 -75.74 22.30 48.58
CA ILE C 771 -75.93 22.11 50.02
C ILE C 771 -75.50 23.36 50.78
N MET C 772 -74.33 23.91 50.42
CA MET C 772 -73.89 25.14 51.08
C MET C 772 -74.82 26.30 50.80
N ASN C 773 -75.33 26.42 49.58
CA ASN C 773 -76.27 27.49 49.28
C ASN C 773 -77.54 27.36 50.09
N PHE C 774 -78.04 26.12 50.23
CA PHE C 774 -79.25 25.90 51.02
C PHE C 774 -79.02 26.29 52.47
N ILE C 775 -77.90 25.86 53.05
CA ILE C 775 -77.64 26.15 54.45
C ILE C 775 -77.43 27.65 54.65
N SER C 776 -76.76 28.31 53.71
CA SER C 776 -76.56 29.75 53.84
C SER C 776 -77.88 30.51 53.71
N ALA C 777 -78.75 30.09 52.80
CA ALA C 777 -80.05 30.75 52.66
C ALA C 777 -80.88 30.58 53.93
N ARG C 778 -80.87 29.38 54.51
CA ARG C 778 -81.61 29.16 55.74
C ARG C 778 -80.97 29.90 56.91
N PHE C 779 -79.65 30.09 56.88
CA PHE C 779 -78.99 30.91 57.89
C PHE C 779 -79.44 32.36 57.80
N VAL C 780 -79.53 32.89 56.58
CA VAL C 780 -79.96 34.27 56.39
C VAL C 780 -81.42 34.44 56.80
N ALA C 781 -82.28 33.49 56.43
CA ALA C 781 -83.71 33.65 56.68
C ALA C 781 -84.04 33.47 58.15
N ASP C 782 -83.78 32.27 58.69
CA ASP C 782 -84.13 31.94 60.08
C ASP C 782 -82.97 32.33 60.98
N SER C 783 -82.95 33.60 61.39
CA SER C 783 -81.85 34.13 62.18
C SER C 783 -81.89 33.69 63.62
N SER C 784 -83.08 33.41 64.16
CA SER C 784 -83.21 33.07 65.57
C SER C 784 -82.53 31.76 65.93
N TYR C 785 -82.38 30.85 64.98
CA TYR C 785 -81.78 29.55 65.27
C TYR C 785 -80.29 29.65 65.59
N PHE C 786 -79.64 30.73 65.16
CA PHE C 786 -78.18 30.84 65.25
C PHE C 786 -77.74 31.97 66.18
N GLY C 787 -78.63 32.43 67.04
CA GLY C 787 -78.23 33.37 68.08
C GLY C 787 -78.00 34.79 67.64
N TYR C 788 -78.74 35.27 66.63
CA TYR C 788 -78.67 36.67 66.26
C TYR C 788 -80.01 37.11 65.68
N THR C 789 -80.37 38.36 65.97
CA THR C 789 -81.60 38.98 65.48
C THR C 789 -81.24 40.24 64.72
N ASN C 790 -82.24 40.86 64.09
CA ASN C 790 -82.00 42.05 63.27
C ASN C 790 -82.64 43.31 63.82
N GLU C 791 -83.59 43.20 64.76
CA GLU C 791 -84.12 44.36 65.48
C GLU C 791 -84.28 43.99 66.95
N ILE C 792 -84.11 44.99 67.82
CA ILE C 792 -84.36 44.83 69.25
C ILE C 792 -85.13 46.05 69.74
N MET C 793 -85.64 45.97 70.97
CA MET C 793 -86.40 47.06 71.57
C MET C 793 -85.89 47.32 72.98
N ILE C 794 -85.89 48.58 73.39
CA ILE C 794 -85.49 48.95 74.74
C ILE C 794 -86.55 49.89 75.30
N MET C 795 -87.18 49.50 76.40
CA MET C 795 -88.19 50.37 76.99
C MET C 795 -88.18 50.26 78.52
N PRO C 796 -88.67 51.29 79.21
CA PRO C 796 -88.65 51.26 80.67
C PRO C 796 -89.57 50.19 81.25
N ASN C 797 -89.28 49.82 82.50
CA ASN C 797 -90.04 48.77 83.17
C ASN C 797 -91.47 49.21 83.46
N HIS C 798 -91.73 50.52 83.50
CA HIS C 798 -93.06 50.99 83.88
C HIS C 798 -94.06 50.95 82.73
N ILE C 799 -93.63 50.58 81.53
CA ILE C 799 -94.52 50.47 80.39
C ILE C 799 -94.78 48.99 80.15
N ASN C 800 -96.05 48.60 80.18
CA ASN C 800 -96.41 47.20 79.97
C ASN C 800 -96.14 46.78 78.53
N VAL C 801 -95.77 45.51 78.35
CA VAL C 801 -95.40 45.00 77.04
C VAL C 801 -96.05 43.64 76.82
N PRO C 802 -96.70 43.41 75.68
CA PRO C 802 -97.17 42.06 75.37
C PRO C 802 -95.99 41.12 75.17
N VAL C 803 -96.07 39.95 75.79
CA VAL C 803 -94.96 39.01 75.81
C VAL C 803 -95.47 37.62 75.48
N ASP C 804 -94.54 36.75 75.06
CA ASP C 804 -94.84 35.37 74.73
C ASP C 804 -94.84 34.59 76.04
N ASP C 805 -96.03 34.32 76.57
CA ASP C 805 -96.18 33.65 77.85
C ASP C 805 -96.40 32.15 77.72
N ARG C 806 -96.12 31.58 76.54
CA ARG C 806 -96.32 30.14 76.36
C ARG C 806 -95.36 29.34 77.24
N PHE C 807 -94.10 29.76 77.33
CA PHE C 807 -93.11 28.98 78.08
C PHE C 807 -93.34 29.08 79.58
N GLY C 808 -93.61 30.27 80.08
CA GLY C 808 -93.77 30.50 81.50
C GLY C 808 -92.63 31.24 82.16
N PHE C 809 -91.73 31.83 81.39
CA PHE C 809 -90.62 32.59 81.97
C PHE C 809 -91.15 33.80 82.73
N ARG C 810 -90.44 34.16 83.81
CA ARG C 810 -90.79 35.36 84.55
C ARG C 810 -90.15 36.58 83.91
N ASP C 811 -90.97 37.57 83.58
CA ASP C 811 -90.54 38.75 82.85
C ASP C 811 -89.80 38.35 81.57
N SER C 812 -90.51 37.59 80.74
CA SER C 812 -89.89 37.01 79.56
C SER C 812 -89.44 38.10 78.60
N PRO C 813 -88.17 38.09 78.18
CA PRO C 813 -87.69 39.08 77.20
C PRO C 813 -88.07 38.78 75.76
N PHE C 814 -88.97 37.82 75.53
CA PHE C 814 -89.33 37.38 74.19
C PHE C 814 -90.72 37.90 73.84
N CYS C 815 -90.86 38.42 72.63
CA CYS C 815 -92.14 38.87 72.09
C CYS C 815 -92.44 38.06 70.83
N THR C 816 -93.71 37.73 70.63
CA THR C 816 -94.10 36.97 69.44
C THR C 816 -93.76 37.75 68.18
N SER C 817 -94.03 39.05 68.18
CA SER C 817 -93.55 39.96 67.15
C SER C 817 -93.37 41.32 67.81
N LEU C 818 -92.43 42.09 67.28
CA LEU C 818 -92.16 43.40 67.87
C LEU C 818 -93.38 44.29 67.75
N PRO C 819 -93.80 44.95 68.83
CA PRO C 819 -95.03 45.76 68.78
C PRO C 819 -94.91 46.87 67.75
N ARG C 820 -95.86 46.89 66.82
CA ARG C 820 -95.93 48.01 65.87
C ARG C 820 -96.38 49.28 66.56
N THR C 821 -97.43 49.19 67.38
CA THR C 821 -97.92 50.31 68.17
C THR C 821 -97.99 49.90 69.63
N ILE C 822 -97.56 50.79 70.51
CA ILE C 822 -97.64 50.57 71.95
C ILE C 822 -98.36 51.76 72.58
N MET C 823 -99.32 51.47 73.45
CA MET C 823 -100.10 52.48 74.16
C MET C 823 -100.74 53.47 73.18
N GLY C 824 -101.18 52.96 72.04
CA GLY C 824 -101.86 53.79 71.07
C GLY C 824 -100.98 54.64 70.19
N ASN C 825 -99.67 54.50 70.28
CA ASN C 825 -98.75 55.26 69.46
C ASN C 825 -97.69 54.33 68.86
N ASP C 826 -97.21 54.69 67.68
CA ASP C 826 -96.20 53.88 67.02
C ASP C 826 -94.89 53.92 67.78
N VAL C 827 -94.18 52.81 67.78
CA VAL C 827 -92.88 52.73 68.45
C VAL C 827 -91.81 53.28 67.53
N ARG C 828 -91.01 54.21 68.05
CA ARG C 828 -89.97 54.84 67.24
C ARG C 828 -88.92 53.83 66.83
N ARG C 829 -88.43 53.96 65.60
CA ARG C 829 -87.38 53.10 65.06
C ARG C 829 -86.14 53.93 64.77
N ILE C 830 -84.99 53.46 65.23
CA ILE C 830 -83.73 54.15 65.03
C ILE C 830 -82.72 53.15 64.46
N SER C 831 -81.97 53.59 63.46
CA SER C 831 -80.86 52.82 62.95
C SER C 831 -79.71 52.83 63.96
N TYR C 832 -78.88 51.79 63.90
CA TYR C 832 -77.75 51.71 64.83
C TYR C 832 -76.78 52.86 64.62
N ASN C 833 -76.53 53.24 63.37
CA ASN C 833 -75.61 54.33 63.09
C ASN C 833 -76.10 55.64 63.68
N VAL C 834 -77.36 55.98 63.43
CA VAL C 834 -77.92 57.22 63.96
C VAL C 834 -77.94 57.18 65.48
N PHE C 835 -78.26 56.02 66.05
CA PHE C 835 -78.28 55.90 67.51
C PHE C 835 -76.89 56.12 68.10
N SER C 836 -75.86 55.58 67.46
CA SER C 836 -74.49 55.79 67.93
C SER C 836 -74.09 57.24 67.79
N MET C 837 -74.48 57.89 66.70
CA MET C 837 -74.12 59.29 66.47
C MET C 837 -74.81 60.25 67.43
N MET C 838 -75.80 59.79 68.19
CA MET C 838 -76.64 60.65 68.99
C MET C 838 -75.86 61.27 70.15
N GLU C 839 -76.42 62.35 70.70
CA GLU C 839 -75.87 63.02 71.87
C GLU C 839 -76.93 63.36 72.91
N ASP C 840 -78.20 63.14 72.62
CA ASP C 840 -79.30 63.38 73.54
C ASP C 840 -80.02 62.08 73.87
N ILE C 841 -79.24 61.03 74.15
CA ILE C 841 -79.79 59.69 74.31
C ILE C 841 -80.74 59.60 75.49
N ASP C 842 -80.62 60.51 76.47
CA ASP C 842 -81.49 60.43 77.65
C ASP C 842 -82.94 60.71 77.28
N ASP C 843 -83.19 61.74 76.48
CA ASP C 843 -84.56 62.07 76.11
C ASP C 843 -85.20 60.96 75.30
N VAL C 844 -84.46 60.38 74.36
CA VAL C 844 -85.05 59.33 73.53
C VAL C 844 -85.18 58.03 74.31
N ILE C 845 -84.34 57.80 75.31
CA ILE C 845 -84.47 56.60 76.14
C ILE C 845 -85.55 56.76 77.20
N SER C 846 -85.98 58.00 77.48
CA SER C 846 -87.07 58.18 78.42
C SER C 846 -88.38 57.57 77.93
N GLU C 847 -88.47 57.24 76.64
CA GLU C 847 -89.66 56.61 76.08
C GLU C 847 -89.41 55.20 75.56
N GLY C 848 -88.21 54.91 75.10
CA GLY C 848 -87.91 53.60 74.55
C GLY C 848 -88.08 53.55 73.05
N PHE C 849 -87.32 52.68 72.40
CA PHE C 849 -87.26 52.69 70.95
C PHE C 849 -86.79 51.33 70.44
N ILE C 850 -86.98 51.14 69.13
CA ILE C 850 -86.61 49.91 68.44
C ILE C 850 -85.34 50.19 67.63
N LEU C 851 -84.24 49.52 68.00
CA LEU C 851 -83.01 49.60 67.24
C LEU C 851 -83.03 48.59 66.10
N TYR C 852 -82.64 49.04 64.92
CA TYR C 852 -82.57 48.16 63.76
C TYR C 852 -81.37 48.56 62.91
N ASP C 853 -81.30 48.01 61.70
CA ASP C 853 -80.21 48.23 60.75
C ASP C 853 -78.89 47.68 61.28
N ALA C 854 -78.96 46.58 62.02
CA ALA C 854 -77.77 45.91 62.53
C ALA C 854 -78.14 44.48 62.88
N TYR C 855 -77.12 43.65 63.05
CA TYR C 855 -77.29 42.25 63.44
C TYR C 855 -76.87 42.12 64.90
N PHE C 856 -77.84 41.96 65.78
CA PHE C 856 -77.61 41.92 67.22
C PHE C 856 -77.41 40.48 67.66
N ASN C 857 -76.19 40.15 68.10
CA ASN C 857 -75.90 38.83 68.62
C ASN C 857 -76.28 38.75 70.09
N PHE C 858 -76.88 37.63 70.48
CA PHE C 858 -77.38 37.46 71.83
C PHE C 858 -77.23 36.01 72.27
N SER C 859 -77.39 35.80 73.58
CA SER C 859 -77.35 34.47 74.15
C SER C 859 -78.22 34.47 75.40
N TYR C 860 -78.62 33.27 75.83
CA TYR C 860 -79.47 33.16 77.00
C TYR C 860 -79.14 31.87 77.74
N ASP C 861 -79.41 31.87 79.05
CA ASP C 861 -79.17 30.72 79.91
C ASP C 861 -80.46 30.45 80.68
N ILE C 862 -81.23 29.47 80.22
CA ILE C 862 -82.51 29.14 80.84
C ILE C 862 -82.21 28.35 82.12
N MET C 863 -82.45 28.97 83.27
CA MET C 863 -82.21 28.34 84.56
C MET C 863 -83.50 27.72 85.07
N THR C 864 -83.38 26.54 85.67
CA THR C 864 -84.56 25.78 86.06
C THR C 864 -85.33 26.45 87.20
N THR C 865 -84.62 27.18 88.06
CA THR C 865 -85.24 27.72 89.26
C THR C 865 -85.98 29.02 88.95
N ASP C 866 -86.51 29.62 90.02
CA ASP C 866 -87.21 30.90 89.94
C ASP C 866 -86.29 32.01 90.43
N GLY C 867 -86.32 33.13 89.73
CA GLY C 867 -85.45 34.24 90.07
C GLY C 867 -85.70 35.42 89.16
N VAL C 868 -84.97 36.49 89.42
CA VAL C 868 -85.11 37.72 88.66
C VAL C 868 -84.43 37.55 87.31
N THR C 869 -85.12 37.95 86.25
CA THR C 869 -84.61 37.83 84.89
C THR C 869 -83.91 39.13 84.52
N ARG C 870 -82.58 39.09 84.41
CA ARG C 870 -81.81 40.29 84.14
C ARG C 870 -80.59 39.92 83.30
N LEU C 871 -80.05 40.93 82.61
CA LEU C 871 -78.92 40.76 81.72
C LEU C 871 -77.62 40.68 82.52
N LYS C 872 -76.62 40.02 81.94
CA LYS C 872 -75.31 39.97 82.56
C LYS C 872 -74.67 41.35 82.63
N GLU C 873 -74.79 42.13 81.57
CA GLU C 873 -74.18 43.44 81.48
C GLU C 873 -75.24 44.51 81.28
N ASP C 874 -74.80 45.75 81.31
CA ASP C 874 -75.68 46.88 81.10
C ASP C 874 -76.14 46.93 79.63
N ILE C 875 -77.28 47.59 79.42
CA ILE C 875 -77.82 47.67 78.07
C ILE C 875 -76.97 48.58 77.19
N LEU C 876 -76.52 49.71 77.75
CA LEU C 876 -75.97 50.79 76.95
C LEU C 876 -74.68 51.32 77.57
N ILE C 877 -73.78 51.79 76.71
CA ILE C 877 -72.53 52.42 77.15
C ILE C 877 -72.36 53.72 76.38
N VAL C 878 -72.14 54.81 77.10
CA VAL C 878 -72.03 56.15 76.51
C VAL C 878 -70.58 56.60 76.61
N THR C 879 -69.97 56.86 75.46
CA THR C 879 -68.62 57.40 75.38
C THR C 879 -68.67 58.72 74.63
N ASP C 880 -67.67 59.57 74.87
CA ASP C 880 -67.62 60.85 74.17
C ASP C 880 -67.48 60.66 72.66
N THR C 881 -66.92 59.52 72.25
CA THR C 881 -66.88 59.20 70.82
C THR C 881 -68.25 58.74 70.32
N GLY C 882 -68.94 57.89 71.07
CA GLY C 882 -70.23 57.41 70.61
C GLY C 882 -70.87 56.51 71.64
N ASN C 883 -72.04 55.99 71.28
CA ASN C 883 -72.84 55.13 72.14
C ASN C 883 -72.89 53.72 71.55
N ASP C 884 -72.74 52.72 72.41
CA ASP C 884 -72.74 51.32 72.00
C ASP C 884 -73.70 50.52 72.86
N ILE C 885 -74.08 49.36 72.33
CA ILE C 885 -74.90 48.40 73.05
C ILE C 885 -74.01 47.24 73.46
N LYS C 886 -73.97 46.95 74.76
CA LYS C 886 -73.10 45.92 75.30
C LYS C 886 -73.63 44.53 74.93
N PRO C 887 -72.79 43.50 75.01
CA PRO C 887 -73.24 42.15 74.67
C PRO C 887 -74.44 41.73 75.51
N ILE C 888 -75.34 41.00 74.89
CA ILE C 888 -76.62 40.63 75.49
C ILE C 888 -76.56 39.17 75.92
N HIS C 889 -76.72 38.93 77.22
CA HIS C 889 -76.79 37.57 77.76
C HIS C 889 -77.90 37.54 78.79
N PHE C 890 -79.02 36.94 78.43
CA PHE C 890 -80.19 36.87 79.30
C PHE C 890 -80.04 35.74 80.30
N TYR C 891 -80.40 36.01 81.55
CA TYR C 891 -80.49 35.00 82.60
C TYR C 891 -81.98 34.74 82.85
N ILE C 892 -82.52 33.73 82.17
CA ILE C 892 -83.96 33.48 82.19
C ILE C 892 -84.29 32.53 83.33
N TYR C 893 -85.27 32.90 84.15
CA TYR C 893 -85.73 32.09 85.26
C TYR C 893 -87.22 31.81 85.09
N PHE C 894 -87.69 30.71 85.67
CA PHE C 894 -89.10 30.40 85.58
C PHE C 894 -89.89 31.16 86.64
N GLU C 895 -91.21 31.11 86.54
CA GLU C 895 -92.09 32.01 87.28
C GLU C 895 -92.97 31.26 88.27
N ASN C 896 -92.96 31.73 89.50
CA ASN C 896 -93.98 31.38 90.50
C ASN C 896 -94.78 32.65 90.79
N ARG C 897 -96.10 32.58 90.57
CA ARG C 897 -96.90 33.80 90.62
C ARG C 897 -96.92 34.42 92.01
N ASN C 898 -97.06 33.59 93.05
CA ASN C 898 -97.21 34.09 94.42
C ASN C 898 -95.83 34.17 95.08
N ASP C 899 -95.09 35.22 94.76
CA ASP C 899 -93.79 35.47 95.37
C ASP C 899 -93.59 36.98 95.44
N LYS C 900 -93.91 37.56 96.60
CA LYS C 900 -93.85 39.00 96.73
C LYS C 900 -92.41 39.51 96.61
N LYS C 901 -91.45 38.75 97.12
CA LYS C 901 -90.06 39.17 97.03
C LYS C 901 -89.61 39.34 95.58
N LEU C 902 -89.85 38.31 94.77
CA LEU C 902 -89.41 38.36 93.38
C LEU C 902 -90.18 39.41 92.59
N ARG C 903 -91.48 39.52 92.85
CA ARG C 903 -92.29 40.52 92.14
C ARG C 903 -91.79 41.92 92.45
N TYR C 904 -91.53 42.20 93.73
CA TYR C 904 -91.02 43.52 94.11
C TYR C 904 -89.64 43.77 93.52
N GLU C 905 -88.77 42.77 93.53
CA GLU C 905 -87.45 42.94 92.95
C GLU C 905 -87.53 43.26 91.46
N SER C 906 -88.40 42.54 90.74
CA SER C 906 -88.56 42.82 89.31
C SER C 906 -89.15 44.20 89.08
N LYS C 907 -90.12 44.60 89.90
CA LYS C 907 -90.78 45.89 89.69
C LYS C 907 -89.86 47.06 90.00
N MET C 908 -89.02 46.95 91.03
CA MET C 908 -88.30 48.10 91.55
C MET C 908 -86.82 48.11 91.18
N ASN C 909 -86.14 46.97 91.20
CA ASN C 909 -84.69 46.97 90.98
C ASN C 909 -84.37 47.25 89.52
N VAL C 910 -85.07 46.60 88.59
CA VAL C 910 -84.81 46.77 87.17
C VAL C 910 -85.58 47.98 86.67
N SER C 911 -84.89 48.88 85.97
CA SER C 911 -85.49 50.10 85.47
C SER C 911 -85.74 50.10 83.98
N TYR C 912 -84.98 49.32 83.20
CA TYR C 912 -85.15 49.26 81.76
C TYR C 912 -85.04 47.81 81.30
N ARG C 913 -85.75 47.48 80.22
CA ARG C 913 -85.78 46.11 79.72
C ARG C 913 -85.54 46.10 78.22
N LEU C 914 -84.92 45.00 77.78
CA LEU C 914 -84.58 44.76 76.38
C LEU C 914 -85.39 43.58 75.87
N TYR C 915 -86.07 43.78 74.75
CA TYR C 915 -86.96 42.78 74.17
C TYR C 915 -86.47 42.41 72.78
N ILE C 916 -86.43 41.10 72.51
CA ILE C 916 -86.11 40.58 71.19
C ILE C 916 -87.23 39.64 70.77
N LYS C 917 -87.30 39.37 69.48
CA LYS C 917 -88.29 38.43 68.97
C LYS C 917 -88.01 37.03 69.51
N THR C 918 -89.08 36.27 69.70
CA THR C 918 -88.93 34.95 70.31
C THR C 918 -88.10 34.03 69.42
N PRO C 919 -87.10 33.35 69.97
CA PRO C 919 -86.34 32.39 69.16
C PRO C 919 -87.23 31.27 68.65
N ALA C 920 -86.96 30.84 67.42
CA ALA C 920 -87.72 29.75 66.81
C ALA C 920 -87.26 28.38 67.27
N CYS C 921 -86.09 28.28 67.90
CA CYS C 921 -85.64 27.00 68.45
C CYS C 921 -86.37 26.63 69.72
N LEU C 922 -86.98 27.60 70.40
CA LEU C 922 -87.74 27.33 71.62
C LEU C 922 -89.11 26.79 71.24
N LEU C 923 -89.54 25.73 71.93
CA LEU C 923 -90.79 25.06 71.60
C LEU C 923 -91.37 24.40 72.85
N PRO C 924 -92.65 24.65 73.15
CA PRO C 924 -93.23 24.09 74.38
C PRO C 924 -93.34 22.57 74.32
N LEU C 925 -93.36 21.96 75.52
CA LEU C 925 -93.49 20.51 75.58
C LEU C 925 -94.88 20.06 75.14
N SER C 926 -95.89 20.90 75.35
CA SER C 926 -97.25 20.50 75.03
C SER C 926 -97.43 20.18 73.55
N ASP C 927 -96.86 21.01 72.67
CA ASP C 927 -96.91 20.75 71.24
C ASP C 927 -95.65 20.05 70.74
N TYR C 928 -95.37 18.88 71.33
CA TYR C 928 -94.22 18.09 70.94
C TYR C 928 -94.43 17.34 69.65
N MET C 929 -95.68 17.13 69.23
CA MET C 929 -95.95 16.38 68.01
C MET C 929 -95.38 17.06 66.77
N ARG C 930 -95.08 18.36 66.86
CA ARG C 930 -94.48 19.05 65.73
C ARG C 930 -93.02 18.69 65.54
N ALA C 931 -92.40 18.08 66.54
CA ALA C 931 -91.02 17.63 66.43
C ALA C 931 -90.89 16.30 65.70
N GLN C 932 -92.01 15.62 65.43
CA GLN C 932 -91.94 14.35 64.72
C GLN C 932 -91.53 14.58 63.28
N HIS C 933 -90.52 13.85 62.82
CA HIS C 933 -89.99 14.02 61.48
C HIS C 933 -89.52 12.66 60.96
N ASP C 934 -89.52 12.52 59.64
CA ASP C 934 -89.23 11.25 58.99
C ASP C 934 -87.92 11.31 58.22
N TYR C 935 -87.16 10.22 58.29
CA TYR C 935 -85.91 10.06 57.56
C TYR C 935 -85.94 8.74 56.82
N VAL C 936 -85.57 8.75 55.55
CA VAL C 936 -85.60 7.55 54.71
C VAL C 936 -84.17 7.07 54.48
N SER C 937 -83.96 5.78 54.67
CA SER C 937 -82.66 5.16 54.45
C SER C 937 -82.77 4.08 53.37
N PRO C 938 -81.82 4.01 52.45
CA PRO C 938 -81.92 3.06 51.35
C PRO C 938 -81.80 1.63 51.84
N SER C 939 -82.18 0.70 50.95
CA SER C 939 -82.23 -0.71 51.30
C SER C 939 -80.85 -1.24 51.69
N SER C 940 -80.82 -2.13 52.67
CA SER C 940 -79.59 -2.75 53.12
C SER C 940 -79.06 -3.79 52.16
N SER C 941 -79.84 -4.16 51.14
CA SER C 941 -79.40 -5.15 50.17
C SER C 941 -78.48 -4.57 49.10
N ARG C 942 -78.26 -3.26 49.10
CA ARG C 942 -77.40 -2.64 48.11
C ARG C 942 -75.93 -2.90 48.44
N VAL C 943 -75.17 -3.31 47.42
CA VAL C 943 -73.74 -3.56 47.54
C VAL C 943 -73.01 -2.50 46.73
N TYR C 944 -71.95 -1.94 47.30
CA TYR C 944 -71.26 -0.78 46.75
C TYR C 944 -69.93 -1.21 46.13
N ILE C 945 -69.69 -0.80 44.90
CA ILE C 945 -68.48 -1.15 44.17
C ILE C 945 -67.47 -0.02 44.33
N LYS C 946 -66.32 -0.32 44.91
CA LYS C 946 -65.28 0.69 45.07
C LYS C 946 -64.55 0.96 43.76
N ASP C 947 -64.30 -0.08 42.97
CA ASP C 947 -63.57 0.04 41.71
C ASP C 947 -64.51 -0.32 40.57
N PRO C 948 -65.14 0.64 39.92
CA PRO C 948 -66.13 0.33 38.89
C PRO C 948 -65.52 0.07 37.53
N ALA C 949 -64.21 -0.17 37.48
CA ALA C 949 -63.57 -0.50 36.21
C ALA C 949 -64.20 -1.75 35.62
N VAL C 950 -64.38 -1.75 34.31
CA VAL C 950 -65.13 -2.80 33.63
C VAL C 950 -64.21 -3.68 32.79
N VAL C 951 -62.91 -3.66 33.05
CA VAL C 951 -61.95 -4.33 32.17
C VAL C 951 -60.66 -4.54 32.93
N TYR C 952 -59.87 -5.52 32.49
CA TYR C 952 -58.63 -5.93 33.15
C TYR C 952 -57.46 -5.69 32.21
N THR C 953 -56.30 -5.40 32.78
CA THR C 953 -55.11 -5.25 31.94
C THR C 953 -54.73 -6.60 31.35
N ARG C 954 -54.13 -6.56 30.15
CA ARG C 954 -53.90 -7.79 29.41
C ARG C 954 -52.94 -8.73 30.15
N SER C 955 -51.91 -8.17 30.77
CA SER C 955 -50.95 -8.99 31.50
C SER C 955 -50.48 -8.30 32.76
N VAL D 20 -65.65 -122.73 71.01
CA VAL D 20 -66.26 -122.51 69.71
C VAL D 20 -65.34 -121.65 68.84
N GLN D 21 -65.77 -121.43 67.60
CA GLN D 21 -64.98 -120.71 66.61
C GLN D 21 -65.73 -119.46 66.17
N THR D 22 -65.07 -118.31 66.24
CA THR D 22 -65.70 -117.06 65.85
C THR D 22 -65.89 -116.99 64.34
N GLN D 23 -66.99 -116.38 63.92
CA GLN D 23 -67.27 -116.22 62.50
C GLN D 23 -66.34 -115.17 61.89
N ASP D 24 -66.15 -115.28 60.58
CA ASP D 24 -65.25 -114.37 59.87
C ASP D 24 -65.75 -112.93 59.94
N PHE D 25 -67.04 -112.72 59.71
CA PHE D 25 -67.63 -111.40 59.79
C PHE D 25 -69.02 -111.51 60.41
N LYS D 26 -69.47 -110.40 61.00
CA LYS D 26 -70.79 -110.34 61.60
C LYS D 26 -71.83 -109.97 60.55
N THR D 27 -73.02 -110.55 60.70
CA THR D 27 -74.11 -110.39 59.75
C THR D 27 -75.37 -109.96 60.47
N ALA D 28 -76.27 -109.31 59.73
CA ALA D 28 -77.51 -108.84 60.32
C ALA D 28 -78.36 -110.00 60.82
N VAL D 29 -78.35 -111.12 60.11
CA VAL D 29 -79.22 -112.24 60.47
C VAL D 29 -78.58 -113.07 61.58
N GLN D 30 -77.26 -113.21 61.58
CA GLN D 30 -76.55 -113.95 62.62
C GLN D 30 -75.34 -113.17 63.10
N PRO D 31 -75.52 -112.29 64.08
CA PRO D 31 -74.37 -111.61 64.67
C PRO D 31 -73.62 -112.52 65.63
N ASP D 32 -72.35 -112.20 65.84
CA ASP D 32 -71.52 -112.94 66.79
C ASP D 32 -71.70 -112.32 68.18
N THR D 33 -72.42 -113.01 69.05
CA THR D 33 -72.65 -112.56 70.41
C THR D 33 -72.19 -113.61 71.40
N ASN D 34 -71.89 -113.16 72.61
CA ASN D 34 -71.38 -114.08 73.64
C ASN D 34 -72.43 -115.11 74.03
N THR D 35 -73.68 -114.70 74.15
CA THR D 35 -74.74 -115.65 74.50
C THR D 35 -74.93 -116.67 73.38
N ALA D 36 -74.77 -116.25 72.13
CA ALA D 36 -74.86 -117.20 71.02
C ALA D 36 -73.80 -118.28 71.13
N GLN D 37 -72.57 -117.88 71.46
CA GLN D 37 -71.49 -118.86 71.60
C GLN D 37 -71.70 -119.75 72.82
N LEU D 38 -72.24 -119.19 73.91
CA LEU D 38 -72.56 -120.00 75.07
C LEU D 38 -73.60 -121.06 74.72
N ILE D 39 -74.62 -120.69 73.95
CA ILE D 39 -75.60 -121.67 73.51
C ILE D 39 -74.95 -122.69 72.59
N LYS D 40 -74.08 -122.23 71.69
CA LYS D 40 -73.42 -123.14 70.74
C LYS D 40 -72.50 -124.13 71.43
N THR D 41 -72.03 -123.81 72.64
CA THR D 41 -71.14 -124.74 73.34
C THR D 41 -71.80 -126.11 73.53
N TYR D 42 -73.13 -126.15 73.55
CA TYR D 42 -73.85 -127.41 73.65
C TYR D 42 -74.78 -127.70 72.48
N SER D 43 -75.32 -126.66 71.83
CA SER D 43 -76.20 -126.89 70.69
C SER D 43 -75.41 -127.32 69.45
N ASN D 44 -74.27 -126.67 69.21
CA ASN D 44 -73.49 -126.96 68.01
C ASN D 44 -72.04 -126.55 68.20
N PRO D 45 -71.23 -127.37 68.89
CA PRO D 45 -69.85 -126.94 69.17
C PRO D 45 -68.94 -127.01 67.95
N LYS D 46 -69.02 -128.08 67.16
CA LYS D 46 -68.14 -128.27 66.01
C LYS D 46 -68.69 -127.54 64.80
N GLN D 47 -68.71 -126.21 64.90
CA GLN D 47 -69.13 -125.36 63.80
C GLN D 47 -67.95 -124.53 63.32
N ARG D 48 -67.86 -124.34 62.02
CA ARG D 48 -66.72 -123.67 61.39
C ARG D 48 -67.11 -122.25 61.04
N GLY D 49 -66.31 -121.29 61.48
CA GLY D 49 -66.60 -119.90 61.22
C GLY D 49 -66.24 -119.40 59.84
N ASP D 50 -65.70 -120.27 58.99
CA ASP D 50 -65.34 -119.86 57.64
C ASP D 50 -66.59 -119.53 56.83
N LYS D 51 -66.49 -118.48 56.01
CA LYS D 51 -67.57 -118.07 55.15
C LYS D 51 -67.20 -118.08 53.67
N GLY D 52 -65.99 -118.51 53.33
CA GLY D 52 -65.55 -118.52 51.95
C GLY D 52 -64.86 -117.25 51.55
N GLU D 53 -64.40 -117.22 50.30
CA GLU D 53 -63.71 -116.05 49.77
C GLU D 53 -64.68 -114.89 49.59
N ILE D 54 -64.20 -113.69 49.88
CA ILE D 54 -65.03 -112.49 49.82
C ILE D 54 -64.98 -111.96 48.39
N ILE D 55 -66.03 -112.27 47.62
CA ILE D 55 -66.10 -111.78 46.25
C ILE D 55 -66.35 -110.28 46.21
N TYR D 56 -67.28 -109.79 47.05
CA TYR D 56 -67.65 -108.38 47.06
C TYR D 56 -67.83 -107.91 48.48
N ASP D 57 -67.10 -106.85 48.85
CA ASP D 57 -67.25 -106.21 50.17
C ASP D 57 -67.04 -104.71 49.97
N GLY D 58 -68.13 -104.00 49.76
CA GLY D 58 -68.04 -102.55 49.63
C GLY D 58 -67.13 -102.13 48.50
N GLY D 59 -66.24 -101.19 48.79
CA GLY D 59 -65.32 -100.62 47.84
C GLY D 59 -65.41 -99.12 47.85
N LEU D 60 -64.69 -98.49 46.93
CA LEU D 60 -64.73 -97.04 46.82
C LEU D 60 -65.95 -96.63 46.00
N SER D 61 -66.76 -95.73 46.57
CA SER D 61 -67.99 -95.27 45.94
C SER D 61 -67.78 -93.87 45.39
N SER D 62 -68.20 -93.66 44.15
CA SER D 62 -68.13 -92.35 43.52
C SER D 62 -69.42 -91.59 43.81
N LYS D 63 -69.30 -90.43 44.44
CA LYS D 63 -70.43 -89.60 44.79
C LYS D 63 -70.62 -88.52 43.73
N LEU D 64 -71.88 -88.27 43.37
CA LEU D 64 -72.19 -87.39 42.25
C LEU D 64 -71.83 -85.95 42.55
N ALA D 65 -72.25 -85.44 43.71
CA ALA D 65 -72.20 -84.02 44.00
C ALA D 65 -71.21 -83.73 45.12
N ASP D 66 -70.32 -82.78 44.87
CA ASP D 66 -69.39 -82.29 45.89
C ASP D 66 -69.96 -80.98 46.44
N VAL D 67 -70.98 -81.13 47.29
CA VAL D 67 -71.67 -79.97 47.83
C VAL D 67 -70.77 -79.25 48.83
N VAL D 68 -70.69 -77.93 48.70
CA VAL D 68 -69.86 -77.10 49.58
C VAL D 68 -70.77 -76.35 50.54
N ASP D 69 -70.47 -76.47 51.84
CA ASP D 69 -71.29 -75.81 52.85
C ASP D 69 -71.00 -74.31 52.95
N LYS D 70 -69.74 -73.91 52.77
CA LYS D 70 -69.37 -72.52 52.93
C LYS D 70 -70.01 -71.65 51.86
N THR D 71 -70.44 -70.46 52.24
CA THR D 71 -70.95 -69.50 51.28
C THR D 71 -69.80 -69.00 50.41
N THR D 72 -69.99 -69.03 49.10
CA THR D 72 -68.94 -68.72 48.14
C THR D 72 -69.21 -67.38 47.48
N GLU D 73 -68.14 -66.59 47.31
CA GLU D 73 -68.22 -65.38 46.52
C GLU D 73 -68.51 -65.76 45.07
N PRO D 74 -69.23 -64.92 44.33
CA PRO D 74 -69.57 -65.27 42.95
C PRO D 74 -68.33 -65.48 42.10
N HIS D 75 -68.39 -66.49 41.24
CA HIS D 75 -67.25 -66.88 40.42
C HIS D 75 -67.75 -67.37 39.08
N ASN D 76 -66.88 -67.31 38.08
CA ASN D 76 -67.20 -67.81 36.75
C ASN D 76 -66.97 -69.32 36.72
N ALA D 77 -67.00 -69.91 35.53
CA ALA D 77 -66.88 -71.36 35.40
C ALA D 77 -65.42 -71.77 35.30
N ASP D 78 -65.00 -72.67 36.18
CA ASP D 78 -63.66 -73.25 36.14
C ASP D 78 -63.78 -74.75 36.34
N GLY D 79 -63.00 -75.51 35.59
CA GLY D 79 -63.05 -76.96 35.66
C GLY D 79 -63.01 -77.59 34.28
N ALA D 80 -63.96 -78.49 34.01
CA ALA D 80 -64.08 -79.04 32.66
C ALA D 80 -64.42 -77.95 31.66
N VAL D 81 -65.09 -76.90 32.10
CA VAL D 81 -65.39 -75.74 31.29
C VAL D 81 -64.70 -74.53 31.91
N LYS D 82 -63.84 -73.88 31.13
CA LYS D 82 -63.13 -72.69 31.58
C LYS D 82 -63.67 -71.48 30.85
N ASP D 83 -64.00 -70.44 31.60
CA ASP D 83 -64.57 -69.22 31.03
C ASP D 83 -63.44 -68.23 30.78
N GLY D 84 -63.30 -67.80 29.52
CA GLY D 84 -62.25 -66.88 29.16
C GLY D 84 -62.58 -65.41 29.38
N ARG D 85 -63.80 -65.10 29.77
CA ARG D 85 -64.19 -63.71 29.99
C ARG D 85 -63.63 -63.21 31.32
N ILE D 86 -63.75 -61.91 31.53
CA ILE D 86 -63.27 -61.29 32.76
C ILE D 86 -64.11 -61.77 33.94
N ALA D 87 -63.45 -61.97 35.09
CA ALA D 87 -64.14 -62.40 36.28
C ALA D 87 -65.12 -61.33 36.74
N PRO D 88 -66.15 -61.71 37.50
CA PRO D 88 -67.17 -60.73 37.90
C PRO D 88 -66.56 -59.54 38.62
N VAL D 89 -67.10 -58.36 38.33
CA VAL D 89 -66.54 -57.10 38.81
C VAL D 89 -67.28 -56.72 40.08
N LYS D 90 -66.59 -56.83 41.22
CA LYS D 90 -67.16 -56.38 42.48
C LYS D 90 -67.29 -54.87 42.49
N LEU D 91 -68.49 -54.37 42.77
CA LEU D 91 -68.76 -52.96 42.82
C LEU D 91 -69.22 -52.58 44.22
N ASP D 92 -68.52 -51.64 44.84
CA ASP D 92 -68.81 -51.24 46.22
C ASP D 92 -69.75 -50.03 46.17
N LEU D 93 -71.03 -50.31 46.02
CA LEU D 93 -72.04 -49.27 45.97
C LEU D 93 -73.20 -49.66 46.88
N GLU D 94 -74.25 -48.83 46.87
CA GLU D 94 -75.30 -48.84 47.89
C GLU D 94 -74.75 -48.51 49.27
N LYS D 95 -74.01 -47.42 49.38
CA LYS D 95 -73.49 -46.99 50.67
C LYS D 95 -74.63 -46.39 51.50
N GLN D 96 -74.77 -46.86 52.73
CA GLN D 96 -75.81 -46.33 53.61
C GLN D 96 -75.46 -44.92 54.06
N LYS D 97 -74.18 -44.59 54.13
CA LYS D 97 -73.73 -43.27 54.55
C LYS D 97 -72.81 -42.69 53.49
N LEU D 98 -72.79 -41.36 53.40
CA LEU D 98 -72.01 -40.67 52.40
C LEU D 98 -70.52 -40.78 52.71
N ASP D 99 -69.72 -40.90 51.67
CA ASP D 99 -68.26 -40.99 51.80
C ASP D 99 -67.64 -40.70 50.45
N LYS D 100 -66.78 -39.68 50.38
CA LYS D 100 -66.03 -39.22 49.22
C LYS D 100 -66.91 -38.34 48.30
N LEU D 101 -68.21 -38.26 48.54
CA LEU D 101 -69.08 -37.39 47.74
C LEU D 101 -69.10 -36.01 48.38
N LYS D 102 -68.28 -35.10 47.85
CA LYS D 102 -68.26 -33.71 48.28
C LYS D 102 -68.53 -32.82 47.08
N LEU D 103 -69.44 -31.87 47.23
CA LEU D 103 -69.79 -31.00 46.11
C LEU D 103 -68.65 -30.06 45.76
N PHE D 104 -67.96 -29.52 46.77
CA PHE D 104 -66.93 -28.53 46.55
C PHE D 104 -65.63 -28.94 47.23
N GLU D 105 -64.51 -28.72 46.55
CA GLU D 105 -63.21 -28.92 47.17
C GLU D 105 -63.02 -27.96 48.33
N THR D 106 -63.24 -26.67 48.10
CA THR D 106 -63.30 -25.65 49.14
C THR D 106 -64.63 -24.95 49.02
N SER D 107 -65.34 -24.82 50.13
CA SER D 107 -66.66 -24.21 50.09
C SER D 107 -66.56 -22.76 49.63
N PRO D 108 -67.52 -22.28 48.83
CA PRO D 108 -67.48 -20.86 48.44
C PRO D 108 -67.49 -19.92 49.62
N PHE D 109 -68.22 -20.27 50.68
CA PHE D 109 -68.27 -19.49 51.91
C PHE D 109 -69.02 -20.32 52.94
N ASP D 110 -68.81 -19.98 54.21
CA ASP D 110 -69.58 -20.57 55.29
C ASP D 110 -70.84 -19.74 55.48
N PRO D 111 -72.03 -20.33 55.34
CA PRO D 111 -73.25 -19.52 55.41
C PRO D 111 -73.45 -18.81 56.74
N LEU D 112 -72.88 -19.35 57.83
CA LEU D 112 -73.13 -18.77 59.14
C LEU D 112 -72.33 -17.50 59.39
N THR D 113 -71.23 -17.31 58.67
CA THR D 113 -70.35 -16.16 58.95
C THR D 113 -70.92 -14.85 58.42
N ILE D 114 -71.66 -14.89 57.32
CA ILE D 114 -72.09 -13.68 56.66
C ILE D 114 -73.29 -13.08 57.40
N LYS D 115 -73.41 -11.76 57.33
CA LYS D 115 -74.55 -11.05 57.90
C LYS D 115 -75.24 -10.11 56.92
N ASN D 116 -74.61 -9.78 55.79
CA ASN D 116 -75.24 -8.93 54.78
C ASN D 116 -74.59 -9.27 53.43
N ASN D 117 -75.07 -8.60 52.38
CA ASN D 117 -74.62 -8.92 51.03
C ASN D 117 -73.16 -8.56 50.81
N GLN D 118 -72.69 -7.48 51.44
CA GLN D 118 -71.28 -7.12 51.32
C GLN D 118 -70.38 -8.24 51.83
N ASP D 119 -70.78 -8.88 52.93
CA ASP D 119 -69.97 -9.96 53.48
C ASP D 119 -69.85 -11.13 52.51
N VAL D 120 -70.96 -11.51 51.87
CA VAL D 120 -70.91 -12.63 50.93
C VAL D 120 -70.14 -12.25 49.67
N VAL D 121 -70.24 -10.99 49.24
CA VAL D 121 -69.45 -10.57 48.09
C VAL D 121 -67.96 -10.64 48.41
N ASP D 122 -67.57 -10.18 49.60
CA ASP D 122 -66.16 -10.25 50.00
C ASP D 122 -65.70 -11.69 50.14
N LYS D 123 -66.55 -12.56 50.69
CA LYS D 123 -66.17 -13.96 50.82
C LYS D 123 -65.98 -14.61 49.46
N LEU D 124 -66.86 -14.29 48.51
CA LEU D 124 -66.67 -14.80 47.14
C LEU D 124 -65.37 -14.28 46.54
N TYR D 125 -65.06 -13.01 46.74
CA TYR D 125 -63.83 -12.45 46.19
C TYR D 125 -62.60 -13.08 46.84
N ALA D 126 -62.71 -13.50 48.10
CA ALA D 126 -61.59 -14.16 48.75
C ALA D 126 -61.43 -15.60 48.29
N THR D 127 -62.54 -16.30 48.06
CA THR D 127 -62.52 -17.73 47.77
C THR D 127 -62.45 -18.03 46.26
N GLN D 128 -62.56 -17.01 45.41
CA GLN D 128 -62.58 -17.25 43.97
C GLN D 128 -61.29 -17.89 43.45
N SER D 129 -60.20 -17.81 44.20
CA SER D 129 -58.95 -18.39 43.72
C SER D 129 -58.99 -19.90 43.71
N SER D 130 -59.90 -20.52 44.46
CA SER D 130 -60.00 -21.96 44.56
C SER D 130 -60.98 -22.56 43.55
N SER D 131 -61.46 -21.77 42.60
CA SER D 131 -62.44 -22.22 41.62
C SER D 131 -61.94 -21.92 40.22
N ILE D 132 -62.53 -22.59 39.23
CA ILE D 132 -62.22 -22.30 37.84
C ILE D 132 -62.83 -20.96 37.48
N GLN D 133 -61.99 -20.03 37.04
CA GLN D 133 -62.41 -18.66 36.79
C GLN D 133 -62.47 -18.39 35.29
N GLU D 134 -63.55 -17.74 34.86
CA GLU D 134 -63.67 -17.38 33.45
C GLU D 134 -62.57 -16.41 33.05
N VAL D 135 -62.32 -15.40 33.88
CA VAL D 135 -61.25 -14.43 33.65
C VAL D 135 -60.43 -14.36 34.93
N VAL D 136 -59.17 -14.75 34.86
CA VAL D 136 -58.29 -14.67 36.03
C VAL D 136 -58.03 -13.21 36.37
N PRO D 137 -58.27 -12.78 37.60
CA PRO D 137 -58.14 -11.36 37.93
C PRO D 137 -56.70 -10.86 37.81
N THR D 138 -56.58 -9.60 37.48
CA THR D 138 -55.30 -8.89 37.45
C THR D 138 -55.59 -7.43 37.77
N LYS D 139 -54.66 -6.53 37.46
CA LYS D 139 -54.89 -5.11 37.69
C LYS D 139 -56.07 -4.62 36.87
N THR D 140 -56.90 -3.78 37.48
CA THR D 140 -58.02 -3.19 36.76
C THR D 140 -57.59 -1.92 36.03
N PHE D 141 -58.18 -1.70 34.87
CA PHE D 141 -57.83 -0.58 34.00
C PHE D 141 -59.00 0.39 33.93
N ALA D 142 -58.73 1.66 34.22
CA ALA D 142 -59.77 2.69 34.27
C ALA D 142 -59.76 3.50 32.98
N THR D 143 -60.96 3.85 32.53
CA THR D 143 -61.12 4.64 31.31
C THR D 143 -61.83 5.97 31.51
N GLU D 144 -62.62 6.10 32.58
CA GLU D 144 -63.29 7.35 32.91
C GLU D 144 -63.18 7.58 34.41
N LEU D 145 -62.76 8.77 34.81
CA LEU D 145 -62.57 9.09 36.22
C LEU D 145 -62.66 10.59 36.42
N GLN D 146 -63.53 11.03 37.30
CA GLN D 146 -63.72 12.45 37.59
C GLN D 146 -63.76 12.68 39.09
N PHE D 147 -63.24 13.83 39.52
CA PHE D 147 -63.25 14.24 40.91
C PHE D 147 -64.18 15.44 41.07
N GLY D 148 -65.14 15.31 41.99
CA GLY D 148 -65.98 16.44 42.33
C GLY D 148 -65.31 17.37 43.32
N VAL D 149 -65.83 18.60 43.39
CA VAL D 149 -65.29 19.58 44.33
C VAL D 149 -65.71 19.19 45.74
N THR D 150 -64.85 19.52 46.71
CA THR D 150 -65.03 19.12 48.09
C THR D 150 -65.44 20.32 48.94
N SER D 151 -65.79 20.02 50.20
CA SER D 151 -66.17 21.09 51.12
C SER D 151 -64.97 21.93 51.54
N GLU D 152 -63.77 21.34 51.51
CA GLU D 152 -62.57 22.11 51.85
C GLU D 152 -62.33 23.22 50.84
N ASP D 153 -62.54 22.93 49.55
CA ASP D 153 -62.40 23.97 48.53
C ASP D 153 -63.43 25.06 48.70
N MET D 154 -64.66 24.68 49.06
CA MET D 154 -65.69 25.68 49.33
C MET D 154 -65.30 26.55 50.51
N ALA D 155 -64.70 25.95 51.55
CA ALA D 155 -64.25 26.73 52.70
C ALA D 155 -63.16 27.71 52.31
N LYS D 156 -62.21 27.27 51.48
CA LYS D 156 -61.14 28.16 51.04
C LYS D 156 -61.69 29.32 50.23
N ILE D 157 -62.61 29.01 49.29
CA ILE D 157 -63.20 30.06 48.46
C ILE D 157 -63.96 31.06 49.31
N TYR D 158 -64.73 30.55 50.27
CA TYR D 158 -65.54 31.44 51.11
C TYR D 158 -64.67 32.30 52.00
N GLY D 159 -63.56 31.75 52.50
CA GLY D 159 -62.64 32.56 53.28
C GLY D 159 -62.02 33.68 52.46
N ALA D 160 -61.63 33.37 51.22
CA ALA D 160 -61.07 34.41 50.35
C ALA D 160 -62.10 35.50 50.06
N VAL D 161 -63.35 35.10 49.78
CA VAL D 161 -64.40 36.07 49.51
C VAL D 161 -64.67 36.92 50.76
N ALA D 162 -64.66 36.29 51.94
CA ALA D 162 -64.88 37.04 53.17
C ALA D 162 -63.79 38.06 53.41
N ALA D 163 -62.53 37.69 53.13
CA ALA D 163 -61.44 38.65 53.29
C ALA D 163 -61.61 39.83 52.33
N VAL D 164 -61.94 39.53 51.07
CA VAL D 164 -62.15 40.59 50.08
C VAL D 164 -63.27 41.52 50.53
N SER D 165 -64.36 40.94 51.05
CA SER D 165 -65.48 41.76 51.50
C SER D 165 -65.11 42.60 52.71
N LYS D 166 -64.30 42.05 53.62
CA LYS D 166 -63.88 42.78 54.81
C LYS D 166 -62.83 43.84 54.53
N ASN D 167 -62.23 43.86 53.33
CA ASN D 167 -61.19 44.84 53.04
C ASN D 167 -61.69 46.29 53.04
N VAL D 168 -63.00 46.53 53.03
CA VAL D 168 -63.53 47.90 52.96
C VAL D 168 -63.25 48.62 54.28
N ASN D 169 -62.98 49.92 54.20
CA ASN D 169 -62.64 50.72 55.37
C ASN D 169 -63.81 51.60 55.79
N SER D 170 -63.86 51.90 57.10
CA SER D 170 -64.99 52.61 57.67
C SER D 170 -64.85 54.13 57.50
N SER D 171 -63.82 54.71 58.13
CA SER D 171 -63.67 56.16 58.13
C SER D 171 -62.25 56.51 58.54
N VAL D 172 -61.99 57.81 58.69
CA VAL D 172 -60.66 58.33 58.97
C VAL D 172 -60.77 59.44 60.01
N THR D 173 -59.85 59.44 60.97
CA THR D 173 -59.85 60.42 62.04
C THR D 173 -58.54 61.22 62.03
N TYR D 174 -58.63 62.50 62.38
CA TYR D 174 -57.47 63.37 62.37
C TYR D 174 -57.74 64.59 63.24
N GLU D 175 -56.65 65.29 63.58
CA GLU D 175 -56.69 66.46 64.43
C GLU D 175 -56.52 67.72 63.59
N VAL D 176 -57.30 68.75 63.92
CA VAL D 176 -57.24 70.04 63.23
C VAL D 176 -56.53 71.02 64.16
N LYS D 177 -55.30 71.40 63.80
CA LYS D 177 -54.51 72.28 64.66
C LYS D 177 -53.76 73.38 63.91
N ARG D 178 -53.85 73.43 62.58
CA ARG D 178 -53.09 74.42 61.83
C ARG D 178 -53.63 75.82 62.11
N GLY D 179 -52.72 76.78 62.27
CA GLY D 179 -53.07 78.16 62.51
C GLY D 179 -53.24 78.54 63.96
N THR D 180 -53.21 77.59 64.88
CA THR D 180 -53.38 77.87 66.30
C THR D 180 -52.02 77.92 66.98
N HIS D 181 -51.69 79.06 67.55
CA HIS D 181 -50.44 79.26 68.28
C HIS D 181 -50.71 79.37 69.77
N GLU D 182 -49.66 79.19 70.55
CA GLU D 182 -49.75 79.40 71.99
C GLU D 182 -49.62 80.88 72.32
N LEU D 183 -49.86 81.20 73.58
CA LEU D 183 -49.88 82.59 74.04
C LEU D 183 -48.97 82.76 75.24
N ILE D 184 -48.50 83.99 75.43
CA ILE D 184 -47.71 84.35 76.59
C ILE D 184 -48.43 85.47 77.34
N LYS D 185 -48.01 85.70 78.57
CA LYS D 185 -48.61 86.71 79.45
C LYS D 185 -47.55 87.72 79.83
N VAL D 186 -47.69 88.95 79.37
CA VAL D 186 -46.76 90.01 79.72
C VAL D 186 -47.04 90.43 81.16
N PRO D 187 -46.06 90.33 82.06
CA PRO D 187 -46.35 90.61 83.47
C PRO D 187 -46.52 92.08 83.78
N THR D 188 -45.67 92.95 83.22
CA THR D 188 -45.62 94.34 83.61
C THR D 188 -45.81 95.25 82.39
N ILE D 189 -46.52 96.34 82.60
CA ILE D 189 -46.75 97.32 81.53
C ILE D 189 -45.47 98.11 81.30
N PRO D 190 -44.97 98.21 80.06
CA PRO D 190 -43.69 98.88 79.80
C PRO D 190 -43.77 100.40 79.71
N HIS D 191 -43.87 101.03 80.87
CA HIS D 191 -43.78 102.48 80.93
C HIS D 191 -42.34 102.93 80.70
N ASN D 192 -42.18 104.09 80.08
CA ASN D 192 -40.86 104.61 79.73
C ASN D 192 -40.61 106.00 80.29
N LEU D 193 -41.30 106.37 81.37
CA LEU D 193 -41.20 107.70 81.93
C LEU D 193 -40.06 107.76 82.95
N VAL D 194 -39.30 108.86 82.92
CA VAL D 194 -38.24 109.13 83.87
C VAL D 194 -38.38 110.56 84.35
N LEU D 195 -38.35 110.75 85.67
CA LEU D 195 -38.46 112.08 86.27
C LEU D 195 -37.06 112.64 86.49
N ILE D 196 -36.81 113.82 85.94
CA ILE D 196 -35.53 114.49 86.07
C ILE D 196 -35.75 115.79 86.83
N GLN D 197 -35.04 115.95 87.95
CA GLN D 197 -35.23 117.09 88.83
C GLN D 197 -33.89 117.76 89.11
N SER D 198 -33.94 119.08 89.28
CA SER D 198 -32.76 119.83 89.67
C SER D 198 -32.39 119.52 91.11
N ASP D 199 -31.15 119.83 91.47
CA ASP D 199 -30.68 119.54 92.82
C ASP D 199 -31.45 120.35 93.86
N ASN D 200 -31.68 121.64 93.60
CA ASN D 200 -32.41 122.48 94.53
C ASN D 200 -33.92 122.31 94.41
N GLY D 201 -34.39 121.73 93.31
CA GLY D 201 -35.82 121.50 93.14
C GLY D 201 -36.56 122.60 92.40
N LYS D 202 -35.86 123.55 91.80
CA LYS D 202 -36.55 124.62 91.06
C LYS D 202 -37.32 124.07 89.87
N HIS D 203 -36.74 123.12 89.15
CA HIS D 203 -37.33 122.60 87.92
C HIS D 203 -37.32 121.09 87.92
N ALA D 204 -38.42 120.50 87.46
CA ALA D 204 -38.55 119.07 87.27
C ALA D 204 -39.31 118.81 85.98
N LEU D 205 -39.03 117.67 85.35
CA LEU D 205 -39.64 117.35 84.07
C LEU D 205 -39.74 115.84 83.94
N ILE D 206 -40.58 115.40 83.00
CA ILE D 206 -40.78 113.98 82.73
C ILE D 206 -40.39 113.71 81.29
N LYS D 207 -39.53 112.72 81.09
CA LYS D 207 -39.01 112.38 79.78
C LYS D 207 -39.32 110.93 79.46
N GLU D 208 -39.87 110.69 78.27
CA GLU D 208 -40.10 109.34 77.78
C GLU D 208 -39.03 109.00 76.77
N ASP D 209 -38.23 107.97 77.08
CA ASP D 209 -37.12 107.56 76.23
C ASP D 209 -37.39 106.18 75.68
N LEU D 210 -37.40 106.06 74.35
CA LEU D 210 -37.48 104.78 73.67
C LEU D 210 -36.13 104.40 73.04
N GLY D 211 -35.05 104.97 73.54
CA GLY D 211 -33.75 104.79 72.95
C GLY D 211 -33.47 105.80 71.85
N GLN D 212 -32.23 105.84 71.42
CA GLN D 212 -31.79 106.74 70.36
C GLN D 212 -31.49 105.92 69.12
N TRP D 213 -32.24 106.18 68.05
CA TRP D 213 -32.07 105.47 66.79
C TRP D 213 -31.56 106.43 65.72
N PRO D 214 -30.28 106.39 65.38
CA PRO D 214 -29.77 107.28 64.33
C PRO D 214 -30.33 106.93 62.96
N VAL D 215 -30.40 107.94 62.10
CA VAL D 215 -30.95 107.81 60.76
C VAL D 215 -29.98 108.42 59.76
N GLU D 216 -29.66 107.69 58.70
CA GLU D 216 -28.84 108.20 57.62
C GLU D 216 -29.73 108.86 56.56
N THR D 217 -29.21 109.94 55.98
CA THR D 217 -30.00 110.70 55.02
C THR D 217 -30.11 109.99 53.67
N GLY D 218 -29.01 109.42 53.18
CA GLY D 218 -29.02 108.82 51.86
C GLY D 218 -29.91 107.59 51.77
N ILE D 219 -29.85 106.72 52.77
CA ILE D 219 -30.61 105.48 52.74
C ILE D 219 -32.10 105.79 52.87
N SER D 220 -32.92 104.98 52.18
CA SER D 220 -34.36 105.20 52.19
C SER D 220 -34.91 105.11 53.61
N LEU D 221 -35.88 105.99 53.91
CA LEU D 221 -36.39 106.08 55.26
C LEU D 221 -37.28 104.89 55.62
N VAL D 222 -38.01 104.33 54.64
CA VAL D 222 -38.91 103.24 54.95
C VAL D 222 -38.15 101.99 55.38
N ASN D 223 -37.00 101.74 54.76
CA ASN D 223 -36.20 100.57 55.13
C ASN D 223 -35.74 100.65 56.58
N GLN D 224 -35.16 101.79 56.95
CA GLN D 224 -34.68 101.98 58.32
C GLN D 224 -35.84 101.98 59.29
N ALA D 225 -36.99 102.55 58.89
CA ALA D 225 -38.17 102.53 59.73
C ALA D 225 -38.62 101.10 60.02
N GLY D 226 -38.62 100.25 59.00
CA GLY D 226 -39.00 98.87 59.20
C GLY D 226 -38.02 98.12 60.10
N VAL D 227 -36.72 98.33 59.88
CA VAL D 227 -35.73 97.65 60.72
C VAL D 227 -35.89 98.07 62.17
N PHE D 228 -36.02 99.37 62.42
CA PHE D 228 -36.19 99.84 63.79
C PHE D 228 -37.54 99.42 64.36
N ALA D 229 -38.55 99.22 63.51
CA ALA D 229 -39.82 98.70 63.98
C ALA D 229 -39.67 97.27 64.49
N VAL D 230 -38.93 96.44 63.76
CA VAL D 230 -38.67 95.08 64.23
C VAL D 230 -37.93 95.13 65.56
N GLN D 231 -36.91 95.99 65.65
CA GLN D 231 -36.14 96.09 66.88
C GLN D 231 -37.00 96.54 68.05
N LEU D 232 -37.85 97.55 67.84
CA LEU D 232 -38.71 98.05 68.91
C LEU D 232 -39.73 96.99 69.33
N ALA D 233 -40.29 96.27 68.37
CA ALA D 233 -41.26 95.23 68.71
C ALA D 233 -40.60 94.14 69.55
N ASN D 234 -39.38 93.74 69.20
CA ASN D 234 -38.68 92.77 70.02
C ASN D 234 -38.36 93.33 71.41
N LYS D 235 -37.95 94.60 71.47
CA LYS D 235 -37.55 95.19 72.75
C LYS D 235 -38.74 95.30 73.70
N LEU D 236 -39.89 95.74 73.21
CA LEU D 236 -41.07 95.86 74.06
C LEU D 236 -41.78 94.54 74.29
N GLY D 237 -41.33 93.47 73.63
CA GLY D 237 -41.93 92.17 73.81
C GLY D 237 -43.36 92.05 73.33
N ILE D 238 -43.64 92.57 72.14
CA ILE D 238 -44.96 92.47 71.54
C ILE D 238 -44.92 91.80 70.16
N ASP D 239 -43.81 91.13 69.84
CA ASP D 239 -43.71 90.45 68.55
C ASP D 239 -44.53 89.17 68.51
N LYS D 240 -44.48 88.38 69.58
CA LYS D 240 -45.24 87.14 69.67
C LYS D 240 -46.62 87.39 70.24
N PRO D 241 -47.59 86.52 69.94
CA PRO D 241 -48.93 86.69 70.50
C PRO D 241 -48.89 86.69 72.03
N PHE D 242 -49.69 87.57 72.63
CA PHE D 242 -49.62 87.75 74.06
C PHE D 242 -50.90 88.38 74.57
N VAL D 243 -51.11 88.24 75.88
CA VAL D 243 -52.10 89.01 76.61
C VAL D 243 -51.42 89.65 77.80
N LEU D 244 -51.99 90.76 78.26
CA LEU D 244 -51.44 91.48 79.40
C LEU D 244 -52.00 90.91 80.68
N ASP D 245 -51.13 90.53 81.60
CA ASP D 245 -51.50 90.00 82.91
C ASP D 245 -50.91 90.92 83.97
N ALA D 246 -51.64 91.98 84.28
CA ALA D 246 -51.19 92.96 85.28
C ALA D 246 -52.25 93.21 86.35
N GLY D 247 -53.25 92.33 86.45
CA GLY D 247 -54.26 92.49 87.47
C GLY D 247 -53.72 92.34 88.88
N SER D 248 -52.73 91.47 89.06
CA SER D 248 -52.16 91.22 90.38
C SER D 248 -51.13 92.26 90.79
N ASN D 249 -50.75 93.18 89.90
CA ASN D 249 -49.75 94.20 90.22
C ASN D 249 -50.43 95.37 90.91
N TYR D 250 -50.69 95.20 92.21
CA TYR D 250 -51.32 96.24 93.00
C TYR D 250 -50.96 96.07 94.46
N PHE D 251 -51.14 97.15 95.22
CA PHE D 251 -51.03 97.11 96.66
C PHE D 251 -52.20 97.86 97.28
N THR D 252 -52.52 97.51 98.52
CA THR D 252 -53.68 98.05 99.21
C THR D 252 -53.26 98.61 100.56
N ASP D 253 -54.02 99.59 101.04
CA ASP D 253 -53.78 100.15 102.36
C ASP D 253 -54.09 99.12 103.44
N THR D 254 -53.49 99.32 104.60
CA THR D 254 -53.66 98.38 105.71
C THR D 254 -55.06 98.45 106.32
N SER D 255 -55.79 99.53 106.07
CA SER D 255 -57.13 99.68 106.65
C SER D 255 -58.05 98.57 106.16
N PHE D 256 -58.87 98.06 107.08
CA PHE D 256 -59.78 96.98 106.74
C PHE D 256 -60.84 97.44 105.74
N ILE D 257 -61.40 98.63 105.94
CA ILE D 257 -62.50 99.09 105.09
C ILE D 257 -61.99 99.41 103.69
N ASP D 258 -60.82 100.03 103.59
CA ASP D 258 -60.30 100.44 102.29
C ASP D 258 -59.99 99.21 101.44
N THR D 259 -60.47 99.23 100.19
CA THR D 259 -60.30 98.11 99.28
C THR D 259 -59.74 98.54 97.93
N ARG D 260 -59.50 99.83 97.74
CA ARG D 260 -58.95 100.31 96.47
C ARG D 260 -57.56 99.74 96.24
N LYS D 261 -57.24 99.46 94.98
CA LYS D 261 -55.95 98.92 94.59
C LYS D 261 -55.13 100.01 93.92
N TYR D 262 -53.90 100.20 94.38
CA TYR D 262 -52.98 101.16 93.78
C TYR D 262 -51.95 100.41 92.95
N CYS D 263 -51.81 100.80 91.70
CA CYS D 263 -50.97 100.06 90.76
C CYS D 263 -49.50 100.39 90.96
N THR D 264 -48.67 99.35 90.99
CA THR D 264 -47.23 99.54 91.12
C THR D 264 -46.59 100.00 89.81
N ASP D 265 -47.17 99.62 88.68
CA ASP D 265 -46.58 99.95 87.39
C ASP D 265 -46.67 101.44 87.11
N GLY D 266 -45.78 101.92 86.26
CA GLY D 266 -45.76 103.32 85.89
C GLY D 266 -45.04 104.18 86.91
N LEU D 267 -44.91 105.46 86.57
CA LEU D 267 -44.30 106.41 87.49
C LEU D 267 -45.17 106.56 88.72
N SER D 268 -44.64 106.19 89.87
CA SER D 268 -45.43 106.23 91.09
C SER D 268 -45.82 107.66 91.43
N PRO D 269 -47.06 107.89 91.87
CA PRO D 269 -47.48 109.25 92.23
C PRO D 269 -46.66 109.85 93.35
N ARG D 270 -45.99 109.04 94.16
CA ARG D 270 -45.16 109.56 95.24
C ARG D 270 -44.02 110.40 94.70
N GLU D 271 -43.42 109.98 93.57
CA GLU D 271 -42.36 110.77 92.96
C GLU D 271 -42.86 112.13 92.52
N ILE D 272 -44.05 112.18 91.90
CA ILE D 272 -44.61 113.45 91.47
C ILE D 272 -44.91 114.33 92.68
N GLN D 273 -45.46 113.73 93.74
CA GLN D 273 -45.74 114.49 94.95
C GLN D 273 -44.48 115.09 95.54
N LYS D 274 -43.40 114.30 95.61
CA LYS D 274 -42.14 114.81 96.14
C LYS D 274 -41.59 115.92 95.27
N ALA D 275 -41.64 115.76 93.95
CA ALA D 275 -41.13 116.79 93.06
C ALA D 275 -41.91 118.09 93.23
N LEU D 276 -43.24 118.00 93.27
CA LEU D 276 -44.05 119.20 93.44
C LEU D 276 -43.79 119.86 94.79
N ASN D 277 -43.64 119.05 95.85
CA ASN D 277 -43.39 119.62 97.16
C ASN D 277 -42.03 120.31 97.22
N ARG D 278 -41.01 119.74 96.59
CA ARG D 278 -39.72 120.43 96.54
C ARG D 278 -39.81 121.73 95.75
N GLN D 279 -40.53 121.70 94.62
CA GLN D 279 -40.70 122.91 93.84
C GLN D 279 -41.40 124.00 94.63
N ARG D 280 -42.43 123.63 95.39
CA ARG D 280 -43.09 124.61 96.26
C ARG D 280 -42.17 125.06 97.39
N ALA D 281 -41.30 124.17 97.86
CA ALA D 281 -40.40 124.52 98.96
C ALA D 281 -39.37 125.55 98.53
N TYR D 282 -38.90 125.49 97.28
CA TYR D 282 -37.95 126.50 96.81
C TYR D 282 -38.58 127.88 96.82
N TYR D 283 -39.74 128.03 96.18
CA TYR D 283 -40.36 129.34 96.01
C TYR D 283 -41.13 129.80 97.25
N ASP D 284 -40.92 129.16 98.40
CA ASP D 284 -41.58 129.54 99.65
C ASP D 284 -43.10 129.54 99.49
N ARG D 285 -43.62 128.55 98.79
CA ARG D 285 -45.05 128.41 98.59
C ARG D 285 -45.59 127.30 99.48
N PRO D 286 -46.88 127.35 99.82
CA PRO D 286 -47.46 126.29 100.65
C PRO D 286 -47.42 124.94 99.95
N GLU D 287 -47.25 123.89 100.75
CA GLU D 287 -47.21 122.53 100.22
C GLU D 287 -48.59 122.12 99.72
N LEU D 288 -48.63 120.96 99.05
CA LEU D 288 -49.89 120.43 98.56
C LEU D 288 -50.82 120.13 99.72
N THR D 289 -52.08 120.54 99.59
CA THR D 289 -53.04 120.34 100.65
C THR D 289 -53.45 118.86 100.74
N ILE D 290 -54.22 118.54 101.79
CA ILE D 290 -54.64 117.16 102.01
C ILE D 290 -55.52 116.69 100.87
N SER D 291 -56.46 117.53 100.43
CA SER D 291 -57.36 117.14 99.35
C SER D 291 -56.60 116.87 98.06
N GLU D 292 -55.68 117.77 97.71
CA GLU D 292 -54.90 117.57 96.49
C GLU D 292 -53.99 116.36 96.59
N ASN D 293 -53.41 116.13 97.77
CA ASN D 293 -52.59 114.93 97.96
C ASN D 293 -53.41 113.67 97.77
N LYS D 294 -54.62 113.64 98.34
CA LYS D 294 -55.47 112.47 98.20
C LYS D 294 -55.90 112.27 96.75
N THR D 295 -56.19 113.37 96.04
CA THR D 295 -56.57 113.26 94.64
C THR D 295 -55.41 112.76 93.79
N LEU D 296 -54.19 113.22 94.08
CA LEU D 296 -53.05 112.84 93.25
C LEU D 296 -52.61 111.41 93.52
N LEU D 297 -52.61 110.99 94.78
CA LEU D 297 -52.13 109.65 95.11
C LEU D 297 -53.11 108.56 94.71
N SER D 298 -54.31 108.90 94.29
CA SER D 298 -55.33 107.92 93.91
C SER D 298 -55.51 107.80 92.40
N GLN D 299 -54.64 108.43 91.61
CA GLN D 299 -54.83 108.42 90.16
C GLN D 299 -54.49 107.06 89.55
N SER D 300 -53.39 106.46 89.98
CA SER D 300 -52.94 105.18 89.45
C SER D 300 -53.65 104.07 90.20
N ILE D 301 -54.63 103.42 89.55
CA ILE D 301 -55.49 102.44 90.21
C ILE D 301 -55.95 101.38 89.21
N ILE D 302 -56.36 100.24 89.74
CA ILE D 302 -56.92 99.14 88.96
C ILE D 302 -58.40 99.03 89.28
N TYR D 303 -59.24 98.99 88.25
CA TYR D 303 -60.68 98.86 88.46
C TYR D 303 -61.27 97.87 87.48
N PRO D 304 -62.35 97.20 87.85
CA PRO D 304 -63.03 96.30 86.93
C PRO D 304 -63.91 97.06 85.94
N ASP D 305 -64.19 96.41 84.83
CA ASP D 305 -65.04 96.96 83.78
C ASP D 305 -66.30 96.12 83.65
N ALA D 306 -67.16 96.52 82.71
CA ALA D 306 -68.44 95.82 82.54
C ALA D 306 -68.23 94.38 82.10
N ASP D 307 -67.30 94.14 81.18
CA ASP D 307 -67.07 92.78 80.68
C ASP D 307 -66.51 91.88 81.77
N GLY D 308 -65.58 92.39 82.57
CA GLY D 308 -64.98 91.59 83.62
C GLY D 308 -63.48 91.75 83.69
N ASN D 309 -62.89 92.34 82.65
CA ASN D 309 -61.44 92.54 82.63
C ASN D 309 -61.03 93.55 83.70
N ASP D 310 -59.72 93.73 83.84
CA ASP D 310 -59.16 94.68 84.79
C ASP D 310 -58.45 95.78 84.04
N VAL D 311 -58.84 97.03 84.30
CA VAL D 311 -58.29 98.17 83.61
C VAL D 311 -57.42 98.95 84.59
N SER D 312 -56.17 99.16 84.24
CA SER D 312 -55.20 99.84 85.08
C SER D 312 -54.90 101.23 84.52
N ILE D 313 -55.08 102.25 85.36
CA ILE D 313 -54.77 103.63 85.05
C ILE D 313 -53.42 103.93 85.70
N ILE D 314 -52.41 104.16 84.86
CA ILE D 314 -51.04 104.41 85.33
C ILE D 314 -50.44 105.55 84.52
N PHE D 315 -49.30 106.04 85.00
CA PHE D 315 -48.54 107.07 84.30
C PHE D 315 -47.55 106.42 83.35
N SER D 316 -47.63 106.76 82.07
CA SER D 316 -46.76 106.17 81.06
C SER D 316 -46.66 107.11 79.88
N GLY D 317 -45.68 106.87 79.02
CA GLY D 317 -45.47 107.71 77.87
C GLY D 317 -46.54 107.54 76.82
N ALA D 318 -46.64 108.55 75.95
CA ALA D 318 -47.68 108.53 74.93
C ALA D 318 -47.43 107.46 73.87
N MET D 319 -46.20 107.42 73.34
CA MET D 319 -45.93 106.48 72.25
C MET D 319 -45.88 105.05 72.75
N SER D 320 -45.33 104.81 73.94
CA SER D 320 -45.35 103.48 74.50
C SER D 320 -46.78 102.98 74.68
N HIS D 321 -47.65 103.84 75.20
CA HIS D 321 -49.05 103.48 75.37
C HIS D 321 -49.70 103.17 74.03
N ALA D 322 -49.46 104.02 73.03
CA ALA D 322 -50.08 103.82 71.72
C ALA D 322 -49.65 102.50 71.10
N ILE D 323 -48.34 102.24 71.10
CA ILE D 323 -47.83 101.02 70.48
C ILE D 323 -48.36 99.79 71.20
N PHE D 324 -48.29 99.80 72.54
CA PHE D 324 -48.72 98.63 73.30
C PHE D 324 -50.22 98.38 73.13
N THR D 325 -51.04 99.43 73.15
CA THR D 325 -52.48 99.27 72.99
C THR D 325 -52.82 98.77 71.59
N TYR D 326 -52.16 99.30 70.57
CA TYR D 326 -52.43 98.83 69.21
C TYR D 326 -52.04 97.36 69.06
N ALA D 327 -50.90 96.97 69.63
CA ALA D 327 -50.51 95.57 69.56
C ALA D 327 -51.50 94.69 70.30
N GLN D 328 -51.98 95.14 71.46
CA GLN D 328 -52.99 94.40 72.20
C GLN D 328 -54.24 94.20 71.36
N SER D 329 -54.70 95.27 70.70
CA SER D 329 -55.92 95.16 69.89
C SER D 329 -55.72 94.21 68.71
N GLN D 330 -54.56 94.30 68.05
CA GLN D 330 -54.32 93.44 66.90
C GLN D 330 -54.25 91.98 67.30
N TRP D 331 -53.63 91.68 68.45
CA TRP D 331 -53.60 90.30 68.91
C TRP D 331 -54.98 89.83 69.36
N ASN D 332 -55.73 90.69 70.05
CA ASN D 332 -57.05 90.32 70.52
C ASN D 332 -58.03 90.10 69.38
N LYS D 333 -57.78 90.68 68.21
CA LYS D 333 -58.65 90.48 67.07
C LYS D 333 -58.73 89.02 66.65
N ASN D 334 -57.74 88.20 67.02
CA ASN D 334 -57.69 86.80 66.59
C ASN D 334 -57.84 85.80 67.73
N ILE D 335 -58.39 86.22 68.87
CA ILE D 335 -58.67 85.31 69.97
C ILE D 335 -60.19 85.11 70.01
N ILE D 336 -60.62 83.85 69.91
CA ILE D 336 -62.04 83.54 69.80
C ILE D 336 -62.41 82.46 70.80
N LYS D 337 -63.68 82.44 71.17
CA LYS D 337 -64.19 81.40 72.06
C LYS D 337 -64.07 80.04 71.39
N LEU D 338 -64.04 78.99 72.22
CA LEU D 338 -63.85 77.65 71.68
C LEU D 338 -64.99 77.25 70.76
N ASP D 339 -66.21 77.69 71.06
CA ASP D 339 -67.35 77.35 70.23
C ASP D 339 -67.22 77.92 68.82
N ASP D 340 -66.69 79.14 68.69
CA ASP D 340 -66.48 79.71 67.37
C ASP D 340 -65.46 78.91 66.57
N TYR D 341 -64.37 78.50 67.21
CA TYR D 341 -63.37 77.68 66.53
C TYR D 341 -63.97 76.35 66.11
N ILE D 342 -64.78 75.75 66.98
CA ILE D 342 -65.44 74.48 66.64
C ILE D 342 -66.38 74.67 65.46
N ARG D 343 -67.10 75.79 65.42
CA ARG D 343 -68.00 76.07 64.31
C ARG D 343 -67.23 76.22 63.00
N GLU D 344 -66.11 76.93 63.04
CA GLU D 344 -65.29 77.05 61.84
C GLU D 344 -64.78 75.69 61.38
N ILE D 345 -64.35 74.87 62.33
CA ILE D 345 -63.88 73.52 61.99
C ILE D 345 -65.01 72.73 61.33
N THR D 346 -66.20 72.78 61.91
CA THR D 346 -67.34 72.06 61.34
C THR D 346 -67.65 72.55 59.94
N LEU D 347 -67.46 73.84 59.69
CA LEU D 347 -67.65 74.35 58.33
C LEU D 347 -66.60 73.82 57.38
N THR D 348 -65.37 73.63 57.85
CA THR D 348 -64.30 73.09 57.01
C THR D 348 -64.18 71.57 57.09
N VAL D 349 -65.27 70.88 57.39
CA VAL D 349 -65.24 69.42 57.62
C VAL D 349 -66.47 68.80 57.01
N PRO D 350 -66.32 67.60 56.44
CA PRO D 350 -67.48 66.91 55.84
C PRO D 350 -68.64 66.73 56.81
N LYS D 351 -69.78 66.35 56.24
CA LYS D 351 -71.03 66.38 56.98
C LYS D 351 -71.04 65.40 58.15
N GLN D 352 -70.68 64.14 57.90
CA GLN D 352 -70.75 63.14 58.95
C GLN D 352 -69.76 63.42 60.07
N TYR D 353 -68.55 63.83 59.72
CA TYR D 353 -67.52 64.07 60.72
C TYR D 353 -67.86 65.30 61.57
N ARG D 354 -67.79 65.16 62.88
CA ARG D 354 -67.90 66.30 63.77
C ARG D 354 -66.86 66.16 64.87
N PRO D 355 -66.33 67.28 65.36
CA PRO D 355 -65.21 67.21 66.31
C PRO D 355 -65.63 66.76 67.70
N ARG D 356 -64.66 66.17 68.40
CA ARG D 356 -64.89 65.70 69.75
C ARG D 356 -65.04 66.87 70.71
N ARG D 357 -65.75 66.63 71.81
CA ARG D 357 -65.99 67.66 72.81
C ARG D 357 -64.81 67.78 73.77
N PHE D 358 -64.48 69.02 74.13
CA PHE D 358 -63.42 69.29 75.09
C PHE D 358 -63.98 69.17 76.51
N LYS D 359 -63.22 69.62 77.49
CA LYS D 359 -63.70 69.67 78.86
C LYS D 359 -64.76 70.76 78.99
N GLU D 360 -65.60 70.61 80.03
CA GLU D 360 -66.68 71.59 80.24
C GLU D 360 -66.13 72.97 80.56
N ILE D 361 -65.07 73.04 81.37
CA ILE D 361 -64.46 74.33 81.69
C ILE D 361 -63.88 74.97 80.44
N GLU D 362 -63.24 74.16 79.58
CA GLU D 362 -62.72 74.67 78.33
C GLU D 362 -63.83 75.10 77.38
N HIS D 363 -65.07 74.68 77.62
CA HIS D 363 -66.18 75.13 76.80
C HIS D 363 -66.77 76.44 77.32
N THR D 364 -66.95 76.54 78.64
CA THR D 364 -67.57 77.73 79.20
C THR D 364 -66.61 78.91 79.22
N HIS D 365 -65.32 78.66 79.51
CA HIS D 365 -64.35 79.73 79.66
C HIS D 365 -63.10 79.48 78.82
N GLY D 366 -63.25 78.91 77.64
CA GLY D 366 -62.12 78.55 76.80
C GLY D 366 -61.97 79.52 75.64
N TYR D 367 -60.73 79.96 75.41
CA TYR D 367 -60.40 80.86 74.33
C TYR D 367 -59.19 80.32 73.59
N VAL D 368 -59.20 80.44 72.27
CA VAL D 368 -58.16 79.91 71.41
C VAL D 368 -57.74 80.97 70.41
N TYR D 369 -56.45 81.01 70.10
CA TYR D 369 -55.92 81.89 69.08
C TYR D 369 -55.82 81.14 67.77
N ARG D 370 -56.02 81.86 66.66
CA ARG D 370 -56.02 81.21 65.36
C ARG D 370 -55.68 82.25 64.29
N GLU D 371 -55.33 81.74 63.11
CA GLU D 371 -55.06 82.58 61.95
C GLU D 371 -55.84 82.04 60.77
N LEU D 372 -56.30 82.95 59.91
CA LEU D 372 -57.20 82.60 58.81
C LEU D 372 -56.56 82.79 57.45
N ASN D 373 -55.24 82.90 57.38
CA ASN D 373 -54.54 83.13 56.11
C ASN D 373 -54.11 81.79 55.53
N GLN D 374 -54.86 81.31 54.53
CA GLN D 374 -54.51 80.04 53.91
C GLN D 374 -53.20 80.15 53.14
N GLY D 375 -52.99 81.26 52.43
CA GLY D 375 -51.80 81.45 51.64
C GLY D 375 -51.95 80.88 50.23
N SER D 376 -50.91 81.13 49.43
CA SER D 376 -50.89 80.67 48.05
C SER D 376 -49.49 80.17 47.71
N LEU D 377 -49.44 79.22 46.79
CA LEU D 377 -48.19 78.62 46.34
C LEU D 377 -47.66 79.24 45.05
N LEU D 378 -48.30 80.31 44.57
CA LEU D 378 -47.87 80.91 43.32
C LEU D 378 -46.43 81.42 43.32
N PRO D 379 -45.94 82.13 44.35
CA PRO D 379 -44.55 82.61 44.28
C PRO D 379 -43.53 81.52 44.07
N LEU D 380 -43.72 80.36 44.71
CA LEU D 380 -42.85 79.23 44.44
C LEU D 380 -43.13 78.64 43.05
N VAL D 381 -44.40 78.55 42.69
CA VAL D 381 -44.80 77.90 41.44
C VAL D 381 -44.40 78.74 40.23
N ASP D 382 -44.65 80.05 40.30
CA ASP D 382 -44.43 80.93 39.15
C ASP D 382 -42.93 81.14 38.96
N ALA D 383 -42.36 80.45 37.98
CA ALA D 383 -40.96 80.57 37.61
C ALA D 383 -40.73 79.72 36.37
N ASN D 384 -39.53 79.84 35.81
CA ASN D 384 -39.10 78.99 34.70
C ASN D 384 -38.42 77.77 35.30
N LEU D 385 -39.17 76.68 35.46
CA LEU D 385 -38.71 75.50 36.17
C LEU D 385 -38.01 74.51 35.25
N LYS D 386 -37.53 74.94 34.09
CA LYS D 386 -36.91 74.01 33.15
C LYS D 386 -35.66 73.38 33.74
N GLU D 387 -34.79 74.19 34.35
CA GLU D 387 -33.55 73.66 34.91
C GLU D 387 -33.76 72.95 36.24
N SER D 388 -34.70 73.42 37.05
CA SER D 388 -34.88 72.90 38.40
C SER D 388 -35.90 71.78 38.49
N SER D 389 -36.48 71.35 37.37
CA SER D 389 -37.53 70.33 37.43
C SER D 389 -36.97 68.95 37.75
N SER D 390 -35.77 68.63 37.27
CA SER D 390 -35.26 67.28 37.41
C SER D 390 -34.84 66.96 38.84
N TYR D 391 -34.33 67.95 39.58
CA TYR D 391 -34.05 67.72 41.00
C TYR D 391 -35.33 67.43 41.76
N TYR D 392 -36.40 68.18 41.46
CA TYR D 392 -37.69 67.89 42.08
C TYR D 392 -38.18 66.51 41.68
N PHE D 393 -37.93 66.09 40.45
CA PHE D 393 -38.32 64.76 40.03
C PHE D 393 -37.60 63.69 40.84
N LYS D 394 -36.30 63.86 41.04
CA LYS D 394 -35.55 62.89 41.83
C LYS D 394 -36.05 62.84 43.27
N LYS D 395 -36.33 64.01 43.86
CA LYS D 395 -36.87 64.02 45.21
C LYS D 395 -38.23 63.33 45.25
N LEU D 396 -39.06 63.54 44.23
CA LEU D 396 -40.37 62.91 44.17
C LEU D 396 -40.25 61.39 44.13
N MET D 397 -39.33 60.87 43.32
CA MET D 397 -39.16 59.42 43.30
C MET D 397 -38.56 58.90 44.59
N SER D 398 -37.72 59.70 45.27
CA SER D 398 -37.19 59.27 46.55
C SER D 398 -38.24 59.33 47.65
N SER D 399 -39.34 60.06 47.44
CA SER D 399 -40.36 60.17 48.47
C SER D 399 -41.05 58.82 48.72
N ILE D 400 -41.31 58.05 47.67
CA ILE D 400 -41.99 56.77 47.79
C ILE D 400 -40.94 55.66 47.82
N SER D 401 -41.00 54.83 48.86
CA SER D 401 -40.04 53.74 49.03
C SER D 401 -40.35 52.61 48.05
N ASN D 402 -39.32 52.15 47.34
CA ASN D 402 -39.47 51.06 46.39
C ASN D 402 -38.31 50.09 46.56
N VAL D 403 -38.61 48.80 46.45
CA VAL D 403 -37.63 47.73 46.59
C VAL D 403 -36.89 47.84 47.93
N MET D 433 -25.30 33.49 24.98
CA MET D 433 -24.39 34.54 24.52
C MET D 433 -25.17 35.83 24.39
N LEU D 434 -26.34 35.75 23.74
CA LEU D 434 -27.16 36.94 23.51
C LEU D 434 -27.72 37.51 24.81
N THR D 435 -27.66 36.77 25.91
CA THR D 435 -28.24 37.21 27.18
C THR D 435 -27.21 37.65 28.20
N ASN D 436 -25.97 37.18 28.11
CA ASN D 436 -24.97 37.53 29.12
C ASN D 436 -24.56 39.00 29.03
N ARG D 437 -24.88 39.68 27.93
CA ARG D 437 -24.55 41.09 27.79
C ARG D 437 -25.52 42.00 28.54
N LEU D 438 -26.57 41.45 29.13
CA LEU D 438 -27.57 42.25 29.83
C LEU D 438 -27.09 42.60 31.23
N THR D 439 -27.24 43.88 31.60
CA THR D 439 -26.85 44.36 32.92
C THR D 439 -27.96 45.26 33.45
N THR D 440 -28.23 45.14 34.76
CA THR D 440 -29.34 45.83 35.40
C THR D 440 -28.87 46.91 36.37
N ALA D 441 -27.82 47.64 36.01
CA ALA D 441 -27.28 48.66 36.90
C ALA D 441 -28.00 49.99 36.79
N ASN D 442 -28.87 50.18 35.79
CA ASN D 442 -29.54 51.44 35.56
C ASN D 442 -31.06 51.32 35.60
N ALA D 443 -31.59 50.32 36.30
CA ALA D 443 -33.04 50.13 36.36
C ALA D 443 -33.78 51.27 37.03
N PRO D 444 -33.38 51.79 38.20
CA PRO D 444 -34.20 52.82 38.86
C PRO D 444 -34.42 54.07 38.03
N THR D 445 -33.40 54.54 37.30
CA THR D 445 -33.58 55.75 36.50
C THR D 445 -34.54 55.50 35.33
N VAL D 446 -34.51 54.31 34.75
CA VAL D 446 -35.45 53.98 33.68
C VAL D 446 -36.86 53.88 34.24
N ARG D 447 -37.02 53.34 35.45
CA ARG D 447 -38.34 53.30 36.07
C ARG D 447 -38.86 54.71 36.32
N ALA D 448 -37.99 55.61 36.81
CA ALA D 448 -38.40 56.99 37.00
C ALA D 448 -38.80 57.64 35.69
N ILE D 449 -38.04 57.37 34.63
CA ILE D 449 -38.37 57.92 33.31
C ILE D 449 -39.73 57.41 32.85
N THR D 450 -40.00 56.12 33.05
CA THR D 450 -41.29 55.56 32.68
C THR D 450 -42.43 56.24 33.43
N VAL D 451 -42.25 56.44 34.74
CA VAL D 451 -43.29 57.09 35.53
C VAL D 451 -43.53 58.52 35.05
N LEU D 452 -42.44 59.27 34.82
CA LEU D 452 -42.61 60.64 34.36
C LEU D 452 -43.25 60.71 32.99
N THR D 453 -42.89 59.80 32.10
CA THR D 453 -43.50 59.77 30.77
C THR D 453 -44.99 59.49 30.88
N CYS D 454 -45.39 58.55 31.74
CA CYS D 454 -46.80 58.26 31.91
C CYS D 454 -47.54 59.47 32.49
N MET D 455 -46.94 60.15 33.47
CA MET D 455 -47.61 61.25 34.12
C MET D 455 -47.75 62.47 33.21
N PHE D 456 -46.68 62.85 32.54
CA PHE D 456 -46.64 64.09 31.76
C PHE D 456 -46.65 63.78 30.28
N LYS D 457 -47.58 64.42 29.55
CA LYS D 457 -47.71 64.19 28.12
C LYS D 457 -46.58 64.82 27.32
N GLN D 458 -46.07 65.96 27.80
CA GLN D 458 -45.09 66.73 27.04
C GLN D 458 -43.73 66.05 26.95
N PHE D 459 -43.48 65.02 27.76
CA PHE D 459 -42.17 64.42 27.83
C PHE D 459 -42.02 63.36 26.74
N ARG D 460 -40.93 63.44 25.99
CA ARG D 460 -40.65 62.52 24.89
C ARG D 460 -39.46 61.62 25.25
N ILE D 461 -39.41 60.47 24.58
CA ILE D 461 -38.35 59.50 24.79
C ILE D 461 -37.69 59.18 23.45
N GLY D 462 -36.37 58.99 23.48
CA GLY D 462 -35.64 58.70 22.27
C GLY D 462 -34.42 57.86 22.57
N MET D 463 -33.95 57.16 21.53
CA MET D 463 -32.78 56.30 21.65
C MET D 463 -31.88 56.52 20.45
N THR D 464 -30.61 56.20 20.61
CA THR D 464 -29.61 56.30 19.55
C THR D 464 -28.96 54.94 19.34
N TYR D 465 -28.93 54.47 18.10
CA TYR D 465 -28.41 53.16 17.76
C TYR D 465 -27.11 53.30 16.99
N ALA D 466 -26.31 52.24 16.99
CA ALA D 466 -25.02 52.25 16.33
C ALA D 466 -25.18 52.21 14.81
N LEU D 467 -24.07 52.44 14.11
CA LEU D 467 -24.06 52.30 12.66
C LEU D 467 -24.36 50.86 12.23
N ASP D 468 -23.83 49.90 12.98
CA ASP D 468 -24.04 48.48 12.71
C ASP D 468 -25.00 47.92 13.75
N PRO D 469 -26.30 47.96 13.50
CA PRO D 469 -27.25 47.50 14.51
C PRO D 469 -27.09 46.01 14.77
N ASN D 470 -27.42 45.61 15.98
CA ASN D 470 -27.31 44.23 16.42
C ASN D 470 -28.68 43.73 16.87
N ILE D 471 -28.72 42.51 17.40
CA ILE D 471 -29.96 41.97 17.95
C ILE D 471 -30.45 42.84 19.10
N MET D 472 -29.52 43.34 19.92
CA MET D 472 -29.90 44.22 21.02
C MET D 472 -30.57 45.48 20.52
N ASP D 473 -30.04 46.08 19.45
CA ASP D 473 -30.63 47.31 18.92
C ASP D 473 -32.06 47.09 18.44
N VAL D 474 -32.28 46.00 17.69
CA VAL D 474 -33.61 45.72 17.17
C VAL D 474 -34.58 45.41 18.31
N ALA D 475 -34.13 44.60 19.27
CA ALA D 475 -34.99 44.27 20.40
C ALA D 475 -35.36 45.52 21.19
N ALA D 476 -34.40 46.39 21.45
CA ALA D 476 -34.69 47.61 22.18
C ALA D 476 -35.65 48.52 21.40
N ALA D 477 -35.43 48.64 20.09
CA ALA D 477 -36.31 49.49 19.29
C ALA D 477 -37.73 48.96 19.27
N THR D 478 -37.91 47.65 19.09
CA THR D 478 -39.26 47.10 19.04
C THR D 478 -39.92 47.15 20.40
N CYS D 479 -39.16 46.94 21.48
CA CYS D 479 -39.73 47.07 22.82
C CYS D 479 -40.18 48.51 23.07
N MET D 480 -39.37 49.49 22.64
CA MET D 480 -39.76 50.89 22.80
C MET D 480 -41.02 51.20 22.00
N LEU D 481 -41.12 50.67 20.78
CA LEU D 481 -42.30 50.95 19.97
C LEU D 481 -43.56 50.33 20.58
N LEU D 482 -43.48 49.07 20.99
CA LEU D 482 -44.68 48.39 21.50
C LEU D 482 -45.09 48.92 22.87
N PHE D 483 -44.14 49.10 23.79
CA PHE D 483 -44.51 49.30 25.19
C PHE D 483 -44.55 50.77 25.61
N ARG D 484 -43.68 51.61 25.07
CA ARG D 484 -43.73 53.02 25.40
C ARG D 484 -44.94 53.68 24.71
N PRO D 485 -45.45 54.77 25.28
CA PRO D 485 -46.61 55.43 24.68
C PRO D 485 -46.29 56.02 23.32
N ALA D 486 -47.31 56.05 22.45
CA ALA D 486 -47.14 56.67 21.14
C ALA D 486 -47.12 58.19 21.24
N GLN D 487 -47.67 58.76 22.31
CA GLN D 487 -47.60 60.20 22.51
C GLN D 487 -46.22 60.65 22.97
N SER D 488 -45.39 59.73 23.42
CA SER D 488 -44.06 60.04 23.91
C SER D 488 -42.98 59.78 22.86
N ILE D 489 -43.35 59.42 21.64
CA ILE D 489 -42.41 59.15 20.57
C ILE D 489 -42.68 60.14 19.45
N SER D 490 -41.66 60.89 19.06
CA SER D 490 -41.77 61.84 17.96
C SER D 490 -41.72 61.11 16.63
N ASP D 491 -42.05 61.83 15.57
CA ASP D 491 -42.00 61.25 14.23
C ASP D 491 -40.57 60.95 13.81
N GLU D 492 -39.63 61.82 14.15
CA GLU D 492 -38.23 61.56 13.84
C GLU D 492 -37.74 60.31 14.53
N GLN D 493 -38.09 60.13 15.81
CA GLN D 493 -37.68 58.94 16.54
C GLN D 493 -38.30 57.68 15.96
N TYR D 494 -39.58 57.76 15.59
CA TYR D 494 -40.25 56.63 14.96
C TYR D 494 -39.58 56.25 13.65
N ARG D 495 -39.25 57.25 12.83
CA ARG D 495 -38.57 56.97 11.57
C ARG D 495 -37.19 56.36 11.80
N TYR D 496 -36.46 56.86 12.79
CA TYR D 496 -35.15 56.30 13.10
C TYR D 496 -35.25 54.85 13.53
N CYS D 497 -36.25 54.54 14.37
CA CYS D 497 -36.45 53.16 14.79
C CYS D 497 -36.78 52.26 13.61
N LEU D 498 -37.67 52.72 12.72
CA LEU D 498 -38.02 51.94 11.55
C LEU D 498 -36.81 51.73 10.65
N GLN D 499 -35.99 52.77 10.49
CA GLN D 499 -34.78 52.65 9.69
C GLN D 499 -33.82 51.62 10.29
N THR D 500 -33.70 51.61 11.62
CA THR D 500 -32.82 50.64 12.27
C THR D 500 -33.30 49.21 12.02
N MET D 501 -34.61 48.97 12.21
CA MET D 501 -35.13 47.63 11.98
C MET D 501 -34.99 47.22 10.52
N ALA D 502 -35.21 48.16 9.59
CA ALA D 502 -35.01 47.85 8.18
C ALA D 502 -33.56 47.54 7.87
N VAL D 503 -32.63 48.28 8.47
CA VAL D 503 -31.21 48.06 8.22
C VAL D 503 -30.80 46.67 8.67
N PHE D 504 -31.23 46.28 9.88
CA PHE D 504 -30.84 44.97 10.38
C PHE D 504 -31.55 43.85 9.65
N LEU D 505 -32.88 43.89 9.60
CA LEU D 505 -33.64 42.74 9.12
C LEU D 505 -33.59 42.59 7.61
N THR D 506 -33.60 43.70 6.87
CA THR D 506 -33.74 43.64 5.42
C THR D 506 -32.41 43.78 4.69
N ASN D 507 -31.28 43.72 5.40
CA ASN D 507 -29.95 43.71 4.80
C ASN D 507 -29.70 44.94 3.93
N THR D 508 -29.69 46.10 4.58
CA THR D 508 -29.40 47.36 3.91
C THR D 508 -28.61 48.26 4.86
N THR D 509 -28.13 49.37 4.30
CA THR D 509 -27.33 50.33 5.04
C THR D 509 -28.17 51.58 5.34
N TYR D 510 -27.70 52.36 6.32
CA TYR D 510 -28.40 53.59 6.68
C TYR D 510 -28.43 54.56 5.52
N ASP D 511 -27.33 54.69 4.78
CA ASP D 511 -27.28 55.62 3.67
C ASP D 511 -28.25 55.23 2.57
N ILE D 512 -28.47 53.94 2.37
CA ILE D 512 -29.42 53.48 1.37
C ILE D 512 -30.84 53.84 1.76
N VAL D 513 -31.16 53.76 3.05
CA VAL D 513 -32.51 54.01 3.54
C VAL D 513 -32.62 55.39 4.19
N ASN D 514 -31.71 56.31 3.87
CA ASN D 514 -31.73 57.62 4.50
C ASN D 514 -32.96 58.43 4.08
N ASN D 515 -33.32 58.39 2.80
CA ASN D 515 -34.38 59.22 2.26
C ASN D 515 -35.70 58.48 2.10
N ASP D 516 -35.83 57.29 2.67
CA ASP D 516 -37.07 56.54 2.57
C ASP D 516 -38.10 57.06 3.57
N THR D 517 -39.35 57.15 3.12
CA THR D 517 -40.42 57.63 3.97
C THR D 517 -40.90 56.53 4.92
N ILE D 518 -41.79 56.92 5.83
CA ILE D 518 -42.29 55.99 6.83
C ILE D 518 -43.09 54.86 6.17
N ASP D 519 -43.97 55.21 5.24
CA ASP D 519 -44.80 54.21 4.60
C ASP D 519 -43.97 53.24 3.78
N VAL D 520 -42.93 53.74 3.10
CA VAL D 520 -42.05 52.87 2.32
C VAL D 520 -41.33 51.89 3.23
N LEU D 521 -40.85 52.37 4.38
CA LEU D 521 -40.16 51.50 5.32
C LEU D 521 -41.11 50.43 5.87
N LYS D 522 -42.34 50.82 6.19
CA LYS D 522 -43.31 49.84 6.67
C LYS D 522 -43.61 48.80 5.61
N MET D 523 -43.76 49.23 4.36
CA MET D 523 -44.02 48.30 3.27
C MET D 523 -42.85 47.33 3.08
N LYS D 524 -41.62 47.84 3.14
CA LYS D 524 -40.46 46.98 2.99
C LYS D 524 -40.38 45.95 4.10
N LEU D 525 -40.58 46.39 5.35
CA LEU D 525 -40.49 45.46 6.47
C LEU D 525 -41.60 44.42 6.42
N ARG D 526 -42.81 44.81 6.03
CA ARG D 526 -43.90 43.84 5.91
C ARG D 526 -43.68 42.90 4.72
N ASN D 527 -43.03 43.39 3.66
CA ASN D 527 -42.67 42.51 2.55
C ASN D 527 -41.68 41.45 3.01
N GLN D 528 -40.71 41.85 3.84
CA GLN D 528 -39.79 40.86 4.39
C GLN D 528 -40.50 39.88 5.31
N GLY D 529 -41.43 40.37 6.13
CA GLY D 529 -42.18 39.50 7.02
C GLY D 529 -42.19 39.95 8.46
N TRP D 530 -41.82 41.20 8.71
CA TRP D 530 -41.75 41.74 10.07
C TRP D 530 -42.95 42.64 10.31
N PRO D 531 -43.84 42.29 11.25
CA PRO D 531 -45.11 43.03 11.39
C PRO D 531 -45.13 44.14 12.42
N PHE D 532 -44.10 44.30 13.25
CA PHE D 532 -44.08 45.31 14.29
C PHE D 532 -43.60 46.63 13.70
N VAL D 533 -44.50 47.33 13.03
CA VAL D 533 -44.14 48.54 12.31
C VAL D 533 -45.07 49.70 12.64
N GLU D 534 -45.70 49.66 13.81
CA GLU D 534 -46.69 50.66 14.18
C GLU D 534 -46.47 51.17 15.60
N ARG D 535 -46.95 52.38 15.85
CA ARG D 535 -47.01 52.95 17.19
C ARG D 535 -48.40 52.74 17.76
N TYR D 536 -48.45 52.33 19.03
CA TYR D 536 -49.71 52.01 19.69
C TYR D 536 -50.02 53.08 20.73
N ASN D 537 -51.16 53.73 20.58
CA ASN D 537 -51.55 54.80 21.49
C ASN D 537 -51.87 54.24 22.87
N ALA D 538 -51.41 54.96 23.90
CA ALA D 538 -51.69 54.56 25.27
C ALA D 538 -53.13 54.86 25.63
N VAL D 539 -53.63 54.12 26.62
CA VAL D 539 -55.01 54.27 27.10
C VAL D 539 -54.99 55.16 28.32
N GLU D 540 -55.74 56.26 28.25
CA GLU D 540 -55.77 57.22 29.36
C GLU D 540 -56.51 56.64 30.56
N ILE D 541 -56.09 57.07 31.74
CA ILE D 541 -56.64 56.61 33.00
C ILE D 541 -56.96 57.83 33.84
N ASP D 542 -58.24 58.01 34.16
CA ASP D 542 -58.66 59.15 34.97
C ASP D 542 -58.50 58.83 36.45
N MET D 543 -57.97 59.79 37.20
CA MET D 543 -57.75 59.63 38.61
C MET D 543 -58.20 60.89 39.35
N SER D 544 -58.57 60.71 40.61
CA SER D 544 -59.00 61.80 41.46
C SER D 544 -58.39 61.63 42.84
N VAL D 545 -57.94 62.74 43.41
CA VAL D 545 -57.37 62.76 44.75
C VAL D 545 -58.47 63.20 45.71
N GLU D 546 -58.80 62.33 46.66
CA GLU D 546 -59.90 62.62 47.57
C GLU D 546 -59.55 63.82 48.45
N PRO D 547 -60.48 64.75 48.62
CA PRO D 547 -60.18 65.95 49.42
C PRO D 547 -59.98 65.58 50.90
N LEU D 548 -58.98 66.21 51.51
CA LEU D 548 -58.72 66.02 52.94
C LEU D 548 -58.06 67.30 53.44
N ARG D 549 -58.87 68.18 54.04
CA ARG D 549 -58.39 69.48 54.54
C ARG D 549 -57.76 70.31 53.45
N SER D 550 -58.19 70.09 52.20
CA SER D 550 -57.63 70.74 51.02
C SER D 550 -58.54 70.43 49.83
N PRO D 551 -58.65 71.32 48.86
CA PRO D 551 -59.50 71.03 47.70
C PRO D 551 -58.85 69.98 46.81
N GLY D 552 -59.65 68.99 46.41
CA GLY D 552 -59.13 67.89 45.63
C GLY D 552 -58.75 68.30 44.22
N GLN D 553 -57.99 67.42 43.57
CA GLN D 553 -57.55 67.63 42.21
C GLN D 553 -57.78 66.37 41.39
N VAL D 554 -58.08 66.56 40.11
CA VAL D 554 -58.35 65.46 39.20
C VAL D 554 -57.35 65.50 38.06
N GLY D 555 -57.09 64.35 37.45
CA GLY D 555 -56.12 64.31 36.38
C GLY D 555 -56.23 63.02 35.60
N ARG D 556 -55.34 62.87 34.63
CA ARG D 556 -55.29 61.67 33.80
C ARG D 556 -53.84 61.29 33.56
N TYR D 557 -53.56 59.99 33.56
CA TYR D 557 -52.23 59.51 33.24
C TYR D 557 -52.33 58.32 32.29
N TYR D 558 -51.28 58.14 31.50
CA TYR D 558 -51.24 57.02 30.57
C TYR D 558 -51.01 55.72 31.33
N ASN D 559 -51.78 54.70 30.99
CA ASN D 559 -51.56 53.38 31.56
C ASN D 559 -50.21 52.85 31.10
N PRO D 560 -49.30 52.50 31.99
CA PRO D 560 -48.00 52.00 31.55
C PRO D 560 -48.14 50.72 30.74
N PHE D 561 -47.23 50.56 29.78
CA PHE D 561 -47.09 49.35 28.97
C PHE D 561 -48.26 49.13 28.03
N ASN D 562 -49.08 50.16 27.79
CA ASN D 562 -50.14 50.13 26.79
C ASN D 562 -51.09 48.95 27.01
N ILE D 563 -51.63 48.86 28.21
CA ILE D 563 -52.58 47.80 28.57
C ILE D 563 -53.90 48.45 28.92
N ASP D 564 -54.97 48.03 28.24
CA ASP D 564 -56.29 48.52 28.56
C ASP D 564 -56.85 47.75 29.75
N PRO D 565 -57.23 48.42 30.84
CA PRO D 565 -57.75 47.69 32.00
C PRO D 565 -58.99 46.86 31.69
N LEU D 566 -59.86 47.31 30.79
CA LEU D 566 -61.04 46.53 30.46
C LEU D 566 -60.68 45.28 29.69
N THR D 567 -59.83 45.42 28.66
CA THR D 567 -59.39 44.25 27.92
C THR D 567 -58.39 43.42 28.72
N LYS D 568 -57.68 44.06 29.65
CA LYS D 568 -56.63 43.41 30.46
C LYS D 568 -55.55 42.79 29.58
N LYS D 569 -55.38 43.33 28.38
CA LYS D 569 -54.38 42.87 27.43
C LYS D 569 -53.76 44.08 26.74
N HIS D 570 -52.89 43.80 25.77
CA HIS D 570 -52.27 44.85 24.98
C HIS D 570 -53.31 45.50 24.06
N VAL D 571 -53.00 46.73 23.63
CA VAL D 571 -53.90 47.44 22.73
C VAL D 571 -54.03 46.70 21.42
N GLU D 572 -52.92 46.21 20.87
CA GLU D 572 -52.97 45.43 19.64
C GLU D 572 -53.62 44.08 19.89
N ASP D 573 -54.64 43.77 19.09
CA ASP D 573 -55.36 42.51 19.22
C ASP D 573 -54.73 41.38 18.43
N ARG D 574 -53.57 41.62 17.80
CA ARG D 574 -52.88 40.63 16.99
C ARG D 574 -51.44 40.41 17.46
N LEU D 575 -51.18 40.52 18.76
CA LEU D 575 -49.82 40.31 19.24
C LEU D 575 -49.37 38.86 19.09
N GLU D 576 -50.23 37.90 19.45
CA GLU D 576 -49.81 36.51 19.37
C GLU D 576 -49.56 36.10 17.92
N GLU D 577 -50.41 36.55 17.00
CA GLU D 577 -50.19 36.24 15.59
C GLU D 577 -48.89 36.88 15.09
N PHE D 578 -48.61 38.11 15.50
CA PHE D 578 -47.37 38.77 15.08
C PHE D 578 -46.15 38.03 15.64
N ILE D 579 -46.22 37.60 16.89
CA ILE D 579 -45.09 36.91 17.51
C ILE D 579 -44.83 35.58 16.82
N ASN D 580 -45.89 34.82 16.52
CA ASN D 580 -45.69 33.58 15.76
C ASN D 580 -45.14 33.86 14.38
N GLN D 581 -45.62 34.93 13.72
CA GLN D 581 -45.11 35.28 12.41
C GLN D 581 -43.62 35.58 12.46
N VAL D 582 -43.17 36.27 13.50
CA VAL D 582 -41.75 36.52 13.67
C VAL D 582 -41.00 35.22 13.94
N GLN D 583 -41.59 34.35 14.76
CA GLN D 583 -40.92 33.11 15.16
C GLN D 583 -40.67 32.21 13.96
N VAL D 584 -41.66 32.07 13.08
CA VAL D 584 -41.54 31.16 11.94
C VAL D 584 -40.90 31.81 10.73
N GLY D 585 -40.53 33.09 10.81
CA GLY D 585 -39.96 33.76 9.67
C GLY D 585 -38.44 33.67 9.60
N ARG D 586 -37.91 33.80 8.38
CA ARG D 586 -36.48 33.85 8.13
C ARG D 586 -36.12 35.24 7.63
N PHE D 587 -35.15 35.87 8.29
CA PHE D 587 -34.87 37.29 8.07
C PHE D 587 -33.59 37.51 7.28
N ARG D 588 -32.47 37.00 7.76
CA ARG D 588 -31.18 37.13 7.07
C ARG D 588 -30.66 35.73 6.79
N ASN D 589 -31.04 35.20 5.62
CA ASN D 589 -30.67 33.83 5.29
C ASN D 589 -29.20 33.72 4.92
N ALA D 590 -28.68 34.68 4.16
CA ALA D 590 -27.30 34.62 3.71
C ALA D 590 -26.31 34.76 4.88
N SER D 591 -26.59 35.68 5.80
CA SER D 591 -25.69 35.97 6.91
C SER D 591 -26.44 35.86 8.23
N GLY D 592 -25.86 35.14 9.18
CA GLY D 592 -26.46 34.98 10.48
C GLY D 592 -27.49 33.88 10.53
N ASN D 593 -27.79 33.43 11.75
CA ASN D 593 -28.76 32.36 11.95
C ASN D 593 -29.52 32.60 13.24
N ALA D 594 -30.74 32.06 13.29
CA ALA D 594 -31.59 32.08 14.49
C ALA D 594 -31.89 33.50 14.95
N VAL D 595 -31.95 34.44 14.03
CA VAL D 595 -32.36 35.80 14.38
C VAL D 595 -33.83 35.84 14.75
N GLY D 596 -34.67 35.22 13.92
CA GLY D 596 -36.10 35.25 14.16
C GLY D 596 -36.50 34.54 15.44
N THR D 597 -35.93 33.37 15.69
CA THR D 597 -36.25 32.62 16.90
C THR D 597 -35.84 33.38 18.16
N THR D 598 -34.64 33.98 18.14
CA THR D 598 -34.18 34.75 19.28
C THR D 598 -35.07 35.95 19.54
N LEU D 599 -35.41 36.68 18.48
CA LEU D 599 -36.28 37.85 18.64
C LEU D 599 -37.66 37.43 19.14
N ALA D 600 -38.18 36.30 18.65
CA ALA D 600 -39.48 35.83 19.11
C ALA D 600 -39.43 35.45 20.59
N ALA D 601 -38.37 34.77 21.02
CA ALA D 601 -38.25 34.42 22.43
C ALA D 601 -38.20 35.67 23.30
N PHE D 602 -37.40 36.65 22.88
CA PHE D 602 -37.31 37.90 23.64
C PHE D 602 -38.66 38.60 23.69
N LEU D 603 -39.37 38.66 22.57
CA LEU D 603 -40.65 39.33 22.53
C LEU D 603 -41.68 38.64 23.42
N ARG D 604 -41.70 37.31 23.39
CA ARG D 604 -42.64 36.58 24.23
C ARG D 604 -42.35 36.77 25.71
N ALA D 605 -41.06 36.74 26.08
CA ALA D 605 -40.71 36.98 27.47
C ALA D 605 -41.11 38.39 27.90
N CYS D 606 -40.83 39.38 27.05
CA CYS D 606 -41.19 40.76 27.39
C CYS D 606 -42.69 40.94 27.52
N ARG D 607 -43.46 40.33 26.61
CA ARG D 607 -44.91 40.45 26.67
C ARG D 607 -45.47 39.80 27.93
N ASP D 608 -45.00 38.60 28.27
CA ASP D 608 -45.47 37.96 29.48
C ASP D 608 -45.12 38.78 30.72
N LYS D 609 -43.89 39.28 30.79
CA LYS D 609 -43.47 40.06 31.95
C LYS D 609 -44.29 41.33 32.08
N THR D 610 -44.55 42.01 30.96
CA THR D 610 -45.33 43.25 31.01
C THR D 610 -46.78 42.98 31.38
N SER D 611 -47.36 41.90 30.87
CA SER D 611 -48.74 41.57 31.22
C SER D 611 -48.87 41.15 32.67
N ALA D 612 -47.80 40.58 33.24
CA ALA D 612 -47.86 40.16 34.64
C ALA D 612 -47.72 41.34 35.60
N ASN D 613 -46.90 42.33 35.26
CA ASN D 613 -46.53 43.36 36.23
C ASN D 613 -46.91 44.77 35.78
N TRP D 614 -48.13 44.97 35.29
CA TRP D 614 -48.57 46.30 34.88
C TRP D 614 -49.42 47.00 35.93
N ARG D 615 -50.15 46.25 36.75
CA ARG D 615 -50.97 46.86 37.79
C ARG D 615 -50.09 47.58 38.81
N GLY D 616 -48.96 46.98 39.19
CA GLY D 616 -48.10 47.62 40.15
C GLY D 616 -47.53 48.93 39.65
N TYR D 617 -47.11 48.97 38.39
CA TYR D 617 -46.57 50.20 37.84
C TYR D 617 -47.66 51.26 37.66
N SER D 618 -48.87 50.84 37.29
CA SER D 618 -49.98 51.78 37.22
C SER D 618 -50.27 52.39 38.59
N VAL D 619 -50.29 51.56 39.62
CA VAL D 619 -50.53 52.06 40.98
C VAL D 619 -49.41 52.99 41.41
N LEU D 620 -48.17 52.67 41.04
CA LEU D 620 -47.04 53.53 41.38
C LEU D 620 -47.18 54.90 40.72
N VAL D 621 -47.58 54.92 39.45
CA VAL D 621 -47.81 56.19 38.77
C VAL D 621 -48.92 56.96 39.46
N SER D 622 -49.98 56.26 39.88
CA SER D 622 -51.08 56.94 40.57
C SER D 622 -50.60 57.58 41.86
N ARG D 623 -49.80 56.85 42.65
CA ARG D 623 -49.27 57.41 43.89
C ARG D 623 -48.38 58.62 43.61
N TYR D 624 -47.50 58.51 42.61
CA TYR D 624 -46.60 59.61 42.31
C TYR D 624 -47.38 60.85 41.88
N ARG D 625 -48.45 60.65 41.10
CA ARG D 625 -49.31 61.77 40.75
C ARG D 625 -49.99 62.34 41.98
N SER D 626 -50.37 61.47 42.92
CA SER D 626 -51.02 61.95 44.14
C SER D 626 -50.08 62.78 45.01
N LEU D 627 -48.77 62.56 44.89
CA LEU D 627 -47.83 63.32 45.69
C LEU D 627 -47.83 64.80 45.32
N ILE D 628 -47.87 65.11 44.03
CA ILE D 628 -47.69 66.47 43.52
C ILE D 628 -48.91 67.32 43.82
N PRO D 629 -48.74 68.60 44.20
CA PRO D 629 -49.89 69.50 44.32
C PRO D 629 -50.35 69.98 42.94
N ASN D 630 -51.51 70.66 42.96
CA ASN D 630 -52.12 71.07 41.70
C ASN D 630 -51.36 72.23 41.05
N GLU D 631 -50.98 73.23 41.84
CA GLU D 631 -50.33 74.41 41.29
C GLU D 631 -48.98 74.05 40.67
N LEU D 632 -48.20 73.21 41.34
CA LEU D 632 -46.93 72.78 40.80
C LEU D 632 -47.12 71.98 39.51
N PHE D 633 -48.15 71.15 39.46
CA PHE D 633 -48.43 70.38 38.25
C PHE D 633 -48.79 71.30 37.10
N GLU D 634 -49.59 72.33 37.36
CA GLU D 634 -49.93 73.29 36.31
C GLU D 634 -48.68 74.04 35.84
N SER D 635 -47.78 74.36 36.77
CA SER D 635 -46.53 74.99 36.38
C SER D 635 -45.70 74.07 35.50
N LEU D 636 -45.63 72.79 35.84
CA LEU D 636 -44.80 71.85 35.10
C LEU D 636 -45.35 71.53 33.72
N ARG D 637 -46.58 71.95 33.40
CA ARG D 637 -47.12 71.72 32.08
C ARG D 637 -46.54 72.68 31.04
N ASN D 638 -45.88 73.75 31.48
CA ASN D 638 -45.25 74.67 30.54
C ASN D 638 -43.93 74.12 29.99
N ILE D 639 -43.16 73.44 30.84
CA ILE D 639 -41.84 72.95 30.47
C ILE D 639 -41.96 71.74 29.55
N SER D 640 -40.85 71.35 28.93
CA SER D 640 -40.82 70.18 28.06
C SER D 640 -39.39 69.66 28.01
N GLY D 641 -39.26 68.36 27.73
CA GLY D 641 -37.95 67.74 27.65
C GLY D 641 -38.01 66.42 26.92
N GLU D 642 -36.83 65.88 26.64
CA GLU D 642 -36.70 64.60 25.96
C GLU D 642 -35.62 63.78 26.66
N TYR D 643 -35.92 62.51 26.93
CA TYR D 643 -35.02 61.61 27.62
C TYR D 643 -34.41 60.63 26.64
N ASN D 644 -33.08 60.52 26.64
CA ASN D 644 -32.37 59.57 25.80
C ASN D 644 -31.98 58.36 26.65
N ILE D 645 -32.43 57.18 26.22
CA ILE D 645 -32.20 55.93 26.95
C ILE D 645 -31.37 55.01 26.09
N ASN D 646 -30.31 54.45 26.67
CA ASN D 646 -29.47 53.52 25.94
C ASN D 646 -30.25 52.24 25.65
N PRO D 647 -30.02 51.60 24.50
CA PRO D 647 -30.76 50.37 24.19
C PRO D 647 -30.58 49.27 25.23
N GLN D 648 -29.38 49.15 25.78
CA GLN D 648 -29.13 48.12 26.78
C GLN D 648 -29.99 48.34 28.02
N ASP D 649 -30.12 49.59 28.45
CA ASP D 649 -30.95 49.89 29.61
C ASP D 649 -32.41 49.53 29.36
N GLU D 650 -32.92 49.84 28.18
CA GLU D 650 -34.30 49.52 27.86
C GLU D 650 -34.52 48.01 27.83
N HIS D 651 -33.61 47.28 27.17
CA HIS D 651 -33.76 45.83 27.09
C HIS D 651 -33.60 45.17 28.46
N SER D 652 -32.78 45.74 29.34
CA SER D 652 -32.67 45.21 30.69
C SER D 652 -33.92 45.51 31.50
N PHE D 653 -34.48 46.71 31.33
CA PHE D 653 -35.70 47.07 32.05
C PHE D 653 -36.86 46.16 31.67
N PHE D 654 -36.97 45.83 30.38
CA PHE D 654 -38.08 44.99 29.94
C PHE D 654 -37.78 43.50 30.10
N PHE D 655 -36.51 43.10 30.08
CA PHE D 655 -36.18 41.69 30.26
C PHE D 655 -36.31 41.28 31.72
N ALA D 656 -35.87 42.14 32.64
CA ALA D 656 -35.95 41.89 34.08
C ALA D 656 -36.80 43.00 34.67
N LEU D 657 -38.10 42.80 34.70
CA LEU D 657 -39.05 43.79 35.20
C LEU D 657 -39.46 43.39 36.60
N ALA D 658 -38.95 44.13 37.59
CA ALA D 658 -39.25 43.82 38.98
C ALA D 658 -40.73 44.04 39.28
N GLN D 659 -41.31 43.15 40.07
CA GLN D 659 -42.70 43.25 40.47
C GLN D 659 -42.81 44.08 41.74
N ILE D 660 -43.58 45.16 41.67
CA ILE D 660 -43.74 46.09 42.79
C ILE D 660 -45.11 45.86 43.42
N ASN D 661 -45.12 45.67 44.74
CA ASN D 661 -46.33 45.46 45.50
C ASN D 661 -46.49 46.59 46.51
N ALA D 662 -47.65 47.24 46.50
CA ALA D 662 -47.98 48.28 47.46
C ALA D 662 -49.16 47.89 48.34
N ASP D 663 -49.39 46.58 48.52
CA ASP D 663 -50.52 46.14 49.32
C ASP D 663 -50.36 46.54 50.78
N ASP D 664 -49.13 46.51 51.29
CA ASP D 664 -48.89 46.91 52.68
C ASP D 664 -49.15 48.41 52.88
N GLU D 665 -48.88 49.22 51.86
CA GLU D 665 -49.02 50.67 52.02
C GLU D 665 -50.48 51.09 52.13
N PHE D 666 -51.37 50.43 51.40
CA PHE D 666 -52.76 50.84 51.32
C PHE D 666 -53.58 50.21 52.44
N ILE D 667 -54.29 51.04 53.20
CA ILE D 667 -55.25 50.57 54.19
C ILE D 667 -56.64 50.78 53.61
N GLY D 668 -57.18 49.77 52.94
CA GLY D 668 -58.40 49.97 52.18
C GLY D 668 -58.10 50.84 50.97
N ALA D 669 -58.85 51.93 50.84
CA ALA D 669 -58.66 52.88 49.75
C ALA D 669 -57.81 54.07 50.14
N ILE D 670 -57.24 54.06 51.35
CA ILE D 670 -56.52 55.19 51.89
C ILE D 670 -55.07 54.79 52.12
N ASP D 671 -54.14 55.57 51.59
CA ASP D 671 -52.73 55.41 51.88
C ASP D 671 -52.22 56.66 52.60
N LYS D 672 -51.40 56.44 53.63
CA LYS D 672 -51.09 57.50 54.58
C LYS D 672 -50.05 58.47 54.05
N GLU D 673 -48.90 57.94 53.63
CA GLU D 673 -47.74 58.79 53.35
C GLU D 673 -48.05 59.80 52.24
N SER D 674 -48.82 59.39 51.24
CA SER D 674 -49.18 60.32 50.17
C SER D 674 -49.99 61.49 50.70
N ALA D 675 -50.98 61.20 51.55
CA ALA D 675 -51.79 62.25 52.14
C ALA D 675 -50.95 63.18 53.00
N GLU D 676 -50.01 62.61 53.77
CA GLU D 676 -49.17 63.43 54.65
C GLU D 676 -48.31 64.37 53.82
N TYR D 677 -47.66 63.84 52.80
CA TYR D 677 -46.79 64.64 51.95
C TYR D 677 -47.59 65.72 51.22
N LEU D 678 -48.80 65.39 50.77
CA LEU D 678 -49.62 66.39 50.11
C LEU D 678 -50.08 67.48 51.08
N ASP D 679 -50.32 67.11 52.34
CA ASP D 679 -50.78 68.09 53.31
C ASP D 679 -49.67 69.07 53.67
N GLU D 680 -48.40 68.61 53.68
CA GLU D 680 -47.31 69.49 54.07
C GLU D 680 -47.25 70.75 53.18
N TYR D 681 -47.76 70.67 51.96
CA TYR D 681 -47.70 71.82 51.05
C TYR D 681 -48.55 72.98 51.54
N ALA D 682 -49.63 72.71 52.27
CA ALA D 682 -50.42 73.81 52.83
C ALA D 682 -49.61 74.63 53.83
N THR D 683 -48.86 73.94 54.70
CA THR D 683 -47.96 74.64 55.60
C THR D 683 -46.91 75.42 54.83
N LEU D 684 -46.38 74.83 53.76
CA LEU D 684 -45.39 75.54 52.95
C LEU D 684 -45.97 76.82 52.37
N ALA D 685 -47.19 76.75 51.84
CA ALA D 685 -47.81 77.93 51.23
C ALA D 685 -48.09 79.01 52.26
N ARG D 686 -48.58 78.62 53.44
CA ARG D 686 -48.81 79.59 54.51
C ARG D 686 -47.51 80.29 54.90
N ASP D 687 -46.44 79.51 55.03
CA ASP D 687 -45.15 80.11 55.36
C ASP D 687 -44.68 81.07 54.27
N ILE D 688 -44.89 80.70 53.01
CA ILE D 688 -44.48 81.55 51.90
C ILE D 688 -45.18 82.90 51.98
N SER D 689 -46.50 82.87 52.14
CA SER D 689 -47.26 84.13 52.18
C SER D 689 -46.84 84.98 53.38
N ASN D 690 -46.71 84.35 54.56
CA ASN D 690 -46.35 85.12 55.75
C ASN D 690 -44.97 85.76 55.61
N SER D 691 -43.99 84.99 55.12
CA SER D 691 -42.64 85.51 54.97
C SER D 691 -42.60 86.65 53.95
N LEU D 692 -43.32 86.50 52.84
CA LEU D 692 -43.34 87.56 51.85
C LEU D 692 -43.91 88.84 52.43
N THR D 693 -45.03 88.74 53.16
CA THR D 693 -45.62 89.93 53.76
C THR D 693 -44.65 90.57 54.75
N LEU D 694 -44.00 89.76 55.58
CA LEU D 694 -43.10 90.30 56.59
C LEU D 694 -41.92 91.01 55.95
N VAL D 695 -41.33 90.42 54.91
CA VAL D 695 -40.19 91.06 54.25
C VAL D 695 -40.61 92.35 53.58
N LYS D 696 -41.76 92.35 52.90
CA LYS D 696 -42.21 93.57 52.23
C LYS D 696 -42.49 94.67 53.23
N ALA D 697 -43.09 94.34 54.37
CA ALA D 697 -43.35 95.36 55.39
C ALA D 697 -42.06 95.83 56.05
N ALA D 698 -41.06 94.96 56.17
CA ALA D 698 -39.82 95.35 56.82
C ALA D 698 -38.97 96.25 55.94
N PHE D 699 -38.87 95.95 54.65
CA PHE D 699 -37.93 96.65 53.80
C PHE D 699 -38.56 97.64 52.83
N GLY D 700 -39.80 97.43 52.42
CA GLY D 700 -40.46 98.34 51.51
C GLY D 700 -39.80 98.37 50.15
N PRO D 701 -39.90 99.50 49.45
CA PRO D 701 -39.25 99.61 48.13
C PRO D 701 -37.74 99.50 48.26
N LEU D 702 -37.13 98.90 47.24
CA LEU D 702 -35.70 98.62 47.23
C LEU D 702 -35.04 99.34 46.08
N GLU D 703 -33.88 99.92 46.34
CA GLU D 703 -33.12 100.66 45.35
C GLU D 703 -31.73 100.05 45.20
N ARG D 704 -31.20 100.11 43.99
CA ARG D 704 -29.87 99.59 43.67
C ARG D 704 -29.05 100.72 43.05
N THR D 705 -28.32 101.45 43.89
CA THR D 705 -27.44 102.48 43.38
C THR D 705 -26.19 101.88 42.74
N SER D 706 -25.65 100.82 43.34
CA SER D 706 -24.44 100.19 42.84
C SER D 706 -24.55 98.68 43.04
N GLY D 707 -23.74 97.94 42.28
CA GLY D 707 -23.68 96.50 42.37
C GLY D 707 -24.56 95.83 41.35
N SER D 708 -24.37 94.52 41.22
CA SER D 708 -25.12 93.73 40.26
C SER D 708 -26.40 93.22 40.91
N ILE D 709 -27.26 92.60 40.10
CA ILE D 709 -28.52 92.08 40.61
C ILE D 709 -28.27 90.91 41.55
N ILE D 710 -27.32 90.04 41.21
CA ILE D 710 -27.02 88.89 42.05
C ILE D 710 -26.53 89.35 43.42
N ASN D 711 -25.61 90.32 43.44
CA ASN D 711 -25.12 90.85 44.71
C ASN D 711 -26.25 91.49 45.50
N HIS D 712 -27.13 92.23 44.82
CA HIS D 712 -28.27 92.85 45.48
C HIS D 712 -29.12 91.81 46.20
N ALA D 713 -29.50 90.74 45.49
CA ALA D 713 -30.36 89.73 46.11
C ALA D 713 -29.65 88.99 47.23
N ASN D 714 -28.37 88.64 47.03
CA ASN D 714 -27.65 87.92 48.06
C ASN D 714 -27.49 88.75 49.33
N ASN D 715 -27.14 90.03 49.19
CA ASN D 715 -26.99 90.87 50.36
C ASN D 715 -28.34 91.15 51.03
N LEU D 716 -29.42 91.26 50.23
CA LEU D 716 -30.74 91.40 50.83
C LEU D 716 -31.11 90.17 51.64
N ASN D 717 -30.74 88.97 51.14
CA ASN D 717 -31.00 87.77 51.90
C ASN D 717 -30.18 87.72 53.19
N LYS D 718 -28.92 88.14 53.13
CA LYS D 718 -28.11 88.18 54.34
C LYS D 718 -28.71 89.12 55.38
N VAL D 719 -29.16 90.30 54.94
CA VAL D 719 -29.74 91.24 55.90
C VAL D 719 -31.11 90.74 56.38
N ILE D 720 -31.83 90.00 55.55
CA ILE D 720 -33.09 89.39 55.97
C ILE D 720 -32.84 88.38 57.08
N ASN D 721 -31.81 87.55 56.92
CA ASN D 721 -31.45 86.60 57.96
C ASN D 721 -31.02 87.31 59.23
N HIS D 722 -30.25 88.39 59.11
CA HIS D 722 -29.78 89.09 60.30
C HIS D 722 -30.93 89.76 61.05
N VAL D 723 -31.83 90.41 60.33
CA VAL D 723 -32.91 91.15 60.99
C VAL D 723 -33.90 90.21 61.64
N PHE D 724 -34.28 89.14 60.95
CA PHE D 724 -35.25 88.16 61.44
C PHE D 724 -34.58 86.95 62.06
N ALA D 725 -33.47 87.16 62.76
CA ALA D 725 -32.76 86.04 63.39
C ALA D 725 -33.66 85.28 64.37
N ASP D 726 -34.65 85.95 64.95
CA ASP D 726 -35.58 85.27 65.83
C ASP D 726 -36.45 84.26 65.09
N LYS D 727 -36.77 84.54 63.82
CA LYS D 727 -37.59 83.64 63.00
C LYS D 727 -36.79 83.18 61.80
N PRO D 728 -36.15 82.00 61.86
CA PRO D 728 -35.42 81.50 60.68
C PRO D 728 -36.32 81.05 59.55
N LEU D 729 -37.63 80.94 59.80
CA LEU D 729 -38.56 80.49 58.77
C LEU D 729 -38.58 81.44 57.59
N ILE D 730 -38.52 82.76 57.85
CA ILE D 730 -38.54 83.73 56.77
C ILE D 730 -37.33 83.55 55.86
N SER D 731 -36.15 83.41 56.47
CA SER D 731 -34.94 83.22 55.68
C SER D 731 -34.98 81.92 54.90
N GLU D 732 -35.48 80.85 55.52
CA GLU D 732 -35.57 79.57 54.81
C GLU D 732 -36.51 79.68 53.62
N THR D 733 -37.65 80.34 53.80
CA THR D 733 -38.61 80.46 52.70
C THR D 733 -38.06 81.33 51.57
N MET D 734 -37.42 82.45 51.92
CA MET D 734 -36.84 83.30 50.89
C MET D 734 -35.73 82.58 50.14
N LEU D 735 -34.93 81.78 50.86
CA LEU D 735 -33.87 81.03 50.20
C LEU D 735 -34.45 79.94 49.30
N LYS D 736 -35.56 79.32 49.69
CA LYS D 736 -36.21 78.34 48.82
C LYS D 736 -36.69 78.99 47.53
N ILE D 737 -37.35 80.14 47.65
CA ILE D 737 -37.84 80.84 46.47
C ILE D 737 -36.68 81.25 45.58
N LEU D 738 -35.60 81.76 46.17
CA LEU D 738 -34.45 82.18 45.38
C LEU D 738 -33.76 80.99 44.73
N THR D 739 -33.72 79.84 45.41
CA THR D 739 -33.14 78.65 44.81
C THR D 739 -33.93 78.21 43.58
N ILE D 740 -35.25 78.23 43.69
CA ILE D 740 -36.06 77.86 42.52
C ILE D 740 -35.93 78.89 41.41
N ASP D 741 -35.80 80.18 41.77
CA ASP D 741 -35.78 81.23 40.76
C ASP D 741 -34.42 81.32 40.06
N GLY D 742 -33.37 81.60 40.80
CA GLY D 742 -32.07 81.91 40.24
C GLY D 742 -31.38 80.79 39.50
N THR D 743 -32.01 79.62 39.39
CA THR D 743 -31.43 78.53 38.61
C THR D 743 -31.35 78.87 37.12
N THR D 744 -32.04 79.92 36.68
CA THR D 744 -32.03 80.34 35.28
C THR D 744 -31.16 81.56 35.01
N GLY D 745 -30.56 82.15 36.05
CA GLY D 745 -29.60 83.22 35.88
C GLY D 745 -30.09 84.53 36.48
N LYS D 746 -29.65 85.63 35.86
CA LYS D 746 -30.00 86.96 36.35
C LYS D 746 -31.48 87.26 36.13
N ASP D 747 -32.08 86.65 35.10
CA ASP D 747 -33.51 86.82 34.88
C ASP D 747 -34.32 86.25 36.04
N GLY D 748 -33.88 85.12 36.60
CA GLY D 748 -34.54 84.59 37.77
C GLY D 748 -34.45 85.51 38.96
N TYR D 749 -33.32 86.20 39.11
CA TYR D 749 -33.18 87.17 40.18
C TYR D 749 -34.09 88.38 39.97
N ARG D 750 -34.22 88.84 38.74
CA ARG D 750 -35.19 89.88 38.45
C ARG D 750 -36.60 89.42 38.77
N ASN D 751 -36.90 88.17 38.46
CA ASN D 751 -38.22 87.61 38.79
C ASN D 751 -38.45 87.57 40.29
N TRP D 752 -37.40 87.23 41.05
CA TRP D 752 -37.51 87.23 42.51
C TRP D 752 -37.81 88.63 43.04
N LEU D 753 -37.09 89.63 42.53
CA LEU D 753 -37.33 91.00 42.98
C LEU D 753 -38.71 91.47 42.56
N ASP D 754 -39.17 91.06 41.39
CA ASP D 754 -40.51 91.41 40.95
C ASP D 754 -41.56 90.77 41.86
N LYS D 755 -41.32 89.53 42.28
CA LYS D 755 -42.21 88.88 43.23
C LYS D 755 -42.26 89.65 44.54
N LEU D 756 -41.09 90.10 45.01
CA LEU D 756 -41.05 90.85 46.26
C LEU D 756 -41.81 92.16 46.16
N VAL D 757 -41.58 92.92 45.08
CA VAL D 757 -42.19 94.24 44.99
C VAL D 757 -43.68 94.14 44.70
N GLY D 758 -44.08 93.22 43.82
CA GLY D 758 -45.45 93.10 43.39
C GLY D 758 -46.34 92.24 44.25
N HIS D 759 -45.83 91.75 45.39
CA HIS D 759 -46.66 90.97 46.29
C HIS D 759 -47.76 91.85 46.88
N ASN D 760 -48.97 91.31 46.92
CA ASN D 760 -50.14 92.02 47.42
C ASN D 760 -50.45 91.59 48.84
N TYR D 761 -50.85 92.55 49.67
CA TYR D 761 -51.21 92.24 51.05
C TYR D 761 -52.45 91.35 51.08
N PRO D 762 -52.42 90.22 51.77
CA PRO D 762 -53.60 89.37 51.87
C PRO D 762 -54.66 90.03 52.75
N VAL D 763 -55.88 89.51 52.65
CA VAL D 763 -56.96 90.07 53.44
C VAL D 763 -56.77 89.75 54.92
N TYR D 764 -56.26 88.56 55.23
CA TYR D 764 -55.99 88.18 56.62
C TYR D 764 -54.48 88.28 56.88
N VAL D 765 -54.01 89.51 57.05
CA VAL D 765 -52.61 89.73 57.37
C VAL D 765 -52.35 89.37 58.83
N GLU D 766 -51.14 88.91 59.11
CA GLU D 766 -50.78 88.61 60.48
C GLU D 766 -50.68 89.90 61.29
N PRO D 767 -50.99 89.84 62.59
CA PRO D 767 -50.91 91.07 63.40
C PRO D 767 -49.52 91.67 63.47
N VAL D 768 -48.47 90.86 63.30
CA VAL D 768 -47.11 91.38 63.40
C VAL D 768 -46.87 92.42 62.30
N VAL D 769 -47.42 92.19 61.11
CA VAL D 769 -47.27 93.16 60.02
C VAL D 769 -47.93 94.47 60.38
N ASN D 770 -49.14 94.42 60.95
CA ASN D 770 -49.82 95.64 61.34
C ASN D 770 -49.05 96.39 62.42
N ILE D 771 -48.52 95.67 63.41
CA ILE D 771 -47.73 96.31 64.46
C ILE D 771 -46.50 96.98 63.88
N MET D 772 -45.80 96.29 62.98
CA MET D 772 -44.61 96.85 62.37
C MET D 772 -44.94 98.08 61.54
N ASN D 773 -46.03 98.03 60.78
CA ASN D 773 -46.43 99.18 59.97
C ASN D 773 -46.79 100.37 60.84
N PHE D 774 -47.50 100.13 61.95
CA PHE D 774 -47.84 101.21 62.87
C PHE D 774 -46.58 101.82 63.48
N ILE D 775 -45.62 100.99 63.86
CA ILE D 775 -44.38 101.52 64.42
C ILE D 775 -43.62 102.32 63.38
N SER D 776 -43.58 101.84 62.14
CA SER D 776 -42.91 102.58 61.07
C SER D 776 -43.58 103.93 60.82
N ALA D 777 -44.92 103.95 60.83
CA ALA D 777 -45.63 105.20 60.63
C ALA D 777 -45.33 106.18 61.76
N ARG D 778 -45.31 105.70 63.01
CA ARG D 778 -44.98 106.56 64.12
C ARG D 778 -43.55 107.07 64.02
N PHE D 779 -42.64 106.21 63.55
CA PHE D 779 -41.24 106.61 63.41
C PHE D 779 -41.09 107.71 62.36
N VAL D 780 -41.77 107.57 61.23
CA VAL D 780 -41.67 108.58 60.17
C VAL D 780 -42.35 109.88 60.60
N ALA D 781 -43.52 109.78 61.24
CA ALA D 781 -44.31 110.97 61.51
C ALA D 781 -43.82 111.72 62.74
N ASP D 782 -43.86 111.06 63.91
CA ASP D 782 -43.43 111.69 65.16
C ASP D 782 -41.93 111.46 65.34
N SER D 783 -41.14 112.26 64.62
CA SER D 783 -39.70 112.08 64.61
C SER D 783 -39.03 112.58 65.87
N SER D 784 -39.58 113.62 66.50
CA SER D 784 -38.95 114.18 67.70
C SER D 784 -38.93 113.21 68.86
N TYR D 785 -39.81 112.20 68.85
CA TYR D 785 -39.78 111.21 69.92
C TYR D 785 -38.55 110.33 69.84
N PHE D 786 -38.14 109.96 68.63
CA PHE D 786 -37.08 108.98 68.44
C PHE D 786 -35.70 109.61 68.25
N GLY D 787 -35.58 110.93 68.32
CA GLY D 787 -34.29 111.57 68.39
C GLY D 787 -33.78 112.24 67.14
N TYR D 788 -34.61 112.45 66.12
CA TYR D 788 -34.16 113.13 64.91
C TYR D 788 -35.24 114.09 64.43
N THR D 789 -34.80 115.13 63.72
CA THR D 789 -35.68 116.17 63.22
C THR D 789 -35.32 116.46 61.76
N ASN D 790 -36.02 117.44 61.18
CA ASN D 790 -35.82 117.80 59.79
C ASN D 790 -35.43 119.27 59.62
N GLU D 791 -34.93 119.90 60.68
CA GLU D 791 -34.57 121.31 60.60
C GLU D 791 -33.65 121.66 61.77
N ILE D 792 -32.60 122.41 61.47
CA ILE D 792 -31.72 122.95 62.50
C ILE D 792 -31.49 124.42 62.21
N MET D 793 -31.09 125.16 63.24
CA MET D 793 -30.90 126.60 63.10
C MET D 793 -29.57 127.00 63.73
N ILE D 794 -28.66 127.56 62.93
CA ILE D 794 -27.34 127.96 63.40
C ILE D 794 -27.34 129.48 63.53
N MET D 795 -26.86 129.97 64.66
CA MET D 795 -26.94 131.39 64.97
C MET D 795 -25.69 131.85 65.69
N PRO D 796 -25.38 133.14 65.64
CA PRO D 796 -24.41 133.70 66.58
C PRO D 796 -25.01 133.84 67.96
N ASN D 797 -24.13 133.99 68.96
CA ASN D 797 -24.59 134.06 70.33
C ASN D 797 -25.18 135.42 70.68
N HIS D 798 -24.68 136.50 70.08
CA HIS D 798 -25.10 137.83 70.48
C HIS D 798 -26.54 138.15 70.10
N ILE D 799 -27.17 137.32 69.28
CA ILE D 799 -28.57 137.50 68.89
C ILE D 799 -29.45 136.77 69.88
N ASN D 800 -30.39 137.49 70.49
CA ASN D 800 -31.31 136.92 71.46
C ASN D 800 -32.67 136.65 70.81
N VAL D 801 -33.11 135.40 70.88
CA VAL D 801 -34.41 135.01 70.32
C VAL D 801 -35.20 134.25 71.38
N PRO D 802 -36.54 134.26 71.31
CA PRO D 802 -37.33 133.55 72.33
C PRO D 802 -37.13 132.04 72.21
N VAL D 803 -37.01 131.39 73.36
CA VAL D 803 -36.82 129.94 73.43
C VAL D 803 -37.80 129.37 74.43
N ASP D 804 -38.04 128.06 74.32
CA ASP D 804 -38.95 127.37 75.22
C ASP D 804 -38.44 127.44 76.64
N ASP D 805 -39.11 128.19 77.50
CA ASP D 805 -38.67 128.43 78.87
C ASP D 805 -39.46 127.65 79.89
N ARG D 806 -40.31 126.71 79.46
CA ARG D 806 -41.11 125.94 80.42
C ARG D 806 -40.22 125.07 81.29
N PHE D 807 -39.21 124.43 80.71
CA PHE D 807 -38.36 123.52 81.47
C PHE D 807 -37.42 124.28 82.39
N GLY D 808 -36.94 125.44 81.96
CA GLY D 808 -36.00 126.21 82.74
C GLY D 808 -34.54 125.99 82.41
N PHE D 809 -34.23 125.37 81.27
CA PHE D 809 -32.84 125.12 80.91
C PHE D 809 -32.09 126.42 80.69
N ARG D 810 -30.81 126.42 81.03
CA ARG D 810 -29.95 127.57 80.79
C ARG D 810 -29.61 127.65 79.32
N ASP D 811 -29.97 128.77 78.68
CA ASP D 811 -29.80 128.96 77.25
C ASP D 811 -30.36 127.77 76.48
N SER D 812 -31.66 127.57 76.64
CA SER D 812 -32.31 126.38 76.12
C SER D 812 -32.13 126.30 74.61
N PRO D 813 -31.68 125.16 74.08
CA PRO D 813 -31.56 124.99 72.63
C PRO D 813 -32.83 124.51 71.94
N PHE D 814 -33.97 124.57 72.61
CA PHE D 814 -35.24 124.10 72.07
C PHE D 814 -36.17 125.29 71.85
N CYS D 815 -36.77 125.34 70.67
CA CYS D 815 -37.75 126.35 70.32
C CYS D 815 -39.04 125.65 69.90
N THR D 816 -40.17 126.24 70.25
CA THR D 816 -41.46 125.60 69.94
C THR D 816 -41.63 125.42 68.44
N SER D 817 -41.28 126.43 67.66
CA SER D 817 -41.20 126.32 66.22
C SER D 817 -40.07 127.22 65.76
N LEU D 818 -39.44 126.84 64.65
CA LEU D 818 -38.32 127.63 64.16
C LEU D 818 -38.84 128.95 63.62
N PRO D 819 -38.37 130.08 64.15
CA PRO D 819 -38.98 131.37 63.77
C PRO D 819 -38.69 131.71 62.31
N ARG D 820 -39.76 131.99 61.57
CA ARG D 820 -39.59 132.52 60.23
C ARG D 820 -39.06 133.95 60.27
N THR D 821 -39.47 134.72 61.28
CA THR D 821 -39.01 136.08 61.48
C THR D 821 -38.38 136.22 62.86
N ILE D 822 -37.25 136.91 62.92
CA ILE D 822 -36.56 137.20 64.17
C ILE D 822 -36.31 138.70 64.23
N MET D 823 -36.81 139.35 65.29
CA MET D 823 -36.68 140.80 65.45
C MET D 823 -37.22 141.53 64.24
N GLY D 824 -38.27 140.99 63.63
CA GLY D 824 -38.87 141.56 62.45
C GLY D 824 -38.18 141.26 61.14
N ASN D 825 -37.10 140.48 61.16
CA ASN D 825 -36.32 140.19 59.97
C ASN D 825 -36.44 138.72 59.61
N ASP D 826 -36.51 138.44 58.31
CA ASP D 826 -36.62 137.07 57.84
C ASP D 826 -35.33 136.29 58.10
N VAL D 827 -35.47 135.01 58.41
CA VAL D 827 -34.35 134.12 58.66
C VAL D 827 -34.06 133.35 57.37
N ARG D 828 -32.79 133.35 56.97
CA ARG D 828 -32.42 132.67 55.73
C ARG D 828 -32.59 131.16 55.87
N ARG D 829 -33.22 130.55 54.87
CA ARG D 829 -33.44 129.11 54.83
C ARG D 829 -32.66 128.53 53.67
N ILE D 830 -31.79 127.56 53.95
CA ILE D 830 -30.90 126.99 52.97
C ILE D 830 -31.07 125.48 52.95
N SER D 831 -31.20 124.91 51.76
CA SER D 831 -31.19 123.47 51.61
C SER D 831 -29.81 122.92 51.95
N TYR D 832 -29.76 121.64 52.33
CA TYR D 832 -28.50 121.06 52.78
C TYR D 832 -27.49 120.96 51.65
N ASN D 833 -27.94 120.61 50.44
CA ASN D 833 -27.00 120.49 49.32
C ASN D 833 -26.43 121.84 48.92
N VAL D 834 -27.28 122.87 48.87
CA VAL D 834 -26.80 124.22 48.59
C VAL D 834 -25.79 124.64 49.64
N PHE D 835 -26.05 124.30 50.89
CA PHE D 835 -25.09 124.58 51.96
C PHE D 835 -23.79 123.82 51.74
N SER D 836 -23.88 122.60 51.23
CA SER D 836 -22.68 121.81 50.96
C SER D 836 -21.82 122.47 49.90
N MET D 837 -22.44 122.96 48.83
CA MET D 837 -21.67 123.60 47.77
C MET D 837 -21.35 125.06 48.04
N MET D 838 -21.99 125.69 49.02
CA MET D 838 -21.84 127.11 49.22
C MET D 838 -20.49 127.45 49.82
N GLU D 839 -19.81 128.42 49.22
CA GLU D 839 -18.54 128.92 49.73
C GLU D 839 -18.79 130.09 50.67
N ASP D 840 -17.72 130.75 51.12
CA ASP D 840 -17.78 131.86 52.07
C ASP D 840 -18.82 131.62 53.16
N ILE D 841 -18.73 130.44 53.77
CA ILE D 841 -19.69 130.04 54.80
C ILE D 841 -19.56 130.94 56.03
N ASP D 842 -18.39 131.55 56.25
CA ASP D 842 -18.22 132.42 57.40
C ASP D 842 -19.16 133.61 57.34
N ASP D 843 -19.32 134.22 56.17
CA ASP D 843 -20.27 135.32 56.03
C ASP D 843 -21.70 134.85 56.24
N VAL D 844 -22.04 133.65 55.74
CA VAL D 844 -23.38 133.11 55.90
C VAL D 844 -23.64 132.68 57.32
N ILE D 845 -22.60 132.55 58.14
CA ILE D 845 -22.76 132.17 59.54
C ILE D 845 -22.67 133.38 60.48
N SER D 846 -22.14 134.51 60.00
CA SER D 846 -22.19 135.73 60.81
C SER D 846 -23.62 136.15 61.08
N GLU D 847 -24.56 135.76 60.22
CA GLU D 847 -25.99 135.84 60.49
C GLU D 847 -26.56 134.42 60.48
N GLY D 848 -27.64 134.22 61.24
CA GLY D 848 -28.17 132.89 61.40
C GLY D 848 -28.76 132.35 60.10
N PHE D 849 -28.93 131.02 60.08
CA PHE D 849 -29.58 130.39 58.94
C PHE D 849 -30.21 129.07 59.37
N ILE D 850 -31.11 128.58 58.52
CA ILE D 850 -31.89 127.37 58.78
C ILE D 850 -31.51 126.33 57.74
N LEU D 851 -31.26 125.10 58.19
CA LEU D 851 -31.03 123.97 57.31
C LEU D 851 -32.21 123.01 57.43
N TYR D 852 -32.80 122.62 56.29
CA TYR D 852 -34.11 122.00 56.32
C TYR D 852 -34.33 120.82 55.38
N ASP D 853 -33.32 120.31 54.69
CA ASP D 853 -33.59 119.27 53.70
C ASP D 853 -32.69 118.08 54.01
N ALA D 854 -32.69 117.65 55.28
CA ALA D 854 -31.93 116.48 55.68
C ALA D 854 -32.50 115.96 56.99
N TYR D 855 -32.11 114.74 57.35
CA TYR D 855 -32.48 114.14 58.63
C TYR D 855 -31.33 114.36 59.60
N PHE D 856 -31.53 115.27 60.54
CA PHE D 856 -30.49 115.65 61.51
C PHE D 856 -30.70 114.87 62.79
N ASN D 857 -29.68 114.11 63.19
CA ASN D 857 -29.74 113.32 64.41
C ASN D 857 -29.04 114.08 65.53
N PHE D 858 -29.73 114.19 66.66
CA PHE D 858 -29.22 114.92 67.82
C PHE D 858 -29.36 114.06 69.06
N SER D 859 -28.44 114.26 70.00
CA SER D 859 -28.47 113.60 71.29
C SER D 859 -28.28 114.63 72.39
N TYR D 860 -28.85 114.37 73.56
CA TYR D 860 -28.72 115.29 74.67
C TYR D 860 -28.79 114.53 75.98
N ASP D 861 -28.13 115.08 77.00
CA ASP D 861 -28.24 114.59 78.36
C ASP D 861 -28.53 115.76 79.27
N ILE D 862 -29.50 115.59 80.17
CA ILE D 862 -29.92 116.63 81.10
C ILE D 862 -29.24 116.39 82.43
N MET D 863 -28.57 117.41 82.94
CA MET D 863 -27.80 117.31 84.18
C MET D 863 -28.44 118.16 85.27
N THR D 864 -28.52 117.58 86.47
CA THR D 864 -29.24 118.23 87.55
C THR D 864 -28.57 119.52 88.00
N THR D 865 -27.24 119.54 88.04
CA THR D 865 -26.53 120.70 88.55
C THR D 865 -26.65 121.88 87.59
N ASP D 866 -26.02 122.99 87.97
CA ASP D 866 -26.02 124.21 87.19
C ASP D 866 -24.66 124.37 86.51
N GLY D 867 -24.68 124.65 85.22
CA GLY D 867 -23.46 124.83 84.45
C GLY D 867 -23.78 125.53 83.14
N VAL D 868 -22.74 125.73 82.35
CA VAL D 868 -22.90 126.38 81.06
C VAL D 868 -23.34 125.36 80.03
N THR D 869 -24.33 125.72 79.21
CA THR D 869 -24.87 124.83 78.21
C THR D 869 -24.10 124.99 76.91
N ARG D 870 -23.58 123.88 76.39
CA ARG D 870 -22.75 123.94 75.19
C ARG D 870 -22.84 122.61 74.46
N LEU D 871 -22.50 122.65 73.17
CA LEU D 871 -22.38 121.45 72.37
C LEU D 871 -21.05 120.76 72.65
N LYS D 872 -20.98 119.48 72.28
CA LYS D 872 -19.75 118.72 72.51
C LYS D 872 -18.66 119.11 71.51
N GLU D 873 -19.03 119.30 70.25
CA GLU D 873 -18.08 119.54 69.17
C GLU D 873 -18.38 120.86 68.47
N ASP D 874 -17.51 121.21 67.53
CA ASP D 874 -17.73 122.39 66.70
C ASP D 874 -18.89 122.16 65.75
N ILE D 875 -19.54 123.26 65.36
CA ILE D 875 -20.76 123.16 64.58
C ILE D 875 -20.47 122.70 63.16
N LEU D 876 -19.44 123.26 62.53
CA LEU D 876 -19.22 123.12 61.09
C LEU D 876 -17.89 122.45 60.81
N ILE D 877 -17.86 121.61 59.78
CA ILE D 877 -16.62 120.99 59.31
C ILE D 877 -16.57 121.13 57.79
N VAL D 878 -15.46 121.67 57.28
CA VAL D 878 -15.32 122.01 55.87
C VAL D 878 -14.23 121.15 55.27
N THR D 879 -14.57 120.44 54.20
CA THR D 879 -13.62 119.71 53.37
C THR D 879 -13.64 120.29 51.96
N ASP D 880 -12.78 119.77 51.09
CA ASP D 880 -12.74 120.26 49.73
C ASP D 880 -13.98 119.81 48.94
N THR D 881 -14.52 118.62 49.25
CA THR D 881 -15.68 118.13 48.52
C THR D 881 -16.95 118.85 48.93
N GLY D 882 -16.99 119.40 50.13
CA GLY D 882 -18.17 120.13 50.57
C GLY D 882 -18.07 120.50 52.03
N ASN D 883 -19.15 121.07 52.52
CA ASN D 883 -19.30 121.43 53.92
C ASN D 883 -20.26 120.46 54.61
N ASP D 884 -20.15 120.40 55.94
CA ASP D 884 -20.96 119.46 56.71
C ASP D 884 -21.19 119.99 58.11
N ILE D 885 -22.24 119.48 58.75
CA ILE D 885 -22.60 119.83 60.11
C ILE D 885 -22.22 118.66 61.01
N LYS D 886 -21.44 118.93 62.04
CA LYS D 886 -20.90 117.88 62.89
C LYS D 886 -21.99 117.34 63.82
N PRO D 887 -21.76 116.17 64.43
CA PRO D 887 -22.77 115.60 65.33
C PRO D 887 -23.12 116.55 66.46
N ILE D 888 -24.40 116.55 66.84
CA ILE D 888 -24.94 117.47 67.83
C ILE D 888 -25.16 116.71 69.12
N HIS D 889 -24.49 117.13 70.18
CA HIS D 889 -24.65 116.56 71.51
C HIS D 889 -24.74 117.70 72.52
N PHE D 890 -25.93 117.95 73.05
CA PHE D 890 -26.17 119.07 73.94
C PHE D 890 -25.87 118.69 75.37
N TYR D 891 -25.20 119.59 76.09
CA TYR D 891 -25.04 119.49 77.53
C TYR D 891 -25.98 120.51 78.17
N ILE D 892 -27.11 120.04 78.68
CA ILE D 892 -28.19 120.91 79.13
C ILE D 892 -28.15 120.99 80.65
N TYR D 893 -28.07 122.21 81.17
CA TYR D 893 -28.00 122.46 82.60
C TYR D 893 -29.18 123.32 83.03
N PHE D 894 -29.76 122.97 84.18
CA PHE D 894 -30.82 123.79 84.74
C PHE D 894 -30.25 125.12 85.23
N GLU D 895 -31.06 126.17 85.14
CA GLU D 895 -30.58 127.54 85.26
C GLU D 895 -30.98 128.16 86.58
N ASN D 896 -30.02 128.84 87.20
CA ASN D 896 -30.26 129.76 88.31
C ASN D 896 -29.92 131.16 87.84
N ARG D 897 -30.88 132.08 87.96
CA ARG D 897 -30.73 133.39 87.31
C ARG D 897 -29.67 134.25 87.98
N ASN D 898 -29.46 134.09 89.29
CA ASN D 898 -28.61 135.03 90.02
C ASN D 898 -27.13 134.70 89.91
N ASP D 899 -26.76 133.61 89.26
CA ASP D 899 -25.34 133.24 89.15
C ASP D 899 -24.66 134.17 88.16
N LYS D 900 -23.81 135.07 88.67
CA LYS D 900 -23.16 136.05 87.81
C LYS D 900 -22.08 135.40 86.95
N LYS D 901 -21.25 134.54 87.55
CA LYS D 901 -20.15 133.95 86.82
C LYS D 901 -20.64 133.07 85.68
N LEU D 902 -21.69 132.27 85.93
CA LEU D 902 -22.22 131.41 84.88
C LEU D 902 -22.83 132.23 83.75
N ARG D 903 -23.52 133.32 84.10
CA ARG D 903 -24.08 134.19 83.06
C ARG D 903 -22.97 134.82 82.22
N TYR D 904 -21.90 135.27 82.87
CA TYR D 904 -20.76 135.80 82.13
C TYR D 904 -20.17 134.76 81.20
N GLU D 905 -20.00 133.53 81.70
CA GLU D 905 -19.42 132.46 80.88
C GLU D 905 -20.30 132.17 79.67
N SER D 906 -21.62 132.12 79.87
CA SER D 906 -22.53 131.87 78.76
C SER D 906 -22.50 133.02 77.75
N LYS D 907 -22.41 134.26 78.23
CA LYS D 907 -22.49 135.40 77.33
C LYS D 907 -21.21 135.58 76.53
N MET D 908 -20.05 135.40 77.16
CA MET D 908 -18.79 135.77 76.52
C MET D 908 -18.12 134.59 75.82
N ASN D 909 -18.02 133.45 76.49
CA ASN D 909 -17.17 132.35 76.03
C ASN D 909 -17.89 131.39 75.09
N VAL D 910 -19.13 131.65 74.72
CA VAL D 910 -19.85 130.83 73.74
C VAL D 910 -20.00 131.67 72.47
N SER D 911 -19.57 131.10 71.34
CA SER D 911 -19.52 131.83 70.08
C SER D 911 -20.76 131.62 69.22
N TYR D 912 -21.13 130.36 68.96
CA TYR D 912 -22.27 130.05 68.09
C TYR D 912 -23.22 129.12 68.81
N ARG D 913 -24.47 129.11 68.36
CA ARG D 913 -25.52 128.32 69.00
C ARG D 913 -26.31 127.57 67.94
N LEU D 914 -26.86 126.44 68.37
CA LEU D 914 -27.67 125.56 67.54
C LEU D 914 -29.04 125.39 68.18
N TYR D 915 -30.09 125.43 67.36
CA TYR D 915 -31.45 125.34 67.83
C TYR D 915 -32.22 124.29 67.04
N ILE D 916 -33.09 123.56 67.74
CA ILE D 916 -33.98 122.58 67.13
C ILE D 916 -35.36 122.74 67.76
N LYS D 917 -36.33 122.03 67.18
CA LYS D 917 -37.66 121.99 67.75
C LYS D 917 -37.64 121.27 69.09
N THR D 918 -38.57 121.65 69.96
CA THR D 918 -38.63 121.03 71.28
C THR D 918 -39.13 119.60 71.13
N PRO D 919 -38.37 118.60 71.56
CA PRO D 919 -38.82 117.21 71.40
C PRO D 919 -40.11 116.95 72.17
N ALA D 920 -40.97 116.12 71.58
CA ALA D 920 -42.23 115.77 72.22
C ALA D 920 -42.04 114.86 73.42
N CYS D 921 -40.84 114.31 73.61
CA CYS D 921 -40.59 113.45 74.78
C CYS D 921 -40.75 114.24 76.07
N LEU D 922 -40.21 115.46 76.11
CA LEU D 922 -40.19 116.23 77.34
C LEU D 922 -41.60 116.72 77.70
N LEU D 923 -41.88 116.73 79.00
CA LEU D 923 -43.16 117.17 79.52
C LEU D 923 -42.90 117.94 80.81
N PRO D 924 -43.39 119.17 80.92
CA PRO D 924 -43.26 119.90 82.18
C PRO D 924 -43.99 119.19 83.31
N LEU D 925 -43.49 119.37 84.53
CA LEU D 925 -44.09 118.68 85.67
C LEU D 925 -45.53 119.11 85.89
N SER D 926 -45.87 120.33 85.50
CA SER D 926 -47.25 120.79 85.65
C SER D 926 -48.21 119.93 84.81
N ASP D 927 -47.81 119.59 83.60
CA ASP D 927 -48.63 118.78 82.71
C ASP D 927 -48.38 117.29 82.92
N TYR D 928 -48.46 116.83 84.17
CA TYR D 928 -48.29 115.42 84.46
C TYR D 928 -49.56 114.63 84.19
N MET D 929 -50.71 115.31 84.06
CA MET D 929 -51.97 114.61 83.82
C MET D 929 -52.09 114.09 82.39
N ARG D 930 -51.28 114.62 81.47
CA ARG D 930 -51.31 114.12 80.10
C ARG D 930 -50.69 112.73 79.99
N ALA D 931 -49.92 112.31 80.99
CA ALA D 931 -49.30 110.98 80.99
C ALA D 931 -50.22 109.90 81.50
N GLN D 932 -51.35 110.25 82.13
CA GLN D 932 -52.29 109.25 82.60
C GLN D 932 -52.83 108.43 81.43
N HIS D 933 -52.82 107.12 81.59
CA HIS D 933 -53.19 106.23 80.49
C HIS D 933 -53.78 104.95 81.04
N ASP D 934 -54.49 104.23 80.17
CA ASP D 934 -55.23 103.04 80.55
C ASP D 934 -54.71 101.82 79.80
N TYR D 935 -54.64 100.70 80.51
CA TYR D 935 -54.28 99.42 79.93
C TYR D 935 -55.29 98.38 80.39
N VAL D 936 -55.49 97.35 79.56
CA VAL D 936 -56.54 96.37 79.78
C VAL D 936 -55.91 94.98 79.92
N SER D 937 -56.28 94.28 80.98
CA SER D 937 -55.85 92.90 81.22
C SER D 937 -57.09 92.02 81.20
N PRO D 938 -57.16 91.03 80.32
CA PRO D 938 -58.35 90.15 80.27
C PRO D 938 -58.52 89.39 81.57
N SER D 939 -59.75 88.99 81.84
CA SER D 939 -60.10 88.34 83.10
C SER D 939 -59.28 87.07 83.29
N SER D 940 -58.80 86.87 84.52
CA SER D 940 -57.97 85.71 84.83
C SER D 940 -58.75 84.41 84.79
N SER D 941 -60.08 84.47 84.74
CA SER D 941 -60.89 83.26 84.67
C SER D 941 -60.84 82.60 83.31
N ARG D 942 -60.27 83.25 82.31
CA ARG D 942 -60.20 82.65 80.98
C ARG D 942 -59.19 81.50 80.97
N VAL D 943 -59.54 80.44 80.24
CA VAL D 943 -58.69 79.27 80.07
C VAL D 943 -58.22 79.24 78.62
N TYR D 944 -56.90 79.14 78.44
CA TYR D 944 -56.31 79.09 77.11
C TYR D 944 -55.98 77.64 76.76
N ILE D 945 -56.51 77.19 75.62
CA ILE D 945 -56.56 75.78 75.29
C ILE D 945 -55.31 75.39 74.52
N LYS D 946 -54.67 74.29 74.95
CA LYS D 946 -53.54 73.72 74.23
C LYS D 946 -53.87 72.42 73.52
N ASP D 947 -54.89 71.70 73.95
CA ASP D 947 -55.26 70.45 73.29
C ASP D 947 -55.96 70.74 71.97
N PRO D 948 -55.65 69.99 70.92
CA PRO D 948 -56.28 70.20 69.62
C PRO D 948 -57.67 69.57 69.57
N ALA D 949 -58.35 69.78 68.45
CA ALA D 949 -59.70 69.26 68.22
C ALA D 949 -59.61 68.12 67.21
N VAL D 950 -60.07 66.94 67.62
CA VAL D 950 -60.01 65.74 66.79
C VAL D 950 -61.40 65.48 66.21
N VAL D 951 -61.45 65.20 64.90
CA VAL D 951 -62.69 64.95 64.22
C VAL D 951 -62.82 63.46 63.93
N TYR D 952 -64.05 63.02 63.70
CA TYR D 952 -64.36 61.60 63.62
C TYR D 952 -65.81 61.44 63.19
N THR D 953 -66.17 60.21 62.86
CA THR D 953 -67.57 59.85 62.64
C THR D 953 -67.73 58.37 62.93
N ARG D 954 -68.93 57.99 63.37
CA ARG D 954 -69.22 56.60 63.67
C ARG D 954 -69.83 55.85 62.49
N SER D 955 -69.96 56.50 61.34
CA SER D 955 -70.49 55.84 60.15
C SER D 955 -69.38 55.12 59.39
N GLU E 182 -8.65 80.36 23.85
CA GLU E 182 -9.68 80.82 24.76
C GLU E 182 -9.67 82.34 24.88
N LEU E 183 -10.84 82.91 25.16
CA LEU E 183 -10.96 84.36 25.30
C LEU E 183 -10.27 84.83 26.58
N ILE E 184 -9.80 86.07 26.54
CA ILE E 184 -9.09 86.69 27.66
C ILE E 184 -9.86 87.92 28.10
N LYS E 185 -10.14 88.00 29.40
CA LYS E 185 -10.80 89.16 29.98
C LYS E 185 -9.73 90.15 30.46
N VAL E 186 -9.69 91.33 29.87
CA VAL E 186 -8.74 92.37 30.25
C VAL E 186 -9.40 93.23 31.32
N PRO E 187 -8.87 93.28 32.53
CA PRO E 187 -9.58 93.98 33.62
C PRO E 187 -9.41 95.49 33.60
N THR E 188 -8.23 95.98 33.18
CA THR E 188 -7.90 97.40 33.26
C THR E 188 -7.55 97.93 31.88
N ILE E 189 -8.02 99.14 31.60
CA ILE E 189 -7.69 99.80 30.33
C ILE E 189 -6.20 100.18 30.35
N PRO E 190 -5.45 99.91 29.28
CA PRO E 190 -4.01 100.23 29.27
C PRO E 190 -3.73 101.66 28.82
N HIS E 191 -4.02 102.61 29.71
CA HIS E 191 -3.64 104.00 29.45
C HIS E 191 -2.13 104.17 29.63
N ASN E 192 -1.57 105.19 28.98
CA ASN E 192 -0.14 105.41 28.99
C ASN E 192 0.20 106.88 29.21
N LEU E 193 -0.58 107.56 30.05
CA LEU E 193 -0.37 108.97 30.31
C LEU E 193 0.46 109.17 31.56
N VAL E 194 1.37 110.15 31.51
CA VAL E 194 2.18 110.55 32.65
C VAL E 194 2.13 112.06 32.77
N LEU E 195 2.04 112.55 34.00
CA LEU E 195 1.93 113.98 34.28
C LEU E 195 3.29 114.52 34.70
N ILE E 196 3.77 115.53 33.98
CA ILE E 196 5.06 116.16 34.26
C ILE E 196 4.81 117.62 34.60
N GLN E 197 5.30 118.05 35.75
CA GLN E 197 5.11 119.41 36.24
C GLN E 197 6.42 119.94 36.78
N SER E 198 6.55 121.27 36.78
CA SER E 198 7.76 121.92 37.22
C SER E 198 7.77 122.05 38.75
N ASP E 199 8.96 122.37 39.28
CA ASP E 199 9.07 122.61 40.72
C ASP E 199 8.24 123.82 41.14
N ASN E 200 8.26 124.88 40.33
CA ASN E 200 7.40 126.03 40.61
C ASN E 200 5.93 125.67 40.44
N GLY E 201 5.63 124.68 39.62
CA GLY E 201 4.27 124.34 39.29
C GLY E 201 3.66 125.18 38.18
N LYS E 202 4.43 126.09 37.59
CA LYS E 202 3.89 126.99 36.59
C LYS E 202 3.44 126.25 35.34
N HIS E 203 4.22 125.26 34.91
CA HIS E 203 3.95 124.55 33.67
C HIS E 203 3.74 123.07 33.95
N ALA E 204 2.68 122.50 33.37
CA ALA E 204 2.37 121.08 33.50
C ALA E 204 1.91 120.56 32.15
N LEU E 205 2.38 119.37 31.78
CA LEU E 205 2.02 118.76 30.52
C LEU E 205 1.77 117.27 30.72
N ILE E 206 0.89 116.73 29.89
CA ILE E 206 0.57 115.30 29.89
C ILE E 206 1.21 114.68 28.67
N LYS E 207 1.99 113.62 28.90
CA LYS E 207 2.73 112.95 27.85
C LYS E 207 2.36 111.47 27.80
N GLU E 208 2.18 110.95 26.60
CA GLU E 208 2.01 109.53 26.38
C GLU E 208 3.34 108.95 25.91
N ASP E 209 3.87 107.98 26.66
CA ASP E 209 5.20 107.48 26.34
C ASP E 209 5.16 106.44 25.21
N LEU E 210 4.32 105.41 25.35
CA LEU E 210 4.21 104.33 24.35
C LEU E 210 5.56 103.74 23.97
N GLY E 211 6.57 103.92 24.82
CA GLY E 211 7.89 103.36 24.55
C GLY E 211 8.64 104.12 23.48
N GLN E 212 9.86 103.66 23.24
CA GLN E 212 10.73 104.20 22.21
C GLN E 212 11.21 103.06 21.32
N TRP E 213 11.10 103.24 20.01
CA TRP E 213 11.42 102.17 19.07
C TRP E 213 12.41 102.69 18.03
N PRO E 214 13.51 101.99 17.82
CA PRO E 214 14.48 102.43 16.82
C PRO E 214 13.93 102.30 15.41
N VAL E 215 14.67 102.88 14.46
CA VAL E 215 14.30 102.86 13.04
C VAL E 215 15.58 103.04 12.24
N GLU E 216 15.54 102.62 10.97
CA GLU E 216 16.74 102.55 10.16
C GLU E 216 16.46 103.15 8.78
N THR E 217 17.54 103.58 8.12
CA THR E 217 17.46 104.24 6.83
C THR E 217 18.04 103.34 5.75
N GLY E 218 17.53 103.49 4.53
CA GLY E 218 17.93 102.66 3.42
C GLY E 218 17.15 101.38 3.28
N ILE E 219 16.30 101.05 4.23
CA ILE E 219 15.48 99.84 4.22
C ILE E 219 14.02 100.27 4.23
N SER E 220 13.16 99.45 3.63
CA SER E 220 11.74 99.76 3.56
C SER E 220 11.16 99.96 4.95
N LEU E 221 10.35 101.01 5.09
CA LEU E 221 9.79 101.36 6.39
C LEU E 221 8.65 100.44 6.80
N VAL E 222 7.86 99.96 5.83
CA VAL E 222 6.72 99.11 6.17
C VAL E 222 7.20 97.80 6.79
N ASN E 223 8.33 97.27 6.32
CA ASN E 223 8.86 96.04 6.89
C ASN E 223 9.29 96.24 8.34
N GLN E 224 9.96 97.37 8.63
CA GLN E 224 10.35 97.65 10.00
C GLN E 224 9.15 97.94 10.87
N ALA E 225 8.15 98.63 10.32
CA ALA E 225 6.95 98.93 11.09
C ALA E 225 6.18 97.65 11.45
N GLY E 226 6.42 96.57 10.71
CA GLY E 226 5.74 95.32 11.02
C GLY E 226 6.24 94.69 12.31
N VAL E 227 7.56 94.55 12.44
CA VAL E 227 8.12 93.91 13.63
C VAL E 227 7.88 94.78 14.86
N PHE E 228 7.94 96.10 14.70
CA PHE E 228 7.68 96.98 15.84
C PHE E 228 6.20 97.02 16.18
N ALA E 229 5.32 96.68 15.22
CA ALA E 229 3.90 96.60 15.54
C ALA E 229 3.61 95.40 16.43
N VAL E 230 4.31 94.29 16.22
CA VAL E 230 4.10 93.11 17.05
C VAL E 230 4.50 93.38 18.48
N GLN E 231 5.65 94.02 18.68
CA GLN E 231 6.11 94.33 20.03
C GLN E 231 5.17 95.34 20.69
N LEU E 232 4.66 96.30 19.92
CA LEU E 232 3.71 97.27 20.46
C LEU E 232 2.42 96.59 20.90
N ALA E 233 1.91 95.66 20.10
CA ALA E 233 0.67 94.98 20.44
C ALA E 233 0.82 94.16 21.71
N ASN E 234 1.96 93.48 21.87
CA ASN E 234 2.20 92.72 23.09
C ASN E 234 2.27 93.61 24.31
N LYS E 235 2.72 94.86 24.14
CA LYS E 235 2.82 95.77 25.27
C LYS E 235 1.45 96.12 25.83
N LEU E 236 0.45 96.20 24.97
CA LEU E 236 -0.89 96.59 25.37
C LEU E 236 -1.79 95.40 25.70
N GLY E 237 -1.28 94.18 25.61
CA GLY E 237 -2.14 93.01 25.79
C GLY E 237 -3.23 92.93 24.74
N ILE E 238 -2.89 93.20 23.49
CA ILE E 238 -3.87 93.34 22.43
C ILE E 238 -3.81 92.19 21.42
N ASP E 239 -2.65 91.58 21.22
CA ASP E 239 -2.48 90.60 20.15
C ASP E 239 -3.33 89.34 20.38
N LYS E 240 -3.53 88.95 21.63
CA LYS E 240 -4.33 87.76 21.88
C LYS E 240 -5.82 88.08 21.79
N PRO E 241 -6.65 87.12 21.40
CA PRO E 241 -8.11 87.34 21.43
C PRO E 241 -8.57 87.68 22.83
N PHE E 242 -9.44 88.67 22.94
CA PHE E 242 -9.77 89.21 24.25
C PHE E 242 -11.04 90.02 24.19
N VAL E 243 -11.61 90.26 25.38
CA VAL E 243 -12.69 91.21 25.59
C VAL E 243 -12.31 92.10 26.75
N LEU E 244 -13.10 93.14 26.96
CA LEU E 244 -12.84 94.12 28.01
C LEU E 244 -13.80 93.90 29.17
N ASP E 245 -13.26 93.78 30.38
CA ASP E 245 -14.05 93.61 31.59
C ASP E 245 -13.72 94.77 32.51
N ALA E 246 -14.46 95.88 32.35
CA ALA E 246 -14.23 97.09 33.14
C ALA E 246 -15.51 97.64 33.76
N GLY E 247 -16.60 96.88 33.73
CA GLY E 247 -17.85 97.39 34.28
C GLY E 247 -17.91 97.37 35.80
N SER E 248 -16.95 96.70 36.44
CA SER E 248 -16.94 96.58 37.89
C SER E 248 -15.93 97.50 38.56
N ASN E 249 -15.28 98.39 37.81
CA ASN E 249 -14.25 99.28 38.35
C ASN E 249 -14.88 100.65 38.58
N TYR E 250 -15.55 100.81 39.72
CA TYR E 250 -16.16 102.09 40.03
C TYR E 250 -16.33 102.23 41.54
N PHE E 251 -16.58 103.46 41.96
CA PHE E 251 -16.98 103.76 43.33
C PHE E 251 -17.98 104.91 43.29
N THR E 252 -18.82 104.98 44.31
CA THR E 252 -19.89 105.97 44.37
C THR E 252 -19.57 107.01 45.43
N ASP E 253 -19.91 108.25 45.14
CA ASP E 253 -19.62 109.35 46.06
C ASP E 253 -20.51 109.27 47.30
N THR E 254 -20.04 109.91 48.37
CA THR E 254 -20.78 109.92 49.63
C THR E 254 -22.00 110.84 49.61
N SER E 255 -22.14 111.68 48.58
CA SER E 255 -23.29 112.56 48.52
C SER E 255 -24.56 111.77 48.23
N PHE E 256 -25.69 112.29 48.74
CA PHE E 256 -26.96 111.59 48.59
C PHE E 256 -27.46 111.66 47.15
N ILE E 257 -27.42 112.85 46.55
CA ILE E 257 -27.97 113.03 45.21
C ILE E 257 -27.12 112.32 44.17
N ASP E 258 -25.81 112.33 44.34
CA ASP E 258 -24.89 111.79 43.34
C ASP E 258 -24.97 110.27 43.33
N THR E 259 -25.63 109.71 42.32
CA THR E 259 -25.73 108.28 42.13
C THR E 259 -24.79 107.77 41.04
N ARG E 260 -23.85 108.59 40.60
CA ARG E 260 -23.00 108.23 39.47
C ARG E 260 -21.95 107.20 39.89
N LYS E 261 -21.35 106.57 38.88
CA LYS E 261 -20.26 105.62 39.08
C LYS E 261 -18.98 106.22 38.51
N TYR E 262 -17.92 106.26 39.32
CA TYR E 262 -16.67 106.89 38.96
C TYR E 262 -15.64 105.82 38.62
N CYS E 263 -15.18 105.82 37.36
CA CYS E 263 -14.18 104.85 36.93
C CYS E 263 -12.84 105.10 37.60
N THR E 264 -12.18 104.01 37.98
CA THR E 264 -10.85 104.06 38.54
C THR E 264 -9.77 103.78 37.50
N ASP E 265 -10.14 103.59 36.24
CA ASP E 265 -9.20 103.31 35.18
C ASP E 265 -8.68 104.59 34.56
N GLY E 266 -7.52 104.50 33.92
CA GLY E 266 -6.92 105.65 33.27
C GLY E 266 -6.32 106.61 34.27
N LEU E 267 -5.89 107.75 33.74
CA LEU E 267 -5.31 108.79 34.58
C LEU E 267 -6.36 109.34 35.53
N SER E 268 -6.06 109.29 36.82
CA SER E 268 -7.02 109.71 37.82
C SER E 268 -7.22 111.22 37.77
N PRO E 269 -8.46 111.70 37.89
CA PRO E 269 -8.68 113.15 37.95
C PRO E 269 -8.04 113.81 39.16
N ARG E 270 -7.72 113.04 40.20
CA ARG E 270 -7.07 113.62 41.38
C ARG E 270 -5.70 114.18 41.03
N GLU E 271 -4.95 113.49 40.17
CA GLU E 271 -3.66 114.01 39.74
C GLU E 271 -3.82 115.33 38.99
N ILE E 272 -4.83 115.42 38.13
CA ILE E 272 -5.08 116.67 37.42
C ILE E 272 -5.53 117.75 38.38
N GLN E 273 -6.30 117.37 39.41
CA GLN E 273 -6.72 118.34 40.42
C GLN E 273 -5.53 118.91 41.17
N LYS E 274 -4.58 118.05 41.54
CA LYS E 274 -3.40 118.51 42.27
C LYS E 274 -2.54 119.41 41.39
N ALA E 275 -2.35 119.04 40.13
CA ALA E 275 -1.52 119.83 39.24
C ALA E 275 -2.13 121.21 38.98
N LEU E 276 -3.45 121.26 38.80
CA LEU E 276 -4.12 122.55 38.58
C LEU E 276 -4.00 123.45 39.81
N ASN E 277 -4.11 122.87 41.00
CA ASN E 277 -3.97 123.66 42.22
C ASN E 277 -2.55 124.20 42.37
N ARG E 278 -1.55 123.38 42.05
CA ARG E 278 -0.17 123.87 42.07
C ARG E 278 0.04 124.95 41.02
N GLN E 279 -0.54 124.79 39.84
CA GLN E 279 -0.45 125.83 38.82
C GLN E 279 -1.11 127.11 39.29
N ARG E 280 -2.26 126.99 39.95
CA ARG E 280 -2.92 128.17 40.50
C ARG E 280 -2.20 128.71 41.72
N ALA E 281 -1.42 127.86 42.40
CA ALA E 281 -0.63 128.33 43.54
C ALA E 281 0.45 129.31 43.08
N TYR E 282 1.07 129.06 41.94
CA TYR E 282 2.12 129.97 41.46
C TYR E 282 1.54 131.32 41.08
N TYR E 283 0.39 131.34 40.43
CA TYR E 283 -0.22 132.57 39.95
C TYR E 283 -0.99 133.32 41.03
N ASP E 284 -0.91 132.86 42.28
CA ASP E 284 -1.58 133.44 43.43
C ASP E 284 -3.10 133.39 43.32
N ARG E 285 -3.64 132.62 42.38
CA ARG E 285 -5.07 132.45 42.28
C ARG E 285 -5.57 131.57 43.43
N PRO E 286 -6.82 131.74 43.84
CA PRO E 286 -7.38 130.87 44.87
C PRO E 286 -7.50 129.43 44.36
N GLU E 287 -7.50 128.49 45.30
CA GLU E 287 -7.60 127.09 44.94
C GLU E 287 -8.96 126.79 44.33
N LEU E 288 -9.06 125.63 43.67
CA LEU E 288 -10.28 125.25 43.00
C LEU E 288 -11.43 125.17 44.00
N THR E 289 -12.59 125.70 43.60
CA THR E 289 -13.74 125.78 44.47
C THR E 289 -14.38 124.40 44.66
N ILE E 290 -15.42 124.35 45.48
CA ILE E 290 -16.13 123.10 45.72
C ILE E 290 -16.87 122.65 44.46
N SER E 291 -17.59 123.57 43.82
CA SER E 291 -18.31 123.22 42.60
C SER E 291 -17.34 122.88 41.46
N GLU E 292 -16.24 123.62 41.36
CA GLU E 292 -15.25 123.32 40.32
C GLU E 292 -14.56 121.99 40.59
N ASN E 293 -14.31 121.66 41.86
CA ASN E 293 -13.68 120.39 42.18
C ASN E 293 -14.56 119.22 41.78
N LYS E 294 -15.86 119.31 42.03
CA LYS E 294 -16.75 118.18 41.77
C LYS E 294 -16.88 117.91 40.27
N THR E 295 -16.89 118.96 39.45
CA THR E 295 -16.96 118.77 38.01
C THR E 295 -15.71 118.05 37.50
N LEU E 296 -14.54 118.44 38.00
CA LEU E 296 -13.30 117.78 37.58
C LEU E 296 -13.25 116.35 38.08
N LEU E 297 -13.64 116.12 39.33
CA LEU E 297 -13.53 114.78 39.90
C LEU E 297 -14.51 113.81 39.25
N SER E 298 -15.70 114.28 38.88
CA SER E 298 -16.71 113.43 38.27
C SER E 298 -16.56 113.34 36.76
N GLN E 299 -15.40 113.70 36.22
CA GLN E 299 -15.19 113.66 34.78
C GLN E 299 -15.23 112.23 34.25
N SER E 300 -14.59 111.31 34.96
CA SER E 300 -14.53 109.91 34.53
C SER E 300 -15.69 109.14 35.13
N ILE E 301 -16.56 108.61 34.26
CA ILE E 301 -17.77 107.93 34.70
C ILE E 301 -17.98 106.67 33.88
N ILE E 302 -18.83 105.78 34.40
CA ILE E 302 -19.27 104.58 33.71
C ILE E 302 -20.78 104.57 33.68
N TYR E 303 -21.36 104.37 32.50
CA TYR E 303 -22.80 104.29 32.36
C TYR E 303 -23.18 103.17 31.41
N PRO E 304 -24.33 102.55 31.61
CA PRO E 304 -24.81 101.54 30.66
C PRO E 304 -25.56 102.18 29.50
N ASP E 305 -25.61 101.43 28.40
CA ASP E 305 -26.33 101.84 27.21
C ASP E 305 -27.51 100.90 26.99
N ALA E 306 -28.20 101.10 25.85
CA ALA E 306 -29.39 100.30 25.57
C ALA E 306 -29.07 98.82 25.46
N ASP E 307 -27.97 98.47 24.79
CA ASP E 307 -27.62 97.08 24.57
C ASP E 307 -27.17 96.38 25.84
N GLY E 308 -26.91 97.12 26.92
CA GLY E 308 -26.49 96.53 28.18
C GLY E 308 -25.01 96.62 28.44
N ASN E 309 -24.22 97.13 27.51
CA ASN E 309 -22.78 97.25 27.70
C ASN E 309 -22.47 98.30 28.77
N ASP E 310 -21.19 98.45 29.08
CA ASP E 310 -20.72 99.42 30.05
C ASP E 310 -19.72 100.34 29.37
N VAL E 311 -20.17 101.54 29.01
CA VAL E 311 -19.31 102.56 28.41
C VAL E 311 -18.55 103.25 29.53
N SER E 312 -17.24 103.33 29.40
CA SER E 312 -16.38 103.94 30.41
C SER E 312 -15.61 105.10 29.79
N ILE E 313 -15.72 106.26 30.42
CA ILE E 313 -15.01 107.46 30.00
C ILE E 313 -13.81 107.64 30.91
N ILE E 314 -12.60 107.59 30.34
CA ILE E 314 -11.37 107.71 31.10
C ILE E 314 -10.42 108.66 30.37
N PHE E 315 -9.35 109.04 31.06
CA PHE E 315 -8.31 109.90 30.48
C PHE E 315 -7.21 109.01 29.89
N SER E 316 -7.27 108.81 28.58
CA SER E 316 -6.30 107.99 27.88
C SER E 316 -5.80 108.71 26.64
N GLY E 317 -4.64 108.28 26.16
CA GLY E 317 -4.02 108.95 25.02
C GLY E 317 -4.69 108.60 23.71
N ALA E 318 -4.41 109.45 22.71
CA ALA E 318 -5.02 109.25 21.39
C ALA E 318 -4.54 107.97 20.74
N MET E 319 -3.23 107.71 20.77
CA MET E 319 -2.70 106.53 20.10
C MET E 319 -3.14 105.24 20.79
N SER E 320 -3.15 105.25 22.13
CA SER E 320 -3.60 104.07 22.85
C SER E 320 -5.08 103.80 22.62
N HIS E 321 -5.89 104.86 22.57
CA HIS E 321 -7.32 104.69 22.38
C HIS E 321 -7.63 104.13 21.00
N ALA E 322 -6.91 104.59 19.97
CA ALA E 322 -7.19 104.15 18.61
C ALA E 322 -6.81 102.69 18.41
N ILE E 323 -5.60 102.31 18.84
CA ILE E 323 -5.14 100.93 18.64
C ILE E 323 -6.00 99.97 19.44
N PHE E 324 -6.33 100.32 20.69
CA PHE E 324 -7.08 99.42 21.55
C PHE E 324 -8.49 99.19 21.02
N THR E 325 -9.18 100.27 20.62
CA THR E 325 -10.57 100.13 20.19
C THR E 325 -10.66 99.44 18.84
N TYR E 326 -9.69 99.67 17.95
CA TYR E 326 -9.68 98.96 16.67
C TYR E 326 -9.52 97.47 16.88
N ALA E 327 -8.66 97.07 17.82
CA ALA E 327 -8.48 95.65 18.09
C ALA E 327 -9.73 95.03 18.66
N GLN E 328 -10.47 95.78 19.49
CA GLN E 328 -11.69 95.24 20.08
C GLN E 328 -12.70 94.87 19.00
N SER E 329 -12.86 95.73 18.01
CA SER E 329 -13.84 95.48 16.96
C SER E 329 -13.46 94.26 16.12
N GLN E 330 -12.17 94.11 15.81
CA GLN E 330 -11.75 93.01 14.96
C GLN E 330 -11.96 91.66 15.64
N TRP E 331 -11.61 91.56 16.93
CA TRP E 331 -11.84 90.33 17.66
C TRP E 331 -13.34 90.07 17.86
N ASN E 332 -14.13 91.15 17.97
CA ASN E 332 -15.56 90.98 18.20
C ASN E 332 -16.27 90.35 17.01
N LYS E 333 -15.66 90.41 15.83
CA LYS E 333 -16.27 89.81 14.65
C LYS E 333 -16.41 88.31 14.81
N ASN E 334 -15.43 87.68 15.47
CA ASN E 334 -15.48 86.23 15.66
C ASN E 334 -16.46 85.81 16.75
N ILE E 335 -16.63 86.64 17.78
CA ILE E 335 -17.52 86.29 18.89
C ILE E 335 -18.97 86.32 18.40
N ILE E 336 -19.65 85.18 18.50
CA ILE E 336 -21.01 85.04 18.01
C ILE E 336 -21.85 84.31 19.06
N LYS E 337 -23.17 84.42 18.91
CA LYS E 337 -24.09 83.74 19.79
C LYS E 337 -24.00 82.23 19.59
N LEU E 338 -24.34 81.49 20.64
CA LEU E 338 -24.25 80.03 20.57
C LEU E 338 -25.20 79.46 19.54
N ASP E 339 -26.42 80.02 19.46
CA ASP E 339 -27.39 79.51 18.50
C ASP E 339 -26.89 79.69 17.07
N ASP E 340 -26.19 80.80 16.79
CA ASP E 340 -25.64 81.00 15.45
C ASP E 340 -24.58 79.96 15.12
N TYR E 341 -23.72 79.64 16.09
CA TYR E 341 -22.74 78.58 15.87
C TYR E 341 -23.40 77.23 15.65
N ILE E 342 -24.44 76.93 16.43
CA ILE E 342 -25.14 75.65 16.29
C ILE E 342 -25.78 75.55 14.90
N ARG E 343 -26.34 76.65 14.42
CA ARG E 343 -26.97 76.64 13.10
C ARG E 343 -25.95 76.38 12.00
N GLU E 344 -24.75 76.96 12.12
CA GLU E 344 -23.72 76.78 11.10
C GLU E 344 -23.28 75.33 11.00
N ILE E 345 -23.15 74.64 12.14
CA ILE E 345 -22.60 73.30 12.17
C ILE E 345 -23.68 72.23 12.22
N THR E 346 -24.96 72.60 12.17
CA THR E 346 -26.03 71.62 12.30
C THR E 346 -26.12 70.71 11.09
N LEU E 347 -25.50 71.07 9.97
CA LEU E 347 -25.61 70.29 8.74
C LEU E 347 -24.64 69.13 8.68
N THR E 348 -23.69 69.02 9.61
CA THR E 348 -22.65 68.00 9.56
C THR E 348 -22.71 67.05 10.75
N VAL E 349 -23.73 67.13 11.58
CA VAL E 349 -23.84 66.27 12.75
C VAL E 349 -24.36 64.90 12.33
N PRO E 350 -23.63 63.83 12.60
CA PRO E 350 -24.10 62.49 12.21
C PRO E 350 -25.28 62.04 13.05
N LYS E 351 -26.03 61.08 12.50
CA LYS E 351 -27.25 60.60 13.14
C LYS E 351 -26.97 59.70 14.33
N GLN E 352 -25.75 59.17 14.46
CA GLN E 352 -25.44 58.15 15.45
C GLN E 352 -24.82 58.71 16.73
N TYR E 353 -25.19 59.93 17.12
CA TYR E 353 -24.60 60.56 18.30
C TYR E 353 -25.69 61.21 19.14
N ARG E 354 -25.52 61.14 20.46
CA ARG E 354 -26.55 61.66 21.37
C ARG E 354 -26.41 63.17 21.51
N PRO E 355 -27.50 63.92 21.33
CA PRO E 355 -27.41 65.38 21.40
C PRO E 355 -27.07 65.88 22.79
N ARG E 356 -26.39 67.02 22.83
CA ARG E 356 -26.01 67.66 24.09
C ARG E 356 -27.15 68.53 24.60
N ARG E 357 -27.18 68.72 25.91
CA ARG E 357 -28.21 69.52 26.57
C ARG E 357 -27.55 70.70 27.27
N PHE E 358 -27.49 71.84 26.57
CA PHE E 358 -26.98 73.05 27.18
C PHE E 358 -27.97 73.59 28.20
N LYS E 359 -27.43 74.32 29.18
CA LYS E 359 -28.28 74.95 30.18
C LYS E 359 -29.02 76.14 29.57
N GLU E 360 -30.12 76.52 30.23
CA GLU E 360 -30.94 77.62 29.71
C GLU E 360 -30.17 78.92 29.66
N ILE E 361 -29.18 79.09 30.54
CA ILE E 361 -28.33 80.27 30.48
C ILE E 361 -27.52 80.28 29.19
N GLU E 362 -26.94 79.13 28.82
CA GLU E 362 -26.11 79.08 27.62
C GLU E 362 -26.92 79.31 26.36
N HIS E 363 -28.23 79.13 26.41
CA HIS E 363 -29.05 79.35 25.22
C HIS E 363 -29.45 80.81 25.07
N THR E 364 -29.66 81.50 26.20
CA THR E 364 -30.07 82.89 26.12
C THR E 364 -28.87 83.83 26.03
N HIS E 365 -27.91 83.69 26.94
CA HIS E 365 -26.75 84.58 27.00
C HIS E 365 -25.46 83.89 26.60
N GLY E 366 -25.53 82.82 25.81
CA GLY E 366 -24.33 82.11 25.43
C GLY E 366 -23.63 82.75 24.26
N TYR E 367 -22.30 82.81 24.34
CA TYR E 367 -21.48 83.35 23.27
C TYR E 367 -20.24 82.47 23.12
N VAL E 368 -19.79 82.31 21.88
CA VAL E 368 -18.67 81.43 21.56
C VAL E 368 -17.67 82.19 20.68
N TYR E 369 -16.40 82.11 21.04
CA TYR E 369 -15.33 82.61 20.19
C TYR E 369 -14.87 81.50 19.27
N ARG E 370 -15.12 81.67 17.97
CA ARG E 370 -14.76 80.66 16.98
C ARG E 370 -14.40 81.36 15.67
N GLU E 371 -13.44 80.78 14.96
CA GLU E 371 -13.08 81.24 13.62
C GLU E 371 -13.70 80.30 12.60
N LEU E 372 -14.39 80.87 11.61
CA LEU E 372 -15.25 80.08 10.74
C LEU E 372 -14.86 80.18 9.27
N ASN E 373 -13.58 80.03 8.96
CA ASN E 373 -13.11 80.04 7.58
C ASN E 373 -12.48 78.70 7.23
N GLN E 374 -12.89 78.14 6.09
CA GLN E 374 -12.37 76.87 5.61
C GLN E 374 -11.08 77.14 4.85
N GLY E 375 -9.95 76.91 5.51
CA GLY E 375 -8.66 77.04 4.84
C GLY E 375 -8.42 75.86 3.91
N SER E 376 -8.28 76.13 2.63
CA SER E 376 -8.16 75.05 1.65
C SER E 376 -6.80 74.36 1.77
N LEU E 377 -6.82 73.03 1.71
CA LEU E 377 -5.61 72.23 1.70
C LEU E 377 -5.07 72.01 0.29
N LEU E 378 -5.77 72.52 -0.73
CA LEU E 378 -5.30 72.37 -2.11
C LEU E 378 -3.91 72.93 -2.36
N PRO E 379 -3.51 74.09 -1.82
CA PRO E 379 -2.16 74.59 -2.12
C PRO E 379 -1.04 73.62 -1.78
N LEU E 380 -1.25 72.74 -0.81
CA LEU E 380 -0.23 71.75 -0.47
C LEU E 380 -0.39 70.45 -1.26
N VAL E 381 -1.63 70.00 -1.46
CA VAL E 381 -1.86 68.73 -2.14
C VAL E 381 -1.42 68.82 -3.60
N ASP E 382 -1.74 69.93 -4.28
CA ASP E 382 -1.39 70.08 -5.68
C ASP E 382 0.13 70.11 -5.87
N ALA E 383 0.84 70.81 -4.99
CA ALA E 383 2.28 70.92 -5.13
C ALA E 383 2.97 69.58 -4.93
N ASN E 384 2.57 68.84 -3.88
CA ASN E 384 3.14 67.53 -3.58
C ASN E 384 1.99 66.52 -3.55
N LEU E 385 1.65 65.99 -4.72
CA LEU E 385 0.61 64.97 -4.77
C LEU E 385 1.12 63.61 -4.33
N LYS E 386 2.37 63.30 -4.66
CA LYS E 386 2.91 61.99 -4.28
C LYS E 386 3.13 61.92 -2.78
N GLU E 387 3.73 62.94 -2.19
CA GLU E 387 3.99 62.94 -0.75
C GLU E 387 2.70 62.96 0.04
N SER E 388 1.75 63.82 -0.35
CA SER E 388 0.49 63.91 0.38
C SER E 388 -0.31 62.62 0.28
N SER E 389 -0.36 62.01 -0.91
CA SER E 389 -1.12 60.78 -1.07
C SER E 389 -0.53 59.66 -0.23
N SER E 390 0.79 59.53 -0.22
CA SER E 390 1.43 58.45 0.52
C SER E 390 1.17 58.58 2.01
N TYR E 391 1.20 59.79 2.54
CA TYR E 391 1.00 60.00 3.97
C TYR E 391 -0.39 59.58 4.41
N TYR E 392 -1.41 59.99 3.65
CA TYR E 392 -2.79 59.74 4.07
C TYR E 392 -3.19 58.29 3.81
N PHE E 393 -2.72 57.70 2.71
CA PHE E 393 -3.00 56.29 2.45
C PHE E 393 -2.37 55.41 3.53
N LYS E 394 -1.13 55.70 3.91
CA LYS E 394 -0.47 54.89 4.93
C LYS E 394 -1.11 55.08 6.30
N LYS E 395 -1.50 56.32 6.62
CA LYS E 395 -2.17 56.58 7.89
C LYS E 395 -3.49 55.84 7.97
N LEU E 396 -4.28 55.87 6.89
CA LEU E 396 -5.57 55.19 6.90
C LEU E 396 -5.41 53.68 6.93
N MET E 397 -4.43 53.15 6.20
CA MET E 397 -4.27 51.70 6.15
C MET E 397 -3.83 51.13 7.49
N SER E 398 -3.05 51.88 8.26
CA SER E 398 -2.61 51.40 9.56
C SER E 398 -3.78 51.22 10.52
N SER E 399 -4.93 51.82 10.22
CA SER E 399 -6.10 51.70 11.08
C SER E 399 -7.15 50.75 10.52
N ILE E 400 -7.32 50.71 9.20
CA ILE E 400 -8.29 49.79 8.60
C ILE E 400 -7.84 48.35 8.80
N SER E 401 -6.52 48.10 8.84
CA SER E 401 -6.03 46.74 8.97
C SER E 401 -6.37 46.11 10.31
N ASN E 402 -6.76 46.90 11.30
CA ASN E 402 -7.06 46.39 12.64
C ASN E 402 -8.55 46.17 12.85
N VAL E 403 -9.33 46.08 11.78
CA VAL E 403 -10.77 45.86 11.93
C VAL E 403 -11.02 44.40 12.33
N PRO E 404 -11.84 44.14 13.34
CA PRO E 404 -12.17 42.75 13.67
C PRO E 404 -12.99 42.10 12.56
N VAL E 405 -12.77 40.79 12.39
CA VAL E 405 -13.53 39.99 11.43
C VAL E 405 -13.94 38.69 12.11
N ASP E 406 -14.97 38.07 11.56
CA ASP E 406 -15.43 36.77 12.07
C ASP E 406 -14.48 35.70 11.57
N ALA E 407 -13.95 34.91 12.50
CA ALA E 407 -12.99 33.86 12.19
C ALA E 407 -13.74 32.58 11.85
N ARG E 408 -14.03 32.39 10.57
CA ARG E 408 -14.73 31.21 10.08
C ARG E 408 -13.81 30.44 9.14
N THR E 409 -13.65 29.15 9.41
CA THR E 409 -12.73 28.34 8.63
C THR E 409 -13.23 28.17 7.20
N LEU E 410 -12.29 28.12 6.26
CA LEU E 410 -12.55 27.88 4.85
C LEU E 410 -12.70 26.39 4.53
N GLN E 411 -12.85 25.54 5.54
CA GLN E 411 -12.98 24.11 5.29
C GLN E 411 -14.27 23.78 4.57
N SER E 412 -15.39 24.38 4.98
CA SER E 412 -16.66 24.06 4.37
C SER E 412 -16.70 24.50 2.91
N ALA E 413 -16.18 25.69 2.62
CA ALA E 413 -16.17 26.19 1.25
C ALA E 413 -15.26 25.34 0.37
N THR E 414 -14.09 24.96 0.87
CA THR E 414 -13.13 24.22 0.05
C THR E 414 -13.62 22.79 -0.20
N ALA E 415 -14.39 22.23 0.73
CA ALA E 415 -14.96 20.91 0.51
C ALA E 415 -15.92 20.91 -0.67
N ALA E 416 -16.73 21.96 -0.78
CA ALA E 416 -17.65 22.07 -1.91
C ALA E 416 -16.89 22.23 -3.23
N LEU E 417 -15.79 22.97 -3.22
CA LEU E 417 -14.99 23.14 -4.43
C LEU E 417 -14.42 21.80 -4.90
N ALA E 418 -13.95 20.97 -3.97
CA ALA E 418 -13.45 19.65 -4.33
C ALA E 418 -14.57 18.75 -4.82
N ALA E 419 -15.79 18.92 -4.30
CA ALA E 419 -16.90 18.07 -4.73
C ALA E 419 -17.37 18.43 -6.13
N ASP E 420 -17.51 19.73 -6.41
CA ASP E 420 -18.04 20.15 -7.70
C ASP E 420 -17.12 19.73 -8.84
N THR E 421 -15.84 20.03 -8.72
CA THR E 421 -14.83 19.60 -9.68
C THR E 421 -14.02 18.48 -9.02
N GLY E 422 -14.18 17.26 -9.52
CA GLY E 422 -13.58 16.09 -8.93
C GLY E 422 -12.10 16.22 -8.64
N GLN E 423 -11.74 16.20 -7.36
CA GLN E 423 -10.35 16.32 -6.93
C GLN E 423 -9.89 14.95 -6.45
N ALA E 424 -8.84 14.43 -7.07
CA ALA E 424 -8.31 13.11 -6.75
C ALA E 424 -6.94 13.26 -6.09
N VAL E 425 -6.64 12.38 -5.14
CA VAL E 425 -5.36 12.42 -4.46
C VAL E 425 -4.23 12.03 -5.41
N ASN E 426 -4.48 11.08 -6.31
CA ASN E 426 -3.46 10.51 -7.15
C ASN E 426 -3.44 11.10 -8.56
N ARG E 427 -4.16 12.19 -8.80
CA ARG E 427 -4.27 12.77 -10.13
C ARG E 427 -3.91 14.25 -10.09
N ALA E 428 -3.28 14.73 -11.15
CA ALA E 428 -2.92 16.13 -11.27
C ALA E 428 -4.07 16.88 -11.93
N GLN E 429 -4.56 17.92 -11.27
CA GLN E 429 -5.68 18.72 -11.76
C GLN E 429 -5.38 20.19 -11.57
N HIS E 430 -6.13 21.03 -12.29
CA HIS E 430 -6.00 22.47 -12.13
C HIS E 430 -6.63 22.96 -10.82
N VAL E 431 -7.63 22.24 -10.31
CA VAL E 431 -8.34 22.71 -9.13
C VAL E 431 -7.43 22.74 -7.92
N SER E 432 -6.56 21.74 -7.79
CA SER E 432 -5.66 21.68 -6.64
C SER E 432 -4.66 22.82 -6.64
N MET E 433 -4.38 23.41 -7.81
CA MET E 433 -3.49 24.56 -7.86
C MET E 433 -4.10 25.75 -7.13
N LEU E 434 -5.41 25.93 -7.25
CA LEU E 434 -6.07 27.00 -6.51
C LEU E 434 -6.09 26.70 -5.01
N THR E 435 -6.39 25.46 -4.63
CA THR E 435 -6.54 25.14 -3.22
C THR E 435 -5.21 25.11 -2.49
N ASN E 436 -4.16 24.61 -3.13
CA ASN E 436 -2.86 24.50 -2.47
C ASN E 436 -2.19 25.84 -2.23
N ARG E 437 -2.70 26.92 -2.82
CA ARG E 437 -2.14 28.25 -2.63
C ARG E 437 -3.17 29.22 -2.07
N LEU E 438 -4.13 28.73 -1.29
CA LEU E 438 -5.07 29.58 -0.57
C LEU E 438 -4.43 29.97 0.75
N THR E 439 -3.88 31.19 0.81
CA THR E 439 -3.25 31.70 2.02
C THR E 439 -4.01 32.91 2.50
N THR E 440 -4.40 32.89 3.78
CA THR E 440 -5.15 33.98 4.40
C THR E 440 -4.24 34.89 5.23
N ALA E 441 -2.93 34.80 5.03
CA ALA E 441 -1.99 35.57 5.84
C ALA E 441 -2.11 37.07 5.57
N ASN E 442 -2.27 37.46 4.32
CA ASN E 442 -2.25 38.87 3.93
C ASN E 442 -3.66 39.45 3.79
N ALA E 443 -4.65 38.86 4.45
CA ALA E 443 -6.02 39.36 4.36
C ALA E 443 -6.17 40.79 4.86
N PRO E 444 -5.62 41.19 6.02
CA PRO E 444 -5.85 42.58 6.46
C PRO E 444 -5.34 43.62 5.49
N THR E 445 -4.23 43.37 4.79
CA THR E 445 -3.73 44.32 3.82
C THR E 445 -4.69 44.48 2.66
N VAL E 446 -5.21 43.35 2.13
CA VAL E 446 -6.15 43.41 1.02
C VAL E 446 -7.45 44.04 1.46
N ARG E 447 -7.86 43.81 2.70
CA ARG E 447 -9.08 44.42 3.22
C ARG E 447 -8.97 45.94 3.20
N ALA E 448 -7.83 46.47 3.63
CA ALA E 448 -7.66 47.92 3.64
C ALA E 448 -7.60 48.48 2.22
N ILE E 449 -7.05 47.71 1.29
CA ILE E 449 -7.01 48.14 -0.11
C ILE E 449 -8.43 48.23 -0.67
N THR E 450 -9.28 47.26 -0.34
CA THR E 450 -10.65 47.29 -0.82
C THR E 450 -11.40 48.51 -0.31
N VAL E 451 -11.19 48.87 0.96
CA VAL E 451 -11.78 50.08 1.50
C VAL E 451 -11.24 51.30 0.78
N LEU E 452 -9.94 51.31 0.51
CA LEU E 452 -9.33 52.46 -0.15
C LEU E 452 -9.88 52.66 -1.56
N THR E 453 -10.13 51.57 -2.28
CA THR E 453 -10.65 51.69 -3.63
C THR E 453 -12.05 52.29 -3.64
N CYS E 454 -12.90 51.87 -2.72
CA CYS E 454 -14.26 52.38 -2.66
C CYS E 454 -14.37 53.70 -1.91
N MET E 455 -13.33 54.09 -1.17
CA MET E 455 -13.33 55.39 -0.48
C MET E 455 -13.13 56.52 -1.47
N PHE E 456 -12.01 56.52 -2.18
CA PHE E 456 -11.61 57.62 -3.04
C PHE E 456 -12.26 57.47 -4.42
N LYS E 457 -11.93 58.40 -5.31
CA LYS E 457 -12.48 58.40 -6.66
C LYS E 457 -11.55 57.74 -7.66
N GLN E 458 -10.28 58.14 -7.67
CA GLN E 458 -9.36 57.70 -8.69
C GLN E 458 -8.20 56.92 -8.09
N PHE E 459 -8.50 56.09 -7.09
CA PHE E 459 -7.50 55.25 -6.46
C PHE E 459 -7.30 54.01 -7.32
N ARG E 460 -6.16 53.95 -8.01
CA ARG E 460 -5.89 52.88 -8.95
C ARG E 460 -4.87 51.90 -8.36
N ILE E 461 -5.16 50.61 -8.47
CA ILE E 461 -4.27 49.56 -8.00
C ILE E 461 -3.79 48.76 -9.22
N GLY E 462 -2.74 47.97 -9.00
CA GLY E 462 -2.21 47.13 -10.04
C GLY E 462 -1.96 45.72 -9.55
N MET E 463 -1.82 44.81 -10.50
CA MET E 463 -1.49 43.42 -10.22
C MET E 463 -0.45 42.95 -11.23
N THR E 464 0.55 42.21 -10.74
CA THR E 464 1.58 41.63 -11.58
C THR E 464 1.39 40.12 -11.63
N TYR E 465 1.27 39.58 -12.83
CA TYR E 465 1.04 38.15 -13.03
C TYR E 465 2.35 37.45 -13.40
N ALA E 466 2.34 36.13 -13.26
CA ALA E 466 3.53 35.35 -13.51
C ALA E 466 3.91 35.38 -14.98
N LEU E 467 5.17 35.06 -15.26
CA LEU E 467 5.66 35.07 -16.64
C LEU E 467 4.90 34.08 -17.50
N ASP E 468 4.64 32.89 -16.97
CA ASP E 468 3.83 31.89 -17.66
C ASP E 468 2.51 31.74 -16.90
N PRO E 469 1.44 32.39 -17.33
CA PRO E 469 0.20 32.36 -16.55
C PRO E 469 -0.37 30.95 -16.44
N ASN E 470 -0.94 30.66 -15.27
CA ASN E 470 -1.66 29.42 -15.06
C ASN E 470 -3.06 29.73 -14.54
N ILE E 471 -3.76 28.70 -14.07
CA ILE E 471 -5.17 28.84 -13.71
C ILE E 471 -5.37 29.92 -12.66
N MET E 472 -4.39 30.10 -11.77
CA MET E 472 -4.56 31.01 -10.64
C MET E 472 -4.69 32.46 -11.11
N ASP E 473 -3.86 32.89 -12.05
CA ASP E 473 -3.93 34.28 -12.51
C ASP E 473 -5.21 34.55 -13.29
N VAL E 474 -5.72 33.56 -14.00
CA VAL E 474 -7.01 33.73 -14.67
C VAL E 474 -8.11 33.95 -13.64
N ALA E 475 -8.09 33.17 -12.56
CA ALA E 475 -9.03 33.40 -11.46
C ALA E 475 -8.81 34.77 -10.84
N ALA E 476 -7.55 35.15 -10.61
CA ALA E 476 -7.26 36.45 -10.03
C ALA E 476 -7.70 37.59 -10.95
N ALA E 477 -7.43 37.45 -12.26
CA ALA E 477 -7.79 38.50 -13.20
C ALA E 477 -9.30 38.70 -13.26
N THR E 478 -10.06 37.61 -13.25
CA THR E 478 -11.51 37.72 -13.28
C THR E 478 -12.05 38.40 -12.03
N CYS E 479 -11.51 38.04 -10.86
CA CYS E 479 -11.96 38.66 -9.62
C CYS E 479 -11.63 40.14 -9.59
N MET E 480 -10.53 40.53 -10.26
CA MET E 480 -10.21 41.94 -10.38
C MET E 480 -11.26 42.69 -11.18
N LEU E 481 -11.68 42.12 -12.31
CA LEU E 481 -12.62 42.82 -13.17
C LEU E 481 -14.06 42.73 -12.63
N LEU E 482 -14.38 41.64 -11.95
CA LEU E 482 -15.76 41.42 -11.50
C LEU E 482 -16.08 42.22 -10.24
N PHE E 483 -15.21 42.15 -9.23
CA PHE E 483 -15.52 42.64 -7.91
C PHE E 483 -14.73 43.89 -7.52
N ARG E 484 -14.24 44.64 -8.50
CA ARG E 484 -13.57 45.90 -8.20
C ARG E 484 -14.14 47.02 -9.04
N PRO E 485 -14.13 48.25 -8.54
CA PRO E 485 -14.65 49.37 -9.33
C PRO E 485 -13.89 49.54 -10.63
N ALA E 486 -14.62 49.94 -11.67
CA ALA E 486 -13.97 50.23 -12.95
C ALA E 486 -13.04 51.42 -12.86
N GLN E 487 -13.32 52.34 -11.93
CA GLN E 487 -12.45 53.48 -11.74
C GLN E 487 -11.11 53.08 -11.14
N SER E 488 -11.09 52.00 -10.36
CA SER E 488 -9.85 51.54 -9.74
C SER E 488 -8.93 50.81 -10.71
N ILE E 489 -9.44 50.42 -11.89
CA ILE E 489 -8.65 49.70 -12.87
C ILE E 489 -8.38 50.62 -14.05
N SER E 490 -7.11 50.79 -14.39
CA SER E 490 -6.72 51.66 -15.48
C SER E 490 -6.81 50.91 -16.81
N ASP E 491 -6.70 51.67 -17.90
CA ASP E 491 -6.78 51.06 -19.23
C ASP E 491 -5.61 50.12 -19.47
N GLU E 492 -4.40 50.51 -19.07
CA GLU E 492 -3.25 49.63 -19.21
C GLU E 492 -3.39 48.40 -18.32
N GLN E 493 -3.90 48.58 -17.10
CA GLN E 493 -4.17 47.45 -16.23
C GLN E 493 -5.24 46.54 -16.82
N TYR E 494 -6.29 47.14 -17.38
CA TYR E 494 -7.37 46.35 -17.97
C TYR E 494 -6.86 45.53 -19.16
N ARG E 495 -6.02 46.13 -20.00
CA ARG E 495 -5.49 45.41 -21.15
C ARG E 495 -4.58 44.27 -20.72
N TYR E 496 -3.77 44.49 -19.68
CA TYR E 496 -2.89 43.44 -19.19
C TYR E 496 -3.69 42.26 -18.68
N CYS E 497 -4.78 42.52 -17.95
CA CYS E 497 -5.62 41.44 -17.46
C CYS E 497 -6.22 40.65 -18.60
N LEU E 498 -6.66 41.33 -19.66
CA LEU E 498 -7.17 40.63 -20.84
C LEU E 498 -6.09 39.79 -21.49
N GLN E 499 -4.88 40.35 -21.62
CA GLN E 499 -3.78 39.60 -22.23
C GLN E 499 -3.42 38.37 -21.41
N THR E 500 -3.45 38.48 -20.07
CA THR E 500 -3.15 37.34 -19.23
C THR E 500 -4.20 36.25 -19.40
N MET E 501 -5.47 36.62 -19.48
CA MET E 501 -6.52 35.63 -19.66
C MET E 501 -6.50 35.06 -21.08
N ALA E 502 -5.96 35.81 -22.04
CA ALA E 502 -5.87 35.32 -23.41
C ALA E 502 -4.82 34.23 -23.55
N VAL E 503 -3.63 34.43 -22.99
CA VAL E 503 -2.53 33.50 -23.21
C VAL E 503 -2.83 32.14 -22.59
N PHE E 504 -3.52 32.12 -21.46
CA PHE E 504 -3.84 30.86 -20.81
C PHE E 504 -4.97 30.13 -21.52
N LEU E 505 -5.98 30.85 -22.00
CA LEU E 505 -7.20 30.23 -22.47
C LEU E 505 -7.31 30.10 -23.98
N THR E 506 -6.53 30.87 -24.75
CA THR E 506 -6.80 31.02 -26.18
C THR E 506 -5.59 30.70 -27.03
N ASN E 507 -4.63 29.92 -26.52
CA ASN E 507 -3.52 29.41 -27.32
C ASN E 507 -2.74 30.55 -27.97
N THR E 508 -2.12 31.37 -27.14
CA THR E 508 -1.47 32.58 -27.62
C THR E 508 -0.34 32.96 -26.67
N THR E 509 0.74 33.52 -27.22
CA THR E 509 1.86 34.00 -26.43
C THR E 509 1.71 35.50 -26.16
N TYR E 510 2.52 35.99 -25.23
CA TYR E 510 2.52 37.42 -24.95
C TYR E 510 3.02 38.22 -26.14
N ASP E 511 3.83 37.61 -27.01
CA ASP E 511 4.32 38.33 -28.19
C ASP E 511 3.20 38.57 -29.20
N ILE E 512 2.29 37.61 -29.35
CA ILE E 512 1.19 37.77 -30.29
C ILE E 512 0.25 38.88 -29.84
N VAL E 513 -0.05 38.96 -28.55
CA VAL E 513 -1.02 39.92 -28.04
C VAL E 513 -0.35 41.19 -27.52
N ASN E 514 0.92 41.42 -27.89
CA ASN E 514 1.57 42.66 -27.49
C ASN E 514 0.93 43.86 -28.16
N ASN E 515 0.57 43.74 -29.43
CA ASN E 515 0.01 44.85 -30.20
C ASN E 515 -1.50 44.75 -30.39
N ASP E 516 -2.16 43.83 -29.70
CA ASP E 516 -3.60 43.69 -29.83
C ASP E 516 -4.31 44.71 -28.93
N THR E 517 -5.32 45.37 -29.49
CA THR E 517 -6.08 46.38 -28.76
C THR E 517 -7.12 45.69 -27.87
N ILE E 518 -7.90 46.52 -27.17
CA ILE E 518 -8.90 45.98 -26.26
C ILE E 518 -10.03 45.29 -27.02
N ASP E 519 -10.47 45.89 -28.12
CA ASP E 519 -11.54 45.28 -28.91
C ASP E 519 -11.10 43.94 -29.49
N VAL E 520 -9.87 43.87 -30.01
CA VAL E 520 -9.39 42.63 -30.61
C VAL E 520 -9.24 41.55 -29.55
N LEU E 521 -8.68 41.90 -28.39
CA LEU E 521 -8.53 40.93 -27.32
C LEU E 521 -9.89 40.43 -26.83
N LYS E 522 -10.87 41.33 -26.75
CA LYS E 522 -12.21 40.91 -26.36
C LYS E 522 -12.82 39.94 -27.36
N MET E 523 -12.61 40.20 -28.66
CA MET E 523 -13.20 39.36 -29.69
C MET E 523 -12.64 37.95 -29.64
N LYS E 524 -11.33 37.81 -29.42
CA LYS E 524 -10.73 36.48 -29.35
C LYS E 524 -11.29 35.69 -28.17
N LEU E 525 -11.41 36.34 -27.03
CA LEU E 525 -11.84 35.63 -25.82
C LEU E 525 -13.31 35.20 -25.93
N ARG E 526 -14.16 36.06 -26.48
CA ARG E 526 -15.57 35.69 -26.63
C ARG E 526 -15.75 34.57 -27.65
N ASN E 527 -14.90 34.51 -28.66
CA ASN E 527 -14.96 33.40 -29.61
C ASN E 527 -14.62 32.09 -28.93
N GLN E 528 -13.64 32.10 -28.02
CA GLN E 528 -13.28 30.90 -27.29
C GLN E 528 -14.40 30.45 -26.36
N GLY E 529 -15.08 31.40 -25.72
CA GLY E 529 -16.16 31.06 -24.81
C GLY E 529 -16.10 31.79 -23.48
N TRP E 530 -15.22 32.79 -23.39
CA TRP E 530 -15.04 33.53 -22.15
C TRP E 530 -15.83 34.83 -22.22
N PRO E 531 -16.87 35.01 -21.42
CA PRO E 531 -17.66 36.25 -21.49
C PRO E 531 -17.19 37.35 -20.55
N PHE E 532 -16.36 37.01 -19.56
CA PHE E 532 -15.92 37.96 -18.55
C PHE E 532 -14.75 38.78 -19.11
N VAL E 533 -15.10 39.81 -19.89
CA VAL E 533 -14.10 40.64 -20.54
C VAL E 533 -14.44 42.12 -20.36
N GLU E 534 -15.38 42.43 -19.48
CA GLU E 534 -15.92 43.78 -19.36
C GLU E 534 -15.70 44.33 -17.96
N ARG E 535 -15.15 45.53 -17.88
CA ARG E 535 -15.06 46.24 -16.61
C ARG E 535 -16.44 46.72 -16.18
N TYR E 536 -16.66 46.74 -14.87
CA TYR E 536 -17.96 47.07 -14.30
C TYR E 536 -17.83 48.27 -13.38
N ASN E 537 -18.69 49.27 -13.59
CA ASN E 537 -18.69 50.45 -12.76
C ASN E 537 -19.31 50.16 -11.40
N ALA E 538 -18.99 51.01 -10.43
CA ALA E 538 -19.51 50.89 -9.07
C ALA E 538 -20.62 51.91 -8.85
N VAL E 539 -21.67 51.50 -8.15
CA VAL E 539 -22.82 52.37 -7.92
C VAL E 539 -22.52 53.28 -6.74
N GLU E 540 -22.60 54.58 -6.96
CA GLU E 540 -22.24 55.56 -5.95
C GLU E 540 -23.35 55.73 -4.93
N ILE E 541 -22.98 55.87 -3.67
CA ILE E 541 -23.92 56.02 -2.56
C ILE E 541 -23.65 57.35 -1.88
N ASP E 542 -24.70 58.16 -1.74
CA ASP E 542 -24.57 59.47 -1.13
C ASP E 542 -24.44 59.36 0.38
N MET E 543 -23.66 60.27 0.95
CA MET E 543 -23.51 60.34 2.39
C MET E 543 -24.73 60.97 3.04
N SER E 544 -25.00 60.58 4.28
CA SER E 544 -26.14 61.14 4.99
C SER E 544 -25.91 62.60 5.39
N VAL E 545 -24.69 62.92 5.81
CA VAL E 545 -24.36 64.26 6.28
C VAL E 545 -23.24 64.83 5.42
N GLU E 546 -22.96 66.10 5.63
CA GLU E 546 -21.92 66.78 4.85
C GLU E 546 -20.54 66.27 5.26
N PRO E 547 -19.61 66.11 4.32
CA PRO E 547 -18.24 65.78 4.69
C PRO E 547 -17.59 66.92 5.44
N LEU E 548 -16.63 66.57 6.29
CA LEU E 548 -15.99 67.59 7.12
C LEU E 548 -15.19 68.55 6.25
N ARG E 549 -15.22 69.83 6.63
CA ARG E 549 -14.52 70.90 5.92
C ARG E 549 -14.94 70.98 4.45
N SER E 550 -16.21 70.67 4.19
CA SER E 550 -16.79 70.76 2.84
C SER E 550 -18.10 71.51 2.96
N PRO E 551 -18.05 72.85 3.03
CA PRO E 551 -19.28 73.63 3.23
C PRO E 551 -20.18 73.57 2.01
N GLY E 552 -21.42 73.12 2.23
CA GLY E 552 -22.42 73.08 1.17
C GLY E 552 -22.12 72.11 0.04
N GLN E 553 -21.59 70.94 0.37
CA GLN E 553 -21.27 69.93 -0.63
C GLN E 553 -21.75 68.57 -0.16
N VAL E 554 -22.02 67.70 -1.13
CA VAL E 554 -22.45 66.33 -0.85
C VAL E 554 -21.27 65.40 -1.07
N GLY E 555 -21.24 64.32 -0.31
CA GLY E 555 -20.17 63.33 -0.39
C GLY E 555 -20.73 61.99 -0.82
N ARG E 556 -19.90 61.24 -1.54
CA ARG E 556 -20.33 59.98 -2.13
C ARG E 556 -19.18 58.98 -2.10
N TYR E 557 -19.53 57.71 -1.92
CA TYR E 557 -18.56 56.63 -1.92
C TYR E 557 -19.12 55.46 -2.73
N TYR E 558 -18.20 54.69 -3.31
CA TYR E 558 -18.59 53.55 -4.14
C TYR E 558 -19.03 52.38 -3.27
N ASN E 559 -19.99 51.62 -3.76
CA ASN E 559 -20.42 50.41 -3.07
C ASN E 559 -19.36 49.33 -3.23
N PRO E 560 -19.00 48.63 -2.16
CA PRO E 560 -17.99 47.56 -2.29
C PRO E 560 -18.51 46.40 -3.12
N PHE E 561 -17.57 45.71 -3.76
CA PHE E 561 -17.83 44.45 -4.44
C PHE E 561 -18.78 44.59 -5.62
N ASN E 562 -18.90 45.80 -6.16
CA ASN E 562 -19.69 46.06 -7.37
C ASN E 562 -21.11 45.54 -7.24
N ILE E 563 -21.76 45.88 -6.14
CA ILE E 563 -23.12 45.43 -5.84
C ILE E 563 -24.04 46.63 -5.86
N ASP E 564 -25.09 46.57 -6.67
CA ASP E 564 -26.08 47.63 -6.73
C ASP E 564 -26.92 47.61 -5.45
N PRO E 565 -26.93 48.69 -4.67
CA PRO E 565 -27.68 48.67 -3.41
C PRO E 565 -29.18 48.46 -3.58
N LEU E 566 -29.77 48.99 -4.66
CA LEU E 566 -31.22 48.89 -4.83
C LEU E 566 -31.67 47.45 -5.06
N THR E 567 -30.92 46.70 -5.86
CA THR E 567 -31.28 45.34 -6.22
C THR E 567 -30.58 44.27 -5.38
N LYS E 568 -29.65 44.67 -4.51
CA LYS E 568 -28.88 43.72 -3.70
C LYS E 568 -28.26 42.63 -4.56
N LYS E 569 -27.63 43.05 -5.65
CA LYS E 569 -27.14 42.13 -6.66
C LYS E 569 -25.91 42.73 -7.33
N HIS E 570 -25.18 41.89 -8.05
CA HIS E 570 -24.12 42.39 -8.90
C HIS E 570 -24.70 43.22 -10.04
N VAL E 571 -23.86 44.07 -10.62
CA VAL E 571 -24.32 44.97 -11.67
C VAL E 571 -24.76 44.19 -12.90
N GLU E 572 -24.02 43.15 -13.26
CA GLU E 572 -24.34 42.34 -14.42
C GLU E 572 -25.46 41.37 -14.07
N ASP E 573 -26.66 41.62 -14.60
CA ASP E 573 -27.81 40.77 -14.28
C ASP E 573 -27.68 39.39 -14.90
N ARG E 574 -26.87 39.23 -15.94
CA ARG E 574 -26.66 37.94 -16.59
C ARG E 574 -25.45 37.21 -16.01
N LEU E 575 -25.11 37.50 -14.74
CA LEU E 575 -23.93 36.91 -14.13
C LEU E 575 -24.08 35.39 -14.00
N GLU E 576 -25.27 34.92 -13.64
CA GLU E 576 -25.49 33.49 -13.50
C GLU E 576 -25.35 32.78 -14.85
N GLU E 577 -25.88 33.39 -15.91
CA GLU E 577 -25.81 32.75 -17.23
C GLU E 577 -24.39 32.77 -17.78
N PHE E 578 -23.61 33.80 -17.43
CA PHE E 578 -22.21 33.82 -17.84
C PHE E 578 -21.43 32.69 -17.19
N ILE E 579 -21.71 32.38 -15.93
CA ILE E 579 -21.00 31.31 -15.25
C ILE E 579 -21.32 29.97 -15.88
N ASN E 580 -22.58 29.73 -16.22
CA ASN E 580 -22.96 28.50 -16.90
C ASN E 580 -22.30 28.41 -18.27
N GLN E 581 -22.14 29.55 -18.94
CA GLN E 581 -21.50 29.56 -20.25
C GLN E 581 -20.04 29.14 -20.16
N VAL E 582 -19.32 29.61 -19.14
CA VAL E 582 -17.92 29.25 -18.96
C VAL E 582 -17.80 27.75 -18.75
N GLN E 583 -18.66 27.19 -17.91
CA GLN E 583 -18.55 25.79 -17.54
C GLN E 583 -18.79 24.88 -18.73
N VAL E 584 -19.73 25.25 -19.60
CA VAL E 584 -19.99 24.46 -20.80
C VAL E 584 -18.80 24.54 -21.76
N GLY E 585 -18.16 25.70 -21.84
CA GLY E 585 -17.14 25.93 -22.84
C GLY E 585 -15.88 25.10 -22.61
N ARG E 586 -15.02 25.13 -23.62
CA ARG E 586 -13.77 24.36 -23.64
C ARG E 586 -12.60 25.30 -23.84
N PHE E 587 -11.67 25.29 -22.88
CA PHE E 587 -10.48 26.13 -22.95
C PHE E 587 -9.26 25.27 -22.67
N ARG E 588 -8.18 25.52 -23.43
CA ARG E 588 -6.87 24.90 -23.21
C ARG E 588 -6.91 23.42 -23.58
N ASN E 589 -8.09 22.90 -23.89
CA ASN E 589 -8.25 21.51 -24.28
C ASN E 589 -9.56 21.36 -25.02
N ALA E 590 -9.53 20.65 -26.14
CA ALA E 590 -10.71 20.49 -26.98
C ALA E 590 -11.58 19.31 -26.56
N SER E 591 -11.17 18.54 -25.56
CA SER E 591 -11.95 17.45 -25.02
C SER E 591 -12.10 17.62 -23.52
N GLY E 592 -13.32 17.51 -23.03
CA GLY E 592 -13.59 17.63 -21.61
C GLY E 592 -13.71 19.08 -21.17
N ASN E 593 -14.19 19.25 -19.94
CA ASN E 593 -14.40 20.56 -19.34
C ASN E 593 -13.63 20.67 -18.03
N ALA E 594 -12.37 20.24 -18.05
CA ALA E 594 -11.56 20.30 -16.84
C ALA E 594 -11.30 21.74 -16.41
N VAL E 595 -10.89 22.59 -17.36
CA VAL E 595 -10.63 24.00 -17.03
C VAL E 595 -11.93 24.73 -16.76
N GLY E 596 -12.94 24.51 -17.60
CA GLY E 596 -14.18 25.26 -17.47
C GLY E 596 -14.90 24.98 -16.16
N THR E 597 -14.95 23.72 -15.74
CA THR E 597 -15.63 23.39 -14.50
C THR E 597 -14.91 23.98 -13.29
N THR E 598 -13.58 23.97 -13.31
CA THR E 598 -12.82 24.50 -12.17
C THR E 598 -13.07 26.00 -12.00
N LEU E 599 -13.05 26.74 -13.11
CA LEU E 599 -13.25 28.19 -13.02
C LEU E 599 -14.68 28.54 -12.63
N ALA E 600 -15.65 27.77 -13.13
CA ALA E 600 -17.03 28.02 -12.76
C ALA E 600 -17.27 27.80 -11.28
N ALA E 601 -16.66 26.76 -10.71
CA ALA E 601 -16.83 26.49 -9.29
C ALA E 601 -16.16 27.55 -8.43
N PHE E 602 -15.01 28.06 -8.86
CA PHE E 602 -14.36 29.12 -8.11
C PHE E 602 -15.17 30.41 -8.16
N LEU E 603 -15.59 30.80 -9.36
CA LEU E 603 -16.44 31.99 -9.49
C LEU E 603 -17.81 31.75 -8.87
N ARG E 604 -18.20 30.49 -8.67
CA ARG E 604 -19.41 30.18 -7.94
C ARG E 604 -19.36 30.73 -6.52
N ALA E 605 -18.28 30.43 -5.80
CA ALA E 605 -18.18 30.81 -4.40
C ALA E 605 -17.88 32.29 -4.24
N CYS E 606 -17.11 32.85 -5.18
CA CYS E 606 -16.77 34.27 -5.08
C CYS E 606 -18.01 35.14 -5.17
N ARG E 607 -18.94 34.79 -6.06
CA ARG E 607 -20.19 35.54 -6.14
C ARG E 607 -21.02 35.33 -4.87
N ASP E 608 -21.11 34.09 -4.39
CA ASP E 608 -21.90 33.81 -3.20
C ASP E 608 -21.30 34.50 -1.97
N LYS E 609 -19.97 34.46 -1.85
CA LYS E 609 -19.33 35.10 -0.70
C LYS E 609 -19.52 36.61 -0.73
N THR E 610 -19.34 37.23 -1.90
CA THR E 610 -19.42 38.69 -1.99
C THR E 610 -20.83 39.19 -1.70
N SER E 611 -21.85 38.50 -2.21
CA SER E 611 -23.22 38.94 -1.97
C SER E 611 -23.63 38.76 -0.52
N ALA E 612 -23.00 37.83 0.19
CA ALA E 612 -23.34 37.63 1.59
C ALA E 612 -22.73 38.71 2.47
N ASN E 613 -21.51 39.15 2.17
CA ASN E 613 -20.74 39.96 3.10
C ASN E 613 -20.49 41.38 2.60
N TRP E 614 -21.25 41.84 1.60
CA TRP E 614 -21.01 43.17 1.06
C TRP E 614 -21.48 44.27 2.01
N ARG E 615 -22.50 43.99 2.82
CA ARG E 615 -23.08 45.03 3.66
C ARG E 615 -22.11 45.48 4.74
N GLY E 616 -21.33 44.57 5.30
CA GLY E 616 -20.39 44.95 6.33
C GLY E 616 -19.31 45.90 5.83
N TYR E 617 -18.78 45.63 4.64
CA TYR E 617 -17.76 46.52 4.09
C TYR E 617 -18.34 47.88 3.70
N SER E 618 -19.62 47.92 3.32
CA SER E 618 -20.24 49.18 2.97
C SER E 618 -20.29 50.12 4.18
N VAL E 619 -20.62 49.57 5.35
CA VAL E 619 -20.60 50.36 6.58
C VAL E 619 -19.18 50.76 6.92
N LEU E 620 -18.23 49.84 6.75
CA LEU E 620 -16.83 50.14 7.02
C LEU E 620 -16.31 51.25 6.12
N VAL E 621 -16.64 51.18 4.83
CA VAL E 621 -16.21 52.23 3.91
C VAL E 621 -16.87 53.56 4.27
N SER E 622 -18.17 53.52 4.59
CA SER E 622 -18.88 54.75 4.93
C SER E 622 -18.31 55.38 6.20
N ARG E 623 -18.01 54.56 7.22
CA ARG E 623 -17.45 55.09 8.44
C ARG E 623 -16.07 55.71 8.20
N TYR E 624 -15.26 55.07 7.37
CA TYR E 624 -13.92 55.58 7.10
C TYR E 624 -13.91 56.69 6.06
N ARG E 625 -15.02 56.91 5.36
CA ARG E 625 -15.07 58.00 4.39
C ARG E 625 -15.25 59.34 5.07
N SER E 626 -16.03 59.40 6.16
CA SER E 626 -16.30 60.67 6.81
C SER E 626 -15.05 61.31 7.40
N LEU E 627 -13.97 60.55 7.54
CA LEU E 627 -12.73 61.10 8.10
C LEU E 627 -12.05 62.08 7.16
N ILE E 628 -12.13 61.83 5.85
CA ILE E 628 -11.42 62.64 4.86
C ILE E 628 -12.36 63.67 4.25
N PRO E 629 -11.85 64.83 3.82
CA PRO E 629 -12.71 65.87 3.24
C PRO E 629 -13.07 65.57 1.80
N ASN E 630 -13.87 66.47 1.22
CA ASN E 630 -14.29 66.33 -0.17
C ASN E 630 -13.16 66.64 -1.15
N GLU E 631 -12.30 67.61 -0.80
CA GLU E 631 -11.21 67.96 -1.70
C GLU E 631 -10.21 66.83 -1.82
N LEU E 632 -9.89 66.17 -0.70
CA LEU E 632 -8.95 65.05 -0.75
C LEU E 632 -9.55 63.86 -1.51
N PHE E 633 -10.87 63.72 -1.49
CA PHE E 633 -11.52 62.65 -2.22
C PHE E 633 -11.32 62.82 -3.73
N GLU E 634 -11.33 64.06 -4.21
CA GLU E 634 -11.23 64.34 -5.63
C GLU E 634 -9.80 64.57 -6.11
N SER E 635 -8.82 64.60 -5.20
CA SER E 635 -7.46 65.01 -5.56
C SER E 635 -6.42 63.91 -5.42
N LEU E 636 -6.49 63.09 -4.38
CA LEU E 636 -5.44 62.12 -4.12
C LEU E 636 -5.42 61.02 -5.18
N ARG E 637 -4.21 60.64 -5.59
CA ARG E 637 -4.01 59.53 -6.52
C ARG E 637 -2.86 58.67 -6.03
N ASN E 638 -2.95 57.37 -6.34
CA ASN E 638 -1.92 56.41 -5.95
C ASN E 638 -0.78 56.49 -6.96
N ILE E 639 0.06 57.51 -6.78
CA ILE E 639 1.13 57.77 -7.75
C ILE E 639 2.21 56.70 -7.66
N SER E 640 2.62 56.36 -6.45
CA SER E 640 3.80 55.52 -6.26
C SER E 640 3.54 54.07 -6.63
N GLY E 641 2.28 53.62 -6.65
CA GLY E 641 2.01 52.22 -6.87
C GLY E 641 2.56 51.32 -5.78
N GLU E 642 2.52 51.78 -4.53
CA GLU E 642 3.03 50.97 -3.43
C GLU E 642 2.05 49.84 -3.09
N TYR E 643 0.76 50.09 -3.22
CA TYR E 643 -0.26 49.11 -2.86
C TYR E 643 -0.68 48.35 -4.10
N ASN E 644 0.06 47.29 -4.41
CA ASN E 644 -0.26 46.36 -5.47
C ASN E 644 -0.65 45.02 -4.86
N ILE E 645 -1.62 44.36 -5.46
CA ILE E 645 -2.17 43.12 -4.93
C ILE E 645 -1.50 41.94 -5.64
N ASN E 646 -0.92 41.04 -4.86
CA ASN E 646 -0.42 39.80 -5.41
C ASN E 646 -1.58 38.91 -5.85
N PRO E 647 -1.40 38.11 -6.89
CA PRO E 647 -2.48 37.21 -7.31
C PRO E 647 -2.88 36.21 -6.24
N GLN E 648 -1.95 35.75 -5.41
CA GLN E 648 -2.30 34.90 -4.29
C GLN E 648 -3.21 35.63 -3.31
N ASP E 649 -2.89 36.90 -3.04
CA ASP E 649 -3.65 37.67 -2.06
C ASP E 649 -5.10 37.83 -2.49
N GLU E 650 -5.33 38.12 -3.77
CA GLU E 650 -6.66 38.51 -4.21
C GLU E 650 -7.62 37.32 -4.28
N HIS E 651 -7.18 36.20 -4.86
CA HIS E 651 -8.13 35.10 -5.04
C HIS E 651 -8.43 34.39 -3.73
N SER E 652 -7.48 34.41 -2.79
CA SER E 652 -7.77 33.91 -1.45
C SER E 652 -8.61 34.90 -0.67
N PHE E 653 -8.62 36.17 -1.08
CA PHE E 653 -9.44 37.17 -0.40
C PHE E 653 -10.92 36.92 -0.65
N PHE E 654 -11.30 36.70 -1.91
CA PHE E 654 -12.70 36.52 -2.25
C PHE E 654 -13.22 35.13 -1.88
N PHE E 655 -12.38 34.09 -2.03
CA PHE E 655 -12.80 32.75 -1.69
C PHE E 655 -12.99 32.58 -0.19
N ALA E 656 -12.20 33.26 0.62
CA ALA E 656 -12.28 33.17 2.07
C ALA E 656 -12.67 34.52 2.67
N LEU E 657 -13.64 35.18 2.05
CA LEU E 657 -14.10 36.47 2.55
C LEU E 657 -14.69 36.32 3.95
N ALA E 658 -14.36 37.26 4.82
CA ALA E 658 -14.77 37.22 6.22
C ALA E 658 -15.75 38.35 6.52
N GLN E 659 -16.74 38.06 7.35
CA GLN E 659 -17.67 39.09 7.79
C GLN E 659 -16.93 40.16 8.61
N ILE E 660 -17.32 41.41 8.42
CA ILE E 660 -16.77 42.50 9.20
C ILE E 660 -17.60 42.65 10.46
N ASN E 661 -16.96 42.49 11.61
CA ASN E 661 -17.61 42.58 12.91
C ASN E 661 -17.10 43.85 13.58
N ALA E 662 -18.02 44.74 13.93
CA ALA E 662 -17.68 46.04 14.50
C ALA E 662 -17.79 45.95 16.01
N ASP E 663 -16.67 45.68 16.66
CA ASP E 663 -16.64 45.63 18.12
C ASP E 663 -16.82 47.04 18.70
N ASP E 664 -17.18 47.08 19.99
CA ASP E 664 -17.31 48.35 20.66
C ASP E 664 -15.97 49.06 20.77
N GLU E 665 -14.89 48.30 20.91
CA GLU E 665 -13.55 48.90 20.95
C GLU E 665 -13.21 49.54 19.61
N PHE E 666 -13.55 48.89 18.50
CA PHE E 666 -13.27 49.45 17.19
C PHE E 666 -14.04 50.75 16.97
N ILE E 667 -15.31 50.77 17.37
CA ILE E 667 -16.12 51.99 17.21
C ILE E 667 -15.52 53.12 18.03
N GLY E 668 -15.12 52.84 19.27
CA GLY E 668 -14.49 53.86 20.08
C GLY E 668 -13.19 54.37 19.48
N ALA E 669 -12.44 53.48 18.83
CA ALA E 669 -11.19 53.89 18.21
C ALA E 669 -11.43 54.86 17.07
N ILE E 670 -12.45 54.63 16.26
CA ILE E 670 -12.71 55.49 15.11
C ILE E 670 -13.18 56.87 15.56
N ASP E 671 -13.86 56.94 16.70
CA ASP E 671 -14.24 58.23 17.25
C ASP E 671 -13.03 59.04 17.69
N LYS E 672 -12.04 58.37 18.28
CA LYS E 672 -10.82 59.06 18.68
C LYS E 672 -10.01 59.50 17.47
N GLU E 673 -10.02 58.69 16.40
CA GLU E 673 -9.28 59.06 15.20
C GLU E 673 -9.93 60.24 14.48
N SER E 674 -11.26 60.35 14.57
CA SER E 674 -11.95 61.46 13.93
C SER E 674 -11.51 62.80 14.52
N ALA E 675 -11.32 62.85 15.84
CA ALA E 675 -10.83 64.06 16.47
C ALA E 675 -9.39 64.36 16.07
N GLU E 676 -8.57 63.32 15.94
CA GLU E 676 -7.18 63.52 15.54
C GLU E 676 -7.10 64.04 14.11
N TYR E 677 -7.96 63.52 13.22
CA TYR E 677 -7.98 64.02 11.85
C TYR E 677 -8.42 65.48 11.78
N LEU E 678 -9.44 65.85 12.56
CA LEU E 678 -9.93 67.22 12.54
C LEU E 678 -8.87 68.20 13.01
N ASP E 679 -8.13 67.85 14.06
CA ASP E 679 -7.05 68.70 14.53
C ASP E 679 -5.98 68.81 13.46
N GLU E 680 -5.64 67.70 12.80
CA GLU E 680 -4.59 67.71 11.80
C GLU E 680 -4.95 68.61 10.62
N TYR E 681 -6.20 68.56 10.16
CA TYR E 681 -6.61 69.40 9.04
C TYR E 681 -6.56 70.88 9.41
N ALA E 682 -6.95 71.21 10.65
CA ALA E 682 -6.92 72.60 11.09
C ALA E 682 -5.49 73.12 11.12
N THR E 683 -4.55 72.31 11.61
CA THR E 683 -3.15 72.75 11.67
C THR E 683 -2.59 72.95 10.28
N LEU E 684 -2.92 72.06 9.35
CA LEU E 684 -2.43 72.20 7.98
C LEU E 684 -2.99 73.46 7.31
N ALA E 685 -4.25 73.79 7.60
CA ALA E 685 -4.84 74.99 7.02
C ALA E 685 -4.11 76.24 7.48
N ARG E 686 -3.77 76.32 8.76
CA ARG E 686 -3.05 77.48 9.26
C ARG E 686 -1.65 77.55 8.67
N ASP E 687 -0.95 76.42 8.59
CA ASP E 687 0.40 76.42 8.04
C ASP E 687 0.41 76.84 6.58
N ILE E 688 -0.59 76.39 5.81
CA ILE E 688 -0.68 76.80 4.42
C ILE E 688 -0.90 78.30 4.31
N SER E 689 -1.78 78.85 5.15
CA SER E 689 -2.05 80.28 5.11
C SER E 689 -0.82 81.09 5.47
N ASN E 690 -0.06 80.65 6.48
CA ASN E 690 1.16 81.36 6.85
C ASN E 690 2.18 81.34 5.72
N SER E 691 2.31 80.19 5.05
CA SER E 691 3.26 80.08 3.95
C SER E 691 2.86 80.98 2.79
N LEU E 692 1.56 81.03 2.48
CA LEU E 692 1.10 81.89 1.40
C LEU E 692 1.37 83.36 1.70
N THR E 693 1.22 83.75 2.97
CA THR E 693 1.56 85.11 3.37
C THR E 693 3.06 85.36 3.22
N LEU E 694 3.88 84.36 3.54
CA LEU E 694 5.33 84.53 3.50
C LEU E 694 5.82 84.79 2.08
N VAL E 695 5.37 84.00 1.12
CA VAL E 695 5.88 84.13 -0.24
C VAL E 695 5.44 85.44 -0.87
N LYS E 696 4.23 85.90 -0.55
CA LYS E 696 3.74 87.15 -1.13
C LYS E 696 4.59 88.34 -0.69
N ALA E 697 4.99 88.37 0.58
CA ALA E 697 5.67 89.54 1.12
C ALA E 697 7.18 89.47 1.06
N ALA E 698 7.75 88.34 0.61
CA ALA E 698 9.20 88.16 0.64
C ALA E 698 9.83 88.08 -0.73
N PHE E 699 9.37 87.15 -1.58
CA PHE E 699 10.01 86.87 -2.86
C PHE E 699 9.22 87.50 -3.99
N GLY E 700 9.91 88.22 -4.86
CA GLY E 700 9.31 88.79 -6.04
C GLY E 700 9.42 87.85 -7.22
N PRO E 701 9.04 88.32 -8.40
CA PRO E 701 9.15 87.47 -9.60
C PRO E 701 10.59 87.20 -9.96
N LEU E 702 10.82 86.06 -10.60
CA LEU E 702 12.15 85.63 -11.00
C LEU E 702 12.33 85.92 -12.48
N GLU E 703 13.39 86.67 -12.81
CA GLU E 703 13.71 86.97 -14.20
C GLU E 703 14.67 85.95 -14.77
N ARG E 704 14.66 85.84 -16.10
CA ARG E 704 15.54 84.90 -16.78
C ARG E 704 17.02 85.27 -16.63
N THR E 705 17.31 86.50 -16.21
CA THR E 705 18.69 86.94 -16.10
C THR E 705 19.37 86.33 -14.88
N SER E 706 20.69 86.20 -14.97
CA SER E 706 21.48 85.80 -13.82
C SER E 706 21.57 86.95 -12.83
N GLY E 707 22.04 86.64 -11.65
CA GLY E 707 21.97 87.63 -10.57
C GLY E 707 20.60 87.64 -9.93
N SER E 708 19.55 87.72 -10.74
CA SER E 708 18.19 87.56 -10.20
C SER E 708 17.99 86.16 -9.66
N ILE E 709 18.48 85.14 -10.36
CA ILE E 709 18.51 83.80 -9.81
C ILE E 709 19.41 83.77 -8.58
N ILE E 710 20.54 84.46 -8.65
CA ILE E 710 21.45 84.55 -7.51
C ILE E 710 20.77 85.26 -6.35
N ASN E 711 20.10 86.38 -6.62
CA ASN E 711 19.46 87.12 -5.55
C ASN E 711 18.34 86.32 -4.90
N HIS E 712 17.50 85.66 -5.71
CA HIS E 712 16.41 84.87 -5.16
C HIS E 712 16.92 83.69 -4.37
N ALA E 713 18.07 83.12 -4.78
CA ALA E 713 18.62 81.98 -4.07
C ALA E 713 19.09 82.38 -2.66
N ASN E 714 19.80 83.50 -2.56
CA ASN E 714 20.27 83.95 -1.25
C ASN E 714 19.11 84.35 -0.35
N ASN E 715 18.13 85.07 -0.89
CA ASN E 715 16.99 85.50 -0.10
C ASN E 715 16.19 84.31 0.40
N LEU E 716 16.02 83.28 -0.44
CA LEU E 716 15.25 82.11 -0.04
C LEU E 716 15.93 81.37 1.11
N ASN E 717 17.25 81.23 1.05
CA ASN E 717 17.96 80.54 2.11
C ASN E 717 17.87 81.30 3.43
N LYS E 718 17.93 82.64 3.37
CA LYS E 718 17.80 83.43 4.58
C LYS E 718 16.44 83.25 5.23
N VAL E 719 15.38 83.18 4.42
CA VAL E 719 14.04 82.99 4.96
C VAL E 719 13.93 81.62 5.61
N ILE E 720 14.43 80.59 4.93
CA ILE E 720 14.33 79.22 5.46
C ILE E 720 15.15 79.09 6.74
N ASN E 721 16.34 79.71 6.77
CA ASN E 721 17.15 79.67 7.97
C ASN E 721 16.45 80.34 9.14
N HIS E 722 15.76 81.45 8.88
CA HIS E 722 15.15 82.21 9.96
C HIS E 722 13.91 81.51 10.51
N VAL E 723 13.06 80.96 9.64
CA VAL E 723 11.80 80.40 10.11
C VAL E 723 12.01 79.16 10.97
N PHE E 724 13.01 78.35 10.65
CA PHE E 724 13.25 77.13 11.40
C PHE E 724 14.00 77.35 12.70
N ALA E 725 14.57 78.54 12.90
CA ALA E 725 15.25 78.84 14.14
C ALA E 725 14.25 79.08 15.27
N ASP E 726 14.72 78.86 16.49
CA ASP E 726 13.89 78.96 17.70
C ASP E 726 12.72 77.99 17.54
N LYS E 727 11.50 78.39 17.84
CA LYS E 727 10.35 77.53 17.59
C LYS E 727 9.99 77.60 16.12
N PRO E 728 9.99 76.48 15.40
CA PRO E 728 9.68 76.52 13.96
C PRO E 728 8.27 77.05 13.71
N LEU E 729 8.13 77.85 12.65
CA LEU E 729 6.82 78.37 12.28
C LEU E 729 5.90 77.23 11.84
N ILE E 730 6.42 76.30 11.06
CA ILE E 730 5.61 75.19 10.56
C ILE E 730 5.52 74.11 11.63
N SER E 731 4.36 73.48 11.73
CA SER E 731 4.12 72.44 12.72
C SER E 731 4.78 71.14 12.29
N GLU E 732 4.89 70.21 13.24
CA GLU E 732 5.46 68.91 12.95
C GLU E 732 4.56 68.09 12.03
N THR E 733 3.26 68.37 12.03
CA THR E 733 2.34 67.62 11.17
C THR E 733 2.66 67.83 9.70
N MET E 734 2.92 69.07 9.29
CA MET E 734 3.28 69.33 7.91
C MET E 734 4.66 68.81 7.59
N LEU E 735 5.56 68.80 8.58
CA LEU E 735 6.91 68.30 8.35
C LEU E 735 6.91 66.81 8.01
N LYS E 736 5.98 66.06 8.60
CA LYS E 736 5.86 64.64 8.27
C LYS E 736 5.47 64.45 6.81
N ILE E 737 4.59 65.31 6.29
CA ILE E 737 4.18 65.20 4.89
C ILE E 737 5.36 65.45 3.96
N LEU E 738 6.15 66.49 4.25
CA LEU E 738 7.22 66.87 3.35
C LEU E 738 8.41 65.92 3.41
N THR E 739 8.67 65.34 4.58
CA THR E 739 9.83 64.47 4.78
C THR E 739 9.51 63.00 4.59
N ILE E 740 8.31 62.66 4.10
CA ILE E 740 7.96 61.26 3.93
C ILE E 740 8.84 60.60 2.87
N ASP E 741 9.38 61.40 1.94
CA ASP E 741 10.24 60.86 0.89
C ASP E 741 11.65 60.56 1.36
N GLY E 742 12.03 61.02 2.55
CA GLY E 742 13.36 60.82 3.08
C GLY E 742 14.18 62.09 3.22
N THR E 743 13.77 63.18 2.59
CA THR E 743 14.48 64.45 2.74
C THR E 743 14.21 65.05 4.11
N THR E 744 15.03 66.03 4.47
CA THR E 744 14.86 66.69 5.75
C THR E 744 13.78 67.77 5.68
N GLY E 745 13.37 68.24 6.86
CA GLY E 745 12.32 69.25 6.90
C GLY E 745 12.74 70.59 6.34
N LYS E 746 13.96 71.01 6.63
CA LYS E 746 14.43 72.31 6.16
C LYS E 746 14.48 72.37 4.64
N ASP E 747 15.03 71.33 4.01
CA ASP E 747 15.06 71.30 2.55
C ASP E 747 13.70 70.97 1.97
N GLY E 748 12.95 70.09 2.61
CA GLY E 748 11.61 69.76 2.13
C GLY E 748 10.70 70.97 2.12
N TYR E 749 10.75 71.77 3.18
CA TYR E 749 9.95 72.99 3.22
C TYR E 749 10.43 74.03 2.21
N ARG E 750 11.74 74.03 1.92
CA ARG E 750 12.28 75.01 1.00
C ARG E 750 11.74 74.83 -0.40
N ASN E 751 11.64 73.58 -0.86
CA ASN E 751 11.12 73.32 -2.21
C ASN E 751 9.65 73.70 -2.31
N TRP E 752 8.87 73.46 -1.26
CA TRP E 752 7.46 73.83 -1.32
C TRP E 752 7.29 75.34 -1.37
N LEU E 753 8.03 76.08 -0.55
CA LEU E 753 7.99 77.54 -0.62
C LEU E 753 8.52 78.04 -1.95
N ASP E 754 9.38 77.25 -2.59
CA ASP E 754 9.90 77.63 -3.90
C ASP E 754 8.79 77.69 -4.94
N LYS E 755 7.92 76.68 -4.95
CA LYS E 755 6.90 76.59 -6.00
C LYS E 755 5.78 77.59 -5.78
N LEU E 756 5.55 78.01 -4.53
CA LEU E 756 4.41 78.83 -4.19
C LEU E 756 4.52 80.27 -4.69
N VAL E 757 5.70 80.69 -5.16
CA VAL E 757 5.86 82.06 -5.61
C VAL E 757 4.98 82.32 -6.82
N GLY E 758 4.34 83.49 -6.83
CA GLY E 758 3.45 83.83 -7.91
C GLY E 758 2.12 83.12 -7.91
N HIS E 759 1.66 82.67 -6.74
CA HIS E 759 0.40 81.96 -6.67
C HIS E 759 -0.78 82.90 -6.86
N ASN E 760 -1.93 82.30 -7.16
CA ASN E 760 -3.17 83.02 -7.37
C ASN E 760 -4.12 82.80 -6.18
N TYR E 761 -3.79 81.84 -5.31
CA TYR E 761 -4.72 81.38 -4.31
C TYR E 761 -5.21 82.54 -3.44
N PRO E 762 -6.48 82.56 -3.05
CA PRO E 762 -6.97 83.62 -2.17
C PRO E 762 -6.67 83.33 -0.72
N VAL E 763 -6.43 84.40 0.03
CA VAL E 763 -6.09 84.33 1.45
C VAL E 763 -7.02 85.24 2.22
N TYR E 764 -7.63 84.70 3.28
CA TYR E 764 -8.48 85.50 4.14
C TYR E 764 -7.64 86.39 5.05
N VAL E 765 -8.04 87.64 5.18
CA VAL E 765 -7.39 88.56 6.10
C VAL E 765 -8.02 88.39 7.48
N GLU E 766 -7.31 87.71 8.37
CA GLU E 766 -7.82 87.40 9.69
C GLU E 766 -7.77 88.63 10.58
N PRO E 767 -8.54 88.65 11.67
CA PRO E 767 -8.58 89.86 12.51
C PRO E 767 -7.22 90.27 13.04
N VAL E 768 -6.33 89.32 13.31
CA VAL E 768 -5.02 89.67 13.83
C VAL E 768 -4.22 90.46 12.81
N VAL E 769 -4.24 90.02 11.54
CA VAL E 769 -3.45 90.70 10.51
C VAL E 769 -3.96 92.12 10.30
N ASN E 770 -5.27 92.32 10.40
CA ASN E 770 -5.82 93.66 10.28
C ASN E 770 -5.32 94.57 11.39
N ILE E 771 -5.20 94.04 12.61
CA ILE E 771 -4.68 94.82 13.72
C ILE E 771 -3.24 95.24 13.45
N MET E 772 -2.41 94.31 12.97
CA MET E 772 -1.01 94.64 12.74
C MET E 772 -0.86 95.63 11.60
N ASN E 773 -1.69 95.52 10.56
CA ASN E 773 -1.66 96.51 9.50
C ASN E 773 -2.03 97.89 10.02
N PHE E 774 -2.97 97.95 10.96
CA PHE E 774 -3.38 99.23 11.54
C PHE E 774 -2.22 99.89 12.29
N ILE E 775 -1.54 99.11 13.14
CA ILE E 775 -0.41 99.65 13.87
C ILE E 775 0.74 99.98 12.94
N SER E 776 0.98 99.13 11.94
CA SER E 776 2.04 99.40 10.98
C SER E 776 1.75 100.66 10.18
N ALA E 777 0.48 100.87 9.80
CA ALA E 777 0.12 102.08 9.08
C ALA E 777 0.30 103.32 9.96
N ARG E 778 -0.15 103.25 11.21
CA ARG E 778 -0.03 104.40 12.10
C ARG E 778 1.40 104.61 12.58
N PHE E 779 2.27 103.62 12.40
CA PHE E 779 3.67 103.80 12.77
C PHE E 779 4.34 104.84 11.89
N VAL E 780 3.96 104.91 10.62
CA VAL E 780 4.60 105.84 9.70
C VAL E 780 3.87 107.18 9.60
N ALA E 781 2.57 107.22 9.88
CA ALA E 781 1.83 108.48 9.80
C ALA E 781 2.19 109.39 10.96
N ASP E 782 2.23 108.84 12.17
CA ASP E 782 2.54 109.61 13.38
C ASP E 782 3.88 109.11 13.90
N SER E 783 4.96 109.73 13.44
CA SER E 783 6.31 109.31 13.80
C SER E 783 6.79 109.91 15.11
N SER E 784 6.23 111.05 15.51
CA SER E 784 6.69 111.70 16.73
C SER E 784 6.30 110.93 17.98
N TYR E 785 5.29 110.06 17.91
CA TYR E 785 4.93 109.24 19.05
C TYR E 785 6.04 108.27 19.42
N PHE E 786 6.71 107.71 18.41
CA PHE E 786 7.65 106.61 18.61
C PHE E 786 9.10 107.06 18.63
N GLY E 787 9.37 108.36 18.60
CA GLY E 787 10.71 108.85 18.81
C GLY E 787 11.58 108.98 17.58
N TYR E 788 11.00 109.03 16.38
CA TYR E 788 11.78 109.23 15.17
C TYR E 788 11.07 110.23 14.27
N THR E 789 11.86 110.89 13.41
CA THR E 789 11.34 111.94 12.56
C THR E 789 12.12 111.95 11.25
N ASN E 790 11.56 112.62 10.25
CA ASN E 790 12.14 112.64 8.92
C ASN E 790 13.00 113.87 8.63
N GLU E 791 12.73 115.00 9.29
CA GLU E 791 13.46 116.23 9.04
C GLU E 791 13.91 116.85 10.35
N ILE E 792 15.09 117.46 10.33
CA ILE E 792 15.63 118.23 11.45
C ILE E 792 16.23 119.52 10.90
N MET E 793 16.42 120.50 11.79
CA MET E 793 16.97 121.79 11.41
C MET E 793 18.08 122.19 12.37
N ILE E 794 19.20 122.65 11.80
CA ILE E 794 20.35 123.11 12.56
C ILE E 794 20.62 124.56 12.17
N MET E 795 20.66 125.44 13.15
CA MET E 795 20.83 126.86 12.90
C MET E 795 21.66 127.49 13.99
N PRO E 796 22.37 128.58 13.71
CA PRO E 796 23.16 129.25 14.75
C PRO E 796 22.28 129.89 15.81
N ASN E 797 22.90 130.20 16.94
CA ASN E 797 22.15 130.77 18.05
C ASN E 797 21.73 132.21 17.77
N HIS E 798 22.45 132.92 16.90
CA HIS E 798 22.14 134.32 16.67
C HIS E 798 20.94 134.53 15.75
N ILE E 799 20.40 133.46 15.18
CA ILE E 799 19.24 133.55 14.29
C ILE E 799 18.01 133.17 15.10
N ASN E 800 17.07 134.09 15.24
CA ASN E 800 15.84 133.83 15.96
C ASN E 800 14.87 133.07 15.07
N VAL E 801 14.33 131.97 15.59
CA VAL E 801 13.40 131.12 14.86
C VAL E 801 12.17 130.91 15.71
N PRO E 802 10.96 131.00 15.14
CA PRO E 802 9.75 130.74 15.94
C PRO E 802 9.75 129.32 16.49
N VAL E 803 9.33 129.19 17.75
CA VAL E 803 9.28 127.92 18.44
C VAL E 803 7.98 127.82 19.20
N ASP E 804 7.55 126.59 19.45
CA ASP E 804 6.35 126.35 20.22
C ASP E 804 6.61 126.71 21.68
N ASP E 805 5.72 127.52 22.26
CA ASP E 805 5.89 128.03 23.61
C ASP E 805 4.74 127.69 24.55
N ARG E 806 3.87 126.75 24.17
CA ARG E 806 2.76 126.38 25.04
C ARG E 806 3.26 125.73 26.33
N PHE E 807 4.28 124.87 26.24
CA PHE E 807 4.76 124.16 27.41
C PHE E 807 5.61 125.02 28.31
N GLY E 808 6.29 126.03 27.77
CA GLY E 808 7.11 126.90 28.57
C GLY E 808 8.55 126.46 28.75
N PHE E 809 9.05 125.56 27.90
CA PHE E 809 10.44 125.15 28.00
C PHE E 809 11.36 126.32 27.65
N ARG E 810 12.47 126.42 28.37
CA ARG E 810 13.50 127.39 28.01
C ARG E 810 14.27 126.88 26.79
N ASP E 811 14.36 127.73 25.77
CA ASP E 811 15.01 127.38 24.50
C ASP E 811 14.42 126.09 23.94
N SER E 812 13.13 126.12 23.68
CA SER E 812 12.42 124.94 23.24
C SER E 812 12.95 124.47 21.89
N PRO E 813 13.44 123.23 21.77
CA PRO E 813 13.87 122.71 20.49
C PRO E 813 12.75 122.17 19.61
N PHE E 814 11.51 122.41 19.98
CA PHE E 814 10.35 121.92 19.26
C PHE E 814 9.69 123.06 18.51
N CYS E 815 9.40 122.85 17.23
CA CYS E 815 8.69 123.82 16.40
C CYS E 815 7.39 123.21 15.92
N THR E 816 6.38 124.06 15.76
CA THR E 816 5.09 123.61 15.26
C THR E 816 5.23 123.02 13.86
N SER E 817 5.97 123.70 13.00
CA SER E 817 6.35 123.17 11.70
C SER E 817 7.66 123.84 11.31
N LEU E 818 8.50 123.10 10.60
CA LEU E 818 9.79 123.64 10.22
C LEU E 818 9.60 124.87 9.34
N PRO E 819 10.18 126.00 9.70
CA PRO E 819 9.90 127.24 8.99
C PRO E 819 10.23 127.15 7.50
N ARG E 820 9.29 127.57 6.67
CA ARG E 820 9.55 127.65 5.24
C ARG E 820 10.46 128.83 4.92
N THR E 821 10.19 129.99 5.52
CA THR E 821 10.95 131.20 5.27
C THR E 821 11.58 131.68 6.57
N ILE E 822 12.87 132.01 6.53
CA ILE E 822 13.58 132.60 7.65
C ILE E 822 14.20 133.90 7.16
N MET E 823 13.83 135.01 7.79
CA MET E 823 14.33 136.34 7.45
C MET E 823 14.11 136.65 5.97
N GLY E 824 13.00 136.18 5.41
CA GLY E 824 12.65 136.46 4.04
C GLY E 824 13.27 135.52 3.01
N ASN E 825 14.01 134.51 3.43
CA ASN E 825 14.65 133.58 2.51
C ASN E 825 14.26 132.15 2.86
N ASP E 826 14.08 131.34 1.81
CA ASP E 826 13.70 129.94 2.01
C ASP E 826 14.87 129.19 2.62
N VAL E 827 14.55 128.27 3.53
CA VAL E 827 15.58 127.50 4.23
C VAL E 827 16.10 126.39 3.35
N ARG E 828 17.41 126.28 3.24
CA ARG E 828 18.03 125.27 2.40
C ARG E 828 17.71 123.86 2.91
N ARG E 829 17.41 122.96 1.99
CA ARG E 829 17.16 121.56 2.31
C ARG E 829 18.25 120.70 1.70
N ILE E 830 18.85 119.84 2.51
CA ILE E 830 19.96 118.99 2.09
C ILE E 830 19.64 117.56 2.51
N SER E 831 19.83 116.62 1.59
CA SER E 831 19.64 115.21 1.90
C SER E 831 20.80 114.69 2.74
N TYR E 832 20.60 113.52 3.34
CA TYR E 832 21.64 112.95 4.19
C TYR E 832 22.87 112.56 3.38
N ASN E 833 22.67 111.96 2.21
CA ASN E 833 23.81 111.54 1.40
C ASN E 833 24.61 112.73 0.91
N VAL E 834 23.94 113.79 0.46
CA VAL E 834 24.65 114.99 0.04
C VAL E 834 25.36 115.63 1.21
N PHE E 835 24.72 115.61 2.38
CA PHE E 835 25.33 116.20 3.57
C PHE E 835 26.61 115.47 3.96
N SER E 836 26.59 114.14 3.91
CA SER E 836 27.77 113.38 4.29
C SER E 836 28.88 113.49 3.26
N MET E 837 28.52 113.72 1.99
CA MET E 837 29.51 113.78 0.94
C MET E 837 30.31 115.07 0.95
N MET E 838 29.80 116.11 1.60
CA MET E 838 30.40 117.44 1.49
C MET E 838 31.75 117.50 2.19
N GLU E 839 32.66 118.29 1.60
CA GLU E 839 33.91 118.64 2.24
C GLU E 839 33.98 120.11 2.60
N ASP E 840 32.97 120.90 2.21
CA ASP E 840 32.88 122.32 2.54
C ASP E 840 31.74 122.58 3.52
N ILE E 841 31.58 121.67 4.50
CA ILE E 841 30.50 121.79 5.47
C ILE E 841 30.65 123.03 6.34
N ASP E 842 31.86 123.60 6.42
CA ASP E 842 32.06 124.79 7.24
C ASP E 842 31.25 125.96 6.69
N ASP E 843 31.23 126.12 5.36
CA ASP E 843 30.48 127.23 4.77
C ASP E 843 28.98 127.02 4.89
N VAL E 844 28.51 125.79 4.67
CA VAL E 844 27.07 125.53 4.68
C VAL E 844 26.50 125.67 6.09
N ILE E 845 27.26 125.25 7.09
CA ILE E 845 26.77 125.30 8.47
C ILE E 845 26.63 126.73 8.97
N SER E 846 27.28 127.70 8.32
CA SER E 846 27.24 129.07 8.82
C SER E 846 25.83 129.65 8.71
N GLU E 847 25.12 129.36 7.62
CA GLU E 847 23.80 129.92 7.41
C GLU E 847 22.70 129.09 8.08
N GLY E 848 22.89 127.79 8.18
CA GLY E 848 21.85 126.92 8.71
C GLY E 848 21.02 126.29 7.61
N PHE E 849 20.66 125.03 7.83
CA PHE E 849 19.96 124.27 6.81
C PHE E 849 19.06 123.24 7.47
N ILE E 850 18.07 122.79 6.70
CA ILE E 850 17.18 121.69 7.10
C ILE E 850 17.75 120.41 6.53
N LEU E 851 17.96 119.42 7.39
CA LEU E 851 18.47 118.11 6.99
C LEU E 851 17.32 117.12 6.98
N TYR E 852 17.15 116.42 5.85
CA TYR E 852 16.03 115.51 5.66
C TYR E 852 16.52 114.30 4.88
N ASP E 853 15.55 113.52 4.37
CA ASP E 853 15.80 112.34 3.55
C ASP E 853 16.49 111.24 4.37
N ALA E 854 16.00 111.04 5.58
CA ALA E 854 16.47 109.97 6.46
C ALA E 854 15.45 109.81 7.57
N TYR E 855 15.75 108.91 8.49
CA TYR E 855 14.91 108.66 9.66
C TYR E 855 15.73 108.93 10.91
N PHE E 856 15.54 110.08 11.52
CA PHE E 856 16.34 110.54 12.65
C PHE E 856 15.71 110.08 13.95
N ASN E 857 16.47 109.34 14.75
CA ASN E 857 16.02 108.90 16.06
C ASN E 857 16.46 109.90 17.12
N PHE E 858 15.61 110.12 18.12
CA PHE E 858 15.90 111.11 19.13
C PHE E 858 15.19 110.75 20.44
N SER E 859 15.64 111.37 21.52
CA SER E 859 15.06 111.17 22.84
C SER E 859 15.20 112.46 23.63
N TYR E 860 14.41 112.57 24.70
CA TYR E 860 14.42 113.76 25.53
C TYR E 860 14.00 113.41 26.95
N ASP E 861 14.51 114.17 27.90
CA ASP E 861 14.10 114.06 29.30
C ASP E 861 13.80 115.46 29.84
N ILE E 862 12.63 115.60 30.45
CA ILE E 862 12.23 116.86 31.07
C ILE E 862 12.61 116.80 32.54
N MET E 863 13.46 117.72 32.98
CA MET E 863 14.08 117.63 34.30
C MET E 863 13.30 118.36 35.39
N THR E 864 12.14 118.93 35.06
CA THR E 864 11.25 119.53 36.05
C THR E 864 11.97 120.59 36.90
N THR E 865 12.80 121.39 36.26
CA THR E 865 13.51 122.48 36.93
C THR E 865 13.95 123.48 35.87
N ASP E 866 14.73 124.46 36.29
CA ASP E 866 15.20 125.52 35.40
C ASP E 866 16.69 125.34 35.14
N GLY E 867 17.08 125.42 33.88
CA GLY E 867 18.48 125.28 33.51
C GLY E 867 18.64 125.53 32.04
N VAL E 868 19.90 125.44 31.59
CA VAL E 868 20.23 125.64 30.19
C VAL E 868 19.93 124.35 29.42
N THR E 869 19.11 124.46 28.38
CA THR E 869 18.70 123.30 27.58
C THR E 869 19.77 123.04 26.53
N ARG E 870 20.46 121.91 26.66
CA ARG E 870 21.52 121.55 25.73
C ARG E 870 21.42 120.07 25.40
N LEU E 871 22.33 119.61 24.55
CA LEU E 871 22.35 118.24 24.07
C LEU E 871 23.46 117.46 24.76
N LYS E 872 23.25 116.15 24.86
CA LYS E 872 24.27 115.29 25.46
C LYS E 872 25.56 115.28 24.66
N GLU E 873 25.44 115.20 23.34
CA GLU E 873 26.60 115.09 22.45
C GLU E 873 26.64 116.27 21.50
N ASP E 874 27.70 116.32 20.70
CA ASP E 874 27.83 117.34 19.67
C ASP E 874 26.87 117.05 18.52
N ILE E 875 26.65 118.07 17.70
CA ILE E 875 25.69 117.94 16.60
C ILE E 875 26.25 117.09 15.48
N LEU E 876 27.50 117.33 15.08
CA LEU E 876 28.11 116.59 13.98
C LEU E 876 29.40 115.93 14.42
N ILE E 877 29.87 115.00 13.60
CA ILE E 877 31.17 114.37 13.76
C ILE E 877 31.84 114.29 12.39
N VAL E 878 32.75 115.23 12.12
CA VAL E 878 33.37 115.32 10.81
C VAL E 878 34.48 114.29 10.70
N THR E 879 34.44 113.49 9.64
CA THR E 879 35.37 112.41 9.42
C THR E 879 35.88 112.47 7.99
N ASP E 880 37.14 112.09 7.79
CA ASP E 880 37.72 112.12 6.46
C ASP E 880 36.93 111.27 5.47
N THR E 881 36.28 110.21 5.94
CA THR E 881 35.37 109.46 5.09
C THR E 881 34.08 110.24 4.84
N GLY E 882 33.49 110.80 5.90
CA GLY E 882 32.28 111.57 5.75
C GLY E 882 31.67 112.06 7.04
N ASN E 883 30.77 113.02 6.95
CA ASN E 883 30.14 113.59 8.12
C ASN E 883 29.00 112.70 8.63
N ASP E 884 28.60 112.94 9.87
CA ASP E 884 27.54 112.18 10.51
C ASP E 884 26.87 113.04 11.58
N ILE E 885 25.67 112.63 11.98
CA ILE E 885 24.92 113.29 13.04
C ILE E 885 24.97 112.38 14.26
N LYS E 886 25.55 112.89 15.35
CA LYS E 886 25.64 112.11 16.57
C LYS E 886 24.26 111.93 17.18
N PRO E 887 24.09 110.92 18.04
CA PRO E 887 22.76 110.68 18.62
C PRO E 887 22.25 111.89 19.38
N ILE E 888 20.94 112.13 19.27
CA ILE E 888 20.31 113.32 19.81
C ILE E 888 19.62 112.97 21.11
N HIS E 889 19.92 113.73 22.16
CA HIS E 889 19.27 113.56 23.46
C HIS E 889 19.09 114.94 24.07
N PHE E 890 17.90 115.50 23.90
CA PHE E 890 17.60 116.83 24.43
C PHE E 890 17.47 116.78 25.95
N TYR E 891 18.09 117.74 26.62
CA TYR E 891 17.95 117.91 28.06
C TYR E 891 17.07 119.14 28.28
N ILE E 892 15.76 118.93 28.30
CA ILE E 892 14.80 120.02 28.25
C ILE E 892 14.54 120.53 29.66
N TYR E 893 14.64 121.85 29.83
CA TYR E 893 14.48 122.52 31.10
C TYR E 893 13.33 123.52 31.01
N PHE E 894 12.75 123.85 32.17
CA PHE E 894 11.71 124.86 32.22
C PHE E 894 12.33 126.25 32.34
N GLU E 895 11.50 127.27 32.11
CA GLU E 895 11.98 128.63 31.92
C GLU E 895 11.51 129.54 33.04
N ASN E 896 12.43 130.33 33.57
CA ASN E 896 12.12 131.46 34.45
C ASN E 896 12.71 132.68 33.77
N ARG E 897 11.84 133.65 33.44
CA ARG E 897 12.27 134.77 32.60
C ARG E 897 13.30 135.64 33.29
N ASN E 898 13.10 135.96 34.58
CA ASN E 898 14.00 136.85 35.29
C ASN E 898 15.13 136.04 35.95
N ASP E 899 16.01 135.53 35.08
CA ASP E 899 17.20 134.78 35.51
C ASP E 899 18.34 135.20 34.59
N LYS E 900 19.12 136.17 35.03
CA LYS E 900 20.19 136.71 34.18
C LYS E 900 21.28 135.68 33.95
N LYS E 901 21.49 134.78 34.92
CA LYS E 901 22.55 133.79 34.77
C LYS E 901 22.23 132.79 33.67
N LEU E 902 21.01 132.24 33.69
CA LEU E 902 20.65 131.24 32.68
C LEU E 902 20.41 131.89 31.33
N ARG E 903 20.01 133.17 31.31
CA ARG E 903 19.84 133.86 30.04
C ARG E 903 21.18 134.10 29.36
N TYR E 904 22.18 134.53 30.12
CA TYR E 904 23.51 134.73 29.56
C TYR E 904 24.13 133.40 29.17
N GLU E 905 23.92 132.35 29.98
CA GLU E 905 24.48 131.05 29.67
C GLU E 905 23.95 130.52 28.35
N SER E 906 22.64 130.64 28.13
CA SER E 906 22.04 130.12 26.90
C SER E 906 22.56 130.85 25.67
N LYS E 907 22.69 132.18 25.75
CA LYS E 907 23.09 132.95 24.59
C LYS E 907 24.55 132.73 24.23
N MET E 908 25.43 132.67 25.23
CA MET E 908 26.87 132.69 25.00
C MET E 908 27.47 131.29 24.88
N ASN E 909 27.15 130.39 25.80
CA ASN E 909 27.79 129.08 25.81
C ASN E 909 27.31 128.21 24.64
N VAL E 910 26.00 128.16 24.42
CA VAL E 910 25.45 127.40 23.31
C VAL E 910 25.56 128.23 22.04
N SER E 911 26.24 127.69 21.03
CA SER E 911 26.49 128.42 19.80
C SER E 911 25.65 127.93 18.62
N TYR E 912 25.15 126.70 18.68
CA TYR E 912 24.27 126.18 17.64
C TYR E 912 23.12 125.43 18.29
N ARG E 913 21.99 125.36 17.60
CA ARG E 913 20.80 124.74 18.15
C ARG E 913 20.16 123.84 17.11
N LEU E 914 19.57 122.75 17.59
CA LEU E 914 18.92 121.76 16.75
C LEU E 914 17.41 121.80 17.02
N TYR E 915 16.62 121.70 15.94
CA TYR E 915 15.18 121.83 16.04
C TYR E 915 14.51 120.64 15.37
N ILE E 916 13.38 120.20 15.94
CA ILE E 916 12.55 119.15 15.37
C ILE E 916 11.09 119.56 15.51
N LYS E 917 10.22 118.85 14.82
CA LYS E 917 8.79 119.06 14.96
C LYS E 917 8.35 118.73 16.39
N THR E 918 7.34 119.44 16.87
CA THR E 918 6.84 119.22 18.21
C THR E 918 6.23 117.83 18.30
N PRO E 919 6.68 116.97 19.22
CA PRO E 919 6.08 115.65 19.34
C PRO E 919 4.61 115.75 19.74
N ALA E 920 3.81 114.84 19.18
CA ALA E 920 2.38 114.82 19.47
C ALA E 920 2.07 114.13 20.79
N CYS E 921 3.07 113.52 21.44
CA CYS E 921 2.86 112.92 22.74
C CYS E 921 2.47 113.98 23.76
N LEU E 922 3.03 115.18 23.66
CA LEU E 922 2.87 116.20 24.67
C LEU E 922 1.53 116.92 24.51
N LEU E 923 0.85 117.14 25.64
CA LEU E 923 -0.41 117.85 25.69
C LEU E 923 -0.37 118.77 26.91
N PRO E 924 -0.59 120.07 26.74
CA PRO E 924 -0.60 120.97 27.89
C PRO E 924 -1.73 120.63 28.84
N LEU E 925 -1.51 120.93 30.13
CA LEU E 925 -2.50 120.61 31.14
C LEU E 925 -3.81 121.35 30.92
N SER E 926 -3.74 122.53 30.29
CA SER E 926 -4.96 123.28 30.01
C SER E 926 -5.87 122.51 29.08
N ASP E 927 -5.30 121.86 28.07
CA ASP E 927 -6.08 121.07 27.10
C ASP E 927 -6.15 119.61 27.56
N TYR E 928 -6.67 119.41 28.76
CA TYR E 928 -6.80 118.08 29.31
C TYR E 928 -8.10 117.39 28.93
N MET E 929 -9.03 118.10 28.31
CA MET E 929 -10.26 117.47 27.87
C MET E 929 -10.06 116.60 26.62
N ARG E 930 -8.97 116.82 25.89
CA ARG E 930 -8.67 116.01 24.73
C ARG E 930 -8.27 114.59 25.11
N ALA E 931 -7.79 114.38 26.33
CA ALA E 931 -7.46 113.03 26.78
C ALA E 931 -8.71 112.24 27.13
N GLN E 932 -9.85 112.90 27.33
CA GLN E 932 -11.10 112.21 27.59
C GLN E 932 -11.46 111.32 26.40
N HIS E 933 -11.73 110.05 26.69
CA HIS E 933 -11.95 109.07 25.63
C HIS E 933 -12.89 107.99 26.12
N ASP E 934 -13.52 107.30 25.17
CA ASP E 934 -14.56 106.33 25.44
C ASP E 934 -14.04 104.91 25.20
N TYR E 935 -14.39 104.00 26.11
CA TYR E 935 -14.11 102.59 25.97
C TYR E 935 -15.40 101.80 26.24
N VAL E 936 -15.61 100.74 25.48
CA VAL E 936 -16.81 99.93 25.54
C VAL E 936 -16.47 98.55 26.09
N SER E 937 -17.20 98.11 27.10
CA SER E 937 -17.04 96.80 27.69
C SER E 937 -18.34 96.02 27.55
N PRO E 938 -18.31 94.77 27.08
CA PRO E 938 -19.54 94.04 26.84
C PRO E 938 -20.28 93.73 28.14
N SER E 939 -21.55 93.38 27.98
CA SER E 939 -22.41 93.10 29.12
C SER E 939 -21.88 91.92 29.93
N SER E 940 -22.09 92.00 31.25
CA SER E 940 -21.60 90.96 32.14
C SER E 940 -22.52 89.75 32.23
N SER E 941 -23.69 89.81 31.58
CA SER E 941 -24.62 88.70 31.64
C SER E 941 -24.21 87.54 30.76
N ARG E 942 -23.45 87.80 29.70
CA ARG E 942 -23.10 86.75 28.76
C ARG E 942 -22.12 85.76 29.38
N VAL E 943 -22.25 84.50 28.96
CA VAL E 943 -21.34 83.44 29.38
C VAL E 943 -20.60 82.93 28.15
N TYR E 944 -19.41 82.39 28.37
CA TYR E 944 -18.55 81.93 27.30
C TYR E 944 -18.38 80.42 27.41
N ILE E 945 -18.56 79.73 26.29
CA ILE E 945 -18.53 78.28 26.23
C ILE E 945 -17.18 77.84 25.69
N LYS E 946 -16.46 77.02 26.47
CA LYS E 946 -15.15 76.55 26.03
C LYS E 946 -15.27 75.51 24.92
N ASP E 947 -16.17 74.55 25.07
CA ASP E 947 -16.35 73.46 24.11
C ASP E 947 -17.73 73.55 23.49
N PRO E 948 -17.86 74.03 22.26
CA PRO E 948 -19.19 74.23 21.68
C PRO E 948 -19.75 73.00 20.97
N ALA E 949 -19.17 71.82 21.25
CA ALA E 949 -19.66 70.60 20.63
C ALA E 949 -21.11 70.35 21.00
N VAL E 950 -21.87 69.80 20.06
CA VAL E 950 -23.32 69.66 20.19
C VAL E 950 -23.76 68.21 20.27
N VAL E 951 -22.83 67.25 20.29
CA VAL E 951 -23.19 65.84 20.37
C VAL E 951 -22.26 65.12 21.33
N TYR E 952 -22.70 63.94 21.75
CA TYR E 952 -21.96 63.09 22.66
C TYR E 952 -21.68 61.75 22.02
N THR E 953 -20.58 61.11 22.45
CA THR E 953 -20.32 59.74 22.05
C THR E 953 -21.33 58.80 22.71
N ARG E 954 -21.64 57.71 22.01
CA ARG E 954 -22.65 56.79 22.52
C ARG E 954 -22.21 56.14 23.83
N SER E 955 -20.97 55.69 23.90
CA SER E 955 -20.47 55.02 25.10
C SER E 955 -19.10 55.58 25.50
N VAL F 20 -83.71 47.74 127.27
CA VAL F 20 -84.77 47.37 126.34
C VAL F 20 -84.18 46.79 125.06
N GLN F 21 -85.01 46.07 124.31
CA GLN F 21 -84.53 45.45 123.08
C GLN F 21 -84.31 46.50 122.00
N THR F 22 -83.33 46.24 121.14
CA THR F 22 -83.03 47.11 120.02
C THR F 22 -83.78 46.63 118.77
N GLN F 23 -84.18 47.58 117.94
CA GLN F 23 -84.90 47.24 116.71
C GLN F 23 -83.98 46.52 115.75
N ASP F 24 -84.57 45.63 114.94
CA ASP F 24 -83.79 44.85 113.99
C ASP F 24 -83.11 45.75 112.97
N PHE F 25 -83.85 46.73 112.43
CA PHE F 25 -83.30 47.67 111.48
C PHE F 25 -83.82 49.06 111.79
N LYS F 26 -83.08 50.07 111.36
CA LYS F 26 -83.40 51.46 111.62
C LYS F 26 -84.18 52.04 110.45
N THR F 27 -85.30 52.70 110.76
CA THR F 27 -86.16 53.32 109.76
C THR F 27 -86.20 54.82 109.98
N ALA F 28 -86.70 55.54 108.97
CA ALA F 28 -86.76 56.99 109.05
C ALA F 28 -87.69 57.44 110.16
N VAL F 29 -88.85 56.80 110.28
CA VAL F 29 -89.82 57.21 111.30
C VAL F 29 -89.35 56.80 112.70
N GLN F 30 -88.67 55.66 112.83
CA GLN F 30 -88.32 55.10 114.13
C GLN F 30 -86.83 54.80 114.21
N PRO F 31 -86.00 55.81 114.45
CA PRO F 31 -84.58 55.56 114.71
C PRO F 31 -84.37 55.04 116.13
N ASP F 32 -83.26 54.35 116.31
CA ASP F 32 -82.88 53.80 117.61
C ASP F 32 -81.91 54.75 118.33
N THR F 33 -82.39 55.95 118.62
CA THR F 33 -81.60 56.89 119.39
C THR F 33 -81.49 56.43 120.84
N ASN F 34 -80.38 56.78 121.47
CA ASN F 34 -80.18 56.41 122.87
C ASN F 34 -81.20 57.11 123.77
N THR F 35 -81.58 58.34 123.42
CA THR F 35 -82.59 59.05 124.22
C THR F 35 -83.93 58.34 124.18
N ALA F 36 -84.33 57.87 123.00
CA ALA F 36 -85.60 57.15 122.88
C ALA F 36 -85.57 55.86 123.71
N GLN F 37 -84.43 55.17 123.71
CA GLN F 37 -84.31 53.97 124.54
C GLN F 37 -84.41 54.31 126.01
N LEU F 38 -83.83 55.44 126.43
CA LEU F 38 -83.96 55.86 127.81
C LEU F 38 -85.42 56.14 128.17
N ILE F 39 -86.14 56.79 127.27
CA ILE F 39 -87.56 57.06 127.52
C ILE F 39 -88.34 55.75 127.58
N LYS F 40 -87.96 54.78 126.76
CA LYS F 40 -88.68 53.51 126.73
C LYS F 40 -88.56 52.76 128.06
N THR F 41 -87.53 53.07 128.85
CA THR F 41 -87.34 52.34 130.10
C THR F 41 -88.49 52.59 131.07
N TYR F 42 -89.11 53.76 131.01
CA TYR F 42 -90.24 54.07 131.89
C TYR F 42 -91.55 54.22 131.14
N SER F 43 -91.56 54.06 129.82
CA SER F 43 -92.78 54.19 129.03
C SER F 43 -93.19 52.86 128.40
N ASN F 44 -92.32 52.25 127.62
CA ASN F 44 -92.59 50.96 126.97
C ASN F 44 -91.42 50.02 127.22
N PRO F 45 -91.29 49.50 128.43
CA PRO F 45 -90.14 48.63 128.74
C PRO F 45 -90.19 47.30 128.01
N LYS F 46 -91.36 46.65 128.04
CA LYS F 46 -91.52 45.33 127.42
C LYS F 46 -91.94 45.48 125.96
N GLN F 47 -91.08 46.14 125.18
CA GLN F 47 -91.31 46.33 123.75
C GLN F 47 -90.40 45.39 122.99
N ARG F 48 -91.01 44.55 122.15
CA ARG F 48 -90.28 43.53 121.41
C ARG F 48 -89.69 44.15 120.14
N GLY F 49 -88.41 43.93 119.94
CA GLY F 49 -87.71 44.51 118.81
C GLY F 49 -87.93 43.83 117.48
N ASP F 50 -88.71 42.76 117.45
CA ASP F 50 -88.93 42.03 116.21
C ASP F 50 -89.71 42.87 115.21
N LYS F 51 -89.46 42.61 113.93
CA LYS F 51 -90.14 43.30 112.84
C LYS F 51 -90.54 42.35 111.72
N GLY F 52 -90.64 41.05 112.02
CA GLY F 52 -91.05 40.08 111.04
C GLY F 52 -89.94 39.69 110.09
N GLU F 53 -90.28 38.83 109.15
CA GLU F 53 -89.33 38.42 108.13
C GLU F 53 -89.17 39.51 107.07
N ILE F 54 -87.98 39.57 106.48
CA ILE F 54 -87.64 40.61 105.51
C ILE F 54 -87.90 40.02 104.12
N ILE F 55 -89.06 40.34 103.55
CA ILE F 55 -89.38 39.85 102.21
C ILE F 55 -88.50 40.54 101.17
N TYR F 56 -88.39 41.85 101.25
CA TYR F 56 -87.66 42.63 100.25
C TYR F 56 -86.80 43.68 100.95
N ASP F 57 -85.50 43.65 100.69
CA ASP F 57 -84.56 44.66 101.21
C ASP F 57 -83.57 44.99 100.08
N GLY F 58 -83.92 45.99 99.28
CA GLY F 58 -83.03 46.41 98.22
C GLY F 58 -82.72 45.27 97.26
N GLY F 59 -81.43 45.06 97.02
CA GLY F 59 -80.96 44.02 96.14
C GLY F 59 -80.00 44.57 95.11
N LEU F 60 -79.46 43.66 94.31
CA LEU F 60 -78.55 44.07 93.24
C LEU F 60 -79.34 44.84 92.19
N SER F 61 -78.89 46.06 91.90
CA SER F 61 -79.61 46.96 91.00
C SER F 61 -78.97 46.95 89.63
N SER F 62 -79.80 47.13 88.61
CA SER F 62 -79.34 47.18 87.23
C SER F 62 -79.41 48.61 86.71
N LYS F 63 -78.31 49.09 86.14
CA LYS F 63 -78.21 50.44 85.63
C LYS F 63 -78.12 50.41 84.11
N LEU F 64 -78.78 51.39 83.47
CA LEU F 64 -78.88 51.38 82.02
C LEU F 64 -77.53 51.64 81.36
N ALA F 65 -76.85 52.70 81.79
CA ALA F 65 -75.71 53.23 81.06
C ALA F 65 -74.42 53.05 81.83
N ASP F 66 -73.33 52.77 81.11
CA ASP F 66 -71.99 52.68 81.67
C ASP F 66 -71.22 53.86 81.12
N VAL F 67 -71.33 54.99 81.81
CA VAL F 67 -70.68 56.23 81.37
C VAL F 67 -69.20 56.17 81.72
N VAL F 68 -68.35 56.38 80.73
CA VAL F 68 -66.90 56.36 80.91
C VAL F 68 -66.42 57.81 80.99
N ASP F 69 -65.75 58.15 82.09
CA ASP F 69 -65.26 59.51 82.26
C ASP F 69 -64.04 59.79 81.40
N LYS F 70 -63.13 58.82 81.30
CA LYS F 70 -61.92 59.01 80.52
C LYS F 70 -62.25 59.22 79.05
N THR F 71 -61.62 60.23 78.45
CA THR F 71 -61.81 60.48 77.03
C THR F 71 -61.25 59.32 76.21
N THR F 72 -61.98 58.91 75.19
CA THR F 72 -61.65 57.73 74.43
C THR F 72 -61.39 58.07 72.97
N GLU F 73 -60.43 57.39 72.37
CA GLU F 73 -60.11 57.59 70.97
C GLU F 73 -61.23 57.03 70.09
N PRO F 74 -61.38 57.54 68.87
CA PRO F 74 -62.46 57.05 68.00
C PRO F 74 -62.33 55.56 67.75
N HIS F 75 -63.47 54.89 67.66
CA HIS F 75 -63.52 53.45 67.49
C HIS F 75 -64.84 53.08 66.81
N ASN F 76 -65.04 51.78 66.63
CA ASN F 76 -66.26 51.25 66.04
C ASN F 76 -67.02 50.45 67.09
N ALA F 77 -68.13 49.85 66.65
CA ALA F 77 -68.94 49.03 67.54
C ALA F 77 -68.24 47.71 67.84
N ASP F 78 -68.19 47.33 69.11
CA ASP F 78 -67.60 46.06 69.50
C ASP F 78 -68.39 45.35 70.60
N GLY F 79 -69.63 45.75 70.87
CA GLY F 79 -70.44 45.08 71.87
C GLY F 79 -71.31 44.01 71.27
N ALA F 80 -72.63 44.16 71.42
CA ALA F 80 -73.56 43.22 70.78
C ALA F 80 -73.44 43.30 69.26
N VAL F 81 -73.31 44.51 68.72
CA VAL F 81 -73.10 44.72 67.30
C VAL F 81 -71.61 44.84 67.05
N LYS F 82 -71.08 44.03 66.14
CA LYS F 82 -69.67 44.02 65.81
C LYS F 82 -69.49 44.49 64.37
N ASP F 83 -68.64 45.47 64.17
CA ASP F 83 -68.39 46.02 62.84
C ASP F 83 -67.16 45.34 62.24
N GLY F 84 -67.36 44.70 61.10
CA GLY F 84 -66.26 43.99 60.45
C GLY F 84 -65.37 44.84 59.57
N ARG F 85 -65.74 46.09 59.32
CA ARG F 85 -64.94 46.96 58.48
C ARG F 85 -63.63 47.34 59.18
N ILE F 86 -62.77 48.02 58.44
CA ILE F 86 -61.47 48.42 58.95
C ILE F 86 -61.64 49.51 60.00
N ALA F 87 -60.80 49.45 61.04
CA ALA F 87 -60.86 50.43 62.11
C ALA F 87 -60.50 51.81 61.57
N PRO F 88 -60.91 52.87 62.27
CA PRO F 88 -60.61 54.23 61.77
C PRO F 88 -59.11 54.44 61.58
N VAL F 89 -58.78 55.12 60.49
CA VAL F 89 -57.38 55.36 60.13
C VAL F 89 -56.96 56.69 60.72
N LYS F 90 -55.93 56.66 61.55
CA LYS F 90 -55.40 57.86 62.18
C LYS F 90 -54.34 58.46 61.29
N LEU F 91 -54.57 59.70 60.84
CA LEU F 91 -53.63 60.44 60.02
C LEU F 91 -53.23 61.69 60.78
N ASP F 92 -51.93 61.89 61.02
CA ASP F 92 -51.48 63.12 61.67
C ASP F 92 -51.28 64.20 60.61
N LEU F 93 -52.41 64.71 60.14
CA LEU F 93 -52.46 65.83 59.21
C LEU F 93 -52.19 67.14 59.95
N GLU F 94 -52.16 68.23 59.19
CA GLU F 94 -52.13 69.59 59.74
C GLU F 94 -50.95 69.78 60.70
N LYS F 95 -49.75 69.68 60.15
CA LYS F 95 -48.55 69.89 60.93
C LYS F 95 -48.18 71.37 60.93
N GLN F 96 -48.00 71.93 62.12
CA GLN F 96 -47.72 73.36 62.23
C GLN F 96 -46.34 73.70 61.70
N LYS F 97 -45.41 72.74 61.71
CA LYS F 97 -44.07 72.95 61.18
C LYS F 97 -43.73 71.83 60.21
N LEU F 98 -42.98 72.19 59.17
CA LEU F 98 -42.63 71.23 58.12
C LEU F 98 -41.57 70.26 58.62
N ASP F 99 -41.79 68.97 58.35
CA ASP F 99 -40.81 67.95 58.74
C ASP F 99 -40.28 67.14 57.57
N LYS F 100 -41.14 66.66 56.67
CA LYS F 100 -40.71 65.76 55.60
C LYS F 100 -40.77 66.39 54.21
N LEU F 101 -41.14 67.65 54.10
CA LEU F 101 -41.26 68.30 52.80
C LEU F 101 -39.96 69.03 52.47
N LYS F 102 -39.17 68.45 51.57
CA LYS F 102 -38.01 69.10 51.00
C LYS F 102 -38.15 69.05 49.49
N LEU F 103 -38.05 70.21 48.84
CA LEU F 103 -38.25 70.26 47.40
C LEU F 103 -37.17 69.50 46.65
N PHE F 104 -35.91 69.62 47.09
CA PHE F 104 -34.79 68.97 46.43
C PHE F 104 -34.02 68.13 47.43
N GLU F 105 -33.73 66.88 47.05
CA GLU F 105 -32.85 66.05 47.87
C GLU F 105 -31.46 66.67 47.97
N THR F 106 -30.95 67.17 46.85
CA THR F 106 -29.71 67.93 46.83
C THR F 106 -29.99 69.23 46.08
N SER F 107 -29.63 70.36 46.69
CA SER F 107 -29.95 71.64 46.10
C SER F 107 -29.25 71.80 44.76
N PRO F 108 -29.93 72.36 43.76
CA PRO F 108 -29.26 72.58 42.46
C PRO F 108 -28.04 73.47 42.57
N PHE F 109 -28.06 74.43 43.49
CA PHE F 109 -26.98 75.38 43.71
C PHE F 109 -27.32 76.19 44.94
N ASP F 110 -26.29 76.75 45.57
CA ASP F 110 -26.48 77.62 46.72
C ASP F 110 -26.53 79.06 46.25
N PRO F 111 -27.65 79.76 46.41
CA PRO F 111 -27.76 81.12 45.86
C PRO F 111 -26.74 82.09 46.41
N LEU F 112 -26.32 81.95 47.66
CA LEU F 112 -25.42 82.92 48.26
C LEU F 112 -23.99 82.81 47.74
N THR F 113 -23.61 81.66 47.21
CA THR F 113 -22.22 81.48 46.78
C THR F 113 -21.92 82.15 45.45
N ILE F 114 -22.88 82.20 44.53
CA ILE F 114 -22.61 82.71 43.18
C ILE F 114 -22.50 84.22 43.22
N LYS F 115 -21.75 84.77 42.26
CA LYS F 115 -21.61 86.20 42.09
C LYS F 115 -21.91 86.69 40.68
N ASN F 116 -21.80 85.85 39.66
CA ASN F 116 -22.13 86.23 38.29
C ASN F 116 -22.83 85.06 37.63
N ASN F 117 -23.10 85.21 36.33
CA ASN F 117 -23.85 84.17 35.61
C ASN F 117 -23.02 82.90 35.42
N GLN F 118 -21.74 83.05 35.13
CA GLN F 118 -20.90 81.87 34.91
C GLN F 118 -20.81 81.01 36.15
N ASP F 119 -20.88 81.62 37.33
CA ASP F 119 -20.89 80.83 38.57
C ASP F 119 -22.11 79.93 38.62
N VAL F 120 -23.25 80.42 38.14
CA VAL F 120 -24.46 79.59 38.07
C VAL F 120 -24.25 78.44 37.10
N VAL F 121 -23.64 78.71 35.95
CA VAL F 121 -23.43 77.68 34.93
C VAL F 121 -22.53 76.58 35.48
N ASP F 122 -21.45 76.95 36.15
CA ASP F 122 -20.52 75.96 36.68
C ASP F 122 -21.17 75.12 37.77
N LYS F 123 -21.98 75.75 38.63
CA LYS F 123 -22.59 75.02 39.73
C LYS F 123 -23.57 73.97 39.24
N LEU F 124 -24.33 74.27 38.17
CA LEU F 124 -25.24 73.29 37.61
C LEU F 124 -24.49 72.08 37.08
N TYR F 125 -23.35 72.30 36.43
CA TYR F 125 -22.57 71.20 35.89
C TYR F 125 -22.02 70.32 37.00
N ALA F 126 -21.73 70.89 38.16
CA ALA F 126 -21.23 70.08 39.27
C ALA F 126 -22.34 69.28 39.93
N THR F 127 -23.54 69.86 40.02
CA THR F 127 -24.66 69.23 40.69
C THR F 127 -25.58 68.48 39.75
N GLN F 128 -25.26 68.41 38.45
CA GLN F 128 -26.12 67.70 37.51
C GLN F 128 -26.11 66.20 37.73
N SER F 129 -25.14 65.67 38.47
CA SER F 129 -25.12 64.24 38.75
C SER F 129 -26.31 63.83 39.59
N SER F 130 -26.66 64.64 40.59
CA SER F 130 -27.83 64.33 41.42
C SER F 130 -29.11 64.40 40.61
N SER F 131 -29.23 65.38 39.73
CA SER F 131 -30.45 65.55 38.95
C SER F 131 -30.69 64.36 38.02
N ILE F 132 -31.96 64.11 37.74
CA ILE F 132 -32.34 63.09 36.75
C ILE F 132 -32.07 63.67 35.37
N GLN F 133 -30.94 63.28 34.78
CA GLN F 133 -30.48 63.92 33.57
C GLN F 133 -31.23 63.40 32.35
N GLU F 134 -31.58 64.30 31.45
CA GLU F 134 -32.20 63.89 30.18
C GLU F 134 -31.21 63.10 29.33
N VAL F 135 -30.01 63.63 29.15
CA VAL F 135 -28.93 62.96 28.45
C VAL F 135 -27.72 62.98 29.36
N VAL F 136 -27.24 61.79 29.74
CA VAL F 136 -26.10 61.68 30.70
C VAL F 136 -24.83 62.20 30.02
N PRO F 137 -23.93 62.90 30.72
CA PRO F 137 -22.76 63.47 30.09
C PRO F 137 -21.76 62.36 29.75
N THR F 138 -21.03 62.52 28.64
CA THR F 138 -19.96 61.56 28.29
C THR F 138 -18.93 62.33 27.48
N LYS F 139 -18.04 61.65 26.77
CA LYS F 139 -17.06 62.31 25.92
C LYS F 139 -17.76 63.01 24.77
N THR F 140 -17.36 64.26 24.52
CA THR F 140 -18.01 65.06 23.49
C THR F 140 -17.38 64.82 22.12
N PHE F 141 -18.20 64.92 21.08
CA PHE F 141 -17.77 64.71 19.70
C PHE F 141 -17.85 66.03 18.95
N ALA F 142 -16.76 66.41 18.30
CA ALA F 142 -16.66 67.67 17.58
C ALA F 142 -16.65 67.44 16.09
N THR F 143 -17.28 68.33 15.33
CA THR F 143 -17.39 68.20 13.89
C THR F 143 -16.78 69.37 13.12
N GLU F 144 -16.48 70.49 13.77
CA GLU F 144 -15.80 71.61 13.12
C GLU F 144 -14.76 72.18 14.06
N LEU F 145 -13.56 72.44 13.54
CA LEU F 145 -12.46 72.96 14.34
C LEU F 145 -11.51 73.71 13.42
N GLN F 146 -11.36 75.01 13.65
CA GLN F 146 -10.43 75.84 12.89
C GLN F 146 -9.51 76.62 13.83
N PHE F 147 -8.29 76.82 13.35
CA PHE F 147 -7.28 77.60 14.06
C PHE F 147 -6.96 78.84 13.25
N GLY F 148 -7.10 80.00 13.88
CA GLY F 148 -6.70 81.24 13.26
C GLY F 148 -5.24 81.54 13.52
N VAL F 149 -4.61 82.26 12.60
CA VAL F 149 -3.20 82.58 12.74
C VAL F 149 -3.03 83.51 13.95
N THR F 150 -1.91 83.36 14.64
CA THR F 150 -1.66 84.06 15.88
C THR F 150 -0.61 85.15 15.67
N SER F 151 -0.33 85.88 16.75
CA SER F 151 0.71 86.91 16.68
C SER F 151 2.10 86.31 16.65
N GLU F 152 2.30 85.15 17.27
CA GLU F 152 3.61 84.50 17.24
C GLU F 152 3.98 84.11 15.81
N ASP F 153 3.04 83.53 15.06
CA ASP F 153 3.32 83.14 13.68
C ASP F 153 3.51 84.36 12.80
N MET F 154 2.80 85.44 13.10
CA MET F 154 2.93 86.65 12.30
C MET F 154 4.28 87.33 12.54
N ALA F 155 4.82 87.19 13.76
CA ALA F 155 6.13 87.77 14.06
C ALA F 155 7.24 87.02 13.32
N LYS F 156 7.10 85.70 13.17
CA LYS F 156 8.08 84.95 12.41
C LYS F 156 8.06 85.36 10.94
N ILE F 157 6.88 85.63 10.40
CA ILE F 157 6.78 86.10 9.02
C ILE F 157 7.47 87.43 8.85
N TYR F 158 7.27 88.34 9.81
CA TYR F 158 7.84 89.67 9.70
C TYR F 158 9.35 89.65 9.86
N GLY F 159 9.87 88.70 10.65
CA GLY F 159 11.31 88.56 10.78
C GLY F 159 11.95 88.15 9.47
N ALA F 160 11.32 87.22 8.74
CA ALA F 160 11.88 86.76 7.47
C ALA F 160 11.90 87.89 6.45
N VAL F 161 10.84 88.69 6.40
CA VAL F 161 10.79 89.81 5.46
C VAL F 161 11.85 90.84 5.80
N ALA F 162 12.04 91.12 7.10
CA ALA F 162 13.07 92.07 7.50
C ALA F 162 14.46 91.58 7.14
N ALA F 163 14.70 90.27 7.27
CA ALA F 163 16.00 89.71 6.90
C ALA F 163 16.24 89.86 5.40
N VAL F 164 15.20 89.66 4.59
CA VAL F 164 15.34 89.81 3.15
C VAL F 164 15.63 91.26 2.78
N SER F 165 14.92 92.20 3.42
CA SER F 165 15.07 93.61 3.07
C SER F 165 16.44 94.15 3.47
N LYS F 166 17.16 93.46 4.35
CA LYS F 166 18.45 93.92 4.82
C LYS F 166 19.62 93.33 4.04
N ASN F 167 19.36 92.46 3.06
CA ASN F 167 20.44 91.80 2.33
C ASN F 167 21.04 92.65 1.24
N VAL F 168 20.48 93.83 0.96
CA VAL F 168 21.05 94.70 -0.05
C VAL F 168 22.38 95.29 0.46
N ASN F 169 23.31 95.51 -0.46
CA ASN F 169 24.63 95.99 -0.11
C ASN F 169 24.74 97.48 -0.37
N SER F 170 25.48 98.18 0.49
CA SER F 170 25.61 99.63 0.37
C SER F 170 26.55 100.00 -0.76
N SER F 171 27.81 99.57 -0.69
CA SER F 171 28.81 99.96 -1.67
C SER F 171 30.01 99.02 -1.53
N VAL F 172 31.08 99.36 -2.24
CA VAL F 172 32.32 98.58 -2.25
C VAL F 172 33.48 99.52 -1.99
N THR F 173 34.58 98.95 -1.51
CA THR F 173 35.78 99.72 -1.21
C THR F 173 37.01 98.92 -1.62
N TYR F 174 37.95 99.59 -2.29
CA TYR F 174 39.18 98.97 -2.73
C TYR F 174 40.29 100.01 -2.77
N GLU F 175 41.50 99.55 -3.08
CA GLU F 175 42.68 100.40 -3.14
C GLU F 175 43.22 100.41 -4.56
N VAL F 176 43.56 101.59 -5.06
CA VAL F 176 44.11 101.77 -6.40
C VAL F 176 45.62 101.94 -6.25
N LYS F 177 46.37 100.87 -6.56
CA LYS F 177 47.82 100.89 -6.37
C LYS F 177 48.60 100.32 -7.54
N ARG F 178 47.97 99.67 -8.50
CA ARG F 178 48.70 99.03 -9.58
C ARG F 178 49.42 100.08 -10.43
N GLY F 179 50.65 99.77 -10.83
CA GLY F 179 51.44 100.64 -11.66
C GLY F 179 52.37 101.59 -10.93
N THR F 180 52.29 101.66 -9.60
CA THR F 180 53.10 102.58 -8.82
C THR F 180 54.25 101.83 -8.17
N HIS F 181 55.47 102.26 -8.44
CA HIS F 181 56.67 101.65 -7.90
C HIS F 181 57.42 102.65 -7.02
N GLU F 182 58.10 102.14 -6.00
CA GLU F 182 58.91 102.98 -5.16
C GLU F 182 60.17 103.42 -5.89
N LEU F 183 60.81 104.46 -5.38
CA LEU F 183 61.97 105.06 -6.01
C LEU F 183 63.18 104.99 -5.09
N ILE F 184 64.30 104.53 -5.63
CA ILE F 184 65.56 104.53 -4.89
C ILE F 184 66.28 105.85 -5.15
N LYS F 185 67.26 106.15 -4.31
CA LYS F 185 68.04 107.37 -4.43
C LYS F 185 69.49 107.00 -4.69
N VAL F 186 70.05 107.54 -5.77
CA VAL F 186 71.45 107.32 -6.13
C VAL F 186 72.27 108.46 -5.51
N PRO F 187 73.24 108.17 -4.64
CA PRO F 187 73.95 109.26 -3.97
C PRO F 187 74.93 109.99 -4.87
N THR F 188 75.70 109.27 -5.69
CA THR F 188 76.83 109.86 -6.40
C THR F 188 76.70 109.67 -7.90
N ILE F 189 77.25 110.62 -8.64
CA ILE F 189 77.27 110.54 -10.10
C ILE F 189 78.26 109.46 -10.52
N PRO F 190 77.89 108.54 -11.40
CA PRO F 190 78.81 107.47 -11.84
C PRO F 190 79.74 107.94 -12.95
N HIS F 191 80.64 108.87 -12.63
CA HIS F 191 81.66 109.28 -13.57
C HIS F 191 82.67 108.16 -13.77
N ASN F 192 83.33 108.17 -14.93
CA ASN F 192 84.30 107.14 -15.27
C ASN F 192 85.61 107.73 -15.78
N LEU F 193 85.90 108.97 -15.43
CA LEU F 193 87.08 109.64 -15.94
C LEU F 193 88.30 109.27 -15.10
N VAL F 194 89.44 109.09 -15.77
CA VAL F 194 90.70 108.74 -15.12
C VAL F 194 91.82 109.57 -15.74
N LEU F 195 92.65 110.16 -14.89
CA LEU F 195 93.78 110.96 -15.34
C LEU F 195 95.05 110.12 -15.31
N ILE F 196 95.73 110.03 -16.46
CA ILE F 196 96.97 109.27 -16.60
C ILE F 196 98.08 110.24 -16.93
N GLN F 197 99.13 110.26 -16.11
CA GLN F 197 100.23 111.20 -16.25
C GLN F 197 101.55 110.46 -16.19
N SER F 198 102.50 110.90 -17.03
CA SER F 198 103.82 110.29 -17.02
C SER F 198 104.62 110.76 -15.81
N ASP F 199 105.73 110.05 -15.55
CA ASP F 199 106.54 110.35 -14.39
C ASP F 199 107.16 111.75 -14.47
N ASN F 200 107.67 112.11 -15.64
CA ASN F 200 108.27 113.43 -15.80
C ASN F 200 107.24 114.54 -15.74
N GLY F 201 105.97 114.24 -15.95
CA GLY F 201 104.96 115.26 -16.08
C GLY F 201 104.88 115.89 -17.45
N LYS F 202 105.66 115.43 -18.41
CA LYS F 202 105.64 115.99 -19.75
C LYS F 202 104.27 115.82 -20.39
N HIS F 203 103.66 114.65 -20.22
CA HIS F 203 102.41 114.32 -20.87
C HIS F 203 101.41 113.84 -19.83
N ALA F 204 100.17 114.32 -19.93
CA ALA F 204 99.06 113.86 -19.13
C ALA F 204 97.82 113.80 -20.00
N LEU F 205 96.92 112.87 -19.67
CA LEU F 205 95.73 112.67 -20.48
C LEU F 205 94.61 112.14 -19.61
N ILE F 206 93.38 112.30 -20.08
CA ILE F 206 92.19 111.85 -19.38
C ILE F 206 91.49 110.81 -20.24
N LYS F 207 91.27 109.62 -19.68
CA LYS F 207 90.64 108.51 -20.37
C LYS F 207 89.34 108.16 -19.68
N GLU F 208 88.27 108.03 -20.46
CA GLU F 208 87.00 107.53 -19.94
C GLU F 208 87.01 106.01 -20.04
N ASP F 209 86.89 105.33 -18.91
CA ASP F 209 86.95 103.88 -18.84
C ASP F 209 85.55 103.38 -18.50
N LEU F 210 84.80 103.02 -19.53
CA LEU F 210 83.48 102.42 -19.38
C LEU F 210 83.53 100.90 -19.44
N GLY F 211 84.72 100.32 -19.41
CA GLY F 211 84.89 98.88 -19.50
C GLY F 211 85.20 98.44 -20.91
N GLN F 212 85.62 97.17 -21.01
CA GLN F 212 85.96 96.56 -22.29
C GLN F 212 84.94 95.48 -22.59
N TRP F 213 84.29 95.59 -23.74
CA TRP F 213 83.26 94.63 -24.16
C TRP F 213 83.64 94.06 -25.52
N PRO F 214 84.13 92.82 -25.57
CA PRO F 214 84.44 92.21 -26.87
C PRO F 214 83.18 91.91 -27.66
N VAL F 215 83.34 91.90 -28.99
CA VAL F 215 82.24 91.59 -29.90
C VAL F 215 82.69 90.47 -30.82
N GLU F 216 81.71 89.75 -31.36
CA GLU F 216 81.95 88.63 -32.25
C GLU F 216 81.44 88.98 -33.65
N THR F 217 82.30 88.80 -34.65
CA THR F 217 81.96 89.20 -36.01
C THR F 217 80.80 88.38 -36.56
N GLY F 218 80.79 87.08 -36.31
CA GLY F 218 79.74 86.24 -36.88
C GLY F 218 78.36 86.53 -36.32
N ILE F 219 78.27 86.70 -35.00
CA ILE F 219 76.98 86.91 -34.38
C ILE F 219 76.47 88.33 -34.67
N SER F 220 75.16 88.49 -34.63
CA SER F 220 74.55 89.77 -34.93
C SER F 220 74.92 90.80 -33.88
N LEU F 221 75.12 92.05 -34.32
CA LEU F 221 75.51 93.11 -33.40
C LEU F 221 74.36 93.57 -32.53
N VAL F 222 73.13 93.54 -33.05
CA VAL F 222 71.98 93.96 -32.25
C VAL F 222 71.80 93.04 -31.06
N ASN F 223 71.97 91.73 -31.26
CA ASN F 223 71.84 90.79 -30.14
C ASN F 223 72.90 91.04 -29.09
N GLN F 224 74.15 91.26 -29.51
CA GLN F 224 75.21 91.56 -28.55
C GLN F 224 74.99 92.92 -27.89
N ALA F 225 74.57 93.91 -28.67
CA ALA F 225 74.38 95.25 -28.11
C ALA F 225 73.30 95.26 -27.04
N GLY F 226 72.20 94.54 -27.27
CA GLY F 226 71.16 94.48 -26.26
C GLY F 226 71.59 93.77 -25.00
N VAL F 227 72.32 92.66 -25.13
CA VAL F 227 72.79 91.92 -23.97
C VAL F 227 73.77 92.76 -23.16
N PHE F 228 74.69 93.44 -23.85
CA PHE F 228 75.64 94.30 -23.15
C PHE F 228 74.94 95.52 -22.57
N ALA F 229 73.81 95.92 -23.14
CA ALA F 229 73.08 97.06 -22.60
C ALA F 229 72.56 96.80 -21.19
N VAL F 230 72.02 95.60 -20.96
CA VAL F 230 71.54 95.25 -19.63
C VAL F 230 72.68 95.24 -18.63
N GLN F 231 73.83 94.70 -19.03
CA GLN F 231 74.99 94.69 -18.15
C GLN F 231 75.47 96.10 -17.85
N LEU F 232 75.50 96.96 -18.87
CA LEU F 232 75.96 98.33 -18.66
C LEU F 232 75.01 99.11 -17.76
N ALA F 233 73.71 98.92 -17.94
CA ALA F 233 72.72 99.62 -17.10
C ALA F 233 72.83 99.17 -15.66
N ASN F 234 73.01 97.88 -15.42
CA ASN F 234 73.10 97.37 -14.05
C ASN F 234 74.35 97.89 -13.36
N LYS F 235 75.47 97.96 -14.09
CA LYS F 235 76.71 98.45 -13.50
C LYS F 235 76.58 99.91 -13.08
N LEU F 236 75.96 100.74 -13.93
CA LEU F 236 75.76 102.13 -13.59
C LEU F 236 74.65 102.34 -12.57
N GLY F 237 73.73 101.38 -12.45
CA GLY F 237 72.67 101.49 -11.47
C GLY F 237 71.53 102.41 -11.85
N ILE F 238 71.00 102.27 -13.07
CA ILE F 238 69.91 103.12 -13.55
C ILE F 238 68.76 102.30 -14.12
N ASP F 239 68.78 100.97 -13.96
CA ASP F 239 67.74 100.14 -14.55
C ASP F 239 66.44 100.20 -13.75
N LYS F 240 66.51 100.28 -12.43
CA LYS F 240 65.31 100.47 -11.63
C LYS F 240 64.96 101.95 -11.53
N PRO F 241 63.70 102.29 -11.26
CA PRO F 241 63.34 103.70 -11.09
C PRO F 241 64.15 104.33 -9.98
N PHE F 242 64.65 105.54 -10.24
CA PHE F 242 65.58 106.17 -9.31
C PHE F 242 65.53 107.68 -9.50
N VAL F 243 66.08 108.38 -8.51
CA VAL F 243 66.32 109.81 -8.57
C VAL F 243 67.70 110.09 -8.01
N LEU F 244 68.45 110.95 -8.69
CA LEU F 244 69.78 111.32 -8.22
C LEU F 244 69.66 112.37 -7.12
N ASP F 245 70.34 112.13 -6.00
CA ASP F 245 70.38 113.06 -4.87
C ASP F 245 71.83 113.32 -4.45
N ALA F 246 72.47 114.25 -5.16
CA ALA F 246 73.86 114.61 -4.93
C ALA F 246 74.02 116.04 -4.44
N GLY F 247 72.95 116.63 -3.91
CA GLY F 247 73.04 117.98 -3.38
C GLY F 247 73.95 118.10 -2.18
N SER F 248 74.06 117.04 -1.39
CA SER F 248 74.85 117.06 -0.17
C SER F 248 76.33 116.78 -0.39
N ASN F 249 76.73 116.42 -1.62
CA ASN F 249 78.13 116.13 -1.90
C ASN F 249 78.86 117.43 -2.23
N TYR F 250 79.30 118.11 -1.18
CA TYR F 250 80.05 119.34 -1.35
C TYR F 250 80.85 119.61 -0.08
N PHE F 251 81.82 120.52 -0.21
CA PHE F 251 82.54 121.06 0.94
C PHE F 251 82.63 122.57 0.80
N THR F 252 82.45 123.26 1.92
CA THR F 252 82.44 124.71 1.96
C THR F 252 83.70 125.21 2.63
N ASP F 253 84.33 126.22 2.03
CA ASP F 253 85.57 126.78 2.58
C ASP F 253 85.33 127.33 3.98
N THR F 254 86.38 127.34 4.78
CA THR F 254 86.28 127.69 6.19
C THR F 254 85.91 129.16 6.41
N SER F 255 85.98 130.00 5.38
CA SER F 255 85.63 131.40 5.54
C SER F 255 84.14 131.55 5.86
N PHE F 256 83.83 132.47 6.76
CA PHE F 256 82.44 132.74 7.10
C PHE F 256 81.69 133.39 5.95
N ILE F 257 82.36 134.28 5.22
CA ILE F 257 81.70 135.02 4.14
C ILE F 257 81.41 134.09 2.96
N ASP F 258 82.37 133.27 2.57
CA ASP F 258 82.24 132.46 1.37
C ASP F 258 81.22 131.35 1.57
N THR F 259 80.27 131.23 0.62
CA THR F 259 79.25 130.19 0.68
C THR F 259 79.19 129.36 -0.60
N ARG F 260 80.20 129.44 -1.47
CA ARG F 260 80.20 128.63 -2.66
C ARG F 260 80.41 127.17 -2.32
N LYS F 261 79.69 126.30 -3.03
CA LYS F 261 79.80 124.85 -2.81
C LYS F 261 80.63 124.23 -3.92
N TYR F 262 81.58 123.39 -3.53
CA TYR F 262 82.45 122.69 -4.46
C TYR F 262 82.11 121.21 -4.44
N CYS F 263 81.72 120.66 -5.59
CA CYS F 263 81.25 119.29 -5.66
C CYS F 263 82.41 118.31 -5.54
N THR F 264 82.25 117.33 -4.65
CA THR F 264 83.26 116.29 -4.50
C THR F 264 83.19 115.25 -5.61
N ASP F 265 82.03 115.08 -6.24
CA ASP F 265 81.88 114.09 -7.28
C ASP F 265 82.69 114.46 -8.51
N GLY F 266 83.08 113.44 -9.26
CA GLY F 266 83.81 113.64 -10.50
C GLY F 266 85.28 113.91 -10.27
N LEU F 267 86.00 114.05 -11.37
CA LEU F 267 87.42 114.35 -11.30
C LEU F 267 87.63 115.74 -10.71
N SER F 268 88.37 115.80 -9.61
CA SER F 268 88.53 117.05 -8.89
C SER F 268 89.39 118.02 -9.71
N PRO F 269 89.10 119.32 -9.66
CA PRO F 269 89.99 120.29 -10.32
C PRO F 269 91.39 120.29 -9.77
N ARG F 270 91.58 119.86 -8.51
CA ARG F 270 92.92 119.83 -7.93
C ARG F 270 93.81 118.83 -8.65
N GLU F 271 93.25 117.70 -9.07
CA GLU F 271 94.03 116.75 -9.86
C GLU F 271 94.43 117.36 -11.20
N ILE F 272 93.51 118.09 -11.84
CA ILE F 272 93.84 118.74 -13.10
C ILE F 272 94.87 119.83 -12.90
N GLN F 273 94.77 120.56 -11.78
CA GLN F 273 95.73 121.64 -11.52
C GLN F 273 97.14 121.10 -11.34
N LYS F 274 97.28 120.02 -10.57
CA LYS F 274 98.61 119.46 -10.36
C LYS F 274 99.20 118.94 -11.66
N ALA F 275 98.38 118.33 -12.51
CA ALA F 275 98.86 117.86 -13.80
C ALA F 275 99.36 119.01 -14.65
N LEU F 276 98.61 120.12 -14.69
CA LEU F 276 99.00 121.25 -15.52
C LEU F 276 100.27 121.90 -15.02
N ASN F 277 100.43 122.03 -13.71
CA ASN F 277 101.61 122.68 -13.15
C ASN F 277 102.86 121.84 -13.37
N ARG F 278 102.74 120.52 -13.25
CA ARG F 278 103.90 119.65 -13.49
C ARG F 278 104.31 119.69 -14.96
N GLN F 279 103.34 119.78 -15.87
CA GLN F 279 103.68 119.89 -17.29
C GLN F 279 104.47 121.16 -17.57
N ARG F 280 104.07 122.27 -16.94
CA ARG F 280 104.80 123.51 -17.11
C ARG F 280 106.15 123.48 -16.41
N ALA F 281 106.27 122.68 -15.35
CA ALA F 281 107.54 122.61 -14.62
C ALA F 281 108.64 122.01 -15.48
N TYR F 282 108.32 120.97 -16.25
CA TYR F 282 109.32 120.35 -17.12
C TYR F 282 109.79 121.33 -18.17
N TYR F 283 108.86 121.96 -18.87
CA TYR F 283 109.19 122.82 -20.01
C TYR F 283 109.72 124.19 -19.59
N ASP F 284 109.94 124.41 -18.29
CA ASP F 284 110.55 125.64 -17.79
C ASP F 284 109.73 126.87 -18.18
N ARG F 285 108.41 126.77 -18.08
CA ARG F 285 107.54 127.90 -18.35
C ARG F 285 106.79 128.28 -17.08
N PRO F 286 106.37 129.53 -16.93
CA PRO F 286 105.78 129.97 -15.66
C PRO F 286 104.53 129.15 -15.31
N GLU F 287 104.36 128.91 -14.01
CA GLU F 287 103.25 128.12 -13.52
C GLU F 287 101.94 128.89 -13.70
N LEU F 288 100.84 128.25 -13.34
CA LEU F 288 99.53 128.88 -13.45
C LEU F 288 99.42 130.05 -12.50
N THR F 289 98.86 131.15 -12.99
CA THR F 289 98.74 132.36 -12.19
C THR F 289 97.60 132.23 -11.19
N ILE F 290 97.47 133.23 -10.32
CA ILE F 290 96.41 133.20 -9.30
C ILE F 290 95.04 133.25 -9.96
N SER F 291 94.88 134.10 -10.97
CA SER F 291 93.58 134.22 -11.63
C SER F 291 93.18 132.93 -12.33
N GLU F 292 94.11 132.30 -13.03
CA GLU F 292 93.80 131.04 -13.70
C GLU F 292 93.55 129.93 -12.70
N ASN F 293 94.29 129.92 -11.59
CA ASN F 293 94.09 128.89 -10.56
C ASN F 293 92.70 129.02 -9.95
N LYS F 294 92.27 130.26 -9.66
CA LYS F 294 90.96 130.46 -9.07
C LYS F 294 89.84 130.01 -10.01
N THR F 295 89.97 130.34 -11.30
CA THR F 295 88.95 129.94 -12.26
C THR F 295 88.84 128.43 -12.38
N LEU F 296 89.98 127.73 -12.41
CA LEU F 296 89.96 126.28 -12.55
C LEU F 296 89.35 125.60 -11.33
N LEU F 297 89.69 126.08 -10.14
CA LEU F 297 89.25 125.42 -8.91
C LEU F 297 87.79 125.71 -8.56
N SER F 298 87.13 126.60 -9.29
CA SER F 298 85.73 126.93 -9.05
C SER F 298 84.82 126.40 -10.14
N GLN F 299 85.29 125.48 -10.98
CA GLN F 299 84.45 124.95 -12.05
C GLN F 299 83.39 124.00 -11.51
N SER F 300 83.72 123.23 -10.48
CA SER F 300 82.79 122.28 -9.89
C SER F 300 81.98 122.99 -8.82
N ILE F 301 80.71 123.26 -9.11
CA ILE F 301 79.82 123.96 -8.20
C ILE F 301 78.47 123.24 -8.17
N ILE F 302 77.68 123.58 -7.15
CA ILE F 302 76.31 123.11 -7.00
C ILE F 302 75.44 124.33 -6.81
N TYR F 303 74.83 124.81 -7.90
CA TYR F 303 73.99 126.00 -7.84
C TYR F 303 72.52 125.61 -7.91
N PRO F 304 71.64 126.42 -7.31
CA PRO F 304 70.21 126.13 -7.40
C PRO F 304 69.63 126.46 -8.76
N ASP F 305 68.53 125.79 -9.07
CA ASP F 305 67.83 125.98 -10.34
C ASP F 305 66.66 126.94 -10.15
N ALA F 306 66.03 127.29 -11.27
CA ALA F 306 64.91 128.22 -11.23
C ALA F 306 63.74 127.65 -10.44
N ASP F 307 63.48 126.35 -10.58
CA ASP F 307 62.38 125.70 -9.88
C ASP F 307 62.75 125.17 -8.51
N GLY F 308 64.00 125.29 -8.10
CA GLY F 308 64.44 124.82 -6.79
C GLY F 308 65.27 123.55 -6.80
N ASN F 309 65.48 122.93 -7.95
CA ASN F 309 66.36 121.77 -8.02
C ASN F 309 67.81 122.19 -7.84
N ASP F 310 68.68 121.19 -7.67
CA ASP F 310 70.11 121.41 -7.49
C ASP F 310 70.86 120.87 -8.69
N VAL F 311 71.68 121.72 -9.31
CA VAL F 311 72.44 121.38 -10.50
C VAL F 311 73.91 121.32 -10.11
N SER F 312 74.55 120.19 -10.39
CA SER F 312 75.95 119.97 -10.05
C SER F 312 76.77 119.81 -11.32
N ILE F 313 77.88 120.52 -11.39
CA ILE F 313 78.80 120.46 -12.53
C ILE F 313 80.05 119.73 -12.08
N ILE F 314 80.40 118.65 -12.78
CA ILE F 314 81.57 117.85 -12.47
C ILE F 314 82.29 117.51 -13.76
N PHE F 315 83.53 117.05 -13.62
CA PHE F 315 84.31 116.56 -14.75
C PHE F 315 84.03 115.07 -14.92
N SER F 316 83.22 114.74 -15.93
CA SER F 316 82.81 113.36 -16.16
C SER F 316 82.88 113.07 -17.65
N GLY F 317 82.95 111.79 -17.98
CA GLY F 317 83.06 111.38 -19.35
C GLY F 317 81.81 111.71 -20.15
N ALA F 318 81.99 111.76 -21.48
CA ALA F 318 80.89 112.15 -22.36
C ALA F 318 79.85 111.05 -22.46
N MET F 319 80.29 109.80 -22.64
CA MET F 319 79.34 108.70 -22.82
C MET F 319 78.59 108.41 -21.53
N SER F 320 79.28 108.45 -20.40
CA SER F 320 78.61 108.22 -19.12
C SER F 320 77.60 109.32 -18.83
N HIS F 321 77.93 110.56 -19.18
CA HIS F 321 77.01 111.67 -18.94
C HIS F 321 75.76 111.53 -19.79
N ALA F 322 75.91 111.15 -21.06
CA ALA F 322 74.77 111.04 -21.96
C ALA F 322 73.83 109.93 -21.52
N ILE F 323 74.39 108.75 -21.23
CA ILE F 323 73.57 107.61 -20.81
C ILE F 323 72.87 107.93 -19.49
N PHE F 324 73.62 108.50 -18.53
CA PHE F 324 73.04 108.80 -17.23
C PHE F 324 71.95 109.86 -17.32
N THR F 325 72.19 110.93 -18.08
CA THR F 325 71.20 112.00 -18.18
C THR F 325 69.95 111.53 -18.89
N TYR F 326 70.10 110.71 -19.93
CA TYR F 326 68.93 110.18 -20.64
C TYR F 326 68.08 109.31 -19.73
N ALA F 327 68.73 108.49 -18.91
CA ALA F 327 67.99 107.65 -17.96
C ALA F 327 67.22 108.52 -16.96
N GLN F 328 67.84 109.60 -16.50
CA GLN F 328 67.15 110.50 -15.59
C GLN F 328 65.89 111.07 -16.23
N SER F 329 65.99 111.49 -17.49
CA SER F 329 64.85 112.07 -18.18
C SER F 329 63.74 111.05 -18.36
N GLN F 330 64.08 109.80 -18.68
CA GLN F 330 63.07 108.80 -18.94
C GLN F 330 62.25 108.50 -17.69
N TRP F 331 62.91 108.40 -16.53
CA TRP F 331 62.18 108.11 -15.30
C TRP F 331 61.35 109.30 -14.85
N ASN F 332 61.88 110.51 -15.00
CA ASN F 332 61.16 111.70 -14.57
C ASN F 332 59.88 111.93 -15.35
N LYS F 333 59.78 111.37 -16.55
CA LYS F 333 58.57 111.48 -17.34
C LYS F 333 57.37 110.85 -16.64
N ASN F 334 57.60 109.97 -15.68
CA ASN F 334 56.53 109.26 -14.99
C ASN F 334 56.42 109.61 -13.52
N ILE F 335 57.11 110.66 -13.07
CA ILE F 335 56.99 111.14 -11.71
C ILE F 335 56.13 112.40 -11.74
N ILE F 336 54.95 112.33 -11.12
CA ILE F 336 53.97 113.41 -11.18
C ILE F 336 53.50 113.71 -9.77
N LYS F 337 52.90 114.89 -9.61
CA LYS F 337 52.35 115.29 -8.33
C LYS F 337 51.15 114.42 -7.98
N LEU F 338 50.83 114.39 -6.68
CA LEU F 338 49.73 113.55 -6.22
C LEU F 338 48.39 114.02 -6.76
N ASP F 339 48.19 115.32 -6.90
CA ASP F 339 46.93 115.84 -7.42
C ASP F 339 46.70 115.36 -8.85
N ASP F 340 47.75 115.28 -9.64
CA ASP F 340 47.63 114.68 -10.96
C ASP F 340 47.28 113.20 -10.88
N TYR F 341 47.90 112.49 -9.94
CA TYR F 341 47.62 111.06 -9.79
C TYR F 341 46.18 110.84 -9.35
N ILE F 342 45.67 111.67 -8.44
CA ILE F 342 44.29 111.55 -7.99
C ILE F 342 43.33 111.82 -9.14
N ARG F 343 43.68 112.79 -10.01
CA ARG F 343 42.84 113.08 -11.17
C ARG F 343 42.74 111.88 -12.10
N GLU F 344 43.85 111.17 -12.32
CA GLU F 344 43.80 109.97 -13.15
C GLU F 344 42.94 108.90 -12.50
N ILE F 345 43.04 108.76 -11.17
CA ILE F 345 42.23 107.76 -10.47
C ILE F 345 40.75 108.09 -10.58
N THR F 346 40.41 109.38 -10.45
CA THR F 346 39.01 109.79 -10.46
C THR F 346 38.32 109.43 -11.76
N LEU F 347 39.04 109.49 -12.88
CA LEU F 347 38.45 109.15 -14.16
C LEU F 347 38.02 107.69 -14.22
N THR F 348 38.86 106.78 -13.73
CA THR F 348 38.57 105.36 -13.88
C THR F 348 37.47 104.90 -12.92
N VAL F 349 37.47 105.41 -11.70
CA VAL F 349 36.53 104.98 -10.66
C VAL F 349 35.17 105.59 -11.00
N PRO F 350 34.05 104.93 -10.68
CA PRO F 350 32.73 105.51 -10.97
C PRO F 350 32.52 106.87 -10.33
N LYS F 351 31.43 107.52 -10.75
CA LYS F 351 31.22 108.93 -10.44
C LYS F 351 31.00 109.15 -8.95
N GLN F 352 30.21 108.30 -8.29
CA GLN F 352 29.88 108.54 -6.89
C GLN F 352 31.09 108.41 -5.99
N TYR F 353 32.06 107.58 -6.36
CA TYR F 353 33.22 107.32 -5.53
C TYR F 353 34.23 108.45 -5.65
N ARG F 354 34.96 108.70 -4.56
CA ARG F 354 36.08 109.64 -4.58
C ARG F 354 37.22 109.05 -3.78
N PRO F 355 38.47 109.31 -4.18
CA PRO F 355 39.60 108.86 -3.37
C PRO F 355 39.67 109.58 -2.04
N ARG F 356 40.13 108.86 -1.03
CA ARG F 356 40.33 109.46 0.29
C ARG F 356 41.55 110.38 0.27
N ARG F 357 41.46 111.47 1.03
CA ARG F 357 42.55 112.43 1.08
C ARG F 357 43.75 111.85 1.83
N PHE F 358 44.94 112.24 1.38
CA PHE F 358 46.18 111.89 2.05
C PHE F 358 46.47 112.94 3.12
N LYS F 359 47.67 112.93 3.67
CA LYS F 359 48.05 113.96 4.63
C LYS F 359 48.30 115.28 3.92
N GLU F 360 48.36 116.35 4.72
CA GLU F 360 48.55 117.69 4.14
C GLU F 360 49.91 117.79 3.45
N ILE F 361 50.94 117.24 4.09
CA ILE F 361 52.28 117.27 3.50
C ILE F 361 52.37 116.39 2.26
N GLU F 362 51.46 115.43 2.11
CA GLU F 362 51.48 114.55 0.95
C GLU F 362 50.79 115.15 -0.26
N HIS F 363 50.15 116.31 -0.11
CA HIS F 363 49.45 116.97 -1.20
C HIS F 363 50.22 118.15 -1.78
N THR F 364 50.82 118.98 -0.93
CA THR F 364 51.58 120.12 -1.43
C THR F 364 52.90 119.69 -2.04
N HIS F 365 53.57 118.71 -1.44
CA HIS F 365 54.87 118.25 -1.90
C HIS F 365 54.87 116.80 -2.36
N GLY F 366 53.73 116.11 -2.33
CA GLY F 366 53.72 114.70 -2.68
C GLY F 366 53.98 114.46 -4.15
N TYR F 367 54.68 113.37 -4.42
CA TYR F 367 54.99 112.93 -5.78
C TYR F 367 54.89 111.42 -5.85
N VAL F 368 54.58 110.91 -7.03
CA VAL F 368 54.42 109.47 -7.22
C VAL F 368 54.96 109.09 -8.59
N TYR F 369 55.37 107.84 -8.72
CA TYR F 369 55.79 107.26 -9.98
C TYR F 369 54.74 106.25 -10.44
N ARG F 370 54.39 106.27 -11.72
CA ARG F 370 53.38 105.38 -12.25
C ARG F 370 53.70 105.02 -13.69
N GLU F 371 53.15 103.88 -14.12
CA GLU F 371 53.26 103.42 -15.49
C GLU F 371 51.87 103.23 -16.06
N LEU F 372 51.69 103.59 -17.33
CA LEU F 372 50.36 103.68 -17.94
C LEU F 372 50.16 102.66 -19.06
N ASN F 373 50.72 101.47 -18.91
CA ASN F 373 50.56 100.41 -19.91
C ASN F 373 49.60 99.36 -19.37
N GLN F 374 48.43 99.25 -19.99
CA GLN F 374 47.45 98.25 -19.56
C GLN F 374 47.81 96.85 -20.04
N GLY F 375 48.47 96.74 -21.19
CA GLY F 375 48.81 95.44 -21.72
C GLY F 375 47.63 94.75 -22.37
N SER F 376 47.88 93.52 -22.82
CA SER F 376 46.83 92.70 -23.43
C SER F 376 47.16 91.24 -23.23
N LEU F 377 46.12 90.42 -23.13
CA LEU F 377 46.26 88.98 -23.00
C LEU F 377 46.39 88.28 -24.35
N LEU F 378 46.38 89.03 -25.45
CA LEU F 378 46.38 88.42 -26.77
C LEU F 378 47.58 87.52 -27.03
N PRO F 379 48.83 87.90 -26.71
CA PRO F 379 49.94 86.96 -26.97
C PRO F 379 49.77 85.61 -26.29
N LEU F 380 49.26 85.59 -25.07
CA LEU F 380 48.97 84.33 -24.40
C LEU F 380 47.72 83.67 -24.96
N VAL F 381 46.68 84.46 -25.24
CA VAL F 381 45.41 83.92 -25.67
C VAL F 381 45.50 83.35 -27.09
N ASP F 382 46.15 84.09 -27.99
CA ASP F 382 46.23 83.69 -29.40
C ASP F 382 47.15 82.49 -29.53
N ALA F 383 46.56 81.32 -29.72
CA ALA F 383 47.30 80.07 -29.88
C ALA F 383 46.28 78.99 -30.29
N ASN F 384 46.79 77.77 -30.49
CA ASN F 384 45.93 76.61 -30.73
C ASN F 384 45.64 75.99 -29.37
N LEU F 385 44.55 76.42 -28.75
CA LEU F 385 44.24 76.09 -27.36
C LEU F 385 43.51 74.76 -27.22
N LYS F 386 43.47 73.94 -28.26
CA LYS F 386 42.74 72.68 -28.18
C LYS F 386 43.36 71.74 -27.14
N GLU F 387 44.68 71.60 -27.16
CA GLU F 387 45.33 70.64 -26.28
C GLU F 387 45.33 71.12 -24.84
N SER F 388 45.68 72.39 -24.60
CA SER F 388 45.84 72.88 -23.25
C SER F 388 44.52 73.27 -22.59
N SER F 389 43.40 73.20 -23.31
CA SER F 389 42.12 73.58 -22.73
C SER F 389 41.72 72.64 -21.60
N SER F 390 42.01 71.35 -21.74
CA SER F 390 41.63 70.39 -20.72
C SER F 390 42.32 70.69 -19.39
N TYR F 391 43.61 71.06 -19.44
CA TYR F 391 44.32 71.39 -18.22
C TYR F 391 43.78 72.66 -17.59
N TYR F 392 43.42 73.65 -18.42
CA TYR F 392 42.86 74.88 -17.90
C TYR F 392 41.51 74.64 -17.22
N PHE F 393 40.69 73.76 -17.79
CA PHE F 393 39.39 73.49 -17.22
C PHE F 393 39.50 72.85 -15.84
N LYS F 394 40.45 71.94 -15.66
CA LYS F 394 40.64 71.32 -14.36
C LYS F 394 41.08 72.35 -13.33
N LYS F 395 41.97 73.26 -13.71
CA LYS F 395 42.41 74.31 -12.80
C LYS F 395 41.25 75.25 -12.45
N LEU F 396 40.42 75.60 -13.43
CA LEU F 396 39.27 76.45 -13.16
C LEU F 396 38.27 75.75 -12.25
N MET F 397 38.07 74.44 -12.44
CA MET F 397 37.12 73.70 -11.62
C MET F 397 37.55 73.71 -10.16
N SER F 398 38.83 73.54 -9.89
CA SER F 398 39.32 73.53 -8.52
C SER F 398 39.54 74.92 -7.95
N SER F 399 39.32 75.97 -8.75
CA SER F 399 39.56 77.33 -8.27
C SER F 399 38.48 77.77 -7.28
N ILE F 400 37.29 77.18 -7.37
CA ILE F 400 36.18 77.49 -6.48
C ILE F 400 35.84 76.24 -5.69
N SER F 401 35.79 76.37 -4.36
CA SER F 401 35.52 75.23 -3.50
C SER F 401 34.12 74.69 -3.73
N ASN F 402 33.99 73.36 -3.74
CA ASN F 402 32.72 72.70 -4.00
C ASN F 402 32.43 71.74 -2.86
N VAL F 403 31.20 71.79 -2.35
CA VAL F 403 30.74 70.91 -1.26
C VAL F 403 31.66 71.03 -0.05
N GLN F 429 11.93 43.53 -4.55
CA GLN F 429 13.06 42.72 -4.96
C GLN F 429 13.74 43.31 -6.19
N HIS F 430 12.93 43.70 -7.18
CA HIS F 430 13.47 44.30 -8.39
C HIS F 430 14.06 45.67 -8.11
N VAL F 431 13.46 46.42 -7.19
CA VAL F 431 14.01 47.73 -6.81
C VAL F 431 15.40 47.56 -6.21
N SER F 432 15.57 46.58 -5.33
CA SER F 432 16.89 46.24 -4.82
C SER F 432 17.71 45.56 -5.91
N MET F 433 19.00 45.38 -5.63
CA MET F 433 19.97 44.75 -6.52
C MET F 433 20.24 45.69 -7.72
N LEU F 434 19.50 46.79 -7.78
CA LEU F 434 19.80 47.91 -8.66
C LEU F 434 20.35 49.12 -7.91
N THR F 435 19.82 49.41 -6.73
CA THR F 435 20.29 50.56 -5.96
C THR F 435 21.67 50.32 -5.36
N ASN F 436 22.00 49.05 -5.04
CA ASN F 436 23.29 48.77 -4.42
C ASN F 436 24.44 48.97 -5.39
N ARG F 437 24.23 48.69 -6.67
CA ARG F 437 25.30 48.84 -7.66
C ARG F 437 25.69 50.29 -7.89
N LEU F 438 24.91 51.25 -7.40
CA LEU F 438 25.22 52.65 -7.59
C LEU F 438 26.37 53.08 -6.68
N THR F 439 27.34 53.78 -7.26
CA THR F 439 28.51 54.26 -6.52
C THR F 439 28.91 55.63 -7.06
N THR F 440 29.20 56.56 -6.15
CA THR F 440 29.51 57.94 -6.49
C THR F 440 31.00 58.21 -6.53
N ALA F 441 31.79 57.25 -6.98
CA ALA F 441 33.24 57.42 -6.99
C ALA F 441 33.68 58.49 -7.99
N ASN F 442 32.92 58.71 -9.05
CA ASN F 442 33.30 59.61 -10.13
C ASN F 442 32.34 60.80 -10.23
N ALA F 443 31.96 61.35 -9.09
CA ALA F 443 31.05 62.49 -9.05
C ALA F 443 31.72 63.81 -9.44
N PRO F 444 32.91 64.14 -8.91
CA PRO F 444 33.49 65.46 -9.25
C PRO F 444 33.71 65.68 -10.74
N THR F 445 34.12 64.65 -11.48
CA THR F 445 34.41 64.84 -12.90
C THR F 445 33.14 65.10 -13.70
N VAL F 446 32.04 64.42 -13.36
CA VAL F 446 30.79 64.61 -14.09
C VAL F 446 30.25 66.02 -13.87
N ARG F 447 30.37 66.53 -12.64
CA ARG F 447 29.96 67.89 -12.37
C ARG F 447 30.76 68.89 -13.21
N ALA F 448 32.04 68.61 -13.42
CA ALA F 448 32.84 69.46 -14.29
C ALA F 448 32.32 69.43 -15.73
N ILE F 449 31.91 68.25 -16.20
CA ILE F 449 31.34 68.15 -17.54
C ILE F 449 30.05 68.92 -17.64
N THR F 450 29.20 68.83 -16.61
CA THR F 450 27.93 69.53 -16.62
C THR F 450 28.12 71.03 -16.70
N VAL F 451 29.07 71.57 -15.93
CA VAL F 451 29.34 73.00 -15.95
C VAL F 451 29.91 73.43 -17.30
N LEU F 452 30.87 72.65 -17.81
CA LEU F 452 31.53 73.01 -19.07
C LEU F 452 30.54 73.02 -20.22
N THR F 453 29.66 72.02 -20.29
CA THR F 453 28.69 71.95 -21.38
C THR F 453 27.71 73.11 -21.32
N CYS F 454 27.31 73.51 -20.12
CA CYS F 454 26.40 74.66 -20.00
C CYS F 454 27.08 75.94 -20.46
N MET F 455 28.34 76.15 -20.08
CA MET F 455 29.04 77.38 -20.41
C MET F 455 29.32 77.49 -21.90
N PHE F 456 29.76 76.40 -22.53
CA PHE F 456 30.15 76.38 -23.93
C PHE F 456 29.11 75.60 -24.73
N LYS F 457 28.44 76.29 -25.66
CA LYS F 457 27.47 75.61 -26.52
C LYS F 457 28.15 74.72 -27.54
N GLN F 458 29.45 74.89 -27.76
CA GLN F 458 30.16 74.09 -28.75
C GLN F 458 30.42 72.67 -28.26
N PHE F 459 30.54 72.48 -26.95
CA PHE F 459 30.90 71.18 -26.42
C PHE F 459 29.73 70.22 -26.52
N ARG F 460 30.03 68.95 -26.79
CA ARG F 460 29.02 67.92 -26.96
C ARG F 460 29.23 66.82 -25.92
N ILE F 461 28.15 66.13 -25.61
CA ILE F 461 28.15 65.06 -24.62
C ILE F 461 27.71 63.77 -25.31
N GLY F 462 28.25 62.65 -24.85
CA GLY F 462 27.95 61.38 -25.49
C GLY F 462 28.09 60.22 -24.51
N MET F 463 27.58 59.07 -24.93
CA MET F 463 27.61 57.87 -24.12
C MET F 463 27.70 56.66 -25.03
N THR F 464 28.18 55.56 -24.46
CA THR F 464 28.24 54.28 -25.17
C THR F 464 27.61 53.20 -24.30
N TYR F 465 26.84 52.32 -24.93
CA TYR F 465 26.08 51.29 -24.24
C TYR F 465 26.53 49.91 -24.71
N ALA F 466 26.30 48.91 -23.86
CA ALA F 466 26.71 47.55 -24.16
C ALA F 466 25.84 46.94 -25.25
N LEU F 467 26.25 45.76 -25.71
CA LEU F 467 25.46 45.03 -26.70
C LEU F 467 24.07 44.67 -26.16
N ASP F 468 24.00 44.24 -24.90
CA ASP F 468 22.74 43.97 -24.23
C ASP F 468 22.48 45.09 -23.23
N PRO F 469 21.69 46.10 -23.57
CA PRO F 469 21.46 47.19 -22.63
C PRO F 469 20.62 46.73 -21.45
N ASN F 470 21.13 46.98 -20.25
CA ASN F 470 20.40 46.65 -19.05
C ASN F 470 19.47 47.81 -18.68
N ILE F 471 18.72 47.63 -17.59
CA ILE F 471 17.84 48.70 -17.12
C ILE F 471 18.64 49.91 -16.70
N MET F 472 19.90 49.70 -16.28
CA MET F 472 20.76 50.82 -15.94
C MET F 472 21.07 51.68 -17.16
N ASP F 473 21.32 51.02 -18.30
CA ASP F 473 21.62 51.78 -19.52
C ASP F 473 20.43 52.59 -19.97
N VAL F 474 19.22 52.02 -19.93
CA VAL F 474 18.03 52.75 -20.32
C VAL F 474 17.77 53.91 -19.36
N ALA F 475 17.91 53.65 -18.05
CA ALA F 475 17.72 54.71 -17.08
C ALA F 475 18.74 55.83 -17.29
N ALA F 476 19.99 55.48 -17.54
CA ALA F 476 21.01 56.50 -17.81
C ALA F 476 20.71 57.22 -19.12
N ALA F 477 20.24 56.50 -20.14
CA ALA F 477 19.95 57.13 -21.41
C ALA F 477 18.85 58.17 -21.30
N THR F 478 17.80 57.85 -20.54
CA THR F 478 16.71 58.81 -20.36
C THR F 478 17.18 60.02 -19.57
N CYS F 479 17.95 59.79 -18.49
CA CYS F 479 18.46 60.90 -17.69
C CYS F 479 19.30 61.84 -18.54
N MET F 480 19.95 61.31 -19.57
CA MET F 480 20.73 62.16 -20.46
C MET F 480 19.84 63.01 -21.35
N LEU F 481 18.79 62.41 -21.92
CA LEU F 481 17.92 63.14 -22.84
C LEU F 481 17.16 64.24 -22.12
N LEU F 482 16.49 63.91 -21.01
CA LEU F 482 15.62 64.87 -20.35
C LEU F 482 16.41 66.02 -19.74
N PHE F 483 17.60 65.76 -19.22
CA PHE F 483 18.28 66.73 -18.38
C PHE F 483 19.44 67.45 -19.08
N ARG F 484 20.25 66.74 -19.85
CA ARG F 484 21.32 67.41 -20.59
C ARG F 484 20.71 68.27 -21.69
N PRO F 485 21.29 69.44 -21.97
CA PRO F 485 20.72 70.31 -23.01
C PRO F 485 20.72 69.63 -24.36
N ALA F 486 19.66 69.87 -25.13
CA ALA F 486 19.52 69.23 -26.43
C ALA F 486 20.57 69.71 -27.41
N GLN F 487 21.03 70.95 -27.26
CA GLN F 487 22.05 71.47 -28.16
C GLN F 487 23.38 70.75 -27.98
N SER F 488 23.62 70.20 -26.80
CA SER F 488 24.84 69.46 -26.51
C SER F 488 24.71 67.97 -26.80
N ILE F 489 23.58 67.53 -27.35
CA ILE F 489 23.38 66.14 -27.75
C ILE F 489 23.28 66.10 -29.26
N SER F 490 24.17 65.34 -29.89
CA SER F 490 24.27 65.34 -31.34
C SER F 490 23.19 64.45 -31.95
N ASP F 491 23.04 64.56 -33.28
CA ASP F 491 22.00 63.81 -33.97
C ASP F 491 22.29 62.32 -33.96
N GLU F 492 23.53 61.92 -34.25
CA GLU F 492 23.87 60.50 -34.21
C GLU F 492 23.81 59.96 -32.79
N GLN F 493 24.17 60.78 -31.81
CA GLN F 493 24.03 60.37 -30.42
C GLN F 493 22.56 60.21 -30.04
N TYR F 494 21.70 61.07 -30.59
CA TYR F 494 20.28 60.97 -30.32
C TYR F 494 19.71 59.66 -30.83
N ARG F 495 20.11 59.26 -32.05
CA ARG F 495 19.64 57.99 -32.60
C ARG F 495 20.15 56.81 -31.78
N TYR F 496 21.40 56.89 -31.32
CA TYR F 496 21.93 55.83 -30.47
C TYR F 496 21.16 55.73 -29.16
N CYS F 497 20.76 56.86 -28.59
CA CYS F 497 19.94 56.84 -27.39
C CYS F 497 18.58 56.22 -27.66
N LEU F 498 17.97 56.55 -28.81
CA LEU F 498 16.69 55.96 -29.16
C LEU F 498 16.83 54.47 -29.46
N GLN F 499 17.90 54.09 -30.17
CA GLN F 499 18.11 52.69 -30.49
C GLN F 499 18.31 51.86 -29.23
N THR F 500 19.08 52.38 -28.26
CA THR F 500 19.35 51.62 -27.04
C THR F 500 18.11 51.52 -26.16
N MET F 501 17.09 52.33 -26.38
CA MET F 501 15.84 52.21 -25.65
C MET F 501 14.91 51.22 -26.33
N ALA F 502 14.91 51.19 -27.66
CA ALA F 502 14.04 50.28 -28.39
C ALA F 502 14.41 48.83 -28.13
N VAL F 503 15.71 48.52 -28.08
CA VAL F 503 16.14 47.14 -27.91
C VAL F 503 15.71 46.61 -26.55
N PHE F 504 15.77 47.44 -25.51
CA PHE F 504 15.41 46.98 -24.19
C PHE F 504 13.90 46.84 -24.03
N LEU F 505 13.14 47.79 -24.56
CA LEU F 505 11.70 47.83 -24.32
C LEU F 505 10.90 47.12 -25.40
N THR F 506 11.27 47.27 -26.67
CA THR F 506 10.52 46.67 -27.76
C THR F 506 11.00 45.27 -28.09
N ASN F 507 11.96 44.73 -27.34
CA ASN F 507 12.47 43.37 -27.51
C ASN F 507 13.01 43.18 -28.93
N THR F 508 14.07 43.93 -29.23
CA THR F 508 14.70 43.91 -30.55
C THR F 508 16.21 43.92 -30.34
N THR F 509 16.94 43.75 -31.43
CA THR F 509 18.40 43.74 -31.42
C THR F 509 18.93 45.01 -32.11
N TYR F 510 20.18 45.33 -31.81
CA TYR F 510 20.82 46.48 -32.44
C TYR F 510 20.89 46.32 -33.95
N ASP F 511 21.22 45.12 -34.42
CA ASP F 511 21.34 44.89 -35.86
C ASP F 511 20.00 45.09 -36.56
N ILE F 512 18.91 44.69 -35.91
CA ILE F 512 17.59 44.84 -36.52
C ILE F 512 17.21 46.30 -36.66
N VAL F 513 17.48 47.11 -35.64
CA VAL F 513 17.12 48.53 -35.64
C VAL F 513 18.29 49.37 -36.12
N ASN F 514 19.27 48.72 -36.76
CA ASN F 514 20.45 49.44 -37.21
C ASN F 514 20.11 50.50 -38.25
N ASN F 515 19.25 50.17 -39.21
CA ASN F 515 18.95 51.06 -40.31
C ASN F 515 17.72 51.93 -40.08
N ASP F 516 17.05 51.79 -38.93
CA ASP F 516 15.84 52.56 -38.68
C ASP F 516 16.16 54.04 -38.50
N THR F 517 15.30 54.88 -39.07
CA THR F 517 15.44 56.32 -38.91
C THR F 517 14.90 56.74 -37.54
N ILE F 518 15.07 58.02 -37.22
CA ILE F 518 14.60 58.53 -35.93
C ILE F 518 13.09 58.40 -35.82
N ASP F 519 12.36 58.78 -36.87
CA ASP F 519 10.90 58.79 -36.80
C ASP F 519 10.34 57.38 -36.63
N VAL F 520 10.94 56.39 -37.27
CA VAL F 520 10.50 55.01 -37.09
C VAL F 520 10.71 54.57 -35.65
N LEU F 521 11.86 54.92 -35.07
CA LEU F 521 12.15 54.53 -33.69
C LEU F 521 11.17 55.20 -32.73
N LYS F 522 10.80 56.45 -32.99
CA LYS F 522 9.82 57.13 -32.14
C LYS F 522 8.46 56.43 -32.21
N MET F 523 8.07 55.99 -33.41
CA MET F 523 6.79 55.32 -33.56
C MET F 523 6.76 54.00 -32.79
N LYS F 524 7.86 53.24 -32.86
CA LYS F 524 7.91 51.97 -32.14
C LYS F 524 7.83 52.17 -30.64
N LEU F 525 8.54 53.17 -30.12
CA LEU F 525 8.57 53.37 -28.68
C LEU F 525 7.27 53.97 -28.17
N ARG F 526 6.68 54.91 -28.92
CA ARG F 526 5.44 55.53 -28.49
C ARG F 526 4.30 54.52 -28.44
N ASN F 527 4.23 53.61 -29.42
CA ASN F 527 3.18 52.59 -29.42
C ASN F 527 3.32 51.67 -28.22
N GLN F 528 4.55 51.29 -27.87
CA GLN F 528 4.75 50.40 -26.74
C GLN F 528 4.33 51.05 -25.42
N GLY F 529 4.49 52.37 -25.31
CA GLY F 529 4.10 53.07 -24.11
C GLY F 529 5.19 53.95 -23.54
N TRP F 530 6.23 54.21 -24.34
CA TRP F 530 7.35 55.01 -23.91
C TRP F 530 7.25 56.39 -24.54
N PRO F 531 7.05 57.46 -23.76
CA PRO F 531 6.90 58.80 -24.34
C PRO F 531 8.19 59.62 -24.39
N PHE F 532 9.28 59.18 -23.77
CA PHE F 532 10.52 59.96 -23.75
C PHE F 532 11.31 59.66 -25.02
N VAL F 533 10.92 60.33 -26.10
CA VAL F 533 11.56 60.13 -27.40
C VAL F 533 11.92 61.46 -28.02
N GLU F 534 11.94 62.53 -27.22
CA GLU F 534 12.19 63.87 -27.72
C GLU F 534 13.31 64.53 -26.94
N ARG F 535 14.21 65.20 -27.66
CA ARG F 535 15.18 66.07 -27.02
C ARG F 535 14.50 67.35 -26.54
N TYR F 536 15.06 67.96 -25.51
CA TYR F 536 14.48 69.15 -24.89
C TYR F 536 15.49 70.28 -24.92
N ASN F 537 15.20 71.32 -25.69
CA ASN F 537 16.07 72.48 -25.75
C ASN F 537 16.14 73.15 -24.38
N ALA F 538 17.34 73.58 -24.00
CA ALA F 538 17.58 74.22 -22.72
C ALA F 538 17.54 75.72 -22.89
N VAL F 539 16.84 76.40 -21.97
CA VAL F 539 16.69 77.85 -22.08
C VAL F 539 18.04 78.53 -21.83
N GLU F 540 18.23 79.66 -22.49
CA GLU F 540 19.44 80.45 -22.30
C GLU F 540 19.25 81.44 -21.17
N ILE F 541 20.31 81.59 -20.37
CA ILE F 541 20.33 82.55 -19.27
C ILE F 541 21.41 83.58 -19.57
N ASP F 542 21.02 84.85 -19.63
CA ASP F 542 21.96 85.92 -19.95
C ASP F 542 22.58 86.47 -18.66
N MET F 543 23.90 86.43 -18.60
CA MET F 543 24.67 86.85 -17.44
C MET F 543 25.66 87.94 -17.83
N SER F 544 25.97 88.80 -16.88
CA SER F 544 26.92 89.89 -17.08
C SER F 544 27.71 90.10 -15.81
N VAL F 545 29.03 90.27 -15.95
CA VAL F 545 29.88 90.55 -14.79
C VAL F 545 29.87 92.04 -14.53
N GLU F 546 29.91 92.41 -13.25
CA GLU F 546 29.86 93.80 -12.87
C GLU F 546 31.19 94.49 -13.21
N PRO F 547 31.15 95.70 -13.78
CA PRO F 547 32.40 96.41 -14.12
C PRO F 547 33.05 96.99 -12.87
N LEU F 548 34.21 96.43 -12.52
CA LEU F 548 35.00 96.90 -11.39
C LEU F 548 36.47 96.83 -11.77
N ARG F 549 37.10 97.99 -11.93
CA ARG F 549 38.53 98.12 -12.22
C ARG F 549 38.91 97.47 -13.55
N SER F 550 37.93 97.07 -14.36
CA SER F 550 38.20 96.46 -15.65
C SER F 550 36.91 96.51 -16.47
N PRO F 551 37.02 96.48 -17.80
CA PRO F 551 35.80 96.48 -18.63
C PRO F 551 34.92 95.29 -18.33
N GLY F 552 33.60 95.52 -18.36
CA GLY F 552 32.66 94.46 -18.08
C GLY F 552 32.52 93.50 -19.25
N GLN F 553 31.91 92.36 -18.96
CA GLN F 553 31.64 91.33 -19.95
C GLN F 553 30.17 90.94 -19.91
N VAL F 554 29.66 90.50 -21.06
CA VAL F 554 28.30 89.98 -21.17
C VAL F 554 28.38 88.61 -21.84
N GLY F 555 27.44 87.74 -21.48
CA GLY F 555 27.45 86.40 -22.03
C GLY F 555 26.17 85.68 -21.70
N ARG F 556 26.05 84.47 -22.24
CA ARG F 556 24.86 83.66 -22.06
C ARG F 556 25.28 82.22 -21.82
N TYR F 557 24.54 81.52 -20.95
CA TYR F 557 24.80 80.13 -20.66
C TYR F 557 23.48 79.39 -20.45
N TYR F 558 23.49 78.10 -20.76
CA TYR F 558 22.29 77.30 -20.63
C TYR F 558 21.99 77.02 -19.16
N ASN F 559 20.71 77.06 -18.81
CA ASN F 559 20.29 76.71 -17.46
C ASN F 559 20.41 75.20 -17.27
N PRO F 560 21.00 74.74 -16.18
CA PRO F 560 21.19 73.30 -15.99
C PRO F 560 19.87 72.55 -15.85
N PHE F 561 19.90 71.28 -16.26
CA PHE F 561 18.81 70.33 -16.06
C PHE F 561 17.54 70.71 -16.81
N ASN F 562 17.65 71.59 -17.81
CA ASN F 562 16.50 71.98 -18.63
C ASN F 562 15.34 72.50 -17.79
N ILE F 563 15.66 73.37 -16.83
CA ILE F 563 14.67 73.94 -15.92
C ILE F 563 14.45 75.39 -16.32
N ASP F 564 13.21 75.71 -16.67
CA ASP F 564 12.86 77.08 -17.04
C ASP F 564 12.68 77.92 -15.77
N PRO F 565 13.40 79.03 -15.62
CA PRO F 565 13.30 79.79 -14.37
C PRO F 565 11.92 80.40 -14.13
N LEU F 566 11.32 81.04 -15.14
CA LEU F 566 10.03 81.68 -14.92
C LEU F 566 8.94 80.66 -14.62
N THR F 567 8.94 79.53 -15.33
CA THR F 567 7.97 78.48 -15.04
C THR F 567 8.35 77.68 -13.81
N LYS F 568 9.62 77.74 -13.39
CA LYS F 568 10.11 77.05 -12.21
C LYS F 568 9.93 75.53 -12.31
N LYS F 569 9.82 75.02 -13.54
CA LYS F 569 9.56 73.62 -13.79
C LYS F 569 10.38 73.17 -14.98
N HIS F 570 10.07 71.99 -15.51
CA HIS F 570 10.74 71.46 -16.67
C HIS F 570 10.19 72.09 -17.95
N VAL F 571 10.96 71.97 -19.03
CA VAL F 571 10.49 72.48 -20.31
C VAL F 571 9.32 71.65 -20.83
N GLU F 572 9.34 70.35 -20.59
CA GLU F 572 8.24 69.47 -20.97
C GLU F 572 7.12 69.62 -19.93
N ASP F 573 6.05 70.31 -20.32
CA ASP F 573 4.96 70.57 -19.37
C ASP F 573 4.28 69.28 -18.94
N ARG F 574 4.11 68.33 -19.85
CA ARG F 574 3.43 67.08 -19.55
C ARG F 574 4.35 66.05 -18.89
N LEU F 575 5.46 66.49 -18.29
CA LEU F 575 6.41 65.54 -17.72
C LEU F 575 5.77 64.74 -16.57
N GLU F 576 4.96 65.39 -15.74
CA GLU F 576 4.39 64.69 -14.60
C GLU F 576 3.44 63.58 -15.04
N GLU F 577 2.82 63.73 -16.21
CA GLU F 577 1.95 62.68 -16.74
C GLU F 577 2.77 61.53 -17.33
N PHE F 578 3.91 61.84 -17.94
CA PHE F 578 4.69 60.82 -18.62
C PHE F 578 5.23 59.77 -17.65
N ILE F 579 5.56 60.18 -16.42
CA ILE F 579 6.09 59.26 -15.44
C ILE F 579 5.04 58.21 -15.07
N ASN F 580 3.79 58.65 -14.90
CA ASN F 580 2.71 57.71 -14.61
C ASN F 580 2.48 56.75 -15.77
N GLN F 581 2.70 57.22 -17.00
CA GLN F 581 2.56 56.34 -18.15
C GLN F 581 3.57 55.20 -18.09
N VAL F 582 4.80 55.50 -17.69
CA VAL F 582 5.81 54.45 -17.53
C VAL F 582 5.46 53.54 -16.35
N GLN F 583 4.92 54.12 -15.28
CA GLN F 583 4.64 53.36 -14.07
C GLN F 583 3.64 52.23 -14.35
N VAL F 584 2.57 52.55 -15.09
CA VAL F 584 1.55 51.56 -15.40
C VAL F 584 1.81 50.80 -16.68
N GLY F 585 2.89 51.13 -17.39
CA GLY F 585 3.17 50.47 -18.66
C GLY F 585 3.86 49.14 -18.45
N ARG F 586 3.38 48.11 -19.15
CA ARG F 586 3.99 46.79 -19.16
C ARG F 586 4.81 46.66 -20.43
N PHE F 587 6.12 46.51 -20.29
CA PHE F 587 7.03 46.58 -21.43
C PHE F 587 7.43 45.21 -21.95
N ARG F 588 7.99 44.36 -21.11
CA ARG F 588 8.41 43.02 -21.50
C ARG F 588 7.71 42.01 -20.59
N ASN F 589 6.56 41.52 -21.06
CA ASN F 589 5.80 40.55 -20.27
C ASN F 589 6.43 39.17 -20.33
N ALA F 590 6.97 38.79 -21.49
CA ALA F 590 7.53 37.44 -21.64
C ALA F 590 8.74 37.24 -20.74
N SER F 591 9.63 38.22 -20.66
CA SER F 591 10.84 38.13 -19.86
C SER F 591 10.97 39.35 -18.97
N GLY F 592 11.34 39.13 -17.72
CA GLY F 592 11.50 40.20 -16.76
C GLY F 592 10.17 40.66 -16.18
N ASN F 593 10.27 41.40 -15.07
CA ASN F 593 9.08 41.92 -14.40
C ASN F 593 9.45 43.19 -13.66
N ALA F 594 8.44 44.02 -13.42
CA ALA F 594 8.58 45.27 -12.68
C ALA F 594 9.58 46.21 -13.32
N VAL F 595 9.77 46.10 -14.64
CA VAL F 595 10.62 47.06 -15.33
C VAL F 595 9.95 48.42 -15.41
N GLY F 596 8.63 48.44 -15.55
CA GLY F 596 7.92 49.71 -15.56
C GLY F 596 7.94 50.41 -14.22
N THR F 597 7.78 49.65 -13.13
CA THR F 597 7.73 50.26 -11.81
C THR F 597 9.09 50.78 -11.37
N THR F 598 10.15 50.01 -11.65
CA THR F 598 11.48 50.43 -11.22
C THR F 598 11.92 51.70 -11.94
N LEU F 599 11.65 51.80 -13.24
CA LEU F 599 12.07 52.97 -13.99
C LEU F 599 11.34 54.22 -13.54
N ALA F 600 10.07 54.09 -13.18
CA ALA F 600 9.30 55.23 -12.68
C ALA F 600 9.88 55.73 -11.36
N ALA F 601 10.27 54.83 -10.47
CA ALA F 601 10.89 55.24 -9.22
C ALA F 601 12.21 55.95 -9.47
N PHE F 602 13.02 55.42 -10.38
CA PHE F 602 14.24 56.10 -10.76
C PHE F 602 13.95 57.45 -11.41
N LEU F 603 12.95 57.49 -12.29
CA LEU F 603 12.64 58.74 -12.98
C LEU F 603 12.12 59.80 -12.02
N ARG F 604 11.20 59.42 -11.13
CA ARG F 604 10.67 60.39 -10.19
C ARG F 604 11.74 60.87 -9.23
N ALA F 605 12.65 59.98 -8.83
CA ALA F 605 13.74 60.39 -7.94
C ALA F 605 14.64 61.42 -8.61
N CYS F 606 14.96 61.21 -9.89
CA CYS F 606 15.81 62.17 -10.60
C CYS F 606 15.10 63.51 -10.76
N ARG F 607 13.80 63.49 -11.04
CA ARG F 607 13.07 64.75 -11.25
C ARG F 607 13.05 65.59 -9.99
N ASP F 608 12.77 64.96 -8.83
CA ASP F 608 12.76 65.71 -7.59
C ASP F 608 14.16 66.22 -7.23
N LYS F 609 15.19 65.40 -7.49
CA LYS F 609 16.55 65.84 -7.21
C LYS F 609 16.94 67.03 -8.06
N THR F 610 16.52 67.05 -9.33
CA THR F 610 16.91 68.12 -10.23
C THR F 610 16.20 69.43 -9.88
N SER F 611 14.90 69.36 -9.59
CA SER F 611 14.16 70.59 -9.29
C SER F 611 14.61 71.22 -7.99
N ALA F 612 15.13 70.42 -7.06
CA ALA F 612 15.60 70.97 -5.79
C ALA F 612 16.94 71.67 -5.93
N ASN F 613 17.84 71.13 -6.74
CA ASN F 613 19.20 71.61 -6.82
C ASN F 613 19.49 72.39 -8.10
N TRP F 614 18.46 72.76 -8.87
CA TRP F 614 18.71 73.45 -10.13
C TRP F 614 19.28 74.84 -9.89
N ARG F 615 18.85 75.52 -8.82
CA ARG F 615 19.39 76.84 -8.53
C ARG F 615 20.85 76.76 -8.11
N GLY F 616 21.19 75.79 -7.25
CA GLY F 616 22.54 75.72 -6.74
C GLY F 616 23.56 75.45 -7.84
N TYR F 617 23.18 74.64 -8.82
CA TYR F 617 24.08 74.38 -9.93
C TYR F 617 24.10 75.54 -10.92
N SER F 618 22.96 76.23 -11.08
CA SER F 618 22.93 77.40 -11.95
C SER F 618 23.81 78.52 -11.41
N VAL F 619 23.78 78.73 -10.09
CA VAL F 619 24.67 79.72 -9.48
C VAL F 619 26.12 79.30 -9.66
N LEU F 620 26.40 77.99 -9.55
CA LEU F 620 27.76 77.51 -9.71
C LEU F 620 28.30 77.80 -11.11
N VAL F 621 27.47 77.60 -12.14
CA VAL F 621 27.91 77.86 -13.50
C VAL F 621 28.21 79.35 -13.67
N SER F 622 27.37 80.21 -13.10
CA SER F 622 27.59 81.65 -13.22
C SER F 622 28.89 82.07 -12.57
N ARG F 623 29.20 81.52 -11.40
CA ARG F 623 30.44 81.88 -10.72
C ARG F 623 31.66 81.46 -11.54
N TYR F 624 31.60 80.28 -12.16
CA TYR F 624 32.74 79.81 -12.93
C TYR F 624 32.97 80.66 -14.17
N ARG F 625 31.90 81.05 -14.85
CA ARG F 625 32.05 81.91 -16.02
C ARG F 625 32.59 83.28 -15.65
N SER F 626 32.32 83.74 -14.42
CA SER F 626 32.80 85.03 -13.99
C SER F 626 34.31 85.05 -13.75
N LEU F 627 34.97 83.90 -13.79
CA LEU F 627 36.42 83.87 -13.58
C LEU F 627 37.18 84.07 -14.88
N ILE F 628 36.61 83.60 -15.99
CA ILE F 628 37.30 83.70 -17.29
C ILE F 628 37.27 85.14 -17.77
N PRO F 629 38.37 85.70 -18.25
CA PRO F 629 38.35 87.01 -18.89
C PRO F 629 37.73 86.91 -20.28
N ASN F 630 37.50 88.08 -20.89
CA ASN F 630 36.82 88.11 -22.18
C ASN F 630 37.72 87.55 -23.29
N GLU F 631 38.99 87.91 -23.27
CA GLU F 631 39.89 87.50 -24.36
C GLU F 631 40.04 85.99 -24.41
N LEU F 632 40.16 85.35 -23.25
CA LEU F 632 40.34 83.89 -23.23
C LEU F 632 39.09 83.18 -23.69
N PHE F 633 37.91 83.73 -23.36
CA PHE F 633 36.66 83.08 -23.75
C PHE F 633 36.49 83.05 -25.26
N GLU F 634 36.83 84.13 -25.94
CA GLU F 634 36.69 84.18 -27.39
C GLU F 634 37.62 83.18 -28.05
N SER F 635 38.83 83.00 -27.52
CA SER F 635 39.73 81.99 -28.05
C SER F 635 39.16 80.59 -27.89
N LEU F 636 38.54 80.32 -26.74
CA LEU F 636 37.95 79.00 -26.51
C LEU F 636 36.73 78.75 -27.38
N ARG F 637 36.18 79.79 -28.00
CA ARG F 637 35.06 79.61 -28.92
C ARG F 637 35.47 78.89 -30.20
N ASN F 638 36.75 78.91 -30.54
CA ASN F 638 37.20 78.25 -31.77
C ASN F 638 37.24 76.74 -31.63
N ILE F 639 37.72 76.23 -30.49
CA ILE F 639 37.94 74.80 -30.35
C ILE F 639 36.62 74.08 -30.10
N SER F 640 36.64 72.76 -30.28
CA SER F 640 35.47 71.92 -30.09
C SER F 640 35.90 70.59 -29.49
N GLY F 641 34.95 69.93 -28.85
CA GLY F 641 35.22 68.63 -28.26
C GLY F 641 33.93 67.90 -27.94
N GLU F 642 34.08 66.63 -27.57
CA GLU F 642 32.96 65.79 -27.18
C GLU F 642 33.37 64.98 -25.96
N TYR F 643 32.51 64.98 -24.95
CA TYR F 643 32.81 64.31 -23.69
C TYR F 643 32.06 62.99 -23.62
N ASN F 644 32.77 61.91 -23.32
CA ASN F 644 32.19 60.59 -23.19
C ASN F 644 32.06 60.26 -21.72
N ILE F 645 30.82 59.99 -21.28
CA ILE F 645 30.51 59.71 -19.89
C ILE F 645 30.01 58.28 -19.79
N ASN F 646 30.57 57.52 -18.85
CA ASN F 646 30.11 56.16 -18.65
C ASN F 646 28.68 56.17 -18.12
N PRO F 647 27.83 55.23 -18.56
CA PRO F 647 26.44 55.24 -18.09
C PRO F 647 26.30 55.12 -16.57
N GLN F 648 27.20 54.39 -15.92
CA GLN F 648 27.15 54.30 -14.47
C GLN F 648 27.44 55.65 -13.82
N ASP F 649 28.40 56.39 -14.36
CA ASP F 649 28.75 57.69 -13.79
C ASP F 649 27.62 58.69 -13.96
N GLU F 650 26.97 58.69 -15.12
CA GLU F 650 25.86 59.60 -15.34
C GLU F 650 24.68 59.29 -14.43
N HIS F 651 24.35 58.00 -14.28
CA HIS F 651 23.19 57.64 -13.46
C HIS F 651 23.45 57.88 -11.99
N SER F 652 24.68 57.64 -11.53
CA SER F 652 25.02 57.93 -10.14
C SER F 652 24.96 59.42 -9.86
N PHE F 653 25.22 60.25 -10.87
CA PHE F 653 25.21 61.70 -10.68
C PHE F 653 23.82 62.19 -10.30
N PHE F 654 22.78 61.69 -10.96
CA PHE F 654 21.44 62.20 -10.73
C PHE F 654 20.75 61.53 -9.54
N PHE F 655 21.03 60.24 -9.31
CA PHE F 655 20.41 59.56 -8.18
C PHE F 655 20.87 60.16 -6.85
N ALA F 656 22.15 60.49 -6.75
CA ALA F 656 22.74 61.01 -5.53
C ALA F 656 23.22 62.44 -5.74
N LEU F 657 22.39 63.25 -6.41
CA LEU F 657 22.74 64.64 -6.65
C LEU F 657 22.97 65.37 -5.33
N ALA F 658 24.04 66.15 -5.27
CA ALA F 658 24.45 66.82 -4.05
C ALA F 658 24.02 68.28 -4.09
N GLN F 659 23.33 68.70 -3.03
CA GLN F 659 22.91 70.10 -2.92
C GLN F 659 24.12 71.00 -2.72
N ILE F 660 24.14 72.10 -3.47
CA ILE F 660 25.25 73.05 -3.43
C ILE F 660 24.72 74.39 -2.96
N ASN F 661 25.34 74.93 -1.91
CA ASN F 661 24.95 76.22 -1.34
C ASN F 661 26.13 77.17 -1.39
N ALA F 662 25.87 78.41 -1.79
CA ALA F 662 26.91 79.43 -1.87
C ALA F 662 26.50 80.71 -1.15
N ASP F 663 25.59 80.61 -0.17
CA ASP F 663 25.16 81.79 0.56
C ASP F 663 26.31 82.40 1.34
N ASP F 664 27.17 81.57 1.92
CA ASP F 664 28.32 82.07 2.66
C ASP F 664 29.31 82.79 1.75
N GLU F 665 29.33 82.44 0.47
CA GLU F 665 30.30 83.03 -0.44
C GLU F 665 29.91 84.44 -0.83
N PHE F 666 28.62 84.72 -0.97
CA PHE F 666 28.15 86.00 -1.51
C PHE F 666 27.78 86.94 -0.38
N ILE F 667 28.27 88.16 -0.45
CA ILE F 667 27.94 89.21 0.50
C ILE F 667 27.04 90.19 -0.25
N GLY F 668 25.73 90.01 -0.14
CA GLY F 668 24.81 90.81 -0.91
C GLY F 668 24.73 90.33 -2.35
N ALA F 669 25.30 91.11 -3.28
CA ALA F 669 25.35 90.73 -4.68
C ALA F 669 26.77 90.58 -5.18
N ILE F 670 27.77 90.61 -4.29
CA ILE F 670 29.17 90.61 -4.67
C ILE F 670 29.85 89.41 -4.02
N ASP F 671 30.66 88.70 -4.80
CA ASP F 671 31.53 87.66 -4.29
C ASP F 671 32.98 88.12 -4.37
N LYS F 672 33.67 88.08 -3.24
CA LYS F 672 35.05 88.55 -3.20
C LYS F 672 35.97 87.61 -3.99
N GLU F 673 35.78 86.30 -3.86
CA GLU F 673 36.71 85.35 -4.48
C GLU F 673 36.73 85.53 -5.99
N SER F 674 35.56 85.72 -6.60
CA SER F 674 35.50 85.90 -8.05
C SER F 674 36.07 87.26 -8.46
N ALA F 675 35.78 88.30 -7.69
CA ALA F 675 36.22 89.65 -8.05
C ALA F 675 37.75 89.76 -8.03
N GLU F 676 38.39 89.23 -6.98
CA GLU F 676 39.84 89.32 -6.89
C GLU F 676 40.52 88.39 -7.89
N TYR F 677 39.92 87.23 -8.15
CA TYR F 677 40.52 86.29 -9.09
C TYR F 677 40.59 86.88 -10.49
N LEU F 678 39.52 87.54 -10.93
CA LEU F 678 39.53 88.16 -12.26
C LEU F 678 40.51 89.31 -12.32
N ASP F 679 40.57 90.13 -11.27
CA ASP F 679 41.43 91.31 -11.28
C ASP F 679 42.90 90.93 -11.43
N GLU F 680 43.27 89.72 -11.01
CA GLU F 680 44.64 89.26 -11.18
C GLU F 680 45.03 89.14 -12.65
N TYR F 681 44.06 89.03 -13.56
CA TYR F 681 44.38 88.99 -14.98
C TYR F 681 44.89 90.32 -15.48
N ALA F 682 44.38 91.42 -14.94
CA ALA F 682 44.88 92.73 -15.34
C ALA F 682 46.34 92.90 -14.99
N THR F 683 46.78 92.29 -13.88
CA THR F 683 48.20 92.27 -13.56
C THR F 683 48.99 91.47 -14.58
N LEU F 684 48.44 90.34 -15.01
CA LEU F 684 49.13 89.51 -15.99
C LEU F 684 49.20 90.20 -17.35
N ALA F 685 48.17 90.99 -17.69
CA ALA F 685 48.18 91.71 -18.96
C ALA F 685 49.33 92.69 -19.03
N ARG F 686 49.51 93.48 -17.97
CA ARG F 686 50.66 94.38 -17.92
C ARG F 686 51.97 93.59 -17.83
N ASP F 687 51.91 92.43 -17.18
CA ASP F 687 53.11 91.62 -16.99
C ASP F 687 53.60 91.03 -18.31
N ILE F 688 52.67 90.52 -19.11
CA ILE F 688 53.07 89.85 -20.36
C ILE F 688 53.58 90.87 -21.37
N SER F 689 52.94 92.03 -21.45
CA SER F 689 53.34 93.03 -22.45
C SER F 689 54.74 93.56 -22.17
N ASN F 690 55.03 93.87 -20.90
CA ASN F 690 56.35 94.39 -20.56
C ASN F 690 57.43 93.34 -20.79
N SER F 691 57.14 92.08 -20.47
CA SER F 691 58.14 91.03 -20.63
C SER F 691 58.54 90.85 -22.08
N LEU F 692 57.56 90.86 -23.00
CA LEU F 692 57.87 90.69 -24.41
C LEU F 692 58.69 91.85 -24.95
N THR F 693 58.34 93.08 -24.55
CA THR F 693 59.02 94.25 -25.09
C THR F 693 60.48 94.29 -24.67
N LEU F 694 60.78 93.93 -23.42
CA LEU F 694 62.17 93.91 -22.97
C LEU F 694 62.97 92.86 -23.72
N VAL F 695 62.41 91.68 -23.93
CA VAL F 695 63.10 90.63 -24.67
C VAL F 695 63.36 91.07 -26.11
N LYS F 696 62.37 91.73 -26.72
CA LYS F 696 62.54 92.21 -28.09
C LYS F 696 63.65 93.24 -28.18
N ALA F 697 63.75 94.14 -27.19
CA ALA F 697 64.82 95.12 -27.20
C ALA F 697 66.16 94.49 -26.83
N ALA F 698 66.15 93.49 -25.95
CA ALA F 698 67.39 92.89 -25.49
C ALA F 698 68.02 91.98 -26.53
N PHE F 699 67.20 91.35 -27.38
CA PHE F 699 67.69 90.34 -28.30
C PHE F 699 67.56 90.73 -29.77
N GLY F 700 66.52 91.46 -30.14
CA GLY F 700 66.34 91.89 -31.50
C GLY F 700 66.05 90.74 -32.43
N PRO F 701 66.27 90.95 -33.74
CA PRO F 701 66.00 89.89 -34.71
C PRO F 701 66.85 88.66 -34.44
N LEU F 702 66.28 87.50 -34.74
CA LEU F 702 66.88 86.22 -34.42
C LEU F 702 67.28 85.48 -35.69
N GLU F 703 68.44 84.82 -35.64
CA GLU F 703 68.92 83.98 -36.72
C GLU F 703 69.06 82.55 -36.24
N ARG F 704 68.85 81.60 -37.13
CA ARG F 704 68.95 80.17 -36.84
C ARG F 704 69.82 79.52 -37.89
N THR F 705 71.14 79.53 -37.66
CA THR F 705 72.06 78.91 -38.60
C THR F 705 72.07 77.39 -38.46
N SER F 706 71.76 76.88 -37.28
CA SER F 706 71.74 75.43 -37.07
C SER F 706 70.74 75.11 -35.97
N GLY F 707 70.32 73.85 -35.92
CA GLY F 707 69.41 73.37 -34.91
C GLY F 707 67.98 73.36 -35.38
N SER F 708 67.11 72.87 -34.51
CA SER F 708 65.68 72.79 -34.76
C SER F 708 64.97 74.00 -34.13
N ILE F 709 63.67 74.12 -34.42
CA ILE F 709 62.89 75.19 -33.83
C ILE F 709 62.77 75.01 -32.32
N ILE F 710 62.55 73.77 -31.88
CA ILE F 710 62.38 73.49 -30.45
C ILE F 710 63.68 73.77 -29.71
N ASN F 711 64.80 73.33 -30.26
CA ASN F 711 66.09 73.58 -29.62
C ASN F 711 66.41 75.07 -29.61
N HIS F 712 66.00 75.79 -30.65
CA HIS F 712 66.28 77.22 -30.73
C HIS F 712 65.54 78.00 -29.64
N ALA F 713 64.24 77.71 -29.47
CA ALA F 713 63.45 78.46 -28.52
C ALA F 713 63.77 78.07 -27.09
N ASN F 714 64.06 76.78 -26.85
CA ASN F 714 64.41 76.35 -25.51
C ASN F 714 65.68 77.01 -25.02
N ASN F 715 66.69 77.11 -25.88
CA ASN F 715 67.92 77.78 -25.50
C ASN F 715 67.72 79.28 -25.35
N LEU F 716 66.78 79.86 -26.10
CA LEU F 716 66.51 81.29 -25.96
C LEU F 716 65.95 81.60 -24.58
N ASN F 717 65.08 80.73 -24.06
CA ASN F 717 64.54 80.94 -22.72
C ASN F 717 65.64 80.88 -21.67
N LYS F 718 66.59 79.96 -21.83
CA LYS F 718 67.68 79.84 -20.87
C LYS F 718 68.58 81.08 -20.89
N VAL F 719 68.82 81.62 -22.09
CA VAL F 719 69.62 82.85 -22.17
C VAL F 719 68.85 84.02 -21.58
N ILE F 720 67.53 84.05 -21.77
CA ILE F 720 66.71 85.10 -21.17
C ILE F 720 66.83 85.03 -19.65
N ASN F 721 66.81 83.83 -19.09
CA ASN F 721 66.95 83.67 -17.65
C ASN F 721 68.28 84.19 -17.15
N HIS F 722 69.36 83.91 -17.88
CA HIS F 722 70.69 84.32 -17.43
C HIS F 722 70.85 85.83 -17.52
N VAL F 723 70.38 86.44 -18.62
CA VAL F 723 70.54 87.87 -18.80
C VAL F 723 69.66 88.65 -17.83
N PHE F 724 68.42 88.20 -17.65
CA PHE F 724 67.44 88.91 -16.84
C PHE F 724 67.26 88.26 -15.48
N ALA F 725 68.36 87.78 -14.87
CA ALA F 725 68.25 87.15 -13.56
C ALA F 725 67.82 88.12 -12.48
N ASP F 726 68.11 89.41 -12.65
CA ASP F 726 67.67 90.40 -11.68
C ASP F 726 66.16 90.56 -11.68
N LYS F 727 65.50 90.25 -12.80
CA LYS F 727 64.05 90.28 -12.91
C LYS F 727 63.59 88.91 -13.36
N PRO F 728 63.39 87.98 -12.42
CA PRO F 728 62.99 86.62 -12.80
C PRO F 728 61.61 86.54 -13.42
N LEU F 729 60.84 87.63 -13.35
CA LEU F 729 59.47 87.61 -13.84
C LEU F 729 59.40 87.48 -15.35
N ILE F 730 60.41 87.97 -16.06
CA ILE F 730 60.42 87.88 -17.51
C ILE F 730 60.52 86.42 -17.96
N SER F 731 61.41 85.65 -17.33
CA SER F 731 61.58 84.26 -17.69
C SER F 731 60.30 83.47 -17.40
N GLU F 732 59.63 83.78 -16.29
CA GLU F 732 58.38 83.09 -15.95
C GLU F 732 57.30 83.36 -16.98
N THR F 733 57.19 84.61 -17.43
CA THR F 733 56.13 84.97 -18.36
C THR F 733 56.38 84.38 -19.75
N MET F 734 57.62 84.44 -20.22
CA MET F 734 57.92 83.91 -21.55
C MET F 734 57.73 82.41 -21.60
N LEU F 735 58.10 81.71 -20.52
CA LEU F 735 57.87 80.27 -20.47
C LEU F 735 56.39 79.94 -20.38
N LYS F 736 55.60 80.81 -19.76
CA LYS F 736 54.14 80.61 -19.73
C LYS F 736 53.56 80.65 -21.13
N ILE F 737 54.00 81.60 -21.95
CA ILE F 737 53.50 81.69 -23.32
C ILE F 737 53.97 80.49 -24.13
N LEU F 738 55.20 80.04 -23.89
CA LEU F 738 55.71 78.87 -24.60
C LEU F 738 54.93 77.61 -24.20
N THR F 739 54.53 77.51 -22.94
CA THR F 739 53.77 76.33 -22.50
C THR F 739 52.47 76.20 -23.25
N ILE F 740 51.75 77.31 -23.44
CA ILE F 740 50.52 77.28 -24.21
C ILE F 740 50.80 76.93 -25.66
N ASP F 741 51.85 77.52 -26.24
CA ASP F 741 52.15 77.31 -27.65
C ASP F 741 52.76 75.94 -27.92
N GLY F 742 53.55 75.41 -26.99
CA GLY F 742 54.32 74.22 -27.26
C GLY F 742 53.53 72.94 -27.40
N THR F 743 52.25 72.94 -27.04
CA THR F 743 51.45 71.72 -27.16
C THR F 743 51.29 71.30 -28.60
N THR F 744 51.14 72.25 -29.52
CA THR F 744 50.99 71.92 -30.93
C THR F 744 52.27 71.29 -31.51
N GLY F 745 53.40 71.43 -30.83
CA GLY F 745 54.63 70.83 -31.30
C GLY F 745 55.56 71.83 -31.93
N LYS F 746 56.08 71.51 -33.11
CA LYS F 746 56.97 72.45 -33.80
C LYS F 746 56.18 73.62 -34.39
N ASP F 747 54.92 73.39 -34.76
CA ASP F 747 54.09 74.48 -35.26
C ASP F 747 53.87 75.54 -34.20
N GLY F 748 53.66 75.12 -32.95
CA GLY F 748 53.50 76.08 -31.88
C GLY F 748 54.76 76.86 -31.58
N TYR F 749 55.93 76.21 -31.71
CA TYR F 749 57.19 76.90 -31.46
C TYR F 749 57.45 77.95 -32.53
N ARG F 750 57.06 77.68 -33.78
CA ARG F 750 57.14 78.71 -34.81
C ARG F 750 56.18 79.85 -34.51
N ASN F 751 54.99 79.53 -33.99
CA ASN F 751 54.05 80.56 -33.60
C ASN F 751 54.58 81.39 -32.45
N TRP F 752 55.29 80.76 -31.52
CA TRP F 752 55.89 81.50 -30.42
C TRP F 752 56.93 82.49 -30.93
N LEU F 753 57.76 82.07 -31.88
CA LEU F 753 58.77 82.97 -32.43
C LEU F 753 58.14 84.09 -33.24
N ASP F 754 56.97 83.82 -33.84
CA ASP F 754 56.29 84.86 -34.62
C ASP F 754 55.76 85.97 -33.73
N LYS F 755 55.46 85.67 -32.48
CA LYS F 755 55.00 86.71 -31.55
C LYS F 755 56.12 87.72 -31.27
N LEU F 756 57.35 87.24 -31.12
CA LEU F 756 58.47 88.15 -30.90
C LEU F 756 58.77 88.99 -32.13
N VAL F 757 58.74 88.36 -33.31
CA VAL F 757 59.06 89.07 -34.54
C VAL F 757 58.01 90.15 -34.82
N GLY F 758 56.74 89.80 -34.67
CA GLY F 758 55.64 90.69 -34.99
C GLY F 758 55.16 91.59 -33.88
N HIS F 759 55.88 91.66 -32.77
CA HIS F 759 55.46 92.52 -31.67
C HIS F 759 55.71 93.98 -32.02
N ASN F 760 54.73 94.82 -31.70
CA ASN F 760 54.81 96.26 -31.91
C ASN F 760 54.99 96.97 -30.58
N TYR F 761 55.88 97.95 -30.56
CA TYR F 761 56.12 98.71 -29.33
C TYR F 761 54.84 99.43 -28.93
N PRO F 762 54.38 99.27 -27.68
CA PRO F 762 53.18 99.98 -27.24
C PRO F 762 53.42 101.49 -27.16
N VAL F 763 52.33 102.22 -26.97
CA VAL F 763 52.45 103.67 -26.89
C VAL F 763 53.17 104.10 -25.62
N TYR F 764 52.85 103.47 -24.49
CA TYR F 764 53.48 103.78 -23.22
C TYR F 764 54.56 102.72 -22.94
N VAL F 765 55.66 102.85 -23.65
CA VAL F 765 56.79 101.94 -23.49
C VAL F 765 57.39 102.12 -22.11
N GLU F 766 57.68 101.02 -21.43
CA GLU F 766 58.26 101.08 -20.11
C GLU F 766 59.64 101.74 -20.20
N PRO F 767 59.98 102.65 -19.28
CA PRO F 767 61.19 103.47 -19.46
C PRO F 767 62.48 102.66 -19.54
N VAL F 768 62.53 101.46 -18.99
CA VAL F 768 63.76 100.67 -19.05
C VAL F 768 64.04 100.22 -20.47
N VAL F 769 62.99 100.13 -21.31
CA VAL F 769 63.22 99.76 -22.71
C VAL F 769 63.99 100.85 -23.43
N ASN F 770 63.58 102.10 -23.24
CA ASN F 770 64.25 103.21 -23.92
C ASN F 770 65.69 103.36 -23.45
N ILE F 771 65.94 103.12 -22.17
CA ILE F 771 67.31 103.17 -21.66
C ILE F 771 68.16 102.10 -22.34
N MET F 772 67.62 100.89 -22.43
CA MET F 772 68.34 99.82 -23.12
C MET F 772 68.50 100.13 -24.60
N ASN F 773 67.45 100.67 -25.24
CA ASN F 773 67.54 101.00 -26.66
C ASN F 773 68.55 102.10 -26.91
N PHE F 774 68.63 103.10 -26.02
CA PHE F 774 69.61 104.16 -26.19
C PHE F 774 71.03 103.62 -26.07
N ILE F 775 71.28 102.77 -25.07
CA ILE F 775 72.62 102.22 -24.87
C ILE F 775 73.02 101.35 -26.06
N SER F 776 72.11 100.52 -26.54
CA SER F 776 72.40 99.69 -27.70
C SER F 776 72.67 100.53 -28.93
N ALA F 777 71.92 101.62 -29.09
CA ALA F 777 72.13 102.51 -30.24
C ALA F 777 73.52 103.12 -30.21
N ARG F 778 73.98 103.56 -29.04
CA ARG F 778 75.31 104.15 -28.94
C ARG F 778 76.40 103.09 -29.04
N PHE F 779 76.09 101.85 -28.70
CA PHE F 779 77.09 100.78 -28.80
C PHE F 779 77.47 100.55 -30.26
N VAL F 780 76.49 100.55 -31.17
CA VAL F 780 76.77 100.26 -32.57
C VAL F 780 77.30 101.48 -33.31
N ALA F 781 77.19 102.68 -32.73
CA ALA F 781 77.64 103.89 -33.40
C ALA F 781 79.01 104.33 -32.90
N ASP F 782 79.14 104.53 -31.59
CA ASP F 782 80.40 104.97 -30.99
C ASP F 782 81.21 103.72 -30.61
N SER F 783 81.81 103.12 -31.63
CA SER F 783 82.53 101.87 -31.44
C SER F 783 83.82 102.07 -30.67
N SER F 784 84.47 103.22 -30.83
CA SER F 784 85.77 103.45 -30.21
C SER F 784 85.67 103.51 -28.70
N TYR F 785 84.51 103.90 -28.16
CA TYR F 785 84.38 104.02 -26.72
C TYR F 785 84.50 102.67 -26.03
N PHE F 786 83.88 101.63 -26.59
CA PHE F 786 83.77 100.35 -25.92
C PHE F 786 84.83 99.35 -26.33
N GLY F 787 85.68 99.68 -27.30
CA GLY F 787 86.81 98.83 -27.59
C GLY F 787 86.73 97.97 -28.83
N TYR F 788 86.20 98.51 -29.92
CA TYR F 788 86.27 97.83 -31.21
C TYR F 788 86.20 98.85 -32.33
N THR F 789 86.68 98.45 -33.50
CA THR F 789 86.73 99.32 -34.67
C THR F 789 86.52 98.49 -35.93
N ASN F 790 86.17 99.18 -37.01
CA ASN F 790 85.83 98.51 -38.26
C ASN F 790 87.03 98.33 -39.19
N GLU F 791 88.08 99.11 -39.05
CA GLU F 791 89.24 99.01 -39.93
C GLU F 791 90.53 99.00 -39.13
N ILE F 792 91.53 98.29 -39.67
CA ILE F 792 92.89 98.32 -39.16
C ILE F 792 93.83 98.50 -40.34
N MET F 793 95.09 98.84 -40.03
CA MET F 793 96.05 99.25 -41.04
C MET F 793 97.42 98.70 -40.66
N ILE F 794 97.89 97.72 -41.41
CA ILE F 794 99.12 96.98 -41.11
C ILE F 794 100.16 97.34 -42.16
N MET F 795 101.30 97.83 -41.71
CA MET F 795 102.42 98.14 -42.59
C MET F 795 103.74 97.79 -41.92
N PRO F 796 104.80 97.59 -42.70
CA PRO F 796 106.13 97.42 -42.12
C PRO F 796 106.61 98.66 -41.40
N ASN F 797 107.71 98.50 -40.67
CA ASN F 797 108.20 99.60 -39.84
C ASN F 797 108.90 100.67 -40.65
N HIS F 798 109.52 100.31 -41.78
CA HIS F 798 110.35 101.27 -42.50
C HIS F 798 109.54 102.37 -43.19
N ILE F 799 108.22 102.24 -43.28
CA ILE F 799 107.38 103.27 -43.86
C ILE F 799 106.84 104.14 -42.74
N ASN F 800 107.03 105.45 -42.86
CA ASN F 800 106.69 106.41 -41.82
C ASN F 800 105.48 107.22 -42.25
N VAL F 801 104.44 107.23 -41.43
CA VAL F 801 103.21 107.98 -41.72
C VAL F 801 102.85 108.87 -40.54
N PRO F 802 102.13 109.97 -40.78
CA PRO F 802 101.73 110.84 -39.67
C PRO F 802 100.77 110.12 -38.73
N VAL F 803 100.94 110.39 -37.43
CA VAL F 803 100.10 109.80 -36.40
C VAL F 803 99.71 110.90 -35.41
N ASP F 804 98.75 110.59 -34.56
CA ASP F 804 98.24 111.53 -33.56
C ASP F 804 99.30 111.76 -32.51
N ASP F 805 99.97 112.91 -32.56
CA ASP F 805 101.02 113.27 -31.62
C ASP F 805 100.52 114.13 -30.48
N ARG F 806 99.20 114.27 -30.32
CA ARG F 806 98.66 115.06 -29.22
C ARG F 806 99.05 114.46 -27.87
N PHE F 807 98.99 113.14 -27.76
CA PHE F 807 99.22 112.48 -26.48
C PHE F 807 100.70 112.42 -26.13
N GLY F 808 101.57 112.23 -27.12
CA GLY F 808 102.99 112.11 -26.88
C GLY F 808 103.51 110.69 -26.76
N PHE F 809 102.74 109.69 -27.18
CA PHE F 809 103.19 108.32 -27.12
C PHE F 809 104.36 108.08 -28.06
N ARG F 810 105.14 107.04 -27.77
CA ARG F 810 106.30 106.67 -28.58
C ARG F 810 105.83 105.74 -29.69
N ASP F 811 105.91 106.21 -30.94
CA ASP F 811 105.33 105.53 -32.10
C ASP F 811 103.91 105.05 -31.80
N SER F 812 103.03 106.03 -31.59
CA SER F 812 101.66 105.73 -31.19
C SER F 812 100.95 104.98 -32.31
N PRO F 813 100.06 104.04 -31.98
CA PRO F 813 99.26 103.36 -32.99
C PRO F 813 97.92 104.01 -33.29
N PHE F 814 97.68 105.24 -32.81
CA PHE F 814 96.40 105.92 -32.99
C PHE F 814 96.58 107.08 -33.96
N CYS F 815 95.69 107.18 -34.94
CA CYS F 815 95.68 108.27 -35.89
C CYS F 815 94.26 108.82 -36.02
N THR F 816 94.16 110.09 -36.41
CA THR F 816 92.86 110.74 -36.46
C THR F 816 91.91 110.05 -37.42
N SER F 817 92.40 109.68 -38.60
CA SER F 817 91.61 108.94 -39.57
C SER F 817 92.55 108.08 -40.39
N LEU F 818 92.03 106.96 -40.87
CA LEU F 818 92.87 106.04 -41.63
C LEU F 818 93.19 106.66 -42.98
N PRO F 819 94.46 106.86 -43.32
CA PRO F 819 94.79 107.60 -44.54
C PRO F 819 94.37 106.86 -45.80
N ARG F 820 94.04 107.65 -46.82
CA ARG F 820 93.77 107.09 -48.14
C ARG F 820 95.05 106.92 -48.94
N THR F 821 95.99 107.85 -48.77
CA THR F 821 97.28 107.79 -49.45
C THR F 821 98.39 108.03 -48.45
N ILE F 822 99.53 107.37 -48.69
CA ILE F 822 100.74 107.57 -47.90
C ILE F 822 101.86 107.98 -48.86
N MET F 823 102.47 109.13 -48.59
CA MET F 823 103.50 109.70 -49.46
C MET F 823 103.00 109.86 -50.88
N GLY F 824 101.70 110.12 -51.05
CA GLY F 824 101.11 110.28 -52.35
C GLY F 824 100.74 108.99 -53.06
N ASN F 825 100.96 107.84 -52.44
CA ASN F 825 100.67 106.54 -53.05
C ASN F 825 99.45 105.91 -52.39
N ASP F 826 98.60 105.32 -53.20
CA ASP F 826 97.36 104.73 -52.70
C ASP F 826 97.65 103.53 -51.80
N VAL F 827 96.74 103.29 -50.86
CA VAL F 827 96.84 102.20 -49.90
C VAL F 827 95.81 101.14 -50.28
N ARG F 828 96.25 99.90 -50.36
CA ARG F 828 95.36 98.80 -50.72
C ARG F 828 94.32 98.57 -49.62
N ARG F 829 93.07 98.41 -50.02
CA ARG F 829 91.98 98.10 -49.11
C ARG F 829 91.53 96.67 -49.39
N ILE F 830 91.56 95.82 -48.37
CA ILE F 830 91.23 94.41 -48.49
C ILE F 830 90.11 94.09 -47.52
N SER F 831 89.07 93.42 -48.01
CA SER F 831 88.04 92.91 -47.13
C SER F 831 88.56 91.69 -46.38
N TYR F 832 87.99 91.46 -45.19
CA TYR F 832 88.48 90.37 -44.35
C TYR F 832 88.25 89.01 -44.99
N ASN F 833 87.09 88.82 -45.61
CA ASN F 833 86.81 87.55 -46.27
C ASN F 833 87.80 87.28 -47.40
N VAL F 834 88.11 88.31 -48.18
CA VAL F 834 89.10 88.15 -49.25
C VAL F 834 90.47 87.88 -48.65
N PHE F 835 90.78 88.51 -47.52
CA PHE F 835 92.09 88.33 -46.89
C PHE F 835 92.24 86.92 -46.32
N SER F 836 91.13 86.30 -45.88
CA SER F 836 91.18 84.92 -45.42
C SER F 836 91.54 83.97 -46.56
N MET F 837 91.00 84.23 -47.76
CA MET F 837 91.28 83.38 -48.90
C MET F 837 92.71 83.54 -49.43
N MET F 838 93.30 84.72 -49.23
CA MET F 838 94.55 85.06 -49.89
C MET F 838 95.67 84.10 -49.50
N GLU F 839 96.51 83.77 -50.48
CA GLU F 839 97.57 82.80 -50.31
C GLU F 839 98.97 83.40 -50.43
N ASP F 840 99.07 84.71 -50.61
CA ASP F 840 100.35 85.39 -50.77
C ASP F 840 100.44 86.58 -49.83
N ILE F 841 100.09 86.35 -48.56
CA ILE F 841 100.06 87.43 -47.58
C ILE F 841 101.44 88.01 -47.36
N ASP F 842 102.49 87.17 -47.41
CA ASP F 842 103.85 87.66 -47.26
C ASP F 842 104.17 88.70 -48.32
N ASP F 843 103.74 88.46 -49.56
CA ASP F 843 103.93 89.46 -50.61
C ASP F 843 103.13 90.71 -50.30
N VAL F 844 101.86 90.56 -49.90
CA VAL F 844 101.00 91.70 -49.65
C VAL F 844 101.47 92.46 -48.42
N ILE F 845 101.91 91.73 -47.38
CA ILE F 845 102.38 92.38 -46.15
C ILE F 845 103.68 93.14 -46.35
N SER F 846 104.39 92.91 -47.46
CA SER F 846 105.60 93.68 -47.73
C SER F 846 105.28 95.15 -47.90
N GLU F 847 104.16 95.46 -48.54
CA GLU F 847 103.60 96.80 -48.53
C GLU F 847 102.49 96.87 -47.50
N GLY F 848 101.97 98.07 -47.29
CA GLY F 848 100.85 98.22 -46.38
C GLY F 848 99.54 97.78 -47.00
N PHE F 849 98.58 97.49 -46.13
CA PHE F 849 97.24 97.16 -46.58
C PHE F 849 96.27 97.37 -45.43
N ILE F 850 95.00 97.57 -45.78
CA ILE F 850 93.95 97.93 -44.83
C ILE F 850 92.92 96.81 -44.82
N LEU F 851 92.55 96.37 -43.62
CA LEU F 851 91.57 95.33 -43.41
C LEU F 851 90.28 95.95 -42.89
N TYR F 852 89.15 95.61 -43.51
CA TYR F 852 87.85 96.13 -43.09
C TYR F 852 86.81 95.03 -43.25
N ASP F 853 85.53 95.43 -43.19
CA ASP F 853 84.39 94.52 -43.32
C ASP F 853 84.36 93.50 -42.19
N ALA F 854 84.76 93.91 -40.99
CA ALA F 854 84.69 93.07 -39.81
C ALA F 854 84.87 93.97 -38.59
N TYR F 855 84.55 93.43 -37.42
CA TYR F 855 84.72 94.14 -36.16
C TYR F 855 85.99 93.64 -35.49
N PHE F 856 86.93 94.54 -35.26
CA PHE F 856 88.23 94.19 -34.68
C PHE F 856 88.25 94.67 -33.23
N ASN F 857 88.49 93.75 -32.31
CA ASN F 857 88.54 94.06 -30.89
C ASN F 857 89.99 94.26 -30.47
N PHE F 858 90.25 95.38 -29.80
CA PHE F 858 91.60 95.73 -29.38
C PHE F 858 91.60 96.19 -27.93
N SER F 859 92.75 96.01 -27.28
CA SER F 859 92.97 96.47 -25.92
C SER F 859 94.33 97.13 -25.85
N TYR F 860 94.49 98.02 -24.87
CA TYR F 860 95.75 98.72 -24.73
C TYR F 860 96.01 99.04 -23.26
N ASP F 861 97.28 99.03 -22.89
CA ASP F 861 97.74 99.44 -21.57
C ASP F 861 98.61 100.68 -21.73
N ILE F 862 98.25 101.76 -21.05
CA ILE F 862 99.06 102.97 -21.02
C ILE F 862 99.90 102.95 -19.76
N MET F 863 101.21 103.06 -19.92
CA MET F 863 102.13 103.04 -18.79
C MET F 863 102.93 104.33 -18.75
N THR F 864 103.30 104.74 -17.53
CA THR F 864 103.91 106.05 -17.35
C THR F 864 105.34 106.09 -17.85
N THR F 865 106.10 105.02 -17.61
CA THR F 865 107.51 105.02 -17.96
C THR F 865 107.70 104.97 -19.48
N ASP F 866 108.93 105.25 -19.91
CA ASP F 866 109.28 105.25 -21.32
C ASP F 866 109.70 103.85 -21.75
N GLY F 867 109.17 103.41 -22.89
CA GLY F 867 109.47 102.08 -23.41
C GLY F 867 109.03 102.00 -24.85
N VAL F 868 109.42 100.91 -25.50
CA VAL F 868 109.06 100.70 -26.90
C VAL F 868 107.62 100.21 -26.97
N THR F 869 106.84 100.83 -27.86
CA THR F 869 105.46 100.42 -28.06
C THR F 869 105.41 99.24 -29.00
N ARG F 870 104.70 98.19 -28.60
CA ARG F 870 104.77 96.93 -29.32
C ARG F 870 103.48 96.14 -29.09
N LEU F 871 103.19 95.26 -30.04
CA LEU F 871 102.11 94.29 -29.86
C LEU F 871 102.53 93.21 -28.87
N LYS F 872 101.56 92.71 -28.11
CA LYS F 872 101.85 91.61 -27.20
C LYS F 872 102.19 90.33 -27.96
N GLU F 873 101.54 90.10 -29.09
CA GLU F 873 101.74 88.89 -29.86
C GLU F 873 101.87 89.25 -31.35
N ASP F 874 102.32 88.27 -32.13
CA ASP F 874 102.47 88.47 -33.56
C ASP F 874 101.12 88.70 -34.23
N ILE F 875 101.12 89.53 -35.27
CA ILE F 875 99.86 89.93 -35.90
C ILE F 875 99.23 88.78 -36.67
N LEU F 876 100.03 88.02 -37.40
CA LEU F 876 99.51 87.08 -38.39
C LEU F 876 99.52 85.65 -37.87
N ILE F 877 98.46 84.92 -38.20
CA ILE F 877 98.38 83.49 -37.99
C ILE F 877 97.74 82.87 -39.22
N VAL F 878 98.35 81.80 -39.73
CA VAL F 878 97.94 81.20 -40.99
C VAL F 878 97.67 79.72 -40.77
N THR F 879 96.48 79.28 -41.14
CA THR F 879 96.12 77.87 -41.15
C THR F 879 95.85 77.42 -42.58
N ASP F 880 95.44 76.17 -42.74
CA ASP F 880 95.12 75.67 -44.07
C ASP F 880 93.79 76.20 -44.58
N THR F 881 92.83 76.40 -43.69
CA THR F 881 91.50 76.88 -44.10
C THR F 881 91.50 78.38 -44.40
N GLY F 882 92.37 79.15 -43.76
CA GLY F 882 92.38 80.58 -44.00
C GLY F 882 93.42 81.27 -43.14
N ASN F 883 93.43 82.60 -43.26
CA ASN F 883 94.30 83.46 -42.47
C ASN F 883 93.47 84.29 -41.49
N ASP F 884 94.04 84.51 -40.31
CA ASP F 884 93.38 85.30 -39.28
C ASP F 884 94.35 86.31 -38.70
N ILE F 885 93.80 87.28 -37.99
CA ILE F 885 94.58 88.29 -37.28
C ILE F 885 94.50 88.00 -35.79
N LYS F 886 95.65 87.91 -35.14
CA LYS F 886 95.71 87.56 -33.73
C LYS F 886 95.22 88.73 -32.87
N PRO F 887 94.86 88.47 -31.62
CA PRO F 887 94.34 89.54 -30.76
C PRO F 887 95.31 90.69 -30.62
N ILE F 888 94.77 91.90 -30.55
CA ILE F 888 95.55 93.12 -30.59
C ILE F 888 95.64 93.68 -29.18
N HIS F 889 96.84 93.69 -28.61
CA HIS F 889 97.09 94.32 -27.33
C HIS F 889 98.30 95.24 -27.47
N PHE F 890 98.14 96.49 -27.04
CA PHE F 890 99.17 97.49 -27.19
C PHE F 890 99.77 97.83 -25.83
N TYR F 891 101.10 97.91 -25.79
CA TYR F 891 101.83 98.41 -24.63
C TYR F 891 102.31 99.81 -24.98
N ILE F 892 101.58 100.82 -24.52
CA ILE F 892 101.81 102.20 -24.93
C ILE F 892 102.64 102.91 -23.85
N TYR F 893 103.72 103.56 -24.27
CA TYR F 893 104.60 104.27 -23.37
C TYR F 893 104.75 105.71 -23.83
N PHE F 894 104.85 106.63 -22.87
CA PHE F 894 105.15 108.01 -23.20
C PHE F 894 106.61 108.14 -23.65
N GLU F 895 106.89 109.20 -24.40
CA GLU F 895 108.11 109.28 -25.19
C GLU F 895 108.99 110.44 -24.77
N ASN F 896 110.31 110.20 -24.73
CA ASN F 896 111.32 111.23 -24.65
C ASN F 896 112.13 111.19 -25.94
N ARG F 897 112.23 112.35 -26.61
CA ARG F 897 112.87 112.38 -27.93
C ARG F 897 114.36 112.09 -27.85
N ASN F 898 115.02 112.49 -26.77
CA ASN F 898 116.48 112.43 -26.71
C ASN F 898 117.02 111.07 -26.27
N ASP F 899 116.17 110.10 -25.99
CA ASP F 899 116.62 108.79 -25.53
C ASP F 899 117.08 107.99 -26.75
N LYS F 900 118.39 107.95 -26.97
CA LYS F 900 118.93 107.29 -28.16
C LYS F 900 118.68 105.79 -28.12
N LYS F 901 118.81 105.17 -26.95
CA LYS F 901 118.69 103.71 -26.87
C LYS F 901 117.31 103.24 -27.30
N LEU F 902 116.27 103.96 -26.89
CA LEU F 902 114.91 103.58 -27.27
C LEU F 902 114.63 103.86 -28.73
N ARG F 903 115.24 104.91 -29.29
CA ARG F 903 115.07 105.18 -30.71
C ARG F 903 115.64 104.04 -31.55
N TYR F 904 116.79 103.52 -31.14
CA TYR F 904 117.36 102.37 -31.83
C TYR F 904 116.45 101.15 -31.71
N GLU F 905 115.94 100.89 -30.51
CA GLU F 905 115.10 99.72 -30.30
C GLU F 905 113.80 99.84 -31.08
N SER F 906 113.29 101.06 -31.25
CA SER F 906 112.04 101.25 -31.98
C SER F 906 112.25 101.23 -33.49
N LYS F 907 113.49 101.26 -33.96
CA LYS F 907 113.77 101.34 -35.38
C LYS F 907 114.20 99.99 -35.96
N MET F 908 115.25 99.40 -35.41
CA MET F 908 115.85 98.19 -35.98
C MET F 908 115.41 96.92 -35.27
N ASN F 909 114.40 96.97 -34.41
CA ASN F 909 113.96 95.78 -33.68
C ASN F 909 112.46 95.55 -33.74
N VAL F 910 111.73 96.28 -34.59
CA VAL F 910 110.30 96.08 -34.77
C VAL F 910 110.04 95.80 -36.24
N SER F 911 109.28 94.74 -36.53
CA SER F 911 109.06 94.31 -37.89
C SER F 911 107.83 94.97 -38.52
N TYR F 912 106.68 94.83 -37.89
CA TYR F 912 105.42 95.33 -38.43
C TYR F 912 104.67 96.10 -37.36
N ARG F 913 103.76 96.98 -37.80
CA ARG F 913 103.03 97.85 -36.91
C ARG F 913 101.55 97.85 -37.27
N LEU F 914 100.73 98.24 -36.30
CA LEU F 914 99.28 98.28 -36.46
C LEU F 914 98.78 99.68 -36.11
N TYR F 915 97.83 100.18 -36.90
CA TYR F 915 97.25 101.50 -36.69
C TYR F 915 95.73 101.38 -36.63
N ILE F 916 95.12 102.10 -35.69
CA ILE F 916 93.67 102.18 -35.58
C ILE F 916 93.30 103.64 -35.35
N LYS F 917 92.03 103.94 -35.61
CA LYS F 917 91.54 105.29 -35.37
C LYS F 917 91.63 105.64 -33.89
N THR F 918 92.01 106.88 -33.60
CA THR F 918 92.16 107.31 -32.22
C THR F 918 90.82 107.22 -31.50
N PRO F 919 90.74 106.50 -30.38
CA PRO F 919 89.45 106.37 -29.69
C PRO F 919 88.95 107.70 -29.16
N ALA F 920 87.62 107.82 -29.12
CA ALA F 920 87.00 109.05 -28.63
C ALA F 920 87.17 109.22 -27.13
N CYS F 921 87.48 108.16 -26.40
CA CYS F 921 87.60 108.28 -24.95
C CYS F 921 88.84 109.05 -24.55
N LEU F 922 89.94 108.88 -25.28
CA LEU F 922 91.17 109.58 -24.95
C LEU F 922 91.01 111.08 -25.17
N LEU F 923 91.49 111.86 -24.21
CA LEU F 923 91.38 113.31 -24.26
C LEU F 923 92.72 113.92 -23.86
N PRO F 924 93.28 114.81 -24.68
CA PRO F 924 94.46 115.56 -24.24
C PRO F 924 94.14 116.42 -23.02
N LEU F 925 95.17 116.64 -22.20
CA LEU F 925 94.95 117.36 -20.95
C LEU F 925 94.50 118.79 -21.20
N SER F 926 95.01 119.43 -22.24
CA SER F 926 94.66 120.82 -22.51
C SER F 926 93.16 121.00 -22.73
N ASP F 927 92.50 120.03 -23.34
CA ASP F 927 91.07 120.11 -23.59
C ASP F 927 90.26 119.48 -22.45
N TYR F 928 90.54 119.92 -21.22
CA TYR F 928 89.82 119.37 -20.07
C TYR F 928 88.44 119.96 -19.89
N MET F 929 88.17 121.12 -20.49
CA MET F 929 86.86 121.74 -20.34
C MET F 929 85.79 121.03 -21.15
N ARG F 930 86.18 120.24 -22.15
CA ARG F 930 85.21 119.45 -22.89
C ARG F 930 84.56 118.41 -21.99
N ALA F 931 85.27 117.93 -20.97
CA ALA F 931 84.73 116.94 -20.06
C ALA F 931 83.72 117.52 -19.07
N GLN F 932 83.69 118.84 -18.90
CA GLN F 932 82.76 119.44 -17.96
C GLN F 932 81.32 119.18 -18.39
N HIS F 933 80.50 118.76 -17.42
CA HIS F 933 79.11 118.39 -17.70
C HIS F 933 78.26 118.73 -16.50
N ASP F 934 76.95 118.77 -16.70
CA ASP F 934 76.00 119.16 -15.68
C ASP F 934 75.04 118.00 -15.38
N TYR F 935 74.86 117.72 -14.10
CA TYR F 935 73.94 116.69 -13.63
C TYR F 935 72.92 117.34 -12.72
N VAL F 936 71.64 117.06 -12.97
CA VAL F 936 70.54 117.69 -12.25
C VAL F 936 70.01 116.72 -11.20
N SER F 937 69.51 117.27 -10.09
CA SER F 937 69.01 116.48 -8.99
C SER F 937 67.73 117.14 -8.46
N PRO F 938 66.67 116.38 -8.22
CA PRO F 938 65.43 116.99 -7.73
C PRO F 938 65.58 117.54 -6.34
N SER F 939 64.72 118.51 -6.02
CA SER F 939 64.80 119.20 -4.73
C SER F 939 64.56 118.24 -3.59
N SER F 940 65.31 118.43 -2.51
CA SER F 940 65.22 117.56 -1.34
C SER F 940 63.90 117.70 -0.59
N SER F 941 63.11 118.74 -0.89
CA SER F 941 61.83 118.93 -0.21
C SER F 941 60.74 118.01 -0.73
N ARG F 942 60.96 117.39 -1.89
CA ARG F 942 59.95 116.49 -2.44
C ARG F 942 59.80 115.25 -1.56
N VAL F 943 58.56 114.84 -1.33
CA VAL F 943 58.23 113.66 -0.56
C VAL F 943 57.57 112.66 -1.48
N TYR F 944 58.07 111.42 -1.48
CA TYR F 944 57.62 110.39 -2.39
C TYR F 944 56.63 109.48 -1.66
N ILE F 945 55.46 109.31 -2.25
CA ILE F 945 54.32 108.70 -1.58
C ILE F 945 54.42 107.19 -1.65
N LYS F 946 54.29 106.52 -0.51
CA LYS F 946 54.21 105.07 -0.46
C LYS F 946 52.84 104.55 -0.10
N ASP F 947 52.00 105.34 0.56
CA ASP F 947 50.67 104.89 0.93
C ASP F 947 49.76 104.87 -0.29
N PRO F 948 49.09 103.76 -0.56
CA PRO F 948 48.17 103.72 -1.71
C PRO F 948 46.91 104.52 -1.47
N ALA F 949 46.23 104.85 -2.56
CA ALA F 949 44.98 105.59 -2.51
C ALA F 949 43.81 104.64 -2.40
N VAL F 950 42.84 104.99 -1.55
CA VAL F 950 41.68 104.15 -1.27
C VAL F 950 40.43 104.89 -1.72
N VAL F 951 39.58 104.21 -2.47
CA VAL F 951 38.35 104.78 -2.98
C VAL F 951 37.18 104.33 -2.11
N TYR F 952 36.09 105.09 -2.16
CA TYR F 952 34.93 104.84 -1.34
C TYR F 952 33.81 105.77 -1.79
N THR F 953 32.58 105.39 -1.45
CA THR F 953 31.43 106.27 -1.60
C THR F 953 30.57 106.14 -0.36
N ARG F 954 30.12 107.26 0.18
CA ARG F 954 29.34 107.21 1.41
C ARG F 954 27.90 106.78 1.15
N SER F 955 27.32 107.21 0.04
CA SER F 955 25.95 106.83 -0.29
C SER F 955 25.89 105.36 -0.72
N GLU G 182 57.91 46.87 -35.29
CA GLU G 182 58.26 48.26 -35.02
C GLU G 182 59.20 48.80 -36.10
N LEU G 183 59.40 50.11 -36.10
CA LEU G 183 60.24 50.79 -37.08
C LEU G 183 61.54 51.19 -36.42
N ILE G 184 62.66 50.85 -37.07
CA ILE G 184 63.99 51.15 -36.55
C ILE G 184 64.58 52.30 -37.35
N LYS G 185 65.06 53.32 -36.65
CA LYS G 185 65.66 54.49 -37.29
C LYS G 185 67.16 54.27 -37.43
N VAL G 186 67.66 54.37 -38.64
CA VAL G 186 69.08 54.19 -38.93
C VAL G 186 69.77 55.54 -38.72
N PRO G 187 70.70 55.65 -37.79
CA PRO G 187 71.34 56.95 -37.53
C PRO G 187 72.41 57.32 -38.54
N THR G 188 73.15 56.33 -39.05
CA THR G 188 74.30 56.59 -39.90
C THR G 188 74.17 55.86 -41.23
N ILE G 189 74.48 56.57 -42.31
CA ILE G 189 74.47 55.97 -43.64
C ILE G 189 75.64 55.00 -43.77
N PRO G 190 75.43 53.77 -44.22
CA PRO G 190 76.50 52.77 -44.26
C PRO G 190 77.40 52.84 -45.50
N HIS G 191 78.31 53.80 -45.49
CA HIS G 191 79.32 53.87 -46.54
C HIS G 191 80.31 52.72 -46.39
N ASN G 192 80.77 52.21 -47.52
CA ASN G 192 81.65 51.04 -47.52
C ASN G 192 82.94 51.32 -48.28
N LEU G 193 83.45 52.54 -48.17
CA LEU G 193 84.64 52.93 -48.90
C LEU G 193 85.88 52.82 -48.03
N VAL G 194 86.98 52.35 -48.63
CA VAL G 194 88.28 52.28 -48.00
C VAL G 194 89.29 52.93 -48.92
N LEU G 195 90.16 53.77 -48.35
CA LEU G 195 91.20 54.45 -49.11
C LEU G 195 92.52 53.69 -48.95
N ILE G 196 93.13 53.33 -50.07
CA ILE G 196 94.42 52.63 -50.09
C ILE G 196 95.41 53.49 -50.87
N GLN G 197 96.56 53.75 -50.25
CA GLN G 197 97.57 54.61 -50.82
C GLN G 197 98.95 54.01 -50.58
N SER G 198 99.84 54.18 -51.55
CA SER G 198 101.19 53.65 -51.44
C SER G 198 102.02 54.44 -50.44
N ASP G 199 103.14 53.85 -50.04
CA ASP G 199 104.02 54.53 -49.09
C ASP G 199 104.60 55.80 -49.68
N ASN G 200 105.02 55.76 -50.95
CA ASN G 200 105.52 56.95 -51.61
C ASN G 200 104.45 58.03 -51.72
N GLY G 201 103.22 57.63 -52.04
CA GLY G 201 102.15 58.57 -52.29
C GLY G 201 101.88 58.83 -53.75
N LYS G 202 102.59 58.15 -54.66
CA LYS G 202 102.38 58.38 -56.09
C LYS G 202 100.99 57.96 -56.52
N HIS G 203 100.50 56.83 -56.01
CA HIS G 203 99.21 56.28 -56.41
C HIS G 203 98.30 56.13 -55.20
N ALA G 204 97.01 56.36 -55.41
CA ALA G 204 96.00 56.16 -54.38
C ALA G 204 94.71 55.70 -55.05
N LEU G 205 93.94 54.91 -54.32
CA LEU G 205 92.70 54.38 -54.87
C LEU G 205 91.68 54.18 -53.77
N ILE G 206 90.41 54.14 -54.17
CA ILE G 206 89.29 53.92 -53.26
C ILE G 206 88.61 52.62 -53.65
N LYS G 207 88.37 51.77 -52.65
CA LYS G 207 87.83 50.44 -52.89
C LYS G 207 86.60 50.20 -52.02
N GLU G 208 85.58 49.58 -52.60
CA GLU G 208 84.41 49.11 -51.86
C GLU G 208 84.67 47.66 -51.44
N ASP G 209 84.56 47.40 -50.14
CA ASP G 209 84.97 46.08 -49.64
C ASP G 209 83.90 45.02 -49.93
N LEU G 210 82.73 45.16 -49.31
CA LEU G 210 81.57 44.30 -49.51
C LEU G 210 81.86 42.83 -49.25
N GLY G 211 83.03 42.50 -48.71
CA GLY G 211 83.36 41.12 -48.39
C GLY G 211 83.53 40.25 -49.63
N GLN G 212 83.69 38.96 -49.37
CA GLN G 212 83.80 37.94 -50.40
C GLN G 212 82.82 36.83 -50.11
N TRP G 213 82.18 36.31 -51.15
CA TRP G 213 81.17 35.26 -51.00
C TRP G 213 81.50 34.13 -51.96
N PRO G 214 81.72 32.91 -51.47
CA PRO G 214 82.00 31.79 -52.38
C PRO G 214 80.84 31.52 -53.32
N VAL G 215 81.17 31.16 -54.56
CA VAL G 215 80.17 30.86 -55.58
C VAL G 215 80.53 29.52 -56.20
N GLU G 216 79.53 28.65 -56.35
CA GLU G 216 79.74 27.31 -56.86
C GLU G 216 79.31 27.22 -58.33
N THR G 217 79.90 26.26 -59.04
CA THR G 217 79.57 25.98 -60.43
C THR G 217 78.83 24.65 -60.52
N GLY G 218 78.00 24.53 -61.55
CA GLY G 218 77.17 23.37 -61.73
C GLY G 218 75.79 23.49 -61.11
N ILE G 219 75.61 24.41 -60.17
CA ILE G 219 74.32 24.66 -59.52
C ILE G 219 73.83 26.02 -60.00
N SER G 220 72.51 26.17 -60.05
CA SER G 220 71.91 27.41 -60.53
C SER G 220 72.40 28.60 -59.71
N LEU G 221 72.81 29.67 -60.40
CA LEU G 221 73.35 30.84 -59.74
C LEU G 221 72.28 31.65 -59.02
N VAL G 222 71.05 31.68 -59.56
CA VAL G 222 69.99 32.46 -58.95
C VAL G 222 69.69 31.96 -57.53
N ASN G 223 69.64 30.64 -57.37
CA ASN G 223 69.40 30.08 -56.04
C ASN G 223 70.52 30.43 -55.07
N GLN G 224 71.77 30.38 -55.53
CA GLN G 224 72.88 30.76 -54.66
C GLN G 224 72.86 32.25 -54.36
N ALA G 225 72.33 33.07 -55.27
CA ALA G 225 72.27 34.50 -55.02
C ALA G 225 71.27 34.83 -53.92
N GLY G 226 70.25 33.99 -53.73
CA GLY G 226 69.26 34.27 -52.71
C GLY G 226 69.83 34.23 -51.30
N VAL G 227 70.61 33.20 -50.99
CA VAL G 227 71.13 33.06 -49.64
C VAL G 227 72.13 34.16 -49.33
N PHE G 228 72.94 34.55 -50.32
CA PHE G 228 73.88 35.65 -50.11
C PHE G 228 73.18 37.00 -50.08
N ALA G 229 72.02 37.10 -50.73
CA ALA G 229 71.28 38.35 -50.71
C ALA G 229 70.82 38.71 -49.30
N VAL G 230 70.31 37.73 -48.56
CA VAL G 230 69.83 37.99 -47.20
C VAL G 230 70.98 38.43 -46.30
N GLN G 231 72.13 37.78 -46.43
CA GLN G 231 73.27 38.13 -45.60
C GLN G 231 73.77 39.53 -45.92
N LEU G 232 73.73 39.93 -47.19
CA LEU G 232 74.09 41.29 -47.56
C LEU G 232 73.14 42.31 -46.95
N ALA G 233 71.85 41.99 -46.93
CA ALA G 233 70.87 42.90 -46.34
C ALA G 233 71.15 43.10 -44.85
N ASN G 234 71.50 42.03 -44.14
CA ASN G 234 71.84 42.16 -42.73
C ASN G 234 73.12 42.96 -42.53
N LYS G 235 74.01 42.96 -43.52
CA LYS G 235 75.24 43.72 -43.40
C LYS G 235 74.98 45.22 -43.40
N LEU G 236 74.02 45.68 -44.21
CA LEU G 236 73.73 47.09 -44.35
C LEU G 236 72.59 47.56 -43.46
N GLY G 237 72.02 46.69 -42.63
CA GLY G 237 70.88 47.08 -41.83
C GLY G 237 69.67 47.42 -42.68
N ILE G 238 69.39 46.56 -43.65
CA ILE G 238 68.36 46.82 -44.65
C ILE G 238 67.10 45.99 -44.40
N ASP G 239 67.28 44.75 -43.94
CA ASP G 239 66.20 43.76 -44.00
C ASP G 239 64.99 44.20 -43.19
N LYS G 240 65.19 44.64 -41.97
CA LYS G 240 64.04 45.04 -41.16
C LYS G 240 63.53 46.41 -41.60
N PRO G 241 62.23 46.66 -41.48
CA PRO G 241 61.67 47.94 -41.91
C PRO G 241 62.31 49.11 -41.18
N PHE G 242 62.83 50.05 -41.95
CA PHE G 242 63.64 51.13 -41.38
C PHE G 242 63.34 52.44 -42.08
N VAL G 243 63.70 53.52 -41.40
CA VAL G 243 63.69 54.86 -41.98
C VAL G 243 65.02 55.52 -41.65
N LEU G 244 65.57 56.23 -42.64
CA LEU G 244 66.83 56.92 -42.42
C LEU G 244 66.62 58.09 -41.46
N ASP G 245 67.51 58.21 -40.48
CA ASP G 245 67.49 59.31 -39.51
C ASP G 245 68.91 59.88 -39.50
N ALA G 246 69.18 60.80 -40.43
CA ALA G 246 70.53 61.33 -40.57
C ALA G 246 70.55 62.83 -40.82
N GLY G 247 69.50 63.54 -40.41
CA GLY G 247 69.48 64.98 -40.60
C GLY G 247 70.20 65.77 -39.54
N SER G 248 70.62 65.11 -38.45
CA SER G 248 71.28 65.78 -37.34
C SER G 248 72.76 65.46 -37.25
N ASN G 249 73.32 64.81 -38.26
CA ASN G 249 74.74 64.48 -38.29
C ASN G 249 75.45 65.52 -39.16
N TYR G 250 75.66 66.70 -38.59
CA TYR G 250 76.31 67.77 -39.33
C TYR G 250 76.91 68.78 -38.35
N PHE G 251 77.85 69.56 -38.86
CA PHE G 251 78.51 70.62 -38.11
C PHE G 251 78.64 71.84 -39.02
N THR G 252 78.98 72.98 -38.41
CA THR G 252 79.02 74.25 -39.12
C THR G 252 80.45 74.80 -39.10
N ASP G 253 80.83 75.42 -40.21
CA ASP G 253 82.16 75.97 -40.38
C ASP G 253 82.34 77.17 -39.44
N THR G 254 83.59 77.41 -39.05
CA THR G 254 83.89 78.51 -38.14
C THR G 254 83.80 79.87 -38.82
N SER G 255 83.86 79.93 -40.14
CA SER G 255 83.78 81.20 -40.84
C SER G 255 82.37 81.76 -40.76
N PHE G 256 82.28 83.09 -40.74
CA PHE G 256 80.99 83.75 -40.57
C PHE G 256 80.15 83.74 -41.84
N ILE G 257 80.79 83.65 -43.00
CA ILE G 257 80.03 83.67 -44.25
C ILE G 257 79.44 82.31 -44.60
N ASP G 258 80.01 81.22 -44.09
CA ASP G 258 79.52 79.88 -44.40
C ASP G 258 78.35 79.55 -43.49
N THR G 259 77.17 79.39 -44.10
CA THR G 259 75.97 78.97 -43.39
C THR G 259 75.52 77.57 -43.78
N ARG G 260 76.41 76.78 -44.38
CA ARG G 260 76.07 75.44 -44.82
C ARG G 260 76.13 74.46 -43.66
N LYS G 261 75.69 73.23 -43.93
CA LYS G 261 75.65 72.16 -42.93
C LYS G 261 76.52 71.03 -43.42
N TYR G 262 77.76 70.98 -42.94
CA TYR G 262 78.72 69.98 -43.38
C TYR G 262 78.37 68.62 -42.79
N CYS G 263 78.02 67.66 -43.65
CA CYS G 263 77.70 66.32 -43.18
C CYS G 263 78.95 65.63 -42.64
N THR G 264 78.76 64.85 -41.57
CA THR G 264 79.84 64.09 -40.96
C THR G 264 79.75 62.60 -41.28
N ASP G 265 78.87 62.21 -42.18
CA ASP G 265 78.71 60.81 -42.57
C ASP G 265 79.52 60.52 -43.82
N GLY G 266 79.54 59.24 -44.21
CA GLY G 266 80.24 58.83 -45.40
C GLY G 266 81.75 58.90 -45.23
N LEU G 267 82.45 58.74 -46.34
CA LEU G 267 83.90 58.85 -46.35
C LEU G 267 84.29 60.30 -46.11
N SER G 268 85.15 60.52 -45.14
CA SER G 268 85.47 61.88 -44.70
C SER G 268 86.29 62.60 -45.76
N PRO G 269 85.92 63.83 -46.14
CA PRO G 269 86.76 64.59 -47.08
C PRO G 269 88.14 64.90 -46.52
N ARG G 270 88.32 64.86 -45.21
CA ARG G 270 89.64 65.09 -44.63
C ARG G 270 90.61 63.99 -45.06
N GLU G 271 90.15 62.75 -45.13
CA GLU G 271 91.00 61.66 -45.60
C GLU G 271 91.41 61.88 -47.06
N ILE G 272 90.48 62.35 -47.89
CA ILE G 272 90.81 62.61 -49.29
C ILE G 272 91.78 63.78 -49.39
N GLN G 273 91.66 64.78 -48.52
CA GLN G 273 92.60 65.88 -48.52
C GLN G 273 94.02 65.41 -48.20
N LYS G 274 94.16 64.56 -47.19
CA LYS G 274 95.47 64.03 -46.85
C LYS G 274 96.02 63.16 -47.97
N ALA G 275 95.15 62.33 -48.58
CA ALA G 275 95.59 61.50 -49.69
C ALA G 275 96.01 62.35 -50.89
N LEU G 276 95.25 63.40 -51.19
CA LEU G 276 95.60 64.28 -52.29
C LEU G 276 96.87 65.07 -51.98
N ASN G 277 97.03 65.49 -50.73
CA ASN G 277 98.21 66.27 -50.36
C ASN G 277 99.48 65.44 -50.45
N ARG G 278 99.42 64.17 -50.05
CA ARG G 278 100.57 63.30 -50.19
C ARG G 278 100.93 63.08 -51.65
N GLN G 279 99.93 62.93 -52.51
CA GLN G 279 100.18 62.75 -53.93
C GLN G 279 100.86 63.98 -54.52
N ARG G 280 100.44 65.16 -54.11
CA ARG G 280 101.06 66.39 -54.61
C ARG G 280 102.43 66.60 -54.02
N ALA G 281 102.71 66.04 -52.84
CA ALA G 281 104.04 66.16 -52.26
C ALA G 281 105.05 65.28 -52.98
N TYR G 282 104.60 64.18 -53.58
CA TYR G 282 105.52 63.31 -54.31
C TYR G 282 105.98 63.95 -55.62
N TYR G 283 105.05 64.53 -56.37
CA TYR G 283 105.35 65.15 -57.65
C TYR G 283 106.01 66.51 -57.51
N ASP G 284 106.35 66.91 -56.28
CA ASP G 284 106.96 68.20 -55.97
C ASP G 284 106.05 69.38 -56.33
N ARG G 285 104.76 69.11 -56.51
CA ARG G 285 103.80 70.18 -56.73
C ARG G 285 103.54 70.92 -55.41
N PRO G 286 103.08 72.16 -55.49
CA PRO G 286 102.68 72.86 -54.26
C PRO G 286 101.48 72.18 -53.62
N GLU G 287 101.39 72.33 -52.30
CA GLU G 287 100.29 71.75 -51.54
C GLU G 287 98.97 72.38 -51.95
N LEU G 288 97.88 71.71 -51.61
CA LEU G 288 96.55 72.24 -51.89
C LEU G 288 96.38 73.60 -51.24
N THR G 289 95.92 74.58 -52.02
CA THR G 289 95.80 75.93 -51.51
C THR G 289 94.51 76.09 -50.71
N ILE G 290 94.28 77.30 -50.22
CA ILE G 290 93.12 77.57 -49.37
C ILE G 290 91.83 77.39 -50.16
N SER G 291 91.80 77.92 -51.39
CA SER G 291 90.57 77.89 -52.18
C SER G 291 90.14 76.47 -52.49
N GLU G 292 91.08 75.61 -52.88
CA GLU G 292 90.72 74.23 -53.18
C GLU G 292 90.44 73.43 -51.92
N ASN G 293 91.05 73.82 -50.80
CA ASN G 293 90.78 73.13 -49.53
C ASN G 293 89.33 73.34 -49.10
N LYS G 294 88.84 74.57 -49.17
CA LYS G 294 87.46 74.83 -48.80
C LYS G 294 86.47 74.36 -49.86
N THR G 295 86.92 74.16 -51.10
CA THR G 295 86.06 73.55 -52.10
C THR G 295 85.93 72.05 -51.86
N LEU G 296 87.02 71.40 -51.47
CA LEU G 296 86.98 69.95 -51.25
C LEU G 296 86.27 69.61 -49.94
N LEU G 297 86.56 70.36 -48.87
CA LEU G 297 85.98 70.04 -47.57
C LEU G 297 84.49 70.33 -47.49
N SER G 298 83.94 71.09 -48.43
CA SER G 298 82.52 71.41 -48.45
C SER G 298 81.73 70.53 -49.40
N GLN G 299 82.34 69.46 -49.92
CA GLN G 299 81.64 68.59 -50.86
C GLN G 299 80.47 67.87 -50.21
N SER G 300 80.66 67.39 -48.98
CA SER G 300 79.60 66.69 -48.26
C SER G 300 78.77 67.70 -47.49
N ILE G 301 77.47 67.77 -47.77
CA ILE G 301 76.59 68.77 -47.19
C ILE G 301 75.22 68.15 -46.94
N ILE G 302 74.45 68.80 -46.08
CA ILE G 302 73.06 68.45 -45.82
C ILE G 302 72.21 69.70 -46.02
N TYR G 303 71.19 69.60 -46.86
CA TYR G 303 70.33 70.74 -47.11
C TYR G 303 68.87 70.32 -47.01
N PRO G 304 68.00 71.23 -46.59
CA PRO G 304 66.56 70.91 -46.56
C PRO G 304 65.98 70.82 -47.97
N ASP G 305 64.91 70.06 -48.08
CA ASP G 305 64.18 69.89 -49.33
C ASP G 305 62.83 70.62 -49.24
N ALA G 306 62.11 70.62 -50.36
CA ALA G 306 60.84 71.35 -50.41
C ALA G 306 59.82 70.73 -49.47
N ASP G 307 59.75 69.41 -49.42
CA ASP G 307 58.77 68.70 -48.60
C ASP G 307 59.19 68.60 -47.14
N GLY G 308 60.24 69.29 -46.73
CA GLY G 308 60.75 69.21 -45.38
C GLY G 308 61.75 68.09 -45.15
N ASN G 309 61.94 67.22 -46.12
CA ASN G 309 62.92 66.15 -46.00
C ASN G 309 64.34 66.73 -46.04
N ASP G 310 65.29 65.94 -45.55
CA ASP G 310 66.69 66.31 -45.54
C ASP G 310 67.45 65.45 -46.52
N VAL G 311 68.22 66.09 -47.41
CA VAL G 311 69.04 65.41 -48.40
C VAL G 311 70.49 65.50 -47.96
N SER G 312 71.14 64.35 -47.85
CA SER G 312 72.53 64.26 -47.42
C SER G 312 73.38 63.77 -48.57
N ILE G 313 74.45 64.51 -48.89
CA ILE G 313 75.38 64.15 -49.95
C ILE G 313 76.70 63.77 -49.29
N ILE G 314 77.18 62.57 -49.59
CA ILE G 314 78.40 62.04 -48.98
C ILE G 314 79.15 61.21 -50.01
N PHE G 315 80.39 60.85 -49.68
CA PHE G 315 81.18 59.96 -50.51
C PHE G 315 80.88 58.53 -50.09
N SER G 316 80.08 57.83 -50.90
CA SER G 316 79.66 56.48 -50.58
C SER G 316 79.95 55.57 -51.77
N GLY G 317 79.78 54.28 -51.56
CA GLY G 317 80.00 53.33 -52.63
C GLY G 317 78.85 53.28 -53.60
N ALA G 318 79.16 52.87 -54.83
CA ALA G 318 78.13 52.78 -55.86
C ALA G 318 77.14 51.67 -55.55
N MET G 319 77.65 50.50 -55.16
CA MET G 319 76.77 49.37 -54.86
C MET G 319 75.96 49.62 -53.60
N SER G 320 76.58 50.20 -52.58
CA SER G 320 75.87 50.48 -51.34
C SER G 320 74.75 51.49 -51.56
N HIS G 321 74.99 52.49 -52.39
CA HIS G 321 73.99 53.52 -52.65
C HIS G 321 72.74 52.93 -53.30
N ALA G 322 72.93 52.06 -54.29
CA ALA G 322 71.79 51.52 -55.03
C ALA G 322 70.93 50.62 -54.15
N ILE G 323 71.56 49.76 -53.35
CA ILE G 323 70.80 48.83 -52.52
C ILE G 323 70.10 49.58 -51.38
N PHE G 324 70.79 50.53 -50.75
CA PHE G 324 70.19 51.28 -49.67
C PHE G 324 69.02 52.12 -50.15
N THR G 325 69.19 52.81 -51.29
CA THR G 325 68.13 53.67 -51.79
C THR G 325 66.91 52.86 -52.24
N TYR G 326 67.14 51.72 -52.88
CA TYR G 326 66.02 50.90 -53.31
C TYR G 326 65.25 50.36 -52.11
N ALA G 327 65.96 49.97 -51.06
CA ALA G 327 65.29 49.49 -49.86
C ALA G 327 64.49 50.59 -49.19
N GLN G 328 64.99 51.83 -49.22
CA GLN G 328 64.27 52.93 -48.63
C GLN G 328 62.93 53.16 -49.33
N SER G 329 62.92 53.08 -50.66
CA SER G 329 61.68 53.29 -51.39
C SER G 329 60.68 52.16 -51.14
N GLN G 330 61.17 50.92 -51.09
CA GLN G 330 60.27 49.78 -50.93
C GLN G 330 59.56 49.80 -49.57
N TRP G 331 60.31 50.06 -48.50
CA TRP G 331 59.69 50.11 -47.18
C TRP G 331 58.81 51.35 -47.03
N ASN G 332 59.17 52.45 -47.69
CA ASN G 332 58.38 53.67 -47.60
C ASN G 332 57.00 53.51 -48.20
N LYS G 333 56.78 52.47 -49.00
CA LYS G 333 55.46 52.25 -49.60
C LYS G 333 54.42 51.97 -48.52
N ASN G 334 54.81 51.21 -47.49
CA ASN G 334 53.86 50.81 -46.46
C ASN G 334 53.65 51.87 -45.39
N ILE G 335 54.52 52.88 -45.33
CA ILE G 335 54.35 53.96 -44.35
C ILE G 335 53.29 54.91 -44.85
N ILE G 336 52.26 55.14 -44.03
CA ILE G 336 51.12 55.97 -44.39
C ILE G 336 50.79 56.88 -43.22
N LYS G 337 50.09 57.96 -43.53
CA LYS G 337 49.62 58.88 -42.51
C LYS G 337 48.50 58.25 -41.69
N LEU G 338 48.31 58.76 -40.47
CA LEU G 338 47.29 58.20 -39.60
C LEU G 338 45.89 58.43 -40.17
N ASP G 339 45.65 59.61 -40.74
CA ASP G 339 44.31 59.93 -41.22
C ASP G 339 43.90 59.00 -42.36
N ASP G 340 44.81 58.70 -43.28
CA ASP G 340 44.50 57.75 -44.34
C ASP G 340 44.29 56.35 -43.78
N TYR G 341 45.04 55.99 -42.74
CA TYR G 341 44.85 54.67 -42.13
C TYR G 341 43.48 54.55 -41.48
N ILE G 342 43.02 55.62 -40.81
CA ILE G 342 41.71 55.58 -40.16
C ILE G 342 40.61 55.37 -41.20
N ARG G 343 40.80 55.92 -42.40
CA ARG G 343 39.81 55.74 -43.46
C ARG G 343 39.73 54.30 -43.93
N GLU G 344 40.82 53.54 -43.77
CA GLU G 344 40.83 52.15 -44.24
C GLU G 344 40.08 51.24 -43.28
N ILE G 345 40.09 51.56 -41.99
CA ILE G 345 39.51 50.67 -40.97
C ILE G 345 38.23 51.23 -40.36
N THR G 346 37.76 52.38 -40.82
CA THR G 346 36.56 52.96 -40.22
C THR G 346 35.32 52.12 -40.51
N LEU G 347 35.35 51.28 -41.53
CA LEU G 347 34.19 50.48 -41.89
C LEU G 347 34.08 49.18 -41.10
N THR G 348 35.03 48.91 -40.21
CA THR G 348 35.03 47.68 -39.43
C THR G 348 34.96 47.94 -37.92
N VAL G 349 34.59 49.14 -37.53
CA VAL G 349 34.61 49.55 -36.12
C VAL G 349 33.21 49.32 -35.54
N PRO G 350 33.05 48.51 -34.50
CA PRO G 350 31.73 48.30 -33.91
C PRO G 350 31.22 49.55 -33.21
N LYS G 351 29.90 49.64 -33.11
CA LYS G 351 29.25 50.80 -32.50
C LYS G 351 29.54 50.89 -31.01
N GLN G 352 29.73 49.76 -30.33
CA GLN G 352 29.79 49.74 -28.88
C GLN G 352 30.99 50.51 -28.34
N TYR G 353 32.15 50.31 -28.94
CA TYR G 353 33.41 50.73 -28.35
C TYR G 353 33.61 52.24 -28.43
N ARG G 354 34.21 52.80 -27.39
CA ARG G 354 34.43 54.23 -27.33
C ARG G 354 35.55 54.64 -28.27
N PRO G 355 35.46 55.81 -28.90
CA PRO G 355 36.53 56.25 -29.80
C PRO G 355 37.77 56.65 -29.04
N ARG G 356 38.91 56.51 -29.71
CA ARG G 356 40.19 56.91 -29.14
C ARG G 356 40.48 58.36 -29.48
N ARG G 357 40.90 59.12 -28.48
CA ARG G 357 41.24 60.52 -28.65
C ARG G 357 42.73 60.65 -28.94
N PHE G 358 43.06 61.17 -30.11
CA PHE G 358 44.43 61.35 -30.54
C PHE G 358 44.88 62.78 -30.29
N LYS G 359 46.14 62.94 -29.92
CA LYS G 359 46.71 64.26 -29.72
C LYS G 359 46.74 65.01 -31.04
N GLU G 360 46.64 66.34 -30.96
CA GLU G 360 46.60 67.16 -32.16
C GLU G 360 47.87 67.00 -32.99
N ILE G 361 48.99 66.67 -32.34
CA ILE G 361 50.22 66.41 -33.09
C ILE G 361 50.06 65.15 -33.94
N GLU G 362 49.50 64.09 -33.36
CA GLU G 362 49.41 62.81 -34.07
C GLU G 362 48.53 62.92 -35.30
N HIS G 363 47.55 63.82 -35.30
CA HIS G 363 46.74 63.99 -36.50
C HIS G 363 47.49 64.75 -37.58
N THR G 364 48.22 65.81 -37.20
CA THR G 364 48.89 66.64 -38.19
C THR G 364 50.16 66.00 -38.73
N HIS G 365 50.90 65.29 -37.87
CA HIS G 365 52.22 64.79 -38.23
C HIS G 365 52.38 63.30 -37.92
N GLY G 366 51.29 62.55 -37.93
CA GLY G 366 51.36 61.14 -37.58
C GLY G 366 51.53 60.22 -38.77
N TYR G 367 52.26 59.13 -38.54
CA TYR G 367 52.53 58.14 -39.57
C TYR G 367 52.56 56.75 -38.92
N VAL G 368 52.05 55.76 -39.65
CA VAL G 368 51.98 54.38 -39.18
C VAL G 368 52.57 53.47 -40.24
N TYR G 369 53.45 52.56 -39.80
CA TYR G 369 53.99 51.53 -40.67
C TYR G 369 53.09 50.30 -40.56
N ARG G 370 52.34 50.03 -41.61
CA ARG G 370 51.38 48.94 -41.60
C ARG G 370 51.31 48.31 -42.99
N GLU G 371 51.19 47.00 -43.04
CA GLU G 371 50.92 46.29 -44.27
C GLU G 371 49.42 46.05 -44.37
N LEU G 372 48.83 46.37 -45.52
CA LEU G 372 47.38 46.38 -45.66
C LEU G 372 46.87 45.40 -46.72
N ASN G 373 47.66 44.43 -47.14
CA ASN G 373 47.19 43.42 -48.07
C ASN G 373 46.68 42.23 -47.27
N GLN G 374 45.50 41.75 -47.65
CA GLN G 374 44.81 40.70 -46.89
C GLN G 374 45.10 39.35 -47.54
N GLY G 375 45.90 38.54 -46.84
CA GLY G 375 46.11 37.17 -47.30
C GLY G 375 44.85 36.34 -47.15
N SER G 376 44.70 35.35 -48.03
CA SER G 376 43.53 34.49 -48.03
C SER G 376 43.83 33.20 -47.30
N LEU G 377 42.95 32.82 -46.38
CA LEU G 377 43.06 31.56 -45.67
C LEU G 377 42.47 30.39 -46.45
N LEU G 378 41.95 30.66 -47.65
CA LEU G 378 41.34 29.60 -48.45
C LEU G 378 42.29 28.45 -48.79
N PRO G 379 43.56 28.67 -49.17
CA PRO G 379 44.41 27.52 -49.52
C PRO G 379 44.51 26.49 -48.40
N LEU G 380 44.51 26.92 -47.15
CA LEU G 380 44.53 25.96 -46.05
C LEU G 380 43.17 25.29 -45.87
N VAL G 381 42.08 26.05 -45.94
CA VAL G 381 40.76 25.50 -45.67
C VAL G 381 40.33 24.56 -46.80
N ASP G 382 40.53 24.97 -48.05
CA ASP G 382 40.10 24.15 -49.18
C ASP G 382 40.87 22.84 -49.22
N ALA G 383 42.17 22.87 -48.95
CA ALA G 383 42.97 21.65 -48.98
C ALA G 383 42.62 20.72 -47.82
N ASN G 384 42.53 21.27 -46.62
CA ASN G 384 42.24 20.49 -45.40
C ASN G 384 40.94 21.02 -44.81
N LEU G 385 39.81 20.50 -45.30
CA LEU G 385 38.51 20.96 -44.81
C LEU G 385 38.21 20.40 -43.42
N LYS G 386 38.48 19.11 -43.21
CA LYS G 386 38.15 18.50 -41.93
C LYS G 386 39.00 19.05 -40.80
N GLU G 387 40.30 19.20 -41.05
CA GLU G 387 41.20 19.70 -40.02
C GLU G 387 40.86 21.14 -39.65
N SER G 388 40.63 21.98 -40.66
CA SER G 388 40.31 23.39 -40.39
C SER G 388 38.96 23.52 -39.68
N SER G 389 37.95 22.80 -40.16
CA SER G 389 36.62 22.90 -39.56
C SER G 389 36.63 22.39 -38.13
N SER G 390 37.31 21.27 -37.88
CA SER G 390 37.33 20.68 -36.55
C SER G 390 38.01 21.62 -35.55
N TYR G 391 39.11 22.25 -35.95
CA TYR G 391 39.85 23.11 -35.03
C TYR G 391 39.02 24.32 -34.63
N TYR G 392 38.35 24.96 -35.59
CA TYR G 392 37.60 26.16 -35.29
C TYR G 392 36.32 25.86 -34.52
N PHE G 393 35.70 24.72 -34.82
CA PHE G 393 34.49 24.33 -34.09
C PHE G 393 34.80 24.06 -32.62
N LYS G 394 35.87 23.32 -32.36
CA LYS G 394 36.24 23.01 -30.98
C LYS G 394 36.68 24.26 -30.23
N LYS G 395 37.45 25.12 -30.90
CA LYS G 395 37.93 26.33 -30.24
C LYS G 395 36.77 27.24 -29.87
N LEU G 396 35.72 27.26 -30.69
CA LEU G 396 34.56 28.11 -30.40
C LEU G 396 33.75 27.56 -29.22
N MET G 397 33.48 26.26 -29.21
CA MET G 397 32.62 25.72 -28.15
C MET G 397 33.34 25.76 -26.80
N SER G 398 34.67 25.85 -26.81
CA SER G 398 35.40 25.99 -25.56
C SER G 398 35.06 27.29 -24.86
N SER G 399 34.45 28.25 -25.56
CA SER G 399 34.04 29.51 -24.98
C SER G 399 32.53 29.70 -24.95
N ILE G 400 31.81 29.18 -25.96
CA ILE G 400 30.36 29.33 -25.96
C ILE G 400 29.72 28.57 -24.81
N SER G 401 30.28 27.39 -24.48
CA SER G 401 29.70 26.57 -23.43
C SER G 401 29.77 27.23 -22.06
N ASN G 402 30.67 28.19 -21.88
CA ASN G 402 30.84 28.87 -20.59
C ASN G 402 30.06 30.18 -20.51
N VAL G 403 28.94 30.27 -21.23
CA VAL G 403 28.13 31.49 -21.19
C VAL G 403 27.34 31.51 -19.88
N PRO G 404 27.32 32.63 -19.16
CA PRO G 404 26.45 32.72 -17.99
C PRO G 404 24.99 32.58 -18.38
N VAL G 405 24.23 31.89 -17.55
CA VAL G 405 22.82 31.66 -17.80
C VAL G 405 22.09 31.75 -16.46
N ASP G 406 20.79 32.06 -16.53
CA ASP G 406 20.01 32.18 -15.32
C ASP G 406 19.64 30.80 -14.77
N ALA G 407 19.22 30.79 -13.51
CA ALA G 407 18.83 29.55 -12.82
C ALA G 407 17.32 29.59 -12.63
N ARG G 408 16.60 28.91 -13.50
CA ARG G 408 15.15 28.80 -13.42
C ARG G 408 14.77 27.34 -13.23
N THR G 409 14.01 27.06 -12.18
CA THR G 409 13.65 25.68 -11.88
C THR G 409 12.64 25.15 -12.88
N LEU G 410 12.73 23.85 -13.15
CA LEU G 410 11.80 23.19 -14.06
C LEU G 410 10.50 22.80 -13.39
N GLN G 411 10.36 23.05 -12.09
CA GLN G 411 9.17 22.63 -11.37
C GLN G 411 7.93 23.38 -11.84
N SER G 412 8.08 24.65 -12.22
CA SER G 412 6.93 25.42 -12.67
C SER G 412 6.39 24.87 -14.00
N ALA G 413 7.29 24.59 -14.95
CA ALA G 413 6.84 24.10 -16.25
C ALA G 413 6.34 22.67 -16.17
N THR G 414 6.99 21.84 -15.35
CA THR G 414 6.59 20.45 -15.24
C THR G 414 5.20 20.31 -14.65
N ALA G 415 4.87 21.14 -13.65
CA ALA G 415 3.54 21.09 -13.06
C ALA G 415 2.46 21.42 -14.07
N ALA G 416 2.71 22.42 -14.92
CA ALA G 416 1.74 22.78 -15.95
C ALA G 416 1.54 21.63 -16.94
N LEU G 417 2.63 20.97 -17.32
CA LEU G 417 2.52 19.81 -18.22
C LEU G 417 1.73 18.69 -17.56
N ALA G 418 1.98 18.42 -16.28
CA ALA G 418 1.26 17.36 -15.59
C ALA G 418 -0.22 17.68 -15.47
N ALA G 419 -0.55 18.95 -15.21
CA ALA G 419 -1.95 19.33 -15.06
C ALA G 419 -2.70 19.19 -16.38
N ASP G 420 -2.08 19.58 -17.50
CA ASP G 420 -2.76 19.54 -18.78
C ASP G 420 -2.99 18.11 -19.25
N THR G 421 -2.03 17.22 -19.03
CA THR G 421 -2.14 15.85 -19.49
C THR G 421 -2.85 14.93 -18.50
N GLY G 422 -3.19 15.43 -17.32
CA GLY G 422 -3.84 14.59 -16.31
C GLY G 422 -2.96 13.46 -15.82
N GLN G 423 -1.70 13.78 -15.51
CA GLN G 423 -0.76 12.76 -15.06
C GLN G 423 -1.25 12.11 -13.77
N ALA G 424 -1.23 10.79 -13.74
CA ALA G 424 -1.63 10.01 -12.57
C ALA G 424 -0.46 9.14 -12.13
N VAL G 425 -0.23 9.09 -10.81
CA VAL G 425 0.91 8.34 -10.30
C VAL G 425 0.72 6.84 -10.49
N ASN G 426 -0.50 6.35 -10.23
CA ASN G 426 -0.73 4.91 -10.31
C ASN G 426 -0.74 4.42 -11.76
N ARG G 427 -1.41 5.14 -12.64
CA ARG G 427 -1.54 4.70 -14.02
C ARG G 427 -0.23 4.92 -14.78
N ALA G 428 -0.22 4.52 -16.04
CA ALA G 428 0.92 4.70 -16.92
C ALA G 428 0.48 5.43 -18.17
N GLN G 429 1.15 6.54 -18.48
CA GLN G 429 0.82 7.37 -19.63
C GLN G 429 2.09 7.71 -20.39
N HIS G 430 1.90 8.31 -21.57
CA HIS G 430 3.04 8.73 -22.37
C HIS G 430 3.71 9.98 -21.81
N VAL G 431 3.00 10.76 -20.98
CA VAL G 431 3.60 11.97 -20.43
C VAL G 431 4.71 11.62 -19.44
N SER G 432 4.69 10.40 -18.90
CA SER G 432 5.76 9.98 -18.01
C SER G 432 7.03 9.66 -18.79
N MET G 433 6.88 9.19 -20.03
CA MET G 433 8.04 8.93 -20.87
C MET G 433 8.74 10.20 -21.29
N LEU G 434 8.13 11.36 -21.06
CA LEU G 434 8.75 12.64 -21.38
C LEU G 434 9.38 13.29 -20.15
N THR G 435 8.75 13.16 -18.98
CA THR G 435 9.25 13.80 -17.78
C THR G 435 10.43 13.05 -17.18
N ASN G 436 10.47 11.73 -17.29
CA ASN G 436 11.57 10.96 -16.72
C ASN G 436 12.86 11.16 -17.50
N ARG G 437 12.80 11.63 -18.73
CA ARG G 437 13.98 11.87 -19.55
C ARG G 437 14.38 13.34 -19.58
N LEU G 438 13.74 14.18 -18.78
CA LEU G 438 14.04 15.61 -18.73
C LEU G 438 15.30 15.82 -17.90
N THR G 439 16.44 15.89 -18.57
CA THR G 439 17.73 16.11 -17.92
C THR G 439 18.39 17.34 -18.53
N THR G 440 18.84 18.26 -17.68
CA THR G 440 19.55 19.45 -18.12
C THR G 440 21.05 19.34 -17.92
N ALA G 441 21.59 18.12 -18.02
CA ALA G 441 23.02 17.92 -17.76
C ALA G 441 23.87 18.50 -18.87
N ASN G 442 23.53 18.23 -20.13
CA ASN G 442 24.32 18.65 -21.27
C ASN G 442 23.75 19.89 -21.95
N ALA G 443 23.13 20.79 -21.19
CA ALA G 443 22.63 22.02 -21.77
C ALA G 443 23.72 22.88 -22.42
N PRO G 444 24.90 23.11 -21.80
CA PRO G 444 25.90 23.95 -22.47
C PRO G 444 26.34 23.42 -23.83
N THR G 445 26.42 22.09 -23.99
CA THR G 445 26.81 21.53 -25.28
C THR G 445 25.76 21.83 -26.33
N VAL G 446 24.49 21.56 -26.02
CA VAL G 446 23.42 21.82 -26.98
C VAL G 446 23.22 23.32 -27.15
N ARG G 447 23.51 24.11 -26.12
CA ARG G 447 23.43 25.56 -26.24
C ARG G 447 24.38 26.07 -27.31
N ALA G 448 25.61 25.55 -27.31
CA ALA G 448 26.60 26.00 -28.29
C ALA G 448 26.30 25.46 -29.68
N ILE G 449 25.78 24.22 -29.75
CA ILE G 449 25.40 23.66 -31.05
C ILE G 449 24.28 24.49 -31.68
N THR G 450 23.39 25.02 -30.84
CA THR G 450 22.37 25.95 -31.35
C THR G 450 23.03 27.19 -31.95
N VAL G 451 24.05 27.74 -31.28
CA VAL G 451 24.73 28.92 -31.81
C VAL G 451 25.45 28.59 -33.10
N LEU G 452 26.12 27.44 -33.16
CA LEU G 452 26.92 27.09 -34.32
C LEU G 452 26.06 26.91 -35.57
N THR G 453 24.82 26.45 -35.41
CA THR G 453 23.95 26.28 -36.57
C THR G 453 23.63 27.62 -37.22
N CYS G 454 23.36 28.65 -36.41
CA CYS G 454 23.03 29.96 -36.94
C CYS G 454 24.27 30.71 -37.42
N MET G 455 25.42 30.48 -36.78
CA MET G 455 26.62 31.25 -37.09
C MET G 455 27.11 30.97 -38.51
N PHE G 456 27.05 29.71 -38.94
CA PHE G 456 27.65 29.30 -40.19
C PHE G 456 26.61 29.16 -41.29
N LYS G 457 27.08 29.14 -42.53
CA LYS G 457 26.17 29.07 -43.68
C LYS G 457 25.53 27.68 -43.78
N GLN G 458 26.34 26.63 -43.67
CA GLN G 458 25.85 25.25 -43.79
C GLN G 458 26.55 24.43 -42.71
N PHE G 459 25.91 24.34 -41.55
CA PHE G 459 26.40 23.55 -40.43
C PHE G 459 25.35 22.49 -40.10
N ARG G 460 25.50 21.31 -40.67
CA ARG G 460 24.51 20.25 -40.52
C ARG G 460 24.63 19.59 -39.15
N ILE G 461 23.48 19.17 -38.62
CA ILE G 461 23.40 18.48 -37.34
C ILE G 461 22.62 17.20 -37.54
N GLY G 462 23.24 16.06 -37.22
CA GLY G 462 22.54 14.79 -37.23
C GLY G 462 21.94 14.47 -35.88
N MET G 463 21.08 13.45 -35.88
CA MET G 463 20.43 13.03 -34.64
C MET G 463 19.88 11.62 -34.85
N THR G 464 20.41 10.66 -34.08
CA THR G 464 20.03 9.26 -34.20
C THR G 464 18.97 8.92 -33.16
N TYR G 465 17.92 8.24 -33.60
CA TYR G 465 16.81 7.85 -32.75
C TYR G 465 16.94 6.39 -32.34
N ALA G 466 16.07 5.96 -31.44
CA ALA G 466 16.10 4.59 -30.96
C ALA G 466 15.53 3.64 -32.01
N LEU G 467 15.78 2.34 -31.81
CA LEU G 467 15.22 1.33 -32.70
C LEU G 467 13.71 1.32 -32.64
N ASP G 468 13.15 1.47 -31.44
CA ASP G 468 11.70 1.59 -31.25
C ASP G 468 11.38 3.00 -30.79
N PRO G 469 10.88 3.87 -31.67
CA PRO G 469 10.64 5.26 -31.28
C PRO G 469 9.60 5.36 -30.17
N ASN G 470 9.82 6.30 -29.27
CA ASN G 470 8.91 6.60 -28.17
C ASN G 470 8.23 7.94 -28.42
N ILE G 471 7.42 8.38 -27.45
CA ILE G 471 6.86 9.73 -27.51
C ILE G 471 7.98 10.75 -27.39
N MET G 472 9.07 10.39 -26.72
CA MET G 472 10.23 11.27 -26.62
C MET G 472 10.85 11.50 -27.99
N ASP G 473 10.97 10.44 -28.80
CA ASP G 473 11.58 10.56 -30.11
C ASP G 473 10.78 11.45 -31.03
N VAL G 474 9.46 11.29 -31.05
CA VAL G 474 8.62 12.15 -31.89
C VAL G 474 8.69 13.60 -31.41
N ALA G 475 8.66 13.81 -30.09
CA ALA G 475 8.76 15.16 -29.56
C ALA G 475 10.08 15.80 -29.93
N ALA G 476 11.17 15.04 -29.86
CA ALA G 476 12.49 15.57 -30.21
C ALA G 476 12.62 15.80 -31.72
N ALA G 477 12.03 14.90 -32.52
CA ALA G 477 12.08 15.08 -33.96
C ALA G 477 11.34 16.33 -34.41
N THR G 478 10.19 16.60 -33.80
CA THR G 478 9.44 17.81 -34.14
C THR G 478 10.19 19.06 -33.68
N CYS G 479 10.90 18.97 -32.55
CA CYS G 479 11.65 20.11 -32.05
C CYS G 479 12.77 20.50 -33.02
N MET G 480 13.41 19.53 -33.67
CA MET G 480 14.39 19.85 -34.70
C MET G 480 13.76 20.59 -35.86
N LEU G 481 12.70 20.02 -36.43
CA LEU G 481 12.11 20.58 -37.65
C LEU G 481 11.52 21.94 -37.39
N LEU G 482 10.85 22.11 -36.25
CA LEU G 482 10.16 23.37 -35.97
C LEU G 482 11.15 24.50 -35.73
N PHE G 483 12.23 24.23 -34.99
CA PHE G 483 13.05 25.30 -34.43
C PHE G 483 14.46 25.40 -35.01
N ARG G 484 15.06 24.29 -35.42
CA ARG G 484 16.37 24.40 -36.02
C ARG G 484 16.25 24.92 -37.45
N PRO G 485 17.25 25.67 -37.92
CA PRO G 485 17.21 26.19 -39.29
C PRO G 485 17.15 25.07 -40.31
N ALA G 486 16.47 25.34 -41.43
CA ALA G 486 16.38 24.35 -42.49
C ALA G 486 17.73 24.08 -43.13
N GLN G 487 18.63 25.06 -43.13
CA GLN G 487 19.95 24.86 -43.69
C GLN G 487 20.82 23.95 -42.83
N SER G 488 20.45 23.73 -41.58
CA SER G 488 21.21 22.84 -40.71
C SER G 488 20.70 21.40 -40.76
N ILE G 489 19.66 21.12 -41.55
CA ILE G 489 19.11 19.78 -41.68
C ILE G 489 19.24 19.36 -43.13
N SER G 490 19.94 18.26 -43.36
CA SER G 490 20.10 17.73 -44.70
C SER G 490 18.86 16.95 -45.13
N ASP G 491 18.79 16.65 -46.43
CA ASP G 491 17.67 15.90 -46.95
C ASP G 491 17.60 14.50 -46.36
N GLU G 492 18.75 13.86 -46.18
CA GLU G 492 18.78 12.53 -45.57
C GLU G 492 18.31 12.59 -44.12
N GLN G 493 18.75 13.61 -43.39
CA GLN G 493 18.27 13.78 -42.01
C GLN G 493 16.78 14.07 -41.97
N TYR G 494 16.29 14.86 -42.94
CA TYR G 494 14.87 15.15 -43.01
C TYR G 494 14.06 13.88 -43.22
N ARG G 495 14.52 13.00 -44.10
CA ARG G 495 13.81 11.74 -44.34
C ARG G 495 13.81 10.86 -43.11
N TYR G 496 14.92 10.82 -42.38
CA TYR G 496 14.98 10.03 -41.17
C TYR G 496 14.03 10.57 -40.10
N CYS G 497 13.93 11.90 -39.98
CA CYS G 497 13.00 12.48 -39.02
C CYS G 497 11.57 12.15 -39.39
N LEU G 498 11.22 12.27 -40.67
CA LEU G 498 9.85 11.94 -41.10
C LEU G 498 9.55 10.46 -40.91
N GLN G 499 10.52 9.60 -41.22
CA GLN G 499 10.31 8.16 -41.06
C GLN G 499 10.08 7.80 -39.61
N THR G 500 10.81 8.44 -38.69
CA THR G 500 10.67 8.13 -37.28
C THR G 500 9.27 8.50 -36.77
N MET G 501 8.77 9.67 -37.16
CA MET G 501 7.43 10.07 -36.74
C MET G 501 6.36 9.24 -37.44
N ALA G 502 6.65 8.72 -38.62
CA ALA G 502 5.70 7.85 -39.30
C ALA G 502 5.54 6.54 -38.55
N VAL G 503 6.64 6.00 -38.02
CA VAL G 503 6.59 4.70 -37.36
C VAL G 503 5.74 4.77 -36.10
N PHE G 504 5.90 5.83 -35.30
CA PHE G 504 5.22 5.92 -34.02
C PHE G 504 3.75 6.25 -34.18
N LEU G 505 3.38 7.06 -35.17
CA LEU G 505 2.03 7.60 -35.24
C LEU G 505 1.14 6.92 -36.27
N THR G 506 1.69 6.14 -37.20
CA THR G 506 0.92 5.70 -38.35
C THR G 506 0.93 4.18 -38.54
N ASN G 507 1.29 3.44 -37.49
CA ASN G 507 1.25 1.97 -37.52
C ASN G 507 2.06 1.42 -38.70
N THR G 508 3.36 1.68 -38.66
CA THR G 508 4.22 1.40 -39.79
C THR G 508 5.62 1.05 -39.29
N THR G 509 6.19 -0.01 -39.85
CA THR G 509 7.54 -0.43 -39.49
C THR G 509 8.56 0.35 -40.31
N TYR G 510 9.83 0.23 -39.91
CA TYR G 510 10.90 0.91 -40.63
C TYR G 510 11.09 0.34 -42.03
N ASP G 511 10.76 -0.93 -42.22
CA ASP G 511 10.91 -1.54 -43.54
C ASP G 511 9.86 -1.02 -44.52
N ILE G 512 8.68 -0.63 -44.01
CA ILE G 512 7.64 -0.10 -44.89
C ILE G 512 8.12 1.20 -45.54
N VAL G 513 8.65 2.11 -44.73
CA VAL G 513 9.01 3.45 -45.20
C VAL G 513 10.47 3.54 -45.59
N ASN G 514 11.17 2.41 -45.71
CA ASN G 514 12.56 2.44 -46.16
C ASN G 514 12.66 2.99 -47.58
N ASN G 515 11.77 2.57 -48.47
CA ASN G 515 11.79 3.00 -49.86
C ASN G 515 10.84 4.17 -50.13
N ASP G 516 10.10 4.63 -49.12
CA ASP G 516 9.23 5.78 -49.32
C ASP G 516 10.05 7.06 -49.44
N THR G 517 9.55 7.99 -50.23
CA THR G 517 10.22 9.26 -50.45
C THR G 517 9.66 10.32 -49.50
N ILE G 518 10.10 11.57 -49.65
CA ILE G 518 9.67 12.63 -48.77
C ILE G 518 8.18 12.92 -48.98
N ASP G 519 7.74 13.01 -50.23
CA ASP G 519 6.35 13.33 -50.51
C ASP G 519 5.41 12.23 -50.02
N VAL G 520 5.78 10.97 -50.24
CA VAL G 520 4.94 9.87 -49.79
C VAL G 520 4.84 9.85 -48.28
N LEU G 521 5.95 10.08 -47.59
CA LEU G 521 5.92 10.16 -46.14
C LEU G 521 5.07 11.33 -45.67
N LYS G 522 5.18 12.48 -46.33
CA LYS G 522 4.38 13.64 -45.95
C LYS G 522 2.90 13.36 -46.12
N MET G 523 2.53 12.68 -47.20
CA MET G 523 1.13 12.34 -47.42
C MET G 523 0.61 11.39 -46.36
N LYS G 524 1.44 10.41 -45.97
CA LYS G 524 1.02 9.44 -44.96
C LYS G 524 0.74 10.13 -43.62
N LEU G 525 1.60 11.07 -43.23
CA LEU G 525 1.43 11.73 -41.95
C LEU G 525 0.27 12.73 -41.99
N ARG G 526 0.12 13.46 -43.09
CA ARG G 526 -0.93 14.46 -43.17
C ARG G 526 -2.32 13.84 -43.20
N ASN G 527 -2.45 12.65 -43.79
CA ASN G 527 -3.74 11.95 -43.74
C ASN G 527 -4.09 11.57 -42.30
N GLN G 528 -3.10 11.15 -41.52
CA GLN G 528 -3.36 10.76 -40.13
C GLN G 528 -3.81 11.96 -39.31
N GLY G 529 -3.22 13.13 -39.55
CA GLY G 529 -3.60 14.32 -38.82
C GLY G 529 -2.40 15.12 -38.32
N TRP G 530 -1.20 14.72 -38.71
CA TRP G 530 0.02 15.39 -38.27
C TRP G 530 0.36 16.52 -39.22
N PRO G 531 0.36 17.78 -38.78
CA PRO G 531 0.73 18.88 -39.66
C PRO G 531 2.21 19.25 -39.65
N PHE G 532 2.98 18.76 -38.67
CA PHE G 532 4.39 19.15 -38.53
C PHE G 532 5.25 18.22 -39.37
N VAL G 533 5.29 18.49 -40.67
CA VAL G 533 6.05 17.66 -41.60
C VAL G 533 6.89 18.54 -42.52
N GLU G 534 7.06 19.81 -42.17
CA GLU G 534 7.73 20.77 -43.03
C GLU G 534 8.97 21.32 -42.36
N ARG G 535 9.95 21.69 -43.18
CA ARG G 535 11.21 22.25 -42.73
C ARG G 535 11.21 23.74 -43.03
N TYR G 536 11.54 24.55 -42.03
CA TYR G 536 11.36 25.99 -42.11
C TYR G 536 12.71 26.68 -42.26
N ASN G 537 12.82 27.54 -43.27
CA ASN G 537 14.03 28.31 -43.48
C ASN G 537 14.21 29.33 -42.37
N ALA G 538 15.46 29.70 -42.12
CA ALA G 538 15.80 30.67 -41.09
C ALA G 538 15.98 32.04 -41.72
N VAL G 539 15.43 33.06 -41.06
CA VAL G 539 15.54 34.43 -41.56
C VAL G 539 16.96 34.92 -41.34
N GLU G 540 17.42 35.78 -42.24
CA GLU G 540 18.79 36.26 -42.26
C GLU G 540 18.87 37.70 -41.78
N ILE G 541 19.81 37.97 -40.87
CA ILE G 541 20.05 39.30 -40.34
C ILE G 541 21.47 39.71 -40.70
N ASP G 542 21.61 40.88 -41.33
CA ASP G 542 22.91 41.37 -41.76
C ASP G 542 23.65 42.02 -40.61
N MET G 543 24.95 41.77 -40.54
CA MET G 543 25.77 42.40 -39.52
C MET G 543 25.76 43.91 -39.69
N SER G 544 25.78 44.63 -38.57
CA SER G 544 25.78 46.09 -38.64
C SER G 544 27.12 46.65 -39.09
N VAL G 545 28.19 45.85 -39.01
CA VAL G 545 29.52 46.31 -39.35
C VAL G 545 30.18 45.26 -40.24
N GLU G 546 31.18 45.69 -41.00
CA GLU G 546 31.84 44.81 -41.95
C GLU G 546 32.64 43.74 -41.21
N PRO G 547 32.51 42.47 -41.59
CA PRO G 547 33.27 41.42 -40.90
C PRO G 547 34.76 41.59 -41.12
N LEU G 548 35.54 41.15 -40.13
CA LEU G 548 36.99 41.28 -40.22
C LEU G 548 37.54 40.40 -41.33
N ARG G 549 38.60 40.89 -41.97
CA ARG G 549 39.27 40.20 -43.07
C ARG G 549 38.32 39.99 -44.25
N SER G 550 37.32 40.84 -44.38
CA SER G 550 36.36 40.81 -45.49
C SER G 550 36.24 42.22 -46.06
N PRO G 551 37.24 42.66 -46.83
CA PRO G 551 37.23 44.03 -47.35
C PRO G 551 36.10 44.21 -48.36
N GLY G 552 35.21 45.15 -48.08
CA GLY G 552 34.09 45.43 -48.97
C GLY G 552 33.08 44.31 -49.08
N GLN G 553 32.76 43.65 -47.97
CA GLN G 553 31.78 42.58 -47.95
C GLN G 553 30.87 42.76 -46.75
N VAL G 554 29.68 42.18 -46.84
CA VAL G 554 28.68 42.27 -45.78
C VAL G 554 28.49 40.90 -45.16
N GLY G 555 28.13 40.88 -43.87
CA GLY G 555 27.96 39.67 -43.12
C GLY G 555 26.50 39.30 -42.93
N ARG G 556 26.28 38.09 -42.43
CA ARG G 556 24.93 37.57 -42.25
C ARG G 556 24.96 36.38 -41.30
N TYR G 557 23.96 36.32 -40.43
CA TYR G 557 23.74 35.17 -39.55
C TYR G 557 22.25 34.90 -39.46
N TYR G 558 21.90 33.65 -39.15
CA TYR G 558 20.50 33.26 -39.08
C TYR G 558 19.93 33.57 -37.70
N ASN G 559 18.66 33.93 -37.67
CA ASN G 559 17.98 34.16 -36.41
C ASN G 559 17.74 32.82 -35.71
N PRO G 560 18.13 32.68 -34.44
CA PRO G 560 17.94 31.41 -33.75
C PRO G 560 16.47 31.10 -33.51
N PHE G 561 16.18 29.81 -33.41
CA PHE G 561 14.86 29.30 -33.05
C PHE G 561 13.80 29.62 -34.10
N ASN G 562 14.23 29.97 -35.32
CA ASN G 562 13.33 30.19 -36.45
C ASN G 562 12.24 31.21 -36.11
N ILE G 563 12.68 32.42 -35.81
CA ILE G 563 11.79 33.52 -35.43
C ILE G 563 12.05 34.70 -36.36
N ASP G 564 10.99 35.23 -36.95
CA ASP G 564 11.11 36.36 -37.86
C ASP G 564 11.40 37.62 -37.06
N PRO G 565 12.50 38.33 -37.34
CA PRO G 565 12.81 39.54 -36.57
C PRO G 565 11.77 40.64 -36.71
N LEU G 566 11.12 40.74 -37.87
CA LEU G 566 10.15 41.82 -38.08
C LEU G 566 8.87 41.57 -37.30
N THR G 567 8.36 40.35 -37.32
CA THR G 567 7.09 40.03 -36.66
C THR G 567 7.27 39.56 -35.22
N LYS G 568 8.49 39.27 -34.79
CA LYS G 568 8.77 38.80 -33.44
C LYS G 568 7.94 37.56 -33.09
N LYS G 569 7.78 36.67 -34.07
CA LYS G 569 7.07 35.42 -33.88
C LYS G 569 7.68 34.37 -34.81
N HIS G 570 7.17 33.15 -34.72
CA HIS G 570 7.68 32.06 -35.53
C HIS G 570 7.48 32.36 -37.01
N VAL G 571 8.30 31.71 -37.84
CA VAL G 571 8.22 31.90 -39.29
C VAL G 571 6.87 31.41 -39.82
N GLU G 572 6.43 30.25 -39.34
CA GLU G 572 5.13 29.72 -39.73
C GLU G 572 4.04 30.42 -38.91
N ASP G 573 3.11 31.06 -39.60
CA ASP G 573 2.04 31.80 -38.93
C ASP G 573 1.02 30.85 -38.31
N ARG G 574 0.75 29.72 -38.95
CA ARG G 574 -0.32 28.83 -38.56
C ARG G 574 0.11 27.83 -37.47
N LEU G 575 1.12 28.18 -36.68
CA LEU G 575 1.57 27.28 -35.60
C LEU G 575 0.47 27.09 -34.57
N GLU G 576 -0.25 28.15 -34.23
CA GLU G 576 -1.27 28.04 -33.19
C GLU G 576 -2.47 27.20 -33.63
N GLU G 577 -2.66 27.00 -34.93
CA GLU G 577 -3.75 26.16 -35.40
C GLU G 577 -3.27 24.73 -35.65
N PHE G 578 -1.99 24.58 -36.01
CA PHE G 578 -1.42 23.24 -36.17
C PHE G 578 -1.36 22.51 -34.83
N ILE G 579 -1.03 23.23 -33.76
CA ILE G 579 -1.00 22.62 -32.44
C ILE G 579 -2.38 22.15 -32.03
N ASN G 580 -3.41 22.93 -32.35
CA ASN G 580 -4.78 22.52 -32.02
C ASN G 580 -5.17 21.24 -32.78
N GLN G 581 -4.64 21.06 -33.99
CA GLN G 581 -4.93 19.85 -34.75
C GLN G 581 -4.40 18.62 -34.03
N VAL G 582 -3.20 18.72 -33.44
CA VAL G 582 -2.63 17.60 -32.71
C VAL G 582 -3.47 17.28 -31.49
N GLN G 583 -4.02 18.30 -30.83
CA GLN G 583 -4.80 18.08 -29.62
C GLN G 583 -6.06 17.27 -29.87
N VAL G 584 -6.57 17.26 -31.10
CA VAL G 584 -7.76 16.48 -31.46
C VAL G 584 -7.41 15.26 -32.28
N GLY G 585 -6.17 15.10 -32.70
CA GLY G 585 -5.81 13.96 -33.52
C GLY G 585 -5.87 12.66 -32.75
N ARG G 586 -6.10 11.59 -33.48
CA ARG G 586 -6.16 10.24 -32.91
C ARG G 586 -4.94 9.46 -33.41
N PHE G 587 -3.83 9.61 -32.68
CA PHE G 587 -2.59 8.95 -33.02
C PHE G 587 -2.40 7.74 -32.12
N ARG G 588 -2.04 6.60 -32.72
CA ARG G 588 -1.74 5.35 -32.05
C ARG G 588 -2.95 4.75 -31.35
N ASN G 589 -4.13 5.35 -31.46
CA ASN G 589 -5.33 4.84 -30.80
C ASN G 589 -6.55 5.52 -31.42
N ALA G 590 -7.53 4.72 -31.83
CA ALA G 590 -8.73 5.29 -32.44
C ALA G 590 -9.57 6.04 -31.42
N SER G 591 -9.64 5.54 -30.20
CA SER G 591 -10.42 6.16 -29.13
C SER G 591 -9.48 6.82 -28.13
N GLY G 592 -9.84 8.02 -27.70
CA GLY G 592 -9.02 8.77 -26.77
C GLY G 592 -7.98 9.61 -27.47
N ASN G 593 -7.45 10.60 -26.74
CA ASN G 593 -6.46 11.52 -27.26
C ASN G 593 -5.28 11.64 -26.31
N ALA G 594 -4.87 10.52 -25.72
CA ALA G 594 -3.75 10.56 -24.78
C ALA G 594 -2.45 11.00 -25.48
N VAL G 595 -2.18 10.46 -26.66
CA VAL G 595 -0.96 10.81 -27.38
C VAL G 595 -1.04 12.24 -27.89
N GLY G 596 -2.18 12.60 -28.48
CA GLY G 596 -2.30 13.93 -29.07
C GLY G 596 -2.24 15.03 -28.04
N THR G 597 -2.88 14.83 -26.89
CA THR G 597 -2.89 15.85 -25.85
C THR G 597 -1.50 16.05 -25.27
N THR G 598 -0.74 14.96 -25.11
CA THR G 598 0.60 15.07 -24.56
C THR G 598 1.53 15.82 -25.50
N LEU G 599 1.51 15.47 -26.78
CA LEU G 599 2.38 16.15 -27.74
C LEU G 599 2.01 17.61 -27.88
N ALA G 600 0.72 17.92 -27.93
CA ALA G 600 0.30 19.31 -28.06
C ALA G 600 0.72 20.13 -26.85
N ALA G 601 0.60 19.57 -25.66
CA ALA G 601 1.00 20.29 -24.45
C ALA G 601 2.51 20.50 -24.42
N PHE G 602 3.28 19.57 -24.96
CA PHE G 602 4.73 19.73 -24.98
C PHE G 602 5.16 20.82 -25.96
N LEU G 603 4.63 20.79 -27.18
CA LEU G 603 4.98 21.83 -28.14
C LEU G 603 4.38 23.17 -27.75
N ARG G 604 3.40 23.17 -26.84
CA ARG G 604 2.87 24.41 -26.28
C ARG G 604 3.96 25.16 -25.52
N ALA G 605 4.66 24.47 -24.63
CA ALA G 605 5.69 25.12 -23.83
C ALA G 605 6.94 25.41 -24.65
N CYS G 606 7.28 24.53 -25.58
CA CYS G 606 8.45 24.75 -26.42
C CYS G 606 8.28 26.00 -27.27
N ARG G 607 7.09 26.19 -27.83
CA ARG G 607 6.81 27.42 -28.56
C ARG G 607 6.86 28.63 -27.64
N ASP G 608 6.32 28.49 -26.43
CA ASP G 608 6.33 29.60 -25.49
C ASP G 608 7.75 29.94 -25.02
N LYS G 609 8.56 28.92 -24.76
CA LYS G 609 9.92 29.16 -24.31
C LYS G 609 10.76 29.85 -25.38
N THR G 610 10.65 29.38 -26.62
CA THR G 610 11.46 29.94 -27.70
C THR G 610 11.09 31.40 -27.98
N SER G 611 9.81 31.72 -27.89
CA SER G 611 9.37 33.09 -28.17
C SER G 611 9.90 34.08 -27.14
N ALA G 612 10.01 33.66 -25.88
CA ALA G 612 10.46 34.58 -24.84
C ALA G 612 11.97 34.78 -24.88
N ASN G 613 12.73 33.73 -25.19
CA ASN G 613 14.17 33.73 -24.99
C ASN G 613 14.98 33.80 -26.28
N TRP G 614 14.36 34.19 -27.40
CA TRP G 614 15.10 34.20 -28.65
C TRP G 614 16.06 35.39 -28.74
N ARG G 615 15.80 36.45 -27.99
CA ARG G 615 16.61 37.66 -28.12
C ARG G 615 18.04 37.42 -27.64
N GLY G 616 18.19 36.78 -26.48
CA GLY G 616 19.53 36.56 -25.94
C GLY G 616 20.38 35.68 -26.85
N TYR G 617 19.78 34.64 -27.41
CA TYR G 617 20.52 33.76 -28.31
C TYR G 617 20.82 34.47 -29.62
N SER G 618 19.93 35.37 -30.05
CA SER G 618 20.20 36.14 -31.25
C SER G 618 21.38 37.08 -31.06
N VAL G 619 21.49 37.69 -29.88
CA VAL G 619 22.62 38.57 -29.60
C VAL G 619 23.91 37.77 -29.49
N LEU G 620 23.86 36.60 -28.87
CA LEU G 620 25.05 35.78 -28.70
C LEU G 620 25.63 35.38 -30.06
N VAL G 621 24.78 35.00 -31.00
CA VAL G 621 25.25 34.69 -32.35
C VAL G 621 25.85 35.92 -32.99
N SER G 622 25.20 37.08 -32.82
CA SER G 622 25.74 38.32 -33.36
C SER G 622 27.11 38.63 -32.76
N ARG G 623 27.29 38.35 -31.48
CA ARG G 623 28.57 38.63 -30.84
C ARG G 623 29.64 37.64 -31.29
N TYR G 624 29.28 36.36 -31.45
CA TYR G 624 30.27 35.35 -31.81
C TYR G 624 30.51 35.27 -33.32
N ARG G 625 29.61 35.82 -34.13
CA ARG G 625 29.81 35.77 -35.58
C ARG G 625 30.91 36.74 -36.01
N SER G 626 31.06 37.87 -35.33
CA SER G 626 32.05 38.86 -35.71
C SER G 626 33.47 38.33 -35.64
N LEU G 627 33.70 37.24 -34.89
CA LEU G 627 35.05 36.70 -34.77
C LEU G 627 35.51 36.07 -36.09
N ILE G 628 34.67 35.26 -36.71
CA ILE G 628 35.06 34.52 -37.91
C ILE G 628 34.99 35.45 -39.12
N PRO G 629 35.83 35.25 -40.13
CA PRO G 629 35.74 36.05 -41.35
C PRO G 629 34.62 35.54 -42.26
N ASN G 630 34.44 36.23 -43.39
CA ASN G 630 33.43 35.82 -44.34
C ASN G 630 33.84 34.58 -45.13
N GLU G 631 35.14 34.42 -45.40
CA GLU G 631 35.59 33.26 -46.16
C GLU G 631 35.34 31.96 -45.39
N LEU G 632 35.64 31.95 -44.09
CA LEU G 632 35.40 30.77 -43.28
C LEU G 632 33.91 30.55 -43.03
N PHE G 633 33.09 31.58 -43.15
CA PHE G 633 31.66 31.45 -42.93
C PHE G 633 31.00 30.62 -44.03
N GLU G 634 31.53 30.67 -45.25
CA GLU G 634 30.96 29.98 -46.39
C GLU G 634 31.72 28.71 -46.75
N SER G 635 32.70 28.31 -45.96
CA SER G 635 33.59 27.22 -46.33
C SER G 635 33.59 26.06 -45.35
N LEU G 636 33.53 26.33 -44.05
CA LEU G 636 33.61 25.27 -43.05
C LEU G 636 32.40 24.34 -43.16
N ARG G 637 32.66 23.04 -43.03
CA ARG G 637 31.61 22.03 -43.08
C ARG G 637 31.85 21.01 -41.97
N ASN G 638 30.75 20.52 -41.40
CA ASN G 638 30.81 19.50 -40.35
C ASN G 638 30.79 18.11 -40.98
N ILE G 639 31.92 17.75 -41.60
CA ILE G 639 32.04 16.47 -42.26
C ILE G 639 32.46 15.35 -41.31
N SER G 640 32.95 15.69 -40.12
CA SER G 640 33.36 14.66 -39.18
C SER G 640 32.18 14.00 -38.50
N GLY G 641 31.09 14.73 -38.31
CA GLY G 641 29.94 14.17 -37.62
C GLY G 641 30.12 14.04 -36.13
N GLU G 642 31.11 14.71 -35.56
CA GLU G 642 31.39 14.58 -34.13
C GLU G 642 30.35 15.32 -33.29
N TYR G 643 29.74 16.37 -33.85
CA TYR G 643 28.78 17.19 -33.12
C TYR G 643 27.38 16.66 -33.43
N ASN G 644 26.84 15.86 -32.51
CA ASN G 644 25.51 15.29 -32.64
C ASN G 644 24.74 15.52 -31.35
N ILE G 645 23.42 15.43 -31.46
CA ILE G 645 22.53 15.64 -30.33
C ILE G 645 21.82 14.33 -30.01
N ASN G 646 21.84 13.96 -28.74
CA ASN G 646 20.99 12.86 -28.32
C ASN G 646 19.54 13.34 -28.18
N PRO G 647 18.57 12.47 -28.45
CA PRO G 647 17.16 12.93 -28.38
C PRO G 647 16.74 13.42 -27.01
N GLN G 648 17.28 12.84 -25.93
CA GLN G 648 16.91 13.30 -24.59
C GLN G 648 17.36 14.73 -24.36
N ASP G 649 18.58 15.07 -24.80
CA ASP G 649 19.12 16.39 -24.57
C ASP G 649 18.38 17.44 -25.37
N GLU G 650 17.94 17.10 -26.58
CA GLU G 650 17.24 18.06 -27.41
C GLU G 650 15.90 18.46 -26.82
N HIS G 651 15.09 17.47 -26.43
CA HIS G 651 13.75 17.79 -25.93
C HIS G 651 13.80 18.42 -24.55
N SER G 652 14.84 18.12 -23.77
CA SER G 652 15.03 18.82 -22.51
C SER G 652 15.56 20.23 -22.71
N PHE G 653 16.28 20.46 -23.82
CA PHE G 653 16.82 21.78 -24.08
C PHE G 653 15.72 22.79 -24.39
N PHE G 654 14.76 22.41 -25.22
CA PHE G 654 13.70 23.33 -25.61
C PHE G 654 12.65 23.48 -24.51
N PHE G 655 12.42 22.42 -23.73
CA PHE G 655 11.46 22.51 -22.63
C PHE G 655 12.02 23.30 -21.46
N ALA G 656 13.34 23.30 -21.29
CA ALA G 656 14.00 24.01 -20.21
C ALA G 656 14.94 25.07 -20.74
N LEU G 657 14.55 25.73 -21.83
CA LEU G 657 15.35 26.82 -22.37
C LEU G 657 15.51 27.90 -21.32
N ALA G 658 16.74 28.37 -21.14
CA ALA G 658 17.08 29.30 -20.09
C ALA G 658 17.61 30.60 -20.69
N GLN G 659 17.16 31.72 -20.14
CA GLN G 659 17.54 33.03 -20.65
C GLN G 659 19.03 33.27 -20.43
N ILE G 660 19.69 33.81 -21.44
CA ILE G 660 21.13 34.08 -21.39
C ILE G 660 21.33 35.49 -20.85
N ASN G 661 22.20 35.61 -19.85
CA ASN G 661 22.62 36.89 -19.31
C ASN G 661 24.13 37.01 -19.41
N ALA G 662 24.59 38.19 -19.76
CA ALA G 662 26.02 38.45 -20.00
C ALA G 662 26.56 39.35 -18.91
N ASP G 663 27.43 38.79 -18.07
CA ASP G 663 28.10 39.57 -17.04
C ASP G 663 29.31 40.29 -17.62
N ASP G 664 29.89 41.18 -16.81
CA ASP G 664 31.09 41.89 -17.25
C ASP G 664 32.24 40.93 -17.52
N GLU G 665 32.26 39.79 -16.85
CA GLU G 665 33.32 38.81 -17.09
C GLU G 665 33.20 38.19 -18.48
N PHE G 666 31.97 37.97 -18.95
CA PHE G 666 31.78 37.37 -20.26
C PHE G 666 32.17 38.33 -21.38
N ILE G 667 31.84 39.61 -21.25
CA ILE G 667 32.26 40.60 -22.23
C ILE G 667 33.78 40.69 -22.25
N GLY G 668 34.40 40.71 -21.08
CA GLY G 668 35.85 40.73 -21.04
C GLY G 668 36.47 39.49 -21.66
N ALA G 669 35.86 38.34 -21.46
CA ALA G 669 36.35 37.11 -22.09
C ALA G 669 36.23 37.19 -23.61
N ILE G 670 35.14 37.80 -24.10
CA ILE G 670 34.95 37.92 -25.54
C ILE G 670 36.01 38.82 -26.16
N ASP G 671 36.29 39.96 -25.52
CA ASP G 671 37.27 40.90 -26.07
C ASP G 671 38.66 40.29 -26.15
N LYS G 672 39.04 39.48 -25.14
CA LYS G 672 40.32 38.80 -25.20
C LYS G 672 40.36 37.81 -26.36
N GLU G 673 39.24 37.13 -26.61
CA GLU G 673 39.19 36.18 -27.72
C GLU G 673 39.30 36.89 -29.06
N SER G 674 38.74 38.10 -29.16
CA SER G 674 38.80 38.85 -30.41
C SER G 674 40.23 39.17 -30.80
N ALA G 675 41.04 39.62 -29.84
CA ALA G 675 42.44 39.90 -30.14
C ALA G 675 43.19 38.63 -30.50
N GLU G 676 42.89 37.53 -29.81
CA GLU G 676 43.55 36.27 -30.11
C GLU G 676 43.21 35.77 -31.50
N TYR G 677 41.94 35.91 -31.91
CA TYR G 677 41.54 35.49 -33.25
C TYR G 677 42.22 36.33 -34.32
N LEU G 678 42.29 37.64 -34.11
CA LEU G 678 42.95 38.51 -35.07
C LEU G 678 44.43 38.17 -35.19
N ASP G 679 45.07 37.88 -34.05
CA ASP G 679 46.48 37.51 -34.07
C ASP G 679 46.68 36.21 -34.85
N GLU G 680 45.82 35.22 -34.64
CA GLU G 680 46.00 33.94 -35.29
C GLU G 680 45.63 33.99 -36.77
N TYR G 681 44.69 34.86 -37.14
CA TYR G 681 44.37 35.00 -38.56
C TYR G 681 45.52 35.62 -39.33
N ALA G 682 46.15 36.65 -38.76
CA ALA G 682 47.31 37.27 -39.40
C ALA G 682 48.46 36.30 -39.49
N THR G 683 48.70 35.52 -38.43
CA THR G 683 49.78 34.53 -38.46
C THR G 683 49.51 33.45 -39.49
N LEU G 684 48.26 32.96 -39.55
CA LEU G 684 47.92 31.92 -40.51
C LEU G 684 48.03 32.43 -41.95
N ALA G 685 47.64 33.68 -42.18
CA ALA G 685 47.76 34.25 -43.52
C ALA G 685 49.22 34.35 -43.94
N ARG G 686 50.11 34.67 -43.00
CA ARG G 686 51.52 34.77 -43.31
C ARG G 686 52.11 33.40 -43.62
N ASP G 687 51.67 32.36 -42.90
CA ASP G 687 52.19 31.02 -43.13
C ASP G 687 51.82 30.51 -44.52
N ILE G 688 50.60 30.79 -44.97
CA ILE G 688 50.19 30.41 -46.31
C ILE G 688 51.02 31.12 -47.35
N SER G 689 51.26 32.42 -47.15
CA SER G 689 52.04 33.20 -48.12
C SER G 689 53.46 32.65 -48.24
N ASN G 690 54.08 32.30 -47.12
CA ASN G 690 55.40 31.68 -47.16
C ASN G 690 55.34 30.32 -47.84
N SER G 691 54.29 29.53 -47.54
CA SER G 691 54.19 28.19 -48.09
C SER G 691 54.02 28.23 -49.60
N LEU G 692 53.20 29.16 -50.10
CA LEU G 692 53.00 29.26 -51.54
C LEU G 692 54.28 29.65 -52.26
N THR G 693 55.05 30.56 -51.68
CA THR G 693 56.33 30.93 -52.27
C THR G 693 57.30 29.75 -52.29
N LEU G 694 57.32 28.97 -51.21
CA LEU G 694 58.27 27.86 -51.14
C LEU G 694 57.98 26.81 -52.19
N VAL G 695 56.70 26.48 -52.40
CA VAL G 695 56.35 25.41 -53.33
C VAL G 695 56.72 25.78 -54.76
N LYS G 696 56.46 27.04 -55.15
CA LYS G 696 56.71 27.45 -56.52
C LYS G 696 58.19 27.38 -56.87
N ALA G 697 59.06 27.83 -55.96
CA ALA G 697 60.48 27.91 -56.27
C ALA G 697 61.17 26.56 -56.19
N ALA G 698 60.62 25.61 -55.42
CA ALA G 698 61.32 24.36 -55.15
C ALA G 698 60.93 23.26 -56.12
N PHE G 699 59.64 22.91 -56.16
CA PHE G 699 59.19 21.74 -56.91
C PHE G 699 58.74 22.14 -58.32
N GLY G 700 58.55 21.12 -59.14
CA GLY G 700 58.10 21.31 -60.50
C GLY G 700 56.99 20.36 -60.88
N PRO G 701 56.69 20.25 -62.17
CA PRO G 701 55.64 19.33 -62.61
C PRO G 701 56.03 17.89 -62.37
N LEU G 702 55.02 17.06 -62.14
CA LEU G 702 55.19 15.63 -61.89
C LEU G 702 54.64 14.84 -63.06
N GLU G 703 55.44 13.92 -63.59
CA GLU G 703 55.06 13.11 -64.73
C GLU G 703 54.71 11.69 -64.29
N ARG G 704 54.39 10.86 -65.28
CA ARG G 704 54.03 9.46 -65.06
C ARG G 704 55.24 8.53 -65.07
N THR G 705 56.42 9.05 -64.76
CA THR G 705 57.66 8.29 -64.86
C THR G 705 58.19 8.03 -63.46
N SER G 706 58.76 6.83 -63.26
CA SER G 706 59.30 6.47 -61.95
C SER G 706 60.41 7.42 -61.54
N GLY G 707 61.17 7.93 -62.51
CA GLY G 707 62.21 8.90 -62.18
C GLY G 707 61.65 10.18 -61.59
N SER G 708 60.50 10.63 -62.11
CA SER G 708 59.89 11.85 -61.59
C SER G 708 59.41 11.66 -60.17
N ILE G 709 58.81 10.51 -59.87
CA ILE G 709 58.32 10.25 -58.52
C ILE G 709 59.48 10.16 -57.54
N ILE G 710 60.56 9.48 -57.93
CA ILE G 710 61.71 9.34 -57.05
C ILE G 710 62.36 10.69 -56.79
N ASN G 711 62.47 11.52 -57.83
CA ASN G 711 63.03 12.86 -57.66
C ASN G 711 62.19 13.70 -56.71
N HIS G 712 60.86 13.63 -56.86
CA HIS G 712 59.98 14.44 -56.03
C HIS G 712 60.05 14.01 -54.57
N ALA G 713 60.05 12.70 -54.31
CA ALA G 713 60.05 12.22 -52.94
C ALA G 713 61.31 12.62 -52.19
N ASN G 714 62.47 12.48 -52.85
CA ASN G 714 63.72 12.87 -52.21
C ASN G 714 63.79 14.37 -51.97
N ASN G 715 63.39 15.16 -52.97
CA ASN G 715 63.44 16.60 -52.84
C ASN G 715 62.47 17.09 -51.77
N LEU G 716 61.27 16.51 -51.72
CA LEU G 716 60.27 16.95 -50.74
C LEU G 716 60.75 16.69 -49.32
N ASN G 717 61.42 15.56 -49.09
CA ASN G 717 61.95 15.27 -47.76
C ASN G 717 63.01 16.27 -47.36
N LYS G 718 63.89 16.66 -48.29
CA LYS G 718 64.93 17.63 -47.97
C LYS G 718 64.34 18.98 -47.62
N VAL G 719 63.30 19.41 -48.35
CA VAL G 719 62.65 20.68 -48.05
C VAL G 719 61.97 20.63 -46.69
N ILE G 720 61.26 19.53 -46.41
CA ILE G 720 60.58 19.41 -45.12
C ILE G 720 61.58 19.34 -43.97
N ASN G 721 62.69 18.63 -44.18
CA ASN G 721 63.71 18.55 -43.15
C ASN G 721 64.33 19.91 -42.87
N HIS G 722 64.57 20.70 -43.91
CA HIS G 722 65.25 21.97 -43.73
C HIS G 722 64.38 22.99 -43.02
N VAL G 723 63.08 23.05 -43.37
CA VAL G 723 62.21 24.06 -42.76
C VAL G 723 61.99 23.78 -41.29
N PHE G 724 62.10 22.52 -40.87
CA PHE G 724 61.86 22.15 -39.48
C PHE G 724 63.12 22.17 -38.62
N ALA G 725 64.27 22.48 -39.19
CA ALA G 725 65.50 22.60 -38.42
C ALA G 725 65.63 24.01 -37.87
N ASP G 726 66.19 24.12 -36.67
CA ASP G 726 66.37 25.40 -35.96
C ASP G 726 64.98 26.02 -35.78
N LYS G 727 64.83 27.32 -35.98
CA LYS G 727 63.53 27.95 -35.84
C LYS G 727 62.63 27.55 -36.99
N PRO G 728 61.47 26.95 -36.74
CA PRO G 728 60.60 26.53 -37.85
C PRO G 728 60.12 27.72 -38.66
N LEU G 729 60.07 27.53 -39.98
CA LEU G 729 59.50 28.54 -40.86
C LEU G 729 58.02 28.75 -40.57
N ILE G 730 57.31 27.67 -40.32
CA ILE G 730 55.87 27.68 -40.08
C ILE G 730 55.61 27.83 -38.59
N SER G 731 54.52 28.51 -38.27
CA SER G 731 54.24 28.90 -36.89
C SER G 731 53.61 27.75 -36.12
N GLU G 732 53.54 27.93 -34.79
CA GLU G 732 52.93 26.93 -33.93
C GLU G 732 51.44 26.78 -34.20
N THR G 733 50.79 27.86 -34.66
CA THR G 733 49.35 27.81 -34.88
C THR G 733 48.99 26.87 -36.02
N MET G 734 49.67 26.99 -37.15
CA MET G 734 49.26 26.19 -38.31
C MET G 734 49.70 24.75 -38.17
N LEU G 735 50.69 24.48 -37.32
CA LEU G 735 50.98 23.09 -36.92
C LEU G 735 49.79 22.49 -36.18
N LYS G 736 49.18 23.28 -35.28
CA LYS G 736 48.08 22.76 -34.47
C LYS G 736 46.88 22.39 -35.34
N ILE G 737 46.66 23.13 -36.42
CA ILE G 737 45.57 22.80 -37.34
C ILE G 737 45.84 21.46 -38.02
N LEU G 738 47.07 21.24 -38.48
CA LEU G 738 47.40 20.04 -39.22
C LEU G 738 47.54 18.82 -38.31
N THR G 739 47.69 19.01 -37.00
CA THR G 739 47.83 17.91 -36.05
C THR G 739 46.55 17.59 -35.32
N ILE G 740 45.41 18.16 -35.74
CA ILE G 740 44.14 17.87 -35.09
C ILE G 740 43.79 16.39 -35.25
N ASP G 741 44.06 15.83 -36.43
CA ASP G 741 43.78 14.43 -36.69
C ASP G 741 44.67 13.48 -35.89
N GLY G 742 45.72 13.99 -35.26
CA GLY G 742 46.65 13.15 -34.51
C GLY G 742 47.96 12.88 -35.21
N THR G 743 48.08 13.24 -36.48
CA THR G 743 49.31 13.01 -37.21
C THR G 743 50.42 13.93 -36.71
N THR G 744 51.66 13.53 -36.98
CA THR G 744 52.81 14.32 -36.57
C THR G 744 52.86 15.63 -37.33
N GLY G 745 53.40 16.66 -36.67
CA GLY G 745 53.47 17.97 -37.30
C GLY G 745 54.28 17.98 -38.58
N LYS G 746 55.39 17.23 -38.61
CA LYS G 746 56.18 17.16 -39.84
C LYS G 746 55.38 16.54 -40.98
N ASP G 747 54.63 15.48 -40.69
CA ASP G 747 53.80 14.87 -41.71
C ASP G 747 52.68 15.81 -42.15
N GLY G 748 52.08 16.52 -41.20
CA GLY G 748 50.98 17.41 -41.56
C GLY G 748 51.40 18.50 -42.54
N TYR G 749 52.59 19.06 -42.34
CA TYR G 749 53.08 20.06 -43.28
C TYR G 749 53.47 19.43 -44.60
N ARG G 750 53.95 18.18 -44.58
CA ARG G 750 54.41 17.54 -45.81
C ARG G 750 53.24 17.26 -46.75
N ASN G 751 52.14 16.74 -46.22
CA ASN G 751 50.97 16.47 -47.05
C ASN G 751 50.40 17.75 -47.65
N TRP G 752 50.30 18.80 -46.84
CA TRP G 752 49.75 20.06 -47.34
C TRP G 752 50.67 20.67 -48.39
N LEU G 753 51.98 20.62 -48.16
CA LEU G 753 52.92 21.16 -49.14
C LEU G 753 52.84 20.38 -50.45
N ASP G 754 52.64 19.07 -50.37
CA ASP G 754 52.53 18.26 -51.58
C ASP G 754 51.32 18.68 -52.41
N LYS G 755 50.20 18.95 -51.73
CA LYS G 755 48.96 19.27 -52.44
C LYS G 755 48.99 20.63 -53.12
N LEU G 756 49.95 21.48 -52.80
CA LEU G 756 50.01 22.84 -53.33
C LEU G 756 50.84 22.96 -54.60
N VAL G 757 51.46 21.87 -55.07
CA VAL G 757 52.31 21.96 -56.25
C VAL G 757 51.48 22.28 -57.47
N GLY G 758 51.94 23.25 -58.26
CA GLY G 758 51.19 23.67 -59.44
C GLY G 758 49.98 24.50 -59.15
N HIS G 759 49.96 25.20 -58.01
CA HIS G 759 48.80 26.00 -57.64
C HIS G 759 48.71 27.25 -58.50
N ASN G 760 47.49 27.72 -58.70
CA ASN G 760 47.24 28.97 -59.40
C ASN G 760 46.86 30.10 -58.47
N TYR G 761 47.07 29.93 -57.16
CA TYR G 761 46.70 30.95 -56.21
C TYR G 761 47.54 32.20 -56.45
N PRO G 762 46.93 33.38 -56.39
CA PRO G 762 47.72 34.61 -56.51
C PRO G 762 48.40 34.95 -55.18
N VAL G 763 49.68 35.31 -55.27
CA VAL G 763 50.46 35.71 -54.11
C VAL G 763 50.84 37.17 -54.27
N TYR G 764 51.10 37.81 -53.14
CA TYR G 764 51.43 39.23 -53.10
C TYR G 764 52.92 39.40 -52.86
N VAL G 765 53.57 40.21 -53.69
CA VAL G 765 54.98 40.49 -53.53
C VAL G 765 55.16 41.58 -52.49
N GLU G 766 55.75 41.24 -51.37
CA GLU G 766 55.99 42.14 -50.26
C GLU G 766 57.30 42.88 -50.46
N PRO G 767 57.51 43.99 -49.76
CA PRO G 767 58.76 44.75 -49.93
C PRO G 767 60.01 43.94 -49.67
N VAL G 768 59.97 43.00 -48.73
CA VAL G 768 61.15 42.19 -48.44
C VAL G 768 61.53 41.35 -49.65
N VAL G 769 60.54 40.78 -50.34
CA VAL G 769 60.83 40.00 -51.54
C VAL G 769 61.46 40.88 -52.61
N ASN G 770 60.93 42.09 -52.79
CA ASN G 770 61.47 43.01 -53.79
C ASN G 770 62.92 43.36 -53.49
N ILE G 771 63.27 43.51 -52.21
CA ILE G 771 64.64 43.85 -51.86
C ILE G 771 65.57 42.68 -52.18
N MET G 772 65.18 41.46 -51.80
CA MET G 772 66.03 40.30 -52.05
C MET G 772 66.23 40.06 -53.52
N ASN G 773 65.18 40.29 -54.33
CA ASN G 773 65.32 40.13 -55.78
C ASN G 773 66.34 41.11 -56.35
N PHE G 774 66.34 42.34 -55.85
CA PHE G 774 67.28 43.33 -56.37
C PHE G 774 68.72 42.95 -56.07
N ILE G 775 69.00 42.52 -54.84
CA ILE G 775 70.35 42.11 -54.49
C ILE G 775 70.72 40.85 -55.25
N SER G 776 69.75 39.95 -55.47
CA SER G 776 69.99 38.79 -56.30
C SER G 776 70.32 39.18 -57.73
N ALA G 777 69.65 40.20 -58.25
CA ALA G 777 69.93 40.65 -59.61
C ALA G 777 71.32 41.25 -59.73
N ARG G 778 71.70 42.11 -58.79
CA ARG G 778 73.02 42.73 -58.82
C ARG G 778 74.13 41.73 -58.55
N PHE G 779 73.82 40.60 -57.90
CA PHE G 779 74.85 39.59 -57.65
C PHE G 779 75.33 38.96 -58.96
N VAL G 780 74.41 38.71 -59.88
CA VAL G 780 74.80 38.10 -61.14
C VAL G 780 75.20 39.13 -62.19
N ALA G 781 74.68 40.36 -62.09
CA ALA G 781 75.04 41.40 -63.05
C ALA G 781 76.45 41.90 -62.82
N ASP G 782 76.79 42.20 -61.57
CA ASP G 782 78.12 42.72 -61.21
C ASP G 782 78.80 41.67 -60.34
N SER G 783 79.51 40.74 -60.99
CA SER G 783 80.19 39.69 -60.26
C SER G 783 81.47 40.18 -59.58
N SER G 784 82.11 41.21 -60.14
CA SER G 784 83.40 41.64 -59.63
C SER G 784 83.30 42.27 -58.25
N TYR G 785 82.15 42.85 -57.91
CA TYR G 785 81.98 43.49 -56.61
C TYR G 785 82.05 42.50 -55.47
N PHE G 786 81.88 41.20 -55.73
CA PHE G 786 81.71 40.21 -54.68
C PHE G 786 82.74 39.09 -54.71
N GLY G 787 83.79 39.22 -55.53
CA GLY G 787 84.92 38.33 -55.44
C GLY G 787 84.92 37.14 -56.37
N TYR G 788 84.03 37.10 -57.37
CA TYR G 788 84.05 36.02 -58.34
C TYR G 788 83.88 36.59 -59.74
N THR G 789 84.36 35.83 -60.72
CA THR G 789 84.38 36.28 -62.11
C THR G 789 83.87 35.16 -63.00
N ASN G 790 83.62 35.52 -64.26
CA ASN G 790 83.11 34.56 -65.24
C ASN G 790 84.23 33.87 -65.99
N GLU G 791 85.22 34.62 -66.46
CA GLU G 791 86.33 34.07 -67.22
C GLU G 791 87.65 34.55 -66.65
N ILE G 792 88.69 33.73 -66.80
CA ILE G 792 90.05 34.07 -66.45
C ILE G 792 90.95 33.71 -67.63
N MET G 793 92.15 34.31 -67.65
CA MET G 793 93.11 34.10 -68.71
C MET G 793 94.44 33.67 -68.14
N ILE G 794 95.05 32.67 -68.78
CA ILE G 794 96.39 32.21 -68.43
C ILE G 794 97.27 32.39 -69.66
N MET G 795 98.35 33.16 -69.51
CA MET G 795 99.22 33.47 -70.63
C MET G 795 100.68 33.43 -70.19
N PRO G 796 101.60 33.07 -71.08
CA PRO G 796 103.02 33.09 -70.73
C PRO G 796 103.53 34.50 -70.50
N ASN G 797 104.64 34.59 -69.77
CA ASN G 797 105.21 35.89 -69.44
C ASN G 797 105.70 36.63 -70.68
N HIS G 798 106.30 35.92 -71.63
CA HIS G 798 106.94 36.56 -72.76
C HIS G 798 105.95 37.22 -73.72
N ILE G 799 104.65 36.98 -73.56
CA ILE G 799 103.65 37.63 -74.38
C ILE G 799 103.20 38.91 -73.69
N ASN G 800 103.27 40.03 -74.40
CA ASN G 800 102.86 41.32 -73.86
C ASN G 800 101.38 41.54 -74.16
N VAL G 801 100.58 41.70 -73.11
CA VAL G 801 99.14 41.86 -73.23
C VAL G 801 98.77 43.19 -72.57
N PRO G 802 97.92 44.01 -73.19
CA PRO G 802 97.49 45.25 -72.54
C PRO G 802 96.79 44.97 -71.22
N VAL G 803 97.11 45.77 -70.21
CA VAL G 803 96.53 45.64 -68.88
C VAL G 803 96.13 47.03 -68.39
N ASP G 804 95.25 47.05 -67.41
CA ASP G 804 94.82 48.32 -66.82
C ASP G 804 95.99 48.96 -66.10
N ASP G 805 96.16 50.28 -66.32
CA ASP G 805 97.28 51.02 -65.74
C ASP G 805 96.81 52.27 -65.02
N ARG G 806 95.56 52.29 -64.54
CA ARG G 806 95.07 53.46 -63.82
C ARG G 806 95.60 53.51 -62.41
N PHE G 807 95.81 52.36 -61.78
CA PHE G 807 96.25 52.30 -60.39
C PHE G 807 97.75 52.14 -60.24
N GLY G 808 98.49 51.99 -61.32
CA GLY G 808 99.94 51.94 -61.25
C GLY G 808 100.49 50.75 -60.50
N PHE G 809 99.89 49.58 -60.69
CA PHE G 809 100.41 48.35 -60.09
C PHE G 809 101.57 47.82 -60.92
N ARG G 810 102.48 47.12 -60.25
CA ARG G 810 103.57 46.43 -60.93
C ARG G 810 103.05 45.13 -61.51
N ASP G 811 103.09 45.00 -62.84
CA ASP G 811 102.57 43.85 -63.55
C ASP G 811 101.12 43.58 -63.14
N SER G 812 100.27 44.56 -63.43
CA SER G 812 98.90 44.53 -62.97
C SER G 812 98.16 43.34 -63.58
N PRO G 813 97.54 42.48 -62.77
CA PRO G 813 96.77 41.36 -63.32
C PRO G 813 95.33 41.71 -63.68
N PHE G 814 94.99 42.99 -63.75
CA PHE G 814 93.65 43.43 -64.06
C PHE G 814 93.63 44.04 -65.46
N CYS G 815 92.71 43.57 -66.29
CA CYS G 815 92.55 44.07 -67.65
C CYS G 815 91.23 44.83 -67.76
N THR G 816 91.23 45.89 -68.56
CA THR G 816 90.00 46.66 -68.76
C THR G 816 88.90 45.78 -69.33
N SER G 817 89.23 44.94 -70.31
CA SER G 817 88.37 43.87 -70.75
C SER G 817 89.26 42.74 -71.23
N LEU G 818 88.75 41.52 -71.17
CA LEU G 818 89.53 40.38 -71.60
C LEU G 818 89.81 40.51 -73.09
N PRO G 819 91.06 40.52 -73.53
CA PRO G 819 91.36 40.78 -74.93
C PRO G 819 90.79 39.72 -75.84
N ARG G 820 90.44 40.14 -77.06
CA ARG G 820 89.92 39.24 -78.08
C ARG G 820 91.00 38.77 -79.04
N THR G 821 91.88 39.66 -79.48
CA THR G 821 92.96 39.32 -80.41
C THR G 821 94.30 39.71 -79.81
N ILE G 822 95.25 38.78 -79.83
CA ILE G 822 96.60 39.04 -79.36
C ILE G 822 97.57 38.66 -80.47
N MET G 823 98.42 39.61 -80.87
CA MET G 823 99.35 39.44 -81.97
C MET G 823 98.64 39.08 -83.28
N GLY G 824 97.42 39.58 -83.45
CA GLY G 824 96.65 39.37 -84.67
C GLY G 824 95.86 38.08 -84.73
N ASN G 825 95.93 37.24 -83.70
CA ASN G 825 95.22 35.96 -83.68
C ASN G 825 94.30 35.92 -82.47
N ASP G 826 93.09 35.43 -82.68
CA ASP G 826 92.09 35.38 -81.61
C ASP G 826 92.52 34.40 -80.53
N VAL G 827 92.33 34.81 -79.27
CA VAL G 827 92.72 33.97 -78.15
C VAL G 827 91.76 32.78 -78.04
N ARG G 828 92.33 31.61 -77.77
CA ARG G 828 91.53 30.40 -77.64
C ARG G 828 90.66 30.47 -76.39
N ARG G 829 89.43 29.97 -76.51
CA ARG G 829 88.52 29.83 -75.39
C ARG G 829 88.28 28.35 -75.13
N ILE G 830 88.56 27.91 -73.90
CA ILE G 830 88.41 26.53 -73.50
C ILE G 830 87.49 26.48 -72.28
N SER G 831 86.48 25.62 -72.33
CA SER G 831 85.59 25.45 -71.19
C SER G 831 86.31 24.73 -70.07
N TYR G 832 85.84 24.96 -68.83
CA TYR G 832 86.50 24.37 -67.69
C TYR G 832 86.35 22.85 -67.69
N ASN G 833 85.21 22.36 -68.15
CA ASN G 833 85.00 20.90 -68.23
C ASN G 833 86.00 20.27 -69.18
N VAL G 834 86.21 20.89 -70.35
CA VAL G 834 87.18 20.36 -71.30
C VAL G 834 88.60 20.54 -70.77
N PHE G 835 88.87 21.67 -70.12
CA PHE G 835 90.20 21.90 -69.56
C PHE G 835 90.55 20.88 -68.50
N SER G 836 89.59 20.56 -67.62
CA SER G 836 89.84 19.61 -66.55
C SER G 836 89.96 18.18 -67.06
N MET G 837 89.63 17.94 -68.32
CA MET G 837 89.47 16.58 -68.82
C MET G 837 90.61 16.18 -69.75
N MET G 838 91.25 17.15 -70.40
CA MET G 838 92.22 16.85 -71.44
C MET G 838 93.56 16.39 -70.86
N GLU G 839 94.34 15.71 -71.69
CA GLU G 839 95.60 15.12 -71.29
C GLU G 839 96.81 15.86 -71.86
N ASP G 840 96.60 16.81 -72.76
CA ASP G 840 97.68 17.53 -73.42
C ASP G 840 97.82 18.96 -72.91
N ILE G 841 97.63 19.16 -71.60
CA ILE G 841 97.68 20.48 -71.02
C ILE G 841 99.02 21.17 -71.23
N ASP G 842 100.08 20.40 -71.50
CA ASP G 842 101.39 21.01 -71.69
C ASP G 842 101.46 21.78 -73.00
N ASP G 843 100.85 21.25 -74.06
CA ASP G 843 100.92 21.91 -75.36
C ASP G 843 100.09 23.19 -75.38
N VAL G 844 98.86 23.13 -74.86
CA VAL G 844 97.98 24.29 -74.95
C VAL G 844 98.40 25.38 -73.98
N ILE G 845 99.13 25.03 -72.91
CA ILE G 845 99.55 26.04 -71.94
C ILE G 845 100.54 27.01 -72.54
N SER G 846 101.30 26.58 -73.56
CA SER G 846 102.32 27.44 -74.14
C SER G 846 101.73 28.56 -74.97
N GLU G 847 100.59 28.31 -75.62
CA GLU G 847 99.97 29.34 -76.46
C GLU G 847 99.06 30.27 -75.67
N GLY G 848 98.72 29.93 -74.44
CA GLY G 848 97.81 30.75 -73.66
C GLY G 848 96.37 30.59 -74.09
N PHE G 849 95.44 30.65 -73.14
CA PHE G 849 94.03 30.48 -73.44
C PHE G 849 93.20 31.23 -72.41
N ILE G 850 91.89 31.29 -72.66
CA ILE G 850 90.93 31.89 -71.75
C ILE G 850 90.03 30.78 -71.24
N LEU G 851 89.93 30.67 -69.92
CA LEU G 851 89.09 29.66 -69.29
C LEU G 851 87.75 30.28 -68.90
N TYR G 852 86.66 29.69 -69.38
CA TYR G 852 85.33 30.24 -69.16
C TYR G 852 84.40 29.09 -68.78
N ASP G 853 83.11 29.39 -68.74
CA ASP G 853 82.07 28.42 -68.35
C ASP G 853 82.31 27.92 -66.93
N ALA G 854 82.60 28.85 -66.03
CA ALA G 854 82.77 28.56 -64.62
C ALA G 854 82.71 29.86 -63.85
N TYR G 855 82.59 29.74 -62.53
CA TYR G 855 82.56 30.90 -61.62
C TYR G 855 83.83 30.86 -60.78
N PHE G 856 84.90 31.44 -61.31
CA PHE G 856 86.19 31.41 -60.62
C PHE G 856 86.19 32.39 -59.45
N ASN G 857 86.61 31.91 -58.29
CA ASN G 857 86.64 32.71 -57.07
C ASN G 857 88.04 33.23 -56.83
N PHE G 858 88.16 34.52 -56.51
CA PHE G 858 89.46 35.13 -56.35
C PHE G 858 89.45 36.12 -55.19
N SER G 859 90.64 36.41 -54.69
CA SER G 859 90.84 37.41 -53.66
C SER G 859 92.18 38.08 -53.91
N TYR G 860 92.36 39.26 -53.33
CA TYR G 860 93.59 40.01 -53.54
C TYR G 860 93.87 40.91 -52.35
N ASP G 861 95.16 41.12 -52.08
CA ASP G 861 95.62 42.08 -51.09
C ASP G 861 96.47 43.13 -51.79
N ILE G 862 96.11 44.40 -51.63
CA ILE G 862 96.89 45.49 -52.17
C ILE G 862 97.91 45.89 -51.10
N MET G 863 99.19 45.75 -51.42
CA MET G 863 100.26 46.08 -50.50
C MET G 863 100.80 47.48 -50.82
N THR G 864 101.07 48.24 -49.76
CA THR G 864 101.48 49.63 -49.94
C THR G 864 102.88 49.74 -50.51
N THR G 865 103.77 48.80 -50.18
CA THR G 865 105.15 48.85 -50.64
C THR G 865 105.23 48.39 -52.08
N ASP G 866 106.44 48.16 -52.58
CA ASP G 866 106.66 47.72 -53.95
C ASP G 866 107.27 46.32 -53.89
N GLY G 867 106.93 45.51 -54.88
CA GLY G 867 107.41 44.14 -54.90
C GLY G 867 106.96 43.43 -56.16
N VAL G 868 107.14 42.11 -56.15
CA VAL G 868 106.78 41.29 -57.30
C VAL G 868 105.35 40.79 -57.13
N THR G 869 104.50 41.07 -58.11
CA THR G 869 103.10 40.65 -58.08
C THR G 869 103.02 39.18 -58.47
N ARG G 870 102.68 38.33 -57.50
CA ARG G 870 102.65 36.89 -57.72
C ARG G 870 101.46 36.28 -56.99
N LEU G 871 101.03 35.11 -57.48
CA LEU G 871 99.97 34.37 -56.83
C LEU G 871 100.52 33.57 -55.66
N LYS G 872 99.67 33.36 -54.65
CA LYS G 872 100.11 32.67 -53.44
C LYS G 872 100.44 31.20 -53.73
N GLU G 873 99.63 30.52 -54.52
CA GLU G 873 99.95 29.16 -54.96
C GLU G 873 100.19 29.13 -56.46
N ASP G 874 100.39 27.92 -56.97
CA ASP G 874 100.60 27.71 -58.39
C ASP G 874 99.31 27.91 -59.16
N ILE G 875 99.43 28.03 -60.48
CA ILE G 875 98.26 28.30 -61.32
C ILE G 875 97.33 27.10 -61.34
N LEU G 876 97.86 25.90 -61.58
CA LEU G 876 97.01 24.75 -61.77
C LEU G 876 97.66 23.50 -61.18
N ILE G 877 96.82 22.52 -60.89
CA ILE G 877 97.24 21.23 -60.35
C ILE G 877 96.87 20.15 -61.35
N VAL G 878 97.80 19.27 -61.67
CA VAL G 878 97.61 18.23 -62.67
C VAL G 878 97.62 16.89 -61.95
N THR G 879 96.48 16.22 -61.95
CA THR G 879 96.33 14.90 -61.35
C THR G 879 96.00 13.88 -62.42
N ASP G 880 96.04 12.61 -62.03
CA ASP G 880 95.65 11.54 -62.95
C ASP G 880 94.18 11.65 -63.31
N THR G 881 93.33 11.98 -62.34
CA THR G 881 91.91 12.14 -62.60
C THR G 881 91.66 13.31 -63.54
N GLY G 882 92.24 14.46 -63.25
CA GLY G 882 92.04 15.62 -64.09
C GLY G 882 92.79 16.82 -63.54
N ASN G 883 92.71 17.91 -64.28
CA ASN G 883 93.37 19.16 -63.94
C ASN G 883 92.39 20.11 -63.27
N ASP G 884 92.93 20.99 -62.42
CA ASP G 884 92.12 21.96 -61.70
C ASP G 884 92.91 23.24 -61.53
N ILE G 885 92.20 24.33 -61.29
CA ILE G 885 92.79 25.63 -61.01
C ILE G 885 92.82 25.83 -59.50
N LYS G 886 94.00 26.11 -58.96
CA LYS G 886 94.17 26.29 -57.54
C LYS G 886 93.56 27.62 -57.10
N PRO G 887 93.28 27.78 -55.80
CA PRO G 887 92.68 29.03 -55.32
C PRO G 887 93.54 30.23 -55.68
N ILE G 888 92.88 31.33 -56.04
CA ILE G 888 93.53 32.51 -56.58
C ILE G 888 93.69 33.53 -55.46
N HIS G 889 94.92 33.97 -55.22
CA HIS G 889 95.20 35.04 -54.28
C HIS G 889 96.30 35.90 -54.87
N PHE G 890 95.95 37.13 -55.24
CA PHE G 890 96.89 38.06 -55.86
C PHE G 890 97.59 38.87 -54.80
N TYR G 891 98.92 38.90 -54.85
CA TYR G 891 99.74 39.77 -54.00
C TYR G 891 100.24 40.89 -54.90
N ILE G 892 99.44 41.94 -55.06
CA ILE G 892 99.75 43.01 -55.99
C ILE G 892 100.33 44.20 -55.25
N TYR G 893 101.46 44.70 -55.75
CA TYR G 893 102.17 45.83 -55.18
C TYR G 893 102.06 47.04 -56.08
N PHE G 894 102.68 48.13 -55.66
CA PHE G 894 102.79 49.32 -56.48
C PHE G 894 104.15 49.36 -57.17
N GLU G 895 104.22 50.13 -58.24
CA GLU G 895 105.34 50.05 -59.19
C GLU G 895 106.21 51.29 -59.13
N ASN G 896 107.52 51.09 -59.01
CA ASN G 896 108.52 52.12 -59.26
C ASN G 896 109.30 51.69 -60.49
N ARG G 897 109.27 52.53 -61.53
CA ARG G 897 109.88 52.13 -62.80
C ARG G 897 111.38 51.96 -62.68
N ASN G 898 112.06 52.87 -61.98
CA ASN G 898 113.51 52.86 -61.90
C ASN G 898 113.96 52.00 -60.72
N ASP G 899 113.84 50.68 -60.90
CA ASP G 899 114.35 49.73 -59.93
C ASP G 899 114.67 48.45 -60.69
N LYS G 900 115.95 48.17 -60.86
CA LYS G 900 116.38 47.05 -61.70
C LYS G 900 116.16 45.71 -61.03
N LYS G 901 116.13 45.67 -59.69
CA LYS G 901 116.06 44.39 -59.00
C LYS G 901 114.73 43.69 -59.26
N LEU G 902 113.62 44.40 -59.08
CA LEU G 902 112.32 43.78 -59.28
C LEU G 902 111.86 43.83 -60.72
N ARG G 903 112.58 44.56 -61.59
CA ARG G 903 112.32 44.44 -63.02
C ARG G 903 112.80 43.09 -63.54
N TYR G 904 114.00 42.68 -63.12
CA TYR G 904 114.50 41.35 -63.49
C TYR G 904 113.70 40.26 -62.80
N GLU G 905 113.28 40.50 -61.56
CA GLU G 905 112.51 39.49 -60.83
C GLU G 905 111.18 39.21 -61.51
N SER G 906 110.51 40.25 -62.00
CA SER G 906 109.25 40.04 -62.70
C SER G 906 109.46 39.24 -63.97
N LYS G 907 110.52 39.54 -64.72
CA LYS G 907 110.73 38.88 -66.00
C LYS G 907 111.18 37.43 -65.82
N MET G 908 112.14 37.18 -64.93
CA MET G 908 112.84 35.91 -64.90
C MET G 908 112.45 35.03 -63.72
N ASN G 909 111.39 35.38 -62.99
CA ASN G 909 110.96 34.55 -61.87
C ASN G 909 109.48 34.19 -61.90
N VAL G 910 108.69 34.77 -62.79
CA VAL G 910 107.28 34.43 -62.94
C VAL G 910 107.13 33.90 -64.36
N SER G 911 107.12 32.58 -64.50
CA SER G 911 107.13 31.98 -65.83
C SER G 911 105.77 32.07 -66.51
N TYR G 912 104.69 32.19 -65.73
CA TYR G 912 103.35 32.34 -66.30
C TYR G 912 102.58 33.37 -65.47
N ARG G 913 101.55 33.96 -66.09
CA ARG G 913 100.76 34.99 -65.44
C ARG G 913 99.28 34.72 -65.62
N LEU G 914 98.49 35.26 -64.69
CA LEU G 914 97.05 35.13 -64.68
C LEU G 914 96.42 36.52 -64.77
N TYR G 915 95.39 36.65 -65.61
CA TYR G 915 94.72 37.92 -65.83
C TYR G 915 93.21 37.75 -65.67
N ILE G 916 92.59 38.72 -65.01
CA ILE G 916 91.14 38.78 -64.86
C ILE G 916 90.68 40.19 -65.20
N LYS G 917 89.39 40.33 -65.45
CA LYS G 917 88.81 41.66 -65.67
C LYS G 917 88.96 42.49 -64.41
N THR G 918 89.19 43.79 -64.60
CA THR G 918 89.44 44.67 -63.47
C THR G 918 88.19 44.76 -62.60
N PRO G 919 88.31 44.55 -61.29
CA PRO G 919 87.14 44.68 -60.42
C PRO G 919 86.58 46.08 -60.47
N ALA G 920 85.25 46.17 -60.47
CA ALA G 920 84.59 47.47 -60.54
C ALA G 920 84.63 48.23 -59.23
N CYS G 921 85.02 47.58 -58.13
CA CYS G 921 85.02 48.25 -56.84
C CYS G 921 86.18 49.24 -56.72
N LEU G 922 87.27 49.03 -57.47
CA LEU G 922 88.39 49.94 -57.41
C LEU G 922 88.06 51.24 -58.13
N LEU G 923 88.59 52.35 -57.60
CA LEU G 923 88.37 53.67 -58.17
C LEU G 923 89.61 54.50 -57.91
N PRO G 924 90.24 55.07 -58.94
CA PRO G 924 91.40 55.92 -58.71
C PRO G 924 91.03 57.16 -57.92
N LEU G 925 92.00 57.67 -57.16
CA LEU G 925 91.76 58.84 -56.32
C LEU G 925 91.43 60.07 -57.15
N SER G 926 91.91 60.12 -58.40
CA SER G 926 91.60 61.25 -59.26
C SER G 926 90.10 61.33 -59.54
N ASP G 927 89.47 60.18 -59.77
CA ASP G 927 88.03 60.13 -60.03
C ASP G 927 87.23 59.96 -58.75
N TYR G 928 87.49 60.82 -57.76
CA TYR G 928 86.77 60.72 -56.49
C TYR G 928 85.40 61.33 -56.55
N MET G 929 85.16 62.28 -57.46
CA MET G 929 83.86 62.91 -57.57
C MET G 929 82.78 61.92 -57.99
N ARG G 930 83.16 60.82 -58.64
CA ARG G 930 82.19 59.82 -59.03
C ARG G 930 81.64 59.04 -57.85
N ALA G 931 82.24 59.17 -56.67
CA ALA G 931 81.77 58.48 -55.48
C ALA G 931 80.72 59.28 -54.72
N GLN G 932 80.38 60.47 -55.19
CA GLN G 932 79.34 61.26 -54.53
C GLN G 932 77.97 60.62 -54.75
N HIS G 933 77.17 60.60 -53.69
CA HIS G 933 75.84 60.01 -53.74
C HIS G 933 74.96 60.77 -52.76
N ASP G 934 73.64 60.66 -52.98
CA ASP G 934 72.67 61.36 -52.15
C ASP G 934 71.76 60.37 -51.42
N TYR G 935 71.32 60.78 -50.23
CA TYR G 935 70.38 60.00 -49.44
C TYR G 935 69.34 60.96 -48.85
N VAL G 936 68.09 60.51 -48.81
CA VAL G 936 66.99 61.33 -48.33
C VAL G 936 66.51 60.77 -47.00
N SER G 937 66.54 61.61 -45.97
CA SER G 937 65.99 61.27 -44.67
C SER G 937 64.70 62.04 -44.46
N PRO G 938 63.62 61.39 -44.05
CA PRO G 938 62.34 62.09 -43.91
C PRO G 938 62.40 63.13 -42.81
N SER G 939 61.43 64.03 -42.85
CA SER G 939 61.38 65.15 -41.91
C SER G 939 61.27 64.65 -40.48
N SER G 940 61.94 65.35 -39.56
CA SER G 940 61.88 65.01 -38.15
C SER G 940 60.55 65.38 -37.52
N SER G 941 59.69 66.11 -38.24
CA SER G 941 58.39 66.49 -37.70
C SER G 941 57.47 65.29 -37.51
N ARG G 942 57.75 64.18 -38.17
CA ARG G 942 56.84 63.04 -38.14
C ARG G 942 56.97 62.26 -36.84
N VAL G 943 55.81 61.88 -36.28
CA VAL G 943 55.73 61.07 -35.08
C VAL G 943 55.10 59.73 -35.45
N TYR G 944 55.75 58.65 -35.06
CA TYR G 944 55.33 57.31 -35.45
C TYR G 944 54.53 56.67 -34.34
N ILE G 945 53.31 56.23 -34.68
CA ILE G 945 52.36 55.69 -33.71
C ILE G 945 52.51 54.18 -33.69
N LYS G 946 52.84 53.64 -32.51
CA LYS G 946 53.00 52.19 -32.38
C LYS G 946 51.66 51.47 -32.41
N ASP G 947 50.64 52.04 -31.77
CA ASP G 947 49.32 51.42 -31.68
C ASP G 947 48.31 52.30 -32.41
N PRO G 948 47.93 51.95 -33.63
CA PRO G 948 47.01 52.80 -34.39
C PRO G 948 45.54 52.50 -34.13
N ALA G 949 45.24 51.78 -33.05
CA ALA G 949 43.86 51.43 -32.75
C ALA G 949 43.02 52.69 -32.54
N VAL G 950 41.78 52.65 -33.00
CA VAL G 950 40.91 53.81 -33.01
C VAL G 950 39.74 53.66 -32.05
N VAL G 951 39.73 52.62 -31.22
CA VAL G 951 38.63 52.37 -30.28
C VAL G 951 39.20 51.93 -28.94
N TYR G 952 38.33 51.95 -27.94
CA TYR G 952 38.67 51.57 -26.57
C TYR G 952 37.67 50.53 -26.08
N THR G 953 38.11 49.69 -25.14
CA THR G 953 37.19 48.77 -24.48
C THR G 953 36.18 49.56 -23.66
N ARG G 954 34.98 49.00 -23.52
CA ARG G 954 33.90 49.72 -22.85
C ARG G 954 34.23 49.98 -21.38
N SER G 955 34.82 49.00 -20.70
CA SER G 955 35.17 49.15 -19.31
C SER G 955 36.68 48.99 -19.10
N VAL H 20 46.93 144.96 52.42
CA VAL H 20 46.01 145.45 51.40
C VAL H 20 45.22 144.28 50.81
N GLN H 21 43.90 144.43 50.79
CA GLN H 21 43.03 143.37 50.29
C GLN H 21 43.29 143.11 48.81
N THR H 22 43.37 141.84 48.44
CA THR H 22 43.48 141.45 47.05
C THR H 22 42.08 141.23 46.46
N GLN H 23 41.95 141.54 45.17
CA GLN H 23 40.68 141.40 44.51
C GLN H 23 40.27 139.93 44.41
N ASP H 24 38.97 139.69 44.36
CA ASP H 24 38.47 138.32 44.25
C ASP H 24 38.91 137.66 42.94
N PHE H 25 38.80 138.38 41.83
CA PHE H 25 39.24 137.84 40.55
C PHE H 25 39.96 138.91 39.76
N LYS H 26 40.89 138.47 38.92
CA LYS H 26 41.66 139.38 38.08
C LYS H 26 40.85 139.79 36.85
N THR H 27 41.19 140.94 36.30
CA THR H 27 40.53 141.49 35.13
C THR H 27 41.59 142.01 34.18
N ALA H 28 41.32 141.92 32.87
CA ALA H 28 42.27 142.39 31.88
C ALA H 28 42.58 143.87 32.08
N VAL H 29 41.60 144.66 32.50
CA VAL H 29 41.86 146.07 32.79
C VAL H 29 42.68 146.21 34.05
N GLN H 30 42.38 145.42 35.08
CA GLN H 30 42.96 145.58 36.42
C GLN H 30 43.60 144.28 36.87
N PRO H 31 44.88 144.07 36.57
CA PRO H 31 45.58 142.90 37.09
C PRO H 31 46.18 143.17 38.47
N ASP H 32 46.08 142.16 39.33
CA ASP H 32 46.57 142.27 40.71
C ASP H 32 48.09 142.11 40.74
N THR H 33 48.77 143.07 40.14
CA THR H 33 50.22 143.03 40.11
C THR H 33 50.78 143.36 41.48
N ASN H 34 51.97 142.83 41.76
CA ASN H 34 52.63 143.11 43.04
C ASN H 34 52.98 144.59 43.16
N THR H 35 53.45 145.19 42.06
CA THR H 35 53.79 146.61 42.10
C THR H 35 52.54 147.48 42.15
N ALA H 36 51.39 146.93 41.75
CA ALA H 36 50.14 147.67 41.88
C ALA H 36 49.72 147.78 43.33
N GLN H 37 49.85 146.68 44.09
CA GLN H 37 49.49 146.71 45.51
C GLN H 37 50.46 147.57 46.29
N LEU H 38 51.74 147.60 45.88
CA LEU H 38 52.71 148.45 46.55
C LEU H 38 52.34 149.93 46.44
N ILE H 39 51.93 150.35 45.24
CA ILE H 39 51.47 151.73 45.07
C ILE H 39 50.20 151.96 45.88
N LYS H 40 49.31 150.97 45.92
CA LYS H 40 48.06 151.11 46.64
C LYS H 40 48.26 151.25 48.15
N THR H 41 49.46 150.96 48.65
CA THR H 41 49.71 151.10 50.07
C THR H 41 49.56 152.54 50.53
N TYR H 42 50.10 153.48 49.75
CA TYR H 42 49.99 154.90 50.08
C TYR H 42 48.93 155.63 49.27
N SER H 43 48.65 155.17 48.05
CA SER H 43 47.66 155.85 47.22
C SER H 43 46.25 155.62 47.73
N ASN H 44 45.91 154.37 48.06
CA ASN H 44 44.54 154.01 48.46
C ASN H 44 44.60 152.81 49.39
N PRO H 45 44.85 153.05 50.67
CA PRO H 45 45.00 151.92 51.60
C PRO H 45 43.71 151.15 51.83
N LYS H 46 42.63 151.85 52.16
CA LYS H 46 41.37 151.20 52.52
C LYS H 46 40.56 150.99 51.25
N GLN H 47 40.82 149.87 50.58
CA GLN H 47 40.09 149.51 49.37
C GLN H 47 39.59 148.08 49.50
N ARG H 48 38.32 147.87 49.14
CA ARG H 48 37.69 146.57 49.23
C ARG H 48 37.92 145.81 47.93
N GLY H 49 38.39 144.57 48.05
CA GLY H 49 38.57 143.74 46.87
C GLY H 49 37.32 143.09 46.36
N ASP H 50 36.21 143.18 47.10
CA ASP H 50 34.98 142.52 46.72
C ASP H 50 34.46 143.11 45.42
N LYS H 51 34.07 142.22 44.49
CA LYS H 51 33.56 142.62 43.19
C LYS H 51 32.15 142.08 42.96
N GLY H 52 31.41 141.85 44.05
CA GLY H 52 30.02 141.44 43.93
C GLY H 52 29.86 139.95 43.65
N GLU H 53 28.60 139.54 43.58
CA GLU H 53 28.28 138.17 43.24
C GLU H 53 28.58 137.89 41.77
N ILE H 54 29.02 136.68 41.48
CA ILE H 54 29.43 136.30 40.13
C ILE H 54 28.21 135.73 39.43
N ILE H 55 27.52 136.58 38.67
CA ILE H 55 26.34 136.13 37.93
C ILE H 55 26.74 135.18 36.81
N TYR H 56 27.75 135.56 36.03
CA TYR H 56 28.21 134.76 34.89
C TYR H 56 29.72 134.66 34.93
N ASP H 57 30.24 133.44 34.84
CA ASP H 57 31.68 133.21 34.80
C ASP H 57 32.03 132.11 33.79
N GLY H 58 31.28 132.03 32.70
CA GLY H 58 31.47 130.97 31.75
C GLY H 58 30.84 129.67 32.23
N GLY H 59 31.07 128.62 31.45
CA GLY H 59 30.53 127.33 31.80
C GLY H 59 30.88 126.30 30.75
N LEU H 60 30.24 125.13 30.86
CA LEU H 60 30.41 124.10 29.85
C LEU H 60 29.94 124.61 28.50
N SER H 61 30.77 124.43 27.48
CA SER H 61 30.52 124.98 26.15
C SER H 61 30.23 123.85 25.18
N SER H 62 29.13 123.99 24.44
CA SER H 62 28.76 122.98 23.46
C SER H 62 29.44 123.28 22.13
N LYS H 63 30.22 122.33 21.63
CA LYS H 63 30.96 122.49 20.39
C LYS H 63 30.13 121.87 19.27
N LEU H 64 30.13 122.53 18.11
CA LEU H 64 29.31 122.07 16.99
C LEU H 64 29.68 120.65 16.58
N ALA H 65 30.97 120.39 16.38
CA ALA H 65 31.39 119.08 15.89
C ALA H 65 32.78 118.77 16.40
N ASP H 66 33.10 117.48 16.40
CA ASP H 66 34.43 117.00 16.78
C ASP H 66 35.11 116.41 15.56
N VAL H 67 36.33 116.88 15.27
CA VAL H 67 37.09 116.42 14.13
C VAL H 67 38.02 115.30 14.60
N VAL H 68 38.02 114.18 13.89
CA VAL H 68 38.84 113.03 14.24
C VAL H 68 40.09 113.04 13.38
N ASP H 69 41.25 113.12 14.03
CA ASP H 69 42.51 113.10 13.30
C ASP H 69 42.86 111.71 12.80
N LYS H 70 42.45 110.67 13.52
CA LYS H 70 42.71 109.30 13.12
C LYS H 70 42.01 109.04 11.79
N THR H 71 42.79 108.74 10.76
CA THR H 71 42.21 108.37 9.46
C THR H 71 41.45 107.06 9.60
N THR H 72 40.20 107.06 9.16
CA THR H 72 39.28 105.98 9.42
C THR H 72 38.91 105.26 8.14
N GLU H 73 38.67 103.96 8.25
CA GLU H 73 38.16 103.19 7.12
C GLU H 73 36.75 103.65 6.78
N PRO H 74 36.32 103.48 5.54
CA PRO H 74 34.95 103.88 5.17
C PRO H 74 33.92 103.14 6.00
N HIS H 75 32.84 103.84 6.33
CA HIS H 75 31.78 103.30 7.16
C HIS H 75 30.46 103.96 6.81
N ASN H 76 29.38 103.30 7.19
CA ASN H 76 28.04 103.86 7.02
C ASN H 76 27.66 104.66 8.26
N ALA H 77 26.51 105.35 8.18
CA ALA H 77 26.04 106.15 9.30
C ALA H 77 25.65 105.25 10.46
N ASP H 78 26.08 105.62 11.66
CA ASP H 78 25.73 104.86 12.86
C ASP H 78 25.40 105.78 14.03
N GLY H 79 25.12 107.06 13.77
CA GLY H 79 24.75 107.97 14.83
C GLY H 79 23.25 108.02 15.02
N ALA H 80 22.66 109.20 14.86
CA ALA H 80 21.20 109.31 14.90
C ALA H 80 20.58 108.54 13.74
N VAL H 81 21.18 108.61 12.57
CA VAL H 81 20.72 107.88 11.40
C VAL H 81 21.45 106.54 11.35
N LYS H 82 20.69 105.45 11.38
CA LYS H 82 21.24 104.10 11.34
C LYS H 82 20.93 103.48 9.99
N ASP H 83 21.97 102.99 9.31
CA ASP H 83 21.82 102.45 7.97
C ASP H 83 21.59 100.95 8.04
N GLY H 84 20.45 100.50 7.54
CA GLY H 84 20.10 99.09 7.59
C GLY H 84 20.74 98.23 6.52
N ARG H 85 21.42 98.84 5.56
CA ARG H 85 22.05 98.08 4.50
C ARG H 85 23.31 97.38 5.02
N ILE H 86 23.84 96.49 4.18
CA ILE H 86 25.07 95.78 4.52
C ILE H 86 26.23 96.76 4.58
N ALA H 87 27.12 96.57 5.56
CA ALA H 87 28.29 97.39 5.69
C ALA H 87 29.19 97.25 4.47
N PRO H 88 30.03 98.24 4.19
CA PRO H 88 30.85 98.19 2.98
C PRO H 88 31.73 96.96 2.93
N VAL H 89 31.90 96.41 1.71
CA VAL H 89 32.73 95.24 1.48
C VAL H 89 34.11 95.71 1.04
N LYS H 90 35.14 95.16 1.65
CA LYS H 90 36.52 95.51 1.35
C LYS H 90 37.09 94.47 0.39
N LEU H 91 37.57 94.93 -0.75
CA LEU H 91 38.04 94.04 -1.81
C LEU H 91 39.55 94.23 -1.98
N ASP H 92 40.28 93.10 -2.06
CA ASP H 92 41.72 93.12 -2.26
C ASP H 92 42.00 93.07 -3.76
N LEU H 93 41.92 94.23 -4.40
CA LEU H 93 42.16 94.38 -5.82
C LEU H 93 43.50 95.08 -6.04
N GLU H 94 43.86 95.25 -7.32
CA GLU H 94 45.02 96.04 -7.71
C GLU H 94 46.31 95.47 -7.13
N LYS H 95 46.50 94.17 -7.29
CA LYS H 95 47.70 93.52 -6.78
C LYS H 95 48.85 93.73 -7.75
N GLN H 96 49.97 94.26 -7.24
CA GLN H 96 51.11 94.56 -8.10
C GLN H 96 51.81 93.29 -8.58
N LYS H 97 51.81 92.24 -7.77
CA LYS H 97 52.42 90.97 -8.14
C LYS H 97 51.35 89.90 -8.23
N LEU H 98 51.62 88.89 -9.06
CA LEU H 98 50.63 87.84 -9.28
C LEU H 98 50.53 86.94 -8.07
N ASP H 99 49.30 86.72 -7.60
CA ASP H 99 49.03 85.84 -6.48
C ASP H 99 47.74 85.08 -6.76
N LYS H 100 47.76 83.77 -6.49
CA LYS H 100 46.59 82.91 -6.66
C LYS H 100 46.05 82.92 -8.08
N LEU H 101 46.94 83.06 -9.07
CA LEU H 101 46.57 82.93 -10.47
C LEU H 101 47.57 82.01 -11.15
N LYS H 102 47.18 80.75 -11.35
CA LYS H 102 47.97 79.78 -12.08
C LYS H 102 47.09 79.20 -13.17
N LEU H 103 47.60 79.18 -14.40
CA LEU H 103 46.81 78.67 -15.52
C LEU H 103 46.51 77.18 -15.37
N PHE H 104 47.49 76.41 -14.91
CA PHE H 104 47.32 74.97 -14.75
C PHE H 104 47.79 74.54 -13.37
N GLU H 105 47.14 73.52 -12.82
CA GLU H 105 47.64 72.90 -11.60
C GLU H 105 48.99 72.26 -11.84
N THR H 106 49.08 71.42 -12.86
CA THR H 106 50.33 70.86 -13.35
C THR H 106 50.45 71.19 -14.82
N SER H 107 51.62 71.67 -15.23
CA SER H 107 51.82 72.05 -16.62
C SER H 107 51.67 70.82 -17.52
N PRO H 108 51.15 71.01 -18.74
CA PRO H 108 51.07 69.86 -19.65
C PRO H 108 52.42 69.25 -19.93
N PHE H 109 53.47 70.07 -19.99
CA PHE H 109 54.84 69.60 -20.12
C PHE H 109 55.78 70.72 -19.75
N ASP H 110 57.00 70.37 -19.39
CA ASP H 110 58.04 71.36 -19.22
C ASP H 110 58.69 71.63 -20.57
N PRO H 111 58.61 72.85 -21.10
CA PRO H 111 59.13 73.09 -22.45
C PRO H 111 60.62 72.83 -22.60
N LEU H 112 61.39 72.98 -21.53
CA LEU H 112 62.83 72.81 -21.62
C LEU H 112 63.25 71.34 -21.73
N THR H 113 62.42 70.42 -21.24
CA THR H 113 62.80 69.00 -21.26
C THR H 113 62.66 68.38 -22.64
N ILE H 114 61.68 68.82 -23.42
CA ILE H 114 61.43 68.23 -24.73
C ILE H 114 62.54 68.62 -25.70
N LYS H 115 62.74 67.79 -26.73
CA LYS H 115 63.69 68.08 -27.79
C LYS H 115 63.13 67.88 -29.19
N ASN H 116 62.07 67.10 -29.37
CA ASN H 116 61.41 66.95 -30.66
C ASN H 116 59.91 66.79 -30.42
N ASN H 117 59.16 66.59 -31.50
CA ASN H 117 57.72 66.46 -31.38
C ASN H 117 57.34 65.14 -30.70
N GLN H 118 58.14 64.09 -30.89
CA GLN H 118 57.83 62.81 -30.27
C GLN H 118 57.86 62.89 -28.76
N ASP H 119 58.81 63.64 -28.21
CA ASP H 119 58.88 63.81 -26.76
C ASP H 119 57.66 64.54 -26.24
N VAL H 120 57.08 65.43 -27.04
CA VAL H 120 55.88 66.14 -26.62
C VAL H 120 54.71 65.18 -26.47
N VAL H 121 54.53 64.30 -27.46
CA VAL H 121 53.41 63.36 -27.42
C VAL H 121 53.54 62.42 -26.23
N ASP H 122 54.77 61.94 -25.98
CA ASP H 122 54.99 61.07 -24.83
C ASP H 122 54.70 61.80 -23.52
N LYS H 123 55.12 63.06 -23.42
CA LYS H 123 54.90 63.80 -22.19
C LYS H 123 53.43 64.14 -21.99
N LEU H 124 52.70 64.40 -23.09
CA LEU H 124 51.27 64.64 -22.97
C LEU H 124 50.55 63.40 -22.45
N TYR H 125 50.97 62.21 -22.88
CA TYR H 125 50.32 60.99 -22.44
C TYR H 125 50.56 60.73 -20.95
N ALA H 126 51.68 61.22 -20.41
CA ALA H 126 51.98 60.99 -19.00
C ALA H 126 51.15 61.89 -18.10
N THR H 127 50.88 63.13 -18.54
CA THR H 127 50.19 64.11 -17.72
C THR H 127 48.73 64.28 -18.12
N GLN H 128 48.19 63.34 -18.90
CA GLN H 128 46.79 63.45 -19.31
C GLN H 128 45.83 63.14 -18.17
N SER H 129 46.30 62.48 -17.11
CA SER H 129 45.44 62.20 -15.97
C SER H 129 45.21 63.45 -15.12
N SER H 130 46.08 64.45 -15.24
CA SER H 130 45.94 65.68 -14.47
C SER H 130 44.93 66.65 -15.08
N SER H 131 44.44 66.38 -16.29
CA SER H 131 43.45 67.20 -16.94
C SER H 131 42.11 66.49 -16.96
N ILE H 132 41.08 67.22 -17.38
CA ILE H 132 39.74 66.65 -17.53
C ILE H 132 39.70 65.95 -18.88
N GLN H 133 39.89 64.63 -18.87
CA GLN H 133 39.94 63.88 -20.11
C GLN H 133 38.58 63.83 -20.77
N GLU H 134 38.56 64.06 -22.09
CA GLU H 134 37.33 63.88 -22.85
C GLU H 134 36.90 62.42 -22.83
N VAL H 135 37.85 61.50 -23.01
CA VAL H 135 37.61 60.07 -22.89
C VAL H 135 38.65 59.50 -21.95
N VAL H 136 38.20 58.82 -20.90
CA VAL H 136 39.16 58.20 -19.97
C VAL H 136 39.81 57.01 -20.66
N PRO H 137 41.15 56.94 -20.71
CA PRO H 137 41.79 55.85 -21.43
C PRO H 137 41.56 54.50 -20.77
N THR H 138 41.61 53.46 -21.58
CA THR H 138 41.51 52.07 -21.13
C THR H 138 42.22 51.20 -22.18
N LYS H 139 41.98 49.90 -22.12
CA LYS H 139 42.62 49.00 -23.06
C LYS H 139 42.11 49.25 -24.47
N THR H 140 42.99 49.06 -25.45
CA THR H 140 42.67 49.30 -26.85
C THR H 140 42.03 48.07 -27.49
N PHE H 141 41.28 48.31 -28.56
CA PHE H 141 40.65 47.25 -29.33
C PHE H 141 41.09 47.38 -30.77
N ALA H 142 41.50 46.25 -31.36
CA ALA H 142 42.01 46.21 -32.72
C ALA H 142 40.99 45.55 -33.63
N THR H 143 40.90 46.06 -34.86
CA THR H 143 39.99 45.49 -35.85
C THR H 143 40.69 45.01 -37.12
N GLU H 144 41.89 45.49 -37.41
CA GLU H 144 42.67 44.98 -38.53
C GLU H 144 44.11 44.80 -38.08
N LEU H 145 44.70 43.66 -38.41
CA LEU H 145 46.07 43.35 -38.04
C LEU H 145 46.68 42.45 -39.10
N GLN H 146 47.84 42.82 -39.60
CA GLN H 146 48.49 42.06 -40.66
C GLN H 146 49.96 41.83 -40.33
N PHE H 147 50.41 40.60 -40.51
CA PHE H 147 51.79 40.20 -40.27
C PHE H 147 52.42 39.95 -41.63
N GLY H 148 53.16 40.93 -42.13
CA GLY H 148 53.91 40.74 -43.36
C GLY H 148 55.05 39.76 -43.17
N VAL H 149 55.44 39.13 -44.28
CA VAL H 149 56.55 38.19 -44.23
C VAL H 149 57.84 38.93 -43.89
N THR H 150 58.67 38.29 -43.08
CA THR H 150 59.90 38.87 -42.58
C THR H 150 61.09 38.38 -43.41
N SER H 151 62.27 38.92 -43.08
CA SER H 151 63.48 38.53 -43.78
C SER H 151 63.99 37.16 -43.34
N GLU H 152 63.77 36.80 -42.08
CA GLU H 152 64.17 35.48 -41.61
C GLU H 152 63.42 34.38 -42.36
N ASP H 153 62.15 34.62 -42.68
CA ASP H 153 61.39 33.66 -43.46
C ASP H 153 61.99 33.47 -44.84
N MET H 154 62.44 34.55 -45.47
CA MET H 154 63.07 34.44 -46.79
C MET H 154 64.37 33.65 -46.72
N ALA H 155 65.08 33.76 -45.59
CA ALA H 155 66.33 33.02 -45.44
C ALA H 155 66.08 31.52 -45.44
N LYS H 156 65.01 31.08 -44.77
CA LYS H 156 64.69 29.65 -44.75
C LYS H 156 64.27 29.17 -46.14
N ILE H 157 63.49 29.98 -46.86
CA ILE H 157 62.99 29.57 -48.17
C ILE H 157 64.15 29.44 -49.15
N TYR H 158 65.05 30.42 -49.17
CA TYR H 158 66.19 30.35 -50.06
C TYR H 158 67.12 29.21 -49.69
N GLY H 159 67.23 28.91 -48.39
CA GLY H 159 68.02 27.76 -47.97
C GLY H 159 67.41 26.45 -48.43
N ALA H 160 66.08 26.33 -48.36
CA ALA H 160 65.42 25.12 -48.81
C ALA H 160 65.57 24.94 -50.31
N VAL H 161 65.43 26.02 -51.08
CA VAL H 161 65.56 25.94 -52.53
C VAL H 161 66.98 25.54 -52.92
N ALA H 162 67.98 26.15 -52.27
CA ALA H 162 69.36 25.81 -52.56
C ALA H 162 69.69 24.39 -52.17
N ALA H 163 69.02 23.86 -51.14
CA ALA H 163 69.23 22.47 -50.74
C ALA H 163 68.76 21.51 -51.82
N VAL H 164 67.67 21.85 -52.51
CA VAL H 164 67.17 21.00 -53.58
C VAL H 164 68.10 21.08 -54.80
N SER H 165 68.61 22.28 -55.10
CA SER H 165 69.42 22.46 -56.29
C SER H 165 70.75 21.71 -56.20
N LYS H 166 71.18 21.37 -54.99
CA LYS H 166 72.43 20.63 -54.80
C LYS H 166 72.23 19.12 -54.86
N ASN H 167 71.00 18.66 -55.08
CA ASN H 167 70.70 17.23 -55.05
C ASN H 167 70.91 16.55 -56.40
N VAL H 168 71.33 17.27 -57.42
CA VAL H 168 71.56 16.65 -58.72
C VAL H 168 72.89 15.90 -58.69
N ASN H 169 72.91 14.73 -59.31
CA ASN H 169 74.08 13.87 -59.31
C ASN H 169 75.09 14.36 -60.35
N SER H 170 76.35 13.96 -60.17
CA SER H 170 77.43 14.39 -61.05
C SER H 170 77.91 13.26 -61.96
N SER H 171 78.35 12.15 -61.40
CA SER H 171 78.91 11.04 -62.18
C SER H 171 79.09 9.85 -61.25
N VAL H 172 79.54 8.73 -61.83
CA VAL H 172 79.77 7.50 -61.10
C VAL H 172 81.19 7.03 -61.38
N THR H 173 81.70 6.16 -60.51
CA THR H 173 83.02 5.57 -60.68
C THR H 173 82.98 4.13 -60.22
N TYR H 174 83.59 3.25 -61.01
CA TYR H 174 83.58 1.82 -60.73
C TYR H 174 84.71 1.17 -61.49
N GLU H 175 85.25 0.10 -60.92
CA GLU H 175 86.33 -0.65 -61.54
C GLU H 175 85.77 -1.84 -62.31
N VAL H 176 86.23 -2.02 -63.54
CA VAL H 176 85.83 -3.15 -64.36
C VAL H 176 86.90 -4.22 -64.23
N LYS H 177 86.49 -5.41 -63.76
CA LYS H 177 87.43 -6.49 -63.54
C LYS H 177 86.89 -7.86 -63.90
N ARG H 178 85.65 -7.97 -64.35
CA ARG H 178 85.07 -9.28 -64.65
C ARG H 178 85.77 -9.92 -65.83
N GLY H 179 86.05 -11.21 -65.72
CA GLY H 179 86.76 -11.94 -66.75
C GLY H 179 88.26 -11.92 -66.62
N THR H 180 88.82 -11.08 -65.76
CA THR H 180 90.26 -10.98 -65.58
C THR H 180 90.68 -11.95 -64.49
N HIS H 181 91.35 -13.03 -64.89
CA HIS H 181 91.82 -14.05 -63.96
C HIS H 181 93.32 -13.93 -63.77
N GLU H 182 93.78 -14.39 -62.61
CA GLU H 182 95.21 -14.39 -62.34
C GLU H 182 95.90 -15.48 -63.14
N LEU H 183 97.19 -15.29 -63.38
CA LEU H 183 98.01 -16.21 -64.17
C LEU H 183 99.06 -16.85 -63.27
N ILE H 184 99.21 -18.16 -63.41
CA ILE H 184 100.24 -18.90 -62.70
C ILE H 184 101.39 -19.19 -63.65
N LYS H 185 102.53 -19.60 -63.11
CA LYS H 185 103.72 -19.88 -63.89
C LYS H 185 104.15 -21.32 -63.64
N VAL H 186 104.36 -22.06 -64.71
CA VAL H 186 104.79 -23.46 -64.64
C VAL H 186 106.30 -23.50 -64.82
N PRO H 187 107.06 -23.92 -63.81
CA PRO H 187 108.53 -23.85 -63.91
C PRO H 187 109.15 -24.83 -64.88
N THR H 188 108.72 -26.09 -64.85
CA THR H 188 109.38 -27.16 -65.58
C THR H 188 108.43 -27.79 -66.58
N ILE H 189 108.97 -28.18 -67.73
CA ILE H 189 108.18 -28.87 -68.74
C ILE H 189 107.85 -30.28 -68.25
N PRO H 190 106.59 -30.70 -68.29
CA PRO H 190 106.22 -32.04 -67.80
C PRO H 190 106.47 -33.14 -68.84
N HIS H 191 107.74 -33.38 -69.13
CA HIS H 191 108.11 -34.52 -69.96
C HIS H 191 107.80 -35.82 -69.21
N ASN H 192 107.59 -36.89 -69.97
CA ASN H 192 107.25 -38.18 -69.38
C ASN H 192 108.14 -39.30 -69.88
N LEU H 193 109.29 -38.98 -70.45
CA LEU H 193 110.17 -39.99 -71.02
C LEU H 193 110.88 -40.78 -69.93
N VAL H 194 111.04 -42.08 -70.17
CA VAL H 194 111.83 -42.95 -69.31
C VAL H 194 112.68 -43.84 -70.20
N LEU H 195 113.81 -44.29 -69.67
CA LEU H 195 114.77 -45.08 -70.44
C LEU H 195 115.02 -46.40 -69.74
N ILE H 196 114.96 -47.49 -70.51
CA ILE H 196 115.17 -48.84 -69.99
C ILE H 196 116.31 -49.47 -70.77
N GLN H 197 117.26 -50.06 -70.05
CA GLN H 197 118.45 -50.64 -70.66
C GLN H 197 118.77 -51.96 -69.97
N SER H 198 119.15 -52.95 -70.77
CA SER H 198 119.49 -54.25 -70.23
C SER H 198 120.79 -54.18 -69.43
N ASP H 199 121.00 -55.17 -68.57
CA ASP H 199 122.18 -55.18 -67.72
C ASP H 199 123.46 -55.25 -68.52
N ASN H 200 123.48 -56.08 -69.57
CA ASN H 200 124.67 -56.22 -70.41
C ASN H 200 124.77 -55.15 -71.48
N GLY H 201 123.78 -54.25 -71.59
CA GLY H 201 123.83 -53.20 -72.57
C GLY H 201 123.49 -53.62 -73.98
N LYS H 202 123.00 -54.84 -74.17
CA LYS H 202 122.68 -55.33 -75.51
C LYS H 202 121.55 -54.53 -76.14
N HIS H 203 120.55 -54.15 -75.35
CA HIS H 203 119.36 -53.50 -75.85
C HIS H 203 119.00 -52.32 -74.97
N ALA H 204 118.25 -51.40 -75.56
CA ALA H 204 117.76 -50.23 -74.85
C ALA H 204 116.53 -49.70 -75.58
N LEU H 205 115.70 -48.97 -74.85
CA LEU H 205 114.50 -48.38 -75.43
C LEU H 205 114.05 -47.22 -74.57
N ILE H 206 113.23 -46.36 -75.17
CA ILE H 206 112.73 -45.15 -74.53
C ILE H 206 111.21 -45.23 -74.50
N LYS H 207 110.63 -45.11 -73.31
CA LYS H 207 109.19 -45.24 -73.11
C LYS H 207 108.62 -43.94 -72.58
N GLU H 208 107.51 -43.50 -73.18
CA GLU H 208 106.77 -42.34 -72.68
C GLU H 208 105.66 -42.84 -71.78
N ASP H 209 105.73 -42.50 -70.49
CA ASP H 209 104.83 -43.04 -69.48
C ASP H 209 103.80 -41.99 -69.10
N LEU H 210 102.55 -42.21 -69.48
CA LEU H 210 101.44 -41.34 -69.11
C LEU H 210 100.53 -41.99 -68.07
N GLY H 211 100.89 -43.16 -67.58
CA GLY H 211 100.03 -43.89 -66.66
C GLY H 211 99.04 -44.78 -67.39
N GLN H 212 98.39 -45.64 -66.62
CA GLN H 212 97.42 -46.59 -67.15
C GLN H 212 96.01 -46.13 -66.78
N TRP H 213 95.15 -46.05 -67.78
CA TRP H 213 93.74 -45.70 -67.57
C TRP H 213 92.86 -46.82 -68.09
N PRO H 214 92.33 -47.68 -67.22
CA PRO H 214 91.50 -48.79 -67.70
C PRO H 214 90.22 -48.31 -68.34
N VAL H 215 89.73 -49.11 -69.29
CA VAL H 215 88.52 -48.80 -70.04
C VAL H 215 87.54 -49.95 -69.90
N GLU H 216 86.27 -49.62 -69.69
CA GLU H 216 85.20 -50.61 -69.58
C GLU H 216 84.42 -50.65 -70.89
N THR H 217 84.18 -51.86 -71.39
CA THR H 217 83.55 -52.00 -72.70
C THR H 217 82.11 -51.52 -72.70
N GLY H 218 81.33 -51.88 -71.68
CA GLY H 218 79.93 -51.53 -71.67
C GLY H 218 79.68 -50.04 -71.61
N ILE H 219 80.43 -49.34 -70.75
CA ILE H 219 80.24 -47.90 -70.59
C ILE H 219 80.69 -47.16 -71.84
N SER H 220 80.14 -45.97 -72.03
CA SER H 220 80.48 -45.17 -73.20
C SER H 220 81.93 -44.72 -73.15
N LEU H 221 82.60 -44.82 -74.29
CA LEU H 221 84.02 -44.45 -74.36
C LEU H 221 84.21 -42.94 -74.23
N VAL H 222 83.29 -42.14 -74.76
CA VAL H 222 83.40 -40.69 -74.66
C VAL H 222 83.31 -40.25 -73.21
N ASN H 223 82.41 -40.86 -72.44
CA ASN H 223 82.26 -40.49 -71.03
C ASN H 223 83.54 -40.78 -70.26
N GLN H 224 84.13 -41.95 -70.48
CA GLN H 224 85.39 -42.26 -69.82
C GLN H 224 86.52 -41.38 -70.33
N ALA H 225 86.51 -41.08 -71.63
CA ALA H 225 87.55 -40.23 -72.19
C ALA H 225 87.54 -38.84 -71.57
N GLY H 226 86.35 -38.28 -71.35
CA GLY H 226 86.26 -36.98 -70.72
C GLY H 226 86.71 -37.00 -69.28
N VAL H 227 86.34 -38.04 -68.54
CA VAL H 227 86.73 -38.13 -67.12
C VAL H 227 88.24 -38.25 -67.02
N PHE H 228 88.85 -39.07 -67.86
CA PHE H 228 90.30 -39.17 -67.89
C PHE H 228 90.94 -37.87 -68.33
N ALA H 229 90.25 -37.10 -69.17
CA ALA H 229 90.80 -35.84 -69.65
C ALA H 229 90.97 -34.84 -68.51
N VAL H 230 90.01 -34.80 -67.58
CA VAL H 230 90.11 -33.86 -66.47
C VAL H 230 91.29 -34.21 -65.57
N GLN H 231 91.49 -35.50 -65.32
CA GLN H 231 92.60 -35.92 -64.46
C GLN H 231 93.94 -35.67 -65.13
N LEU H 232 94.03 -35.87 -66.44
CA LEU H 232 95.27 -35.60 -67.15
C LEU H 232 95.65 -34.12 -67.07
N ALA H 233 94.67 -33.23 -67.26
CA ALA H 233 94.96 -31.80 -67.18
C ALA H 233 95.44 -31.41 -65.79
N ASN H 234 94.81 -31.98 -64.76
CA ASN H 234 95.25 -31.72 -63.39
C ASN H 234 96.66 -32.28 -63.16
N LYS H 235 96.94 -33.45 -63.72
CA LYS H 235 98.24 -34.08 -63.52
C LYS H 235 99.35 -33.24 -64.15
N LEU H 236 99.13 -32.73 -65.36
CA LEU H 236 100.12 -31.93 -66.05
C LEU H 236 100.01 -30.44 -65.74
N GLY H 237 99.04 -30.03 -64.93
CA GLY H 237 98.91 -28.64 -64.54
C GLY H 237 98.59 -27.68 -65.66
N ILE H 238 97.63 -28.04 -66.52
CA ILE H 238 97.22 -27.19 -67.64
C ILE H 238 95.77 -26.75 -67.54
N ASP H 239 95.06 -27.14 -66.47
CA ASP H 239 93.66 -26.72 -66.33
C ASP H 239 93.55 -25.25 -65.97
N LYS H 240 94.41 -24.77 -65.10
CA LYS H 240 94.41 -23.36 -64.76
C LYS H 240 95.22 -22.57 -65.79
N PRO H 241 94.90 -21.29 -65.97
CA PRO H 241 95.70 -20.46 -66.89
C PRO H 241 97.15 -20.40 -66.42
N PHE H 242 98.06 -20.46 -67.38
CA PHE H 242 99.48 -20.51 -67.05
C PHE H 242 100.30 -20.03 -68.23
N VAL H 243 101.54 -19.62 -67.92
CA VAL H 243 102.55 -19.31 -68.91
C VAL H 243 103.83 -20.02 -68.49
N LEU H 244 104.51 -20.61 -69.47
CA LEU H 244 105.71 -21.40 -69.21
C LEU H 244 106.86 -20.49 -68.84
N ASP H 245 107.59 -20.83 -67.78
CA ASP H 245 108.73 -20.06 -67.31
C ASP H 245 109.83 -21.10 -67.15
N ALA H 246 110.60 -21.32 -68.22
CA ALA H 246 111.72 -22.26 -68.20
C ALA H 246 112.99 -21.62 -68.75
N GLY H 247 113.11 -20.29 -68.66
CA GLY H 247 114.32 -19.63 -69.11
C GLY H 247 115.49 -19.75 -68.17
N SER H 248 115.28 -20.28 -66.96
CA SER H 248 116.36 -20.46 -66.01
C SER H 248 116.84 -21.90 -65.92
N ASN H 249 116.11 -22.84 -66.52
CA ASN H 249 116.48 -24.26 -66.47
C ASN H 249 117.54 -24.53 -67.53
N TYR H 250 118.78 -24.15 -67.20
CA TYR H 250 119.91 -24.38 -68.08
C TYR H 250 121.19 -24.34 -67.27
N PHE H 251 122.28 -24.79 -67.88
CA PHE H 251 123.61 -24.66 -67.30
C PHE H 251 124.59 -24.34 -68.41
N THR H 252 125.72 -23.76 -68.02
CA THR H 252 126.71 -23.28 -68.97
C THR H 252 128.07 -23.92 -68.67
N ASP H 253 128.84 -24.13 -69.74
CA ASP H 253 130.18 -24.69 -69.60
C ASP H 253 131.06 -23.69 -68.86
N THR H 254 132.08 -24.23 -68.17
CA THR H 254 132.98 -23.38 -67.39
C THR H 254 133.82 -22.47 -68.26
N SER H 255 133.92 -22.74 -69.56
CA SER H 255 134.75 -21.92 -70.43
C SER H 255 134.19 -20.51 -70.53
N PHE H 256 135.10 -19.54 -70.64
CA PHE H 256 134.69 -18.13 -70.67
C PHE H 256 133.95 -17.79 -71.95
N ILE H 257 134.47 -18.24 -73.11
CA ILE H 257 133.92 -17.81 -74.39
C ILE H 257 132.52 -18.37 -74.60
N ASP H 258 132.28 -19.60 -74.16
CA ASP H 258 131.02 -20.26 -74.45
C ASP H 258 129.86 -19.57 -73.75
N THR H 259 128.76 -19.41 -74.47
CA THR H 259 127.54 -18.82 -73.96
C THR H 259 126.34 -19.73 -74.14
N ARG H 260 126.47 -20.77 -74.96
CA ARG H 260 125.36 -21.68 -75.23
C ARG H 260 124.83 -22.28 -73.95
N LYS H 261 123.50 -22.28 -73.82
CA LYS H 261 122.82 -22.77 -72.63
C LYS H 261 122.30 -24.18 -72.90
N TYR H 262 122.73 -25.14 -72.10
CA TYR H 262 122.29 -26.53 -72.23
C TYR H 262 121.13 -26.76 -71.27
N CYS H 263 119.97 -27.12 -71.82
CA CYS H 263 118.78 -27.29 -71.02
C CYS H 263 118.88 -28.53 -70.14
N THR H 264 118.15 -28.49 -69.02
CA THR H 264 118.14 -29.59 -68.07
C THR H 264 116.87 -30.42 -68.12
N ASP H 265 115.75 -29.83 -68.52
CA ASP H 265 114.50 -30.56 -68.60
C ASP H 265 114.56 -31.61 -69.69
N GLY H 266 113.66 -32.58 -69.60
CA GLY H 266 113.61 -33.67 -70.56
C GLY H 266 114.70 -34.70 -70.32
N LEU H 267 114.63 -35.77 -71.10
CA LEU H 267 115.66 -36.81 -71.01
C LEU H 267 117.01 -36.23 -71.38
N SER H 268 117.98 -36.40 -70.49
CA SER H 268 119.27 -35.76 -70.66
C SER H 268 120.00 -36.35 -71.87
N PRO H 269 120.65 -35.52 -72.69
CA PRO H 269 121.47 -36.07 -73.77
C PRO H 269 122.61 -36.94 -73.30
N ARG H 270 123.07 -36.74 -72.06
CA ARG H 270 124.13 -37.58 -71.51
C ARG H 270 123.65 -39.01 -71.31
N GLU H 271 122.39 -39.18 -70.90
CA GLU H 271 121.86 -40.52 -70.66
C GLU H 271 121.85 -41.34 -71.94
N ILE H 272 121.43 -40.73 -73.05
CA ILE H 272 121.42 -41.44 -74.33
C ILE H 272 122.84 -41.71 -74.80
N GLN H 273 123.75 -40.77 -74.56
CA GLN H 273 125.14 -40.98 -74.95
C GLN H 273 125.75 -42.17 -74.21
N LYS H 274 125.49 -42.28 -72.91
CA LYS H 274 125.99 -43.42 -72.16
C LYS H 274 125.34 -44.72 -72.61
N ALA H 275 124.04 -44.68 -72.92
CA ALA H 275 123.35 -45.87 -73.37
C ALA H 275 123.90 -46.38 -74.69
N LEU H 276 124.16 -45.47 -75.63
CA LEU H 276 124.66 -45.86 -76.94
C LEU H 276 126.04 -46.48 -76.84
N ASN H 277 126.91 -45.90 -76.00
CA ASN H 277 128.27 -46.40 -75.89
C ASN H 277 128.31 -47.81 -75.30
N ARG H 278 127.38 -48.11 -74.38
CA ARG H 278 127.33 -49.45 -73.83
C ARG H 278 126.98 -50.48 -74.89
N GLN H 279 126.09 -50.11 -75.81
CA GLN H 279 125.77 -51.01 -76.92
C GLN H 279 126.98 -51.26 -77.81
N ARG H 280 127.74 -50.20 -78.10
CA ARG H 280 128.92 -50.35 -78.95
C ARG H 280 129.97 -51.21 -78.28
N ALA H 281 130.13 -51.08 -76.97
CA ALA H 281 131.13 -51.87 -76.25
C ALA H 281 130.80 -53.35 -76.25
N TYR H 282 129.51 -53.70 -76.20
CA TYR H 282 129.13 -55.11 -76.20
C TYR H 282 129.46 -55.78 -77.52
N TYR H 283 129.27 -55.07 -78.63
CA TYR H 283 129.48 -55.62 -79.96
C TYR H 283 130.89 -55.40 -80.48
N ASP H 284 131.79 -54.86 -79.65
CA ASP H 284 133.17 -54.62 -80.02
C ASP H 284 133.27 -53.70 -81.23
N ARG H 285 132.39 -52.70 -81.29
CA ARG H 285 132.43 -51.67 -82.31
C ARG H 285 132.88 -50.35 -81.69
N PRO H 286 133.51 -49.46 -82.47
CA PRO H 286 134.05 -48.23 -81.89
C PRO H 286 132.98 -47.37 -81.24
N GLU H 287 133.35 -46.75 -80.13
CA GLU H 287 132.46 -45.86 -79.39
C GLU H 287 132.36 -44.50 -80.09
N LEU H 288 131.31 -43.75 -79.72
CA LEU H 288 130.94 -42.53 -80.41
C LEU H 288 132.10 -41.54 -80.44
N THR H 289 132.55 -41.20 -81.64
CA THR H 289 133.71 -40.33 -81.80
C THR H 289 133.36 -38.90 -81.38
N ILE H 290 134.33 -38.01 -81.55
CA ILE H 290 134.19 -36.64 -81.06
C ILE H 290 133.08 -35.91 -81.82
N SER H 291 132.93 -36.20 -83.11
CA SER H 291 131.98 -35.47 -83.93
C SER H 291 130.54 -35.72 -83.48
N GLU H 292 130.15 -37.00 -83.35
CA GLU H 292 128.76 -37.28 -82.97
C GLU H 292 128.52 -37.05 -81.48
N ASN H 293 129.56 -37.18 -80.65
CA ASN H 293 129.42 -36.82 -79.24
C ASN H 293 129.10 -35.35 -79.08
N LYS H 294 129.77 -34.49 -79.85
CA LYS H 294 129.48 -33.06 -79.80
C LYS H 294 128.07 -32.77 -80.27
N THR H 295 127.63 -33.43 -81.35
CA THR H 295 126.30 -33.17 -81.90
C THR H 295 125.21 -33.64 -80.94
N LEU H 296 125.42 -34.80 -80.30
CA LEU H 296 124.39 -35.36 -79.44
C LEU H 296 124.20 -34.52 -78.17
N LEU H 297 125.30 -34.12 -77.54
CA LEU H 297 125.20 -33.37 -76.29
C LEU H 297 124.78 -31.92 -76.51
N SER H 298 124.73 -31.44 -77.74
CA SER H 298 124.35 -30.07 -78.03
C SER H 298 122.89 -29.96 -78.47
N GLN H 299 122.12 -31.04 -78.38
CA GLN H 299 120.75 -31.00 -78.87
C GLN H 299 119.84 -30.22 -77.93
N SER H 300 119.97 -30.43 -76.62
CA SER H 300 119.12 -29.77 -75.64
C SER H 300 119.68 -28.38 -75.36
N ILE H 301 119.05 -27.35 -75.91
CA ILE H 301 119.51 -25.98 -75.79
C ILE H 301 118.31 -25.05 -75.59
N ILE H 302 118.61 -23.80 -75.28
CA ILE H 302 117.64 -22.71 -75.26
C ILE H 302 118.16 -21.62 -76.16
N TYR H 303 117.36 -21.24 -77.16
CA TYR H 303 117.77 -20.22 -78.11
C TYR H 303 116.73 -19.11 -78.18
N PRO H 304 117.16 -17.87 -78.40
CA PRO H 304 116.22 -16.74 -78.35
C PRO H 304 115.34 -16.70 -79.59
N ASP H 305 114.04 -16.52 -79.37
CA ASP H 305 113.09 -16.38 -80.46
C ASP H 305 113.15 -14.95 -81.02
N ALA H 306 112.63 -14.79 -82.23
CA ALA H 306 112.66 -13.48 -82.88
C ALA H 306 111.84 -12.45 -82.12
N ASP H 307 110.81 -12.88 -81.41
CA ASP H 307 109.96 -11.98 -80.65
C ASP H 307 110.43 -11.78 -79.22
N GLY H 308 111.57 -12.37 -78.84
CA GLY H 308 112.10 -12.22 -77.50
C GLY H 308 111.84 -13.40 -76.59
N ASN H 309 111.19 -14.44 -77.07
CA ASN H 309 110.89 -15.61 -76.25
C ASN H 309 112.10 -16.52 -76.15
N ASP H 310 112.03 -17.46 -75.22
CA ASP H 310 113.07 -18.46 -75.01
C ASP H 310 112.51 -19.82 -75.40
N VAL H 311 113.06 -20.42 -76.45
CA VAL H 311 112.60 -21.69 -76.98
C VAL H 311 113.53 -22.78 -76.47
N SER H 312 112.98 -23.73 -75.72
CA SER H 312 113.76 -24.80 -75.13
C SER H 312 113.50 -26.10 -75.87
N ILE H 313 114.56 -26.71 -76.41
CA ILE H 313 114.47 -27.98 -77.11
C ILE H 313 114.88 -29.09 -76.15
N ILE H 314 114.00 -30.06 -75.94
CA ILE H 314 114.26 -31.19 -75.07
C ILE H 314 113.66 -32.45 -75.70
N PHE H 315 114.01 -33.59 -75.12
CA PHE H 315 113.44 -34.86 -75.53
C PHE H 315 112.21 -35.16 -74.67
N SER H 316 111.10 -35.49 -75.35
CA SER H 316 109.85 -35.74 -74.65
C SER H 316 108.97 -36.60 -75.53
N GLY H 317 107.94 -37.17 -74.91
CA GLY H 317 106.99 -37.98 -75.66
C GLY H 317 106.15 -37.13 -76.60
N ALA H 318 105.72 -37.76 -77.69
CA ALA H 318 104.92 -37.05 -78.69
C ALA H 318 103.58 -36.60 -78.12
N MET H 319 102.92 -37.47 -77.35
CA MET H 319 101.60 -37.14 -76.83
C MET H 319 101.68 -36.05 -75.75
N SER H 320 102.68 -36.11 -74.88
CA SER H 320 102.82 -35.09 -73.85
C SER H 320 103.13 -33.73 -74.47
N HIS H 321 103.97 -33.71 -75.51
CA HIS H 321 104.29 -32.44 -76.16
C HIS H 321 103.06 -31.86 -76.85
N ALA H 322 102.27 -32.71 -77.51
CA ALA H 322 101.08 -32.22 -78.21
C ALA H 322 100.06 -31.65 -77.23
N ILE H 323 99.85 -32.34 -76.12
CA ILE H 323 98.87 -31.88 -75.13
C ILE H 323 99.35 -30.58 -74.47
N PHE H 324 100.61 -30.55 -74.07
CA PHE H 324 101.14 -29.38 -73.36
C PHE H 324 101.16 -28.14 -74.25
N THR H 325 101.60 -28.30 -75.50
CA THR H 325 101.71 -27.14 -76.38
C THR H 325 100.34 -26.65 -76.83
N TYR H 326 99.38 -27.56 -76.98
CA TYR H 326 98.02 -27.13 -77.31
C TYR H 326 97.43 -26.29 -76.20
N ALA H 327 97.67 -26.67 -74.95
CA ALA H 327 97.20 -25.86 -73.83
C ALA H 327 97.85 -24.48 -73.83
N GLN H 328 99.16 -24.42 -74.14
CA GLN H 328 99.85 -23.15 -74.19
C GLN H 328 99.22 -22.23 -75.23
N SER H 329 98.87 -22.78 -76.39
CA SER H 329 98.26 -21.98 -77.44
C SER H 329 96.90 -21.46 -77.03
N GLN H 330 96.11 -22.28 -76.32
CA GLN H 330 94.76 -21.88 -75.96
C GLN H 330 94.77 -20.73 -74.95
N TRP H 331 95.61 -20.82 -73.92
CA TRP H 331 95.69 -19.75 -72.94
C TRP H 331 96.24 -18.47 -73.55
N ASN H 332 97.21 -18.61 -74.46
CA ASN H 332 97.80 -17.44 -75.10
C ASN H 332 96.80 -16.69 -75.96
N LYS H 333 95.68 -17.32 -76.33
CA LYS H 333 94.67 -16.61 -77.11
C LYS H 333 93.97 -15.55 -76.28
N ASN H 334 94.03 -15.65 -74.95
CA ASN H 334 93.35 -14.72 -74.07
C ASN H 334 94.32 -13.80 -73.34
N ILE H 335 95.60 -13.81 -73.71
CA ILE H 335 96.60 -12.94 -73.12
C ILE H 335 96.87 -11.81 -74.11
N ILE H 336 96.50 -10.59 -73.73
CA ILE H 336 96.63 -9.43 -74.62
C ILE H 336 97.28 -8.30 -73.84
N LYS H 337 97.73 -7.29 -74.58
CA LYS H 337 98.39 -6.14 -74.00
C LYS H 337 97.38 -5.26 -73.27
N LEU H 338 97.90 -4.26 -72.57
CA LEU H 338 97.04 -3.38 -71.78
C LEU H 338 96.29 -2.38 -72.65
N ASP H 339 96.92 -1.90 -73.72
CA ASP H 339 96.26 -0.95 -74.60
C ASP H 339 95.05 -1.59 -75.29
N ASP H 340 95.17 -2.86 -75.69
CA ASP H 340 94.02 -3.56 -76.26
C ASP H 340 92.92 -3.74 -75.23
N TYR H 341 93.28 -4.05 -73.99
CA TYR H 341 92.28 -4.17 -72.93
C TYR H 341 91.58 -2.84 -72.68
N ILE H 342 92.33 -1.74 -72.70
CA ILE H 342 91.74 -0.43 -72.50
C ILE H 342 90.73 -0.13 -73.60
N ARG H 343 91.05 -0.53 -74.84
CA ARG H 343 90.14 -0.30 -75.95
C ARG H 343 88.84 -1.07 -75.79
N GLU H 344 88.92 -2.33 -75.34
CA GLU H 344 87.71 -3.13 -75.15
C GLU H 344 86.83 -2.52 -74.07
N ILE H 345 87.44 -2.05 -72.98
CA ILE H 345 86.68 -1.41 -71.91
C ILE H 345 86.05 -0.12 -72.41
N THR H 346 86.78 0.65 -73.22
CA THR H 346 86.29 1.95 -73.66
C THR H 346 85.05 1.83 -74.54
N LEU H 347 84.93 0.74 -75.29
CA LEU H 347 83.77 0.59 -76.16
C LEU H 347 82.48 0.47 -75.36
N THR H 348 82.50 -0.27 -74.26
CA THR H 348 81.28 -0.53 -73.50
C THR H 348 80.83 0.69 -72.71
N VAL H 349 81.77 1.42 -72.12
CA VAL H 349 81.45 2.55 -71.24
C VAL H 349 80.89 3.70 -72.06
N PRO H 350 80.13 4.62 -71.46
CA PRO H 350 79.65 5.79 -72.21
C PRO H 350 80.79 6.64 -72.72
N LYS H 351 80.43 7.61 -73.56
CA LYS H 351 81.43 8.35 -74.32
C LYS H 351 82.31 9.21 -73.42
N GLN H 352 81.74 9.82 -72.38
CA GLN H 352 82.55 10.71 -71.54
C GLN H 352 83.57 9.93 -70.72
N TYR H 353 83.19 8.77 -70.21
CA TYR H 353 84.04 8.04 -69.27
C TYR H 353 85.20 7.38 -70.01
N ARG H 354 86.42 7.57 -69.49
CA ARG H 354 87.52 6.75 -69.95
C ARG H 354 88.32 6.23 -68.77
N PRO H 355 88.95 5.06 -68.90
CA PRO H 355 89.67 4.47 -67.77
C PRO H 355 90.88 5.28 -67.36
N ARG H 356 91.19 5.21 -66.07
CA ARG H 356 92.38 5.85 -65.53
C ARG H 356 93.63 5.11 -65.99
N ARG H 357 94.70 5.88 -66.20
CA ARG H 357 95.95 5.30 -66.67
C ARG H 357 96.64 4.52 -65.55
N PHE H 358 97.42 3.53 -65.95
CA PHE H 358 98.24 2.73 -65.03
C PHE H 358 99.62 3.37 -64.93
N LYS H 359 100.57 2.66 -64.34
CA LYS H 359 101.94 3.17 -64.34
C LYS H 359 102.60 2.89 -65.68
N GLU H 360 103.75 3.53 -65.89
CA GLU H 360 104.38 3.51 -67.22
C GLU H 360 104.85 2.11 -67.60
N ILE H 361 105.24 1.29 -66.64
CA ILE H 361 105.77 -0.03 -66.96
C ILE H 361 104.70 -0.89 -67.63
N GLU H 362 103.47 -0.85 -67.11
CA GLU H 362 102.41 -1.65 -67.69
C GLU H 362 102.05 -1.21 -69.10
N HIS H 363 102.04 0.10 -69.35
CA HIS H 363 101.68 0.59 -70.68
C HIS H 363 102.72 0.21 -71.73
N THR H 364 103.93 -0.17 -71.32
CA THR H 364 104.95 -0.59 -72.27
C THR H 364 105.14 -2.10 -72.29
N HIS H 365 104.81 -2.79 -71.20
CA HIS H 365 105.02 -4.23 -71.13
C HIS H 365 103.89 -4.99 -70.46
N GLY H 366 102.79 -4.35 -70.07
CA GLY H 366 101.74 -5.05 -69.36
C GLY H 366 100.98 -6.01 -70.26
N TYR H 367 100.47 -7.06 -69.63
CA TYR H 367 99.62 -8.04 -70.29
C TYR H 367 98.50 -8.46 -69.35
N VAL H 368 97.31 -8.64 -69.90
CA VAL H 368 96.16 -9.04 -69.10
C VAL H 368 95.59 -10.33 -69.66
N TYR H 369 94.87 -11.05 -68.81
CA TYR H 369 94.10 -12.22 -69.22
C TYR H 369 92.63 -11.91 -69.06
N ARG H 370 91.84 -12.19 -70.10
CA ARG H 370 90.42 -11.90 -70.06
C ARG H 370 89.65 -12.97 -70.82
N GLU H 371 88.37 -13.06 -70.53
CA GLU H 371 87.46 -13.94 -71.27
C GLU H 371 86.24 -13.13 -71.70
N LEU H 372 85.78 -13.38 -72.93
CA LEU H 372 84.72 -12.59 -73.53
C LEU H 372 83.34 -13.23 -73.44
N ASN H 373 83.21 -14.37 -72.79
CA ASN H 373 81.94 -15.10 -72.76
C ASN H 373 80.98 -14.41 -71.81
N GLN H 374 79.97 -13.73 -72.36
CA GLN H 374 79.01 -13.03 -71.52
C GLN H 374 78.00 -13.98 -70.90
N GLY H 375 77.73 -15.11 -71.53
CA GLY H 375 76.79 -16.07 -71.00
C GLY H 375 75.35 -15.68 -71.24
N SER H 376 74.45 -16.47 -70.62
CA SER H 376 73.02 -16.21 -70.72
C SER H 376 72.33 -16.81 -69.51
N LEU H 377 71.25 -16.16 -69.07
CA LEU H 377 70.44 -16.65 -67.97
C LEU H 377 69.26 -17.49 -68.43
N LEU H 378 69.13 -17.74 -69.72
CA LEU H 378 67.99 -18.51 -70.22
C LEU H 378 67.91 -19.92 -69.68
N PRO H 379 68.99 -20.72 -69.62
CA PRO H 379 68.82 -22.10 -69.11
C PRO H 379 68.24 -22.18 -67.71
N LEU H 380 68.62 -21.27 -66.82
CA LEU H 380 68.01 -21.24 -65.49
C LEU H 380 66.57 -20.74 -65.57
N VAL H 381 66.32 -19.73 -66.39
CA VAL H 381 65.00 -19.12 -66.49
C VAL H 381 64.01 -20.06 -67.17
N ASP H 382 64.46 -20.76 -68.21
CA ASP H 382 63.56 -21.57 -69.03
C ASP H 382 63.11 -22.83 -68.29
N ALA H 383 61.99 -22.73 -67.58
CA ALA H 383 61.39 -23.86 -66.88
C ALA H 383 59.98 -23.46 -66.46
N ASN H 384 59.23 -24.45 -65.97
CA ASN H 384 57.92 -24.19 -65.39
C ASN H 384 58.13 -23.56 -64.02
N LEU H 385 57.93 -22.24 -63.93
CA LEU H 385 58.26 -21.48 -62.73
C LEU H 385 57.08 -21.30 -61.80
N LYS H 386 56.03 -22.10 -61.95
CA LYS H 386 54.85 -21.92 -61.11
C LYS H 386 55.18 -22.16 -59.63
N GLU H 387 55.95 -23.19 -59.33
CA GLU H 387 56.22 -23.52 -57.94
C GLU H 387 57.33 -22.65 -57.36
N SER H 388 58.45 -22.55 -58.06
CA SER H 388 59.61 -21.84 -57.54
C SER H 388 59.43 -20.32 -57.49
N SER H 389 58.42 -19.78 -58.18
CA SER H 389 58.23 -18.33 -58.18
C SER H 389 57.85 -17.82 -56.80
N SER H 390 57.04 -18.59 -56.08
CA SER H 390 56.63 -18.20 -54.73
C SER H 390 57.84 -18.09 -53.80
N TYR H 391 58.81 -19.00 -53.94
CA TYR H 391 60.03 -18.87 -53.16
C TYR H 391 60.90 -17.72 -53.65
N TYR H 392 60.87 -17.41 -54.95
CA TYR H 392 61.64 -16.29 -55.45
C TYR H 392 61.11 -14.98 -54.90
N PHE H 393 59.79 -14.82 -54.86
CA PHE H 393 59.19 -13.57 -54.38
C PHE H 393 59.53 -13.32 -52.92
N LYS H 394 59.58 -14.38 -52.11
CA LYS H 394 59.94 -14.23 -50.71
C LYS H 394 61.36 -13.69 -50.56
N LYS H 395 62.29 -14.20 -51.37
CA LYS H 395 63.65 -13.69 -51.33
C LYS H 395 63.74 -12.26 -51.83
N LEU H 396 62.95 -11.93 -52.86
CA LEU H 396 62.98 -10.58 -53.41
C LEU H 396 62.54 -9.55 -52.38
N MET H 397 61.50 -9.87 -51.61
CA MET H 397 61.01 -8.92 -50.60
C MET H 397 62.05 -8.71 -49.50
N SER H 398 62.78 -9.75 -49.14
CA SER H 398 63.76 -9.64 -48.06
C SER H 398 65.01 -8.89 -48.49
N SER H 399 65.23 -8.70 -49.78
CA SER H 399 66.43 -8.02 -50.25
C SER H 399 66.48 -6.58 -49.78
N ILE H 400 65.33 -5.89 -49.80
CA ILE H 400 65.23 -4.50 -49.38
C ILE H 400 64.56 -4.45 -48.01
N SER H 401 65.22 -3.82 -47.05
CA SER H 401 64.71 -3.74 -45.68
C SER H 401 63.77 -2.55 -45.56
N ASN H 402 62.54 -2.82 -45.12
CA ASN H 402 61.53 -1.78 -44.97
C ASN H 402 61.03 -1.77 -43.53
N VAL H 403 60.94 -0.58 -42.96
CA VAL H 403 60.46 -0.39 -41.58
C VAL H 403 61.26 -1.22 -40.60
N MET H 433 34.39 0.41 -30.58
CA MET H 433 34.44 -1.01 -30.22
C MET H 433 35.09 -1.82 -31.33
N LEU H 434 34.78 -1.47 -32.58
CA LEU H 434 35.30 -2.20 -33.72
C LEU H 434 36.80 -2.04 -33.88
N THR H 435 37.40 -1.03 -33.25
CA THR H 435 38.83 -0.79 -33.39
C THR H 435 39.68 -1.79 -32.63
N ASN H 436 39.13 -2.43 -31.59
CA ASN H 436 39.91 -3.37 -30.80
C ASN H 436 40.21 -4.65 -31.56
N ARG H 437 39.40 -5.02 -32.54
CA ARG H 437 39.58 -6.28 -33.24
C ARG H 437 40.79 -6.25 -34.16
N LEU H 438 41.10 -5.11 -34.76
CA LEU H 438 42.17 -5.02 -35.74
C LEU H 438 43.53 -5.37 -35.12
N THR H 439 44.30 -6.19 -35.83
CA THR H 439 45.63 -6.58 -35.40
C THR H 439 46.58 -6.50 -36.60
N THR H 440 47.80 -6.04 -36.34
CA THR H 440 48.80 -5.81 -37.38
C THR H 440 49.88 -6.88 -37.39
N ALA H 441 49.50 -8.14 -37.14
CA ALA H 441 50.49 -9.21 -37.12
C ALA H 441 50.96 -9.60 -38.52
N ASN H 442 50.08 -9.55 -39.51
CA ASN H 442 50.37 -10.03 -40.86
C ASN H 442 50.63 -8.90 -41.84
N ALA H 443 51.12 -7.76 -41.34
CA ALA H 443 51.40 -6.63 -42.22
C ALA H 443 52.43 -6.92 -43.30
N PRO H 444 53.58 -7.55 -43.01
CA PRO H 444 54.57 -7.76 -44.10
C PRO H 444 54.05 -8.55 -45.28
N THR H 445 53.20 -9.55 -45.04
CA THR H 445 52.68 -10.35 -46.14
C THR H 445 51.78 -9.53 -47.06
N VAL H 446 50.92 -8.69 -46.48
CA VAL H 446 50.03 -7.88 -47.30
C VAL H 446 50.83 -6.87 -48.12
N ARG H 447 51.92 -6.34 -47.55
CA ARG H 447 52.79 -5.45 -48.31
C ARG H 447 53.43 -6.18 -49.48
N ALA H 448 53.83 -7.45 -49.27
CA ALA H 448 54.41 -8.22 -50.35
C ALA H 448 53.40 -8.46 -51.46
N ILE H 449 52.15 -8.76 -51.11
CA ILE H 449 51.12 -8.99 -52.11
C ILE H 449 50.80 -7.71 -52.87
N THR H 450 50.78 -6.57 -52.15
CA THR H 450 50.51 -5.30 -52.80
C THR H 450 51.59 -4.95 -53.82
N VAL H 451 52.85 -5.18 -53.47
CA VAL H 451 53.95 -4.86 -54.38
C VAL H 451 53.87 -5.75 -55.62
N LEU H 452 53.62 -7.04 -55.44
CA LEU H 452 53.58 -7.95 -56.57
C LEU H 452 52.40 -7.65 -57.50
N THR H 453 51.26 -7.27 -56.92
CA THR H 453 50.08 -6.99 -57.74
C THR H 453 50.32 -5.81 -58.67
N CYS H 454 50.98 -4.76 -58.20
CA CYS H 454 51.28 -3.63 -59.06
C CYS H 454 52.30 -4.01 -60.12
N MET H 455 53.27 -4.84 -59.76
CA MET H 455 54.32 -5.21 -60.70
C MET H 455 53.79 -6.10 -61.82
N PHE H 456 53.00 -7.11 -61.47
CA PHE H 456 52.49 -8.09 -62.42
C PHE H 456 51.00 -7.87 -62.60
N LYS H 457 50.58 -7.58 -63.84
CA LYS H 457 49.17 -7.38 -64.11
C LYS H 457 48.39 -8.68 -64.07
N GLN H 458 49.08 -9.79 -64.29
CA GLN H 458 48.42 -11.10 -64.34
C GLN H 458 47.95 -11.57 -62.97
N PHE H 459 48.67 -11.20 -61.92
CA PHE H 459 48.30 -11.63 -60.57
C PHE H 459 46.96 -11.03 -60.16
N ARG H 460 46.13 -11.83 -59.51
CA ARG H 460 44.79 -11.43 -59.11
C ARG H 460 44.65 -11.53 -57.60
N ILE H 461 43.72 -10.74 -57.06
CA ILE H 461 43.51 -10.66 -55.62
C ILE H 461 42.07 -11.06 -55.33
N GLY H 462 41.86 -11.62 -54.14
CA GLY H 462 40.53 -12.06 -53.76
C GLY H 462 40.43 -12.27 -52.27
N MET H 463 39.21 -12.13 -51.75
CA MET H 463 38.93 -12.34 -50.34
C MET H 463 37.62 -13.09 -50.19
N THR H 464 37.45 -13.72 -49.04
CA THR H 464 36.22 -14.42 -48.70
C THR H 464 35.63 -13.82 -47.43
N TYR H 465 34.30 -13.91 -47.30
CA TYR H 465 33.59 -13.28 -46.21
C TYR H 465 32.63 -14.27 -45.57
N ALA H 466 32.35 -14.06 -44.29
CA ALA H 466 31.46 -14.94 -43.55
C ALA H 466 30.03 -14.78 -44.05
N LEU H 467 29.16 -15.71 -43.61
CA LEU H 467 27.77 -15.69 -44.04
C LEU H 467 27.06 -14.44 -43.53
N ASP H 468 27.36 -14.03 -42.29
CA ASP H 468 26.81 -12.81 -41.71
C ASP H 468 27.91 -11.76 -41.68
N PRO H 469 28.07 -10.97 -42.73
CA PRO H 469 29.17 -10.00 -42.77
C PRO H 469 28.97 -8.89 -41.75
N ASN H 470 29.96 -8.71 -40.88
CA ASN H 470 29.94 -7.60 -39.93
C ASN H 470 30.45 -6.35 -40.63
N ILE H 471 30.64 -5.27 -39.86
CA ILE H 471 31.16 -4.04 -40.44
C ILE H 471 32.55 -4.26 -40.99
N MET H 472 33.34 -5.13 -40.35
CA MET H 472 34.70 -5.40 -40.80
C MET H 472 34.70 -6.00 -42.20
N ASP H 473 33.79 -6.92 -42.48
CA ASP H 473 33.74 -7.55 -43.80
C ASP H 473 33.42 -6.53 -44.89
N VAL H 474 32.46 -5.65 -44.63
CA VAL H 474 32.10 -4.64 -45.62
C VAL H 474 33.20 -3.59 -45.74
N ALA H 475 33.78 -3.18 -44.61
CA ALA H 475 34.85 -2.19 -44.65
C ALA H 475 36.03 -2.70 -45.47
N ALA H 476 36.40 -3.96 -45.31
CA ALA H 476 37.46 -4.53 -46.13
C ALA H 476 37.03 -4.64 -47.59
N ALA H 477 35.77 -4.97 -47.83
CA ALA H 477 35.27 -5.12 -49.20
C ALA H 477 35.35 -3.79 -49.95
N THR H 478 34.95 -2.69 -49.30
CA THR H 478 34.99 -1.40 -49.96
C THR H 478 36.42 -0.86 -50.05
N CYS H 479 37.32 -1.32 -49.16
CA CYS H 479 38.71 -0.90 -49.25
C CYS H 479 39.39 -1.53 -50.46
N MET H 480 38.99 -2.74 -50.84
CA MET H 480 39.56 -3.37 -52.03
C MET H 480 39.12 -2.64 -53.29
N LEU H 481 37.82 -2.39 -53.41
CA LEU H 481 37.28 -1.81 -54.64
C LEU H 481 37.79 -0.40 -54.86
N LEU H 482 38.33 0.23 -53.82
CA LEU H 482 38.79 1.61 -53.91
C LEU H 482 40.30 1.70 -54.09
N PHE H 483 41.06 0.94 -53.30
CA PHE H 483 42.51 1.09 -53.22
C PHE H 483 43.26 -0.07 -53.86
N ARG H 484 42.62 -0.82 -54.74
CA ARG H 484 43.29 -1.89 -55.46
C ARG H 484 42.96 -1.79 -56.94
N PRO H 485 43.88 -2.21 -57.81
CA PRO H 485 43.65 -2.06 -59.25
C PRO H 485 42.43 -2.84 -59.71
N ALA H 486 41.66 -2.24 -60.63
CA ALA H 486 40.50 -2.92 -61.18
C ALA H 486 40.90 -4.12 -62.01
N GLN H 487 42.08 -4.07 -62.63
CA GLN H 487 42.58 -5.23 -63.37
C GLN H 487 42.97 -6.37 -62.45
N SER H 488 43.07 -6.12 -61.14
CA SER H 488 43.45 -7.17 -60.21
C SER H 488 42.25 -7.92 -59.65
N ILE H 489 41.08 -7.29 -59.64
CA ILE H 489 39.86 -7.90 -59.12
C ILE H 489 39.05 -8.43 -60.29
N SER H 490 38.78 -9.73 -60.29
CA SER H 490 38.09 -10.38 -61.40
C SER H 490 36.59 -10.13 -61.33
N ASP H 491 35.90 -10.52 -62.40
CA ASP H 491 34.46 -10.32 -62.47
C ASP H 491 33.73 -11.15 -61.42
N GLU H 492 34.15 -12.40 -61.23
CA GLU H 492 33.51 -13.24 -60.23
C GLU H 492 33.68 -12.66 -58.83
N GLN H 493 34.88 -12.17 -58.52
CA GLN H 493 35.10 -11.54 -57.22
C GLN H 493 34.35 -10.23 -57.10
N TYR H 494 34.23 -9.49 -58.19
CA TYR H 494 33.53 -8.21 -58.15
C TYR H 494 32.06 -8.40 -57.77
N ARG H 495 31.41 -9.42 -58.34
CA ARG H 495 30.04 -9.72 -57.97
C ARG H 495 29.95 -10.19 -56.52
N TYR H 496 30.96 -10.93 -56.07
CA TYR H 496 30.98 -11.39 -54.68
C TYR H 496 31.05 -10.23 -53.71
N CYS H 497 31.89 -9.23 -54.01
CA CYS H 497 31.99 -8.06 -53.15
C CYS H 497 30.67 -7.29 -53.12
N LEU H 498 30.03 -7.15 -54.27
CA LEU H 498 28.75 -6.45 -54.33
C LEU H 498 27.69 -7.17 -53.52
N GLN H 499 27.66 -8.51 -53.61
CA GLN H 499 26.70 -9.27 -52.82
C GLN H 499 26.98 -9.12 -51.33
N THR H 500 28.25 -9.07 -50.95
CA THR H 500 28.60 -8.88 -49.54
C THR H 500 28.16 -7.51 -49.06
N MET H 501 28.33 -6.48 -49.88
CA MET H 501 27.82 -5.16 -49.50
C MET H 501 26.30 -5.15 -49.47
N ALA H 502 25.66 -5.91 -50.36
CA ALA H 502 24.20 -5.89 -50.43
C ALA H 502 23.57 -6.57 -49.21
N VAL H 503 24.16 -7.67 -48.74
CA VAL H 503 23.53 -8.41 -47.65
C VAL H 503 23.59 -7.62 -46.36
N PHE H 504 24.68 -6.90 -46.12
CA PHE H 504 24.82 -6.15 -44.89
C PHE H 504 23.98 -4.87 -44.89
N LEU H 505 23.88 -4.20 -46.03
CA LEU H 505 23.25 -2.89 -46.08
C LEU H 505 21.79 -2.94 -46.50
N THR H 506 21.45 -3.79 -47.47
CA THR H 506 20.10 -3.85 -47.99
C THR H 506 19.22 -4.86 -47.27
N ASN H 507 19.71 -5.45 -46.17
CA ASN H 507 18.93 -6.35 -45.34
C ASN H 507 18.40 -7.53 -46.15
N THR H 508 19.35 -8.34 -46.62
CA THR H 508 19.04 -9.45 -47.52
C THR H 508 20.02 -10.58 -47.25
N THR H 509 19.57 -11.82 -47.48
CA THR H 509 20.41 -12.99 -47.32
C THR H 509 21.13 -13.30 -48.63
N TYR H 510 22.24 -14.05 -48.52
CA TYR H 510 23.02 -14.40 -49.71
C TYR H 510 22.20 -15.17 -50.72
N ASP H 511 21.25 -15.99 -50.27
CA ASP H 511 20.48 -16.81 -51.20
C ASP H 511 19.55 -15.97 -52.06
N ILE H 512 19.04 -14.86 -51.53
CA ILE H 512 18.12 -14.03 -52.30
C ILE H 512 18.85 -13.32 -53.44
N VAL H 513 20.07 -12.87 -53.19
CA VAL H 513 20.84 -12.15 -54.19
C VAL H 513 21.84 -13.06 -54.90
N ASN H 514 21.64 -14.38 -54.81
CA ASN H 514 22.59 -15.31 -55.41
C ASN H 514 22.50 -15.31 -56.93
N ASN H 515 21.28 -15.22 -57.47
CA ASN H 515 21.06 -15.39 -58.90
C ASN H 515 21.03 -14.09 -59.68
N ASP H 516 21.12 -12.94 -59.01
CA ASP H 516 21.02 -11.68 -59.71
C ASP H 516 22.34 -11.29 -60.37
N THR H 517 22.25 -10.41 -61.37
CA THR H 517 23.40 -9.96 -62.11
C THR H 517 24.06 -8.77 -61.43
N ILE H 518 25.10 -8.22 -62.06
CA ILE H 518 25.85 -7.13 -61.44
C ILE H 518 25.02 -5.86 -61.42
N ASP H 519 24.30 -5.57 -62.50
CA ASP H 519 23.56 -4.31 -62.59
C ASP H 519 22.46 -4.24 -61.54
N VAL H 520 21.79 -5.35 -61.28
CA VAL H 520 20.74 -5.35 -60.25
C VAL H 520 21.34 -5.07 -58.89
N LEU H 521 22.53 -5.60 -58.63
CA LEU H 521 23.20 -5.32 -57.36
C LEU H 521 23.55 -3.84 -57.23
N LYS H 522 24.04 -3.23 -58.31
CA LYS H 522 24.40 -1.83 -58.25
C LYS H 522 23.17 -0.95 -58.11
N MET H 523 22.04 -1.37 -58.67
CA MET H 523 20.80 -0.61 -58.53
C MET H 523 20.31 -0.65 -57.08
N LYS H 524 20.35 -1.82 -56.44
CA LYS H 524 19.88 -1.95 -55.07
C LYS H 524 20.74 -1.14 -54.12
N LEU H 525 22.06 -1.25 -54.25
CA LEU H 525 22.96 -0.53 -53.35
C LEU H 525 22.86 0.97 -53.56
N ARG H 526 22.76 1.41 -54.82
CA ARG H 526 22.65 2.85 -55.08
C ARG H 526 21.30 3.40 -54.64
N ASN H 527 20.24 2.62 -54.78
CA ASN H 527 18.93 3.05 -54.29
C ASN H 527 18.97 3.23 -52.78
N GLN H 528 19.61 2.30 -52.06
CA GLN H 528 19.71 2.41 -50.62
C GLN H 528 20.55 3.62 -50.22
N GLY H 529 21.64 3.87 -50.94
CA GLY H 529 22.47 5.03 -50.66
C GLY H 529 23.95 4.80 -50.79
N TRP H 530 24.37 3.54 -50.82
CA TRP H 530 25.79 3.24 -50.93
C TRP H 530 26.29 3.56 -52.33
N PRO H 531 27.28 4.44 -52.48
CA PRO H 531 27.72 4.83 -53.82
C PRO H 531 28.92 4.06 -54.33
N PHE H 532 29.56 3.27 -53.47
CA PHE H 532 30.79 2.56 -53.84
C PHE H 532 30.42 1.23 -54.49
N VAL H 533 30.06 1.30 -55.77
CA VAL H 533 29.64 0.13 -56.51
C VAL H 533 30.41 0.00 -57.82
N GLU H 534 31.64 0.53 -57.85
CA GLU H 534 32.42 0.56 -59.07
C GLU H 534 33.84 0.11 -58.79
N ARG H 535 34.50 -0.37 -59.85
CA ARG H 535 35.93 -0.64 -59.85
C ARG H 535 36.66 0.53 -60.48
N TYR H 536 37.87 0.79 -60.01
CA TYR H 536 38.67 1.91 -60.50
C TYR H 536 39.97 1.39 -61.07
N ASN H 537 40.23 1.71 -62.34
CA ASN H 537 41.44 1.26 -63.00
C ASN H 537 42.66 1.98 -62.41
N ALA H 538 43.80 1.31 -62.49
CA ALA H 538 45.05 1.81 -61.91
C ALA H 538 45.84 2.58 -62.95
N VAL H 539 46.39 3.72 -62.54
CA VAL H 539 47.17 4.55 -63.44
C VAL H 539 48.49 3.87 -63.76
N GLU H 540 48.78 3.72 -65.05
CA GLU H 540 50.03 3.10 -65.48
C GLU H 540 51.20 4.05 -65.28
N ILE H 541 52.32 3.51 -64.83
CA ILE H 541 53.54 4.28 -64.59
C ILE H 541 54.65 3.69 -65.45
N ASP H 542 55.34 4.55 -66.20
CA ASP H 542 56.49 4.12 -66.96
C ASP H 542 57.74 4.19 -66.10
N MET H 543 58.67 3.26 -66.34
CA MET H 543 59.91 3.25 -65.58
C MET H 543 61.03 2.78 -66.50
N SER H 544 62.26 3.16 -66.15
CA SER H 544 63.43 2.82 -66.95
C SER H 544 64.59 2.53 -66.03
N VAL H 545 65.41 1.55 -66.43
CA VAL H 545 66.60 1.16 -65.67
C VAL H 545 67.83 1.57 -66.46
N GLU H 546 68.75 2.27 -65.80
CA GLU H 546 69.95 2.73 -66.47
C GLU H 546 70.81 1.54 -66.89
N PRO H 547 71.56 1.66 -67.99
CA PRO H 547 72.32 0.50 -68.49
C PRO H 547 73.30 -0.07 -67.48
N LEU H 548 74.27 0.73 -67.04
CA LEU H 548 75.21 0.38 -65.99
C LEU H 548 75.83 -1.01 -66.23
N ARG H 549 76.59 -1.08 -67.32
CA ARG H 549 77.34 -2.29 -67.67
C ARG H 549 76.42 -3.48 -67.95
N SER H 550 75.28 -3.20 -68.56
CA SER H 550 74.29 -4.21 -68.93
C SER H 550 73.24 -3.53 -69.81
N PRO H 551 72.53 -4.28 -70.64
CA PRO H 551 71.45 -3.67 -71.43
C PRO H 551 70.35 -3.13 -70.54
N GLY H 552 69.74 -2.03 -70.98
CA GLY H 552 68.70 -1.41 -70.20
C GLY H 552 67.41 -2.20 -70.23
N GLN H 553 66.50 -1.84 -69.32
CA GLN H 553 65.20 -2.48 -69.21
C GLN H 553 64.12 -1.42 -69.16
N VAL H 554 63.10 -1.58 -69.99
CA VAL H 554 61.93 -0.71 -70.00
C VAL H 554 60.75 -1.51 -69.49
N GLY H 555 60.11 -1.01 -68.43
CA GLY H 555 59.02 -1.73 -67.81
C GLY H 555 57.90 -0.79 -67.41
N ARG H 556 56.80 -1.38 -66.97
CA ARG H 556 55.62 -0.64 -66.60
C ARG H 556 54.98 -1.27 -65.36
N TYR H 557 54.58 -0.44 -64.42
CA TYR H 557 53.95 -0.93 -63.20
C TYR H 557 52.80 0.00 -62.80
N TYR H 558 51.80 -0.58 -62.15
CA TYR H 558 50.67 0.19 -61.67
C TYR H 558 51.09 1.07 -60.50
N ASN H 559 50.57 2.28 -60.46
CA ASN H 559 50.78 3.14 -59.30
C ASN H 559 49.91 2.62 -58.15
N PRO H 560 50.48 2.40 -56.97
CA PRO H 560 49.69 1.88 -55.86
C PRO H 560 48.57 2.82 -55.46
N PHE H 561 47.50 2.24 -54.94
CA PHE H 561 46.37 2.95 -54.34
C PHE H 561 45.57 3.76 -55.34
N ASN H 562 45.71 3.48 -56.63
CA ASN H 562 44.88 4.08 -57.67
C ASN H 562 44.96 5.61 -57.64
N ILE H 563 46.18 6.13 -57.56
CA ILE H 563 46.42 7.56 -57.44
C ILE H 563 47.18 8.02 -58.68
N ASP H 564 46.68 9.08 -59.31
CA ASP H 564 47.30 9.61 -60.52
C ASP H 564 48.36 10.63 -60.15
N PRO H 565 49.62 10.44 -60.55
CA PRO H 565 50.65 11.43 -60.22
C PRO H 565 50.39 12.82 -60.79
N LEU H 566 49.72 12.94 -61.92
CA LEU H 566 49.40 14.27 -62.42
C LEU H 566 48.31 14.93 -61.61
N THR H 567 47.51 14.15 -60.89
CA THR H 567 46.36 14.66 -60.16
C THR H 567 46.59 14.75 -58.66
N LYS H 568 47.48 13.92 -58.11
CA LYS H 568 47.78 13.86 -56.67
C LYS H 568 46.57 13.42 -55.85
N LYS H 569 45.57 12.82 -56.49
CA LYS H 569 44.35 12.40 -55.82
C LYS H 569 43.91 11.08 -56.40
N HIS H 570 42.77 10.58 -55.93
CA HIS H 570 42.22 9.33 -56.42
C HIS H 570 41.75 9.49 -57.86
N VAL H 571 41.63 8.36 -58.55
CA VAL H 571 41.11 8.39 -59.91
C VAL H 571 39.67 8.85 -59.94
N GLU H 572 38.90 8.47 -58.91
CA GLU H 572 37.53 8.96 -58.77
C GLU H 572 37.55 10.40 -58.29
N ASP H 573 36.83 11.28 -58.99
CA ASP H 573 36.83 12.70 -58.70
C ASP H 573 35.66 13.15 -57.84
N ARG H 574 34.81 12.24 -57.38
CA ARG H 574 33.73 12.57 -56.46
C ARG H 574 33.84 11.78 -55.16
N LEU H 575 35.06 11.45 -54.76
CA LEU H 575 35.24 10.66 -53.54
C LEU H 575 34.80 11.43 -52.30
N GLU H 576 35.08 12.73 -52.25
CA GLU H 576 34.65 13.52 -51.11
C GLU H 576 33.13 13.56 -51.00
N GLU H 577 32.44 13.68 -52.13
CA GLU H 577 30.98 13.68 -52.11
C GLU H 577 30.43 12.32 -51.69
N PHE H 578 31.05 11.24 -52.16
CA PHE H 578 30.57 9.90 -51.82
C PHE H 578 30.71 9.62 -50.33
N ILE H 579 31.84 10.01 -49.73
CA ILE H 579 32.02 9.77 -48.31
C ILE H 579 31.01 10.59 -47.50
N ASN H 580 30.67 11.79 -47.99
CA ASN H 580 29.62 12.57 -47.33
C ASN H 580 28.29 11.86 -47.39
N GLN H 581 28.00 11.19 -48.52
CA GLN H 581 26.75 10.45 -48.64
C GLN H 581 26.70 9.30 -47.62
N VAL H 582 27.82 8.62 -47.41
CA VAL H 582 27.85 7.52 -46.45
C VAL H 582 27.63 8.04 -45.04
N GLN H 583 28.19 9.21 -44.72
CA GLN H 583 28.11 9.73 -43.36
C GLN H 583 26.68 10.04 -42.96
N VAL H 584 25.91 10.66 -43.86
CA VAL H 584 24.53 11.04 -43.54
C VAL H 584 23.52 9.96 -43.85
N GLY H 585 23.95 8.85 -44.45
CA GLY H 585 23.02 7.79 -44.78
C GLY H 585 22.60 6.98 -43.57
N ARG H 586 21.44 6.34 -43.71
CA ARG H 586 20.87 5.48 -42.67
C ARG H 586 20.69 4.11 -43.31
N PHE H 587 21.65 3.23 -43.10
CA PHE H 587 21.70 1.98 -43.86
C PHE H 587 20.81 0.91 -43.26
N ARG H 588 20.88 0.72 -41.94
CA ARG H 588 20.06 -0.28 -41.26
C ARG H 588 19.38 0.38 -40.08
N ASN H 589 18.06 0.46 -40.12
CA ASN H 589 17.28 1.12 -39.08
C ASN H 589 16.67 0.15 -38.09
N ALA H 590 16.18 -0.99 -38.55
CA ALA H 590 15.57 -1.96 -37.64
C ALA H 590 16.60 -2.53 -36.66
N SER H 591 17.81 -2.82 -37.14
CA SER H 591 18.87 -3.36 -36.32
C SER H 591 20.16 -2.61 -36.61
N GLY H 592 21.07 -2.65 -35.65
CA GLY H 592 22.34 -1.96 -35.76
C GLY H 592 22.25 -0.51 -35.34
N ASN H 593 23.41 0.15 -35.30
CA ASN H 593 23.48 1.54 -34.87
C ASN H 593 24.73 2.18 -35.44
N ALA H 594 24.58 3.38 -36.00
CA ALA H 594 25.69 4.19 -36.47
C ALA H 594 26.56 3.44 -37.47
N VAL H 595 25.91 2.68 -38.36
CA VAL H 595 26.66 1.97 -39.39
C VAL H 595 27.28 2.95 -40.39
N GLY H 596 26.49 3.94 -40.82
CA GLY H 596 27.01 4.91 -41.77
C GLY H 596 28.11 5.77 -41.18
N THR H 597 27.91 6.25 -39.95
CA THR H 597 28.90 7.11 -39.32
C THR H 597 30.21 6.36 -39.08
N THR H 598 30.13 5.12 -38.60
CA THR H 598 31.33 4.34 -38.37
C THR H 598 32.06 4.04 -39.67
N LEU H 599 31.31 3.66 -40.71
CA LEU H 599 31.93 3.37 -42.00
C LEU H 599 32.53 4.63 -42.60
N ALA H 600 31.85 5.77 -42.45
CA ALA H 600 32.37 7.02 -43.01
C ALA H 600 33.68 7.41 -42.34
N ALA H 601 33.77 7.24 -41.02
CA ALA H 601 35.02 7.53 -40.32
C ALA H 601 36.13 6.62 -40.78
N PHE H 602 35.83 5.32 -40.95
CA PHE H 602 36.84 4.38 -41.37
C PHE H 602 37.29 4.65 -42.80
N LEU H 603 36.35 5.02 -43.67
CA LEU H 603 36.70 5.33 -45.06
C LEU H 603 37.60 6.55 -45.13
N ARG H 604 37.30 7.59 -44.34
CA ARG H 604 38.08 8.81 -44.40
C ARG H 604 39.50 8.60 -43.91
N ALA H 605 39.68 7.79 -42.87
CA ALA H 605 41.03 7.45 -42.41
C ALA H 605 41.79 6.69 -43.49
N CYS H 606 41.12 5.75 -44.16
CA CYS H 606 41.76 5.00 -45.23
C CYS H 606 42.16 5.92 -46.38
N ARG H 607 41.32 6.91 -46.70
CA ARG H 607 41.62 7.82 -47.79
C ARG H 607 42.88 8.63 -47.50
N ASP H 608 42.99 9.15 -46.27
CA ASP H 608 44.11 10.02 -45.94
C ASP H 608 45.43 9.26 -45.94
N LYS H 609 45.45 8.06 -45.37
CA LYS H 609 46.69 7.30 -45.27
C LYS H 609 47.20 6.91 -46.64
N THR H 610 46.32 6.46 -47.53
CA THR H 610 46.74 6.07 -48.88
C THR H 610 47.24 7.28 -49.65
N SER H 611 46.60 8.44 -49.46
CA SER H 611 47.09 9.65 -50.10
C SER H 611 48.35 10.17 -49.45
N ALA H 612 48.57 9.83 -48.18
CA ALA H 612 49.76 10.29 -47.48
C ALA H 612 51.01 9.55 -47.93
N ASN H 613 50.90 8.23 -48.09
CA ASN H 613 52.07 7.38 -48.26
C ASN H 613 52.18 6.77 -49.66
N TRP H 614 51.41 7.25 -50.63
CA TRP H 614 51.46 6.65 -51.95
C TRP H 614 52.81 6.87 -52.61
N ARG H 615 53.48 7.98 -52.29
CA ARG H 615 54.78 8.25 -52.86
C ARG H 615 55.81 7.21 -52.42
N GLY H 616 55.78 6.86 -51.14
CA GLY H 616 56.73 5.88 -50.63
C GLY H 616 56.51 4.50 -51.22
N TYR H 617 55.25 4.09 -51.37
CA TYR H 617 54.97 2.77 -51.92
C TYR H 617 55.23 2.72 -53.42
N SER H 618 54.97 3.83 -54.12
CA SER H 618 55.29 3.87 -55.54
C SER H 618 56.78 3.75 -55.78
N VAL H 619 57.59 4.41 -54.95
CA VAL H 619 59.04 4.26 -55.04
C VAL H 619 59.44 2.84 -54.68
N LEU H 620 58.80 2.25 -53.67
CA LEU H 620 59.18 0.93 -53.20
C LEU H 620 58.97 -0.12 -54.28
N VAL H 621 57.88 -0.04 -55.03
CA VAL H 621 57.65 -0.96 -56.13
C VAL H 621 58.72 -0.77 -57.19
N SER H 622 59.12 0.48 -57.44
CA SER H 622 60.14 0.75 -58.46
C SER H 622 61.47 0.12 -58.08
N ARG H 623 61.84 0.18 -56.80
CA ARG H 623 63.09 -0.42 -56.37
C ARG H 623 63.07 -1.93 -56.55
N TYR H 624 61.96 -2.58 -56.22
CA TYR H 624 61.87 -4.03 -56.33
C TYR H 624 61.97 -4.49 -57.78
N ARG H 625 61.37 -3.73 -58.69
CA ARG H 625 61.41 -4.12 -60.11
C ARG H 625 62.82 -4.02 -60.67
N SER H 626 63.64 -3.12 -60.13
CA SER H 626 65.01 -3.00 -60.59
C SER H 626 65.85 -4.23 -60.28
N LEU H 627 65.43 -5.04 -59.32
CA LEU H 627 66.22 -6.22 -58.96
C LEU H 627 66.04 -7.35 -59.97
N ILE H 628 64.85 -7.50 -60.54
CA ILE H 628 64.60 -8.60 -61.48
C ILE H 628 65.35 -8.33 -62.78
N PRO H 629 66.11 -9.29 -63.29
CA PRO H 629 66.66 -9.14 -64.64
C PRO H 629 65.56 -9.29 -65.68
N ASN H 630 65.89 -8.88 -66.91
CA ASN H 630 64.89 -8.89 -67.97
C ASN H 630 64.41 -10.30 -68.28
N GLU H 631 65.32 -11.28 -68.27
CA GLU H 631 64.94 -12.64 -68.62
C GLU H 631 63.99 -13.24 -67.60
N LEU H 632 64.23 -13.00 -66.32
CA LEU H 632 63.34 -13.51 -65.29
C LEU H 632 61.94 -12.91 -65.42
N PHE H 633 61.86 -11.61 -65.72
CA PHE H 633 60.56 -10.95 -65.81
C PHE H 633 59.73 -11.53 -66.95
N GLU H 634 60.36 -11.80 -68.09
CA GLU H 634 59.62 -12.36 -69.22
C GLU H 634 59.05 -13.73 -68.89
N SER H 635 59.83 -14.57 -68.20
CA SER H 635 59.35 -15.89 -67.82
C SER H 635 58.21 -15.80 -66.81
N LEU H 636 58.32 -14.90 -65.84
CA LEU H 636 57.28 -14.74 -64.83
C LEU H 636 55.97 -14.24 -65.43
N ARG H 637 55.99 -13.75 -66.66
CA ARG H 637 54.76 -13.32 -67.32
C ARG H 637 53.93 -14.48 -67.85
N ASN H 638 54.43 -15.71 -67.76
CA ASN H 638 53.67 -16.87 -68.22
C ASN H 638 52.78 -17.45 -67.12
N ILE H 639 53.28 -17.48 -65.88
CA ILE H 639 52.54 -18.07 -64.76
C ILE H 639 51.40 -17.15 -64.37
N SER H 640 50.49 -17.66 -63.52
CA SER H 640 49.40 -16.87 -63.01
C SER H 640 48.99 -17.40 -61.65
N GLY H 641 48.33 -16.55 -60.86
CA GLY H 641 47.86 -16.97 -59.56
C GLY H 641 46.87 -15.96 -59.00
N GLU H 642 46.14 -16.41 -57.98
CA GLU H 642 45.18 -15.57 -57.28
C GLU H 642 45.51 -15.62 -55.79
N TYR H 643 45.72 -14.46 -55.19
CA TYR H 643 46.10 -14.36 -53.79
C TYR H 643 44.85 -14.13 -52.94
N ASN H 644 44.80 -14.80 -51.79
CA ASN H 644 43.68 -14.69 -50.86
C ASN H 644 44.16 -14.10 -49.55
N ILE H 645 43.46 -13.07 -49.07
CA ILE H 645 43.82 -12.41 -47.81
C ILE H 645 42.56 -12.15 -47.02
N ASN H 646 42.66 -12.37 -45.71
CA ASN H 646 41.51 -12.26 -44.84
C ASN H 646 41.04 -10.81 -44.72
N PRO H 647 39.74 -10.59 -44.47
CA PRO H 647 39.27 -9.22 -44.27
C PRO H 647 39.93 -8.51 -43.10
N GLN H 648 40.30 -9.25 -42.06
CA GLN H 648 41.01 -8.63 -40.94
C GLN H 648 42.36 -8.09 -41.39
N ASP H 649 43.03 -8.79 -42.30
CA ASP H 649 44.35 -8.35 -42.74
C ASP H 649 44.27 -7.12 -43.64
N GLU H 650 43.33 -7.10 -44.58
CA GLU H 650 43.19 -5.94 -45.46
C GLU H 650 42.84 -4.69 -44.68
N HIS H 651 41.92 -4.80 -43.73
CA HIS H 651 41.53 -3.64 -42.93
C HIS H 651 42.69 -3.15 -42.09
N SER H 652 43.48 -4.07 -41.53
CA SER H 652 44.63 -3.67 -40.73
C SER H 652 45.68 -2.95 -41.57
N PHE H 653 45.90 -3.42 -42.80
CA PHE H 653 46.90 -2.80 -43.66
C PHE H 653 46.56 -1.35 -43.95
N PHE H 654 45.33 -1.09 -44.37
CA PHE H 654 44.94 0.25 -44.78
C PHE H 654 44.70 1.18 -43.59
N PHE H 655 44.13 0.67 -42.50
CA PHE H 655 43.87 1.51 -41.35
C PHE H 655 45.16 1.93 -40.66
N ALA H 656 46.15 1.05 -40.64
CA ALA H 656 47.48 1.34 -40.10
C ALA H 656 48.48 1.12 -41.22
N LEU H 657 48.68 2.15 -42.04
CA LEU H 657 49.57 2.09 -43.19
C LEU H 657 50.91 2.68 -42.77
N ALA H 658 51.90 1.82 -42.57
CA ALA H 658 53.21 2.27 -42.12
C ALA H 658 53.90 3.07 -43.22
N GLN H 659 54.38 4.26 -42.86
CA GLN H 659 55.07 5.10 -43.82
C GLN H 659 56.45 4.53 -44.12
N ILE H 660 56.81 4.54 -45.41
CA ILE H 660 58.09 4.03 -45.88
C ILE H 660 58.91 5.19 -46.39
N ASN H 661 60.12 5.35 -45.86
CA ASN H 661 61.04 6.39 -46.27
C ASN H 661 62.29 5.76 -46.85
N ALA H 662 62.70 6.21 -48.03
CA ALA H 662 63.87 5.67 -48.71
C ALA H 662 64.85 6.76 -49.10
N ASP H 663 64.84 7.90 -48.40
CA ASP H 663 65.77 8.97 -48.72
C ASP H 663 67.21 8.57 -48.49
N ASP H 664 67.47 7.81 -47.41
CA ASP H 664 68.83 7.40 -47.11
C ASP H 664 69.38 6.44 -48.16
N GLU H 665 68.53 5.57 -48.70
CA GLU H 665 68.98 4.62 -49.70
C GLU H 665 69.41 5.33 -50.99
N PHE H 666 68.71 6.39 -51.36
CA PHE H 666 68.97 7.10 -52.61
C PHE H 666 70.04 8.16 -52.38
N ILE H 667 71.09 8.12 -53.20
CA ILE H 667 72.08 9.19 -53.25
C ILE H 667 71.94 9.86 -54.62
N GLY H 668 71.46 11.10 -54.62
CA GLY H 668 71.09 11.73 -55.86
C GLY H 668 69.93 11.02 -56.52
N ALA H 669 70.20 10.31 -57.62
CA ALA H 669 69.18 9.51 -58.28
C ALA H 669 69.64 8.07 -58.48
N ILE H 670 70.65 7.63 -57.73
CA ILE H 670 71.23 6.31 -57.88
C ILE H 670 71.01 5.54 -56.59
N ASP H 671 70.52 4.31 -56.70
CA ASP H 671 70.22 3.52 -55.51
C ASP H 671 71.48 3.01 -54.85
N LYS H 672 72.44 2.54 -55.65
CA LYS H 672 73.76 2.08 -55.19
C LYS H 672 73.63 0.73 -54.48
N GLU H 673 72.41 0.29 -54.22
CA GLU H 673 72.16 -1.01 -53.61
C GLU H 673 71.44 -1.96 -54.55
N SER H 674 70.39 -1.50 -55.22
CA SER H 674 69.79 -2.32 -56.28
C SER H 674 70.69 -2.40 -57.49
N ALA H 675 71.52 -1.37 -57.71
CA ALA H 675 72.45 -1.39 -58.84
C ALA H 675 73.46 -2.52 -58.69
N GLU H 676 73.98 -2.72 -57.48
CA GLU H 676 74.96 -3.77 -57.27
C GLU H 676 74.29 -5.15 -57.27
N TYR H 677 73.06 -5.24 -56.76
CA TYR H 677 72.37 -6.52 -56.74
C TYR H 677 72.05 -6.99 -58.16
N LEU H 678 71.47 -6.12 -58.98
CA LEU H 678 71.13 -6.50 -60.35
C LEU H 678 72.37 -6.81 -61.17
N ASP H 679 73.46 -6.06 -60.97
CA ASP H 679 74.67 -6.28 -61.75
C ASP H 679 75.26 -7.66 -61.48
N GLU H 680 75.03 -8.22 -60.28
CA GLU H 680 75.59 -9.52 -59.96
C GLU H 680 74.96 -10.64 -60.77
N TYR H 681 73.79 -10.39 -61.38
CA TYR H 681 73.19 -11.39 -62.26
C TYR H 681 74.04 -11.63 -63.49
N ALA H 682 74.79 -10.62 -63.93
CA ALA H 682 75.67 -10.80 -65.08
C ALA H 682 76.75 -11.84 -64.78
N THR H 683 77.26 -11.86 -63.56
CA THR H 683 78.22 -12.88 -63.17
C THR H 683 77.58 -14.27 -63.17
N LEU H 684 76.34 -14.37 -62.69
CA LEU H 684 75.68 -15.68 -62.65
C LEU H 684 75.44 -16.22 -64.05
N ALA H 685 75.15 -15.34 -65.01
CA ALA H 685 74.98 -15.77 -66.38
C ALA H 685 76.26 -16.38 -66.92
N ARG H 686 77.41 -15.77 -66.61
CA ARG H 686 78.68 -16.32 -67.05
C ARG H 686 78.96 -17.68 -66.41
N ASP H 687 78.61 -17.83 -65.13
CA ASP H 687 78.84 -19.09 -64.44
C ASP H 687 77.95 -20.19 -65.00
N ILE H 688 76.70 -19.86 -65.35
CA ILE H 688 75.78 -20.88 -65.85
C ILE H 688 76.26 -21.42 -67.19
N SER H 689 76.65 -20.53 -68.10
CA SER H 689 77.06 -20.96 -69.44
C SER H 689 78.36 -21.76 -69.38
N ASN H 690 79.32 -21.32 -68.58
CA ASN H 690 80.59 -22.03 -68.49
C ASN H 690 80.41 -23.41 -67.87
N SER H 691 79.59 -23.51 -66.83
CA SER H 691 79.39 -24.80 -66.16
C SER H 691 78.71 -25.80 -67.08
N LEU H 692 77.70 -25.34 -67.84
CA LEU H 692 77.03 -26.23 -68.77
C LEU H 692 77.98 -26.73 -69.84
N THR H 693 78.85 -25.85 -70.34
CA THR H 693 79.78 -26.23 -71.40
C THR H 693 80.76 -27.29 -70.93
N LEU H 694 81.27 -27.15 -69.70
CA LEU H 694 82.30 -28.08 -69.23
C LEU H 694 81.70 -29.42 -68.85
N VAL H 695 80.47 -29.44 -68.33
CA VAL H 695 79.80 -30.70 -68.05
C VAL H 695 79.54 -31.47 -69.34
N LYS H 696 79.11 -30.76 -70.39
CA LYS H 696 78.85 -31.42 -71.66
C LYS H 696 80.13 -32.01 -72.25
N ALA H 697 81.23 -31.27 -72.18
CA ALA H 697 82.48 -31.76 -72.75
C ALA H 697 83.01 -32.96 -71.98
N ALA H 698 82.89 -32.94 -70.66
CA ALA H 698 83.49 -34.00 -69.85
C ALA H 698 82.66 -35.29 -69.91
N PHE H 699 81.34 -35.17 -70.00
CA PHE H 699 80.47 -36.32 -69.92
C PHE H 699 79.89 -36.76 -71.25
N GLY H 700 79.65 -35.84 -72.18
CA GLY H 700 79.13 -36.18 -73.47
C GLY H 700 77.71 -36.70 -73.42
N PRO H 701 77.32 -37.50 -74.41
CA PRO H 701 75.98 -38.08 -74.40
C PRO H 701 75.78 -39.00 -73.21
N LEU H 702 74.55 -39.03 -72.71
CA LEU H 702 74.19 -39.77 -71.51
C LEU H 702 73.23 -40.90 -71.85
N GLU H 703 73.39 -42.03 -71.17
CA GLU H 703 72.56 -43.20 -71.39
C GLU H 703 71.95 -43.65 -70.08
N ARG H 704 70.75 -44.22 -70.15
CA ARG H 704 70.02 -44.71 -68.98
C ARG H 704 69.60 -46.15 -69.26
N THR H 705 70.49 -47.10 -68.97
CA THR H 705 70.15 -48.51 -69.14
C THR H 705 69.21 -49.00 -68.06
N SER H 706 69.36 -48.49 -66.83
CA SER H 706 68.49 -48.88 -65.74
C SER H 706 68.34 -47.71 -64.78
N GLY H 707 67.28 -47.75 -63.99
CA GLY H 707 67.04 -46.74 -62.99
C GLY H 707 66.05 -45.69 -63.45
N SER H 708 65.45 -45.00 -62.48
CA SER H 708 64.49 -43.97 -62.78
C SER H 708 65.19 -42.71 -63.29
N ILE H 709 64.40 -41.79 -63.85
CA ILE H 709 64.96 -40.56 -64.36
C ILE H 709 65.49 -39.70 -63.21
N ILE H 710 64.78 -39.67 -62.09
CA ILE H 710 65.23 -38.89 -60.95
C ILE H 710 66.53 -39.45 -60.40
N ASN H 711 66.62 -40.78 -60.27
CA ASN H 711 67.84 -41.40 -59.78
C ASN H 711 69.00 -41.16 -60.75
N HIS H 712 68.70 -41.01 -62.03
CA HIS H 712 69.74 -40.70 -63.01
C HIS H 712 70.31 -39.31 -62.77
N ALA H 713 69.43 -38.32 -62.65
CA ALA H 713 69.89 -36.94 -62.51
C ALA H 713 70.50 -36.69 -61.14
N ASN H 714 69.92 -37.30 -60.09
CA ASN H 714 70.47 -37.14 -58.75
C ASN H 714 71.88 -37.69 -58.66
N ASN H 715 72.12 -38.85 -59.29
CA ASN H 715 73.43 -39.46 -59.23
C ASN H 715 74.45 -38.73 -60.12
N LEU H 716 73.99 -38.11 -61.20
CA LEU H 716 74.91 -37.40 -62.09
C LEU H 716 75.53 -36.21 -61.38
N ASN H 717 74.75 -35.52 -60.55
CA ASN H 717 75.30 -34.37 -59.81
C ASN H 717 76.36 -34.82 -58.81
N LYS H 718 76.19 -35.98 -58.20
CA LYS H 718 77.19 -36.50 -57.29
C LYS H 718 78.50 -36.79 -58.02
N VAL H 719 78.42 -37.39 -59.21
CA VAL H 719 79.61 -37.65 -60.00
C VAL H 719 80.22 -36.34 -60.49
N ILE H 720 79.37 -35.37 -60.84
CA ILE H 720 79.86 -34.07 -61.29
C ILE H 720 80.65 -33.40 -60.17
N ASN H 721 80.14 -33.48 -58.94
CA ASN H 721 80.85 -32.89 -57.81
C ASN H 721 82.21 -33.56 -57.59
N HIS H 722 82.26 -34.88 -57.70
CA HIS H 722 83.51 -35.60 -57.46
C HIS H 722 84.52 -35.35 -58.57
N VAL H 723 84.07 -35.35 -59.82
CA VAL H 723 84.98 -35.17 -60.95
C VAL H 723 85.55 -33.76 -60.95
N PHE H 724 84.72 -32.77 -60.59
CA PHE H 724 85.09 -31.36 -60.65
C PHE H 724 85.29 -30.78 -59.26
N ALA H 725 85.92 -31.54 -58.37
CA ALA H 725 86.10 -31.08 -56.99
C ALA H 725 87.05 -29.89 -56.90
N ASP H 726 87.99 -29.75 -57.84
CA ASP H 726 88.90 -28.62 -57.81
C ASP H 726 88.17 -27.31 -58.06
N LYS H 727 87.18 -27.32 -58.95
CA LYS H 727 86.35 -26.14 -59.24
C LYS H 727 84.96 -26.36 -58.65
N PRO H 728 84.70 -25.90 -57.43
CA PRO H 728 83.40 -26.17 -56.80
C PRO H 728 82.24 -25.42 -57.42
N LEU H 729 82.49 -24.44 -58.29
CA LEU H 729 81.42 -23.62 -58.82
C LEU H 729 80.47 -24.42 -59.70
N ILE H 730 80.97 -25.47 -60.37
CA ILE H 730 80.14 -26.21 -61.32
C ILE H 730 79.00 -26.92 -60.60
N SER H 731 79.30 -27.59 -59.49
CA SER H 731 78.26 -28.30 -58.76
C SER H 731 77.23 -27.35 -58.18
N GLU H 732 77.68 -26.23 -57.60
CA GLU H 732 76.75 -25.26 -57.05
C GLU H 732 75.89 -24.64 -58.15
N THR H 733 76.50 -24.33 -59.30
CA THR H 733 75.74 -23.75 -60.40
C THR H 733 74.74 -24.76 -60.96
N MET H 734 75.18 -26.02 -61.15
CA MET H 734 74.33 -26.99 -61.81
C MET H 734 73.14 -27.37 -60.93
N LEU H 735 73.34 -27.42 -59.62
CA LEU H 735 72.22 -27.69 -58.72
C LEU H 735 71.24 -26.52 -58.65
N LYS H 736 71.72 -25.29 -58.86
CA LYS H 736 70.82 -24.15 -58.86
C LYS H 736 69.79 -24.27 -59.97
N ILE H 737 70.22 -24.70 -61.16
CA ILE H 737 69.28 -24.92 -62.25
C ILE H 737 68.31 -26.05 -61.90
N LEU H 738 68.82 -27.13 -61.32
CA LEU H 738 67.98 -28.28 -61.00
C LEU H 738 66.91 -27.94 -59.98
N THR H 739 67.22 -27.11 -58.99
CA THR H 739 66.24 -26.78 -57.95
C THR H 739 65.03 -26.10 -58.55
N ILE H 740 65.23 -25.18 -59.48
CA ILE H 740 64.11 -24.54 -60.17
C ILE H 740 63.41 -25.53 -61.09
N ASP H 741 64.19 -26.35 -61.80
CA ASP H 741 63.60 -27.30 -62.74
C ASP H 741 62.91 -28.45 -62.01
N GLY H 742 63.47 -28.88 -60.89
CA GLY H 742 62.98 -30.07 -60.22
C GLY H 742 61.67 -29.96 -59.49
N THR H 743 61.12 -28.75 -59.35
CA THR H 743 59.84 -28.62 -58.66
C THR H 743 58.70 -29.19 -59.48
N THR H 744 58.81 -29.16 -60.81
CA THR H 744 57.75 -29.67 -61.67
C THR H 744 57.56 -31.17 -61.49
N GLY H 745 58.59 -31.87 -61.01
CA GLY H 745 58.52 -33.30 -60.79
C GLY H 745 59.45 -34.04 -61.74
N LYS H 746 59.03 -35.25 -62.13
CA LYS H 746 59.81 -36.03 -63.09
C LYS H 746 59.86 -35.34 -64.45
N ASP H 747 58.80 -34.60 -64.80
CA ASP H 747 58.84 -33.81 -66.03
C ASP H 747 59.90 -32.72 -65.94
N GLY H 748 60.09 -32.14 -64.76
CA GLY H 748 61.11 -31.13 -64.59
C GLY H 748 62.51 -31.68 -64.75
N TYR H 749 62.75 -32.89 -64.25
CA TYR H 749 64.06 -33.50 -64.40
C TYR H 749 64.38 -33.77 -65.87
N ARG H 750 63.37 -34.14 -66.66
CA ARG H 750 63.58 -34.36 -68.08
C ARG H 750 63.98 -33.05 -68.77
N ASN H 751 63.42 -31.93 -68.32
CA ASN H 751 63.81 -30.64 -68.86
C ASN H 751 65.26 -30.33 -68.54
N TRP H 752 65.70 -30.66 -67.33
CA TRP H 752 67.10 -30.44 -66.96
C TRP H 752 68.04 -31.26 -67.84
N LEU H 753 67.69 -32.53 -68.08
CA LEU H 753 68.54 -33.37 -68.91
C LEU H 753 68.58 -32.88 -70.35
N ASP H 754 67.43 -32.45 -70.88
CA ASP H 754 67.39 -31.99 -72.27
C ASP H 754 68.25 -30.76 -72.48
N LYS H 755 68.40 -29.92 -71.45
CA LYS H 755 69.27 -28.75 -71.57
C LYS H 755 70.71 -29.16 -71.81
N LEU H 756 71.18 -30.19 -71.10
CA LEU H 756 72.54 -30.68 -71.32
C LEU H 756 72.72 -31.24 -72.73
N VAL H 757 71.73 -32.01 -73.21
CA VAL H 757 71.82 -32.60 -74.53
C VAL H 757 71.68 -31.53 -75.60
N GLY H 758 70.73 -30.60 -75.43
CA GLY H 758 70.44 -29.59 -76.41
C GLY H 758 71.29 -28.34 -76.34
N HIS H 759 72.28 -28.30 -75.45
CA HIS H 759 73.14 -27.14 -75.36
C HIS H 759 74.04 -27.03 -76.59
N ASN H 760 74.31 -25.80 -77.00
CA ASN H 760 75.20 -25.52 -78.12
C ASN H 760 76.45 -24.82 -77.61
N TYR H 761 77.60 -25.23 -78.12
CA TYR H 761 78.86 -24.66 -77.68
C TYR H 761 78.88 -23.16 -77.99
N PRO H 762 79.21 -22.31 -77.03
CA PRO H 762 79.25 -20.87 -77.30
C PRO H 762 80.40 -20.52 -78.23
N VAL H 763 80.31 -19.30 -78.78
CA VAL H 763 81.32 -18.87 -79.75
C VAL H 763 82.68 -18.68 -79.08
N TYR H 764 82.71 -18.09 -77.88
CA TYR H 764 83.95 -17.93 -77.11
C TYR H 764 83.98 -19.01 -76.05
N VAL H 765 84.52 -20.17 -76.41
CA VAL H 765 84.60 -21.31 -75.51
C VAL H 765 85.79 -21.13 -74.56
N GLU H 766 85.60 -21.51 -73.30
CA GLU H 766 86.69 -21.46 -72.34
C GLU H 766 87.80 -22.39 -72.77
N PRO H 767 89.07 -21.98 -72.61
CA PRO H 767 90.18 -22.84 -73.05
C PRO H 767 90.21 -24.19 -72.36
N VAL H 768 89.69 -24.30 -71.14
CA VAL H 768 89.68 -25.59 -70.45
C VAL H 768 88.78 -26.57 -71.18
N VAL H 769 87.69 -26.09 -71.77
CA VAL H 769 86.81 -26.97 -72.53
C VAL H 769 87.54 -27.52 -73.75
N ASN H 770 88.28 -26.67 -74.45
CA ASN H 770 89.01 -27.12 -75.63
C ASN H 770 90.09 -28.13 -75.25
N ILE H 771 90.81 -27.88 -74.15
CA ILE H 771 91.88 -28.77 -73.73
C ILE H 771 91.33 -30.15 -73.40
N MET H 772 90.18 -30.20 -72.71
CA MET H 772 89.56 -31.48 -72.41
C MET H 772 89.11 -32.19 -73.68
N ASN H 773 88.64 -31.43 -74.67
CA ASN H 773 88.22 -32.04 -75.93
C ASN H 773 89.43 -32.58 -76.70
N PHE H 774 90.57 -31.89 -76.65
CA PHE H 774 91.76 -32.37 -77.33
C PHE H 774 92.25 -33.67 -76.72
N ILE H 775 92.24 -33.76 -75.38
CA ILE H 775 92.67 -34.97 -74.71
C ILE H 775 91.70 -36.11 -74.99
N SER H 776 90.40 -35.81 -74.98
CA SER H 776 89.40 -36.85 -75.24
C SER H 776 89.54 -37.43 -76.64
N ALA H 777 89.78 -36.56 -77.63
CA ALA H 777 89.99 -37.06 -78.99
C ALA H 777 91.26 -37.88 -79.08
N ARG H 778 92.32 -37.45 -78.39
CA ARG H 778 93.57 -38.20 -78.39
C ARG H 778 93.41 -39.56 -77.73
N PHE H 779 92.59 -39.63 -76.67
CA PHE H 779 92.39 -40.90 -75.99
C PHE H 779 91.70 -41.91 -76.89
N VAL H 780 90.67 -41.48 -77.62
CA VAL H 780 89.94 -42.41 -78.48
C VAL H 780 90.77 -42.82 -79.68
N ALA H 781 91.44 -41.86 -80.33
CA ALA H 781 92.17 -42.16 -81.56
C ALA H 781 93.46 -42.91 -81.27
N ASP H 782 94.38 -42.30 -80.54
CA ASP H 782 95.66 -42.92 -80.21
C ASP H 782 95.52 -43.73 -78.92
N SER H 783 94.70 -44.77 -79.02
CA SER H 783 94.45 -45.64 -77.87
C SER H 783 95.68 -46.41 -77.45
N SER H 784 96.69 -46.50 -78.31
CA SER H 784 97.87 -47.30 -77.99
C SER H 784 98.66 -46.71 -76.82
N TYR H 785 98.65 -45.39 -76.66
CA TYR H 785 99.47 -44.77 -75.63
C TYR H 785 98.99 -45.12 -74.22
N PHE H 786 97.69 -45.17 -74.01
CA PHE H 786 97.13 -45.24 -72.66
C PHE H 786 96.89 -46.65 -72.17
N GLY H 787 97.13 -47.66 -73.00
CA GLY H 787 97.09 -49.03 -72.52
C GLY H 787 95.83 -49.82 -72.83
N TYR H 788 95.33 -49.70 -74.06
CA TYR H 788 94.23 -50.54 -74.51
C TYR H 788 94.18 -50.54 -76.03
N THR H 789 93.83 -51.70 -76.59
CA THR H 789 93.74 -51.88 -78.03
C THR H 789 92.44 -52.61 -78.36
N ASN H 790 91.95 -52.39 -79.58
CA ASN H 790 90.68 -53.00 -79.98
C ASN H 790 90.81 -54.47 -80.32
N GLU H 791 91.97 -54.90 -80.82
CA GLU H 791 92.13 -56.27 -81.29
C GLU H 791 93.26 -56.96 -80.55
N ILE H 792 93.06 -58.24 -80.24
CA ILE H 792 94.10 -59.10 -79.69
C ILE H 792 94.13 -60.39 -80.52
N MET H 793 95.20 -61.15 -80.34
CA MET H 793 95.47 -62.31 -81.19
C MET H 793 96.06 -63.42 -80.34
N ILE H 794 95.30 -64.51 -80.19
CA ILE H 794 95.67 -65.63 -79.32
C ILE H 794 96.10 -66.80 -80.20
N MET H 795 97.32 -67.26 -80.01
CA MET H 795 97.88 -68.37 -80.77
C MET H 795 98.52 -69.38 -79.84
N PRO H 796 98.65 -70.63 -80.29
CA PRO H 796 99.46 -71.60 -79.55
C PRO H 796 100.94 -71.31 -79.71
N ASN H 797 101.79 -72.18 -79.15
CA ASN H 797 103.23 -71.91 -79.16
C ASN H 797 103.95 -72.52 -80.34
N HIS H 798 103.42 -73.60 -80.93
CA HIS H 798 104.14 -74.24 -82.03
C HIS H 798 104.08 -73.44 -83.32
N ILE H 799 103.06 -72.61 -83.50
CA ILE H 799 102.97 -71.77 -84.70
C ILE H 799 103.83 -70.53 -84.50
N ASN H 800 104.75 -70.31 -85.44
CA ASN H 800 105.68 -69.19 -85.36
C ASN H 800 105.12 -68.02 -86.17
N VAL H 801 105.05 -66.85 -85.54
CA VAL H 801 104.54 -65.66 -86.20
C VAL H 801 105.64 -64.60 -86.24
N PRO H 802 105.74 -63.82 -87.30
CA PRO H 802 106.69 -62.70 -87.29
C PRO H 802 106.27 -61.66 -86.27
N VAL H 803 107.26 -61.07 -85.60
CA VAL H 803 107.02 -60.13 -84.51
C VAL H 803 108.02 -58.98 -84.63
N ASP H 804 107.88 -58.02 -83.73
CA ASP H 804 108.78 -56.87 -83.69
C ASP H 804 110.06 -57.26 -82.98
N ASP H 805 111.15 -57.39 -83.74
CA ASP H 805 112.45 -57.73 -83.19
C ASP H 805 113.30 -56.50 -82.92
N ARG H 806 112.71 -55.30 -83.01
CA ARG H 806 113.47 -54.08 -82.80
C ARG H 806 113.98 -53.97 -81.38
N PHE H 807 113.13 -54.30 -80.40
CA PHE H 807 113.45 -54.08 -79.00
C PHE H 807 114.24 -55.23 -78.37
N GLY H 808 114.41 -56.34 -79.08
CA GLY H 808 115.22 -57.42 -78.56
C GLY H 808 114.59 -58.21 -77.43
N PHE H 809 113.28 -58.14 -77.27
CA PHE H 809 112.60 -58.94 -76.26
C PHE H 809 112.70 -60.42 -76.60
N ARG H 810 112.66 -61.25 -75.58
CA ARG H 810 112.60 -62.69 -75.78
C ARG H 810 111.16 -63.11 -76.01
N ASP H 811 110.90 -63.70 -77.17
CA ASP H 811 109.54 -64.09 -77.58
C ASP H 811 108.59 -62.91 -77.45
N SER H 812 108.92 -61.85 -78.17
CA SER H 812 108.24 -60.58 -78.00
C SER H 812 106.76 -60.70 -78.37
N PRO H 813 105.85 -60.19 -77.55
CA PRO H 813 104.42 -60.29 -77.85
C PRO H 813 103.84 -59.14 -78.67
N PHE H 814 104.68 -58.32 -79.30
CA PHE H 814 104.23 -57.16 -80.06
C PHE H 814 104.39 -57.43 -81.55
N CYS H 815 103.33 -57.19 -82.31
CA CYS H 815 103.35 -57.24 -83.76
C CYS H 815 103.18 -55.83 -84.32
N THR H 816 103.84 -55.57 -85.45
CA THR H 816 103.68 -54.27 -86.09
C THR H 816 102.23 -54.03 -86.49
N SER H 817 101.58 -55.05 -87.03
CA SER H 817 100.14 -55.04 -87.27
C SER H 817 99.67 -56.48 -87.24
N LEU H 818 98.47 -56.70 -86.73
CA LEU H 818 97.96 -58.06 -86.58
C LEU H 818 97.88 -58.72 -87.95
N PRO H 819 98.57 -59.85 -88.17
CA PRO H 819 98.66 -60.40 -89.52
C PRO H 819 97.37 -61.10 -89.92
N ARG H 820 96.84 -60.74 -91.09
CA ARG H 820 95.66 -61.39 -91.62
C ARG H 820 95.97 -62.76 -92.23
N THR H 821 97.22 -62.99 -92.64
CA THR H 821 97.64 -64.29 -93.14
C THR H 821 98.86 -64.77 -92.38
N ILE H 822 98.89 -66.06 -92.05
CA ILE H 822 99.99 -66.70 -91.37
C ILE H 822 100.44 -67.89 -92.19
N MET H 823 101.69 -67.87 -92.66
CA MET H 823 102.26 -68.96 -93.45
C MET H 823 101.38 -69.30 -94.64
N GLY H 824 100.81 -68.26 -95.26
CA GLY H 824 99.93 -68.44 -96.39
C GLY H 824 98.48 -68.78 -96.05
N ASN H 825 98.15 -68.92 -94.78
CA ASN H 825 96.81 -69.27 -94.34
C ASN H 825 96.16 -68.10 -93.61
N ASP H 826 94.89 -67.86 -93.89
CA ASP H 826 94.18 -66.79 -93.24
C ASP H 826 93.93 -67.11 -91.77
N VAL H 827 93.69 -66.06 -90.99
CA VAL H 827 93.47 -66.17 -89.56
C VAL H 827 92.00 -65.90 -89.26
N ARG H 828 91.39 -66.75 -88.46
CA ARG H 828 89.99 -66.59 -88.10
C ARG H 828 89.79 -65.31 -87.31
N ARG H 829 88.71 -64.59 -87.61
CA ARG H 829 88.37 -63.35 -86.92
C ARG H 829 87.01 -63.54 -86.26
N ILE H 830 86.97 -63.38 -84.95
CA ILE H 830 85.77 -63.64 -84.15
C ILE H 830 85.44 -62.40 -83.35
N SER H 831 84.18 -61.98 -83.40
CA SER H 831 83.72 -60.89 -82.54
C SER H 831 83.67 -61.37 -81.10
N TYR H 832 83.86 -60.42 -80.17
CA TYR H 832 83.91 -60.79 -78.76
C TYR H 832 82.58 -61.39 -78.30
N ASN H 833 81.47 -60.82 -78.74
CA ASN H 833 80.16 -61.33 -78.35
C ASN H 833 79.93 -62.73 -78.91
N VAL H 834 80.37 -62.98 -80.15
CA VAL H 834 80.31 -64.33 -80.68
C VAL H 834 81.28 -65.24 -79.93
N PHE H 835 82.45 -64.71 -79.55
CA PHE H 835 83.41 -65.51 -78.79
C PHE H 835 82.85 -65.93 -77.44
N SER H 836 81.97 -65.13 -76.85
CA SER H 836 81.33 -65.50 -75.60
C SER H 836 80.29 -66.58 -75.76
N MET H 837 79.94 -66.95 -77.00
CA MET H 837 78.93 -67.95 -77.28
C MET H 837 79.51 -69.34 -77.53
N MET H 838 80.65 -69.42 -78.21
CA MET H 838 81.15 -70.68 -78.72
C MET H 838 81.41 -71.71 -77.63
N GLU H 839 80.66 -72.81 -77.65
CA GLU H 839 80.84 -73.85 -76.66
C GLU H 839 82.16 -74.58 -76.83
N ASP H 840 82.56 -74.83 -78.08
CA ASP H 840 83.76 -75.62 -78.36
C ASP H 840 84.97 -74.70 -78.53
N ILE H 841 85.26 -73.93 -77.47
CA ILE H 841 86.43 -73.07 -77.49
C ILE H 841 87.71 -73.90 -77.50
N ASP H 842 87.70 -75.04 -76.81
CA ASP H 842 88.91 -75.86 -76.72
C ASP H 842 89.37 -76.34 -78.09
N ASP H 843 88.43 -76.77 -78.93
CA ASP H 843 88.79 -77.16 -80.29
C ASP H 843 89.26 -75.97 -81.11
N VAL H 844 88.60 -74.82 -80.93
CA VAL H 844 88.93 -73.64 -81.73
C VAL H 844 90.30 -73.10 -81.38
N ILE H 845 90.60 -72.99 -80.08
CA ILE H 845 91.85 -72.37 -79.64
C ILE H 845 93.07 -73.16 -80.07
N SER H 846 92.90 -74.42 -80.46
CA SER H 846 94.02 -75.19 -80.99
C SER H 846 94.65 -74.53 -82.20
N GLU H 847 93.88 -73.71 -82.91
CA GLU H 847 94.41 -72.76 -83.88
C GLU H 847 94.12 -71.36 -83.38
N GLY H 848 94.79 -70.38 -83.98
CA GLY H 848 94.66 -69.01 -83.51
C GLY H 848 93.32 -68.40 -83.90
N PHE H 849 93.04 -67.25 -83.29
CA PHE H 849 91.90 -66.44 -83.65
C PHE H 849 92.13 -65.01 -83.16
N ILE H 850 91.36 -64.09 -83.71
CA ILE H 850 91.48 -62.66 -83.39
C ILE H 850 90.18 -62.18 -82.77
N LEU H 851 90.27 -61.59 -81.59
CA LEU H 851 89.13 -60.96 -80.93
C LEU H 851 89.22 -59.46 -81.15
N TYR H 852 88.15 -58.87 -81.71
CA TYR H 852 88.26 -57.51 -82.21
C TYR H 852 87.05 -56.62 -81.94
N ASP H 853 86.07 -57.06 -81.16
CA ASP H 853 84.82 -56.32 -81.03
C ASP H 853 84.71 -55.54 -79.72
N ALA H 854 85.78 -55.43 -78.95
CA ALA H 854 85.71 -54.75 -77.66
C ALA H 854 87.09 -54.20 -77.30
N TYR H 855 87.11 -53.32 -76.31
CA TYR H 855 88.35 -52.73 -75.84
C TYR H 855 89.07 -53.68 -74.90
N PHE H 856 90.34 -53.96 -75.19
CA PHE H 856 91.15 -54.89 -74.41
C PHE H 856 92.24 -54.12 -73.69
N ASN H 857 92.13 -54.05 -72.36
CA ASN H 857 93.13 -53.38 -71.55
C ASN H 857 94.31 -54.33 -71.28
N PHE H 858 95.50 -53.76 -71.25
CA PHE H 858 96.71 -54.54 -71.01
C PHE H 858 97.74 -53.68 -70.30
N SER H 859 98.49 -54.31 -69.40
CA SER H 859 99.61 -53.69 -68.71
C SER H 859 100.83 -54.59 -68.84
N TYR H 860 102.01 -53.98 -68.92
CA TYR H 860 103.23 -54.74 -69.08
C TYR H 860 104.34 -54.14 -68.23
N ASP H 861 105.14 -55.02 -67.64
CA ASP H 861 106.32 -54.63 -66.88
C ASP H 861 107.56 -55.16 -67.58
N ILE H 862 108.52 -54.27 -67.84
CA ILE H 862 109.76 -54.64 -68.51
C ILE H 862 110.83 -54.85 -67.44
N MET H 863 111.45 -56.03 -67.46
CA MET H 863 112.53 -56.37 -66.54
C MET H 863 113.85 -56.35 -67.30
N THR H 864 114.85 -55.70 -66.73
CA THR H 864 116.13 -55.55 -67.42
C THR H 864 116.81 -56.89 -67.64
N THR H 865 116.75 -57.78 -66.65
CA THR H 865 117.41 -59.07 -66.76
C THR H 865 116.70 -59.96 -67.76
N ASP H 866 117.34 -61.08 -68.08
CA ASP H 866 116.76 -62.03 -69.02
C ASP H 866 115.82 -62.99 -68.31
N GLY H 867 114.83 -63.47 -69.05
CA GLY H 867 113.86 -64.38 -68.48
C GLY H 867 112.88 -64.83 -69.55
N VAL H 868 112.04 -65.77 -69.17
CA VAL H 868 111.03 -66.32 -70.08
C VAL H 868 109.81 -65.41 -70.07
N THR H 869 109.54 -64.76 -71.19
CA THR H 869 108.38 -63.87 -71.29
C THR H 869 107.11 -64.69 -71.20
N ARG H 870 106.19 -64.25 -70.34
CA ARG H 870 105.00 -65.04 -70.04
C ARG H 870 103.90 -64.14 -69.52
N LEU H 871 102.67 -64.62 -69.63
CA LEU H 871 101.53 -63.93 -69.08
C LEU H 871 101.37 -64.29 -67.60
N LYS H 872 100.69 -63.40 -66.87
CA LYS H 872 100.55 -63.60 -65.43
C LYS H 872 99.53 -64.69 -65.10
N GLU H 873 98.41 -64.73 -65.79
CA GLU H 873 97.39 -65.75 -65.56
C GLU H 873 97.08 -66.49 -66.86
N ASP H 874 96.21 -67.49 -66.74
CA ASP H 874 95.70 -68.19 -67.92
C ASP H 874 94.82 -67.25 -68.74
N ILE H 875 94.82 -67.48 -70.06
CA ILE H 875 94.14 -66.56 -70.96
C ILE H 875 92.63 -66.66 -70.78
N LEU H 876 92.10 -67.86 -70.61
CA LEU H 876 90.67 -68.12 -70.73
C LEU H 876 90.03 -68.34 -69.37
N ILE H 877 88.75 -68.00 -69.29
CA ILE H 877 87.90 -68.34 -68.14
C ILE H 877 86.49 -68.60 -68.64
N VAL H 878 86.00 -69.82 -68.44
CA VAL H 878 84.72 -70.25 -68.99
C VAL H 878 83.74 -70.44 -67.85
N THR H 879 82.58 -69.81 -67.97
CA THR H 879 81.48 -69.94 -67.02
C THR H 879 80.24 -70.43 -67.76
N ASP H 880 79.16 -70.65 -66.99
CA ASP H 880 77.92 -71.13 -67.60
C ASP H 880 77.27 -70.06 -68.46
N THR H 881 77.42 -68.79 -68.09
CA THR H 881 76.81 -67.71 -68.87
C THR H 881 77.60 -67.41 -70.14
N GLY H 882 78.93 -67.55 -70.11
CA GLY H 882 79.72 -67.30 -71.30
C GLY H 882 81.19 -67.39 -70.98
N ASN H 883 82.00 -67.22 -72.03
CA ASN H 883 83.44 -67.25 -71.92
C ASN H 883 84.01 -65.84 -71.91
N ASP H 884 85.20 -65.69 -71.35
CA ASP H 884 85.82 -64.38 -71.20
C ASP H 884 87.34 -64.54 -71.17
N ILE H 885 88.03 -63.42 -71.31
CA ILE H 885 89.48 -63.35 -71.31
C ILE H 885 89.94 -62.68 -70.02
N LYS H 886 90.88 -63.32 -69.34
CA LYS H 886 91.36 -62.82 -68.06
C LYS H 886 92.21 -61.57 -68.25
N PRO H 887 92.45 -60.81 -67.18
CA PRO H 887 93.28 -59.61 -67.31
C PRO H 887 94.66 -59.95 -67.88
N ILE H 888 95.15 -59.07 -68.76
CA ILE H 888 96.36 -59.32 -69.53
C ILE H 888 97.51 -58.53 -68.91
N HIS H 889 98.49 -59.25 -68.39
CA HIS H 889 99.71 -58.64 -67.86
C HIS H 889 100.91 -59.39 -68.43
N PHE H 890 101.90 -58.65 -68.90
CA PHE H 890 103.07 -59.21 -69.55
C PHE H 890 104.30 -58.99 -68.70
N TYR H 891 105.13 -60.03 -68.57
CA TYR H 891 106.44 -59.94 -67.93
C TYR H 891 107.47 -60.06 -69.03
N ILE H 892 107.89 -58.91 -69.56
CA ILE H 892 108.71 -58.85 -70.76
C ILE H 892 110.18 -58.76 -70.35
N TYR H 893 111.00 -59.65 -70.90
CA TYR H 893 112.42 -59.70 -70.61
C TYR H 893 113.22 -59.52 -71.89
N PHE H 894 114.44 -59.01 -71.75
CA PHE H 894 115.35 -58.94 -72.88
C PHE H 894 115.91 -60.32 -73.18
N GLU H 895 116.57 -60.45 -74.31
CA GLU H 895 116.93 -61.77 -74.85
C GLU H 895 118.43 -61.87 -75.11
N ASN H 896 119.03 -62.95 -74.62
CA ASN H 896 120.34 -63.40 -75.05
C ASN H 896 120.15 -64.64 -75.91
N ARG H 897 120.62 -64.58 -77.16
CA ARG H 897 120.27 -65.60 -78.12
C ARG H 897 120.85 -66.97 -77.77
N ASN H 898 121.98 -67.00 -77.06
CA ASN H 898 122.72 -68.23 -76.83
C ASN H 898 122.41 -68.88 -75.49
N ASP H 899 121.41 -68.41 -74.77
CA ASP H 899 121.03 -69.02 -73.49
C ASP H 899 120.16 -70.22 -73.77
N LYS H 900 120.77 -71.42 -73.75
CA LYS H 900 120.04 -72.63 -74.10
C LYS H 900 118.93 -72.92 -73.10
N LYS H 901 119.20 -72.73 -71.80
CA LYS H 901 118.20 -73.05 -70.79
C LYS H 901 116.95 -72.21 -70.94
N LEU H 902 117.11 -70.91 -71.22
CA LEU H 902 115.95 -70.05 -71.40
C LEU H 902 115.21 -70.36 -72.69
N ARG H 903 115.94 -70.77 -73.74
CA ARG H 903 115.29 -71.18 -74.97
C ARG H 903 114.45 -72.44 -74.75
N TYR H 904 114.97 -73.40 -73.99
CA TYR H 904 114.23 -74.63 -73.72
C TYR H 904 112.95 -74.33 -72.93
N GLU H 905 113.05 -73.47 -71.92
CA GLU H 905 111.90 -73.18 -71.08
C GLU H 905 110.79 -72.49 -71.88
N SER H 906 111.16 -71.55 -72.74
CA SER H 906 110.17 -70.87 -73.57
C SER H 906 109.57 -71.80 -74.61
N LYS H 907 110.38 -72.72 -75.14
CA LYS H 907 109.92 -73.60 -76.20
C LYS H 907 108.96 -74.67 -75.68
N MET H 908 109.29 -75.31 -74.56
CA MET H 908 108.54 -76.48 -74.12
C MET H 908 107.51 -76.21 -73.04
N ASN H 909 107.73 -75.20 -72.20
CA ASN H 909 106.90 -75.01 -71.02
C ASN H 909 105.88 -73.88 -71.16
N VAL H 910 105.69 -73.35 -72.37
CA VAL H 910 104.68 -72.34 -72.65
C VAL H 910 103.75 -72.89 -73.71
N SER H 911 102.44 -72.75 -73.49
CA SER H 911 101.44 -73.34 -74.37
C SER H 911 100.79 -72.31 -75.28
N TYR H 912 100.15 -71.30 -74.68
CA TYR H 912 99.39 -70.29 -75.48
C TYR H 912 100.06 -68.92 -75.33
N ARG H 913 100.16 -68.17 -76.42
CA ARG H 913 100.85 -66.85 -76.40
C ARG H 913 99.89 -65.77 -76.89
N LEU H 914 99.92 -64.59 -76.28
CA LEU H 914 99.05 -63.47 -76.73
C LEU H 914 99.87 -62.50 -77.59
N TYR H 915 99.22 -61.89 -78.58
CA TYR H 915 99.85 -60.94 -79.49
C TYR H 915 98.98 -59.70 -79.61
N ILE H 916 99.61 -58.53 -79.54
CA ILE H 916 98.92 -57.25 -79.69
C ILE H 916 99.75 -56.37 -80.60
N LYS H 917 99.12 -55.32 -81.12
CA LYS H 917 99.83 -54.33 -81.89
C LYS H 917 100.86 -53.63 -81.01
N THR H 918 102.03 -53.36 -81.59
CA THR H 918 103.11 -52.77 -80.82
C THR H 918 102.67 -51.40 -80.29
N PRO H 919 102.86 -51.12 -79.01
CA PRO H 919 102.42 -49.83 -78.46
C PRO H 919 103.21 -48.68 -79.05
N ALA H 920 102.56 -47.52 -79.14
CA ALA H 920 103.22 -46.32 -79.63
C ALA H 920 104.13 -45.69 -78.60
N CYS H 921 104.00 -46.05 -77.32
CA CYS H 921 104.89 -45.52 -76.30
C CYS H 921 106.33 -45.95 -76.55
N LEU H 922 106.52 -47.22 -76.86
CA LEU H 922 107.87 -47.78 -77.00
C LEU H 922 108.57 -47.15 -78.20
N LEU H 923 109.89 -46.94 -78.04
CA LEU H 923 110.70 -46.32 -79.08
C LEU H 923 112.10 -46.92 -79.02
N PRO H 924 112.66 -47.32 -80.17
CA PRO H 924 114.02 -47.84 -80.17
C PRO H 924 115.03 -46.75 -79.85
N LEU H 925 116.18 -47.18 -79.35
CA LEU H 925 117.24 -46.23 -79.02
C LEU H 925 117.78 -45.53 -80.26
N SER H 926 117.80 -46.22 -81.40
CA SER H 926 118.27 -45.60 -82.63
C SER H 926 117.38 -44.43 -83.03
N ASP H 927 116.06 -44.59 -82.88
CA ASP H 927 115.12 -43.52 -83.21
C ASP H 927 114.93 -42.57 -82.03
N TYR H 928 116.03 -42.08 -81.47
CA TYR H 928 115.95 -41.14 -80.36
C TYR H 928 115.78 -39.70 -80.82
N MET H 929 115.95 -39.43 -82.12
CA MET H 929 115.77 -38.08 -82.63
C MET H 929 114.32 -37.71 -82.82
N ARG H 930 113.41 -38.70 -82.78
CA ARG H 930 111.99 -38.41 -82.85
C ARG H 930 111.46 -37.83 -81.54
N ALA H 931 112.14 -38.08 -80.43
CA ALA H 931 111.70 -37.55 -79.15
C ALA H 931 111.99 -36.07 -79.00
N GLN H 932 112.84 -35.50 -79.85
CA GLN H 932 113.16 -34.08 -79.74
C GLN H 932 111.94 -33.24 -80.09
N HIS H 933 111.68 -32.23 -79.26
CA HIS H 933 110.53 -31.36 -79.43
C HIS H 933 110.86 -29.99 -78.85
N ASP H 934 110.05 -29.00 -79.21
CA ASP H 934 110.29 -27.62 -78.84
C ASP H 934 109.21 -27.10 -77.90
N TYR H 935 109.62 -26.28 -76.94
CA TYR H 935 108.72 -25.64 -75.99
C TYR H 935 109.06 -24.16 -75.92
N VAL H 936 108.05 -23.32 -76.08
CA VAL H 936 108.24 -21.87 -76.12
C VAL H 936 107.86 -21.27 -74.78
N SER H 937 108.75 -20.44 -74.23
CA SER H 937 108.53 -19.77 -72.97
C SER H 937 108.45 -18.27 -73.20
N PRO H 938 107.38 -17.59 -72.77
CA PRO H 938 107.29 -16.15 -72.97
C PRO H 938 108.40 -15.41 -72.24
N SER H 939 108.75 -14.25 -72.78
CA SER H 939 109.89 -13.49 -72.26
C SER H 939 109.66 -13.09 -70.81
N SER H 940 110.76 -12.98 -70.07
CA SER H 940 110.69 -12.61 -68.67
C SER H 940 110.43 -11.12 -68.46
N SER H 941 110.49 -10.32 -69.53
CA SER H 941 110.33 -8.88 -69.39
C SER H 941 108.88 -8.48 -69.17
N ARG H 942 107.93 -9.19 -69.76
CA ARG H 942 106.53 -8.80 -69.65
C ARG H 942 105.99 -9.01 -68.25
N VAL H 943 105.15 -8.09 -67.80
CA VAL H 943 104.56 -8.12 -66.47
C VAL H 943 103.04 -8.17 -66.62
N TYR H 944 102.40 -9.01 -65.82
CA TYR H 944 100.95 -9.21 -65.88
C TYR H 944 100.30 -8.43 -64.75
N ILE H 945 99.38 -7.54 -65.09
CA ILE H 945 98.80 -6.61 -64.13
C ILE H 945 97.76 -7.33 -63.29
N LYS H 946 97.71 -6.97 -62.00
CA LYS H 946 96.68 -7.45 -61.09
C LYS H 946 95.66 -6.38 -60.72
N ASP H 947 96.04 -5.10 -60.80
CA ASP H 947 95.12 -4.03 -60.45
C ASP H 947 94.06 -3.87 -61.53
N PRO H 948 92.82 -3.57 -61.15
CA PRO H 948 91.76 -3.36 -62.15
C PRO H 948 91.84 -1.95 -62.74
N ALA H 949 90.94 -1.69 -63.69
CA ALA H 949 90.86 -0.40 -64.35
C ALA H 949 89.64 0.35 -63.82
N VAL H 950 89.86 1.61 -63.43
CA VAL H 950 88.82 2.44 -62.81
C VAL H 950 88.27 3.38 -63.87
N VAL H 951 86.95 3.35 -64.04
CA VAL H 951 86.26 4.16 -65.04
C VAL H 951 85.67 5.38 -64.35
N TYR H 952 85.91 6.55 -64.91
CA TYR H 952 85.50 7.80 -64.28
C TYR H 952 85.28 8.85 -65.37
N THR H 953 84.71 9.98 -64.97
CA THR H 953 84.58 11.13 -65.87
C THR H 953 84.47 12.39 -65.02
N ARG H 954 84.71 13.54 -65.67
CA ARG H 954 84.65 14.82 -65.00
C ARG H 954 83.49 15.69 -65.47
N SER H 955 82.54 15.11 -66.19
CA SER H 955 81.40 15.87 -66.70
C SER H 955 80.37 16.09 -65.61
N GLU I 182 42.45 -45.83 -47.67
CA GLU I 182 43.83 -45.65 -48.10
C GLU I 182 44.29 -46.81 -48.97
N LEU I 183 45.01 -46.48 -50.04
CA LEU I 183 45.53 -47.49 -50.97
C LEU I 183 46.77 -48.16 -50.39
N ILE I 184 47.01 -49.38 -50.85
CA ILE I 184 48.15 -50.18 -50.40
C ILE I 184 48.97 -50.56 -51.62
N LYS I 185 50.27 -50.29 -51.56
CA LYS I 185 51.18 -50.71 -52.62
C LYS I 185 51.71 -52.10 -52.33
N VAL I 186 51.48 -53.03 -53.24
CA VAL I 186 51.94 -54.40 -53.10
C VAL I 186 53.32 -54.51 -53.73
N PRO I 187 54.37 -54.78 -52.96
CA PRO I 187 55.72 -54.77 -53.51
C PRO I 187 56.05 -55.99 -54.38
N THR I 188 55.58 -57.17 -53.98
CA THR I 188 55.94 -58.41 -54.64
C THR I 188 54.70 -59.12 -55.17
N ILE I 189 54.81 -59.62 -56.40
CA ILE I 189 53.72 -60.42 -56.97
C ILE I 189 53.63 -61.74 -56.22
N PRO I 190 52.44 -62.15 -55.77
CA PRO I 190 52.32 -63.39 -54.97
C PRO I 190 52.21 -64.67 -55.78
N HIS I 191 53.36 -65.14 -56.28
CA HIS I 191 53.41 -66.43 -56.94
C HIS I 191 53.24 -67.54 -55.90
N ASN I 192 52.68 -68.66 -56.35
CA ASN I 192 52.41 -69.79 -55.46
C ASN I 192 53.09 -71.08 -55.91
N LEU I 193 53.98 -71.01 -56.90
CA LEU I 193 54.56 -72.22 -57.48
C LEU I 193 55.64 -72.78 -56.56
N VAL I 194 55.69 -74.11 -56.49
CA VAL I 194 56.75 -74.84 -55.80
C VAL I 194 57.13 -76.03 -56.67
N LEU I 195 58.43 -76.25 -56.84
CA LEU I 195 58.95 -77.25 -57.76
C LEU I 195 59.47 -78.46 -56.98
N ILE I 196 59.02 -79.64 -57.37
CA ILE I 196 59.36 -80.90 -56.71
C ILE I 196 60.08 -81.80 -57.71
N GLN I 197 61.23 -82.33 -57.29
CA GLN I 197 62.05 -83.17 -58.17
C GLN I 197 62.59 -84.36 -57.39
N SER I 198 62.63 -85.51 -58.04
CA SER I 198 63.14 -86.72 -57.41
C SER I 198 64.65 -86.64 -57.23
N ASP I 199 65.17 -87.57 -56.42
CA ASP I 199 66.62 -87.60 -56.17
C ASP I 199 67.39 -87.89 -57.46
N ASN I 200 66.92 -88.85 -58.24
CA ASN I 200 67.59 -89.17 -59.50
C ASN I 200 67.51 -88.03 -60.50
N GLY I 201 66.48 -87.20 -60.41
CA GLY I 201 66.25 -86.15 -61.37
C GLY I 201 65.54 -86.61 -62.63
N LYS I 202 65.13 -87.86 -62.70
CA LYS I 202 64.45 -88.35 -63.90
C LYS I 202 63.12 -87.66 -64.10
N HIS I 203 62.45 -87.26 -63.02
CA HIS I 203 61.13 -86.65 -63.09
C HIS I 203 61.11 -85.39 -62.25
N ALA I 204 60.26 -84.44 -62.68
CA ALA I 204 60.08 -83.19 -61.97
C ALA I 204 58.72 -82.63 -62.31
N LEU I 205 58.17 -81.83 -61.40
CA LEU I 205 56.87 -81.22 -61.61
C LEU I 205 56.76 -79.96 -60.78
N ILE I 206 55.90 -79.05 -61.23
CA ILE I 206 55.63 -77.80 -60.55
C ILE I 206 54.20 -77.83 -60.04
N LYS I 207 54.00 -77.34 -58.81
CA LYS I 207 52.71 -77.42 -58.14
C LYS I 207 52.33 -76.04 -57.63
N GLU I 208 51.03 -75.75 -57.65
CA GLU I 208 50.48 -74.53 -57.09
C GLU I 208 49.75 -74.92 -55.80
N ASP I 209 50.31 -74.53 -54.66
CA ASP I 209 49.80 -75.01 -53.38
C ASP I 209 48.40 -74.47 -53.11
N LEU I 210 48.28 -73.16 -52.95
CA LEU I 210 47.00 -72.47 -52.77
C LEU I 210 46.19 -73.03 -51.60
N GLY I 211 46.81 -73.80 -50.71
CA GLY I 211 46.16 -74.28 -49.52
C GLY I 211 45.24 -75.47 -49.79
N GLN I 212 44.70 -76.01 -48.69
CA GLN I 212 43.75 -77.11 -48.73
C GLN I 212 42.58 -76.77 -47.81
N TRP I 213 41.36 -77.02 -48.29
CA TRP I 213 40.17 -76.53 -47.60
C TRP I 213 39.13 -77.65 -47.48
N PRO I 214 38.53 -77.85 -46.31
CA PRO I 214 37.51 -78.89 -46.16
C PRO I 214 36.17 -78.42 -46.70
N VAL I 215 35.45 -79.35 -47.35
CA VAL I 215 34.15 -79.07 -47.94
C VAL I 215 33.19 -80.17 -47.50
N GLU I 216 31.99 -79.78 -47.10
CA GLU I 216 30.98 -80.70 -46.58
C GLU I 216 29.90 -80.96 -47.61
N THR I 217 29.02 -81.91 -47.29
CA THR I 217 27.94 -82.34 -48.16
C THR I 217 26.60 -82.18 -47.47
N GLY I 218 25.55 -82.11 -48.27
CA GLY I 218 24.22 -81.79 -47.78
C GLY I 218 23.95 -80.31 -47.65
N ILE I 219 24.99 -79.48 -47.71
CA ILE I 219 24.87 -78.03 -47.64
C ILE I 219 25.28 -77.46 -48.99
N SER I 220 24.59 -76.40 -49.42
CA SER I 220 24.89 -75.79 -50.71
C SER I 220 26.34 -75.35 -50.79
N LEU I 221 26.98 -75.66 -51.91
CA LEU I 221 28.41 -75.39 -52.07
C LEU I 221 28.71 -73.91 -52.24
N VAL I 222 27.79 -73.15 -52.82
CA VAL I 222 28.03 -71.72 -53.03
C VAL I 222 28.20 -71.01 -51.69
N ASN I 223 27.40 -71.38 -50.69
CA ASN I 223 27.52 -70.77 -49.37
C ASN I 223 28.87 -71.10 -48.74
N GLN I 224 29.32 -72.35 -48.87
CA GLN I 224 30.62 -72.72 -48.33
C GLN I 224 31.77 -72.07 -49.08
N ALA I 225 31.57 -71.78 -50.37
CA ALA I 225 32.63 -71.13 -51.13
C ALA I 225 32.82 -69.67 -50.72
N GLY I 226 31.80 -69.06 -50.13
CA GLY I 226 31.92 -67.67 -49.76
C GLY I 226 32.94 -67.44 -48.66
N VAL I 227 32.92 -68.28 -47.62
CA VAL I 227 33.84 -68.10 -46.51
C VAL I 227 35.26 -68.41 -46.93
N PHE I 228 35.44 -69.43 -47.77
CA PHE I 228 36.78 -69.75 -48.27
C PHE I 228 37.29 -68.68 -49.23
N ALA I 229 36.39 -68.05 -50.00
CA ALA I 229 36.81 -67.00 -50.91
C ALA I 229 37.38 -65.81 -50.16
N VAL I 230 36.77 -65.44 -49.04
CA VAL I 230 37.29 -64.34 -48.23
C VAL I 230 38.66 -64.69 -47.67
N GLN I 231 38.81 -65.92 -47.18
CA GLN I 231 40.10 -66.35 -46.63
C GLN I 231 41.16 -66.43 -47.72
N LEU I 232 40.77 -66.78 -48.95
CA LEU I 232 41.71 -66.79 -50.05
C LEU I 232 42.19 -65.37 -50.39
N ALA I 233 41.29 -64.40 -50.35
CA ALA I 233 41.69 -63.02 -50.63
C ALA I 233 42.68 -62.52 -49.58
N ASN I 234 42.51 -62.93 -48.32
CA ASN I 234 43.49 -62.57 -47.30
C ASN I 234 44.85 -63.19 -47.61
N LYS I 235 44.86 -64.42 -48.13
CA LYS I 235 46.12 -65.09 -48.44
C LYS I 235 46.87 -64.36 -49.55
N LEU I 236 46.14 -63.87 -50.55
CA LEU I 236 46.75 -63.20 -51.71
C LEU I 236 46.93 -61.70 -51.51
N GLY I 237 46.46 -61.14 -50.39
CA GLY I 237 46.56 -59.71 -50.18
C GLY I 237 45.74 -58.91 -51.18
N ILE I 238 44.49 -59.34 -51.40
CA ILE I 238 43.65 -58.80 -52.46
C ILE I 238 42.46 -58.07 -51.86
N ASP I 239 42.05 -58.47 -50.65
CA ASP I 239 40.80 -58.00 -50.08
C ASP I 239 40.75 -56.49 -49.96
N LYS I 240 41.81 -55.87 -49.45
CA LYS I 240 41.81 -54.43 -49.31
C LYS I 240 42.21 -53.76 -50.63
N PRO I 241 41.73 -52.55 -50.88
CA PRO I 241 42.10 -51.86 -52.11
C PRO I 241 43.61 -51.68 -52.22
N PHE I 242 44.13 -51.93 -53.42
CA PHE I 242 45.57 -51.94 -53.60
C PHE I 242 45.91 -51.61 -55.05
N VAL I 243 47.18 -51.25 -55.26
CA VAL I 243 47.74 -51.06 -56.58
C VAL I 243 49.13 -51.68 -56.59
N LEU I 244 49.47 -52.36 -57.69
CA LEU I 244 50.71 -53.11 -57.75
C LEU I 244 51.91 -52.18 -57.92
N ASP I 245 52.96 -52.43 -57.16
CA ASP I 245 54.22 -51.69 -57.25
C ASP I 245 55.34 -52.73 -57.40
N ALA I 246 55.60 -53.13 -58.66
CA ALA I 246 56.63 -54.11 -58.94
C ALA I 246 57.61 -53.62 -60.01
N GLY I 247 57.56 -52.34 -60.37
CA GLY I 247 58.48 -51.83 -61.38
C GLY I 247 59.92 -51.83 -60.93
N SER I 248 60.15 -51.52 -59.64
CA SER I 248 61.52 -51.37 -59.14
C SER I 248 62.23 -52.69 -58.93
N ASN I 249 61.53 -53.82 -58.96
CA ASN I 249 62.13 -55.13 -58.70
C ASN I 249 62.68 -55.70 -60.00
N TYR I 250 63.92 -55.37 -60.31
CA TYR I 250 64.58 -55.91 -61.50
C TYR I 250 66.08 -55.72 -61.37
N PHE I 251 66.81 -56.35 -62.29
CA PHE I 251 68.26 -56.21 -62.39
C PHE I 251 68.67 -56.35 -63.84
N THR I 252 69.90 -55.96 -64.14
CA THR I 252 70.42 -55.99 -65.50
C THR I 252 71.63 -56.90 -65.58
N ASP I 253 71.72 -57.66 -66.66
CA ASP I 253 72.81 -58.61 -66.84
C ASP I 253 74.12 -57.87 -67.11
N THR I 254 75.23 -58.56 -66.83
CA THR I 254 76.55 -57.94 -66.96
C THR I 254 76.98 -57.74 -68.40
N SER I 255 76.31 -58.37 -69.36
CA SER I 255 76.71 -58.27 -70.76
C SER I 255 76.45 -56.87 -71.29
N PHE I 256 77.23 -56.48 -72.29
CA PHE I 256 77.09 -55.15 -72.88
C PHE I 256 75.79 -55.03 -73.68
N ILE I 257 75.52 -56.01 -74.54
CA ILE I 257 74.37 -55.93 -75.42
C ILE I 257 73.06 -56.08 -74.66
N ASP I 258 73.03 -56.95 -73.66
CA ASP I 258 71.79 -57.27 -72.96
C ASP I 258 71.38 -56.08 -72.10
N THR I 259 70.45 -55.28 -72.61
CA THR I 259 69.87 -54.17 -71.87
C THR I 259 68.51 -54.50 -71.30
N ARG I 260 68.08 -55.77 -71.40
CA ARG I 260 66.79 -56.16 -70.87
C ARG I 260 66.78 -56.06 -69.34
N LYS I 261 65.60 -55.84 -68.79
CA LYS I 261 65.41 -55.70 -67.35
C LYS I 261 64.92 -57.02 -66.80
N TYR I 262 65.84 -57.80 -66.22
CA TYR I 262 65.48 -59.12 -65.71
C TYR I 262 64.66 -58.98 -64.43
N CYS I 263 63.51 -59.64 -64.40
CA CYS I 263 62.66 -59.58 -63.22
C CYS I 263 63.21 -60.46 -62.11
N THR I 264 62.80 -60.14 -60.88
CA THR I 264 63.22 -60.87 -59.69
C THR I 264 62.05 -61.49 -58.95
N ASP I 265 60.86 -61.51 -59.54
CA ASP I 265 59.68 -62.08 -58.93
C ASP I 265 59.35 -63.42 -59.56
N GLY I 266 58.29 -64.06 -59.05
CA GLY I 266 57.88 -65.35 -59.56
C GLY I 266 58.89 -66.43 -59.23
N LEU I 267 58.63 -67.62 -59.78
CA LEU I 267 59.57 -68.72 -59.65
C LEU I 267 60.85 -68.37 -60.41
N SER I 268 61.98 -68.39 -59.71
CA SER I 268 63.22 -67.93 -60.30
C SER I 268 63.64 -68.84 -61.44
N PRO I 269 64.08 -68.28 -62.57
CA PRO I 269 64.54 -69.13 -63.68
C PRO I 269 65.74 -69.97 -63.32
N ARG I 270 66.50 -69.60 -62.29
CA ARG I 270 67.62 -70.42 -61.86
C ARG I 270 67.15 -71.76 -61.30
N GLU I 271 66.04 -71.76 -60.57
CA GLU I 271 65.51 -73.01 -60.03
C GLU I 271 65.11 -73.96 -61.15
N ILE I 272 64.48 -73.44 -62.21
CA ILE I 272 64.12 -74.27 -63.36
C ILE I 272 65.37 -74.77 -64.05
N GLN I 273 66.39 -73.92 -64.18
CA GLN I 273 67.63 -74.32 -64.83
C GLN I 273 68.30 -75.47 -64.09
N LYS I 274 68.33 -75.40 -62.76
CA LYS I 274 68.91 -76.49 -61.98
C LYS I 274 68.12 -77.79 -62.15
N ALA I 275 66.79 -77.68 -62.19
CA ALA I 275 65.97 -78.88 -62.36
C ALA I 275 66.21 -79.53 -63.71
N LEU I 276 66.31 -78.74 -64.77
CA LEU I 276 66.56 -79.30 -66.09
C LEU I 276 67.96 -79.91 -66.18
N ASN I 277 68.95 -79.25 -65.58
CA ASN I 277 70.32 -79.76 -65.63
C ASN I 277 70.44 -81.09 -64.91
N ARG I 278 69.76 -81.24 -63.77
CA ARG I 278 69.72 -82.55 -63.11
C ARG I 278 69.03 -83.58 -63.98
N GLN I 279 67.96 -83.17 -64.66
CA GLN I 279 67.27 -84.09 -65.56
C GLN I 279 68.16 -84.53 -66.71
N ARG I 280 68.94 -83.60 -67.27
CA ARG I 280 69.83 -83.95 -68.36
C ARG I 280 70.99 -84.82 -67.88
N ALA I 281 71.37 -84.70 -66.61
CA ALA I 281 72.43 -85.53 -66.07
C ALA I 281 72.01 -86.99 -66.00
N TYR I 282 70.76 -87.25 -65.62
CA TYR I 282 70.31 -88.63 -65.47
C TYR I 282 70.30 -89.36 -66.80
N TYR I 283 69.82 -88.71 -67.85
CA TYR I 283 69.79 -89.30 -69.18
C TYR I 283 71.15 -89.27 -69.87
N ASP I 284 72.19 -88.81 -69.17
CA ASP I 284 73.55 -88.71 -69.70
C ASP I 284 73.67 -87.72 -70.85
N ARG I 285 72.70 -86.82 -70.99
CA ARG I 285 72.79 -85.78 -72.01
C ARG I 285 73.69 -84.65 -71.54
N PRO I 286 74.27 -83.90 -72.47
CA PRO I 286 75.06 -82.73 -72.08
C PRO I 286 74.20 -81.68 -71.41
N GLU I 287 74.83 -80.89 -70.55
CA GLU I 287 74.11 -79.84 -69.84
C GLU I 287 73.70 -78.73 -70.82
N LEU I 288 72.93 -77.78 -70.29
CA LEU I 288 72.41 -76.70 -71.13
C LEU I 288 73.56 -75.89 -71.71
N THR I 289 73.38 -75.48 -72.96
CA THR I 289 74.40 -74.71 -73.66
C THR I 289 74.46 -73.28 -73.12
N ILE I 290 75.58 -72.60 -73.39
CA ILE I 290 75.69 -71.19 -73.03
C ILE I 290 74.59 -70.39 -73.71
N SER I 291 74.31 -70.69 -74.98
CA SER I 291 73.24 -69.99 -75.68
C SER I 291 71.87 -70.37 -75.13
N GLU I 292 71.73 -71.62 -74.68
CA GLU I 292 70.44 -72.05 -74.12
C GLU I 292 70.22 -71.52 -72.71
N ASN I 293 71.29 -71.12 -72.01
CA ASN I 293 71.16 -70.67 -70.63
C ASN I 293 70.39 -69.36 -70.54
N LYS I 294 70.79 -68.36 -71.32
CA LYS I 294 70.12 -67.07 -71.22
C LYS I 294 68.83 -67.00 -72.01
N THR I 295 68.57 -67.96 -72.90
CA THR I 295 67.21 -68.10 -73.41
C THR I 295 66.26 -68.46 -72.29
N LEU I 296 66.67 -69.38 -71.41
CA LEU I 296 65.86 -69.74 -70.26
C LEU I 296 65.89 -68.67 -69.18
N LEU I 297 67.06 -68.10 -68.92
CA LEU I 297 67.23 -67.20 -67.78
C LEU I 297 66.64 -65.82 -68.02
N SER I 298 66.37 -65.44 -69.27
CA SER I 298 65.83 -64.14 -69.60
C SER I 298 64.34 -64.17 -69.89
N GLN I 299 63.66 -65.27 -69.57
CA GLN I 299 62.22 -65.33 -69.83
C GLN I 299 61.45 -64.39 -68.93
N SER I 300 61.96 -64.10 -67.73
CA SER I 300 61.31 -63.19 -66.80
C SER I 300 61.88 -61.79 -67.01
N ILE I 301 61.04 -60.88 -67.52
CA ILE I 301 61.49 -59.54 -67.88
C ILE I 301 60.51 -58.49 -67.37
N ILE I 302 61.03 -57.28 -67.23
CA ILE I 302 60.21 -56.09 -66.97
C ILE I 302 60.37 -55.18 -68.19
N TYR I 303 59.28 -54.94 -68.90
CA TYR I 303 59.36 -54.08 -70.06
C TYR I 303 58.34 -52.95 -69.96
N PRO I 304 58.66 -51.79 -70.49
CA PRO I 304 57.73 -50.65 -70.42
C PRO I 304 56.59 -50.77 -71.42
N ASP I 305 55.46 -50.19 -71.05
CA ASP I 305 54.27 -50.16 -71.89
C ASP I 305 54.12 -48.77 -72.49
N ALA I 306 53.23 -48.67 -73.48
CA ALA I 306 53.00 -47.40 -74.15
C ALA I 306 52.46 -46.35 -73.19
N ASP I 307 51.55 -46.73 -72.31
CA ASP I 307 50.92 -45.80 -71.39
C ASP I 307 51.78 -45.48 -70.18
N GLY I 308 53.08 -45.79 -70.22
CA GLY I 308 53.95 -45.55 -69.09
C GLY I 308 53.91 -46.60 -68.02
N ASN I 309 53.07 -47.62 -68.16
CA ASN I 309 52.98 -48.69 -67.18
C ASN I 309 54.12 -49.68 -67.40
N ASP I 310 54.30 -50.57 -66.43
CA ASP I 310 55.29 -51.63 -66.50
C ASP I 310 54.59 -52.98 -66.53
N VAL I 311 55.06 -53.87 -67.40
CA VAL I 311 54.52 -55.21 -67.53
C VAL I 311 55.55 -56.20 -67.02
N SER I 312 55.16 -57.03 -66.07
CA SER I 312 56.05 -57.99 -65.43
C SER I 312 55.65 -59.40 -65.86
N ILE I 313 56.57 -60.10 -66.49
CA ILE I 313 56.35 -61.45 -66.97
C ILE I 313 57.16 -62.39 -66.08
N ILE I 314 56.48 -63.33 -65.44
CA ILE I 314 57.09 -64.23 -64.46
C ILE I 314 56.41 -65.59 -64.55
N PHE I 315 56.94 -66.54 -63.79
CA PHE I 315 56.35 -67.87 -63.67
C PHE I 315 55.44 -67.89 -62.45
N SER I 316 54.14 -68.05 -62.69
CA SER I 316 53.16 -68.04 -61.63
C SER I 316 52.10 -69.09 -61.92
N GLY I 317 51.27 -69.36 -60.91
CA GLY I 317 50.21 -70.31 -61.09
C GLY I 317 49.07 -69.78 -61.93
N ALA I 318 48.31 -70.71 -62.52
CA ALA I 318 47.17 -70.32 -63.34
C ALA I 318 46.10 -69.64 -62.49
N MET I 319 45.84 -70.19 -61.29
CA MET I 319 44.78 -69.62 -60.45
C MET I 319 45.21 -68.30 -59.84
N SER I 320 46.48 -68.19 -59.42
CA SER I 320 46.96 -66.95 -58.84
C SER I 320 46.91 -65.81 -59.86
N HIS I 321 47.27 -66.10 -61.11
CA HIS I 321 47.24 -65.09 -62.15
C HIS I 321 45.81 -64.60 -62.40
N ALA I 322 44.85 -65.52 -62.42
CA ALA I 322 43.47 -65.15 -62.74
C ALA I 322 42.88 -64.26 -61.65
N ILE I 323 43.07 -64.63 -60.39
CA ILE I 323 42.45 -63.89 -59.29
C ILE I 323 43.11 -62.53 -59.12
N PHE I 324 44.44 -62.47 -59.17
CA PHE I 324 45.13 -61.21 -58.97
C PHE I 324 44.83 -60.22 -60.10
N THR I 325 44.81 -60.70 -61.34
CA THR I 325 44.49 -59.83 -62.47
C THR I 325 43.07 -59.28 -62.37
N TYR I 326 42.12 -60.14 -62.01
CA TYR I 326 40.73 -59.69 -61.88
C TYR I 326 40.57 -58.69 -60.75
N ALA I 327 41.26 -58.91 -59.63
CA ALA I 327 41.17 -57.99 -58.50
C ALA I 327 41.69 -56.61 -58.87
N GLN I 328 42.78 -56.57 -59.64
CA GLN I 328 43.32 -55.29 -60.08
C GLN I 328 42.34 -54.53 -60.95
N SER I 329 41.64 -55.23 -61.83
CA SER I 329 40.66 -54.58 -62.69
C SER I 329 39.51 -54.01 -61.88
N GLN I 330 39.06 -54.74 -60.86
CA GLN I 330 37.92 -54.29 -60.06
C GLN I 330 38.28 -53.08 -59.21
N TRP I 331 39.50 -53.04 -58.68
CA TRP I 331 39.89 -51.90 -57.85
C TRP I 331 40.21 -50.67 -58.68
N ASN I 332 40.68 -50.86 -59.91
CA ASN I 332 41.12 -49.73 -60.72
C ASN I 332 39.99 -48.83 -61.18
N LYS I 333 38.73 -49.28 -61.09
CA LYS I 333 37.62 -48.42 -61.47
C LYS I 333 37.53 -47.20 -60.55
N ASN I 334 37.72 -47.40 -59.26
CA ASN I 334 37.61 -46.31 -58.29
C ASN I 334 38.80 -45.37 -58.34
N ILE I 335 39.94 -45.81 -58.86
CA ILE I 335 41.11 -44.96 -58.99
C ILE I 335 40.90 -44.05 -60.19
N ILE I 336 40.65 -42.77 -59.92
CA ILE I 336 40.39 -41.80 -60.97
C ILE I 336 41.33 -40.61 -60.80
N LYS I 337 41.54 -39.88 -61.89
CA LYS I 337 42.40 -38.71 -61.85
C LYS I 337 41.80 -37.66 -60.93
N LEU I 338 42.68 -36.85 -60.33
CA LEU I 338 42.22 -35.84 -59.39
C LEU I 338 41.30 -34.84 -60.05
N ASP I 339 41.64 -34.40 -61.25
CA ASP I 339 40.83 -33.39 -61.95
C ASP I 339 39.42 -33.89 -62.20
N ASP I 340 39.25 -35.20 -62.42
CA ASP I 340 37.91 -35.76 -62.58
C ASP I 340 37.12 -35.65 -61.28
N TYR I 341 37.80 -35.85 -60.14
CA TYR I 341 37.10 -35.77 -58.86
C TYR I 341 36.59 -34.36 -58.58
N ILE I 342 37.38 -33.35 -58.94
CA ILE I 342 36.95 -31.97 -58.68
C ILE I 342 35.69 -31.65 -59.48
N ARG I 343 35.58 -32.22 -60.68
CA ARG I 343 34.40 -31.96 -61.50
C ARG I 343 33.14 -32.56 -60.89
N GLU I 344 33.27 -33.70 -60.21
CA GLU I 344 32.11 -34.36 -59.64
C GLU I 344 31.62 -33.70 -58.37
N ILE I 345 32.45 -32.91 -57.69
CA ILE I 345 32.09 -32.28 -56.43
C ILE I 345 32.07 -30.76 -56.55
N THR I 346 32.18 -30.22 -57.75
CA THR I 346 32.23 -28.78 -57.91
C THR I 346 30.90 -28.10 -57.57
N LEU I 347 29.79 -28.83 -57.66
CA LEU I 347 28.49 -28.24 -57.40
C LEU I 347 28.21 -28.06 -55.91
N THR I 348 28.75 -28.96 -55.07
CA THR I 348 28.43 -28.94 -53.65
C THR I 348 29.28 -27.99 -52.85
N VAL I 349 30.32 -27.40 -53.44
CA VAL I 349 31.23 -26.51 -52.73
C VAL I 349 30.57 -25.14 -52.55
N PRO I 350 30.45 -24.65 -51.31
CA PRO I 350 29.84 -23.33 -51.10
C PRO I 350 30.76 -22.19 -51.53
N LYS I 351 30.32 -20.96 -51.30
CA LYS I 351 31.07 -19.77 -51.71
C LYS I 351 31.73 -19.05 -50.54
N GLN I 352 31.67 -19.61 -49.34
CA GLN I 352 32.22 -18.97 -48.15
C GLN I 352 33.50 -19.62 -47.66
N TYR I 353 34.05 -20.57 -48.41
CA TYR I 353 35.24 -21.30 -48.01
C TYR I 353 36.39 -21.00 -48.96
N ARG I 354 37.58 -20.87 -48.40
CA ARG I 354 38.73 -20.50 -49.20
C ARG I 354 39.17 -21.67 -50.08
N PRO I 355 39.35 -21.47 -51.38
CA PRO I 355 39.73 -22.57 -52.26
C PRO I 355 41.12 -23.10 -51.93
N ARG I 356 41.29 -24.41 -52.11
CA ARG I 356 42.56 -25.06 -51.84
C ARG I 356 43.46 -24.96 -53.07
N ARG I 357 44.75 -24.72 -52.83
CA ARG I 357 45.76 -24.67 -53.88
C ARG I 357 46.50 -25.99 -53.90
N PHE I 358 46.49 -26.67 -55.04
CA PHE I 358 47.16 -27.95 -55.20
C PHE I 358 48.51 -27.74 -55.89
N LYS I 359 49.49 -28.55 -55.50
CA LYS I 359 50.78 -28.52 -56.16
C LYS I 359 50.64 -28.97 -57.62
N GLU I 360 51.51 -28.44 -58.47
CA GLU I 360 51.40 -28.74 -59.90
C GLU I 360 51.61 -30.21 -60.20
N ILE I 361 52.41 -30.90 -59.39
CA ILE I 361 52.60 -32.33 -59.58
C ILE I 361 51.28 -33.07 -59.36
N GLU I 362 50.54 -32.68 -58.31
CA GLU I 362 49.28 -33.35 -58.01
C GLU I 362 48.26 -33.15 -59.14
N HIS I 363 48.35 -32.03 -59.86
CA HIS I 363 47.41 -31.79 -60.94
C HIS I 363 47.72 -32.68 -62.15
N THR I 364 48.99 -32.76 -62.53
CA THR I 364 49.35 -33.49 -63.73
C THR I 364 49.35 -35.00 -63.49
N HIS I 365 49.83 -35.45 -62.33
CA HIS I 365 50.05 -36.87 -62.07
C HIS I 365 49.39 -37.30 -60.78
N GLY I 366 48.21 -36.79 -60.50
CA GLY I 366 47.50 -37.11 -59.26
C GLY I 366 46.34 -38.06 -59.51
N TYR I 367 46.18 -39.02 -58.60
CA TYR I 367 45.07 -39.96 -58.63
C TYR I 367 44.50 -40.11 -57.24
N VAL I 368 43.21 -40.42 -57.18
CA VAL I 368 42.49 -40.55 -55.91
C VAL I 368 41.64 -41.81 -55.95
N TYR I 369 41.68 -42.59 -54.87
CA TYR I 369 40.81 -43.74 -54.71
C TYR I 369 39.56 -43.29 -53.95
N ARG I 370 38.41 -43.33 -54.62
CA ARG I 370 37.15 -42.91 -54.01
C ARG I 370 36.01 -43.72 -54.60
N GLU I 371 35.04 -44.06 -53.76
CA GLU I 371 33.82 -44.74 -54.19
C GLU I 371 32.75 -43.68 -54.39
N LEU I 372 32.35 -43.46 -55.65
CA LEU I 372 31.46 -42.36 -55.98
C LEU I 372 29.99 -42.74 -55.94
N ASN I 373 29.66 -43.98 -55.57
CA ASN I 373 28.26 -44.35 -55.43
C ASN I 373 27.64 -43.66 -54.22
N GLN I 374 26.36 -43.35 -54.34
CA GLN I 374 25.59 -42.75 -53.26
C GLN I 374 24.54 -43.76 -52.81
N GLY I 375 24.57 -44.11 -51.52
CA GLY I 375 23.61 -45.05 -50.99
C GLY I 375 22.41 -44.36 -50.38
N SER I 376 21.22 -44.72 -50.85
CA SER I 376 20.01 -44.10 -50.33
C SER I 376 19.76 -44.53 -48.89
N LEU I 377 19.31 -43.58 -48.07
CA LEU I 377 18.95 -43.84 -46.69
C LEU I 377 17.48 -44.22 -46.53
N LEU I 378 16.76 -44.36 -47.64
CA LEU I 378 15.33 -44.63 -47.57
C LEU I 378 14.96 -45.92 -46.84
N PRO I 379 15.65 -47.05 -47.01
CA PRO I 379 15.23 -48.27 -46.29
C PRO I 379 15.17 -48.10 -44.79
N LEU I 380 16.08 -47.33 -44.20
CA LEU I 380 16.02 -47.10 -42.76
C LEU I 380 14.88 -46.16 -42.40
N VAL I 381 14.72 -45.08 -43.17
CA VAL I 381 13.74 -44.06 -42.83
C VAL I 381 12.32 -44.58 -43.03
N ASP I 382 12.07 -45.25 -44.16
CA ASP I 382 10.72 -45.70 -44.46
C ASP I 382 10.24 -46.74 -43.47
N ALA I 383 11.07 -47.74 -43.16
CA ALA I 383 10.68 -48.77 -42.21
C ALA I 383 10.54 -48.20 -40.81
N ASN I 384 11.46 -47.33 -40.41
CA ASN I 384 11.49 -46.75 -39.08
C ASN I 384 11.37 -45.23 -39.22
N LEU I 385 10.13 -44.73 -39.23
CA LEU I 385 9.92 -43.30 -39.37
C LEU I 385 10.00 -42.59 -38.03
N LYS I 386 9.34 -43.15 -37.00
CA LYS I 386 9.35 -42.50 -35.69
C LYS I 386 10.75 -42.48 -35.10
N GLU I 387 11.49 -43.59 -35.22
CA GLU I 387 12.81 -43.67 -34.61
C GLU I 387 13.80 -42.76 -35.32
N SER I 388 13.79 -42.76 -36.66
CA SER I 388 14.72 -41.92 -37.40
C SER I 388 14.43 -40.44 -37.18
N SER I 389 13.15 -40.06 -37.20
CA SER I 389 12.80 -38.66 -37.01
C SER I 389 13.16 -38.18 -35.62
N SER I 390 12.92 -39.01 -34.61
CA SER I 390 13.24 -38.61 -33.24
C SER I 390 14.73 -38.41 -33.04
N TYR I 391 15.54 -39.27 -33.64
CA TYR I 391 16.99 -39.16 -33.49
C TYR I 391 17.52 -37.90 -34.16
N TYR I 392 17.04 -37.60 -35.36
CA TYR I 392 17.57 -36.46 -36.10
C TYR I 392 17.06 -35.14 -35.55
N PHE I 393 15.79 -35.09 -35.12
CA PHE I 393 15.25 -33.86 -34.59
C PHE I 393 15.92 -33.48 -33.27
N LYS I 394 16.21 -34.48 -32.43
CA LYS I 394 16.82 -34.20 -31.14
C LYS I 394 18.23 -33.66 -31.30
N LYS I 395 19.03 -34.30 -32.16
CA LYS I 395 20.38 -33.81 -32.39
C LYS I 395 20.38 -32.43 -33.03
N LEU I 396 19.49 -32.21 -34.00
CA LEU I 396 19.38 -30.90 -34.63
C LEU I 396 18.92 -29.85 -33.63
N MET I 397 17.94 -30.19 -32.79
CA MET I 397 17.48 -29.27 -31.77
C MET I 397 18.58 -28.97 -30.76
N SER I 398 19.42 -29.97 -30.47
CA SER I 398 20.50 -29.77 -29.50
C SER I 398 21.47 -28.68 -29.97
N SER I 399 21.82 -28.69 -31.25
CA SER I 399 22.75 -27.68 -31.76
C SER I 399 22.11 -26.29 -31.81
N ILE I 400 20.86 -26.21 -32.24
CA ILE I 400 20.23 -24.90 -32.42
C ILE I 400 20.00 -24.22 -31.07
N SER I 401 19.66 -24.99 -30.05
CA SER I 401 19.44 -24.40 -28.74
C SER I 401 20.70 -23.77 -28.16
N ASN I 402 21.87 -24.11 -28.69
CA ASN I 402 23.14 -23.58 -28.21
C ASN I 402 23.58 -22.35 -28.99
N VAL I 403 22.76 -21.82 -29.88
CA VAL I 403 23.16 -20.66 -30.68
C VAL I 403 23.23 -19.43 -29.78
N PRO I 404 24.20 -18.55 -29.96
CA PRO I 404 24.20 -17.29 -29.23
C PRO I 404 23.07 -16.38 -29.71
N VAL I 405 22.57 -15.58 -28.77
CA VAL I 405 21.59 -14.54 -29.07
C VAL I 405 21.97 -13.29 -28.29
N ASP I 406 21.43 -12.16 -28.74
CA ASP I 406 21.68 -10.93 -28.01
C ASP I 406 20.84 -10.87 -26.74
N ALA I 407 21.28 -10.02 -25.81
CA ALA I 407 20.62 -9.86 -24.52
C ALA I 407 20.17 -8.40 -24.39
N ARG I 408 18.92 -8.13 -24.75
CA ARG I 408 18.35 -6.81 -24.64
C ARG I 408 17.13 -6.88 -23.73
N THR I 409 17.10 -6.00 -22.73
CA THR I 409 16.00 -6.00 -21.77
C THR I 409 14.71 -5.55 -22.43
N LEU I 410 13.63 -6.25 -22.12
CA LEU I 410 12.31 -5.93 -22.66
C LEU I 410 11.56 -4.90 -21.83
N GLN I 411 12.28 -4.15 -20.99
CA GLN I 411 11.64 -3.07 -20.25
C GLN I 411 11.08 -2.01 -21.18
N SER I 412 11.83 -1.68 -22.24
CA SER I 412 11.35 -0.69 -23.20
C SER I 412 10.09 -1.17 -23.89
N ALA I 413 10.05 -2.44 -24.29
CA ALA I 413 8.85 -2.99 -24.92
C ALA I 413 7.69 -3.02 -23.95
N THR I 414 7.94 -3.39 -22.69
CA THR I 414 6.88 -3.41 -21.70
C THR I 414 6.32 -2.02 -21.44
N ALA I 415 7.20 -1.01 -21.34
CA ALA I 415 6.73 0.35 -21.12
C ALA I 415 5.86 0.83 -22.27
N ALA I 416 6.25 0.49 -23.50
CA ALA I 416 5.42 0.84 -24.66
C ALA I 416 4.07 0.16 -24.58
N LEU I 417 4.07 -1.14 -24.24
CA LEU I 417 2.80 -1.85 -24.08
C LEU I 417 1.99 -1.30 -22.92
N ALA I 418 2.66 -0.97 -21.81
CA ALA I 418 1.93 -0.45 -20.65
C ALA I 418 1.28 0.88 -20.94
N ALA I 419 2.00 1.78 -21.64
CA ALA I 419 1.46 3.11 -21.92
C ALA I 419 0.27 3.02 -22.86
N ASP I 420 0.35 2.18 -23.89
CA ASP I 420 -0.74 2.06 -24.86
C ASP I 420 -2.00 1.52 -24.21
N THR I 421 -1.86 0.54 -23.31
CA THR I 421 -3.02 -0.04 -22.64
C THR I 421 -3.42 0.72 -21.38
N GLY I 422 -2.62 1.68 -20.93
CA GLY I 422 -2.94 2.42 -19.72
C GLY I 422 -2.99 1.55 -18.48
N GLN I 423 -2.02 0.65 -18.33
CA GLN I 423 -2.06 -0.33 -17.25
C GLN I 423 -1.89 0.35 -15.90
N ALA I 424 -2.69 -0.09 -14.93
CA ALA I 424 -2.71 0.49 -13.60
C ALA I 424 -2.39 -0.56 -12.55
N VAL I 425 -1.77 -0.12 -11.46
CA VAL I 425 -1.39 -1.05 -10.40
C VAL I 425 -2.62 -1.52 -9.63
N ASN I 426 -3.61 -0.66 -9.47
CA ASN I 426 -4.73 -0.91 -8.56
C ASN I 426 -5.97 -1.45 -9.27
N ARG I 427 -5.90 -1.78 -10.55
CA ARG I 427 -7.03 -2.34 -11.26
C ARG I 427 -6.68 -3.73 -11.78
N ALA I 428 -7.67 -4.39 -12.37
CA ALA I 428 -7.50 -5.68 -13.01
C ALA I 428 -7.85 -5.53 -14.48
N GLN I 429 -6.83 -5.58 -15.33
CA GLN I 429 -7.01 -5.45 -16.77
C GLN I 429 -6.47 -6.70 -17.45
N HIS I 430 -6.87 -6.88 -18.71
CA HIS I 430 -6.36 -8.01 -19.48
C HIS I 430 -4.88 -7.88 -19.78
N VAL I 431 -4.36 -6.65 -19.82
CA VAL I 431 -2.94 -6.47 -20.11
C VAL I 431 -2.08 -7.04 -19.00
N SER I 432 -2.59 -7.06 -17.77
CA SER I 432 -1.84 -7.63 -16.66
C SER I 432 -1.65 -9.13 -16.86
N MET I 433 -2.67 -9.84 -17.34
CA MET I 433 -2.56 -11.28 -17.52
C MET I 433 -1.55 -11.63 -18.61
N LEU I 434 -1.53 -10.88 -19.71
CA LEU I 434 -0.49 -11.06 -20.71
C LEU I 434 0.88 -10.73 -20.14
N THR I 435 0.97 -9.63 -19.39
CA THR I 435 2.25 -9.17 -18.87
C THR I 435 2.77 -10.08 -17.76
N ASN I 436 1.87 -10.70 -17.00
CA ASN I 436 2.28 -11.46 -15.82
C ASN I 436 3.18 -12.63 -16.20
N ARG I 437 2.87 -13.30 -17.30
CA ARG I 437 3.48 -14.60 -17.62
C ARG I 437 4.35 -14.55 -18.87
N LEU I 438 5.19 -13.52 -18.97
CA LEU I 438 6.20 -13.42 -20.03
C LEU I 438 7.46 -14.13 -19.55
N THR I 439 7.52 -15.44 -19.73
CA THR I 439 8.65 -16.25 -19.29
C THR I 439 9.55 -16.54 -20.49
N THR I 440 10.82 -16.15 -20.38
CA THR I 440 11.82 -16.42 -21.40
C THR I 440 12.71 -17.60 -21.03
N ALA I 441 12.34 -18.38 -20.02
CA ALA I 441 13.16 -19.51 -19.62
C ALA I 441 13.21 -20.57 -20.71
N ASN I 442 12.07 -20.86 -21.33
CA ASN I 442 11.98 -21.89 -22.36
C ASN I 442 12.21 -21.33 -23.76
N ALA I 443 12.85 -20.17 -23.87
CA ALA I 443 13.09 -19.57 -25.18
C ALA I 443 13.96 -20.42 -26.10
N PRO I 444 15.11 -20.95 -25.66
CA PRO I 444 15.97 -21.67 -26.63
C PRO I 444 15.31 -22.88 -27.27
N THR I 445 14.43 -23.58 -26.55
CA THR I 445 13.75 -24.73 -27.15
C THR I 445 12.77 -24.29 -28.23
N VAL I 446 12.08 -23.17 -28.01
CA VAL I 446 11.16 -22.64 -29.02
C VAL I 446 11.94 -22.14 -30.22
N ARG I 447 13.10 -21.55 -29.99
CA ARG I 447 13.96 -21.11 -31.09
C ARG I 447 14.34 -22.28 -31.98
N ALA I 448 14.69 -23.42 -31.38
CA ALA I 448 15.04 -24.59 -32.16
C ALA I 448 13.85 -25.11 -32.94
N ILE I 449 12.66 -25.07 -32.34
CA ILE I 449 11.46 -25.53 -33.02
C ILE I 449 11.18 -24.66 -34.25
N THR I 450 11.40 -23.36 -34.13
CA THR I 450 11.15 -22.46 -35.25
C THR I 450 12.03 -22.81 -36.45
N VAL I 451 13.31 -23.10 -36.20
CA VAL I 451 14.21 -23.45 -37.30
C VAL I 451 13.81 -24.78 -37.92
N LEU I 452 13.36 -25.72 -37.10
CA LEU I 452 12.98 -27.04 -37.62
C LEU I 452 11.81 -26.94 -38.59
N THR I 453 10.85 -26.05 -38.31
CA THR I 453 9.70 -25.89 -39.19
C THR I 453 10.13 -25.43 -40.58
N CYS I 454 11.06 -24.48 -40.64
CA CYS I 454 11.55 -23.99 -41.92
C CYS I 454 12.54 -24.95 -42.57
N MET I 455 13.10 -25.88 -41.81
CA MET I 455 14.07 -26.81 -42.36
C MET I 455 13.40 -27.86 -43.25
N PHE I 456 12.30 -28.44 -42.79
CA PHE I 456 11.72 -29.62 -43.40
C PHE I 456 10.41 -29.30 -44.12
N LYS I 457 10.01 -30.20 -45.02
CA LYS I 457 8.80 -29.99 -45.80
C LYS I 457 7.56 -29.96 -44.92
N GLN I 458 7.46 -30.88 -43.97
CA GLN I 458 6.27 -31.02 -43.14
C GLN I 458 6.71 -31.37 -41.72
N PHE I 459 6.87 -30.34 -40.89
CA PHE I 459 7.18 -30.51 -39.48
C PHE I 459 6.02 -29.90 -38.69
N ARG I 460 5.00 -30.71 -38.45
CA ARG I 460 3.79 -30.23 -37.82
C ARG I 460 4.00 -30.00 -36.34
N ILE I 461 3.60 -28.83 -35.86
CA ILE I 461 3.66 -28.49 -34.44
C ILE I 461 2.26 -28.12 -33.98
N GLY I 462 2.00 -28.37 -32.70
CA GLY I 462 0.71 -28.05 -32.12
C GLY I 462 0.86 -27.57 -30.69
N MET I 463 -0.17 -26.87 -30.22
CA MET I 463 -0.24 -26.40 -28.85
C MET I 463 -1.60 -26.76 -28.26
N THR I 464 -1.61 -27.01 -26.96
CA THR I 464 -2.83 -27.27 -26.21
C THR I 464 -3.12 -26.06 -25.34
N TYR I 465 -4.29 -25.47 -25.53
CA TYR I 465 -4.68 -24.30 -24.75
C TYR I 465 -5.35 -24.73 -23.45
N ALA I 466 -5.63 -23.75 -22.60
CA ALA I 466 -6.19 -24.04 -21.29
C ALA I 466 -7.66 -24.45 -21.41
N LEU I 467 -8.20 -25.00 -20.33
CA LEU I 467 -9.60 -25.40 -20.31
C LEU I 467 -10.52 -24.21 -20.50
N ASP I 468 -10.21 -23.09 -19.84
CA ASP I 468 -10.95 -21.85 -20.00
C ASP I 468 -10.02 -20.82 -20.66
N PRO I 469 -10.14 -20.58 -21.96
CA PRO I 469 -9.20 -19.69 -22.63
C PRO I 469 -9.26 -18.27 -22.09
N ASN I 470 -8.09 -17.62 -22.06
CA ASN I 470 -7.97 -16.24 -21.62
C ASN I 470 -7.26 -15.41 -22.68
N ILE I 471 -6.86 -14.19 -22.31
CA ILE I 471 -6.21 -13.28 -23.27
C ILE I 471 -4.91 -13.86 -23.81
N MET I 472 -4.27 -14.76 -23.06
CA MET I 472 -3.03 -15.37 -23.56
C MET I 472 -3.30 -16.30 -24.73
N ASP I 473 -4.28 -17.19 -24.58
CA ASP I 473 -4.52 -18.19 -25.62
C ASP I 473 -4.90 -17.54 -26.95
N VAL I 474 -5.72 -16.49 -26.89
CA VAL I 474 -6.03 -15.75 -28.12
C VAL I 474 -4.78 -15.10 -28.68
N ALA I 475 -3.97 -14.49 -27.81
CA ALA I 475 -2.72 -13.88 -28.27
C ALA I 475 -1.77 -14.93 -28.82
N ALA I 476 -1.65 -16.07 -28.13
CA ALA I 476 -0.75 -17.12 -28.59
C ALA I 476 -1.26 -17.75 -29.88
N ALA I 477 -2.57 -17.98 -29.98
CA ALA I 477 -3.12 -18.59 -31.19
C ALA I 477 -2.92 -17.70 -32.40
N THR I 478 -3.12 -16.39 -32.24
CA THR I 478 -2.91 -15.47 -33.35
C THR I 478 -1.45 -15.44 -33.76
N CYS I 479 -0.54 -15.60 -32.80
CA CYS I 479 0.88 -15.59 -33.12
C CYS I 479 1.27 -16.78 -33.98
N MET I 480 0.71 -17.96 -33.71
CA MET I 480 0.98 -19.12 -34.54
C MET I 480 0.44 -18.93 -35.95
N LEU I 481 -0.77 -18.41 -36.08
CA LEU I 481 -1.38 -18.30 -37.39
C LEU I 481 -0.66 -17.29 -38.26
N LEU I 482 -0.12 -16.24 -37.65
CA LEU I 482 0.53 -15.18 -38.41
C LEU I 482 1.97 -15.53 -38.77
N PHE I 483 2.75 -15.98 -37.79
CA PHE I 483 4.20 -16.05 -37.93
C PHE I 483 4.73 -17.47 -37.95
N ARG I 484 3.94 -18.42 -38.45
CA ARG I 484 4.43 -19.77 -38.65
C ARG I 484 4.11 -20.22 -40.06
N PRO I 485 4.94 -21.10 -40.63
CA PRO I 485 4.62 -21.63 -41.96
C PRO I 485 3.30 -22.37 -41.94
N ALA I 486 2.54 -22.24 -43.03
CA ALA I 486 1.26 -22.93 -43.13
C ALA I 486 1.43 -24.43 -43.19
N GLN I 487 2.50 -24.90 -43.82
CA GLN I 487 2.77 -26.33 -43.89
C GLN I 487 3.01 -26.94 -42.52
N SER I 488 3.39 -26.14 -41.54
CA SER I 488 3.61 -26.64 -40.19
C SER I 488 2.35 -26.66 -39.34
N ILE I 489 1.22 -26.23 -39.87
CA ILE I 489 -0.05 -26.22 -39.15
C ILE I 489 -1.01 -27.17 -39.86
N SER I 490 -1.53 -28.14 -39.12
CA SER I 490 -2.47 -29.12 -39.68
C SER I 490 -3.87 -28.55 -39.72
N ASP I 491 -4.75 -29.27 -40.43
CA ASP I 491 -6.15 -28.85 -40.49
C ASP I 491 -6.83 -28.97 -39.13
N GLU I 492 -6.54 -30.03 -38.39
CA GLU I 492 -7.10 -30.18 -37.06
C GLU I 492 -6.60 -29.10 -36.11
N GLN I 493 -5.30 -28.78 -36.18
CA GLN I 493 -4.76 -27.72 -35.34
C GLN I 493 -5.34 -26.37 -35.74
N TYR I 494 -5.59 -26.18 -37.03
CA TYR I 494 -6.19 -24.93 -37.50
C TYR I 494 -7.58 -24.74 -36.91
N ARG I 495 -8.40 -25.80 -36.92
CA ARG I 495 -9.73 -25.71 -36.35
C ARG I 495 -9.69 -25.51 -34.84
N TYR I 496 -8.72 -26.13 -34.17
CA TYR I 496 -8.59 -25.97 -32.73
C TYR I 496 -8.25 -24.54 -32.37
N CYS I 497 -7.35 -23.91 -33.12
CA CYS I 497 -7.01 -22.52 -32.85
C CYS I 497 -8.21 -21.60 -33.09
N LEU I 498 -8.96 -21.86 -34.16
CA LEU I 498 -10.13 -21.05 -34.44
C LEU I 498 -11.19 -21.21 -33.36
N GLN I 499 -11.35 -22.43 -32.84
CA GLN I 499 -12.32 -22.65 -31.77
C GLN I 499 -11.93 -21.89 -30.52
N THR I 500 -10.64 -21.90 -30.17
CA THR I 500 -10.20 -21.20 -28.96
C THR I 500 -10.43 -19.70 -29.08
N MET I 501 -10.10 -19.13 -30.24
CA MET I 501 -10.34 -17.70 -30.44
C MET I 501 -11.83 -17.38 -30.43
N ALA I 502 -12.65 -18.24 -31.02
CA ALA I 502 -14.09 -18.01 -31.03
C ALA I 502 -14.67 -18.09 -29.62
N VAL I 503 -14.12 -18.95 -28.78
CA VAL I 503 -14.62 -19.08 -27.41
C VAL I 503 -14.41 -17.79 -26.64
N PHE I 504 -13.20 -17.22 -26.73
CA PHE I 504 -12.89 -16.03 -25.95
C PHE I 504 -13.53 -14.77 -26.54
N LEU I 505 -13.48 -14.63 -27.87
CA LEU I 505 -13.93 -13.40 -28.51
C LEU I 505 -15.42 -13.44 -28.84
N THR I 506 -15.83 -14.40 -29.68
CA THR I 506 -17.25 -14.55 -30.00
C THR I 506 -18.04 -14.94 -28.76
N ASN I 507 -17.34 -15.37 -27.70
CA ASN I 507 -17.92 -15.59 -26.38
C ASN I 507 -18.96 -16.70 -26.42
N THR I 508 -18.51 -17.90 -26.78
CA THR I 508 -19.35 -19.09 -26.89
C THR I 508 -18.63 -20.25 -26.24
N THR I 509 -19.41 -21.25 -25.82
CA THR I 509 -18.85 -22.42 -25.15
C THR I 509 -18.15 -23.33 -26.15
N TYR I 510 -17.24 -24.16 -25.63
CA TYR I 510 -16.51 -25.10 -26.48
C TYR I 510 -17.45 -26.11 -27.12
N ASP I 511 -18.46 -26.56 -26.38
CA ASP I 511 -19.39 -27.56 -26.91
C ASP I 511 -20.21 -27.01 -28.06
N ILE I 512 -20.40 -25.69 -28.11
CA ILE I 512 -21.21 -25.09 -29.16
C ILE I 512 -20.51 -25.22 -30.51
N VAL I 513 -19.21 -24.92 -30.55
CA VAL I 513 -18.48 -24.87 -31.81
C VAL I 513 -17.74 -26.18 -32.03
N ASN I 514 -18.13 -27.22 -31.30
CA ASN I 514 -17.49 -28.52 -31.47
C ASN I 514 -17.72 -29.09 -32.86
N ASN I 515 -18.94 -28.98 -33.38
CA ASN I 515 -19.27 -29.50 -34.69
C ASN I 515 -19.14 -28.47 -35.79
N ASP I 516 -18.81 -27.23 -35.46
CA ASP I 516 -18.69 -26.19 -36.47
C ASP I 516 -17.48 -26.42 -37.36
N THR I 517 -17.67 -26.20 -38.65
CA THR I 517 -16.61 -26.39 -39.63
C THR I 517 -15.66 -25.19 -39.58
N ILE I 518 -14.60 -25.25 -40.38
CA ILE I 518 -13.68 -24.12 -40.48
C ILE I 518 -14.42 -22.89 -41.00
N ASP I 519 -15.23 -23.08 -42.05
CA ASP I 519 -15.92 -21.94 -42.66
C ASP I 519 -16.91 -21.31 -41.69
N VAL I 520 -17.63 -22.13 -40.91
CA VAL I 520 -18.56 -21.58 -39.94
C VAL I 520 -17.83 -20.80 -38.87
N LEU I 521 -16.71 -21.33 -38.38
CA LEU I 521 -15.93 -20.62 -37.37
C LEU I 521 -15.31 -19.35 -37.96
N LYS I 522 -14.93 -19.39 -39.23
CA LYS I 522 -14.38 -18.20 -39.89
C LYS I 522 -15.42 -17.10 -39.96
N MET I 523 -16.68 -17.45 -40.23
CA MET I 523 -17.71 -16.44 -40.40
C MET I 523 -18.10 -15.81 -39.07
N LYS I 524 -18.21 -16.62 -38.01
CA LYS I 524 -18.61 -16.07 -36.71
C LYS I 524 -17.56 -15.08 -36.21
N LEU I 525 -16.28 -15.40 -36.37
CA LEU I 525 -15.24 -14.48 -35.94
C LEU I 525 -15.25 -13.20 -36.75
N ARG I 526 -15.45 -13.31 -38.06
CA ARG I 526 -15.41 -12.11 -38.91
C ARG I 526 -16.57 -11.18 -38.63
N ASN I 527 -17.76 -11.73 -38.39
CA ASN I 527 -18.90 -10.89 -38.03
C ASN I 527 -18.66 -10.17 -36.71
N GLN I 528 -17.96 -10.81 -35.78
CA GLN I 528 -17.60 -10.16 -34.54
C GLN I 528 -16.65 -8.99 -34.77
N GLY I 529 -15.68 -9.17 -35.68
CA GLY I 529 -14.73 -8.13 -35.96
C GLY I 529 -13.29 -8.60 -35.91
N TRP I 530 -13.09 -9.92 -35.85
CA TRP I 530 -11.76 -10.50 -35.76
C TRP I 530 -11.35 -11.03 -37.13
N PRO I 531 -10.38 -10.41 -37.81
CA PRO I 531 -10.02 -10.85 -39.16
C PRO I 531 -8.88 -11.87 -39.23
N PHE I 532 -8.14 -12.09 -38.15
CA PHE I 532 -6.98 -12.98 -38.18
C PHE I 532 -7.50 -14.42 -38.10
N VAL I 533 -7.97 -14.91 -39.24
CA VAL I 533 -8.67 -16.18 -39.32
C VAL I 533 -8.10 -17.01 -40.47
N GLU I 534 -6.94 -16.59 -40.99
CA GLU I 534 -6.33 -17.20 -42.16
C GLU I 534 -4.93 -17.69 -41.85
N ARG I 535 -4.56 -18.84 -42.40
CA ARG I 535 -3.18 -19.29 -42.40
C ARG I 535 -2.48 -18.77 -43.65
N TYR I 536 -1.18 -18.49 -43.50
CA TYR I 536 -0.38 -17.91 -44.57
C TYR I 536 0.73 -18.86 -44.95
N ASN I 537 0.87 -19.11 -46.25
CA ASN I 537 1.93 -19.97 -46.75
C ASN I 537 3.29 -19.28 -46.60
N ALA I 538 4.34 -20.10 -46.60
CA ALA I 538 5.70 -19.61 -46.40
C ALA I 538 6.44 -19.60 -47.72
N VAL I 539 7.08 -18.46 -48.03
CA VAL I 539 7.80 -18.33 -49.29
C VAL I 539 9.09 -19.13 -49.23
N GLU I 540 9.38 -19.84 -50.32
CA GLU I 540 10.51 -20.76 -50.38
C GLU I 540 11.70 -20.06 -51.01
N ILE I 541 12.87 -20.25 -50.41
CA ILE I 541 14.12 -19.69 -50.92
C ILE I 541 15.03 -20.83 -51.33
N ASP I 542 15.46 -20.82 -52.59
CA ASP I 542 16.32 -21.88 -53.10
C ASP I 542 17.73 -21.75 -52.55
N MET I 543 18.36 -22.89 -52.31
CA MET I 543 19.71 -22.92 -51.78
C MET I 543 20.72 -22.50 -52.85
N SER I 544 21.86 -21.99 -52.39
CA SER I 544 22.89 -21.52 -53.30
C SER I 544 23.67 -22.66 -53.93
N VAL I 545 23.89 -23.75 -53.19
CA VAL I 545 24.69 -24.87 -53.66
C VAL I 545 23.89 -26.15 -53.50
N GLU I 546 24.30 -27.16 -54.26
CA GLU I 546 23.62 -28.44 -54.25
C GLU I 546 23.76 -29.11 -52.88
N PRO I 547 22.68 -29.67 -52.35
CA PRO I 547 22.75 -30.31 -51.03
C PRO I 547 23.59 -31.57 -51.06
N LEU I 548 24.12 -31.94 -49.90
CA LEU I 548 24.96 -33.12 -49.79
C LEU I 548 24.14 -34.38 -49.94
N ARG I 549 24.77 -35.42 -50.50
CA ARG I 549 24.16 -36.73 -50.72
C ARG I 549 22.93 -36.65 -51.62
N SER I 550 22.88 -35.66 -52.50
CA SER I 550 21.75 -35.48 -53.41
C SER I 550 22.28 -34.90 -54.72
N PRO I 551 22.49 -35.73 -55.75
CA PRO I 551 23.04 -35.22 -57.00
C PRO I 551 21.98 -34.76 -57.98
N GLY I 552 22.25 -33.63 -58.63
CA GLY I 552 21.35 -33.10 -59.63
C GLY I 552 20.02 -32.64 -59.07
N GLN I 553 20.00 -32.11 -57.85
CA GLN I 553 18.79 -31.65 -57.21
C GLN I 553 19.03 -30.28 -56.61
N VAL I 554 17.94 -29.55 -56.39
CA VAL I 554 17.99 -28.20 -55.83
C VAL I 554 17.33 -28.20 -54.47
N GLY I 555 17.96 -27.53 -53.51
CA GLY I 555 17.42 -27.42 -52.18
C GLY I 555 16.50 -26.23 -52.01
N ARG I 556 15.64 -26.31 -51.00
CA ARG I 556 14.71 -25.22 -50.71
C ARG I 556 14.36 -25.26 -49.23
N TYR I 557 14.12 -24.08 -48.66
CA TYR I 557 13.65 -23.97 -47.29
C TYR I 557 12.73 -22.77 -47.17
N TYR I 558 11.83 -22.85 -46.20
CA TYR I 558 10.87 -21.77 -45.98
C TYR I 558 11.52 -20.60 -45.27
N ASN I 559 11.22 -19.40 -45.73
CA ASN I 559 11.72 -18.21 -45.05
C ASN I 559 10.97 -18.03 -43.74
N PRO I 560 11.67 -17.73 -42.65
CA PRO I 560 10.99 -17.64 -41.35
C PRO I 560 9.97 -16.51 -41.30
N PHE I 561 8.92 -16.73 -40.51
CA PHE I 561 7.92 -15.73 -40.14
C PHE I 561 7.07 -15.26 -41.32
N ASN I 562 6.99 -16.06 -42.38
CA ASN I 562 6.14 -15.76 -43.54
C ASN I 562 6.43 -14.37 -44.08
N ILE I 563 7.71 -14.06 -44.25
CA ILE I 563 8.15 -12.76 -44.75
C ILE I 563 8.69 -12.95 -46.16
N ASP I 564 8.15 -12.19 -47.10
CA ASP I 564 8.60 -12.26 -48.48
C ASP I 564 10.00 -11.69 -48.58
N PRO I 565 10.99 -12.47 -49.06
CA PRO I 565 12.32 -11.90 -49.26
C PRO I 565 12.35 -10.75 -50.23
N LEU I 566 11.48 -10.76 -51.24
CA LEU I 566 11.50 -9.70 -52.26
C LEU I 566 11.02 -8.37 -51.69
N THR I 567 9.98 -8.40 -50.85
CA THR I 567 9.39 -7.17 -50.33
C THR I 567 9.79 -6.87 -48.89
N LYS I 568 10.43 -7.81 -48.20
CA LYS I 568 10.85 -7.64 -46.81
C LYS I 568 9.68 -7.22 -45.93
N LYS I 569 8.54 -7.88 -46.14
CA LYS I 569 7.32 -7.59 -45.41
C LYS I 569 6.64 -8.91 -45.09
N HIS I 570 5.63 -8.84 -44.22
CA HIS I 570 4.77 -9.99 -44.00
C HIS I 570 4.01 -10.31 -45.29
N VAL I 571 3.61 -11.58 -45.42
CA VAL I 571 2.92 -12.02 -46.63
C VAL I 571 1.65 -11.21 -46.85
N GLU I 572 0.87 -11.01 -45.79
CA GLU I 572 -0.31 -10.16 -45.87
C GLU I 572 0.12 -8.70 -45.92
N ASP I 573 -0.12 -8.05 -47.06
CA ASP I 573 0.14 -6.64 -47.19
C ASP I 573 -0.90 -5.79 -46.47
N ARG I 574 -1.97 -6.41 -45.99
CA ARG I 574 -3.07 -5.72 -45.36
C ARG I 574 -3.01 -5.84 -43.83
N LEU I 575 -1.85 -6.21 -43.30
CA LEU I 575 -1.74 -6.47 -41.86
C LEU I 575 -1.99 -5.20 -41.05
N GLU I 576 -1.52 -4.05 -41.53
CA GLU I 576 -1.62 -2.83 -40.74
C GLU I 576 -3.07 -2.41 -40.50
N GLU I 577 -3.94 -2.54 -41.51
CA GLU I 577 -5.32 -2.14 -41.29
C GLU I 577 -6.04 -3.20 -40.47
N PHE I 578 -5.64 -4.46 -40.60
CA PHE I 578 -6.22 -5.53 -39.79
C PHE I 578 -5.97 -5.28 -38.31
N ILE I 579 -4.78 -4.80 -37.97
CA ILE I 579 -4.47 -4.46 -36.58
C ILE I 579 -5.37 -3.34 -36.09
N ASN I 580 -5.57 -2.31 -36.92
CA ASN I 580 -6.46 -1.22 -36.55
C ASN I 580 -7.89 -1.72 -36.38
N GLN I 581 -8.33 -2.63 -37.25
CA GLN I 581 -9.69 -3.15 -37.16
C GLN I 581 -9.93 -3.86 -35.84
N VAL I 582 -8.96 -4.65 -35.39
CA VAL I 582 -9.09 -5.35 -34.12
C VAL I 582 -9.20 -4.36 -32.97
N GLN I 583 -8.40 -3.30 -33.02
CA GLN I 583 -8.36 -2.33 -31.93
C GLN I 583 -9.70 -1.65 -31.73
N VAL I 584 -10.36 -1.26 -32.83
CA VAL I 584 -11.68 -0.65 -32.70
C VAL I 584 -12.76 -1.68 -32.45
N GLY I 585 -12.50 -2.96 -32.73
CA GLY I 585 -13.50 -3.97 -32.51
C GLY I 585 -13.83 -4.16 -31.05
N ARG I 586 -15.09 -4.53 -30.79
CA ARG I 586 -15.60 -4.68 -29.43
C ARG I 586 -15.80 -6.17 -29.17
N PHE I 587 -14.82 -6.79 -28.52
CA PHE I 587 -14.87 -8.20 -28.17
C PHE I 587 -15.01 -8.34 -26.66
N ARG I 588 -15.84 -9.29 -26.23
CA ARG I 588 -16.07 -9.67 -24.85
C ARG I 588 -16.72 -8.59 -24.01
N ASN I 589 -17.03 -7.42 -24.59
CA ASN I 589 -17.66 -6.35 -23.85
C ASN I 589 -18.24 -5.35 -24.84
N ALA I 590 -19.44 -4.87 -24.54
CA ALA I 590 -20.10 -3.90 -25.42
C ALA I 590 -19.49 -2.51 -25.31
N SER I 591 -19.13 -2.10 -24.11
CA SER I 591 -18.60 -0.77 -23.86
C SER I 591 -17.10 -0.86 -23.57
N GLY I 592 -16.32 -0.06 -24.28
CA GLY I 592 -14.88 -0.05 -24.06
C GLY I 592 -14.15 -0.98 -25.00
N ASN I 593 -12.92 -0.61 -25.32
CA ASN I 593 -12.05 -1.38 -26.21
C ASN I 593 -10.90 -2.00 -25.43
N ALA I 594 -11.16 -2.48 -24.22
CA ALA I 594 -10.10 -3.05 -23.39
C ALA I 594 -9.50 -4.28 -24.04
N VAL I 595 -10.34 -5.18 -24.56
CA VAL I 595 -9.83 -6.39 -25.19
C VAL I 595 -9.16 -6.05 -26.51
N GLY I 596 -9.79 -5.20 -27.30
CA GLY I 596 -9.26 -4.89 -28.62
C GLY I 596 -7.94 -4.15 -28.56
N THR I 597 -7.83 -3.15 -27.67
CA THR I 597 -6.61 -2.36 -27.59
C THR I 597 -5.44 -3.22 -27.13
N THR I 598 -5.63 -4.07 -26.13
CA THR I 598 -4.54 -4.86 -25.59
C THR I 598 -3.97 -5.81 -26.63
N LEU I 599 -4.84 -6.52 -27.35
CA LEU I 599 -4.36 -7.44 -28.37
C LEU I 599 -3.68 -6.70 -29.51
N ALA I 600 -4.27 -5.59 -29.96
CA ALA I 600 -3.68 -4.83 -31.06
C ALA I 600 -2.33 -4.25 -30.68
N ALA I 601 -2.21 -3.72 -29.46
CA ALA I 601 -0.94 -3.19 -29.01
C ALA I 601 0.10 -4.30 -28.89
N PHE I 602 -0.33 -5.50 -28.50
CA PHE I 602 0.56 -6.64 -28.42
C PHE I 602 1.09 -7.03 -29.80
N LEU I 603 0.20 -7.04 -30.80
CA LEU I 603 0.61 -7.47 -32.13
C LEU I 603 1.43 -6.42 -32.84
N ARG I 604 1.33 -5.15 -32.41
CA ARG I 604 2.22 -4.12 -32.92
C ARG I 604 3.68 -4.45 -32.63
N ALA I 605 3.97 -4.84 -31.40
CA ALA I 605 5.34 -5.18 -31.03
C ALA I 605 5.78 -6.49 -31.68
N CYS I 606 4.87 -7.46 -31.79
CA CYS I 606 5.21 -8.75 -32.38
C CYS I 606 5.56 -8.61 -33.85
N ARG I 607 4.77 -7.81 -34.58
CA ARG I 607 5.09 -7.56 -35.99
C ARG I 607 6.39 -6.78 -36.12
N ASP I 608 6.62 -5.81 -35.23
CA ASP I 608 7.85 -5.04 -35.27
C ASP I 608 9.06 -5.91 -34.98
N LYS I 609 8.94 -6.81 -34.01
CA LYS I 609 10.07 -7.68 -33.67
C LYS I 609 10.40 -8.63 -34.81
N THR I 610 9.39 -9.22 -35.45
CA THR I 610 9.64 -10.17 -36.52
C THR I 610 10.20 -9.48 -37.76
N SER I 611 9.74 -8.27 -38.03
CA SER I 611 10.19 -7.56 -39.23
C SER I 611 11.64 -7.09 -39.09
N ALA I 612 12.18 -7.11 -37.88
CA ALA I 612 13.55 -6.69 -37.68
C ALA I 612 14.51 -7.87 -37.56
N ASN I 613 14.07 -8.96 -36.95
CA ASN I 613 14.94 -10.08 -36.60
C ASN I 613 14.80 -11.27 -37.54
N TRP I 614 14.13 -11.11 -38.67
CA TRP I 614 13.92 -12.26 -39.56
C TRP I 614 15.19 -12.62 -40.32
N ARG I 615 16.06 -11.66 -40.59
CA ARG I 615 17.24 -11.94 -41.40
C ARG I 615 18.18 -12.91 -40.69
N GLY I 616 18.35 -12.75 -39.38
CA GLY I 616 19.20 -13.66 -38.63
C GLY I 616 18.66 -15.08 -38.61
N TYR I 617 17.34 -15.22 -38.41
CA TYR I 617 16.75 -16.55 -38.39
C TYR I 617 16.76 -17.18 -39.78
N SER I 618 16.71 -16.34 -40.83
CA SER I 618 16.79 -16.87 -42.19
C SER I 618 18.14 -17.51 -42.45
N VAL I 619 19.22 -16.88 -41.98
CA VAL I 619 20.54 -17.45 -42.16
C VAL I 619 20.70 -18.72 -41.33
N LEU I 620 20.17 -18.70 -40.10
CA LEU I 620 20.29 -19.86 -39.23
C LEU I 620 19.61 -21.08 -39.82
N VAL I 621 18.43 -20.89 -40.41
CA VAL I 621 17.75 -22.00 -41.08
C VAL I 621 18.58 -22.50 -42.25
N SER I 622 19.22 -21.60 -42.98
CA SER I 622 20.01 -21.99 -44.14
C SER I 622 21.21 -22.84 -43.73
N ARG I 623 21.86 -22.49 -42.62
CA ARG I 623 23.03 -23.25 -42.18
C ARG I 623 22.66 -24.68 -41.83
N TYR I 624 21.59 -24.85 -41.07
CA TYR I 624 21.22 -26.19 -40.62
C TYR I 624 20.57 -27.01 -41.71
N ARG I 625 19.85 -26.37 -42.63
CA ARG I 625 19.27 -27.09 -43.75
C ARG I 625 20.35 -27.72 -44.62
N SER I 626 21.53 -27.12 -44.67
CA SER I 626 22.61 -27.66 -45.48
C SER I 626 23.10 -29.01 -44.96
N LEU I 627 22.85 -29.33 -43.69
CA LEU I 627 23.29 -30.60 -43.14
C LEU I 627 22.43 -31.76 -43.64
N ILE I 628 21.12 -31.58 -43.68
CA ILE I 628 20.20 -32.66 -44.03
C ILE I 628 20.16 -32.89 -45.54
N PRO I 629 20.03 -34.12 -45.99
CA PRO I 629 19.88 -34.40 -47.42
C PRO I 629 18.44 -34.20 -47.87
N ASN I 630 18.24 -34.30 -49.18
CA ASN I 630 16.90 -34.13 -49.75
C ASN I 630 15.97 -35.25 -49.35
N GLU I 631 16.48 -36.49 -49.24
CA GLU I 631 15.63 -37.60 -48.83
C GLU I 631 15.10 -37.39 -47.42
N LEU I 632 15.95 -36.91 -46.50
CA LEU I 632 15.48 -36.61 -45.16
C LEU I 632 14.55 -35.40 -45.15
N PHE I 633 14.77 -34.46 -46.08
CA PHE I 633 13.86 -33.31 -46.20
C PHE I 633 12.47 -33.77 -46.63
N GLU I 634 12.39 -34.80 -47.45
CA GLU I 634 11.12 -35.25 -47.99
C GLU I 634 10.42 -36.29 -47.13
N SER I 635 11.13 -36.94 -46.21
CA SER I 635 10.59 -38.09 -45.49
C SER I 635 10.30 -37.85 -44.02
N LEU I 636 11.18 -37.13 -43.31
CA LEU I 636 11.04 -36.99 -41.88
C LEU I 636 9.76 -36.26 -41.52
N ARG I 637 9.01 -36.82 -40.57
CA ARG I 637 7.75 -36.27 -40.11
C ARG I 637 7.71 -36.26 -38.59
N ASN I 638 6.94 -35.32 -38.04
CA ASN I 638 6.77 -35.24 -36.60
C ASN I 638 5.69 -36.22 -36.19
N ILE I 639 6.07 -37.23 -35.39
CA ILE I 639 5.17 -38.29 -34.98
C ILE I 639 5.07 -38.40 -33.47
N SER I 640 6.20 -38.36 -32.77
CA SER I 640 6.16 -38.51 -31.31
C SER I 640 5.39 -37.39 -30.64
N GLY I 641 5.34 -36.22 -31.26
CA GLY I 641 4.66 -35.10 -30.65
C GLY I 641 5.38 -34.51 -29.45
N GLU I 642 6.68 -34.78 -29.32
CA GLU I 642 7.42 -34.25 -28.19
C GLU I 642 7.72 -32.77 -28.34
N TYR I 643 7.71 -32.26 -29.57
CA TYR I 643 8.01 -30.86 -29.84
C TYR I 643 6.70 -30.08 -29.91
N ASN I 644 6.11 -29.87 -28.74
CA ASN I 644 4.92 -29.07 -28.57
C ASN I 644 5.26 -27.85 -27.73
N ILE I 645 4.58 -26.73 -28.03
CA ILE I 645 4.88 -25.45 -27.40
C ILE I 645 3.70 -25.06 -26.53
N ASN I 646 3.97 -24.68 -25.28
CA ASN I 646 2.93 -24.15 -24.43
C ASN I 646 2.51 -22.77 -24.92
N PRO I 647 1.26 -22.38 -24.68
CA PRO I 647 0.82 -21.04 -25.11
C PRO I 647 1.64 -19.91 -24.52
N GLN I 648 2.19 -20.10 -23.32
CA GLN I 648 3.03 -19.06 -22.73
C GLN I 648 4.27 -18.81 -23.57
N ASP I 649 4.83 -19.87 -24.17
CA ASP I 649 6.07 -19.73 -24.92
C ASP I 649 5.83 -19.02 -26.25
N GLU I 650 4.67 -19.26 -26.88
CA GLU I 650 4.37 -18.60 -28.15
C GLU I 650 4.38 -17.08 -28.01
N HIS I 651 3.63 -16.56 -27.05
CA HIS I 651 3.50 -15.11 -26.94
C HIS I 651 4.73 -14.47 -26.31
N SER I 652 5.51 -15.24 -25.55
CA SER I 652 6.73 -14.69 -24.97
C SER I 652 7.88 -14.72 -25.96
N PHE I 653 7.90 -15.71 -26.87
CA PHE I 653 8.97 -15.79 -27.85
C PHE I 653 8.88 -14.67 -28.87
N PHE I 654 7.67 -14.38 -29.35
CA PHE I 654 7.50 -13.34 -30.35
C PHE I 654 7.60 -11.94 -29.76
N PHE I 655 7.14 -11.76 -28.52
CA PHE I 655 7.22 -10.45 -27.87
C PHE I 655 8.64 -10.11 -27.47
N ALA I 656 9.41 -11.10 -27.03
CA ALA I 656 10.79 -10.90 -26.60
C ALA I 656 11.76 -11.53 -27.59
N LEU I 657 11.48 -11.40 -28.88
CA LEU I 657 12.34 -11.97 -29.90
C LEU I 657 13.73 -11.35 -29.83
N ALA I 658 14.75 -12.18 -29.96
CA ALA I 658 16.14 -11.75 -29.84
C ALA I 658 16.85 -11.89 -31.17
N GLN I 659 17.79 -10.98 -31.41
CA GLN I 659 18.64 -11.08 -32.58
C GLN I 659 19.57 -12.27 -32.46
N ILE I 660 19.78 -12.96 -33.58
CA ILE I 660 20.71 -14.08 -33.65
C ILE I 660 22.09 -13.54 -33.97
N ASN I 661 23.02 -13.72 -33.04
CA ASN I 661 24.39 -13.23 -33.20
C ASN I 661 25.31 -14.43 -33.39
N ALA I 662 26.01 -14.47 -34.51
CA ALA I 662 26.85 -15.60 -34.88
C ALA I 662 28.28 -15.32 -34.43
N ASP I 663 28.61 -15.80 -33.24
CA ASP I 663 29.98 -15.71 -32.75
C ASP I 663 30.88 -16.66 -33.54
N ASP I 664 32.18 -16.36 -33.51
CA ASP I 664 33.14 -17.21 -34.21
C ASP I 664 33.17 -18.62 -33.65
N GLU I 665 32.93 -18.76 -32.35
CA GLU I 665 32.86 -20.09 -31.75
C GLU I 665 31.71 -20.90 -32.31
N PHE I 666 30.55 -20.27 -32.47
CA PHE I 666 29.40 -20.97 -33.07
C PHE I 666 29.66 -21.28 -34.54
N ILE I 667 30.27 -20.35 -35.26
CA ILE I 667 30.59 -20.59 -36.67
C ILE I 667 31.54 -21.78 -36.79
N GLY I 668 32.57 -21.82 -35.95
CA GLY I 668 33.46 -22.96 -35.94
C GLY I 668 32.77 -24.24 -35.51
N ALA I 669 31.82 -24.13 -34.58
CA ALA I 669 31.11 -25.31 -34.10
C ALA I 669 30.28 -25.95 -35.21
N ILE I 670 29.64 -25.13 -36.06
CA ILE I 670 28.87 -25.65 -37.17
C ILE I 670 29.77 -26.39 -38.15
N ASP I 671 30.97 -25.86 -38.40
CA ASP I 671 31.92 -26.54 -39.27
C ASP I 671 32.28 -27.90 -38.70
N LYS I 672 32.35 -28.01 -37.38
CA LYS I 672 32.58 -29.32 -36.76
C LYS I 672 31.40 -30.24 -36.94
N GLU I 673 30.18 -29.72 -36.75
CA GLU I 673 28.99 -30.55 -36.87
C GLU I 673 28.80 -31.04 -38.30
N SER I 674 29.19 -30.24 -39.28
CA SER I 674 29.05 -30.65 -40.68
C SER I 674 29.99 -31.80 -41.02
N ALA I 675 30.99 -32.03 -40.17
CA ALA I 675 31.95 -33.11 -40.44
C ALA I 675 31.33 -34.47 -40.15
N GLU I 676 30.88 -34.69 -38.91
CA GLU I 676 30.35 -36.00 -38.56
C GLU I 676 28.99 -36.26 -39.17
N TYR I 677 28.25 -35.21 -39.54
CA TYR I 677 26.99 -35.42 -40.25
C TYR I 677 27.24 -36.13 -41.58
N LEU I 678 28.28 -35.70 -42.31
CA LEU I 678 28.68 -36.41 -43.51
C LEU I 678 29.18 -37.81 -43.19
N ASP I 679 29.98 -37.93 -42.13
CA ASP I 679 30.54 -39.23 -41.78
C ASP I 679 29.45 -40.18 -41.31
N GLU I 680 28.47 -39.69 -40.54
CA GLU I 680 27.43 -40.56 -40.04
C GLU I 680 26.43 -40.93 -41.14
N TYR I 681 26.21 -40.03 -42.10
CA TYR I 681 25.44 -40.41 -43.29
C TYR I 681 26.16 -41.48 -44.08
N ALA I 682 27.48 -41.34 -44.23
CA ALA I 682 28.25 -42.29 -45.01
C ALA I 682 28.24 -43.68 -44.37
N THR I 683 28.38 -43.75 -43.05
CA THR I 683 28.42 -45.05 -42.39
C THR I 683 27.05 -45.69 -42.32
N LEU I 684 25.99 -44.89 -42.41
CA LEU I 684 24.64 -45.47 -42.45
C LEU I 684 24.36 -46.08 -43.81
N ALA I 685 24.85 -45.46 -44.88
CA ALA I 685 24.63 -46.00 -46.22
C ALA I 685 25.28 -47.37 -46.37
N ARG I 686 26.51 -47.50 -45.86
CA ARG I 686 27.18 -48.80 -45.91
C ARG I 686 26.45 -49.84 -45.08
N ASP I 687 25.93 -49.42 -43.92
CA ASP I 687 25.22 -50.35 -43.05
C ASP I 687 23.92 -50.84 -43.68
N ILE I 688 23.23 -49.96 -44.42
CA ILE I 688 22.02 -50.37 -45.12
C ILE I 688 22.35 -51.31 -46.26
N SER I 689 23.42 -51.00 -47.01
CA SER I 689 23.80 -51.85 -48.13
C SER I 689 24.20 -53.24 -47.66
N ASN I 690 24.93 -53.32 -46.54
CA ASN I 690 25.24 -54.62 -45.97
C ASN I 690 23.97 -55.35 -45.52
N SER I 691 23.05 -54.63 -44.88
CA SER I 691 21.84 -55.25 -44.38
C SER I 691 20.96 -55.76 -45.52
N LEU I 692 20.85 -54.98 -46.60
CA LEU I 692 20.06 -55.42 -47.74
C LEU I 692 20.63 -56.67 -48.38
N THR I 693 21.95 -56.75 -48.51
CA THR I 693 22.57 -57.92 -49.11
C THR I 693 22.36 -59.16 -48.24
N LEU I 694 22.47 -59.01 -46.93
CA LEU I 694 22.28 -60.14 -46.03
C LEU I 694 20.87 -60.69 -46.12
N VAL I 695 19.87 -59.81 -46.22
CA VAL I 695 18.48 -60.25 -46.24
C VAL I 695 18.19 -61.09 -47.46
N LYS I 696 18.75 -60.70 -48.61
CA LYS I 696 18.45 -61.40 -49.87
C LYS I 696 18.88 -62.86 -49.81
N ALA I 697 20.05 -63.13 -49.25
CA ALA I 697 20.58 -64.49 -49.22
C ALA I 697 20.12 -65.28 -48.00
N ALA I 698 19.94 -64.63 -46.86
CA ALA I 698 19.66 -65.36 -45.63
C ALA I 698 18.23 -65.90 -45.62
N PHE I 699 17.26 -65.09 -46.02
CA PHE I 699 15.85 -65.43 -45.85
C PHE I 699 15.15 -65.52 -47.20
N GLY I 700 13.95 -66.09 -47.16
CA GLY I 700 13.12 -66.24 -48.33
C GLY I 700 11.67 -65.90 -48.06
N PRO I 701 10.79 -66.21 -49.01
CA PRO I 701 9.38 -65.88 -48.83
C PRO I 701 8.75 -66.67 -47.71
N LEU I 702 7.71 -66.09 -47.11
CA LEU I 702 7.02 -66.68 -45.97
C LEU I 702 5.61 -67.07 -46.37
N GLU I 703 5.25 -68.32 -46.11
CA GLU I 703 3.91 -68.83 -46.39
C GLU I 703 3.05 -68.73 -45.15
N ARG I 704 1.81 -69.22 -45.26
CA ARG I 704 0.82 -69.16 -44.18
C ARG I 704 0.70 -70.48 -43.45
N THR I 705 1.81 -71.19 -43.27
CA THR I 705 1.84 -72.45 -42.55
C THR I 705 2.71 -72.33 -41.30
N SER I 706 2.47 -73.21 -40.33
CA SER I 706 3.25 -73.21 -39.11
C SER I 706 4.70 -73.57 -39.38
N GLY I 707 4.94 -74.40 -40.39
CA GLY I 707 6.32 -74.75 -40.74
C GLY I 707 7.13 -73.57 -41.23
N SER I 708 6.53 -72.74 -42.08
CA SER I 708 7.25 -71.58 -42.60
C SER I 708 7.53 -70.57 -41.50
N ILE I 709 6.57 -70.38 -40.59
CA ILE I 709 6.76 -69.40 -39.51
C ILE I 709 7.89 -69.85 -38.59
N ILE I 710 7.91 -71.12 -38.22
CA ILE I 710 8.93 -71.64 -37.32
C ILE I 710 10.30 -71.54 -37.97
N ASN I 711 10.38 -71.83 -39.28
CA ASN I 711 11.66 -71.75 -39.97
C ASN I 711 12.21 -70.34 -39.95
N HIS I 712 11.35 -69.36 -40.15
CA HIS I 712 11.79 -67.97 -40.10
C HIS I 712 12.25 -67.57 -38.71
N ALA I 713 11.54 -68.04 -37.68
CA ALA I 713 11.88 -67.67 -36.31
C ALA I 713 13.24 -68.20 -35.90
N ASN I 714 13.51 -69.48 -36.19
CA ASN I 714 14.77 -70.08 -35.79
C ASN I 714 15.93 -69.57 -36.63
N ASN I 715 15.75 -69.49 -37.95
CA ASN I 715 16.83 -69.05 -38.83
C ASN I 715 17.24 -67.62 -38.53
N LEU I 716 16.27 -66.74 -38.31
CA LEU I 716 16.59 -65.34 -38.07
C LEU I 716 17.35 -65.16 -36.77
N ASN I 717 17.02 -65.96 -35.75
CA ASN I 717 17.74 -65.87 -34.48
C ASN I 717 19.20 -66.26 -34.66
N LYS I 718 19.46 -67.28 -35.49
CA LYS I 718 20.85 -67.67 -35.76
C LYS I 718 21.61 -66.56 -36.47
N VAL I 719 20.96 -65.92 -37.45
CA VAL I 719 21.60 -64.81 -38.16
C VAL I 719 21.87 -63.65 -37.21
N ILE I 720 20.90 -63.30 -36.38
CA ILE I 720 21.05 -62.15 -35.50
C ILE I 720 22.12 -62.41 -34.44
N ASN I 721 22.32 -63.67 -34.06
CA ASN I 721 23.37 -63.98 -33.10
C ASN I 721 24.75 -63.90 -33.75
N HIS I 722 24.84 -64.27 -35.02
CA HIS I 722 26.14 -64.30 -35.69
C HIS I 722 26.63 -62.88 -35.99
N VAL I 723 25.72 -62.00 -36.43
CA VAL I 723 26.13 -60.65 -36.81
C VAL I 723 26.63 -59.86 -35.61
N PHE I 724 26.05 -60.08 -34.43
CA PHE I 724 26.43 -59.34 -33.24
C PHE I 724 27.58 -59.97 -32.49
N ALA I 725 28.05 -61.14 -32.91
CA ALA I 725 29.18 -61.78 -32.27
C ALA I 725 30.49 -61.13 -32.68
N ASP I 726 31.40 -61.02 -31.72
CA ASP I 726 32.71 -60.39 -31.91
C ASP I 726 32.45 -58.96 -32.40
N LYS I 727 33.06 -58.52 -33.50
CA LYS I 727 32.79 -57.19 -34.02
C LYS I 727 31.46 -57.18 -34.74
N PRO I 728 30.49 -56.37 -34.32
CA PRO I 728 29.19 -56.37 -34.98
C PRO I 728 29.28 -55.89 -36.42
N LEU I 729 28.40 -56.45 -37.26
CA LEU I 729 28.38 -56.06 -38.66
C LEU I 729 27.89 -54.63 -38.84
N ILE I 730 27.07 -54.14 -37.92
CA ILE I 730 26.48 -52.81 -38.02
C ILE I 730 27.19 -51.88 -37.06
N SER I 731 27.50 -50.67 -37.53
CA SER I 731 28.17 -49.69 -36.71
C SER I 731 27.25 -49.17 -35.61
N GLU I 732 27.85 -48.51 -34.62
CA GLU I 732 27.08 -47.96 -33.51
C GLU I 732 26.18 -46.81 -33.95
N THR I 733 26.39 -46.26 -35.14
CA THR I 733 25.57 -45.15 -35.60
C THR I 733 24.11 -45.59 -35.78
N MET I 734 23.89 -46.75 -36.42
CA MET I 734 22.52 -47.23 -36.58
C MET I 734 21.96 -47.74 -35.26
N LEU I 735 22.80 -48.36 -34.43
CA LEU I 735 22.32 -48.88 -33.16
C LEU I 735 21.69 -47.78 -32.31
N LYS I 736 22.27 -46.58 -32.36
CA LYS I 736 21.67 -45.46 -31.63
C LYS I 736 20.29 -45.13 -32.19
N ILE I 737 20.14 -45.16 -33.52
CA ILE I 737 18.84 -44.88 -34.13
C ILE I 737 17.84 -45.96 -33.76
N LEU I 738 18.25 -47.22 -33.79
CA LEU I 738 17.33 -48.31 -33.51
C LEU I 738 17.02 -48.47 -32.04
N THR I 739 17.85 -47.93 -31.15
CA THR I 739 17.62 -48.03 -29.71
C THR I 739 17.04 -46.74 -29.12
N ILE I 740 16.60 -45.81 -29.96
CA ILE I 740 16.14 -44.53 -29.47
C ILE I 740 14.90 -44.68 -28.59
N ASP I 741 14.14 -45.77 -28.78
CA ASP I 741 12.95 -46.03 -27.98
C ASP I 741 13.24 -46.85 -26.74
N GLY I 742 14.51 -47.17 -26.47
CA GLY I 742 14.87 -48.00 -25.34
C GLY I 742 14.98 -49.47 -25.64
N THR I 743 14.58 -49.91 -26.83
CA THR I 743 14.70 -51.31 -27.19
C THR I 743 16.16 -51.70 -27.32
N THR I 744 16.48 -52.91 -26.86
CA THR I 744 17.84 -53.41 -26.96
C THR I 744 18.29 -53.47 -28.42
N GLY I 745 19.57 -53.17 -28.65
CA GLY I 745 20.07 -53.10 -30.01
C GLY I 745 19.90 -54.38 -30.79
N LYS I 746 20.11 -55.53 -30.12
CA LYS I 746 19.91 -56.81 -30.79
C LYS I 746 18.47 -56.98 -31.23
N ASP I 747 17.52 -56.57 -30.38
CA ASP I 747 16.12 -56.68 -30.75
C ASP I 747 15.73 -55.66 -31.81
N GLY I 748 16.37 -54.48 -31.79
CA GLY I 748 16.05 -53.46 -32.77
C GLY I 748 16.41 -53.87 -34.18
N TYR I 749 17.61 -54.44 -34.35
CA TYR I 749 18.05 -54.88 -35.67
C TYR I 749 17.19 -56.03 -36.18
N ARG I 750 16.80 -56.94 -35.29
CA ARG I 750 15.98 -58.08 -35.69
C ARG I 750 14.63 -57.62 -36.23
N ASN I 751 14.01 -56.65 -35.56
CA ASN I 751 12.72 -56.15 -36.01
C ASN I 751 12.84 -55.41 -37.33
N TRP I 752 13.96 -54.70 -37.55
CA TRP I 752 14.16 -54.02 -38.82
C TRP I 752 14.42 -55.00 -39.95
N LEU I 753 15.14 -56.09 -39.66
CA LEU I 753 15.37 -57.11 -40.68
C LEU I 753 14.06 -57.75 -41.13
N ASP I 754 13.06 -57.81 -40.24
CA ASP I 754 11.76 -58.36 -40.61
C ASP I 754 11.12 -57.55 -41.73
N LYS I 755 11.09 -56.23 -41.58
CA LYS I 755 10.45 -55.38 -42.58
C LYS I 755 11.23 -55.35 -43.88
N LEU I 756 12.52 -55.68 -43.83
CA LEU I 756 13.38 -55.59 -45.00
C LEU I 756 13.28 -56.80 -45.92
N VAL I 757 12.66 -57.89 -45.47
CA VAL I 757 12.58 -59.09 -46.29
C VAL I 757 11.64 -58.85 -47.46
N GLY I 758 12.06 -59.28 -48.65
CA GLY I 758 11.26 -59.10 -49.84
C GLY I 758 11.36 -57.73 -50.47
N HIS I 759 12.33 -56.93 -50.07
CA HIS I 759 12.49 -55.59 -50.61
C HIS I 759 12.86 -55.64 -52.09
N ASN I 760 12.47 -54.59 -52.82
CA ASN I 760 12.92 -54.38 -54.18
C ASN I 760 13.93 -53.25 -54.29
N TYR I 761 14.50 -52.83 -53.15
CA TYR I 761 15.43 -51.72 -53.14
C TYR I 761 16.68 -52.08 -53.94
N PRO I 762 17.11 -51.25 -54.88
CA PRO I 762 18.28 -51.59 -55.69
C PRO I 762 19.57 -51.44 -54.91
N VAL I 763 20.44 -52.42 -55.04
CA VAL I 763 21.76 -52.40 -54.43
C VAL I 763 22.81 -52.49 -55.53
N TYR I 764 23.84 -51.67 -55.42
CA TYR I 764 24.89 -51.60 -56.42
C TYR I 764 26.03 -52.54 -56.02
N VAL I 765 26.41 -53.43 -56.93
CA VAL I 765 27.47 -54.37 -56.66
C VAL I 765 28.79 -53.63 -56.56
N GLU I 766 29.43 -53.74 -55.41
CA GLU I 766 30.70 -53.08 -55.13
C GLU I 766 31.85 -53.92 -55.65
N PRO I 767 33.04 -53.32 -55.80
CA PRO I 767 34.20 -54.10 -56.27
C PRO I 767 34.51 -55.31 -55.41
N VAL I 768 34.35 -55.21 -54.08
CA VAL I 768 34.69 -56.34 -53.22
C VAL I 768 33.71 -57.50 -53.43
N VAL I 769 32.44 -57.19 -53.69
CA VAL I 769 31.45 -58.24 -53.92
C VAL I 769 31.79 -59.01 -55.20
N ASN I 770 32.23 -58.30 -56.23
CA ASN I 770 32.61 -58.96 -57.48
C ASN I 770 33.80 -59.87 -57.27
N ILE I 771 34.77 -59.46 -56.46
CA ILE I 771 35.98 -60.25 -56.26
C ILE I 771 35.64 -61.59 -55.63
N MET I 772 34.82 -61.59 -54.58
CA MET I 772 34.47 -62.83 -53.91
C MET I 772 33.66 -63.74 -54.83
N ASN I 773 32.80 -63.17 -55.67
CA ASN I 773 32.01 -63.99 -56.58
C ASN I 773 32.89 -64.70 -57.58
N PHE I 774 33.95 -64.04 -58.04
CA PHE I 774 34.88 -64.66 -58.98
C PHE I 774 35.58 -65.85 -58.36
N ILE I 775 36.02 -65.70 -57.10
CA ILE I 775 36.68 -66.81 -56.42
C ILE I 775 35.69 -67.93 -56.12
N SER I 776 34.45 -67.56 -55.76
CA SER I 776 33.43 -68.58 -55.52
C SER I 776 33.17 -69.39 -56.78
N ALA I 777 33.12 -68.73 -57.94
CA ALA I 777 32.93 -69.45 -59.20
C ALA I 777 34.11 -70.36 -59.50
N ARG I 778 35.34 -69.86 -59.29
CA ARG I 778 36.51 -70.68 -59.57
C ARG I 778 36.66 -71.81 -58.57
N PHE I 779 36.17 -71.62 -57.35
CA PHE I 779 36.21 -72.70 -56.37
C PHE I 779 35.33 -73.86 -56.81
N VAL I 780 34.12 -73.57 -57.29
CA VAL I 780 33.23 -74.62 -57.74
C VAL I 780 33.73 -75.23 -59.04
N ALA I 781 34.19 -74.40 -59.98
CA ALA I 781 34.60 -74.91 -61.28
C ALA I 781 35.85 -75.78 -61.17
N ASP I 782 36.88 -75.30 -60.48
CA ASP I 782 38.14 -76.01 -60.33
C ASP I 782 38.24 -76.49 -58.89
N SER I 783 37.71 -77.70 -58.65
CA SER I 783 37.76 -78.29 -57.32
C SER I 783 39.09 -78.95 -57.03
N SER I 784 39.92 -79.20 -58.05
CA SER I 784 41.19 -79.88 -57.83
C SER I 784 42.21 -78.97 -57.17
N TYR I 785 42.08 -77.65 -57.37
CA TYR I 785 43.05 -76.72 -56.81
C TYR I 785 42.98 -76.64 -55.30
N PHE I 786 41.83 -76.97 -54.71
CA PHE I 786 41.58 -76.71 -53.31
C PHE I 786 41.36 -77.95 -52.48
N GLY I 787 41.38 -79.14 -53.09
CA GLY I 787 41.43 -80.37 -52.32
C GLY I 787 40.12 -81.11 -52.12
N TYR I 788 39.30 -81.20 -53.16
CA TYR I 788 38.13 -82.08 -53.11
C TYR I 788 37.74 -82.42 -54.54
N THR I 789 37.03 -83.55 -54.69
CA THR I 789 36.68 -84.06 -55.99
C THR I 789 35.22 -84.50 -55.99
N ASN I 790 34.63 -84.51 -57.19
CA ASN I 790 33.24 -84.92 -57.31
C ASN I 790 33.08 -86.43 -57.14
N GLU I 791 33.95 -87.21 -57.78
CA GLU I 791 33.83 -88.66 -57.77
C GLU I 791 35.18 -89.30 -57.51
N ILE I 792 35.14 -90.51 -56.94
CA ILE I 792 36.33 -91.33 -56.76
C ILE I 792 36.01 -92.73 -57.26
N MET I 793 37.06 -93.51 -57.51
CA MET I 793 36.93 -94.85 -58.05
C MET I 793 37.67 -95.84 -57.17
N ILE I 794 37.01 -96.94 -56.84
CA ILE I 794 37.60 -98.02 -56.05
C ILE I 794 37.53 -99.28 -56.89
N MET I 795 38.69 -99.82 -57.25
CA MET I 795 38.76 -100.95 -58.15
C MET I 795 39.74 -101.98 -57.62
N PRO I 796 39.53 -103.26 -57.95
CA PRO I 796 40.50 -104.29 -57.55
C PRO I 796 41.84 -104.08 -58.23
N ASN I 797 42.89 -104.54 -57.55
CA ASN I 797 44.24 -104.34 -58.07
C ASN I 797 44.50 -105.13 -59.34
N HIS I 798 43.83 -106.26 -59.52
CA HIS I 798 44.12 -107.12 -60.67
C HIS I 798 43.60 -106.56 -61.98
N ILE I 799 42.83 -105.48 -61.95
CA ILE I 799 42.33 -104.84 -63.17
C ILE I 799 43.21 -103.64 -63.48
N ASN I 800 43.71 -103.57 -64.71
CA ASN I 800 44.56 -102.47 -65.14
C ASN I 800 43.72 -101.36 -65.74
N VAL I 801 43.87 -100.15 -65.21
CA VAL I 801 43.11 -99.00 -65.69
C VAL I 801 44.07 -97.99 -66.31
N PRO I 802 43.63 -97.19 -67.29
CA PRO I 802 44.50 -96.14 -67.82
C PRO I 802 44.77 -95.08 -66.76
N VAL I 803 46.03 -94.69 -66.62
CA VAL I 803 46.46 -93.74 -65.62
C VAL I 803 47.32 -92.67 -66.28
N ASP I 804 47.52 -91.57 -65.56
CA ASP I 804 48.36 -90.48 -66.05
C ASP I 804 49.82 -90.84 -65.79
N ASP I 805 50.55 -91.14 -66.86
CA ASP I 805 51.95 -91.52 -66.77
C ASP I 805 52.88 -90.34 -67.03
N ARG I 806 52.34 -89.12 -67.04
CA ARG I 806 53.18 -87.95 -67.32
C ARG I 806 54.22 -87.72 -66.23
N PHE I 807 53.82 -87.84 -64.97
CA PHE I 807 54.70 -87.53 -63.84
C PHE I 807 55.60 -88.68 -63.44
N GLY I 808 55.35 -89.90 -63.93
CA GLY I 808 56.21 -91.01 -63.61
C GLY I 808 56.06 -91.58 -62.21
N PHE I 809 54.92 -91.35 -61.56
CA PHE I 809 54.67 -91.94 -60.25
C PHE I 809 54.47 -93.45 -60.37
N ARG I 810 54.87 -94.17 -59.32
CA ARG I 810 54.64 -95.60 -59.27
C ARG I 810 53.18 -95.87 -58.90
N ASP I 811 52.49 -96.63 -59.75
CA ASP I 811 51.06 -96.89 -59.58
C ASP I 811 50.30 -95.60 -59.34
N SER I 812 50.34 -94.72 -60.33
CA SER I 812 49.82 -93.38 -60.20
C SER I 812 48.36 -93.41 -59.81
N PRO I 813 47.96 -92.77 -58.71
CA PRO I 813 46.56 -92.79 -58.29
C PRO I 813 45.66 -91.83 -59.05
N PHE I 814 46.18 -91.13 -60.05
CA PHE I 814 45.44 -90.13 -60.79
C PHE I 814 45.09 -90.65 -62.17
N CYS I 815 44.01 -90.09 -62.72
CA CYS I 815 43.60 -90.37 -64.09
C CYS I 815 43.27 -89.06 -64.78
N THR I 816 43.53 -89.01 -66.09
CA THR I 816 43.19 -87.83 -66.87
C THR I 816 41.70 -87.57 -66.83
N SER I 817 40.90 -88.62 -66.97
CA SER I 817 39.47 -88.57 -66.73
C SER I 817 39.05 -89.93 -66.21
N LEU I 818 37.96 -89.96 -65.46
CA LEU I 818 37.48 -91.21 -64.90
C LEU I 818 37.07 -92.14 -66.04
N PRO I 819 37.60 -93.35 -66.11
CA PRO I 819 37.32 -94.22 -67.26
C PRO I 819 35.83 -94.50 -67.38
N ARG I 820 35.28 -94.24 -68.57
CA ARG I 820 33.89 -94.54 -68.83
C ARG I 820 33.66 -96.04 -68.99
N THR I 821 34.53 -96.71 -69.74
CA THR I 821 34.40 -98.14 -70.01
C THR I 821 35.69 -98.85 -69.60
N ILE I 822 35.56 -99.93 -68.85
CA ILE I 822 36.67 -100.80 -68.48
C ILE I 822 36.32 -102.21 -68.90
N MET I 823 37.21 -102.85 -69.67
CA MET I 823 37.01 -104.20 -70.17
C MET I 823 35.73 -104.31 -71.01
N GLY I 824 35.39 -103.24 -71.72
CA GLY I 824 34.25 -103.25 -72.62
C GLY I 824 32.91 -103.04 -71.98
N ASN I 825 32.85 -102.84 -70.67
CA ASN I 825 31.60 -102.64 -69.95
C ASN I 825 31.63 -101.30 -69.22
N ASP I 826 30.50 -100.60 -69.22
CA ASP I 826 30.41 -99.31 -68.56
C ASP I 826 30.70 -99.46 -67.07
N VAL I 827 31.53 -98.58 -66.53
CA VAL I 827 31.87 -98.64 -65.11
C VAL I 827 30.67 -98.19 -64.29
N ARG I 828 30.34 -98.99 -63.28
CA ARG I 828 29.15 -98.73 -62.48
C ARG I 828 29.31 -97.44 -61.67
N ARG I 829 28.23 -96.68 -61.56
CA ARG I 829 28.17 -95.49 -60.75
C ARG I 829 27.19 -95.69 -59.61
N ILE I 830 27.63 -95.42 -58.39
CA ILE I 830 26.80 -95.55 -57.20
C ILE I 830 26.93 -94.27 -56.38
N SER I 831 25.80 -93.71 -55.99
CA SER I 831 25.80 -92.52 -55.16
C SER I 831 26.24 -92.88 -53.74
N TYR I 832 26.62 -91.86 -52.97
CA TYR I 832 27.18 -92.11 -51.66
C TYR I 832 26.13 -92.60 -50.67
N ASN I 833 24.95 -92.01 -50.69
CA ASN I 833 23.90 -92.40 -49.74
C ASN I 833 23.47 -93.84 -49.94
N VAL I 834 23.31 -94.25 -51.21
CA VAL I 834 22.95 -95.63 -51.49
C VAL I 834 24.09 -96.57 -51.08
N PHE I 835 25.33 -96.14 -51.30
CA PHE I 835 26.48 -96.97 -50.95
C PHE I 835 26.58 -97.20 -49.45
N SER I 836 26.33 -96.16 -48.66
CA SER I 836 26.38 -96.30 -47.21
C SER I 836 25.25 -97.19 -46.71
N MET I 837 24.17 -97.28 -47.49
CA MET I 837 22.93 -97.92 -47.08
C MET I 837 22.95 -99.42 -47.31
N MET I 838 24.01 -99.96 -47.90
CA MET I 838 23.99 -101.30 -48.48
C MET I 838 24.54 -102.35 -47.53
N GLU I 839 24.14 -103.60 -47.75
CA GLU I 839 24.68 -104.76 -47.04
C GLU I 839 25.47 -105.69 -47.96
N ASP I 840 25.28 -105.58 -49.26
CA ASP I 840 26.00 -106.40 -50.24
C ASP I 840 27.26 -105.69 -50.70
N ILE I 841 27.87 -104.91 -49.81
CA ILE I 841 29.06 -104.15 -50.16
C ILE I 841 30.21 -105.09 -50.51
N ASP I 842 30.19 -106.32 -49.99
CA ASP I 842 31.22 -107.28 -50.34
C ASP I 842 31.07 -107.78 -51.77
N ASP I 843 29.85 -107.80 -52.29
CA ASP I 843 29.63 -108.30 -53.64
C ASP I 843 30.02 -107.28 -54.70
N VAL I 844 29.88 -105.98 -54.41
CA VAL I 844 30.12 -104.97 -55.42
C VAL I 844 31.58 -104.53 -55.51
N ILE I 845 32.36 -104.68 -54.43
CA ILE I 845 33.75 -104.24 -54.48
C ILE I 845 34.56 -105.13 -55.43
N SER I 846 34.19 -106.40 -55.55
CA SER I 846 34.93 -107.31 -56.41
C SER I 846 34.85 -106.89 -57.87
N GLU I 847 33.82 -106.14 -58.24
CA GLU I 847 33.69 -105.66 -59.62
C GLU I 847 34.18 -104.23 -59.78
N GLY I 848 34.26 -103.46 -58.69
CA GLY I 848 34.67 -102.07 -58.78
C GLY I 848 33.51 -101.15 -59.05
N PHE I 849 33.63 -99.89 -58.62
CA PHE I 849 32.54 -98.93 -58.77
C PHE I 849 33.09 -97.52 -58.65
N ILE I 850 32.24 -96.56 -58.99
CA ILE I 850 32.56 -95.14 -58.88
C ILE I 850 31.56 -94.51 -57.91
N LEU I 851 32.07 -93.81 -56.90
CA LEU I 851 31.23 -93.14 -55.93
C LEU I 851 31.09 -91.67 -56.32
N TYR I 852 29.86 -91.20 -56.44
CA TYR I 852 29.60 -89.81 -56.83
C TYR I 852 28.52 -89.25 -55.90
N ASP I 853 28.04 -88.05 -56.24
CA ASP I 853 27.01 -87.36 -55.45
C ASP I 853 27.52 -87.05 -54.04
N ALA I 854 28.79 -86.70 -53.94
CA ALA I 854 29.39 -86.28 -52.67
C ALA I 854 30.66 -85.52 -52.98
N TYR I 855 31.16 -84.80 -51.97
CA TYR I 855 32.37 -84.01 -52.09
C TYR I 855 33.46 -84.69 -51.25
N PHE I 856 34.41 -85.33 -51.93
CA PHE I 856 35.41 -86.17 -51.28
C PHE I 856 36.67 -85.34 -51.03
N ASN I 857 36.85 -84.89 -49.80
CA ASN I 857 38.09 -84.23 -49.41
C ASN I 857 39.24 -85.23 -49.46
N PHE I 858 40.40 -84.76 -49.94
CA PHE I 858 41.55 -85.63 -50.10
C PHE I 858 42.83 -84.82 -49.96
N SER I 859 43.93 -85.53 -49.79
CA SER I 859 45.24 -84.92 -49.66
C SER I 859 46.29 -85.89 -50.19
N TYR I 860 47.46 -85.35 -50.51
CA TYR I 860 48.56 -86.19 -50.98
C TYR I 860 49.88 -85.54 -50.59
N ASP I 861 50.92 -86.37 -50.51
CA ASP I 861 52.26 -85.93 -50.17
C ASP I 861 53.24 -86.61 -51.11
N ILE I 862 53.75 -85.87 -52.10
CA ILE I 862 54.68 -86.42 -53.08
C ILE I 862 56.06 -86.51 -52.45
N MET I 863 56.67 -87.68 -52.54
CA MET I 863 57.97 -87.95 -51.95
C MET I 863 59.02 -88.14 -53.04
N THR I 864 60.23 -87.68 -52.76
CA THR I 864 61.29 -87.71 -53.77
C THR I 864 61.86 -89.10 -53.98
N THR I 865 61.81 -89.96 -52.97
CA THR I 865 62.41 -91.29 -53.07
C THR I 865 61.52 -92.22 -53.89
N ASP I 866 62.00 -93.45 -54.06
CA ASP I 866 61.25 -94.50 -54.74
C ASP I 866 60.63 -95.43 -53.71
N GLY I 867 59.33 -95.62 -53.80
CA GLY I 867 58.62 -96.45 -52.83
C GLY I 867 57.27 -96.85 -53.35
N VAL I 868 56.54 -97.59 -52.52
CA VAL I 868 55.20 -98.05 -52.88
C VAL I 868 54.21 -96.91 -52.65
N THR I 869 53.44 -96.58 -53.67
CA THR I 869 52.37 -95.60 -53.53
C THR I 869 51.17 -96.30 -52.90
N ARG I 870 50.70 -95.77 -51.77
CA ARG I 870 49.62 -96.40 -51.03
C ARG I 870 48.85 -95.36 -50.24
N LEU I 871 47.59 -95.67 -49.94
CA LEU I 871 46.80 -94.81 -49.09
C LEU I 871 47.27 -94.91 -47.65
N LYS I 872 46.99 -93.86 -46.87
CA LYS I 872 47.42 -93.82 -45.48
C LYS I 872 46.60 -94.72 -44.58
N GLU I 873 45.28 -94.72 -44.71
CA GLU I 873 44.42 -95.61 -43.93
C GLU I 873 43.64 -96.53 -44.86
N ASP I 874 42.73 -97.29 -44.27
CA ASP I 874 41.86 -98.18 -45.02
C ASP I 874 40.89 -97.38 -45.88
N ILE I 875 40.39 -98.01 -46.93
CA ILE I 875 39.52 -97.31 -47.86
C ILE I 875 38.15 -97.04 -47.24
N LEU I 876 37.56 -98.06 -46.62
CA LEU I 876 36.20 -97.94 -46.10
C LEU I 876 36.08 -98.60 -44.74
N ILE I 877 35.13 -98.11 -43.95
CA ILE I 877 34.81 -98.63 -42.63
C ILE I 877 33.36 -99.10 -42.66
N VAL I 878 33.11 -100.32 -42.19
CA VAL I 878 31.78 -100.92 -42.23
C VAL I 878 31.29 -101.07 -40.80
N THR I 879 30.19 -100.41 -40.48
CA THR I 879 29.54 -100.51 -39.19
C THR I 879 28.16 -101.12 -39.35
N ASP I 880 27.48 -101.36 -38.23
CA ASP I 880 26.13 -101.87 -38.29
C ASP I 880 25.11 -100.81 -38.70
N THR I 881 25.52 -99.55 -38.80
CA THR I 881 24.64 -98.49 -39.31
C THR I 881 24.86 -98.27 -40.81
N GLY I 882 26.08 -97.94 -41.20
CA GLY I 882 26.36 -97.67 -42.60
C GLY I 882 27.83 -97.76 -42.92
N ASN I 883 28.13 -97.63 -44.21
CA ASN I 883 29.50 -97.69 -44.71
C ASN I 883 29.97 -96.29 -45.03
N ASP I 884 31.17 -95.95 -44.56
CA ASP I 884 31.75 -94.63 -44.78
C ASP I 884 33.14 -94.79 -45.38
N ILE I 885 33.57 -93.75 -46.10
CA ILE I 885 34.90 -93.70 -46.70
C ILE I 885 35.82 -92.97 -45.74
N LYS I 886 36.93 -93.61 -45.38
CA LYS I 886 37.90 -93.03 -44.48
C LYS I 886 38.67 -91.91 -45.18
N PRO I 887 39.31 -91.02 -44.42
CA PRO I 887 40.04 -89.92 -45.05
C PRO I 887 41.11 -90.40 -46.02
N ILE I 888 41.25 -89.68 -47.13
CA ILE I 888 42.12 -90.08 -48.22
C ILE I 888 43.40 -89.26 -48.13
N HIS I 889 44.51 -89.93 -47.88
CA HIS I 889 45.84 -89.31 -47.89
C HIS I 889 46.77 -90.20 -48.68
N PHE I 890 47.28 -89.68 -49.79
CA PHE I 890 48.08 -90.45 -50.72
C PHE I 890 49.56 -90.26 -50.43
N TYR I 891 50.30 -91.36 -50.35
CA TYR I 891 51.76 -91.34 -50.24
C TYR I 891 52.31 -91.69 -51.62
N ILE I 892 52.41 -90.68 -52.49
CA ILE I 892 52.83 -90.89 -53.87
C ILE I 892 54.36 -90.91 -53.92
N TYR I 893 54.91 -91.92 -54.58
CA TYR I 893 56.34 -92.07 -54.77
C TYR I 893 56.66 -92.17 -56.26
N PHE I 894 57.89 -91.81 -56.60
CA PHE I 894 58.34 -91.91 -57.99
C PHE I 894 58.68 -93.36 -58.33
N GLU I 895 58.69 -93.65 -59.62
CA GLU I 895 58.76 -95.03 -60.12
C GLU I 895 60.11 -95.28 -60.79
N ASN I 896 60.74 -96.39 -60.43
CA ASN I 896 61.90 -96.93 -61.13
C ASN I 896 61.52 -98.31 -61.65
N ARG I 897 61.68 -98.50 -62.96
CA ARG I 897 61.15 -99.70 -63.61
C ARG I 897 61.80 -100.96 -63.08
N ASN I 898 63.12 -100.97 -62.91
CA ASN I 898 63.85 -102.17 -62.54
C ASN I 898 64.08 -102.19 -61.02
N ASP I 899 62.98 -102.37 -60.30
CA ASP I 899 62.98 -102.54 -58.85
C ASP I 899 62.07 -103.74 -58.55
N LYS I 900 62.66 -104.93 -58.53
CA LYS I 900 61.85 -106.14 -58.40
C LYS I 900 61.16 -106.21 -57.05
N LYS I 901 61.82 -105.72 -56.00
CA LYS I 901 61.22 -105.75 -54.67
C LYS I 901 59.95 -104.90 -54.63
N LEU I 902 60.02 -103.70 -55.22
CA LEU I 902 58.86 -102.81 -55.20
C LEU I 902 57.76 -103.31 -56.12
N ARG I 903 58.13 -103.93 -57.24
CA ARG I 903 57.12 -104.44 -58.17
C ARG I 903 56.30 -105.56 -57.53
N TYR I 904 56.96 -106.47 -56.82
CA TYR I 904 56.23 -107.53 -56.12
C TYR I 904 55.38 -106.96 -55.01
N GLU I 905 55.90 -105.98 -54.28
CA GLU I 905 55.14 -105.40 -53.17
C GLU I 905 53.87 -104.73 -53.66
N SER I 906 53.95 -103.97 -54.75
CA SER I 906 52.78 -103.28 -55.27
C SER I 906 51.73 -104.27 -55.77
N LYS I 907 52.17 -105.31 -56.50
CA LYS I 907 51.22 -106.23 -57.11
C LYS I 907 50.61 -107.20 -56.10
N MET I 908 51.34 -107.56 -55.06
CA MET I 908 50.89 -108.57 -54.11
C MET I 908 50.31 -107.98 -52.82
N ASN I 909 51.07 -107.11 -52.15
CA ASN I 909 50.64 -106.62 -50.84
C ASN I 909 49.39 -105.76 -50.94
N VAL I 910 49.34 -104.85 -51.91
CA VAL I 910 48.19 -103.98 -52.09
C VAL I 910 47.16 -104.70 -52.95
N SER I 911 45.94 -104.81 -52.43
CA SER I 911 44.87 -105.54 -53.11
C SER I 911 43.80 -104.65 -53.70
N TYR I 912 43.62 -103.44 -53.18
CA TYR I 912 42.63 -102.51 -53.71
C TYR I 912 43.26 -101.13 -53.83
N ARG I 913 42.79 -100.36 -54.82
CA ARG I 913 43.36 -99.06 -55.13
C ARG I 913 42.25 -98.04 -55.33
N LEU I 914 42.58 -96.78 -55.11
CA LEU I 914 41.65 -95.67 -55.21
C LEU I 914 42.14 -94.69 -56.27
N TYR I 915 41.21 -94.21 -57.11
CA TYR I 915 41.54 -93.37 -58.24
C TYR I 915 40.73 -92.08 -58.20
N ILE I 916 41.39 -90.96 -58.49
CA ILE I 916 40.75 -89.66 -58.58
C ILE I 916 41.29 -88.96 -59.83
N LYS I 917 40.58 -87.91 -60.23
CA LYS I 917 41.05 -87.09 -61.34
C LYS I 917 42.35 -86.39 -60.99
N THR I 918 43.23 -86.26 -61.97
CA THR I 918 44.52 -85.64 -61.71
C THR I 918 44.34 -84.17 -61.34
N PRO I 919 44.92 -83.72 -60.23
CA PRO I 919 44.77 -82.32 -59.85
C PRO I 919 45.34 -81.39 -60.91
N ALA I 920 44.67 -80.26 -61.12
CA ALA I 920 45.12 -79.29 -62.11
C ALA I 920 46.33 -78.49 -61.67
N CYS I 921 46.63 -78.49 -60.37
CA CYS I 921 47.76 -77.71 -59.87
C CYS I 921 49.09 -78.29 -60.36
N LEU I 922 49.16 -79.60 -60.58
CA LEU I 922 50.38 -80.22 -61.05
C LEU I 922 50.68 -79.81 -62.49
N LEU I 923 51.97 -79.78 -62.82
CA LEU I 923 52.43 -79.37 -64.14
C LEU I 923 53.81 -79.97 -64.39
N PRO I 924 53.99 -80.77 -65.44
CA PRO I 924 55.31 -81.36 -65.71
C PRO I 924 56.35 -80.29 -66.01
N LEU I 925 57.60 -80.61 -65.69
CA LEU I 925 58.69 -79.65 -65.90
C LEU I 925 58.86 -79.33 -67.38
N SER I 926 58.62 -80.31 -68.25
CA SER I 926 58.75 -80.09 -69.68
C SER I 926 57.79 -79.03 -70.20
N ASP I 927 56.65 -78.83 -69.52
CA ASP I 927 55.67 -77.83 -69.91
C ASP I 927 55.75 -76.57 -69.05
N TYR I 928 56.96 -76.18 -68.64
CA TYR I 928 57.09 -75.05 -67.74
C TYR I 928 56.73 -73.73 -68.41
N MET I 929 56.77 -73.68 -69.74
CA MET I 929 56.44 -72.46 -70.45
C MET I 929 54.99 -72.04 -70.24
N ARG I 930 54.12 -72.98 -69.87
CA ARG I 930 52.72 -72.65 -69.63
C ARG I 930 52.52 -71.88 -68.35
N ALA I 931 53.46 -71.97 -67.41
CA ALA I 931 53.39 -71.21 -66.18
C ALA I 931 53.71 -69.73 -66.37
N GLN I 932 54.16 -69.34 -67.55
CA GLN I 932 54.46 -67.94 -67.82
C GLN I 932 53.19 -67.10 -67.79
N HIS I 933 53.26 -65.96 -67.10
CA HIS I 933 52.12 -65.08 -66.95
C HIS I 933 52.62 -63.66 -66.81
N ASP I 934 51.73 -62.71 -67.09
CA ASP I 934 52.07 -61.29 -67.08
C ASP I 934 51.25 -60.54 -66.04
N TYR I 935 51.84 -59.48 -65.49
CA TYR I 935 51.19 -58.59 -64.54
C TYR I 935 51.51 -57.17 -64.93
N VAL I 936 50.58 -56.26 -64.64
CA VAL I 936 50.74 -54.85 -65.00
C VAL I 936 50.79 -54.04 -63.71
N SER I 937 51.91 -53.34 -63.51
CA SER I 937 52.09 -52.42 -62.40
C SER I 937 52.03 -51.00 -62.94
N PRO I 938 51.12 -50.16 -62.43
CA PRO I 938 50.92 -48.83 -63.03
C PRO I 938 52.13 -47.93 -62.95
N SER I 939 52.01 -46.74 -63.55
CA SER I 939 53.15 -45.83 -63.66
C SER I 939 53.64 -45.40 -62.29
N SER I 940 54.95 -45.24 -62.17
CA SER I 940 55.56 -44.77 -60.94
C SER I 940 55.56 -43.25 -60.81
N SER I 941 55.10 -42.54 -61.84
CA SER I 941 55.01 -41.08 -61.79
C SER I 941 53.74 -40.60 -61.11
N ARG I 942 52.82 -41.49 -60.78
CA ARG I 942 51.55 -41.09 -60.17
C ARG I 942 51.72 -40.81 -58.69
N VAL I 943 51.10 -39.73 -58.22
CA VAL I 943 51.04 -39.40 -56.81
C VAL I 943 49.62 -39.61 -56.34
N TYR I 944 49.47 -39.98 -55.08
CA TYR I 944 48.18 -40.30 -54.50
C TYR I 944 47.83 -39.28 -53.43
N ILE I 945 46.66 -38.66 -53.57
CA ILE I 945 46.20 -37.61 -52.68
C ILE I 945 45.31 -38.23 -51.61
N LYS I 946 45.73 -38.11 -50.35
CA LYS I 946 44.98 -38.74 -49.26
C LYS I 946 43.68 -37.98 -48.98
N ASP I 947 43.75 -36.66 -48.91
CA ASP I 947 42.59 -35.82 -48.60
C ASP I 947 42.24 -34.97 -49.81
N PRO I 948 41.23 -35.35 -50.59
CA PRO I 948 40.96 -34.64 -51.84
C PRO I 948 40.06 -33.41 -51.67
N ALA I 949 39.91 -32.93 -50.43
CA ALA I 949 39.07 -31.77 -50.19
C ALA I 949 39.60 -30.56 -50.94
N VAL I 950 38.67 -29.72 -51.41
CA VAL I 950 39.01 -28.60 -52.29
C VAL I 950 38.81 -27.26 -51.61
N VAL I 951 38.42 -27.22 -50.34
CA VAL I 951 38.17 -25.97 -49.66
C VAL I 951 38.81 -25.98 -48.28
N TYR I 952 39.07 -24.79 -47.77
CA TYR I 952 39.65 -24.60 -46.45
C TYR I 952 38.67 -23.83 -45.57
N THR I 953 38.67 -24.18 -44.28
CA THR I 953 37.88 -23.41 -43.32
C THR I 953 38.43 -21.99 -43.25
N ARG I 954 37.51 -21.04 -43.03
CA ARG I 954 37.90 -19.63 -43.05
C ARG I 954 38.92 -19.32 -41.95
N SER I 955 38.68 -19.82 -40.74
CA SER I 955 39.57 -19.56 -39.62
C SER I 955 39.91 -20.84 -38.88
N VAL J 20 146.14 36.70 -51.29
CA VAL J 20 145.08 37.07 -52.21
C VAL J 20 143.73 36.92 -51.54
N GLN J 21 142.70 37.50 -52.15
CA GLN J 21 141.36 37.54 -51.57
C GLN J 21 140.43 36.64 -52.36
N THR J 22 139.66 35.82 -51.64
CA THR J 22 138.65 34.99 -52.28
C THR J 22 137.54 35.85 -52.86
N GLN J 23 137.11 35.51 -54.07
CA GLN J 23 136.05 36.27 -54.72
C GLN J 23 134.74 36.14 -53.95
N ASP J 24 133.87 37.15 -54.12
CA ASP J 24 132.61 37.15 -53.41
C ASP J 24 131.75 35.96 -53.78
N PHE J 25 131.67 35.64 -55.07
CA PHE J 25 130.92 34.48 -55.53
C PHE J 25 131.68 33.82 -56.68
N LYS J 26 131.42 32.54 -56.86
CA LYS J 26 132.01 31.80 -57.97
C LYS J 26 131.22 32.04 -59.24
N THR J 27 131.85 31.72 -60.37
CA THR J 27 131.24 31.91 -61.68
C THR J 27 131.81 30.86 -62.63
N ALA J 28 131.12 30.65 -63.75
CA ALA J 28 131.61 29.73 -64.76
C ALA J 28 132.94 30.21 -65.35
N VAL J 29 133.04 31.50 -65.65
CA VAL J 29 134.27 32.03 -66.23
C VAL J 29 135.39 32.07 -65.20
N GLN J 30 135.10 32.52 -63.99
CA GLN J 30 136.10 32.56 -62.92
C GLN J 30 135.70 31.58 -61.84
N PRO J 31 136.37 30.43 -61.71
CA PRO J 31 135.97 29.43 -60.72
C PRO J 31 136.66 29.50 -59.37
N ASP J 32 137.67 30.36 -59.21
CA ASP J 32 138.33 30.60 -57.93
C ASP J 32 138.79 29.28 -57.29
N THR J 33 139.70 28.61 -57.97
CA THR J 33 140.25 27.35 -57.51
C THR J 33 141.53 27.61 -56.70
N ASN J 34 141.95 26.60 -55.94
CA ASN J 34 143.17 26.73 -55.15
C ASN J 34 144.39 26.96 -56.03
N THR J 35 144.46 26.25 -57.16
CA THR J 35 145.58 26.44 -58.08
C THR J 35 145.54 27.83 -58.71
N ALA J 36 144.34 28.35 -58.97
CA ALA J 36 144.20 29.69 -59.53
C ALA J 36 144.75 30.74 -58.57
N GLN J 37 144.48 30.58 -57.27
CA GLN J 37 144.97 31.53 -56.29
C GLN J 37 146.49 31.47 -56.17
N LEU J 38 147.07 30.28 -56.33
CA LEU J 38 148.51 30.14 -56.26
C LEU J 38 149.18 30.90 -57.40
N ILE J 39 148.61 30.82 -58.60
CA ILE J 39 149.16 31.56 -59.73
C ILE J 39 149.04 33.06 -59.48
N LYS J 40 147.93 33.49 -58.87
CA LYS J 40 147.72 34.92 -58.64
C LYS J 40 148.73 35.50 -57.67
N THR J 41 149.35 34.66 -56.84
CA THR J 41 150.30 35.17 -55.86
C THR J 41 151.54 35.75 -56.54
N TYR J 42 151.83 35.33 -57.77
CA TYR J 42 152.97 35.87 -58.50
C TYR J 42 152.58 36.64 -59.75
N SER J 43 151.34 36.57 -60.19
CA SER J 43 150.88 37.32 -61.36
C SER J 43 150.08 38.56 -60.96
N ASN J 44 149.00 38.38 -60.20
CA ASN J 44 148.12 39.48 -59.81
C ASN J 44 147.85 39.40 -58.31
N PRO J 45 148.83 39.72 -57.48
CA PRO J 45 148.63 39.61 -56.03
C PRO J 45 147.62 40.62 -55.48
N LYS J 46 147.81 41.90 -55.80
CA LYS J 46 146.97 42.96 -55.26
C LYS J 46 145.68 43.11 -56.07
N GLN J 47 144.90 42.04 -56.08
CA GLN J 47 143.64 42.01 -56.80
C GLN J 47 142.50 42.05 -55.79
N ARG J 48 141.58 42.99 -55.98
CA ARG J 48 140.46 43.19 -55.07
C ARG J 48 139.29 42.32 -55.51
N GLY J 49 138.79 41.51 -54.59
CA GLY J 49 137.73 40.57 -54.89
C GLY J 49 136.33 41.12 -54.84
N ASP J 50 136.16 42.42 -54.62
CA ASP J 50 134.83 43.01 -54.58
C ASP J 50 134.23 42.99 -55.98
N LYS J 51 133.01 42.47 -56.09
CA LYS J 51 132.30 42.41 -57.36
C LYS J 51 131.13 43.38 -57.43
N GLY J 52 130.99 44.26 -56.44
CA GLY J 52 129.88 45.20 -56.41
C GLY J 52 128.69 44.66 -55.66
N GLU J 53 127.67 45.51 -55.55
CA GLU J 53 126.45 45.16 -54.84
C GLU J 53 125.54 44.36 -55.75
N ILE J 54 125.04 43.23 -55.25
CA ILE J 54 124.18 42.37 -56.04
C ILE J 54 122.85 43.08 -56.29
N ILE J 55 122.44 43.10 -57.55
CA ILE J 55 121.15 43.67 -57.94
C ILE J 55 120.10 42.57 -58.06
N TYR J 56 120.42 41.49 -58.76
CA TYR J 56 119.51 40.36 -58.90
C TYR J 56 120.30 39.07 -58.85
N ASP J 57 119.95 38.18 -57.92
CA ASP J 57 120.55 36.85 -57.82
C ASP J 57 119.44 35.86 -57.49
N GLY J 58 118.82 35.30 -58.53
CA GLY J 58 117.78 34.32 -58.31
C GLY J 58 116.62 34.87 -57.52
N GLY J 59 116.06 34.03 -56.66
CA GLY J 59 114.95 34.37 -55.80
C GLY J 59 113.88 33.31 -55.84
N LEU J 60 112.75 33.62 -55.23
CA LEU J 60 111.60 32.70 -55.26
C LEU J 60 111.00 32.67 -56.65
N SER J 61 110.89 31.48 -57.22
CA SER J 61 110.39 31.29 -58.57
C SER J 61 109.02 30.64 -58.52
N SER J 62 108.06 31.24 -59.21
CA SER J 62 106.71 30.68 -59.30
C SER J 62 106.67 29.60 -60.36
N LYS J 63 106.06 28.47 -60.02
CA LYS J 63 106.00 27.33 -60.93
C LYS J 63 104.60 27.23 -61.53
N LEU J 64 104.54 26.80 -62.79
CA LEU J 64 103.26 26.79 -63.51
C LEU J 64 102.29 25.78 -62.92
N ALA J 65 102.74 24.55 -62.71
CA ALA J 65 101.83 23.49 -62.27
C ALA J 65 102.58 22.49 -61.41
N ASP J 66 101.87 21.91 -60.46
CA ASP J 66 102.41 20.84 -59.63
C ASP J 66 101.71 19.53 -59.99
N VAL J 67 102.49 18.45 -60.05
CA VAL J 67 102.00 17.16 -60.49
C VAL J 67 101.92 16.23 -59.28
N VAL J 68 100.79 15.56 -59.12
CA VAL J 68 100.57 14.67 -57.99
C VAL J 68 101.07 13.29 -58.38
N ASP J 69 102.16 12.84 -57.75
CA ASP J 69 102.75 11.56 -58.10
C ASP J 69 101.80 10.41 -57.79
N LYS J 70 101.13 10.45 -56.65
CA LYS J 70 100.26 9.35 -56.25
C LYS J 70 98.99 9.35 -57.07
N THR J 71 98.50 8.15 -57.38
CA THR J 71 97.21 8.01 -58.06
C THR J 71 96.11 8.58 -57.18
N THR J 72 95.25 9.40 -57.79
CA THR J 72 94.21 10.11 -57.07
C THR J 72 92.84 9.53 -57.39
N GLU J 73 92.04 9.33 -56.35
CA GLU J 73 90.67 8.89 -56.54
C GLU J 73 89.87 9.97 -57.29
N PRO J 74 88.87 9.57 -58.06
CA PRO J 74 88.07 10.56 -58.80
C PRO J 74 87.46 11.59 -57.86
N HIS J 75 87.50 12.85 -58.28
CA HIS J 75 86.99 13.95 -57.48
C HIS J 75 86.45 15.03 -58.40
N ASN J 76 85.51 15.80 -57.88
CA ASN J 76 85.00 16.95 -58.60
C ASN J 76 85.89 18.16 -58.35
N ALA J 77 85.60 19.24 -59.07
CA ALA J 77 86.43 20.44 -59.00
C ALA J 77 86.39 21.02 -57.58
N ASP J 78 87.56 21.35 -57.06
CA ASP J 78 87.68 22.02 -55.77
C ASP J 78 88.87 22.96 -55.85
N GLY J 79 88.70 24.17 -55.30
CA GLY J 79 89.73 25.18 -55.37
C GLY J 79 89.17 26.53 -55.76
N ALA J 80 89.69 27.11 -56.84
CA ALA J 80 89.09 28.34 -57.36
C ALA J 80 87.67 28.08 -57.84
N VAL J 81 87.44 26.92 -58.44
CA VAL J 81 86.12 26.50 -58.87
C VAL J 81 85.70 25.30 -58.04
N LYS J 82 84.56 25.41 -57.36
CA LYS J 82 84.03 24.34 -56.54
C LYS J 82 82.75 23.83 -57.15
N ASP J 83 82.54 22.52 -57.08
CA ASP J 83 81.40 21.86 -57.69
C ASP J 83 80.33 21.64 -56.62
N GLY J 84 79.16 22.23 -56.82
CA GLY J 84 78.06 22.06 -55.90
C GLY J 84 77.30 20.77 -56.03
N ARG J 85 77.64 19.95 -57.02
CA ARG J 85 76.98 18.68 -57.23
C ARG J 85 77.54 17.62 -56.28
N ILE J 86 76.83 16.49 -56.20
CA ILE J 86 77.24 15.40 -55.33
C ILE J 86 78.57 14.84 -55.81
N ALA J 87 79.42 14.47 -54.86
CA ALA J 87 80.69 13.84 -55.19
C ALA J 87 80.44 12.53 -55.93
N PRO J 88 81.36 12.12 -56.81
CA PRO J 88 81.12 10.94 -57.64
C PRO J 88 80.82 9.70 -56.80
N VAL J 89 79.79 8.97 -57.21
CA VAL J 89 79.33 7.81 -56.45
C VAL J 89 80.22 6.62 -56.78
N LYS J 90 80.70 5.94 -55.75
CA LYS J 90 81.54 4.76 -55.90
C LYS J 90 80.67 3.52 -55.85
N LEU J 91 80.69 2.73 -56.92
CA LEU J 91 79.88 1.54 -57.05
C LEU J 91 80.77 0.31 -57.11
N ASP J 92 80.32 -0.75 -56.46
CA ASP J 92 81.06 -2.01 -56.40
C ASP J 92 80.41 -2.89 -57.46
N LEU J 93 80.93 -2.84 -58.68
CA LEU J 93 80.40 -3.60 -59.80
C LEU J 93 81.46 -4.56 -60.31
N GLU J 94 81.01 -5.50 -61.14
CA GLU J 94 81.87 -6.52 -61.75
C GLU J 94 82.61 -7.34 -60.68
N LYS J 95 81.82 -8.10 -59.92
CA LYS J 95 82.36 -9.03 -58.95
C LYS J 95 82.62 -10.37 -59.63
N GLN J 96 83.85 -10.86 -59.53
CA GLN J 96 84.22 -12.10 -60.20
C GLN J 96 83.49 -13.30 -59.62
N LYS J 97 83.17 -13.26 -58.34
CA LYS J 97 82.48 -14.35 -57.66
C LYS J 97 81.13 -13.86 -57.15
N LEU J 98 80.17 -14.78 -57.11
CA LEU J 98 78.84 -14.45 -56.63
C LEU J 98 78.88 -14.05 -55.17
N ASP J 99 78.19 -12.96 -54.83
CA ASP J 99 78.10 -12.50 -53.45
C ASP J 99 76.76 -11.82 -53.28
N LYS J 100 76.09 -12.15 -52.17
CA LYS J 100 74.79 -11.56 -51.83
C LYS J 100 73.76 -11.77 -52.92
N LEU J 101 73.80 -12.93 -53.58
CA LEU J 101 72.84 -13.26 -54.64
C LEU J 101 72.35 -14.67 -54.38
N LYS J 102 71.25 -14.79 -53.63
CA LYS J 102 70.59 -16.06 -53.39
C LYS J 102 69.23 -16.03 -54.06
N LEU J 103 68.94 -17.07 -54.86
CA LEU J 103 67.63 -17.14 -55.50
C LEU J 103 66.53 -17.33 -54.48
N PHE J 104 66.74 -18.22 -53.51
CA PHE J 104 65.80 -18.46 -52.42
C PHE J 104 66.55 -18.44 -51.10
N GLU J 105 65.96 -17.79 -50.09
CA GLU J 105 66.54 -17.87 -48.76
C GLU J 105 66.43 -19.28 -48.20
N THR J 106 65.34 -19.97 -48.51
CA THR J 106 65.19 -21.40 -48.22
C THR J 106 64.76 -22.07 -49.52
N SER J 107 65.51 -23.09 -49.94
CA SER J 107 65.25 -23.72 -51.21
C SER J 107 63.91 -24.46 -51.17
N PRO J 108 63.23 -24.58 -52.31
CA PRO J 108 61.96 -25.33 -52.32
C PRO J 108 62.14 -26.78 -51.91
N PHE J 109 63.26 -27.39 -52.25
CA PHE J 109 63.56 -28.76 -51.85
C PHE J 109 65.02 -29.03 -52.19
N ASP J 110 65.60 -30.01 -51.49
CA ASP J 110 66.95 -30.44 -51.81
C ASP J 110 66.86 -31.51 -52.89
N PRO J 111 67.34 -31.26 -54.11
CA PRO J 111 67.14 -32.22 -55.19
C PRO J 111 67.75 -33.59 -54.92
N LEU J 112 68.88 -33.63 -54.21
CA LEU J 112 69.55 -34.90 -53.99
C LEU J 112 68.80 -35.80 -53.01
N THR J 113 67.97 -35.22 -52.15
CA THR J 113 67.27 -36.01 -51.14
C THR J 113 66.11 -36.79 -51.72
N ILE J 114 65.42 -36.24 -52.73
CA ILE J 114 64.20 -36.87 -53.24
C ILE J 114 64.53 -38.17 -53.97
N LYS J 115 63.52 -39.01 -54.12
CA LYS J 115 63.64 -40.26 -54.85
C LYS J 115 62.53 -40.52 -55.84
N ASN J 116 61.36 -39.91 -55.71
CA ASN J 116 60.28 -40.03 -56.67
C ASN J 116 59.39 -38.81 -56.55
N ASN J 117 58.26 -38.84 -57.26
CA ASN J 117 57.37 -37.67 -57.28
C ASN J 117 56.74 -37.42 -55.92
N GLN J 118 56.48 -38.49 -55.16
CA GLN J 118 55.81 -38.32 -53.87
C GLN J 118 56.65 -37.50 -52.91
N ASP J 119 57.97 -37.71 -52.90
CA ASP J 119 58.84 -36.95 -52.03
C ASP J 119 58.86 -35.47 -52.41
N VAL J 120 58.74 -35.17 -53.70
CA VAL J 120 58.69 -33.77 -54.12
C VAL J 120 57.45 -33.10 -53.53
N VAL J 121 56.30 -33.75 -53.65
CA VAL J 121 55.07 -33.20 -53.09
C VAL J 121 55.17 -33.13 -51.57
N ASP J 122 55.69 -34.17 -50.94
CA ASP J 122 55.82 -34.17 -49.49
C ASP J 122 56.77 -33.08 -49.01
N LYS J 123 57.89 -32.89 -49.71
CA LYS J 123 58.84 -31.86 -49.30
C LYS J 123 58.30 -30.47 -49.59
N LEU J 124 57.55 -30.31 -50.69
CA LEU J 124 56.99 -29.00 -51.00
C LEU J 124 55.99 -28.57 -49.94
N TYR J 125 55.16 -29.51 -49.45
CA TYR J 125 54.21 -29.19 -48.40
C TYR J 125 54.92 -28.80 -47.12
N ALA J 126 56.01 -29.49 -46.79
CA ALA J 126 56.71 -29.25 -45.52
C ALA J 126 57.30 -27.84 -45.48
N THR J 127 57.87 -27.38 -46.58
CA THR J 127 58.56 -26.10 -46.64
C THR J 127 57.71 -25.00 -47.25
N GLN J 128 56.42 -25.23 -47.48
CA GLN J 128 55.59 -24.21 -48.10
C GLN J 128 55.40 -22.99 -47.21
N SER J 129 55.67 -23.11 -45.91
CA SER J 129 55.42 -22.00 -44.99
C SER J 129 56.33 -20.81 -45.29
N SER J 130 57.60 -21.07 -45.59
CA SER J 130 58.56 -19.99 -45.83
C SER J 130 58.17 -19.17 -47.05
N SER J 131 57.73 -19.83 -48.11
CA SER J 131 57.37 -19.14 -49.33
C SER J 131 56.08 -18.35 -49.15
N ILE J 132 55.88 -17.36 -50.02
CA ILE J 132 54.66 -16.57 -50.01
C ILE J 132 53.53 -17.43 -50.56
N GLN J 133 52.52 -17.68 -49.73
CA GLN J 133 51.43 -18.56 -50.08
C GLN J 133 50.24 -17.75 -50.56
N GLU J 134 49.66 -18.16 -51.70
CA GLU J 134 48.44 -17.52 -52.17
C GLU J 134 47.30 -17.75 -51.19
N VAL J 135 47.17 -18.97 -50.68
CA VAL J 135 46.19 -19.31 -49.66
C VAL J 135 46.93 -20.00 -48.52
N VAL J 136 46.88 -19.42 -47.33
CA VAL J 136 47.53 -20.03 -46.17
C VAL J 136 46.75 -21.28 -45.77
N PRO J 137 47.40 -22.43 -45.60
CA PRO J 137 46.66 -23.64 -45.26
C PRO J 137 46.10 -23.58 -43.86
N THR J 138 45.02 -24.33 -43.65
CA THR J 138 44.35 -24.45 -42.36
C THR J 138 43.55 -25.74 -42.38
N LYS J 139 42.63 -25.87 -41.42
CA LYS J 139 41.76 -27.05 -41.38
C LYS J 139 40.95 -27.14 -42.66
N THR J 140 40.89 -28.34 -43.22
CA THR J 140 40.22 -28.55 -44.50
C THR J 140 38.76 -28.91 -44.29
N PHE J 141 37.97 -28.70 -45.34
CA PHE J 141 36.52 -28.92 -45.31
C PHE J 141 36.13 -29.86 -46.43
N ALA J 142 35.28 -30.84 -46.10
CA ALA J 142 34.87 -31.86 -47.04
C ALA J 142 33.37 -31.77 -47.31
N THR J 143 32.98 -32.15 -48.53
CA THR J 143 31.59 -32.11 -48.93
C THR J 143 31.05 -33.45 -49.45
N GLU J 144 31.91 -34.37 -49.84
CA GLU J 144 31.51 -35.70 -50.28
C GLU J 144 32.36 -36.73 -49.58
N LEU J 145 31.73 -37.80 -49.07
CA LEU J 145 32.45 -38.86 -48.38
C LEU J 145 31.62 -40.11 -48.41
N GLN J 146 32.14 -41.17 -49.02
CA GLN J 146 31.45 -42.46 -49.11
C GLN J 146 32.39 -43.57 -48.69
N PHE J 147 31.85 -44.52 -47.93
CA PHE J 147 32.59 -45.68 -47.49
C PHE J 147 31.98 -46.93 -48.13
N GLY J 148 32.81 -47.70 -48.81
CA GLY J 148 32.34 -48.92 -49.45
C GLY J 148 32.43 -50.12 -48.54
N VAL J 149 31.67 -51.16 -48.88
CA VAL J 149 31.67 -52.38 -48.09
C VAL J 149 33.03 -53.06 -48.19
N THR J 150 33.50 -53.61 -47.08
CA THR J 150 34.83 -54.17 -46.97
C THR J 150 34.78 -55.69 -46.90
N SER J 151 35.95 -56.31 -46.81
CA SER J 151 36.02 -57.77 -46.74
C SER J 151 35.53 -58.29 -45.40
N GLU J 152 35.71 -57.51 -44.33
CA GLU J 152 35.22 -57.94 -43.02
C GLU J 152 33.71 -58.07 -43.01
N ASP J 153 33.01 -57.12 -43.65
CA ASP J 153 31.56 -57.24 -43.75
C ASP J 153 31.16 -58.44 -44.59
N MET J 154 31.87 -58.69 -45.69
CA MET J 154 31.56 -59.83 -46.54
C MET J 154 31.80 -61.14 -45.79
N ALA J 155 32.86 -61.20 -44.98
CA ALA J 155 33.11 -62.41 -44.20
C ALA J 155 32.00 -62.67 -43.21
N LYS J 156 31.48 -61.62 -42.56
CA LYS J 156 30.38 -61.79 -41.63
C LYS J 156 29.11 -62.21 -42.34
N ILE J 157 28.81 -61.61 -43.50
CA ILE J 157 27.58 -61.91 -44.21
C ILE J 157 27.58 -63.36 -44.69
N TYR J 158 28.71 -63.82 -45.24
CA TYR J 158 28.77 -65.19 -45.73
C TYR J 158 28.69 -66.19 -44.58
N GLY J 159 29.29 -65.86 -43.44
CA GLY J 159 29.19 -66.74 -42.29
C GLY J 159 27.76 -66.85 -41.78
N ALA J 160 27.03 -65.73 -41.77
CA ALA J 160 25.63 -65.76 -41.35
C ALA J 160 24.80 -66.63 -42.29
N VAL J 161 25.03 -66.52 -43.60
CA VAL J 161 24.31 -67.36 -44.55
C VAL J 161 24.68 -68.82 -44.36
N ALA J 162 25.96 -69.10 -44.11
CA ALA J 162 26.38 -70.48 -43.91
C ALA J 162 25.76 -71.08 -42.66
N ALA J 163 25.51 -70.24 -41.64
CA ALA J 163 24.88 -70.73 -40.42
C ALA J 163 23.45 -71.19 -40.69
N VAL J 164 22.71 -70.45 -41.51
CA VAL J 164 21.34 -70.84 -41.85
C VAL J 164 21.33 -72.17 -42.60
N SER J 165 22.26 -72.31 -43.56
CA SER J 165 22.27 -73.52 -44.39
C SER J 165 22.54 -74.76 -43.55
N LYS J 166 23.46 -74.65 -42.58
CA LYS J 166 23.81 -75.80 -41.74
C LYS J 166 22.65 -76.23 -40.84
N ASN J 167 21.70 -75.35 -40.58
CA ASN J 167 20.62 -75.65 -39.64
C ASN J 167 19.45 -76.33 -40.37
N VAL J 168 19.72 -77.55 -40.83
CA VAL J 168 18.70 -78.43 -41.39
C VAL J 168 18.87 -79.81 -40.77
N ASN J 169 17.77 -80.56 -40.74
CA ASN J 169 17.76 -81.86 -40.10
C ASN J 169 18.20 -82.96 -41.07
N SER J 170 18.81 -84.00 -40.51
CA SER J 170 19.24 -85.15 -41.29
C SER J 170 18.27 -86.33 -41.15
N SER J 171 18.04 -86.80 -39.93
CA SER J 171 17.18 -87.95 -39.69
C SER J 171 16.78 -87.96 -38.22
N VAL J 172 16.04 -89.00 -37.84
CA VAL J 172 15.62 -89.23 -36.46
C VAL J 172 15.91 -90.68 -36.11
N THR J 173 16.13 -90.94 -34.83
CA THR J 173 16.35 -92.29 -34.34
C THR J 173 15.58 -92.50 -33.05
N TYR J 174 14.91 -93.64 -32.95
CA TYR J 174 14.11 -93.97 -31.78
C TYR J 174 14.04 -95.48 -31.66
N GLU J 175 13.66 -95.95 -30.48
CA GLU J 175 13.62 -97.37 -30.18
C GLU J 175 12.18 -97.85 -30.15
N VAL J 176 11.93 -98.97 -30.82
CA VAL J 176 10.59 -99.56 -30.87
C VAL J 176 10.48 -100.56 -29.73
N LYS J 177 9.76 -100.18 -28.68
CA LYS J 177 9.63 -100.98 -27.48
C LYS J 177 8.20 -101.22 -27.01
N ARG J 178 7.25 -100.39 -27.41
CA ARG J 178 5.88 -100.56 -26.92
C ARG J 178 5.30 -101.87 -27.41
N GLY J 179 4.47 -102.48 -26.56
CA GLY J 179 3.86 -103.76 -26.90
C GLY J 179 4.72 -104.97 -26.61
N THR J 180 5.86 -104.79 -25.95
CA THR J 180 6.76 -105.89 -25.64
C THR J 180 6.85 -106.04 -24.12
N HIS J 181 6.74 -107.29 -23.66
CA HIS J 181 6.86 -107.61 -22.25
C HIS J 181 7.91 -108.71 -22.09
N GLU J 182 8.10 -109.14 -20.85
CA GLU J 182 9.03 -110.20 -20.52
C GLU J 182 8.30 -111.53 -20.35
N LEU J 183 9.06 -112.61 -20.49
CA LEU J 183 8.54 -113.96 -20.36
C LEU J 183 9.15 -114.60 -19.11
N ILE J 184 8.33 -114.86 -18.11
CA ILE J 184 8.79 -115.56 -16.92
C ILE J 184 8.75 -117.05 -17.22
N LYS J 185 9.44 -117.85 -16.40
CA LYS J 185 9.54 -119.28 -16.59
C LYS J 185 9.02 -119.99 -15.35
N VAL J 186 8.09 -120.91 -15.53
CA VAL J 186 7.50 -121.70 -14.46
C VAL J 186 8.09 -123.10 -14.52
N PRO J 187 8.82 -123.54 -13.50
CA PRO J 187 9.48 -124.85 -13.57
C PRO J 187 8.56 -126.02 -13.27
N THR J 188 7.59 -125.82 -12.38
CA THR J 188 6.79 -126.91 -11.84
C THR J 188 5.39 -126.89 -12.45
N ILE J 189 4.97 -128.04 -12.96
CA ILE J 189 3.60 -128.17 -13.45
C ILE J 189 2.64 -128.24 -12.26
N PRO J 190 1.61 -127.41 -12.21
CA PRO J 190 0.73 -127.38 -11.03
C PRO J 190 -0.35 -128.45 -11.05
N HIS J 191 0.09 -129.71 -10.98
CA HIS J 191 -0.86 -130.80 -10.74
C HIS J 191 -1.42 -130.69 -9.33
N ASN J 192 -2.69 -131.05 -9.18
CA ASN J 192 -3.38 -130.92 -7.90
C ASN J 192 -3.93 -132.24 -7.39
N LEU J 193 -3.41 -133.35 -7.89
CA LEU J 193 -3.91 -134.66 -7.49
C LEU J 193 -3.39 -135.04 -6.11
N VAL J 194 -4.28 -135.62 -5.31
CA VAL J 194 -3.92 -136.19 -4.01
C VAL J 194 -4.57 -137.56 -3.90
N LEU J 195 -3.79 -138.54 -3.45
CA LEU J 195 -4.27 -139.92 -3.35
C LEU J 195 -4.59 -140.26 -1.91
N ILE J 196 -5.78 -140.83 -1.69
CA ILE J 196 -6.26 -141.19 -0.36
C ILE J 196 -6.46 -142.70 -0.32
N GLN J 197 -5.92 -143.33 0.71
CA GLN J 197 -6.00 -144.79 0.87
C GLN J 197 -6.39 -145.11 2.31
N SER J 198 -7.24 -146.13 2.46
CA SER J 198 -7.67 -146.56 3.77
C SER J 198 -6.53 -147.26 4.52
N ASP J 199 -6.70 -147.37 5.84
CA ASP J 199 -5.68 -148.04 6.64
C ASP J 199 -5.59 -149.51 6.30
N ASN J 200 -6.73 -150.18 6.09
CA ASN J 200 -6.72 -151.57 5.66
C ASN J 200 -6.10 -151.72 4.28
N GLY J 201 -6.11 -150.67 3.47
CA GLY J 201 -5.62 -150.74 2.11
C GLY J 201 -6.60 -151.29 1.11
N LYS J 202 -7.81 -151.67 1.54
CA LYS J 202 -8.77 -152.27 0.62
C LYS J 202 -9.42 -151.23 -0.29
N HIS J 203 -9.28 -149.95 0.02
CA HIS J 203 -9.86 -148.89 -0.82
C HIS J 203 -8.86 -147.77 -0.98
N ALA J 204 -8.67 -147.33 -2.22
CA ALA J 204 -7.84 -146.17 -2.52
C ALA J 204 -8.51 -145.37 -3.63
N LEU J 205 -8.28 -144.06 -3.62
CA LEU J 205 -8.89 -143.19 -4.62
C LEU J 205 -7.99 -141.98 -4.85
N ILE J 206 -8.20 -141.32 -5.99
CA ILE J 206 -7.43 -140.15 -6.38
C ILE J 206 -8.38 -138.97 -6.46
N LYS J 207 -8.01 -137.86 -5.82
CA LYS J 207 -8.86 -136.68 -5.75
C LYS J 207 -8.12 -135.48 -6.31
N GLU J 208 -8.81 -134.68 -7.12
CA GLU J 208 -8.28 -133.42 -7.61
C GLU J 208 -8.80 -132.31 -6.72
N ASP J 209 -7.89 -131.58 -6.07
CA ASP J 209 -8.25 -130.57 -5.08
C ASP J 209 -7.85 -129.20 -5.62
N LEU J 210 -8.86 -128.41 -6.00
CA LEU J 210 -8.66 -127.03 -6.43
C LEU J 210 -9.07 -126.03 -5.38
N GLY J 211 -9.32 -126.48 -4.14
CA GLY J 211 -9.78 -125.61 -3.09
C GLY J 211 -11.28 -125.41 -3.11
N GLN J 212 -11.77 -124.77 -2.05
CA GLN J 212 -13.19 -124.52 -1.88
C GLN J 212 -13.49 -123.06 -2.21
N TRP J 213 -14.50 -122.83 -3.05
CA TRP J 213 -14.91 -121.49 -3.47
C TRP J 213 -16.41 -121.36 -3.26
N PRO J 214 -16.84 -120.96 -2.06
CA PRO J 214 -18.27 -120.83 -1.80
C PRO J 214 -18.89 -119.71 -2.63
N VAL J 215 -20.18 -119.90 -2.97
CA VAL J 215 -20.92 -118.95 -3.78
C VAL J 215 -22.20 -118.58 -3.04
N GLU J 216 -22.74 -117.42 -3.40
CA GLU J 216 -23.97 -116.91 -2.81
C GLU J 216 -25.10 -116.94 -3.84
N THR J 217 -26.30 -117.28 -3.39
CA THR J 217 -27.41 -117.45 -4.32
C THR J 217 -27.93 -116.11 -4.82
N GLY J 218 -28.05 -115.13 -3.94
CA GLY J 218 -28.59 -113.84 -4.36
C GLY J 218 -27.69 -113.12 -5.34
N ILE J 219 -26.38 -113.14 -5.09
CA ILE J 219 -25.44 -112.45 -5.97
C ILE J 219 -25.29 -113.22 -7.27
N SER J 220 -25.07 -112.49 -8.36
CA SER J 220 -24.96 -113.12 -9.67
C SER J 220 -23.75 -114.04 -9.75
N LEU J 221 -23.92 -115.16 -10.44
CA LEU J 221 -22.84 -116.12 -10.57
C LEU J 221 -21.71 -115.61 -11.46
N VAL J 222 -22.03 -114.77 -12.44
CA VAL J 222 -21.02 -114.27 -13.36
C VAL J 222 -19.99 -113.43 -12.61
N ASN J 223 -20.45 -112.56 -11.71
CA ASN J 223 -19.52 -111.74 -10.94
C ASN J 223 -18.63 -112.60 -10.04
N GLN J 224 -19.23 -113.58 -9.36
CA GLN J 224 -18.45 -114.44 -8.50
C GLN J 224 -17.50 -115.33 -9.31
N ALA J 225 -17.96 -115.81 -10.47
CA ALA J 225 -17.09 -116.63 -11.31
C ALA J 225 -15.89 -115.85 -11.79
N GLY J 226 -16.11 -114.60 -12.22
CA GLY J 226 -14.99 -113.77 -12.66
C GLY J 226 -14.05 -113.41 -11.54
N VAL J 227 -14.60 -113.07 -10.36
CA VAL J 227 -13.76 -112.70 -9.22
C VAL J 227 -12.94 -113.90 -8.77
N PHE J 228 -13.56 -115.07 -8.70
CA PHE J 228 -12.83 -116.28 -8.33
C PHE J 228 -11.84 -116.70 -9.41
N ALA J 229 -12.09 -116.28 -10.66
CA ALA J 229 -11.18 -116.63 -11.74
C ALA J 229 -9.83 -115.96 -11.58
N VAL J 230 -9.82 -114.70 -11.15
CA VAL J 230 -8.56 -113.98 -10.99
C VAL J 230 -7.71 -114.65 -9.92
N GLN J 231 -8.33 -115.04 -8.80
CA GLN J 231 -7.58 -115.70 -7.74
C GLN J 231 -7.03 -117.04 -8.19
N LEU J 232 -7.80 -117.80 -8.98
CA LEU J 232 -7.35 -119.10 -9.42
C LEU J 232 -6.14 -118.98 -10.34
N ALA J 233 -6.15 -118.00 -11.24
CA ALA J 233 -5.00 -117.80 -12.13
C ALA J 233 -3.76 -117.40 -11.35
N ASN J 234 -3.94 -116.60 -10.30
CA ASN J 234 -2.79 -116.21 -9.48
C ASN J 234 -2.22 -117.41 -8.73
N LYS J 235 -3.08 -118.35 -8.34
CA LYS J 235 -2.60 -119.56 -7.67
C LYS J 235 -1.71 -120.38 -8.60
N LEU J 236 -2.12 -120.52 -9.86
CA LEU J 236 -1.38 -121.32 -10.82
C LEU J 236 -0.27 -120.55 -11.53
N GLY J 237 -0.20 -119.24 -11.35
CA GLY J 237 0.84 -118.46 -11.99
C GLY J 237 0.75 -118.43 -13.50
N ILE J 238 -0.45 -118.23 -14.04
CA ILE J 238 -0.66 -118.21 -15.49
C ILE J 238 -1.28 -116.88 -15.93
N ASP J 239 -1.23 -115.87 -15.07
CA ASP J 239 -1.83 -114.57 -15.38
C ASP J 239 -0.82 -113.59 -15.96
N LYS J 240 0.42 -113.98 -16.16
CA LYS J 240 1.46 -113.17 -16.76
C LYS J 240 2.11 -113.97 -17.88
N PRO J 241 2.71 -113.29 -18.86
CA PRO J 241 3.36 -114.01 -19.97
C PRO J 241 4.39 -115.01 -19.47
N PHE J 242 4.11 -116.29 -19.66
CA PHE J 242 4.93 -117.35 -19.11
C PHE J 242 5.18 -118.43 -20.15
N VAL J 243 6.36 -119.05 -20.06
CA VAL J 243 6.74 -120.18 -20.91
C VAL J 243 7.19 -121.30 -19.98
N LEU J 244 6.55 -122.46 -20.10
CA LEU J 244 6.87 -123.58 -19.23
C LEU J 244 8.28 -124.09 -19.51
N ASP J 245 8.99 -124.45 -18.44
CA ASP J 245 10.32 -125.07 -18.54
C ASP J 245 10.39 -126.19 -17.50
N ALA J 246 10.00 -127.40 -17.93
CA ALA J 246 9.97 -128.55 -17.03
C ALA J 246 10.70 -129.75 -17.60
N GLY J 247 11.51 -129.56 -18.64
CA GLY J 247 12.25 -130.69 -19.20
C GLY J 247 13.39 -131.16 -18.33
N SER J 248 13.88 -130.29 -17.43
CA SER J 248 14.98 -130.68 -16.55
C SER J 248 14.54 -131.60 -15.43
N ASN J 249 13.25 -131.63 -15.11
CA ASN J 249 12.74 -132.44 -14.00
C ASN J 249 12.60 -133.89 -14.47
N TYR J 250 13.66 -134.68 -14.24
CA TYR J 250 13.60 -136.10 -14.53
C TYR J 250 14.69 -136.81 -13.75
N PHE J 251 14.57 -138.13 -13.67
CA PHE J 251 15.61 -138.98 -13.11
C PHE J 251 15.80 -140.18 -14.04
N THR J 252 17.05 -140.63 -14.15
CA THR J 252 17.39 -141.69 -15.08
C THR J 252 18.01 -142.87 -14.32
N ASP J 253 17.82 -144.06 -14.87
CA ASP J 253 18.36 -145.27 -14.27
C ASP J 253 19.88 -145.26 -14.36
N THR J 254 20.52 -145.85 -13.35
CA THR J 254 21.99 -145.85 -13.28
C THR J 254 22.62 -146.68 -14.39
N SER J 255 21.86 -147.53 -15.07
CA SER J 255 22.42 -148.36 -16.12
C SER J 255 22.90 -147.50 -17.28
N PHE J 256 24.01 -147.93 -17.90
CA PHE J 256 24.57 -147.19 -19.02
C PHE J 256 23.63 -147.18 -20.22
N ILE J 257 23.02 -148.32 -20.54
CA ILE J 257 22.28 -148.45 -21.79
C ILE J 257 21.00 -147.62 -21.75
N ASP J 258 20.28 -147.63 -20.63
CA ASP J 258 18.99 -146.97 -20.56
C ASP J 258 19.17 -145.45 -20.56
N THR J 259 18.47 -144.77 -21.46
CA THR J 259 18.52 -143.32 -21.56
C THR J 259 17.14 -142.68 -21.41
N ARG J 260 16.18 -143.40 -20.84
CA ARG J 260 14.84 -142.84 -20.67
C ARG J 260 14.83 -141.81 -19.55
N LYS J 261 13.91 -140.87 -19.65
CA LYS J 261 13.70 -139.84 -18.64
C LYS J 261 12.36 -140.09 -17.96
N TYR J 262 12.39 -140.20 -16.64
CA TYR J 262 11.19 -140.41 -15.84
C TYR J 262 10.87 -139.11 -15.12
N CYS J 263 9.79 -138.44 -15.55
CA CYS J 263 9.46 -137.14 -15.00
C CYS J 263 9.01 -137.25 -13.56
N THR J 264 9.35 -136.23 -12.77
CA THR J 264 9.03 -136.22 -11.35
C THR J 264 7.71 -135.51 -11.04
N ASP J 265 7.30 -134.57 -11.90
CA ASP J 265 6.05 -133.86 -11.67
C ASP J 265 4.86 -134.80 -11.82
N GLY J 266 3.76 -134.44 -11.16
CA GLY J 266 2.58 -135.26 -11.17
C GLY J 266 2.66 -136.37 -10.13
N LEU J 267 1.54 -137.08 -9.98
CA LEU J 267 1.49 -138.19 -9.05
C LEU J 267 2.42 -139.30 -9.51
N SER J 268 3.27 -139.77 -8.59
CA SER J 268 4.28 -140.75 -8.96
C SER J 268 3.64 -142.10 -9.25
N PRO J 269 4.12 -142.81 -10.26
CA PRO J 269 3.64 -144.18 -10.50
C PRO J 269 3.89 -145.12 -9.32
N ARG J 270 4.91 -144.85 -8.50
CA ARG J 270 5.14 -145.67 -7.32
C ARG J 270 3.97 -145.61 -6.35
N GLU J 271 3.40 -144.42 -6.17
CA GLU J 271 2.27 -144.27 -5.26
C GLU J 271 1.07 -145.07 -5.75
N ILE J 272 0.80 -145.02 -7.06
CA ILE J 272 -0.29 -145.80 -7.62
C ILE J 272 0.02 -147.29 -7.52
N GLN J 273 1.28 -147.67 -7.74
CA GLN J 273 1.67 -149.07 -7.63
C GLN J 273 1.49 -149.58 -6.20
N LYS J 274 1.92 -148.80 -5.21
CA LYS J 274 1.77 -149.23 -3.83
C LYS J 274 0.30 -149.34 -3.45
N ALA J 275 -0.53 -148.40 -3.90
CA ALA J 275 -1.95 -148.46 -3.60
C ALA J 275 -2.58 -149.70 -4.22
N LEU J 276 -2.22 -150.00 -5.47
CA LEU J 276 -2.73 -151.21 -6.11
C LEU J 276 -2.21 -152.46 -5.43
N ASN J 277 -0.94 -152.43 -5.00
CA ASN J 277 -0.34 -153.59 -4.35
C ASN J 277 -1.01 -153.88 -3.01
N ARG J 278 -1.29 -152.84 -2.23
CA ARG J 278 -1.93 -153.03 -0.94
C ARG J 278 -3.35 -153.57 -1.09
N GLN J 279 -4.07 -153.09 -2.10
CA GLN J 279 -5.42 -153.59 -2.35
C GLN J 279 -5.40 -155.07 -2.67
N ARG J 280 -4.45 -155.52 -3.49
CA ARG J 280 -4.39 -156.93 -3.85
C ARG J 280 -3.95 -157.80 -2.69
N ALA J 281 -3.12 -157.26 -1.80
CA ALA J 281 -2.68 -158.03 -0.64
C ALA J 281 -3.83 -158.29 0.32
N TYR J 282 -4.73 -157.32 0.47
CA TYR J 282 -5.87 -157.49 1.36
C TYR J 282 -6.78 -158.61 0.89
N TYR J 283 -7.06 -158.66 -0.40
CA TYR J 283 -7.98 -159.65 -0.96
C TYR J 283 -7.27 -160.96 -1.31
N ASP J 284 -5.98 -161.08 -1.01
CA ASP J 284 -5.21 -162.30 -1.24
C ASP J 284 -5.19 -162.69 -2.72
N ARG J 285 -5.02 -161.70 -3.58
CA ARG J 285 -4.88 -161.96 -5.00
C ARG J 285 -3.44 -161.75 -5.43
N PRO J 286 -2.98 -162.41 -6.49
CA PRO J 286 -1.57 -162.32 -6.87
C PRO J 286 -1.15 -160.90 -7.15
N GLU J 287 0.08 -160.58 -6.78
CA GLU J 287 0.60 -159.22 -6.88
C GLU J 287 0.73 -158.82 -8.35
N LEU J 288 1.09 -157.55 -8.58
CA LEU J 288 1.34 -157.10 -9.94
C LEU J 288 2.56 -157.82 -10.51
N THR J 289 2.45 -158.26 -11.75
CA THR J 289 3.50 -159.04 -12.38
C THR J 289 4.61 -158.14 -12.89
N ILE J 290 5.66 -158.77 -13.43
CA ILE J 290 6.81 -158.00 -13.92
C ILE J 290 6.41 -157.17 -15.14
N SER J 291 5.58 -157.73 -16.02
CA SER J 291 5.21 -157.03 -17.24
C SER J 291 4.38 -155.79 -16.94
N GLU J 292 3.37 -155.93 -16.07
CA GLU J 292 2.52 -154.78 -15.76
C GLU J 292 3.22 -153.75 -14.89
N ASN J 293 4.30 -154.16 -14.19
CA ASN J 293 5.07 -153.21 -13.41
C ASN J 293 5.84 -152.24 -14.31
N LYS J 294 6.44 -152.75 -15.38
CA LYS J 294 7.14 -151.87 -16.31
C LYS J 294 6.17 -150.92 -17.00
N THR J 295 5.00 -151.42 -17.39
CA THR J 295 4.02 -150.57 -18.06
C THR J 295 3.54 -149.44 -17.15
N LEU J 296 3.26 -149.76 -15.88
CA LEU J 296 2.77 -148.75 -14.96
C LEU J 296 3.85 -147.75 -14.60
N LEU J 297 5.07 -148.21 -14.34
CA LEU J 297 6.13 -147.34 -13.85
C LEU J 297 6.78 -146.52 -14.96
N SER J 298 6.48 -146.79 -16.22
CA SER J 298 7.03 -146.03 -17.33
C SER J 298 6.02 -145.05 -17.93
N GLN J 299 4.90 -144.82 -17.25
CA GLN J 299 3.90 -143.90 -17.77
C GLN J 299 4.39 -142.47 -17.77
N SER J 300 5.05 -142.06 -16.69
CA SER J 300 5.58 -140.71 -16.59
C SER J 300 6.92 -140.63 -17.30
N ILE J 301 6.96 -139.89 -18.41
CA ILE J 301 8.14 -139.80 -19.26
C ILE J 301 8.22 -138.40 -19.85
N ILE J 302 9.38 -138.07 -20.39
CA ILE J 302 9.60 -136.85 -21.16
C ILE J 302 10.21 -137.24 -22.48
N TYR J 303 9.50 -136.97 -23.58
CA TYR J 303 9.96 -137.42 -24.88
C TYR J 303 10.04 -136.26 -25.85
N PRO J 304 10.97 -136.31 -26.80
CA PRO J 304 11.13 -135.19 -27.73
C PRO J 304 9.95 -135.03 -28.66
N ASP J 305 9.68 -133.79 -29.03
CA ASP J 305 8.65 -133.43 -29.98
C ASP J 305 9.29 -133.25 -31.36
N ALA J 306 8.46 -133.35 -32.40
CA ALA J 306 8.97 -133.23 -33.76
C ALA J 306 9.69 -131.91 -34.01
N ASP J 307 9.23 -130.84 -33.36
CA ASP J 307 9.85 -129.53 -33.52
C ASP J 307 11.00 -129.30 -32.55
N GLY J 308 11.32 -130.27 -31.71
CA GLY J 308 12.40 -130.14 -30.74
C GLY J 308 11.96 -129.78 -29.34
N ASN J 309 10.66 -129.69 -29.08
CA ASN J 309 10.17 -129.35 -27.76
C ASN J 309 10.17 -130.58 -26.85
N ASP J 310 9.92 -130.34 -25.57
CA ASP J 310 9.86 -131.40 -24.57
C ASP J 310 8.42 -131.55 -24.11
N VAL J 311 7.88 -132.76 -24.26
CA VAL J 311 6.52 -133.06 -23.86
C VAL J 311 6.58 -133.99 -22.65
N SER J 312 5.96 -133.57 -21.56
CA SER J 312 6.00 -134.30 -20.30
C SER J 312 4.65 -134.95 -20.04
N ILE J 313 4.65 -136.26 -19.86
CA ILE J 313 3.45 -137.01 -19.54
C ILE J 313 3.44 -137.23 -18.03
N ILE J 314 2.40 -136.70 -17.37
CA ILE J 314 2.25 -136.82 -15.92
C ILE J 314 0.79 -137.11 -15.61
N PHE J 315 0.53 -137.42 -14.34
CA PHE J 315 -0.83 -137.59 -13.83
C PHE J 315 -1.25 -136.30 -13.15
N SER J 316 -2.34 -135.72 -13.61
CA SER J 316 -2.80 -134.42 -13.11
C SER J 316 -4.30 -134.34 -13.23
N GLY J 317 -4.89 -133.37 -12.53
CA GLY J 317 -6.32 -133.19 -12.57
C GLY J 317 -6.79 -132.70 -13.93
N ALA J 318 -8.04 -133.03 -14.25
CA ALA J 318 -8.57 -132.71 -15.58
C ALA J 318 -8.76 -131.20 -15.75
N MET J 319 -9.39 -130.56 -14.78
CA MET J 319 -9.61 -129.11 -14.88
C MET J 319 -8.30 -128.35 -14.77
N SER J 320 -7.40 -128.80 -13.89
CA SER J 320 -6.10 -128.15 -13.77
C SER J 320 -5.29 -128.30 -15.05
N HIS J 321 -5.45 -129.43 -15.75
CA HIS J 321 -4.73 -129.63 -17.00
C HIS J 321 -5.31 -128.77 -18.12
N ALA J 322 -6.64 -128.63 -18.16
CA ALA J 322 -7.26 -127.85 -19.23
C ALA J 322 -6.99 -126.36 -19.05
N ILE J 323 -7.10 -125.87 -17.81
CA ILE J 323 -6.86 -124.45 -17.56
C ILE J 323 -5.41 -124.09 -17.86
N PHE J 324 -4.48 -124.94 -17.41
CA PHE J 324 -3.06 -124.64 -17.61
C PHE J 324 -2.68 -124.70 -19.09
N THR J 325 -3.14 -125.72 -19.80
CA THR J 325 -2.78 -125.86 -21.21
C THR J 325 -3.39 -124.74 -22.04
N TYR J 326 -4.61 -124.31 -21.70
CA TYR J 326 -5.24 -123.21 -22.42
C TYR J 326 -4.44 -121.92 -22.25
N ALA J 327 -3.91 -121.68 -21.04
CA ALA J 327 -3.08 -120.50 -20.83
C ALA J 327 -1.80 -120.56 -21.66
N GLN J 328 -1.19 -121.74 -21.74
CA GLN J 328 0.03 -121.90 -22.53
C GLN J 328 -0.22 -121.55 -23.99
N SER J 329 -1.34 -122.02 -24.53
CA SER J 329 -1.65 -121.75 -25.94
C SER J 329 -1.88 -120.26 -26.17
N GLN J 330 -2.59 -119.60 -25.26
CA GLN J 330 -2.90 -118.18 -25.45
C GLN J 330 -1.65 -117.33 -25.44
N TRP J 331 -0.76 -117.55 -24.48
CA TRP J 331 0.48 -116.78 -24.43
C TRP J 331 1.38 -117.11 -25.62
N ASN J 332 1.39 -118.39 -26.03
CA ASN J 332 2.24 -118.79 -27.14
C ASN J 332 1.81 -118.15 -28.45
N LYS J 333 0.54 -117.74 -28.55
CA LYS J 333 0.06 -117.10 -29.77
C LYS J 333 0.73 -115.75 -30.00
N ASN J 334 1.30 -115.16 -28.95
CA ASN J 334 1.94 -113.86 -29.04
C ASN J 334 3.46 -113.92 -29.01
N ILE J 335 4.04 -115.11 -29.04
CA ILE J 335 5.49 -115.28 -29.13
C ILE J 335 5.84 -115.55 -30.58
N ILE J 336 6.69 -114.71 -31.16
CA ILE J 336 7.05 -114.81 -32.56
C ILE J 336 8.56 -114.70 -32.70
N LYS J 337 9.06 -115.14 -33.85
CA LYS J 337 10.47 -115.04 -34.14
C LYS J 337 10.87 -113.58 -34.35
N LEU J 338 12.18 -113.33 -34.25
CA LEU J 338 12.67 -111.97 -34.42
C LEU J 338 12.40 -111.45 -35.83
N ASP J 339 12.59 -112.30 -36.84
CA ASP J 339 12.37 -111.87 -38.22
C ASP J 339 10.92 -111.48 -38.45
N ASP J 340 9.98 -112.20 -37.84
CA ASP J 340 8.58 -111.83 -37.93
C ASP J 340 8.33 -110.48 -37.27
N TYR J 341 8.97 -110.24 -36.12
CA TYR J 341 8.81 -108.96 -35.43
C TYR J 341 9.34 -107.81 -36.25
N ILE J 342 10.46 -108.01 -36.94
CA ILE J 342 11.09 -106.94 -37.70
C ILE J 342 10.18 -106.49 -38.85
N ARG J 343 9.50 -107.45 -39.48
CA ARG J 343 8.66 -107.12 -40.63
C ARG J 343 7.52 -106.19 -40.23
N GLU J 344 6.90 -106.43 -39.07
CA GLU J 344 5.84 -105.53 -38.60
C GLU J 344 6.38 -104.14 -38.32
N ILE J 345 7.57 -104.05 -37.71
CA ILE J 345 8.16 -102.74 -37.43
C ILE J 345 8.48 -102.00 -38.72
N THR J 346 9.02 -102.72 -39.71
CA THR J 346 9.42 -102.07 -40.96
C THR J 346 8.23 -101.46 -41.67
N LEU J 347 7.07 -102.12 -41.62
CA LEU J 347 5.87 -101.58 -42.26
C LEU J 347 5.44 -100.26 -41.63
N THR J 348 5.50 -100.17 -40.30
CA THR J 348 5.02 -98.97 -39.62
C THR J 348 5.94 -97.78 -39.90
N VAL J 349 7.24 -98.02 -39.94
CA VAL J 349 8.24 -96.95 -40.09
C VAL J 349 8.25 -96.49 -41.55
N PRO J 350 8.64 -95.24 -41.83
CA PRO J 350 8.76 -94.80 -43.22
C PRO J 350 9.68 -95.71 -44.04
N LYS J 351 9.60 -95.53 -45.35
CA LYS J 351 10.25 -96.45 -46.28
C LYS J 351 11.77 -96.44 -46.12
N GLN J 352 12.37 -95.24 -46.00
CA GLN J 352 13.82 -95.16 -45.94
C GLN J 352 14.37 -95.71 -44.63
N TYR J 353 13.66 -95.51 -43.52
CA TYR J 353 14.12 -95.98 -42.22
C TYR J 353 14.00 -97.49 -42.13
N ARG J 354 14.97 -98.11 -41.46
CA ARG J 354 14.92 -99.53 -41.17
C ARG J 354 15.50 -99.79 -39.80
N PRO J 355 15.09 -100.86 -39.14
CA PRO J 355 15.65 -101.18 -37.82
C PRO J 355 17.09 -101.68 -37.91
N ARG J 356 17.81 -101.50 -36.80
CA ARG J 356 19.17 -102.01 -36.67
C ARG J 356 19.15 -103.51 -36.44
N ARG J 357 20.28 -104.15 -36.72
CA ARG J 357 20.38 -105.60 -36.57
C ARG J 357 20.84 -105.98 -35.18
N PHE J 358 20.25 -107.05 -34.64
CA PHE J 358 20.68 -107.62 -33.37
C PHE J 358 21.91 -108.50 -33.61
N LYS J 359 22.33 -109.24 -32.60
CA LYS J 359 23.44 -110.16 -32.79
C LYS J 359 22.98 -111.38 -33.60
N GLU J 360 23.97 -112.10 -34.14
CA GLU J 360 23.65 -113.22 -35.02
C GLU J 360 22.90 -114.33 -34.29
N ILE J 361 23.08 -114.43 -32.97
CA ILE J 361 22.42 -115.51 -32.24
C ILE J 361 20.92 -115.23 -32.12
N GLU J 362 20.52 -113.97 -31.99
CA GLU J 362 19.10 -113.68 -31.88
C GLU J 362 18.38 -113.69 -33.23
N HIS J 363 19.12 -113.69 -34.32
CA HIS J 363 18.47 -113.80 -35.63
C HIS J 363 18.27 -115.25 -36.05
N THR J 364 18.83 -116.20 -35.29
CA THR J 364 18.68 -117.62 -35.57
C THR J 364 17.70 -118.30 -34.63
N HIS J 365 17.79 -118.03 -33.32
CA HIS J 365 16.91 -118.64 -32.34
C HIS J 365 16.14 -117.62 -31.53
N GLY J 366 16.19 -116.34 -31.90
CA GLY J 366 15.56 -115.32 -31.10
C GLY J 366 14.05 -115.37 -31.15
N TYR J 367 13.44 -114.93 -30.05
CA TYR J 367 11.99 -114.86 -29.93
C TYR J 367 11.63 -113.64 -29.10
N VAL J 368 10.42 -113.13 -29.29
CA VAL J 368 9.99 -111.91 -28.63
C VAL J 368 8.47 -111.98 -28.42
N TYR J 369 8.02 -111.45 -27.29
CA TYR J 369 6.60 -111.32 -27.01
C TYR J 369 6.10 -110.01 -27.58
N ARG J 370 4.87 -110.01 -28.10
CA ARG J 370 4.34 -108.84 -28.78
C ARG J 370 2.84 -108.75 -28.55
N GLU J 371 2.35 -107.53 -28.36
CA GLU J 371 0.92 -107.24 -28.28
C GLU J 371 0.54 -106.29 -29.41
N LEU J 372 -0.61 -106.52 -30.03
CA LEU J 372 -1.04 -105.77 -31.20
C LEU J 372 -2.36 -105.03 -30.95
N ASN J 373 -2.48 -104.38 -29.80
CA ASN J 373 -3.68 -103.61 -29.48
C ASN J 373 -3.32 -102.13 -29.48
N GLN J 374 -3.75 -101.42 -30.52
CA GLN J 374 -3.42 -100.00 -30.63
C GLN J 374 -4.08 -99.17 -29.55
N GLY J 375 -5.28 -99.55 -29.13
CA GLY J 375 -6.00 -98.81 -28.11
C GLY J 375 -7.00 -97.84 -28.71
N SER J 376 -7.58 -97.05 -27.82
CA SER J 376 -8.64 -96.12 -28.20
C SER J 376 -8.81 -95.09 -27.09
N LEU J 377 -8.67 -93.81 -27.44
CA LEU J 377 -8.83 -92.72 -26.50
C LEU J 377 -10.27 -92.22 -26.40
N LEU J 378 -11.17 -92.76 -27.20
CA LEU J 378 -12.56 -92.30 -27.15
C LEU J 378 -13.22 -92.48 -25.79
N PRO J 379 -13.06 -93.61 -25.07
CA PRO J 379 -13.73 -93.71 -23.76
C PRO J 379 -13.39 -92.58 -22.80
N LEU J 380 -12.14 -92.11 -22.78
CA LEU J 380 -11.81 -90.95 -21.98
C LEU J 380 -12.39 -89.68 -22.57
N VAL J 381 -12.41 -89.59 -23.90
CA VAL J 381 -12.81 -88.36 -24.58
C VAL J 381 -14.31 -88.12 -24.45
N ASP J 382 -15.12 -89.15 -24.65
CA ASP J 382 -16.58 -88.99 -24.72
C ASP J 382 -17.13 -88.70 -23.33
N ALA J 383 -17.32 -87.42 -23.03
CA ALA J 383 -17.95 -86.97 -21.81
C ALA J 383 -18.26 -85.49 -21.97
N ASN J 384 -19.07 -84.96 -21.06
CA ASN J 384 -19.34 -83.52 -21.02
C ASN J 384 -18.12 -82.86 -20.42
N LEU J 385 -17.24 -82.34 -21.27
CA LEU J 385 -15.92 -81.86 -20.86
C LEU J 385 -15.91 -80.40 -20.46
N LYS J 386 -17.07 -79.81 -20.16
CA LYS J 386 -17.11 -78.38 -19.88
C LYS J 386 -16.36 -78.06 -18.59
N GLU J 387 -16.67 -78.77 -17.50
CA GLU J 387 -16.01 -78.50 -16.23
C GLU J 387 -14.53 -78.86 -16.28
N SER J 388 -14.22 -80.04 -16.81
CA SER J 388 -12.84 -80.50 -16.82
C SER J 388 -11.97 -79.79 -17.86
N SER J 389 -12.58 -79.01 -18.75
CA SER J 389 -11.79 -78.28 -19.75
C SER J 389 -10.89 -77.26 -19.08
N SER J 390 -11.40 -76.56 -18.06
CA SER J 390 -10.60 -75.53 -17.40
C SER J 390 -9.36 -76.14 -16.74
N TYR J 391 -9.51 -77.32 -16.13
CA TYR J 391 -8.36 -77.96 -15.50
C TYR J 391 -7.38 -78.49 -16.54
N TYR J 392 -7.88 -79.02 -17.65
CA TYR J 392 -6.99 -79.49 -18.71
C TYR J 392 -6.18 -78.35 -19.29
N PHE J 393 -6.82 -77.19 -19.49
CA PHE J 393 -6.12 -76.06 -20.09
C PHE J 393 -4.99 -75.57 -19.19
N LYS J 394 -5.23 -75.54 -17.86
CA LYS J 394 -4.20 -75.09 -16.95
C LYS J 394 -2.99 -76.01 -16.98
N LYS J 395 -3.23 -77.32 -17.03
CA LYS J 395 -2.11 -78.26 -17.15
C LYS J 395 -1.43 -78.13 -18.51
N LEU J 396 -2.19 -77.78 -19.54
CA LEU J 396 -1.62 -77.65 -20.87
C LEU J 396 -0.60 -76.51 -20.93
N MET J 397 -0.92 -75.36 -20.32
CA MET J 397 -0.02 -74.23 -20.42
C MET J 397 1.10 -74.31 -19.40
N SER J 398 0.97 -75.16 -18.39
CA SER J 398 2.08 -75.41 -17.48
C SER J 398 3.07 -76.42 -18.05
N SER J 399 2.68 -77.14 -19.09
CA SER J 399 3.55 -78.16 -19.67
C SER J 399 4.75 -77.54 -20.38
N ILE J 400 4.53 -76.47 -21.13
CA ILE J 400 5.58 -75.81 -21.89
C ILE J 400 6.07 -74.62 -21.08
N SER J 401 7.39 -74.57 -20.85
CA SER J 401 7.96 -73.50 -20.05
C SER J 401 7.78 -72.15 -20.73
N ASN J 402 7.50 -71.12 -19.93
CA ASN J 402 7.29 -69.77 -20.42
C ASN J 402 8.29 -68.83 -19.78
N VAL J 403 8.65 -67.78 -20.50
CA VAL J 403 9.62 -66.80 -19.99
C VAL J 403 9.03 -66.08 -18.78
N PRO J 404 9.78 -65.92 -17.70
CA PRO J 404 9.27 -65.15 -16.56
C PRO J 404 9.09 -63.68 -16.91
N VAL J 405 8.14 -63.05 -16.23
CA VAL J 405 7.85 -61.65 -16.48
C VAL J 405 8.97 -60.79 -15.89
N ASP J 406 9.46 -59.84 -16.68
CA ASP J 406 10.51 -58.92 -16.26
C ASP J 406 9.93 -57.52 -16.12
N ALA J 407 10.12 -56.92 -14.96
CA ALA J 407 9.57 -55.60 -14.70
C ALA J 407 10.34 -54.49 -15.41
N ARG J 408 11.56 -54.78 -15.87
CA ARG J 408 12.36 -53.75 -16.54
C ARG J 408 11.73 -53.34 -17.86
N THR J 409 11.13 -54.30 -18.58
CA THR J 409 10.51 -53.97 -19.85
C THR J 409 9.35 -52.99 -19.67
N LEU J 410 8.56 -53.18 -18.61
CA LEU J 410 7.47 -52.25 -18.33
C LEU J 410 8.01 -50.87 -18.01
N GLN J 411 9.08 -50.80 -17.21
CA GLN J 411 9.64 -49.50 -16.85
C GLN J 411 10.21 -48.78 -18.06
N SER J 412 10.91 -49.52 -18.93
CA SER J 412 11.48 -48.90 -20.12
C SER J 412 10.39 -48.39 -21.06
N ALA J 413 9.32 -49.16 -21.21
CA ALA J 413 8.22 -48.73 -22.07
C ALA J 413 7.54 -47.49 -21.51
N THR J 414 7.32 -47.45 -20.19
CA THR J 414 6.71 -46.27 -19.59
C THR J 414 7.61 -45.05 -19.72
N ALA J 415 8.92 -45.24 -19.54
CA ALA J 415 9.85 -44.12 -19.66
C ALA J 415 9.87 -43.58 -21.09
N ALA J 416 9.87 -44.47 -22.08
CA ALA J 416 9.91 -44.03 -23.47
C ALA J 416 8.64 -43.26 -23.84
N LEU J 417 7.48 -43.75 -23.41
CA LEU J 417 6.23 -43.09 -23.77
C LEU J 417 6.01 -41.81 -22.98
N ALA J 418 6.58 -41.73 -21.77
CA ALA J 418 6.49 -40.49 -20.99
C ALA J 418 7.20 -39.35 -21.69
N ALA J 419 8.39 -39.61 -22.25
CA ALA J 419 9.11 -38.57 -22.96
C ALA J 419 8.43 -38.25 -24.28
N ASP J 420 7.82 -39.24 -24.93
CA ASP J 420 7.14 -39.00 -26.20
C ASP J 420 5.97 -38.04 -26.02
N THR J 421 5.18 -38.23 -24.96
CA THR J 421 4.04 -37.36 -24.69
C THR J 421 4.03 -36.90 -23.24
N HIS J 430 1.23 -34.59 -19.65
CA HIS J 430 1.59 -35.66 -18.73
C HIS J 430 0.92 -36.98 -19.13
N VAL J 431 1.50 -38.09 -18.68
CA VAL J 431 0.99 -39.42 -18.98
C VAL J 431 0.63 -40.20 -17.72
N SER J 432 0.60 -39.53 -16.56
CA SER J 432 0.25 -40.19 -15.31
C SER J 432 -1.20 -40.61 -15.23
N MET J 433 -2.00 -40.32 -16.26
CA MET J 433 -3.40 -40.76 -16.27
C MET J 433 -3.51 -42.28 -16.26
N LEU J 434 -2.65 -42.96 -17.03
CA LEU J 434 -2.65 -44.41 -17.11
C LEU J 434 -1.32 -45.06 -16.76
N THR J 435 -0.22 -44.31 -16.80
CA THR J 435 1.10 -44.92 -16.62
C THR J 435 1.23 -45.55 -15.24
N ASN J 436 0.74 -44.87 -14.20
CA ASN J 436 0.83 -45.42 -12.86
C ASN J 436 -0.11 -46.60 -12.67
N ARG J 437 -1.23 -46.63 -13.38
CA ARG J 437 -2.20 -47.70 -13.22
C ARG J 437 -1.75 -49.02 -13.83
N LEU J 438 -0.66 -49.01 -14.61
CA LEU J 438 -0.22 -50.21 -15.31
C LEU J 438 0.43 -51.17 -14.34
N THR J 439 -0.13 -52.37 -14.20
CA THR J 439 0.43 -53.43 -13.38
C THR J 439 0.49 -54.71 -14.18
N THR J 440 1.62 -55.41 -14.11
CA THR J 440 1.84 -56.65 -14.85
C THR J 440 1.59 -57.87 -13.98
N ALA J 441 0.65 -57.80 -13.03
CA ALA J 441 0.41 -58.90 -12.12
C ALA J 441 -0.24 -60.09 -12.82
N ASN J 442 -1.21 -59.83 -13.69
CA ASN J 442 -2.01 -60.89 -14.29
C ASN J 442 -1.56 -61.23 -15.71
N ALA J 443 -0.27 -61.14 -16.00
CA ALA J 443 0.21 -61.42 -17.35
C ALA J 443 0.03 -62.87 -17.77
N PRO J 444 0.44 -63.88 -17.00
CA PRO J 444 0.33 -65.26 -17.50
C PRO J 444 -1.10 -65.71 -17.77
N THR J 445 -2.06 -65.25 -16.96
CA THR J 445 -3.45 -65.67 -17.17
C THR J 445 -3.97 -65.15 -18.50
N VAL J 446 -3.70 -63.88 -18.81
CA VAL J 446 -4.18 -63.31 -20.07
C VAL J 446 -3.49 -63.98 -21.25
N ARG J 447 -2.20 -64.31 -21.08
CA ARG J 447 -1.50 -65.06 -22.12
C ARG J 447 -2.14 -66.43 -22.34
N ALA J 448 -2.60 -67.05 -21.26
CA ALA J 448 -3.30 -68.32 -21.38
C ALA J 448 -4.58 -68.17 -22.18
N ILE J 449 -5.31 -67.07 -21.96
CA ILE J 449 -6.55 -66.85 -22.69
C ILE J 449 -6.25 -66.55 -24.16
N THR J 450 -5.16 -65.82 -24.43
CA THR J 450 -4.83 -65.45 -25.80
C THR J 450 -4.55 -66.69 -26.65
N VAL J 451 -3.78 -67.63 -26.11
CA VAL J 451 -3.48 -68.85 -26.86
C VAL J 451 -4.74 -69.66 -27.09
N LEU J 452 -5.62 -69.74 -26.08
CA LEU J 452 -6.84 -70.52 -26.23
C LEU J 452 -7.77 -69.94 -27.29
N THR J 453 -7.87 -68.61 -27.35
CA THR J 453 -8.80 -67.99 -28.29
C THR J 453 -8.36 -68.21 -29.74
N CYS J 454 -7.06 -68.15 -30.01
CA CYS J 454 -6.59 -68.44 -31.36
C CYS J 454 -6.72 -69.93 -31.67
N MET J 455 -6.55 -70.79 -30.67
CA MET J 455 -6.55 -72.23 -30.90
C MET J 455 -7.96 -72.75 -31.13
N PHE J 456 -8.93 -72.27 -30.35
CA PHE J 456 -10.33 -72.68 -30.47
C PHE J 456 -11.16 -71.48 -30.93
N LYS J 457 -11.94 -71.67 -31.98
CA LYS J 457 -12.74 -70.57 -32.51
C LYS J 457 -13.95 -70.27 -31.64
N GLN J 458 -14.46 -71.25 -30.91
CA GLN J 458 -15.70 -71.07 -30.17
C GLN J 458 -15.54 -70.11 -28.99
N PHE J 459 -14.35 -70.08 -28.39
CA PHE J 459 -14.15 -69.23 -27.21
C PHE J 459 -14.19 -67.75 -27.59
N ARG J 460 -14.68 -66.93 -26.66
CA ARG J 460 -14.92 -65.53 -26.92
C ARG J 460 -14.28 -64.67 -25.83
N ILE J 461 -14.08 -63.40 -26.14
CA ILE J 461 -13.45 -62.44 -25.24
C ILE J 461 -14.44 -61.33 -24.96
N GLY J 462 -14.60 -60.99 -23.69
CA GLY J 462 -15.50 -59.91 -23.30
C GLY J 462 -14.99 -59.22 -22.05
N MET J 463 -15.26 -57.92 -21.97
CA MET J 463 -14.87 -57.10 -20.83
C MET J 463 -16.05 -56.25 -20.39
N THR J 464 -16.04 -55.91 -19.10
CA THR J 464 -17.02 -54.99 -18.52
C THR J 464 -16.32 -53.73 -18.06
N TYR J 465 -16.87 -52.59 -18.43
CA TYR J 465 -16.26 -51.29 -18.14
C TYR J 465 -17.05 -50.59 -17.03
N ALA J 466 -16.43 -49.55 -16.49
CA ALA J 466 -17.05 -48.78 -15.43
C ALA J 466 -18.21 -47.94 -15.98
N LEU J 467 -19.05 -47.46 -15.07
CA LEU J 467 -20.19 -46.64 -15.49
C LEU J 467 -19.72 -45.35 -16.15
N ASP J 468 -18.67 -44.75 -15.61
CA ASP J 468 -18.07 -43.55 -16.20
C ASP J 468 -16.67 -43.90 -16.67
N PRO J 469 -16.48 -44.23 -17.94
CA PRO J 469 -15.18 -44.71 -18.40
C PRO J 469 -14.10 -43.65 -18.29
N ASN J 470 -12.93 -44.08 -17.82
CA ASN J 470 -11.73 -43.27 -17.84
C ASN J 470 -10.91 -43.62 -19.08
N ILE J 471 -9.67 -43.14 -19.13
CA ILE J 471 -8.86 -43.37 -20.32
C ILE J 471 -8.42 -44.84 -20.39
N MET J 472 -8.41 -45.53 -19.25
CA MET J 472 -8.10 -46.97 -19.24
C MET J 472 -9.07 -47.75 -20.11
N ASP J 473 -10.37 -47.49 -19.96
CA ASP J 473 -11.37 -48.31 -20.65
C ASP J 473 -11.39 -48.03 -22.14
N VAL J 474 -11.24 -46.77 -22.54
CA VAL J 474 -11.22 -46.45 -23.96
C VAL J 474 -9.98 -47.02 -24.62
N ALA J 475 -8.87 -47.08 -23.88
CA ALA J 475 -7.64 -47.65 -24.42
C ALA J 475 -7.73 -49.16 -24.53
N ALA J 476 -8.32 -49.81 -23.51
CA ALA J 476 -8.51 -51.25 -23.58
C ALA J 476 -9.48 -51.64 -24.69
N ALA J 477 -10.54 -50.85 -24.86
CA ALA J 477 -11.53 -51.16 -25.89
C ALA J 477 -10.91 -51.10 -27.28
N THR J 478 -10.07 -50.10 -27.54
CA THR J 478 -9.38 -50.02 -28.82
C THR J 478 -8.45 -51.22 -29.01
N CYS J 479 -7.73 -51.60 -27.95
CA CYS J 479 -6.79 -52.71 -28.06
C CYS J 479 -7.50 -54.02 -28.37
N MET J 480 -8.66 -54.26 -27.74
CA MET J 480 -9.41 -55.48 -28.02
C MET J 480 -9.91 -55.50 -29.46
N LEU J 481 -10.40 -54.36 -29.95
CA LEU J 481 -10.91 -54.31 -31.32
C LEU J 481 -9.79 -54.42 -32.34
N LEU J 482 -8.54 -54.16 -31.95
CA LEU J 482 -7.43 -54.17 -32.89
C LEU J 482 -6.72 -55.52 -32.93
N PHE J 483 -6.21 -55.97 -31.79
CA PHE J 483 -5.31 -57.11 -31.72
C PHE J 483 -5.99 -58.38 -31.23
N ARG J 484 -7.30 -58.50 -31.46
CA ARG J 484 -8.05 -59.71 -31.13
C ARG J 484 -8.89 -60.12 -32.32
N PRO J 485 -9.10 -61.42 -32.53
CA PRO J 485 -9.92 -61.86 -33.67
C PRO J 485 -11.33 -61.30 -33.59
N ALA J 486 -11.86 -60.92 -34.75
CA ALA J 486 -13.23 -60.44 -34.82
C ALA J 486 -14.23 -61.57 -34.66
N GLN J 487 -13.83 -62.79 -35.02
CA GLN J 487 -14.70 -63.94 -34.82
C GLN J 487 -14.96 -64.19 -33.35
N SER J 488 -13.94 -64.02 -32.50
CA SER J 488 -14.11 -64.24 -31.07
C SER J 488 -15.00 -63.18 -30.45
N ILE J 489 -14.78 -61.91 -30.78
CA ILE J 489 -15.58 -60.83 -30.20
C ILE J 489 -17.01 -60.95 -30.70
N SER J 490 -17.96 -60.90 -29.78
CA SER J 490 -19.36 -61.09 -30.10
C SER J 490 -19.97 -59.80 -30.65
N ASP J 491 -21.21 -59.91 -31.14
CA ASP J 491 -21.91 -58.74 -31.66
C ASP J 491 -22.35 -57.81 -30.53
N GLU J 492 -22.87 -58.38 -29.45
CA GLU J 492 -23.27 -57.56 -28.31
C GLU J 492 -22.06 -56.93 -27.63
N GLN J 493 -20.97 -57.68 -27.52
CA GLN J 493 -19.75 -57.11 -26.95
C GLN J 493 -19.18 -56.04 -27.85
N TYR J 494 -19.33 -56.19 -29.17
CA TYR J 494 -18.88 -55.16 -30.10
C TYR J 494 -19.67 -53.86 -29.91
N ARG J 495 -20.98 -53.98 -29.69
CA ARG J 495 -21.78 -52.79 -29.41
C ARG J 495 -21.39 -52.16 -28.07
N TYR J 496 -21.08 -52.98 -27.08
CA TYR J 496 -20.66 -52.47 -25.79
C TYR J 496 -19.34 -51.70 -25.92
N CYS J 497 -18.41 -52.20 -26.73
CA CYS J 497 -17.16 -51.49 -26.94
C CYS J 497 -17.40 -50.15 -27.62
N LEU J 498 -18.32 -50.10 -28.58
CA LEU J 498 -18.63 -48.84 -29.25
C LEU J 498 -19.26 -47.84 -28.28
N GLN J 499 -20.13 -48.32 -27.39
CA GLN J 499 -20.78 -47.41 -26.45
C GLN J 499 -19.77 -46.80 -25.49
N THR J 500 -18.79 -47.59 -25.05
CA THR J 500 -17.77 -47.08 -24.14
C THR J 500 -16.96 -45.97 -24.81
N MET J 501 -16.58 -46.17 -26.07
CA MET J 501 -15.87 -45.14 -26.80
C MET J 501 -16.72 -43.89 -26.97
N ALA J 502 -17.98 -44.07 -27.36
CA ALA J 502 -18.85 -42.92 -27.57
C ALA J 502 -19.08 -42.16 -26.27
N VAL J 503 -19.27 -42.87 -25.16
CA VAL J 503 -19.50 -42.21 -23.89
C VAL J 503 -18.30 -41.34 -23.52
N PHE J 504 -17.09 -41.87 -23.69
CA PHE J 504 -15.90 -41.13 -23.31
C PHE J 504 -15.56 -40.03 -24.31
N LEU J 505 -15.67 -40.32 -25.61
CA LEU J 505 -15.18 -39.39 -26.63
C LEU J 505 -16.25 -38.39 -27.06
N THR J 506 -17.47 -38.86 -27.31
CA THR J 506 -18.55 -37.99 -27.77
C THR J 506 -19.18 -37.18 -26.64
N ASN J 507 -18.83 -37.48 -25.39
CA ASN J 507 -19.37 -36.80 -24.21
C ASN J 507 -20.87 -37.03 -24.08
N THR J 508 -21.23 -38.31 -23.94
CA THR J 508 -22.61 -38.73 -23.71
C THR J 508 -22.65 -39.74 -22.59
N THR J 509 -23.78 -39.79 -21.89
CA THR J 509 -23.98 -40.75 -20.81
C THR J 509 -24.53 -42.06 -21.37
N TYR J 510 -24.18 -43.17 -20.71
CA TYR J 510 -24.57 -44.49 -21.18
C TYR J 510 -26.06 -44.59 -21.49
N ASP J 511 -26.91 -44.03 -20.62
CA ASP J 511 -28.35 -44.14 -20.82
C ASP J 511 -28.84 -43.35 -22.03
N ILE J 512 -28.07 -42.36 -22.50
CA ILE J 512 -28.48 -41.62 -23.68
C ILE J 512 -28.37 -42.48 -24.93
N VAL J 513 -27.31 -43.27 -25.04
CA VAL J 513 -27.04 -44.05 -26.25
C VAL J 513 -27.42 -45.51 -26.05
N ASN J 514 -28.33 -45.81 -25.12
CA ASN J 514 -28.68 -47.20 -24.85
C ASN J 514 -29.39 -47.84 -26.03
N ASN J 515 -30.27 -47.10 -26.70
CA ASN J 515 -31.04 -47.62 -27.82
C ASN J 515 -30.35 -47.43 -29.16
N ASP J 516 -29.13 -46.88 -29.18
CA ASP J 516 -28.46 -46.57 -30.43
C ASP J 516 -27.95 -47.85 -31.12
N THR J 517 -28.08 -47.88 -32.44
CA THR J 517 -27.64 -49.01 -33.23
C THR J 517 -26.14 -48.90 -33.52
N ILE J 518 -25.57 -49.99 -34.05
CA ILE J 518 -24.13 -50.02 -34.29
C ILE J 518 -23.72 -48.96 -35.30
N ASP J 519 -24.47 -48.84 -36.40
CA ASP J 519 -24.10 -47.88 -37.43
C ASP J 519 -24.25 -46.45 -36.93
N VAL J 520 -25.22 -46.18 -36.06
CA VAL J 520 -25.37 -44.85 -35.50
C VAL J 520 -24.17 -44.49 -34.62
N LEU J 521 -23.72 -45.44 -33.81
CA LEU J 521 -22.55 -45.19 -32.97
C LEU J 521 -21.29 -44.99 -33.80
N LYS J 522 -21.12 -45.79 -34.86
CA LYS J 522 -19.97 -45.64 -35.73
C LYS J 522 -19.97 -44.27 -36.41
N MET J 523 -21.14 -43.82 -36.85
CA MET J 523 -21.25 -42.49 -37.45
C MET J 523 -20.91 -41.40 -36.45
N LYS J 524 -21.37 -41.55 -35.21
CA LYS J 524 -21.08 -40.55 -34.18
C LYS J 524 -19.59 -40.43 -33.91
N LEU J 525 -18.90 -41.57 -33.85
CA LEU J 525 -17.48 -41.56 -33.55
C LEU J 525 -16.67 -40.96 -34.69
N ARG J 526 -17.05 -41.25 -35.93
CA ARG J 526 -16.26 -40.76 -37.06
C ARG J 526 -16.35 -39.25 -37.20
N ASN J 527 -17.52 -38.66 -36.96
CA ASN J 527 -17.63 -37.21 -36.98
C ASN J 527 -16.78 -36.58 -35.90
N GLN J 528 -16.75 -37.19 -34.71
CA GLN J 528 -15.89 -36.69 -33.65
C GLN J 528 -14.42 -36.81 -34.02
N GLY J 529 -14.08 -37.77 -34.88
CA GLY J 529 -12.72 -37.89 -35.36
C GLY J 529 -12.01 -39.15 -34.93
N TRP J 530 -12.76 -40.16 -34.48
CA TRP J 530 -12.16 -41.40 -34.02
C TRP J 530 -12.21 -42.42 -35.14
N PRO J 531 -11.07 -42.84 -35.68
CA PRO J 531 -11.08 -43.75 -36.82
C PRO J 531 -11.32 -45.20 -36.45
N PHE J 532 -10.82 -45.64 -35.29
CA PHE J 532 -10.90 -47.03 -34.90
C PHE J 532 -12.31 -47.39 -34.45
N VAL J 533 -13.14 -47.83 -35.39
CA VAL J 533 -14.54 -48.13 -35.10
C VAL J 533 -14.92 -49.49 -35.68
N GLU J 534 -13.93 -50.30 -36.00
CA GLU J 534 -14.18 -51.57 -36.69
C GLU J 534 -13.37 -52.69 -36.04
N ARG J 535 -13.84 -53.91 -36.23
CA ARG J 535 -13.13 -55.11 -35.82
C ARG J 535 -12.69 -55.88 -37.04
N TYR J 536 -11.47 -56.42 -36.99
CA TYR J 536 -10.82 -57.02 -38.15
C TYR J 536 -10.66 -58.52 -37.96
N ASN J 537 -10.88 -59.27 -39.03
CA ASN J 537 -10.77 -60.71 -38.98
C ASN J 537 -9.32 -61.16 -38.90
N ALA J 538 -9.10 -62.30 -38.25
CA ALA J 538 -7.78 -62.89 -38.18
C ALA J 538 -7.51 -63.76 -39.40
N VAL J 539 -6.23 -64.08 -39.61
CA VAL J 539 -5.80 -64.90 -40.73
C VAL J 539 -5.47 -66.30 -40.20
N GLU J 540 -5.98 -67.32 -40.87
CA GLU J 540 -5.81 -68.69 -40.45
C GLU J 540 -4.46 -69.23 -40.92
N ILE J 541 -3.82 -70.01 -40.05
CA ILE J 541 -2.54 -70.65 -40.34
C ILE J 541 -2.74 -72.15 -40.32
N ASP J 542 -2.26 -72.83 -41.36
CA ASP J 542 -2.36 -74.27 -41.46
C ASP J 542 -1.19 -74.93 -40.76
N MET J 543 -1.49 -75.97 -39.98
CA MET J 543 -0.46 -76.68 -39.22
C MET J 543 -0.71 -78.18 -39.32
N SER J 544 0.39 -78.92 -39.44
CA SER J 544 0.32 -80.38 -39.51
C SER J 544 1.48 -80.96 -38.70
N VAL J 545 1.21 -82.04 -37.97
CA VAL J 545 2.21 -82.73 -37.18
C VAL J 545 2.66 -83.95 -37.96
N GLU J 546 3.94 -84.30 -37.81
CA GLU J 546 4.49 -85.39 -38.59
C GLU J 546 4.00 -86.74 -38.06
N PRO J 547 3.75 -87.71 -38.94
CA PRO J 547 3.28 -89.02 -38.48
C PRO J 547 4.39 -89.84 -37.84
N LEU J 548 4.69 -89.54 -36.58
CA LEU J 548 5.76 -90.21 -35.84
C LEU J 548 5.10 -91.18 -34.85
N ARG J 549 5.10 -92.46 -35.21
CA ARG J 549 4.51 -93.52 -34.40
C ARG J 549 3.02 -93.30 -34.12
N SER J 550 2.36 -92.50 -34.95
CA SER J 550 0.96 -92.17 -34.75
C SER J 550 0.41 -91.52 -36.01
N PRO J 551 -0.89 -91.62 -36.26
CA PRO J 551 -1.47 -90.93 -37.43
C PRO J 551 -1.30 -89.43 -37.32
N GLY J 552 -1.15 -88.79 -38.48
CA GLY J 552 -0.94 -87.35 -38.51
C GLY J 552 -2.20 -86.57 -38.17
N GLN J 553 -1.98 -85.33 -37.75
CA GLN J 553 -3.05 -84.40 -37.42
C GLN J 553 -2.94 -83.18 -38.31
N VAL J 554 -4.07 -82.73 -38.84
CA VAL J 554 -4.14 -81.49 -39.62
C VAL J 554 -5.16 -80.58 -38.97
N GLY J 555 -4.76 -79.34 -38.72
CA GLY J 555 -5.61 -78.39 -38.03
C GLY J 555 -5.24 -76.97 -38.38
N ARG J 556 -6.03 -76.03 -37.87
CA ARG J 556 -5.86 -74.62 -38.18
C ARG J 556 -6.00 -73.79 -36.91
N TYR J 557 -5.43 -72.59 -36.94
CA TYR J 557 -5.51 -71.69 -35.81
C TYR J 557 -5.34 -70.26 -36.30
N TYR J 558 -5.70 -69.31 -35.44
CA TYR J 558 -5.62 -67.90 -35.78
C TYR J 558 -4.26 -67.32 -35.42
N ASN J 559 -3.74 -66.49 -36.30
CA ASN J 559 -2.48 -65.82 -36.02
C ASN J 559 -2.70 -64.71 -35.00
N PRO J 560 -1.91 -64.66 -33.93
CA PRO J 560 -2.17 -63.67 -32.88
C PRO J 560 -1.95 -62.25 -33.36
N PHE J 561 -2.69 -61.33 -32.75
CA PHE J 561 -2.57 -59.88 -32.92
C PHE J 561 -2.91 -59.41 -34.33
N ASN J 562 -3.54 -60.25 -35.15
CA ASN J 562 -4.01 -59.88 -36.48
C ASN J 562 -2.86 -59.38 -37.36
N ILE J 563 -1.93 -60.28 -37.62
CA ILE J 563 -0.78 -60.00 -38.48
C ILE J 563 -0.79 -61.00 -39.62
N ASP J 564 -0.77 -60.50 -40.85
CA ASP J 564 -0.75 -61.38 -42.00
C ASP J 564 0.67 -61.83 -42.26
N PRO J 565 0.96 -63.13 -42.18
CA PRO J 565 2.34 -63.59 -42.36
C PRO J 565 2.92 -63.26 -43.72
N LEU J 566 2.09 -63.27 -44.77
CA LEU J 566 2.58 -62.90 -46.10
C LEU J 566 3.05 -61.46 -46.14
N THR J 567 2.30 -60.56 -45.50
CA THR J 567 2.62 -59.14 -45.50
C THR J 567 3.43 -58.70 -44.30
N LYS J 568 3.40 -59.46 -43.20
CA LYS J 568 4.09 -59.11 -41.96
C LYS J 568 3.67 -57.74 -41.47
N LYS J 569 2.36 -57.51 -41.45
CA LYS J 569 1.79 -56.22 -41.07
C LYS J 569 0.35 -56.46 -40.65
N HIS J 570 -0.19 -55.51 -39.89
CA HIS J 570 -1.57 -55.61 -39.44
C HIS J 570 -2.52 -55.66 -40.63
N VAL J 571 -3.67 -56.30 -40.42
CA VAL J 571 -4.64 -56.44 -41.50
C VAL J 571 -5.12 -55.08 -41.98
N GLU J 572 -5.40 -54.17 -41.05
CA GLU J 572 -5.77 -52.80 -41.41
C GLU J 572 -4.57 -52.10 -42.02
N ASP J 573 -4.58 -51.94 -43.34
CA ASP J 573 -3.45 -51.32 -44.04
C ASP J 573 -3.33 -49.82 -43.77
N ARG J 574 -4.38 -49.18 -43.27
CA ARG J 574 -4.35 -47.76 -42.94
C ARG J 574 -4.17 -47.52 -41.46
N LEU J 575 -3.48 -48.42 -40.76
CA LEU J 575 -3.29 -48.26 -39.33
C LEU J 575 -2.42 -47.06 -39.01
N GLU J 576 -1.35 -46.84 -39.79
CA GLU J 576 -0.46 -45.73 -39.50
C GLU J 576 -1.13 -44.38 -39.75
N GLU J 577 -2.09 -44.34 -40.68
CA GLU J 577 -2.83 -43.11 -40.90
C GLU J 577 -3.89 -42.91 -39.82
N PHE J 578 -4.53 -43.98 -39.37
CA PHE J 578 -5.51 -43.87 -38.30
C PHE J 578 -4.87 -43.38 -37.01
N ILE J 579 -3.68 -43.89 -36.68
CA ILE J 579 -2.99 -43.46 -35.47
C ILE J 579 -2.61 -42.00 -35.57
N ASN J 580 -2.18 -41.55 -36.76
CA ASN J 580 -1.89 -40.15 -36.97
C ASN J 580 -3.13 -39.29 -36.79
N GLN J 581 -4.28 -39.79 -37.25
CA GLN J 581 -5.53 -39.04 -37.12
C GLN J 581 -5.91 -38.83 -35.67
N VAL J 582 -5.69 -39.83 -34.83
CA VAL J 582 -6.01 -39.71 -33.41
C VAL J 582 -5.18 -38.61 -32.77
N GLN J 583 -3.90 -38.53 -33.14
CA GLN J 583 -2.99 -37.57 -32.51
C GLN J 583 -3.42 -36.14 -32.79
N VAL J 584 -3.63 -35.80 -34.07
CA VAL J 584 -3.95 -34.44 -34.42
C VAL J 584 -5.35 -34.07 -33.96
N GLY J 585 -6.28 -35.02 -34.01
CA GLY J 585 -7.64 -34.72 -33.60
C GLY J 585 -7.73 -34.38 -32.13
N ARG J 586 -8.65 -33.48 -31.81
CA ARG J 586 -8.88 -33.04 -30.43
C ARG J 586 -10.24 -33.55 -29.99
N PHE J 587 -10.26 -34.29 -28.89
CA PHE J 587 -11.47 -34.84 -28.30
C PHE J 587 -11.66 -34.21 -26.92
N ARG J 588 -12.90 -33.86 -26.60
CA ARG J 588 -13.20 -33.28 -25.30
C ARG J 588 -13.72 -34.40 -24.39
N ASN J 589 -12.79 -35.12 -23.78
CA ASN J 589 -13.09 -36.30 -22.97
C ASN J 589 -12.82 -35.96 -21.51
N ALA J 590 -13.89 -35.74 -20.75
CA ALA J 590 -13.79 -35.40 -19.33
C ALA J 590 -12.87 -34.19 -19.13
N SER J 591 -12.95 -33.24 -20.07
CA SER J 591 -12.14 -32.02 -20.05
C SER J 591 -10.65 -32.34 -19.97
N GLY J 592 -10.22 -33.32 -20.75
CA GLY J 592 -8.80 -33.64 -20.85
C GLY J 592 -8.20 -33.08 -22.13
N ASN J 593 -7.30 -32.12 -21.99
CA ASN J 593 -6.73 -31.46 -23.16
C ASN J 593 -5.90 -32.42 -24.00
N ALA J 594 -5.11 -33.27 -23.37
CA ALA J 594 -4.15 -34.13 -24.06
C ALA J 594 -4.61 -35.58 -24.11
N VAL J 595 -5.91 -35.80 -24.26
CA VAL J 595 -6.40 -37.17 -24.39
C VAL J 595 -5.99 -37.75 -25.74
N GLY J 596 -6.03 -36.95 -26.80
CA GLY J 596 -5.67 -37.45 -28.12
C GLY J 596 -4.22 -37.84 -28.22
N THR J 597 -3.32 -37.02 -27.67
CA THR J 597 -1.90 -37.33 -27.75
C THR J 597 -1.55 -38.55 -26.92
N THR J 598 -2.15 -38.69 -25.74
CA THR J 598 -1.87 -39.84 -24.89
C THR J 598 -2.32 -41.13 -25.53
N LEU J 599 -3.52 -41.14 -26.12
CA LEU J 599 -4.02 -42.35 -26.75
C LEU J 599 -3.17 -42.74 -27.96
N ALA J 600 -2.75 -41.75 -28.75
CA ALA J 600 -1.93 -42.05 -29.92
C ALA J 600 -0.60 -42.64 -29.53
N ALA J 601 0.02 -42.13 -28.46
CA ALA J 601 1.26 -42.71 -27.98
C ALA J 601 1.06 -44.16 -27.53
N PHE J 602 -0.06 -44.42 -26.85
CA PHE J 602 -0.36 -45.78 -26.42
C PHE J 602 -0.57 -46.71 -27.60
N LEU J 603 -1.36 -46.27 -28.59
CA LEU J 603 -1.67 -47.12 -29.73
C LEU J 603 -0.42 -47.42 -30.56
N ARG J 604 0.47 -46.44 -30.70
CA ARG J 604 1.71 -46.69 -31.40
C ARG J 604 2.59 -47.69 -30.64
N ALA J 605 2.65 -47.55 -29.32
CA ALA J 605 3.43 -48.50 -28.52
C ALA J 605 2.86 -49.91 -28.64
N CYS J 606 1.54 -50.04 -28.62
CA CYS J 606 0.91 -51.34 -28.78
C CYS J 606 1.19 -51.93 -30.16
N ARG J 607 1.17 -51.08 -31.19
CA ARG J 607 1.37 -51.56 -32.56
C ARG J 607 2.78 -52.11 -32.75
N ASP J 608 3.79 -51.37 -32.27
CA ASP J 608 5.17 -51.83 -32.42
C ASP J 608 5.43 -53.11 -31.65
N LYS J 609 4.87 -53.22 -30.44
CA LYS J 609 5.09 -54.42 -29.64
C LYS J 609 4.49 -55.65 -30.31
N THR J 610 3.28 -55.52 -30.86
CA THR J 610 2.65 -56.65 -31.51
C THR J 610 3.41 -57.07 -32.76
N SER J 611 3.83 -56.09 -33.58
CA SER J 611 4.53 -56.43 -34.80
C SER J 611 5.90 -57.04 -34.53
N ALA J 612 6.57 -56.61 -33.45
CA ALA J 612 7.90 -57.11 -33.18
C ALA J 612 7.87 -58.52 -32.58
N ASN J 613 6.81 -58.86 -31.86
CA ASN J 613 6.76 -60.10 -31.09
C ASN J 613 5.65 -61.05 -31.54
N TRP J 614 5.12 -60.87 -32.75
CA TRP J 614 4.07 -61.77 -33.21
C TRP J 614 4.60 -63.14 -33.60
N ARG J 615 5.86 -63.21 -34.07
CA ARG J 615 6.42 -64.49 -34.46
C ARG J 615 6.52 -65.44 -33.28
N GLY J 616 6.96 -64.93 -32.12
CA GLY J 616 7.12 -65.78 -30.95
C GLY J 616 5.80 -66.35 -30.46
N TYR J 617 4.74 -65.55 -30.52
CA TYR J 617 3.46 -66.01 -30.01
C TYR J 617 2.81 -67.01 -30.96
N SER J 618 2.96 -66.80 -32.27
CA SER J 618 2.41 -67.75 -33.23
C SER J 618 3.09 -69.11 -33.11
N VAL J 619 4.40 -69.12 -32.89
CA VAL J 619 5.10 -70.37 -32.66
C VAL J 619 4.63 -71.02 -31.37
N LEU J 620 4.41 -70.21 -30.33
CA LEU J 620 3.93 -70.75 -29.06
C LEU J 620 2.58 -71.43 -29.21
N VAL J 621 1.67 -70.83 -29.98
CA VAL J 621 0.36 -71.43 -30.18
C VAL J 621 0.49 -72.75 -30.94
N SER J 622 1.41 -72.80 -31.91
CA SER J 622 1.60 -74.02 -32.67
C SER J 622 2.13 -75.16 -31.79
N ARG J 623 3.03 -74.84 -30.86
CA ARG J 623 3.57 -75.86 -29.98
C ARG J 623 2.49 -76.43 -29.07
N TYR J 624 1.61 -75.56 -28.55
CA TYR J 624 0.55 -76.03 -27.66
C TYR J 624 -0.42 -76.94 -28.40
N ARG J 625 -0.74 -76.60 -29.65
CA ARG J 625 -1.70 -77.41 -30.41
C ARG J 625 -1.15 -78.80 -30.70
N SER J 626 0.17 -78.94 -30.81
CA SER J 626 0.76 -80.24 -31.09
C SER J 626 0.57 -81.22 -29.92
N LEU J 627 0.29 -80.72 -28.72
CA LEU J 627 0.18 -81.61 -27.57
C LEU J 627 -1.14 -82.37 -27.55
N ILE J 628 -2.21 -81.77 -28.05
CA ILE J 628 -3.53 -82.41 -27.98
C ILE J 628 -3.66 -83.44 -29.09
N PRO J 629 -3.94 -84.69 -28.77
CA PRO J 629 -4.27 -85.67 -29.81
C PRO J 629 -5.66 -85.39 -30.38
N ASN J 630 -5.93 -85.99 -31.54
CA ASN J 630 -7.07 -85.58 -32.34
C ASN J 630 -8.40 -85.89 -31.64
N GLU J 631 -8.47 -86.99 -30.89
CA GLU J 631 -9.73 -87.35 -30.25
C GLU J 631 -10.14 -86.29 -29.23
N LEU J 632 -9.18 -85.75 -28.48
CA LEU J 632 -9.51 -84.71 -27.51
C LEU J 632 -10.00 -83.44 -28.18
N PHE J 633 -9.41 -83.08 -29.32
CA PHE J 633 -9.78 -81.83 -29.99
C PHE J 633 -11.22 -81.86 -30.47
N GLU J 634 -11.70 -83.03 -30.93
CA GLU J 634 -13.09 -83.13 -31.38
C GLU J 634 -14.05 -82.91 -30.23
N SER J 635 -13.76 -83.51 -29.06
CA SER J 635 -14.61 -83.30 -27.89
C SER J 635 -14.58 -81.84 -27.45
N LEU J 636 -13.40 -81.23 -27.47
CA LEU J 636 -13.28 -79.83 -27.06
C LEU J 636 -13.98 -78.89 -28.03
N ARG J 637 -14.35 -79.38 -29.22
CA ARG J 637 -15.09 -78.54 -30.17
C ARG J 637 -16.57 -78.45 -29.83
N ASN J 638 -17.06 -79.28 -28.92
CA ASN J 638 -18.48 -79.24 -28.57
C ASN J 638 -18.78 -78.17 -27.54
N ILE J 639 -17.83 -77.87 -26.66
CA ILE J 639 -18.04 -76.90 -25.58
C ILE J 639 -17.82 -75.49 -26.08
N SER J 640 -18.25 -74.51 -25.30
CA SER J 640 -18.04 -73.11 -25.62
C SER J 640 -17.99 -72.31 -24.33
N GLY J 641 -17.39 -71.13 -24.40
CA GLY J 641 -17.31 -70.26 -23.25
C GLY J 641 -16.79 -68.90 -23.63
N GLU J 642 -17.13 -67.91 -22.81
CA GLU J 642 -16.67 -66.54 -22.98
C GLU J 642 -15.81 -66.18 -21.78
N TYR J 643 -14.54 -65.87 -22.02
CA TYR J 643 -13.62 -65.46 -20.98
C TYR J 643 -13.78 -63.97 -20.71
N ASN J 644 -13.65 -63.59 -19.45
CA ASN J 644 -13.77 -62.20 -19.04
C ASN J 644 -12.41 -61.68 -18.56
N ILE J 645 -11.96 -60.58 -19.16
CA ILE J 645 -10.69 -59.96 -18.83
C ILE J 645 -10.98 -58.59 -18.26
N ASN J 646 -10.33 -58.25 -17.15
CA ASN J 646 -10.49 -56.93 -16.57
C ASN J 646 -9.93 -55.88 -17.52
N PRO J 647 -10.53 -54.69 -17.55
CA PRO J 647 -9.99 -53.62 -18.39
C PRO J 647 -8.52 -53.31 -18.13
N GLN J 648 -8.08 -53.48 -16.88
CA GLN J 648 -6.68 -53.21 -16.54
C GLN J 648 -5.74 -54.15 -17.29
N ASP J 649 -6.11 -55.43 -17.40
CA ASP J 649 -5.16 -56.45 -17.81
C ASP J 649 -4.85 -56.38 -19.31
N GLU J 650 -5.88 -56.20 -20.14
CA GLU J 650 -5.65 -56.23 -21.58
C GLU J 650 -4.73 -55.09 -22.01
N HIS J 651 -4.95 -53.89 -21.47
CA HIS J 651 -4.04 -52.79 -21.75
C HIS J 651 -2.65 -53.07 -21.17
N SER J 652 -2.61 -53.68 -19.99
CA SER J 652 -1.32 -53.99 -19.37
C SER J 652 -0.61 -55.15 -20.07
N PHE J 653 -1.38 -56.05 -20.70
CA PHE J 653 -0.74 -57.19 -21.37
C PHE J 653 -0.05 -56.77 -22.65
N PHE J 654 -0.70 -55.94 -23.47
CA PHE J 654 -0.13 -55.54 -24.75
C PHE J 654 0.96 -54.49 -24.59
N PHE J 655 0.79 -53.56 -23.65
CA PHE J 655 1.79 -52.53 -23.44
C PHE J 655 3.10 -53.11 -22.95
N ALA J 656 3.03 -54.08 -22.03
CA ALA J 656 4.20 -54.77 -21.50
C ALA J 656 4.36 -56.16 -22.08
N LEU J 657 4.09 -56.31 -23.38
CA LEU J 657 4.17 -57.61 -24.02
C LEU J 657 5.57 -58.19 -23.88
N ALA J 658 5.63 -59.45 -23.45
CA ALA J 658 6.91 -60.12 -23.26
C ALA J 658 7.43 -60.65 -24.59
N GLN J 659 8.71 -61.01 -24.58
CA GLN J 659 9.37 -61.62 -25.73
C GLN J 659 9.60 -63.08 -25.43
N ILE J 660 9.06 -63.96 -26.28
CA ILE J 660 9.15 -65.40 -26.11
C ILE J 660 10.08 -65.95 -27.18
N ASN J 661 11.09 -66.70 -26.76
CA ASN J 661 12.06 -67.31 -27.66
C ASN J 661 12.05 -68.82 -27.46
N ALA J 662 11.95 -69.56 -28.57
CA ALA J 662 11.94 -71.01 -28.55
C ALA J 662 13.04 -71.61 -29.42
N ASP J 663 14.09 -70.83 -29.70
CA ASP J 663 15.17 -71.32 -30.56
C ASP J 663 15.90 -72.49 -29.90
N ASP J 664 16.13 -72.42 -28.59
CA ASP J 664 16.82 -73.49 -27.90
C ASP J 664 16.01 -74.78 -27.91
N GLU J 665 14.68 -74.68 -27.81
CA GLU J 665 13.85 -75.87 -27.77
C GLU J 665 13.90 -76.64 -29.08
N PHE J 666 13.94 -75.93 -30.21
CA PHE J 666 13.91 -76.57 -31.52
C PHE J 666 15.32 -76.99 -31.94
N ILE J 667 15.44 -78.22 -32.42
CA ILE J 667 16.66 -78.69 -33.06
C ILE J 667 16.40 -78.79 -34.55
N GLY J 668 16.64 -77.71 -35.28
CA GLY J 668 16.27 -77.68 -36.68
C GLY J 668 14.78 -77.48 -36.87
N ALA J 669 14.07 -78.54 -37.22
CA ALA J 669 12.62 -78.48 -37.41
C ALA J 669 11.87 -79.45 -36.50
N ILE J 670 12.55 -80.06 -35.53
CA ILE J 670 11.95 -81.04 -34.63
C ILE J 670 12.10 -80.54 -33.20
N ASP J 671 10.99 -80.49 -32.47
CA ASP J 671 10.99 -79.88 -31.13
C ASP J 671 11.50 -80.83 -30.06
N LYS J 672 11.23 -82.13 -30.18
CA LYS J 672 11.78 -83.17 -29.30
C LYS J 672 11.16 -83.13 -27.91
N GLU J 673 10.37 -82.11 -27.61
CA GLU J 673 9.73 -81.98 -26.31
C GLU J 673 8.23 -82.22 -26.39
N SER J 674 7.54 -81.54 -27.29
CA SER J 674 6.13 -81.82 -27.50
C SER J 674 5.93 -83.14 -28.24
N ALA J 675 6.93 -83.59 -28.98
CA ALA J 675 6.85 -84.88 -29.64
C ALA J 675 6.82 -86.02 -28.61
N GLU J 676 7.62 -85.91 -27.56
CA GLU J 676 7.65 -86.95 -26.54
C GLU J 676 6.37 -86.95 -25.73
N TYR J 677 5.85 -85.77 -25.41
CA TYR J 677 4.58 -85.69 -24.69
C TYR J 677 3.43 -86.23 -25.52
N LEU J 678 3.42 -85.92 -26.82
CA LEU J 678 2.32 -86.35 -27.69
C LEU J 678 2.29 -87.86 -27.85
N ASP J 679 3.46 -88.51 -27.86
CA ASP J 679 3.50 -89.96 -28.06
C ASP J 679 2.79 -90.68 -26.92
N GLU J 680 2.99 -90.20 -25.70
CA GLU J 680 2.54 -90.90 -24.50
C GLU J 680 1.04 -91.09 -24.46
N TYR J 681 0.28 -90.32 -25.25
CA TYR J 681 -1.15 -90.58 -25.35
C TYR J 681 -1.43 -91.92 -25.98
N ALA J 682 -0.55 -92.40 -26.87
CA ALA J 682 -0.72 -93.72 -27.44
C ALA J 682 -0.59 -94.81 -26.39
N THR J 683 0.35 -94.66 -25.46
CA THR J 683 0.47 -95.61 -24.36
C THR J 683 -0.76 -95.57 -23.46
N LEU J 684 -1.28 -94.37 -23.19
CA LEU J 684 -2.47 -94.25 -22.36
C LEU J 684 -3.68 -94.88 -23.04
N ALA J 685 -3.79 -94.72 -24.36
CA ALA J 685 -4.92 -95.31 -25.08
C ALA J 685 -4.91 -96.83 -24.96
N ARG J 686 -3.73 -97.44 -25.01
CA ARG J 686 -3.64 -98.89 -24.83
C ARG J 686 -4.06 -99.30 -23.43
N ASP J 687 -3.68 -98.52 -22.41
CA ASP J 687 -4.07 -98.83 -21.04
C ASP J 687 -5.57 -98.72 -20.85
N ILE J 688 -6.20 -97.71 -21.47
CA ILE J 688 -7.63 -97.52 -21.31
C ILE J 688 -8.40 -98.71 -21.86
N SER J 689 -8.03 -99.17 -23.05
CA SER J 689 -8.72 -100.31 -23.65
C SER J 689 -8.50 -101.58 -22.83
N ASN J 690 -7.28 -101.82 -22.38
CA ASN J 690 -6.99 -103.04 -21.64
C ASN J 690 -7.68 -103.05 -20.29
N SER J 691 -7.69 -101.92 -19.58
CA SER J 691 -8.32 -101.86 -18.27
C SER J 691 -9.83 -102.07 -18.37
N LEU J 692 -10.46 -101.47 -19.38
CA LEU J 692 -11.90 -101.65 -19.56
C LEU J 692 -12.25 -103.11 -19.84
N THR J 693 -11.47 -103.77 -20.68
CA THR J 693 -11.77 -105.14 -21.04
C THR J 693 -11.63 -106.07 -19.85
N LEU J 694 -10.59 -105.88 -19.03
CA LEU J 694 -10.39 -106.74 -17.88
C LEU J 694 -11.50 -106.60 -16.86
N VAL J 695 -11.93 -105.36 -16.59
CA VAL J 695 -13.01 -105.13 -15.64
C VAL J 695 -14.30 -105.74 -16.14
N LYS J 696 -14.59 -105.59 -17.43
CA LYS J 696 -15.80 -106.19 -17.99
C LYS J 696 -15.73 -107.70 -17.92
N ALA J 697 -14.56 -108.29 -18.17
CA ALA J 697 -14.43 -109.73 -18.10
C ALA J 697 -14.45 -110.23 -16.65
N ALA J 698 -13.88 -109.46 -15.73
CA ALA J 698 -13.80 -109.90 -14.34
C ALA J 698 -15.13 -109.75 -13.60
N PHE J 699 -15.97 -108.81 -14.01
CA PHE J 699 -17.18 -108.50 -13.26
C PHE J 699 -18.47 -108.86 -13.98
N GLY J 700 -18.51 -108.78 -15.31
CA GLY J 700 -19.70 -109.09 -16.06
C GLY J 700 -20.77 -108.03 -15.88
N PRO J 701 -22.02 -108.37 -16.22
CA PRO J 701 -23.12 -107.42 -16.04
C PRO J 701 -23.29 -107.05 -14.58
N LEU J 702 -23.62 -105.78 -14.36
CA LEU J 702 -23.73 -105.23 -13.02
C LEU J 702 -25.18 -104.89 -12.71
N GLU J 703 -25.58 -105.11 -11.46
CA GLU J 703 -26.94 -104.82 -11.01
C GLU J 703 -26.88 -103.92 -9.79
N ARG J 704 -27.98 -103.19 -9.57
CA ARG J 704 -28.10 -102.25 -8.46
C ARG J 704 -29.39 -102.56 -7.72
N THR J 705 -29.31 -103.44 -6.72
CA THR J 705 -30.49 -103.74 -5.91
C THR J 705 -30.79 -102.64 -4.91
N SER J 706 -29.76 -101.97 -4.38
CA SER J 706 -29.95 -100.91 -3.42
C SER J 706 -28.79 -99.94 -3.54
N GLY J 707 -29.01 -98.72 -3.05
CA GLY J 707 -27.98 -97.70 -3.07
C GLY J 707 -28.07 -96.79 -4.29
N SER J 708 -27.42 -95.64 -4.18
CA SER J 708 -27.46 -94.65 -5.23
C SER J 708 -26.44 -94.98 -6.32
N ILE J 709 -26.56 -94.25 -7.44
CA ILE J 709 -25.62 -94.44 -8.55
C ILE J 709 -24.21 -94.07 -8.12
N ILE J 710 -24.07 -92.97 -7.39
CA ILE J 710 -22.75 -92.52 -6.95
C ILE J 710 -22.12 -93.54 -6.02
N ASN J 711 -22.91 -94.05 -5.06
CA ASN J 711 -22.40 -95.05 -4.13
C ASN J 711 -22.04 -96.34 -4.89
N HIS J 712 -22.84 -96.71 -5.88
CA HIS J 712 -22.59 -97.92 -6.64
C HIS J 712 -21.25 -97.85 -7.36
N ALA J 713 -20.97 -96.74 -8.03
CA ALA J 713 -19.74 -96.63 -8.79
C ALA J 713 -18.53 -96.45 -7.90
N ASN J 714 -18.68 -95.67 -6.81
CA ASN J 714 -17.56 -95.44 -5.92
C ASN J 714 -17.13 -96.73 -5.23
N ASN J 715 -18.09 -97.54 -4.81
CA ASN J 715 -17.76 -98.81 -4.17
C ASN J 715 -17.27 -99.84 -5.19
N LEU J 716 -17.64 -99.67 -6.46
CA LEU J 716 -17.13 -100.58 -7.48
C LEU J 716 -15.64 -100.42 -7.68
N ASN J 717 -15.14 -99.19 -7.60
CA ASN J 717 -13.71 -98.96 -7.79
C ASN J 717 -12.90 -99.53 -6.65
N LYS J 718 -13.44 -99.53 -5.43
CA LYS J 718 -12.74 -100.14 -4.31
C LYS J 718 -12.60 -101.64 -4.50
N VAL J 719 -13.63 -102.29 -5.06
CA VAL J 719 -13.53 -103.72 -5.36
C VAL J 719 -12.54 -103.96 -6.48
N ILE J 720 -12.54 -103.07 -7.49
CA ILE J 720 -11.57 -103.19 -8.58
C ILE J 720 -10.15 -103.03 -8.05
N ASN J 721 -9.95 -102.08 -7.14
CA ASN J 721 -8.63 -101.90 -6.54
C ASN J 721 -8.22 -103.12 -5.73
N HIS J 722 -9.16 -103.70 -4.97
CA HIS J 722 -8.83 -104.84 -4.13
C HIS J 722 -8.55 -106.08 -4.97
N VAL J 723 -9.35 -106.31 -6.01
CA VAL J 723 -9.20 -107.53 -6.80
C VAL J 723 -7.91 -107.48 -7.62
N PHE J 724 -7.65 -106.35 -8.27
CA PHE J 724 -6.49 -106.19 -9.14
C PHE J 724 -5.34 -105.48 -8.43
N ALA J 725 -5.15 -105.75 -7.14
CA ALA J 725 -4.07 -105.11 -6.39
C ALA J 725 -2.70 -105.48 -6.94
N ASP J 726 -2.58 -106.61 -7.64
CA ASP J 726 -1.30 -106.97 -8.25
C ASP J 726 -0.92 -105.98 -9.34
N LYS J 727 -1.88 -105.51 -10.13
CA LYS J 727 -1.63 -104.55 -11.20
C LYS J 727 -2.35 -103.25 -10.90
N PRO J 728 -1.67 -102.25 -10.34
CA PRO J 728 -2.35 -101.00 -9.97
C PRO J 728 -2.79 -100.15 -11.16
N LEU J 729 -2.44 -100.53 -12.38
CA LEU J 729 -2.80 -99.71 -13.53
C LEU J 729 -4.31 -99.66 -13.72
N ILE J 730 -5.00 -100.77 -13.46
CA ILE J 730 -6.43 -100.83 -13.74
C ILE J 730 -7.20 -99.84 -12.88
N SER J 731 -6.94 -99.86 -11.57
CA SER J 731 -7.67 -98.97 -10.67
C SER J 731 -7.37 -97.51 -10.98
N GLU J 732 -6.10 -97.20 -11.28
CA GLU J 732 -5.74 -95.83 -11.65
C GLU J 732 -6.44 -95.40 -12.93
N THR J 733 -6.47 -96.27 -13.94
CA THR J 733 -7.07 -95.90 -15.23
C THR J 733 -8.57 -95.67 -15.10
N MET J 734 -9.27 -96.51 -14.34
CA MET J 734 -10.70 -96.33 -14.17
C MET J 734 -11.02 -95.02 -13.45
N LEU J 735 -10.22 -94.68 -12.44
CA LEU J 735 -10.42 -93.41 -11.76
C LEU J 735 -10.09 -92.22 -12.66
N LYS J 736 -9.20 -92.42 -13.63
CA LYS J 736 -8.93 -91.37 -14.60
C LYS J 736 -10.16 -91.06 -15.43
N ILE J 737 -10.88 -92.08 -15.87
CA ILE J 737 -12.13 -91.86 -16.60
C ILE J 737 -13.20 -91.30 -15.67
N LEU J 738 -13.25 -91.79 -14.44
CA LEU J 738 -14.29 -91.36 -13.51
C LEU J 738 -14.17 -89.89 -13.16
N THR J 739 -12.94 -89.38 -13.04
CA THR J 739 -12.76 -87.97 -12.71
C THR J 739 -13.33 -87.07 -13.80
N ILE J 740 -13.13 -87.45 -15.06
CA ILE J 740 -13.71 -86.69 -16.17
C ILE J 740 -15.23 -86.75 -16.10
N ASP J 741 -15.79 -87.93 -15.84
CA ASP J 741 -17.23 -88.11 -15.88
C ASP J 741 -17.92 -87.51 -14.67
N GLY J 742 -17.28 -87.57 -13.51
CA GLY J 742 -17.94 -87.17 -12.27
C GLY J 742 -18.28 -85.69 -12.18
N THR J 743 -17.67 -84.85 -13.02
CA THR J 743 -17.94 -83.43 -12.97
C THR J 743 -19.37 -83.11 -13.38
N THR J 744 -19.94 -83.91 -14.29
CA THR J 744 -21.31 -83.68 -14.74
C THR J 744 -22.31 -83.91 -13.61
N GLY J 745 -21.99 -84.80 -12.66
CA GLY J 745 -22.86 -85.10 -11.55
C GLY J 745 -23.26 -86.57 -11.56
N LYS J 746 -24.50 -86.83 -11.13
CA LYS J 746 -25.01 -88.18 -11.18
C LYS J 746 -25.19 -88.66 -12.62
N ASP J 747 -25.50 -87.74 -13.53
CA ASP J 747 -25.60 -88.10 -14.94
C ASP J 747 -24.27 -88.58 -15.48
N GLY J 748 -23.17 -87.94 -15.06
CA GLY J 748 -21.86 -88.38 -15.48
C GLY J 748 -21.51 -89.77 -15.00
N TYR J 749 -21.94 -90.10 -13.78
CA TYR J 749 -21.70 -91.44 -13.26
C TYR J 749 -22.42 -92.50 -14.08
N ARG J 750 -23.66 -92.22 -14.47
CA ARG J 750 -24.39 -93.15 -15.33
C ARG J 750 -23.71 -93.29 -16.68
N ASN J 751 -23.10 -92.20 -17.17
CA ASN J 751 -22.35 -92.27 -18.42
C ASN J 751 -21.11 -93.14 -18.26
N TRP J 752 -20.49 -93.11 -17.09
CA TRP J 752 -19.35 -93.99 -16.83
C TRP J 752 -19.76 -95.44 -16.84
N LEU J 753 -20.91 -95.76 -16.26
CA LEU J 753 -21.36 -97.16 -16.21
C LEU J 753 -21.75 -97.65 -17.60
N ASP J 754 -22.31 -96.77 -18.44
CA ASP J 754 -22.64 -97.17 -19.79
C ASP J 754 -21.39 -97.52 -20.59
N LYS J 755 -20.30 -96.77 -20.39
CA LYS J 755 -19.05 -97.10 -21.03
C LYS J 755 -18.53 -98.47 -20.56
N LEU J 756 -18.71 -98.76 -19.28
CA LEU J 756 -18.22 -100.03 -18.72
C LEU J 756 -18.91 -101.22 -19.37
N VAL J 757 -20.22 -101.11 -19.62
CA VAL J 757 -20.97 -102.24 -20.15
C VAL J 757 -21.10 -102.22 -21.67
N GLY J 758 -20.81 -101.10 -22.31
CA GLY J 758 -20.92 -101.02 -23.76
C GLY J 758 -19.60 -101.14 -24.47
N HIS J 759 -18.59 -101.64 -23.76
CA HIS J 759 -17.24 -101.77 -24.32
C HIS J 759 -17.15 -103.12 -25.03
N ASN J 760 -17.16 -103.10 -26.36
CA ASN J 760 -17.03 -104.31 -27.13
C ASN J 760 -15.60 -104.85 -27.08
N TYR J 761 -15.48 -106.17 -27.14
CA TYR J 761 -14.16 -106.79 -27.12
C TYR J 761 -13.38 -106.41 -28.37
N PRO J 762 -12.14 -105.94 -28.22
CA PRO J 762 -11.33 -105.61 -29.40
C PRO J 762 -10.95 -106.87 -30.17
N VAL J 763 -10.46 -106.66 -31.39
CA VAL J 763 -10.09 -107.79 -32.25
C VAL J 763 -8.94 -108.57 -31.64
N TYR J 764 -7.92 -107.88 -31.13
CA TYR J 764 -6.80 -108.50 -30.44
C TYR J 764 -6.92 -108.18 -28.95
N VAL J 765 -7.19 -109.21 -28.16
CA VAL J 765 -7.38 -109.05 -26.72
C VAL J 765 -6.15 -109.62 -26.01
N GLU J 766 -5.92 -109.13 -24.80
CA GLU J 766 -4.85 -109.67 -24.00
C GLU J 766 -5.16 -111.13 -23.63
N PRO J 767 -4.17 -112.01 -23.63
CA PRO J 767 -4.43 -113.41 -23.28
C PRO J 767 -4.98 -113.59 -21.87
N VAL J 768 -4.76 -112.63 -20.97
CA VAL J 768 -5.27 -112.76 -19.61
C VAL J 768 -6.80 -112.73 -19.62
N VAL J 769 -7.38 -111.95 -20.53
CA VAL J 769 -8.84 -111.85 -20.60
C VAL J 769 -9.45 -113.19 -21.01
N ASN J 770 -8.86 -113.83 -22.01
CA ASN J 770 -9.37 -115.13 -22.46
C ASN J 770 -9.22 -116.17 -21.36
N ILE J 771 -8.10 -116.18 -20.65
CA ILE J 771 -7.89 -117.15 -19.59
C ILE J 771 -8.91 -116.95 -18.48
N MET J 772 -9.15 -115.69 -18.11
CA MET J 772 -10.17 -115.42 -17.09
C MET J 772 -11.55 -115.82 -17.58
N ASN J 773 -11.87 -115.55 -18.85
CA ASN J 773 -13.15 -115.97 -19.41
C ASN J 773 -13.25 -117.49 -19.47
N PHE J 774 -12.13 -118.16 -19.74
CA PHE J 774 -12.14 -119.62 -19.80
C PHE J 774 -12.43 -120.22 -18.43
N ILE J 775 -11.82 -119.67 -17.37
CA ILE J 775 -12.03 -120.20 -16.04
C ILE J 775 -13.46 -119.95 -15.58
N SER J 776 -14.02 -118.79 -15.92
CA SER J 776 -15.40 -118.50 -15.55
C SER J 776 -16.37 -119.47 -16.24
N ALA J 777 -16.09 -119.82 -17.50
CA ALA J 777 -16.95 -120.77 -18.20
C ALA J 777 -16.90 -122.14 -17.53
N ARG J 778 -15.72 -122.56 -17.09
CA ARG J 778 -15.61 -123.84 -16.40
C ARG J 778 -16.25 -123.81 -15.03
N PHE J 779 -16.24 -122.64 -14.38
CA PHE J 779 -16.85 -122.50 -13.07
C PHE J 779 -18.35 -122.73 -13.13
N VAL J 780 -19.02 -122.19 -14.15
CA VAL J 780 -20.46 -122.33 -14.26
C VAL J 780 -20.82 -123.71 -14.80
N ALA J 781 -20.13 -124.14 -15.86
CA ALA J 781 -20.49 -125.40 -16.51
C ALA J 781 -20.16 -126.59 -15.61
N ASP J 782 -18.95 -126.65 -15.07
CA ASP J 782 -18.50 -127.74 -14.22
C ASP J 782 -18.42 -127.21 -12.80
N SER J 783 -19.42 -127.56 -11.98
CA SER J 783 -19.51 -127.03 -10.63
C SER J 783 -19.08 -128.02 -9.56
N SER J 784 -19.06 -129.32 -9.88
CA SER J 784 -18.65 -130.30 -8.88
C SER J 784 -17.18 -130.18 -8.52
N TYR J 785 -16.35 -129.70 -9.45
CA TYR J 785 -14.92 -129.57 -9.17
C TYR J 785 -14.67 -128.55 -8.07
N PHE J 786 -15.40 -127.44 -8.08
CA PHE J 786 -15.13 -126.33 -7.19
C PHE J 786 -15.93 -126.37 -5.89
N GLY J 787 -16.83 -127.33 -5.74
CA GLY J 787 -17.52 -127.54 -4.48
C GLY J 787 -18.87 -126.89 -4.34
N TYR J 788 -19.69 -126.87 -5.38
CA TYR J 788 -21.08 -126.44 -5.23
C TYR J 788 -21.93 -127.14 -6.29
N THR J 789 -23.21 -127.31 -5.96
CA THR J 789 -24.15 -128.01 -6.82
C THR J 789 -25.49 -127.29 -6.78
N ASN J 790 -26.37 -127.66 -7.72
CA ASN J 790 -27.67 -127.04 -7.85
C ASN J 790 -28.82 -127.97 -7.49
N GLU J 791 -28.54 -129.04 -6.75
CA GLU J 791 -29.58 -130.01 -6.44
C GLU J 791 -29.13 -130.88 -5.27
N ILE J 792 -30.03 -131.09 -4.31
CA ILE J 792 -29.78 -131.96 -3.17
C ILE J 792 -31.01 -132.83 -2.95
N MET J 793 -30.81 -133.92 -2.21
CA MET J 793 -31.86 -134.92 -1.99
C MET J 793 -31.88 -135.29 -0.52
N ILE J 794 -32.81 -134.72 0.22
CA ILE J 794 -32.93 -134.94 1.67
C ILE J 794 -33.96 -136.03 1.90
N MET J 795 -33.55 -137.11 2.55
CA MET J 795 -34.41 -138.26 2.76
C MET J 795 -34.29 -138.75 4.19
N PRO J 796 -35.30 -139.47 4.69
CA PRO J 796 -35.17 -140.17 5.97
C PRO J 796 -34.21 -141.34 5.89
N ASN J 797 -34.09 -142.11 6.98
CA ASN J 797 -33.08 -143.15 7.07
C ASN J 797 -33.58 -144.53 6.65
N HIS J 798 -34.86 -144.84 6.85
CA HIS J 798 -35.32 -146.21 6.58
C HIS J 798 -35.38 -146.51 5.10
N ILE J 799 -35.58 -145.50 4.25
CA ILE J 799 -35.61 -145.74 2.81
C ILE J 799 -34.19 -145.95 2.30
N ASN J 800 -33.99 -147.04 1.57
CA ASN J 800 -32.69 -147.40 1.03
C ASN J 800 -32.62 -147.04 -0.44
N VAL J 801 -31.55 -146.36 -0.84
CA VAL J 801 -31.41 -145.89 -2.21
C VAL J 801 -30.09 -146.39 -2.79
N PRO J 802 -30.00 -146.59 -4.10
CA PRO J 802 -28.71 -146.89 -4.72
C PRO J 802 -27.77 -145.70 -4.59
N VAL J 803 -26.48 -146.01 -4.46
CA VAL J 803 -25.45 -145.01 -4.26
C VAL J 803 -24.26 -145.35 -5.14
N ASP J 804 -23.19 -144.57 -5.00
CA ASP J 804 -21.95 -144.78 -5.74
C ASP J 804 -21.03 -145.64 -4.89
N ASP J 805 -21.03 -146.94 -5.15
CA ASP J 805 -20.22 -147.88 -4.38
C ASP J 805 -18.83 -148.07 -4.94
N ARG J 806 -18.42 -147.23 -5.90
CA ARG J 806 -17.07 -147.36 -6.45
C ARG J 806 -16.00 -147.04 -5.40
N PHE J 807 -16.27 -146.04 -4.56
CA PHE J 807 -15.27 -145.57 -3.59
C PHE J 807 -15.31 -146.31 -2.27
N GLY J 808 -16.30 -147.16 -2.05
CA GLY J 808 -16.34 -147.94 -0.82
C GLY J 808 -16.50 -147.13 0.44
N PHE J 809 -17.41 -146.16 0.42
CA PHE J 809 -17.70 -145.35 1.59
C PHE J 809 -18.81 -145.98 2.40
N ARG J 810 -18.74 -145.86 3.72
CA ARG J 810 -19.83 -146.31 4.57
C ARG J 810 -20.98 -145.32 4.46
N ASP J 811 -22.09 -145.76 3.88
CA ASP J 811 -23.26 -144.92 3.65
C ASP J 811 -22.87 -143.69 2.83
N SER J 812 -22.43 -143.95 1.61
CA SER J 812 -21.91 -142.89 0.74
C SER J 812 -23.00 -141.87 0.44
N PRO J 813 -22.75 -140.59 0.64
CA PRO J 813 -23.78 -139.58 0.37
C PRO J 813 -23.80 -139.16 -1.08
N PHE J 814 -23.17 -139.94 -1.96
CA PHE J 814 -23.02 -139.60 -3.36
C PHE J 814 -23.81 -140.57 -4.22
N CYS J 815 -24.53 -140.04 -5.20
CA CYS J 815 -25.27 -140.82 -6.18
C CYS J 815 -24.85 -140.37 -7.57
N THR J 816 -24.78 -141.32 -8.51
CA THR J 816 -24.32 -141.00 -9.85
C THR J 816 -25.24 -139.97 -10.51
N SER J 817 -26.54 -140.14 -10.35
CA SER J 817 -27.52 -139.15 -10.80
C SER J 817 -28.70 -139.25 -9.86
N LEU J 818 -29.24 -138.11 -9.46
CA LEU J 818 -30.32 -138.11 -8.48
C LEU J 818 -31.55 -138.76 -9.09
N PRO J 819 -32.08 -139.83 -8.49
CA PRO J 819 -33.15 -140.59 -9.16
C PRO J 819 -34.41 -139.76 -9.31
N ARG J 820 -35.08 -139.96 -10.45
CA ARG J 820 -36.41 -139.38 -10.64
C ARG J 820 -37.48 -140.17 -9.89
N THR J 821 -37.31 -141.49 -9.81
CA THR J 821 -38.19 -142.37 -9.05
C THR J 821 -37.34 -143.29 -8.20
N ILE J 822 -37.73 -143.48 -6.95
CA ILE J 822 -37.04 -144.39 -6.04
C ILE J 822 -38.05 -145.41 -5.54
N MET J 823 -37.64 -146.69 -5.53
CA MET J 823 -38.50 -147.80 -5.14
C MET J 823 -39.77 -147.85 -5.97
N GLY J 824 -39.73 -147.29 -7.17
CA GLY J 824 -40.88 -147.26 -8.05
C GLY J 824 -41.81 -146.08 -7.88
N ASN J 825 -41.56 -145.21 -6.91
CA ASN J 825 -42.38 -144.03 -6.67
C ASN J 825 -41.58 -142.79 -6.99
N ASP J 826 -42.16 -141.90 -7.80
CA ASP J 826 -41.45 -140.68 -8.17
C ASP J 826 -41.25 -139.79 -6.95
N VAL J 827 -40.10 -139.12 -6.90
CA VAL J 827 -39.74 -138.29 -5.76
C VAL J 827 -40.24 -136.87 -6.01
N ARG J 828 -40.70 -136.23 -4.95
CA ARG J 828 -41.17 -134.86 -5.04
C ARG J 828 -40.01 -133.92 -5.34
N ARG J 829 -40.28 -132.90 -6.15
CA ARG J 829 -39.30 -131.88 -6.49
C ARG J 829 -39.84 -130.53 -6.01
N ILE J 830 -39.06 -129.87 -5.15
CA ILE J 830 -39.45 -128.60 -4.55
C ILE J 830 -38.36 -127.58 -4.82
N SER J 831 -38.73 -126.41 -5.31
CA SER J 831 -37.77 -125.33 -5.46
C SER J 831 -37.47 -124.70 -4.11
N TYR J 832 -36.38 -123.95 -4.04
CA TYR J 832 -35.96 -123.38 -2.76
C TYR J 832 -36.97 -122.37 -2.23
N ASN J 833 -37.55 -121.56 -3.13
CA ASN J 833 -38.43 -120.49 -2.67
C ASN J 833 -39.70 -121.03 -2.03
N VAL J 834 -40.34 -122.01 -2.69
CA VAL J 834 -41.55 -122.60 -2.10
C VAL J 834 -41.22 -123.40 -0.86
N PHE J 835 -40.01 -123.97 -0.80
CA PHE J 835 -39.59 -124.67 0.41
C PHE J 835 -39.51 -123.73 1.60
N SER J 836 -39.03 -122.51 1.39
CA SER J 836 -38.97 -121.53 2.46
C SER J 836 -40.36 -121.16 2.98
N MET J 837 -41.38 -121.29 2.12
CA MET J 837 -42.72 -120.86 2.49
C MET J 837 -43.47 -121.95 3.26
N MET J 838 -43.20 -123.22 2.96
CA MET J 838 -44.04 -124.29 3.45
C MET J 838 -44.03 -124.37 4.96
N GLU J 839 -45.21 -124.57 5.53
CA GLU J 839 -45.39 -124.63 6.98
C GLU J 839 -45.46 -126.04 7.52
N ASP J 840 -45.46 -127.05 6.65
CA ASP J 840 -45.64 -128.44 7.04
C ASP J 840 -44.38 -129.27 6.75
N ILE J 841 -43.22 -128.73 7.11
CA ILE J 841 -41.96 -129.39 6.78
C ILE J 841 -41.86 -130.74 7.47
N ASP J 842 -42.33 -130.83 8.71
CA ASP J 842 -42.24 -132.08 9.45
C ASP J 842 -43.01 -133.19 8.73
N ASP J 843 -44.19 -132.87 8.20
CA ASP J 843 -44.93 -133.84 7.40
C ASP J 843 -44.19 -134.13 6.10
N VAL J 844 -43.72 -133.08 5.42
CA VAL J 844 -43.08 -133.25 4.12
C VAL J 844 -41.79 -134.05 4.24
N ILE J 845 -40.97 -133.74 5.25
CA ILE J 845 -39.68 -134.40 5.40
C ILE J 845 -39.79 -135.87 5.75
N SER J 846 -40.98 -136.34 6.13
CA SER J 846 -41.17 -137.75 6.42
C SER J 846 -40.95 -138.61 5.19
N GLU J 847 -41.09 -138.05 3.99
CA GLU J 847 -40.67 -138.68 2.76
C GLU J 847 -39.60 -137.83 2.10
N GLY J 848 -38.76 -138.47 1.30
CA GLY J 848 -37.69 -137.73 0.65
C GLY J 848 -38.21 -136.71 -0.34
N PHE J 849 -37.40 -135.66 -0.53
CA PHE J 849 -37.74 -134.62 -1.49
C PHE J 849 -36.45 -134.01 -2.03
N ILE J 850 -36.57 -133.36 -3.17
CA ILE J 850 -35.42 -132.84 -3.92
C ILE J 850 -35.53 -131.33 -3.99
N LEU J 851 -34.45 -130.64 -3.64
CA LEU J 851 -34.38 -129.19 -3.68
C LEU J 851 -33.55 -128.76 -4.88
N TYR J 852 -34.05 -127.80 -5.64
CA TYR J 852 -33.35 -127.27 -6.80
C TYR J 852 -33.55 -125.75 -6.83
N ASP J 853 -33.20 -125.14 -7.97
CA ASP J 853 -33.35 -123.70 -8.18
C ASP J 853 -32.56 -122.88 -7.18
N ALA J 854 -31.44 -123.43 -6.69
CA ALA J 854 -30.57 -122.72 -5.78
C ALA J 854 -29.19 -123.36 -5.83
N TYR J 855 -28.19 -122.61 -5.37
CA TYR J 855 -26.81 -123.08 -5.31
C TYR J 855 -26.51 -123.60 -3.92
N PHE J 856 -26.00 -124.84 -3.85
CA PHE J 856 -25.71 -125.49 -2.58
C PHE J 856 -24.21 -125.68 -2.47
N ASN J 857 -23.63 -125.15 -1.39
CA ASN J 857 -22.20 -125.28 -1.14
C ASN J 857 -21.96 -126.38 -0.12
N PHE J 858 -21.03 -127.27 -0.42
CA PHE J 858 -20.75 -128.40 0.45
C PHE J 858 -19.25 -128.65 0.50
N SER J 859 -18.79 -129.11 1.65
CA SER J 859 -17.41 -129.51 1.87
C SER J 859 -17.39 -130.90 2.50
N TYR J 860 -16.49 -131.76 2.03
CA TYR J 860 -16.38 -133.11 2.54
C TYR J 860 -14.96 -133.34 3.01
N ASP J 861 -14.82 -133.98 4.17
CA ASP J 861 -13.53 -134.41 4.70
C ASP J 861 -13.53 -135.93 4.71
N ILE J 862 -12.54 -136.54 4.07
CA ILE J 862 -12.42 -137.99 3.99
C ILE J 862 -11.45 -138.46 5.06
N MET J 863 -11.89 -139.41 5.88
CA MET J 863 -11.07 -140.01 6.91
C MET J 863 -10.70 -141.43 6.50
N THR J 864 -9.42 -141.78 6.62
CA THR J 864 -8.95 -143.07 6.15
C THR J 864 -9.44 -144.22 7.00
N THR J 865 -9.83 -143.97 8.24
CA THR J 865 -10.32 -145.02 9.12
C THR J 865 -11.74 -145.43 8.72
N ASP J 866 -12.34 -146.29 9.52
CA ASP J 866 -13.70 -146.75 9.31
C ASP J 866 -14.58 -146.23 10.44
N GLY J 867 -15.60 -145.45 10.07
CA GLY J 867 -16.45 -144.80 11.05
C GLY J 867 -17.81 -144.50 10.47
N VAL J 868 -18.63 -143.85 11.29
CA VAL J 868 -19.98 -143.48 10.88
C VAL J 868 -19.92 -142.19 10.06
N THR J 869 -20.54 -142.22 8.89
CA THR J 869 -20.59 -141.05 8.03
C THR J 869 -21.81 -140.21 8.39
N ARG J 870 -21.59 -138.91 8.64
CA ARG J 870 -22.65 -138.07 9.15
C ARG J 870 -22.36 -136.62 8.81
N LEU J 871 -23.41 -135.81 8.88
CA LEU J 871 -23.28 -134.38 8.72
C LEU J 871 -22.74 -133.74 10.01
N LYS J 872 -22.01 -132.64 9.84
CA LYS J 872 -21.50 -131.93 11.01
C LYS J 872 -22.64 -131.31 11.82
N GLU J 873 -23.63 -130.74 11.14
CA GLU J 873 -24.74 -130.06 11.80
C GLU J 873 -26.06 -130.68 11.37
N ASP J 874 -27.14 -130.23 12.00
CA ASP J 874 -28.47 -130.64 11.62
C ASP J 874 -28.83 -130.04 10.25
N ILE J 875 -29.89 -130.57 9.65
CA ILE J 875 -30.18 -130.26 8.25
C ILE J 875 -30.96 -128.95 8.14
N LEU J 876 -32.03 -128.81 8.92
CA LEU J 876 -33.01 -127.77 8.67
C LEU J 876 -33.12 -126.80 9.84
N ILE J 877 -33.24 -125.52 9.51
CA ILE J 877 -33.40 -124.45 10.49
C ILE J 877 -34.59 -123.61 10.08
N VAL J 878 -35.51 -123.37 11.02
CA VAL J 878 -36.76 -122.67 10.75
C VAL J 878 -36.80 -121.38 11.56
N THR J 879 -37.06 -120.28 10.88
CA THR J 879 -37.26 -118.98 11.50
C THR J 879 -38.70 -118.53 11.26
N ASP J 880 -39.02 -117.35 11.80
CA ASP J 880 -40.38 -116.82 11.65
C ASP J 880 -40.69 -116.33 10.24
N THR J 881 -39.67 -116.20 9.38
CA THR J 881 -39.88 -115.72 8.02
C THR J 881 -39.20 -116.60 6.98
N GLY J 882 -39.21 -117.91 7.18
CA GLY J 882 -38.68 -118.81 6.19
C GLY J 882 -37.96 -119.97 6.82
N ASN J 883 -37.87 -121.06 6.05
CA ASN J 883 -37.11 -122.24 6.43
C ASN J 883 -35.87 -122.32 5.54
N ASP J 884 -34.71 -122.49 6.17
CA ASP J 884 -33.45 -122.58 5.46
C ASP J 884 -32.78 -123.92 5.75
N ILE J 885 -31.72 -124.20 4.99
CA ILE J 885 -30.92 -125.40 5.17
C ILE J 885 -29.56 -124.99 5.72
N LYS J 886 -29.14 -125.66 6.79
CA LYS J 886 -27.90 -125.32 7.46
C LYS J 886 -26.70 -125.71 6.59
N PRO J 887 -25.51 -125.16 6.89
CA PRO J 887 -24.33 -125.51 6.10
C PRO J 887 -24.07 -127.01 6.12
N ILE J 888 -23.58 -127.51 4.99
CA ILE J 888 -23.41 -128.93 4.75
C ILE J 888 -21.94 -129.31 4.90
N HIS J 889 -21.68 -130.35 5.68
CA HIS J 889 -20.35 -130.91 5.82
C HIS J 889 -20.47 -132.42 5.96
N PHE J 890 -19.59 -133.17 5.30
CA PHE J 890 -19.64 -134.61 5.29
C PHE J 890 -18.41 -135.19 5.97
N TYR J 891 -18.62 -136.15 6.85
CA TYR J 891 -17.55 -136.90 7.50
C TYR J 891 -17.52 -138.28 6.86
N ILE J 892 -16.80 -138.40 5.75
CA ILE J 892 -16.82 -139.61 4.94
C ILE J 892 -15.82 -140.60 5.50
N TYR J 893 -16.23 -141.86 5.64
CA TYR J 893 -15.38 -142.92 6.17
C TYR J 893 -15.44 -144.12 5.24
N PHE J 894 -14.36 -144.89 5.22
CA PHE J 894 -14.34 -146.14 4.48
C PHE J 894 -15.05 -147.23 5.28
N GLU J 895 -15.38 -148.33 4.60
CA GLU J 895 -16.34 -149.29 5.12
C GLU J 895 -15.73 -150.68 5.23
N ASN J 896 -15.97 -151.33 6.36
CA ASN J 896 -15.78 -152.77 6.52
C ASN J 896 -17.16 -153.39 6.72
N ARG J 897 -17.50 -154.36 5.87
CA ARG J 897 -18.87 -154.87 5.85
C ARG J 897 -19.21 -155.65 7.10
N ASN J 898 -18.25 -156.36 7.68
CA ASN J 898 -18.52 -157.27 8.79
C ASN J 898 -18.47 -156.59 10.15
N ASP J 899 -18.23 -155.28 10.21
CA ASP J 899 -18.17 -154.55 11.47
C ASP J 899 -19.61 -154.36 11.96
N LYS J 900 -20.01 -155.19 12.92
CA LYS J 900 -21.40 -155.18 13.38
C LYS J 900 -21.73 -153.91 14.16
N LYS J 901 -20.80 -153.43 14.99
CA LYS J 901 -21.10 -152.30 15.86
C LYS J 901 -21.41 -151.04 15.05
N LEU J 902 -20.64 -150.78 14.00
CA LEU J 902 -20.85 -149.57 13.22
C LEU J 902 -22.06 -149.68 12.31
N ARG J 903 -22.39 -150.89 11.86
CA ARG J 903 -23.62 -151.07 11.11
C ARG J 903 -24.83 -150.75 11.98
N TYR J 904 -24.80 -151.17 13.25
CA TYR J 904 -25.87 -150.84 14.18
C TYR J 904 -25.96 -149.33 14.39
N GLU J 905 -24.81 -148.67 14.52
CA GLU J 905 -24.82 -147.24 14.80
C GLU J 905 -25.44 -146.45 13.66
N SER J 906 -25.10 -146.80 12.42
CA SER J 906 -25.66 -146.07 11.28
C SER J 906 -27.14 -146.35 11.11
N LYS J 907 -27.56 -147.58 11.40
CA LYS J 907 -28.94 -147.96 11.15
C LYS J 907 -29.90 -147.35 12.18
N MET J 908 -29.50 -147.30 13.45
CA MET J 908 -30.41 -146.92 14.51
C MET J 908 -30.20 -145.50 15.03
N ASN J 909 -29.02 -144.92 14.86
CA ASN J 909 -28.69 -143.65 15.48
C ASN J 909 -28.67 -142.47 14.51
N VAL J 910 -29.14 -142.66 13.28
CA VAL J 910 -29.21 -141.59 12.28
C VAL J 910 -30.67 -141.46 11.83
N SER J 911 -31.16 -140.22 11.81
CA SER J 911 -32.55 -139.94 11.50
C SER J 911 -32.77 -139.51 10.05
N TYR J 912 -31.95 -138.60 9.54
CA TYR J 912 -32.08 -138.10 8.18
C TYR J 912 -30.73 -138.10 7.50
N ARG J 913 -30.74 -138.18 6.17
CA ARG J 913 -29.53 -138.25 5.38
C ARG J 913 -29.66 -137.33 4.16
N LEU J 914 -28.50 -136.93 3.64
CA LEU J 914 -28.42 -135.99 2.52
C LEU J 914 -27.70 -136.65 1.36
N TYR J 915 -28.15 -136.35 0.14
CA TYR J 915 -27.61 -136.95 -1.07
C TYR J 915 -27.21 -135.86 -2.05
N ILE J 916 -26.05 -136.04 -2.69
CA ILE J 916 -25.50 -135.07 -3.63
C ILE J 916 -24.87 -135.84 -4.78
N LYS J 917 -25.03 -135.31 -5.99
CA LYS J 917 -24.41 -135.93 -7.15
C LYS J 917 -22.90 -136.04 -6.95
N THR J 918 -22.36 -137.21 -7.28
CA THR J 918 -20.95 -137.48 -7.00
C THR J 918 -20.07 -136.48 -7.73
N PRO J 919 -19.15 -135.81 -7.05
CA PRO J 919 -18.28 -134.83 -7.72
C PRO J 919 -17.39 -135.49 -8.76
N ALA J 920 -17.14 -134.75 -9.84
CA ALA J 920 -16.28 -135.26 -10.90
C ALA J 920 -14.80 -135.24 -10.54
N CYS J 921 -14.42 -134.49 -9.51
CA CYS J 921 -13.03 -134.46 -9.09
C CYS J 921 -12.58 -135.82 -8.57
N LEU J 922 -13.45 -136.50 -7.83
CA LEU J 922 -13.13 -137.83 -7.32
C LEU J 922 -12.96 -138.81 -8.47
N LEU J 923 -12.03 -139.75 -8.28
CA LEU J 923 -11.70 -140.71 -9.32
C LEU J 923 -11.31 -142.02 -8.65
N PRO J 924 -11.93 -143.14 -9.02
CA PRO J 924 -11.52 -144.43 -8.45
C PRO J 924 -10.10 -144.79 -8.87
N LEU J 925 -9.47 -145.62 -8.04
CA LEU J 925 -8.08 -145.99 -8.29
C LEU J 925 -7.95 -146.82 -9.56
N SER J 926 -8.93 -147.68 -9.85
CA SER J 926 -8.86 -148.50 -11.06
C SER J 926 -8.83 -147.63 -12.31
N ASP J 927 -9.50 -146.48 -12.28
CA ASP J 927 -9.48 -145.55 -13.42
C ASP J 927 -8.36 -144.53 -13.27
N TYR J 928 -7.13 -145.02 -13.06
CA TYR J 928 -6.00 -144.12 -12.92
C TYR J 928 -5.40 -143.70 -14.25
N MET J 929 -5.89 -144.25 -15.36
CA MET J 929 -5.39 -143.87 -16.67
C MET J 929 -6.00 -142.57 -17.18
N ARG J 930 -7.09 -142.11 -16.57
CA ARG J 930 -7.68 -140.84 -16.98
C ARG J 930 -6.81 -139.66 -16.60
N ALA J 931 -6.07 -139.78 -15.48
CA ALA J 931 -5.24 -138.68 -15.02
C ALA J 931 -4.03 -138.45 -15.94
N GLN J 932 -3.71 -139.39 -16.82
CA GLN J 932 -2.57 -139.22 -17.69
C GLN J 932 -2.80 -138.09 -18.68
N HIS J 933 -1.85 -137.16 -18.76
CA HIS J 933 -1.99 -135.97 -19.57
C HIS J 933 -0.60 -135.54 -20.03
N ASP J 934 -0.56 -134.73 -21.09
CA ASP J 934 0.69 -134.26 -21.67
C ASP J 934 0.80 -132.75 -21.55
N TYR J 935 1.94 -132.28 -21.04
CA TYR J 935 2.27 -130.86 -20.98
C TYR J 935 3.45 -130.61 -21.89
N VAL J 936 3.36 -129.57 -22.71
CA VAL J 936 4.43 -129.23 -23.65
C VAL J 936 5.30 -128.14 -23.03
N SER J 937 6.58 -128.17 -23.37
CA SER J 937 7.54 -127.19 -22.89
C SER J 937 8.41 -126.80 -24.08
N PRO J 938 8.51 -125.52 -24.40
CA PRO J 938 9.30 -125.09 -25.56
C PRO J 938 10.77 -125.40 -25.39
N SER J 939 11.45 -125.51 -26.53
CA SER J 939 12.85 -125.92 -26.55
C SER J 939 13.72 -124.96 -25.75
N SER J 940 14.68 -125.51 -25.04
CA SER J 940 15.60 -124.70 -24.25
C SER J 940 16.60 -123.94 -25.10
N SER J 941 16.72 -124.27 -26.40
CA SER J 941 17.66 -123.57 -27.26
C SER J 941 17.17 -122.17 -27.62
N ARG J 942 15.89 -121.88 -27.42
CA ARG J 942 15.37 -120.56 -27.76
C ARG J 942 15.92 -119.50 -26.81
N VAL J 943 16.16 -118.31 -27.35
CA VAL J 943 16.63 -117.17 -26.57
C VAL J 943 15.64 -116.02 -26.77
N TYR J 944 15.15 -115.47 -25.66
CA TYR J 944 14.15 -114.41 -25.70
C TYR J 944 14.84 -113.06 -25.54
N ILE J 945 14.46 -112.12 -26.39
CA ILE J 945 15.19 -110.86 -26.51
C ILE J 945 14.82 -109.92 -25.37
N LYS J 946 15.83 -109.27 -24.81
CA LYS J 946 15.65 -108.26 -23.78
C LYS J 946 16.05 -106.87 -24.24
N ASP J 947 16.41 -106.70 -25.52
CA ASP J 947 16.86 -105.40 -26.01
C ASP J 947 15.87 -104.84 -27.02
N PRO J 948 15.71 -103.52 -27.08
CA PRO J 948 14.77 -102.94 -28.03
C PRO J 948 15.39 -102.72 -29.41
N ALA J 949 14.51 -102.65 -30.42
CA ALA J 949 14.93 -102.42 -31.78
C ALA J 949 15.18 -100.93 -32.01
N VAL J 950 16.22 -100.62 -32.80
CA VAL J 950 16.65 -99.25 -33.03
C VAL J 950 16.47 -98.94 -34.51
N VAL J 951 15.81 -97.82 -34.79
CA VAL J 951 15.47 -97.41 -36.16
C VAL J 951 16.31 -96.21 -36.55
N TYR J 952 16.78 -96.21 -37.80
CA TYR J 952 17.73 -95.20 -38.27
C TYR J 952 17.70 -95.17 -39.78
N THR J 953 18.27 -94.11 -40.35
CA THR J 953 18.47 -94.02 -41.79
C THR J 953 19.61 -93.06 -42.06
N ARG J 954 20.17 -93.14 -43.26
CA ARG J 954 21.29 -92.30 -43.66
C ARG J 954 20.96 -91.34 -44.80
N SER J 955 19.72 -91.34 -45.29
CA SER J 955 19.34 -90.44 -46.36
C SER J 955 19.31 -88.99 -45.88
N GLU K 182 -33.61 -70.59 5.17
CA GLU K 182 -32.98 -71.69 4.47
C GLU K 182 -33.84 -72.94 4.49
N LEU K 183 -33.86 -73.66 3.38
CA LEU K 183 -34.61 -74.91 3.30
C LEU K 183 -33.96 -75.94 4.21
N ILE K 184 -34.76 -76.59 5.05
CA ILE K 184 -34.28 -77.61 5.97
C ILE K 184 -34.81 -78.96 5.52
N LYS K 185 -33.90 -79.91 5.32
CA LYS K 185 -34.28 -81.26 4.91
C LYS K 185 -34.72 -82.05 6.12
N VAL K 186 -36.02 -82.34 6.21
CA VAL K 186 -36.56 -83.10 7.33
C VAL K 186 -36.15 -84.55 7.16
N PRO K 187 -35.41 -85.14 8.11
CA PRO K 187 -34.94 -86.52 7.91
C PRO K 187 -36.01 -87.57 8.07
N THR K 188 -36.87 -87.45 9.08
CA THR K 188 -37.83 -88.50 9.41
C THR K 188 -39.25 -87.97 9.32
N ILE K 189 -40.16 -88.81 8.86
CA ILE K 189 -41.57 -88.47 8.74
C ILE K 189 -42.20 -88.49 10.13
N PRO K 190 -42.83 -87.40 10.57
CA PRO K 190 -43.43 -87.38 11.91
C PRO K 190 -44.67 -88.26 11.97
N HIS K 191 -44.65 -89.20 12.91
CA HIS K 191 -45.80 -90.04 13.19
C HIS K 191 -46.08 -90.00 14.69
N ASN K 192 -47.36 -90.05 15.05
CA ASN K 192 -47.76 -89.96 16.44
C ASN K 192 -48.63 -91.15 16.83
N LEU K 193 -48.21 -92.34 16.43
CA LEU K 193 -48.96 -93.56 16.71
C LEU K 193 -48.39 -94.25 17.94
N VAL K 194 -49.28 -94.62 18.86
CA VAL K 194 -48.92 -95.39 20.05
C VAL K 194 -49.85 -96.59 20.13
N LEU K 195 -49.27 -97.78 20.24
CA LEU K 195 -50.02 -99.03 20.24
C LEU K 195 -50.20 -99.50 21.67
N ILE K 196 -51.45 -99.69 22.09
CA ILE K 196 -51.79 -100.11 23.44
C ILE K 196 -52.48 -101.46 23.37
N GLN K 197 -51.98 -102.42 24.15
CA GLN K 197 -52.54 -103.77 24.20
C GLN K 197 -52.60 -104.23 25.65
N SER K 198 -53.69 -104.93 25.99
CA SER K 198 -53.88 -105.40 27.36
C SER K 198 -52.92 -106.55 27.67
N ASP K 199 -52.89 -106.93 28.95
CA ASP K 199 -51.98 -108.00 29.38
C ASP K 199 -52.35 -109.33 28.75
N ASN K 200 -53.64 -109.66 28.71
CA ASN K 200 -54.07 -110.88 28.04
C ASN K 200 -53.83 -110.81 26.54
N GLY K 201 -53.72 -109.62 25.97
CA GLY K 201 -53.62 -109.46 24.54
C GLY K 201 -54.93 -109.58 23.80
N LYS K 202 -56.05 -109.70 24.52
CA LYS K 202 -57.34 -109.86 23.86
C LYS K 202 -57.69 -108.65 23.02
N HIS K 203 -57.39 -107.45 23.52
CA HIS K 203 -57.74 -106.22 22.84
C HIS K 203 -56.50 -105.36 22.62
N ALA K 204 -56.49 -104.63 21.51
CA ALA K 204 -55.38 -103.74 21.18
C ALA K 204 -55.90 -102.62 20.31
N LEU K 205 -55.37 -101.42 20.50
CA LEU K 205 -55.83 -100.26 19.76
C LEU K 205 -54.65 -99.37 19.41
N ILE K 206 -54.80 -98.62 18.31
CA ILE K 206 -53.78 -97.69 17.84
C ILE K 206 -54.33 -96.28 18.06
N LYS K 207 -53.48 -95.39 18.58
CA LYS K 207 -53.94 -94.10 19.04
C LYS K 207 -53.04 -92.98 18.53
N GLU K 208 -53.67 -91.89 18.08
CA GLU K 208 -52.98 -90.62 17.88
C GLU K 208 -52.67 -89.98 19.23
N ASP K 209 -51.43 -89.52 19.39
CA ASP K 209 -51.02 -88.79 20.58
C ASP K 209 -50.56 -87.41 20.12
N LEU K 210 -51.50 -86.48 20.00
CA LEU K 210 -51.22 -85.13 19.57
C LEU K 210 -51.23 -84.12 20.71
N GLY K 211 -51.52 -84.55 21.93
CA GLY K 211 -51.47 -83.65 23.07
C GLY K 211 -52.81 -83.01 23.35
N GLN K 212 -53.06 -82.78 24.64
CA GLN K 212 -54.26 -82.08 25.08
C GLN K 212 -54.04 -80.59 25.06
N TRP K 213 -55.04 -79.85 24.57
CA TRP K 213 -54.97 -78.40 24.47
C TRP K 213 -56.17 -77.81 25.19
N PRO K 214 -55.98 -76.96 26.19
CA PRO K 214 -57.12 -76.36 26.88
C PRO K 214 -57.92 -75.45 25.96
N VAL K 215 -59.23 -75.44 26.15
CA VAL K 215 -60.12 -74.57 25.40
C VAL K 215 -61.00 -73.82 26.40
N GLU K 216 -61.50 -72.66 25.98
CA GLU K 216 -62.27 -71.79 26.84
C GLU K 216 -63.57 -71.38 26.15
N THR K 217 -64.65 -71.36 26.91
CA THR K 217 -65.96 -70.96 26.40
C THR K 217 -66.22 -69.49 26.69
N GLY K 218 -67.10 -68.90 25.88
CA GLY K 218 -67.39 -67.49 25.94
C GLY K 218 -66.51 -66.64 25.05
N ILE K 219 -65.36 -67.16 24.64
CA ILE K 219 -64.47 -66.50 23.70
C ILE K 219 -64.59 -67.22 22.37
N SER K 220 -64.32 -66.50 21.28
CA SER K 220 -64.41 -67.08 19.95
C SER K 220 -63.43 -68.23 19.80
N LEU K 221 -63.89 -69.33 19.20
CA LEU K 221 -63.06 -70.52 19.07
C LEU K 221 -61.97 -70.36 18.03
N VAL K 222 -62.26 -69.66 16.93
CA VAL K 222 -61.29 -69.56 15.85
C VAL K 222 -60.06 -68.78 16.31
N ASN K 223 -60.26 -67.77 17.16
CA ASN K 223 -59.13 -66.98 17.65
C ASN K 223 -58.18 -67.83 18.48
N GLN K 224 -58.72 -68.70 19.34
CA GLN K 224 -57.87 -69.59 20.12
C GLN K 224 -57.20 -70.64 19.25
N ALA K 225 -57.91 -71.14 18.22
CA ALA K 225 -57.36 -72.19 17.38
C ALA K 225 -56.11 -71.72 16.64
N GLY K 226 -56.00 -70.41 16.42
CA GLY K 226 -54.80 -69.89 15.78
C GLY K 226 -53.57 -70.04 16.65
N VAL K 227 -53.71 -69.79 17.96
CA VAL K 227 -52.57 -69.91 18.87
C VAL K 227 -52.10 -71.36 18.94
N PHE K 228 -53.02 -72.31 19.04
CA PHE K 228 -52.64 -73.71 19.11
C PHE K 228 -52.16 -74.22 17.76
N ALA K 229 -52.55 -73.56 16.67
CA ALA K 229 -52.08 -73.98 15.35
C ALA K 229 -50.58 -73.79 15.21
N VAL K 230 -50.05 -72.68 15.74
CA VAL K 230 -48.62 -72.43 15.65
C VAL K 230 -47.85 -73.45 16.50
N GLN K 231 -48.36 -73.77 17.68
CA GLN K 231 -47.70 -74.75 18.53
C GLN K 231 -47.70 -76.13 17.89
N LEU K 232 -48.79 -76.48 17.20
CA LEU K 232 -48.84 -77.75 16.49
C LEU K 232 -47.80 -77.81 15.38
N ALA K 233 -47.62 -76.70 14.65
CA ALA K 233 -46.65 -76.68 13.57
C ALA K 233 -45.23 -76.91 14.10
N ASN K 234 -44.91 -76.32 15.25
CA ASN K 234 -43.59 -76.52 15.83
C ASN K 234 -43.37 -77.97 16.23
N LYS K 235 -44.42 -78.62 16.75
CA LYS K 235 -44.31 -80.02 17.15
C LYS K 235 -44.06 -80.94 15.97
N LEU K 236 -44.60 -80.60 14.80
CA LEU K 236 -44.52 -81.47 13.63
C LEU K 236 -43.44 -81.07 12.64
N GLY K 237 -42.65 -80.04 12.95
CA GLY K 237 -41.63 -79.58 12.01
C GLY K 237 -42.22 -79.03 10.74
N ILE K 238 -43.24 -78.17 10.87
CA ILE K 238 -43.97 -77.64 9.74
C ILE K 238 -43.71 -76.16 9.50
N ASP K 239 -43.42 -75.39 10.55
CA ASP K 239 -43.42 -73.92 10.45
C ASP K 239 -42.41 -73.43 9.42
N LYS K 240 -41.22 -73.96 9.46
CA LYS K 240 -40.21 -73.39 8.58
C LYS K 240 -40.18 -74.11 7.24
N PRO K 241 -39.73 -73.44 6.18
CA PRO K 241 -39.70 -74.07 4.85
C PRO K 241 -38.81 -75.29 4.84
N PHE K 242 -39.38 -76.42 4.42
CA PHE K 242 -38.70 -77.70 4.50
C PHE K 242 -38.97 -78.54 3.26
N VAL K 243 -38.09 -79.50 3.02
CA VAL K 243 -38.25 -80.51 1.99
C VAL K 243 -38.00 -81.87 2.62
N LEU K 244 -38.88 -82.82 2.35
CA LEU K 244 -38.73 -84.15 2.93
C LEU K 244 -37.51 -84.85 2.33
N ASP K 245 -36.69 -85.42 3.20
CA ASP K 245 -35.53 -86.21 2.79
C ASP K 245 -35.68 -87.55 3.49
N ALA K 246 -36.42 -88.46 2.87
CA ALA K 246 -36.71 -89.77 3.46
C ALA K 246 -36.47 -90.91 2.48
N GLY K 247 -35.75 -90.66 1.38
CA GLY K 247 -35.48 -91.70 0.42
C GLY K 247 -34.34 -92.61 0.77
N SER K 248 -33.67 -92.37 1.90
CA SER K 248 -32.55 -93.19 2.34
C SER K 248 -32.87 -94.01 3.59
N ASN K 249 -34.06 -93.84 4.17
CA ASN K 249 -34.45 -94.59 5.37
C ASN K 249 -35.13 -95.89 4.96
N TYR K 250 -34.32 -96.83 4.48
CA TYR K 250 -34.86 -98.09 4.00
C TYR K 250 -33.76 -99.15 4.05
N PHE K 251 -34.19 -100.41 3.95
CA PHE K 251 -33.29 -101.54 3.89
C PHE K 251 -33.87 -102.57 2.93
N THR K 252 -33.17 -103.68 2.77
CA THR K 252 -33.56 -104.73 1.84
C THR K 252 -33.56 -106.07 2.57
N ASP K 253 -34.56 -106.90 2.28
CA ASP K 253 -34.70 -108.19 2.93
C ASP K 253 -33.60 -109.14 2.47
N THR K 254 -33.40 -110.21 3.25
CA THR K 254 -32.36 -111.17 2.95
C THR K 254 -32.74 -112.10 1.80
N SER K 255 -34.03 -112.34 1.58
CA SER K 255 -34.45 -113.27 0.56
C SER K 255 -34.04 -112.78 -0.83
N PHE K 256 -33.71 -113.74 -1.70
CA PHE K 256 -33.19 -113.39 -3.02
C PHE K 256 -34.25 -112.71 -3.88
N ILE K 257 -35.48 -113.22 -3.86
CA ILE K 257 -36.51 -112.72 -4.77
C ILE K 257 -36.92 -111.30 -4.38
N ASP K 258 -37.06 -111.03 -3.09
CA ASP K 258 -37.60 -109.76 -2.61
C ASP K 258 -36.53 -108.68 -2.75
N THR K 259 -36.72 -107.77 -3.69
CA THR K 259 -35.85 -106.63 -3.88
C THR K 259 -36.48 -105.32 -3.41
N ARG K 260 -37.64 -105.39 -2.75
CA ARG K 260 -38.33 -104.19 -2.33
C ARG K 260 -37.55 -103.45 -1.25
N LYS K 261 -37.73 -102.14 -1.21
CA LYS K 261 -37.08 -101.29 -0.22
C LYS K 261 -38.02 -101.14 0.97
N TYR K 262 -37.68 -101.78 2.09
CA TYR K 262 -38.53 -101.75 3.28
C TYR K 262 -38.29 -100.44 4.03
N CYS K 263 -39.35 -99.65 4.20
CA CYS K 263 -39.21 -98.39 4.90
C CYS K 263 -39.04 -98.61 6.39
N THR K 264 -38.53 -97.58 7.07
CA THR K 264 -38.33 -97.60 8.51
C THR K 264 -39.18 -96.59 9.25
N ASP K 265 -39.64 -95.53 8.60
CA ASP K 265 -40.41 -94.49 9.27
C ASP K 265 -41.81 -94.99 9.60
N GLY K 266 -42.51 -94.21 10.42
CA GLY K 266 -43.83 -94.60 10.84
C GLY K 266 -43.76 -95.71 11.88
N LEU K 267 -44.94 -96.24 12.20
CA LEU K 267 -45.02 -97.35 13.13
C LEU K 267 -44.40 -98.59 12.51
N SER K 268 -43.48 -99.20 13.24
CA SER K 268 -42.77 -100.36 12.70
C SER K 268 -43.73 -101.53 12.55
N PRO K 269 -43.73 -102.21 11.40
CA PRO K 269 -44.61 -103.38 11.24
C PRO K 269 -44.29 -104.51 12.19
N ARG K 270 -43.09 -104.55 12.76
CA ARG K 270 -42.77 -105.59 13.74
C ARG K 270 -43.59 -105.43 15.00
N GLU K 271 -43.91 -104.19 15.38
CA GLU K 271 -44.79 -103.97 16.53
C GLU K 271 -46.17 -104.53 16.27
N ILE K 272 -46.68 -104.40 15.03
CA ILE K 272 -47.99 -104.93 14.70
C ILE K 272 -47.96 -106.46 14.71
N GLN K 273 -46.85 -107.04 14.26
CA GLN K 273 -46.73 -108.50 14.28
C GLN K 273 -46.76 -109.04 15.70
N LYS K 274 -46.08 -108.37 16.63
CA LYS K 274 -46.12 -108.79 18.03
C LYS K 274 -47.52 -108.65 18.61
N ALA K 275 -48.19 -107.54 18.31
CA ALA K 275 -49.54 -107.33 18.83
C ALA K 275 -50.52 -108.36 18.28
N LEU K 276 -50.42 -108.65 16.98
CA LEU K 276 -51.34 -109.61 16.39
C LEU K 276 -51.11 -111.01 16.93
N ASN K 277 -49.84 -111.39 17.15
CA ASN K 277 -49.53 -112.71 17.68
C ASN K 277 -50.04 -112.87 19.10
N ARG K 278 -49.91 -111.82 19.92
CA ARG K 278 -50.46 -111.88 21.28
C ARG K 278 -51.97 -112.00 21.26
N GLN K 279 -52.63 -111.31 20.33
CA GLN K 279 -54.07 -111.47 20.18
C GLN K 279 -54.43 -112.88 19.76
N ARG K 280 -53.64 -113.48 18.87
CA ARG K 280 -53.91 -114.85 18.46
C ARG K 280 -53.62 -115.85 19.58
N ALA K 281 -52.66 -115.52 20.45
CA ALA K 281 -52.33 -116.43 21.55
C ALA K 281 -53.49 -116.57 22.51
N TYR K 282 -54.20 -115.48 22.77
CA TYR K 282 -55.30 -115.52 23.74
C TYR K 282 -56.44 -116.41 23.26
N TYR K 283 -56.75 -116.36 21.97
CA TYR K 283 -57.83 -117.14 21.40
C TYR K 283 -57.42 -118.56 21.03
N ASP K 284 -56.20 -118.96 21.40
CA ASP K 284 -55.63 -120.26 21.10
C ASP K 284 -55.44 -120.51 19.60
N ARG K 285 -55.51 -119.46 18.79
CA ARG K 285 -55.26 -119.60 17.37
C ARG K 285 -53.77 -119.82 17.11
N PRO K 286 -53.42 -120.42 15.99
CA PRO K 286 -52.01 -120.54 15.63
C PRO K 286 -51.38 -119.19 15.32
N GLU K 287 -50.07 -119.14 15.48
CA GLU K 287 -49.33 -117.92 15.18
C GLU K 287 -49.33 -117.64 13.69
N LEU K 288 -49.00 -116.40 13.33
CA LEU K 288 -48.97 -116.01 11.94
C LEU K 288 -47.95 -116.84 11.16
N THR K 289 -48.35 -117.31 9.99
CA THR K 289 -47.51 -118.17 9.18
C THR K 289 -46.41 -117.38 8.50
N ILE K 290 -45.52 -118.08 7.79
CA ILE K 290 -44.44 -117.41 7.06
C ILE K 290 -45.01 -116.52 5.98
N SER K 291 -45.98 -117.03 5.22
CA SER K 291 -46.57 -116.25 4.13
C SER K 291 -47.28 -115.01 4.67
N GLU K 292 -48.02 -115.14 5.77
CA GLU K 292 -48.70 -113.99 6.33
C GLU K 292 -47.72 -113.03 6.99
N ASN K 293 -46.62 -113.56 7.55
CA ASN K 293 -45.60 -112.71 8.14
C ASN K 293 -44.96 -111.82 7.08
N LYS K 294 -44.69 -112.38 5.90
CA LYS K 294 -44.03 -111.61 4.85
C LYS K 294 -44.94 -110.50 4.33
N THR K 295 -46.24 -110.78 4.21
CA THR K 295 -47.18 -109.76 3.74
C THR K 295 -47.28 -108.60 4.72
N LEU K 296 -47.33 -108.91 6.02
CA LEU K 296 -47.46 -107.84 7.02
C LEU K 296 -46.20 -107.00 7.09
N LEU K 297 -45.02 -107.62 7.02
CA LEU K 297 -43.79 -106.88 7.20
C LEU K 297 -43.46 -106.01 6.00
N SER K 298 -43.97 -106.36 4.82
CA SER K 298 -43.63 -105.65 3.59
C SER K 298 -44.57 -104.50 3.28
N GLN K 299 -45.52 -104.20 4.18
CA GLN K 299 -46.48 -103.13 3.90
C GLN K 299 -45.79 -101.77 3.79
N SER K 300 -44.80 -101.52 4.64
CA SER K 300 -44.04 -100.27 4.60
C SER K 300 -42.92 -100.39 3.59
N ILE K 301 -43.02 -99.63 2.49
CA ILE K 301 -42.04 -99.68 1.42
C ILE K 301 -41.82 -98.28 0.87
N ILE K 302 -40.65 -98.08 0.28
CA ILE K 302 -40.31 -96.85 -0.44
C ILE K 302 -40.01 -97.24 -1.88
N TYR K 303 -40.76 -96.67 -2.82
CA TYR K 303 -40.55 -97.00 -4.21
C TYR K 303 -40.39 -95.72 -5.04
N PRO K 304 -39.61 -95.79 -6.11
CA PRO K 304 -39.41 -94.60 -6.94
C PRO K 304 -40.65 -94.24 -7.73
N ASP K 305 -40.72 -92.96 -8.09
CA ASP K 305 -41.79 -92.42 -8.91
C ASP K 305 -41.26 -92.14 -10.31
N ALA K 306 -42.18 -91.95 -11.25
CA ALA K 306 -41.79 -91.67 -12.63
C ALA K 306 -40.99 -90.37 -12.73
N ASP K 307 -41.40 -89.36 -11.97
CA ASP K 307 -40.71 -88.07 -11.98
C ASP K 307 -39.37 -88.11 -11.27
N GLY K 308 -39.04 -89.19 -10.58
CA GLY K 308 -37.82 -89.30 -9.81
C GLY K 308 -38.01 -89.15 -8.32
N ASN K 309 -39.20 -88.76 -7.87
CA ASN K 309 -39.48 -88.62 -6.45
C ASN K 309 -39.59 -90.00 -5.80
N ASP K 310 -39.53 -90.00 -4.47
CA ASP K 310 -39.66 -91.23 -3.68
C ASP K 310 -40.94 -91.16 -2.86
N VAL K 311 -41.77 -92.18 -2.98
CA VAL K 311 -43.02 -92.27 -2.24
C VAL K 311 -42.84 -93.28 -1.13
N SER K 312 -42.98 -92.83 0.11
CA SER K 312 -42.80 -93.68 1.28
C SER K 312 -44.17 -93.99 1.85
N ILE K 313 -44.51 -95.27 1.92
CA ILE K 313 -45.76 -95.74 2.49
C ILE K 313 -45.46 -96.28 3.88
N ILE K 314 -46.03 -95.66 4.89
CA ILE K 314 -45.74 -95.97 6.29
C ILE K 314 -47.07 -96.04 7.05
N PHE K 315 -46.97 -96.41 8.32
CA PHE K 315 -48.12 -96.42 9.23
C PHE K 315 -48.10 -95.14 10.03
N SER K 316 -48.91 -94.17 9.63
CA SER K 316 -48.96 -92.87 10.27
C SER K 316 -50.42 -92.49 10.50
N GLY K 317 -50.63 -91.50 11.35
CA GLY K 317 -51.96 -91.08 11.66
C GLY K 317 -52.59 -90.21 10.59
N ALA K 318 -53.92 -90.15 10.61
CA ALA K 318 -54.64 -89.36 9.61
C ALA K 318 -54.44 -87.88 9.82
N MET K 319 -54.42 -87.43 11.07
CA MET K 319 -54.27 -86.00 11.35
C MET K 319 -52.87 -85.52 10.97
N SER K 320 -51.85 -86.29 11.30
CA SER K 320 -50.49 -85.90 10.95
C SER K 320 -50.26 -85.98 9.45
N HIS K 321 -50.85 -86.99 8.80
CA HIS K 321 -50.67 -87.14 7.35
C HIS K 321 -51.27 -85.96 6.59
N ALA K 322 -52.48 -85.56 6.96
CA ALA K 322 -53.13 -84.44 6.26
C ALA K 322 -52.37 -83.15 6.47
N ILE K 323 -51.93 -82.88 7.70
CA ILE K 323 -51.26 -81.63 8.00
C ILE K 323 -49.87 -81.59 7.35
N PHE K 324 -49.13 -82.70 7.43
CA PHE K 324 -47.80 -82.74 6.85
C PHE K 324 -47.83 -82.58 5.33
N THR K 325 -48.75 -83.26 4.66
CA THR K 325 -48.78 -83.23 3.21
C THR K 325 -49.27 -81.88 2.70
N TYR K 326 -50.25 -81.28 3.38
CA TYR K 326 -50.69 -79.95 2.98
C TYR K 326 -49.59 -78.92 3.18
N ALA K 327 -48.84 -79.04 4.26
CA ALA K 327 -47.70 -78.15 4.48
C ALA K 327 -46.65 -78.32 3.40
N GLN K 328 -46.45 -79.55 2.94
CA GLN K 328 -45.49 -79.81 1.88
C GLN K 328 -45.89 -79.09 0.60
N SER K 329 -47.18 -79.11 0.27
CA SER K 329 -47.65 -78.50 -0.97
C SER K 329 -47.44 -76.99 -0.96
N GLN K 330 -47.72 -76.34 0.17
CA GLN K 330 -47.62 -74.90 0.24
C GLN K 330 -46.18 -74.42 0.07
N TRP K 331 -45.23 -75.10 0.71
CA TRP K 331 -43.84 -74.68 0.59
C TRP K 331 -43.26 -75.03 -0.78
N ASN K 332 -43.77 -76.07 -1.43
CA ASN K 332 -43.30 -76.41 -2.77
C ASN K 332 -43.71 -75.37 -3.79
N LYS K 333 -44.71 -74.54 -3.47
CA LYS K 333 -45.12 -73.48 -4.39
C LYS K 333 -44.03 -72.44 -4.58
N ASN K 334 -43.03 -72.42 -3.72
CA ASN K 334 -41.97 -71.43 -3.76
C ASN K 334 -40.67 -71.95 -4.34
N ILE K 335 -40.41 -73.25 -4.24
CA ILE K 335 -39.17 -73.82 -4.78
C ILE K 335 -39.30 -73.89 -6.30
N ILE K 336 -38.39 -73.20 -7.00
CA ILE K 336 -38.42 -73.13 -8.45
C ILE K 336 -37.03 -73.42 -8.99
N LYS K 337 -36.99 -73.80 -10.27
CA LYS K 337 -35.73 -74.12 -10.92
C LYS K 337 -34.86 -72.88 -11.03
N LEU K 338 -33.55 -73.09 -11.11
CA LEU K 338 -32.61 -71.97 -11.20
C LEU K 338 -32.85 -71.16 -12.46
N ASP K 339 -33.06 -71.83 -13.60
CA ASP K 339 -33.26 -71.13 -14.85
C ASP K 339 -34.53 -70.28 -14.81
N ASP K 340 -35.59 -70.80 -14.19
CA ASP K 340 -36.84 -70.04 -14.09
C ASP K 340 -36.65 -68.77 -13.27
N TYR K 341 -35.90 -68.86 -12.17
CA TYR K 341 -35.66 -67.67 -11.35
C TYR K 341 -34.84 -66.63 -12.09
N ILE K 342 -33.81 -67.07 -12.83
CA ILE K 342 -32.98 -66.14 -13.59
C ILE K 342 -33.81 -65.40 -14.62
N ARG K 343 -34.73 -66.10 -15.28
CA ARG K 343 -35.57 -65.48 -16.29
C ARG K 343 -36.43 -64.37 -15.69
N GLU K 344 -36.90 -64.56 -14.45
CA GLU K 344 -37.77 -63.57 -13.83
C GLU K 344 -37.01 -62.31 -13.45
N ILE K 345 -35.75 -62.44 -13.04
CA ILE K 345 -34.98 -61.30 -12.55
C ILE K 345 -34.00 -60.76 -13.58
N THR K 346 -34.01 -61.28 -14.80
CA THR K 346 -33.01 -60.88 -15.79
C THR K 346 -33.19 -59.44 -16.26
N LEU K 347 -34.35 -58.83 -16.04
CA LEU K 347 -34.60 -57.49 -16.52
C LEU K 347 -34.05 -56.40 -15.60
N THR K 348 -33.53 -56.76 -14.44
CA THR K 348 -33.04 -55.79 -13.46
C THR K 348 -31.54 -55.88 -13.26
N VAL K 349 -30.82 -56.36 -14.27
CA VAL K 349 -29.37 -56.53 -14.20
C VAL K 349 -28.73 -55.49 -15.11
N PRO K 350 -27.94 -54.56 -14.59
CA PRO K 350 -27.30 -53.57 -15.44
C PRO K 350 -26.15 -54.15 -16.26
N LYS K 351 -25.44 -53.29 -16.98
CA LYS K 351 -24.35 -53.75 -17.84
C LYS K 351 -23.00 -53.73 -17.13
N GLN K 352 -22.86 -52.93 -16.07
CA GLN K 352 -21.55 -52.76 -15.45
C GLN K 352 -21.04 -54.06 -14.85
N TYR K 353 -21.92 -54.82 -14.20
CA TYR K 353 -21.50 -55.98 -13.44
C TYR K 353 -21.29 -57.18 -14.35
N ARG K 354 -20.27 -57.97 -14.04
CA ARG K 354 -19.89 -59.15 -14.79
C ARG K 354 -20.86 -60.29 -14.54
N PRO K 355 -21.11 -61.13 -15.55
CA PRO K 355 -22.02 -62.26 -15.35
C PRO K 355 -21.41 -63.34 -14.48
N ARG K 356 -22.27 -64.01 -13.72
CA ARG K 356 -21.83 -65.11 -12.87
C ARG K 356 -21.87 -66.42 -13.65
N ARG K 357 -20.86 -67.25 -13.44
CA ARG K 357 -20.76 -68.55 -14.10
C ARG K 357 -21.15 -69.64 -13.12
N PHE K 358 -22.14 -70.45 -13.50
CA PHE K 358 -22.68 -71.49 -12.64
C PHE K 358 -22.16 -72.85 -13.08
N LYS K 359 -22.04 -73.76 -12.12
CA LYS K 359 -21.72 -75.14 -12.45
C LYS K 359 -22.88 -75.79 -13.20
N GLU K 360 -22.55 -76.76 -14.05
CA GLU K 360 -23.57 -77.37 -14.90
C GLU K 360 -24.55 -78.21 -14.08
N ILE K 361 -24.13 -78.72 -12.93
CA ILE K 361 -25.06 -79.40 -12.04
C ILE K 361 -26.14 -78.44 -11.56
N GLU K 362 -25.73 -77.22 -11.21
CA GLU K 362 -26.69 -76.21 -10.78
C GLU K 362 -27.60 -75.77 -11.92
N HIS K 363 -27.14 -75.86 -13.15
CA HIS K 363 -28.02 -75.54 -14.27
C HIS K 363 -29.04 -76.65 -14.53
N THR K 364 -28.60 -77.91 -14.46
CA THR K 364 -29.51 -79.01 -14.74
C THR K 364 -30.40 -79.34 -13.54
N HIS K 365 -29.86 -79.22 -12.33
CA HIS K 365 -30.59 -79.65 -11.13
C HIS K 365 -30.57 -78.58 -10.05
N GLY K 366 -30.61 -77.31 -10.42
CA GLY K 366 -30.60 -76.25 -9.43
C GLY K 366 -31.98 -75.75 -9.05
N TYR K 367 -32.33 -75.87 -7.78
CA TYR K 367 -33.61 -75.39 -7.26
C TYR K 367 -33.35 -74.37 -6.17
N VAL K 368 -34.03 -73.25 -6.23
CA VAL K 368 -33.85 -72.14 -5.30
C VAL K 368 -35.17 -71.87 -4.61
N TYR K 369 -35.13 -71.74 -3.28
CA TYR K 369 -36.30 -71.38 -2.49
C TYR K 369 -36.35 -69.86 -2.37
N ARG K 370 -37.26 -69.24 -3.13
CA ARG K 370 -37.45 -67.80 -3.08
C ARG K 370 -38.94 -67.50 -3.12
N GLU K 371 -39.32 -66.40 -2.48
CA GLU K 371 -40.65 -65.85 -2.58
C GLU K 371 -40.58 -64.58 -3.41
N LEU K 372 -41.43 -64.48 -4.44
CA LEU K 372 -41.33 -63.39 -5.41
C LEU K 372 -42.59 -62.54 -5.47
N ASN K 373 -43.34 -62.44 -4.37
CA ASN K 373 -44.47 -61.55 -4.32
C ASN K 373 -44.02 -60.15 -3.93
N GLN K 374 -44.38 -59.16 -4.74
CA GLN K 374 -43.96 -57.79 -4.51
C GLN K 374 -44.86 -57.15 -3.44
N GLY K 375 -44.24 -56.56 -2.43
CA GLY K 375 -44.97 -55.84 -1.40
C GLY K 375 -44.85 -54.34 -1.60
N SER K 376 -46.00 -53.67 -1.57
CA SER K 376 -46.04 -52.24 -1.80
C SER K 376 -45.67 -51.48 -0.54
N LEU K 377 -44.77 -50.51 -0.67
CA LEU K 377 -44.42 -49.63 0.44
C LEU K 377 -45.37 -48.45 0.57
N LEU K 378 -46.34 -48.33 -0.34
CA LEU K 378 -47.27 -47.21 -0.29
C LEU K 378 -48.04 -47.07 1.02
N PRO K 379 -48.53 -48.14 1.67
CA PRO K 379 -49.28 -47.94 2.92
C PRO K 379 -48.52 -47.14 3.97
N LEU K 380 -47.21 -47.36 4.11
CA LEU K 380 -46.44 -46.57 5.06
C LEU K 380 -46.14 -45.18 4.52
N VAL K 381 -45.87 -45.06 3.22
CA VAL K 381 -45.52 -43.78 2.65
C VAL K 381 -46.72 -42.84 2.60
N ASP K 382 -47.88 -43.35 2.18
CA ASP K 382 -49.07 -42.53 2.11
C ASP K 382 -49.51 -42.04 3.49
N ALA K 383 -49.47 -42.92 4.49
CA ALA K 383 -49.90 -42.54 5.82
C ALA K 383 -48.90 -41.58 6.47
N ASN K 384 -47.61 -41.91 6.40
CA ASN K 384 -46.55 -41.10 6.98
C ASN K 384 -45.70 -40.55 5.85
N LEU K 385 -46.09 -39.37 5.35
CA LEU K 385 -45.36 -38.78 4.23
C LEU K 385 -44.16 -37.98 4.72
N LYS K 386 -44.36 -37.12 5.72
CA LYS K 386 -43.26 -36.28 6.21
C LYS K 386 -42.14 -37.13 6.79
N GLU K 387 -42.48 -38.14 7.58
CA GLU K 387 -41.45 -38.95 8.24
C GLU K 387 -40.70 -39.80 7.24
N SER K 388 -41.41 -40.48 6.33
CA SER K 388 -40.75 -41.32 5.35
C SER K 388 -39.88 -40.50 4.41
N SER K 389 -40.37 -39.32 4.01
CA SER K 389 -39.58 -38.44 3.16
C SER K 389 -38.33 -37.95 3.88
N SER K 390 -38.47 -37.61 5.16
CA SER K 390 -37.33 -37.12 5.91
C SER K 390 -36.27 -38.19 6.08
N TYR K 391 -36.69 -39.45 6.21
CA TYR K 391 -35.73 -40.54 6.42
C TYR K 391 -34.91 -40.80 5.16
N TYR K 392 -35.58 -40.92 4.01
CA TYR K 392 -34.87 -41.28 2.79
C TYR K 392 -34.01 -40.11 2.29
N PHE K 393 -34.47 -38.88 2.50
CA PHE K 393 -33.67 -37.73 2.10
C PHE K 393 -32.40 -37.62 2.93
N LYS K 394 -32.52 -37.79 4.25
CA LYS K 394 -31.36 -37.69 5.12
C LYS K 394 -30.35 -38.79 4.83
N LYS K 395 -30.82 -40.02 4.62
CA LYS K 395 -29.92 -41.13 4.34
C LYS K 395 -29.23 -40.95 2.99
N LEU K 396 -29.98 -40.53 1.96
CA LEU K 396 -29.39 -40.36 0.64
C LEU K 396 -28.40 -39.20 0.63
N MET K 397 -28.69 -38.13 1.38
CA MET K 397 -27.78 -36.98 1.41
C MET K 397 -26.44 -37.36 2.02
N SER K 398 -26.45 -38.29 2.98
CA SER K 398 -25.20 -38.72 3.59
C SER K 398 -24.28 -39.37 2.57
N SER K 399 -24.85 -40.20 1.68
CA SER K 399 -24.05 -40.85 0.66
C SER K 399 -23.57 -39.85 -0.39
N ILE K 400 -24.45 -38.95 -0.83
CA ILE K 400 -24.09 -38.02 -1.89
C ILE K 400 -23.04 -37.02 -1.41
N SER K 401 -23.08 -36.64 -0.13
CA SER K 401 -22.18 -35.60 0.36
C SER K 401 -20.71 -35.98 0.27
N ASN K 402 -20.41 -37.26 0.10
CA ASN K 402 -19.03 -37.73 0.08
C ASN K 402 -18.47 -37.91 -1.32
N VAL K 403 -19.19 -37.53 -2.36
CA VAL K 403 -18.72 -37.80 -3.72
C VAL K 403 -17.44 -37.00 -3.98
N PRO K 404 -16.38 -37.61 -4.46
CA PRO K 404 -15.12 -36.87 -4.64
C PRO K 404 -15.23 -35.88 -5.79
N VAL K 405 -14.56 -34.74 -5.63
CA VAL K 405 -14.49 -33.71 -6.67
C VAL K 405 -13.07 -33.19 -6.74
N ASP K 406 -12.76 -32.54 -7.86
CA ASP K 406 -11.44 -31.96 -8.03
C ASP K 406 -11.30 -30.69 -7.19
N ALA K 407 -10.05 -30.31 -6.92
CA ALA K 407 -9.74 -29.15 -6.11
C ALA K 407 -9.15 -28.08 -7.03
N ARG K 408 -9.91 -27.02 -7.27
CA ARG K 408 -9.47 -25.92 -8.11
C ARG K 408 -9.60 -24.62 -7.33
N THR K 409 -8.52 -23.83 -7.33
CA THR K 409 -8.55 -22.55 -6.64
C THR K 409 -9.49 -21.58 -7.34
N LEU K 410 -10.23 -20.81 -6.54
CA LEU K 410 -11.17 -19.83 -7.08
C LEU K 410 -10.47 -18.67 -7.77
N GLN K 411 -9.15 -18.52 -7.59
CA GLN K 411 -8.45 -17.37 -8.16
C GLN K 411 -8.42 -17.41 -9.67
N SER K 412 -8.36 -18.60 -10.27
CA SER K 412 -8.36 -18.70 -11.72
C SER K 412 -9.66 -18.16 -12.32
N ALA K 413 -10.80 -18.50 -11.70
CA ALA K 413 -12.08 -18.00 -12.17
C ALA K 413 -12.33 -16.56 -11.75
N THR K 414 -11.85 -16.17 -10.56
CA THR K 414 -12.04 -14.80 -10.10
C THR K 414 -11.20 -13.82 -10.90
N ALA K 415 -10.05 -14.25 -11.42
CA ALA K 415 -9.21 -13.37 -12.21
C ALA K 415 -9.93 -12.92 -13.49
N ALA K 416 -10.65 -13.85 -14.13
CA ALA K 416 -11.40 -13.50 -15.34
C ALA K 416 -12.54 -12.55 -15.01
N LEU K 417 -13.24 -12.78 -13.89
CA LEU K 417 -14.34 -11.90 -13.51
C LEU K 417 -13.84 -10.50 -13.20
N ALA K 418 -12.69 -10.39 -12.54
CA ALA K 418 -12.13 -9.06 -12.25
C ALA K 418 -11.72 -8.35 -13.54
N ALA K 419 -11.16 -9.09 -14.50
CA ALA K 419 -10.67 -8.45 -15.72
C ALA K 419 -11.82 -8.04 -16.63
N ASP K 420 -12.83 -8.89 -16.78
CA ASP K 420 -13.95 -8.57 -17.65
C ASP K 420 -14.68 -7.32 -17.18
N THR K 421 -14.92 -7.22 -15.88
CA THR K 421 -15.45 -6.01 -15.28
C THR K 421 -14.29 -5.09 -14.91
N GLY K 422 -14.56 -4.05 -14.15
CA GLY K 422 -13.47 -3.24 -13.63
C GLY K 422 -13.40 -3.33 -12.12
N GLN K 423 -12.37 -4.00 -11.60
CA GLN K 423 -12.19 -4.12 -10.16
C GLN K 423 -11.08 -3.18 -9.71
N ALA K 424 -11.40 -2.33 -8.75
CA ALA K 424 -10.43 -1.42 -8.17
C ALA K 424 -10.31 -1.72 -6.68
N VAL K 425 -9.07 -1.70 -6.18
CA VAL K 425 -8.85 -1.96 -4.76
C VAL K 425 -9.37 -0.83 -3.89
N ASN K 426 -9.70 0.32 -4.49
CA ASN K 426 -10.20 1.48 -3.76
C ASN K 426 -11.68 1.76 -4.00
N ARG K 427 -12.15 1.62 -5.24
CA ARG K 427 -13.56 1.87 -5.52
C ARG K 427 -14.43 0.76 -4.95
N ALA K 428 -15.72 1.04 -4.88
CA ALA K 428 -16.72 0.07 -4.46
C ALA K 428 -17.69 -0.17 -5.61
N GLN K 429 -17.83 -1.43 -6.00
CA GLN K 429 -18.66 -1.79 -7.14
C GLN K 429 -19.55 -2.96 -6.76
N HIS K 430 -20.39 -3.37 -7.71
CA HIS K 430 -21.24 -4.53 -7.49
C HIS K 430 -20.47 -5.84 -7.62
N VAL K 431 -19.41 -5.85 -8.43
CA VAL K 431 -18.63 -7.08 -8.60
C VAL K 431 -17.97 -7.47 -7.29
N SER K 432 -17.54 -6.49 -6.49
CA SER K 432 -16.95 -6.81 -5.19
C SER K 432 -17.96 -7.51 -4.29
N MET K 433 -19.23 -7.12 -4.37
CA MET K 433 -20.24 -7.76 -3.53
C MET K 433 -20.40 -9.24 -3.88
N LEU K 434 -20.39 -9.55 -5.18
CA LEU K 434 -20.50 -10.95 -5.60
C LEU K 434 -19.29 -11.75 -5.19
N THR K 435 -18.08 -11.19 -5.37
CA THR K 435 -16.86 -11.94 -5.12
C THR K 435 -16.54 -12.06 -3.63
N ASN K 436 -16.87 -11.04 -2.84
CA ASN K 436 -16.52 -11.06 -1.42
C ASN K 436 -17.25 -12.16 -0.66
N ARG K 437 -18.40 -12.61 -1.16
CA ARG K 437 -19.21 -13.61 -0.47
C ARG K 437 -19.19 -14.96 -1.19
N LEU K 438 -18.12 -15.26 -1.92
CA LEU K 438 -17.98 -16.54 -2.59
C LEU K 438 -17.51 -17.57 -1.58
N THR K 439 -18.37 -18.53 -1.26
CA THR K 439 -18.08 -19.54 -0.25
C THR K 439 -18.21 -20.94 -0.86
N THR K 440 -17.22 -21.78 -0.57
CA THR K 440 -17.23 -23.17 -0.97
C THR K 440 -17.44 -24.09 0.23
N ALA K 441 -17.65 -23.51 1.42
CA ALA K 441 -17.76 -24.30 2.63
C ALA K 441 -18.96 -25.24 2.57
N ASN K 442 -20.08 -24.78 2.01
CA ASN K 442 -21.30 -25.58 1.92
C ASN K 442 -21.47 -26.22 0.56
N ALA K 443 -20.37 -26.54 -0.12
CA ALA K 443 -20.46 -27.18 -1.42
C ALA K 443 -21.08 -28.58 -1.37
N PRO K 444 -20.67 -29.49 -0.47
CA PRO K 444 -21.27 -30.83 -0.49
C PRO K 444 -22.77 -30.84 -0.27
N THR K 445 -23.29 -29.95 0.58
CA THR K 445 -24.73 -29.92 0.83
C THR K 445 -25.48 -29.48 -0.40
N VAL K 446 -25.01 -28.43 -1.08
CA VAL K 446 -25.66 -27.98 -2.31
C VAL K 446 -25.54 -29.04 -3.39
N ARG K 447 -24.40 -29.71 -3.48
CA ARG K 447 -24.23 -30.78 -4.45
C ARG K 447 -25.24 -31.90 -4.21
N ALA K 448 -25.47 -32.23 -2.94
CA ALA K 448 -26.48 -33.24 -2.61
C ALA K 448 -27.88 -32.74 -2.95
N ILE K 449 -28.11 -31.42 -2.81
CA ILE K 449 -29.39 -30.85 -3.19
C ILE K 449 -29.63 -30.98 -4.68
N THR K 450 -28.59 -30.73 -5.48
CA THR K 450 -28.74 -30.77 -6.93
C THR K 450 -29.15 -32.15 -7.41
N VAL K 451 -28.53 -33.20 -6.86
CA VAL K 451 -28.86 -34.56 -7.27
C VAL K 451 -30.30 -34.89 -6.91
N LEU K 452 -30.73 -34.50 -5.71
CA LEU K 452 -32.08 -34.83 -5.25
C LEU K 452 -33.12 -34.16 -6.14
N THR K 453 -32.86 -32.94 -6.60
CA THR K 453 -33.82 -32.25 -7.46
C THR K 453 -33.97 -32.97 -8.79
N CYS K 454 -32.89 -33.55 -9.31
CA CYS K 454 -32.91 -34.19 -10.62
C CYS K 454 -33.19 -35.68 -10.55
N MET K 455 -33.50 -36.22 -9.37
CA MET K 455 -33.67 -37.65 -9.20
C MET K 455 -35.06 -38.05 -8.71
N PHE K 456 -35.74 -37.18 -7.97
CA PHE K 456 -37.12 -37.39 -7.58
C PHE K 456 -38.04 -36.60 -8.49
N LYS K 457 -39.30 -37.01 -8.55
CA LYS K 457 -40.25 -36.40 -9.48
C LYS K 457 -40.59 -34.97 -9.05
N GLN K 458 -40.90 -34.79 -7.77
CA GLN K 458 -41.31 -33.48 -7.24
C GLN K 458 -40.57 -33.25 -5.92
N PHE K 459 -39.38 -32.67 -6.01
CA PHE K 459 -38.58 -32.31 -4.85
C PHE K 459 -38.43 -30.80 -4.86
N ARG K 460 -39.39 -30.12 -4.23
CA ARG K 460 -39.40 -28.67 -4.25
C ARG K 460 -38.29 -28.11 -3.37
N ILE K 461 -37.75 -26.97 -3.79
CA ILE K 461 -36.63 -26.32 -3.12
C ILE K 461 -37.03 -24.88 -2.80
N GLY K 462 -36.34 -24.30 -1.83
CA GLY K 462 -36.64 -22.97 -1.38
C GLY K 462 -35.40 -22.09 -1.35
N MET K 463 -35.64 -20.78 -1.30
CA MET K 463 -34.56 -19.80 -1.22
C MET K 463 -35.14 -18.51 -0.68
N THR K 464 -34.66 -18.07 0.48
CA THR K 464 -35.13 -16.85 1.12
C THR K 464 -34.04 -15.79 0.99
N TYR K 465 -34.31 -14.75 0.22
CA TYR K 465 -33.36 -13.68 0.02
C TYR K 465 -33.44 -12.68 1.18
N ALA K 466 -32.55 -11.69 1.17
CA ALA K 466 -32.50 -10.71 2.23
C ALA K 466 -33.70 -9.78 2.15
N LEU K 467 -33.90 -9.01 3.23
CA LEU K 467 -34.98 -8.03 3.23
C LEU K 467 -34.73 -6.94 2.19
N ASP K 468 -33.48 -6.50 2.03
CA ASP K 468 -33.11 -5.54 1.01
C ASP K 468 -32.27 -6.23 -0.05
N PRO K 469 -32.82 -6.52 -1.22
CA PRO K 469 -32.08 -7.32 -2.20
C PRO K 469 -30.82 -6.63 -2.68
N ASN K 470 -29.80 -7.45 -2.95
CA ASN K 470 -28.53 -7.04 -3.51
C ASN K 470 -28.37 -7.65 -4.89
N ILE K 471 -27.20 -7.42 -5.51
CA ILE K 471 -26.85 -8.16 -6.71
C ILE K 471 -26.57 -9.61 -6.37
N MET K 472 -26.36 -9.92 -5.10
CA MET K 472 -26.23 -11.30 -4.66
C MET K 472 -27.49 -12.09 -4.93
N ASP K 473 -28.65 -11.52 -4.59
CA ASP K 473 -29.90 -12.26 -4.71
C ASP K 473 -30.36 -12.34 -6.16
N VAL K 474 -30.08 -11.31 -6.96
CA VAL K 474 -30.41 -11.38 -8.39
C VAL K 474 -29.62 -12.49 -9.05
N ALA K 475 -28.32 -12.59 -8.75
CA ALA K 475 -27.51 -13.67 -9.28
C ALA K 475 -28.01 -15.01 -8.76
N ALA K 476 -28.38 -15.08 -7.48
CA ALA K 476 -28.91 -16.32 -6.93
C ALA K 476 -30.23 -16.70 -7.57
N ALA K 477 -31.13 -15.73 -7.75
CA ALA K 477 -32.42 -16.01 -8.37
C ALA K 477 -32.27 -16.40 -9.83
N THR K 478 -31.41 -15.68 -10.57
CA THR K 478 -31.21 -15.99 -11.98
C THR K 478 -30.58 -17.37 -12.16
N CYS K 479 -29.60 -17.70 -11.30
CA CYS K 479 -28.95 -19.01 -11.41
C CYS K 479 -29.93 -20.13 -11.13
N MET K 480 -30.82 -19.95 -10.14
CA MET K 480 -31.78 -20.99 -9.83
C MET K 480 -32.74 -21.22 -10.99
N LEU K 481 -33.27 -20.14 -11.58
CA LEU K 481 -34.25 -20.29 -12.65
C LEU K 481 -33.64 -20.97 -13.87
N LEU K 482 -32.40 -20.60 -14.22
CA LEU K 482 -31.80 -21.09 -15.44
C LEU K 482 -31.36 -22.54 -15.36
N PHE K 483 -31.05 -23.04 -14.17
CA PHE K 483 -30.41 -24.35 -14.05
C PHE K 483 -31.19 -25.36 -13.22
N ARG K 484 -31.86 -24.94 -12.16
CA ARG K 484 -32.69 -25.89 -11.42
C ARG K 484 -33.88 -26.30 -12.27
N PRO K 485 -34.29 -27.57 -12.22
CA PRO K 485 -35.43 -28.02 -13.01
C PRO K 485 -36.70 -27.27 -12.63
N ALA K 486 -37.54 -27.01 -13.64
CA ALA K 486 -38.80 -26.33 -13.40
C ALA K 486 -39.74 -27.19 -12.56
N GLN K 487 -39.60 -28.51 -12.64
CA GLN K 487 -40.41 -29.40 -11.82
C GLN K 487 -40.07 -29.32 -10.34
N SER K 488 -38.93 -28.71 -9.99
CA SER K 488 -38.53 -28.56 -8.61
C SER K 488 -38.66 -27.13 -8.09
N ILE K 489 -39.22 -26.23 -8.89
CA ILE K 489 -39.45 -24.84 -8.49
C ILE K 489 -40.95 -24.62 -8.47
N SER K 490 -41.48 -24.27 -7.29
CA SER K 490 -42.92 -24.12 -7.13
C SER K 490 -43.38 -22.79 -7.74
N ASP K 491 -44.71 -22.67 -7.90
CA ASP K 491 -45.27 -21.44 -8.46
C ASP K 491 -45.05 -20.26 -7.53
N GLU K 492 -45.23 -20.46 -6.23
CA GLU K 492 -45.02 -19.38 -5.27
C GLU K 492 -43.55 -18.98 -5.20
N GLN K 493 -42.65 -19.96 -5.19
CA GLN K 493 -41.23 -19.65 -5.21
C GLN K 493 -40.84 -18.93 -6.49
N TYR K 494 -41.46 -19.32 -7.62
CA TYR K 494 -41.22 -18.62 -8.87
C TYR K 494 -41.61 -17.15 -8.77
N ARG K 495 -42.74 -16.87 -8.11
CA ARG K 495 -43.18 -15.49 -7.95
C ARG K 495 -42.23 -14.71 -7.06
N TYR K 496 -41.76 -15.32 -5.96
CA TYR K 496 -40.84 -14.62 -5.06
C TYR K 496 -39.52 -14.32 -5.75
N CYS K 497 -39.03 -15.25 -6.57
CA CYS K 497 -37.83 -14.97 -7.34
C CYS K 497 -38.05 -13.82 -8.30
N LEU K 498 -39.20 -13.79 -8.97
CA LEU K 498 -39.49 -12.70 -9.90
C LEU K 498 -39.61 -11.36 -9.17
N GLN K 499 -40.21 -11.36 -7.99
CA GLN K 499 -40.32 -10.13 -7.22
C GLN K 499 -38.96 -9.62 -6.79
N THR K 500 -38.05 -10.53 -6.43
CA THR K 500 -36.72 -10.11 -6.02
C THR K 500 -35.97 -9.43 -7.17
N MET K 501 -36.08 -9.98 -8.37
CA MET K 501 -35.46 -9.33 -9.53
C MET K 501 -36.09 -7.96 -9.78
N ALA K 502 -37.42 -7.87 -9.65
CA ALA K 502 -38.10 -6.61 -9.92
C ALA K 502 -37.67 -5.52 -8.95
N VAL K 503 -37.52 -5.88 -7.66
CA VAL K 503 -37.17 -4.89 -6.65
C VAL K 503 -35.80 -4.28 -6.94
N PHE K 504 -34.84 -5.11 -7.30
CA PHE K 504 -33.49 -4.63 -7.55
C PHE K 504 -33.41 -3.87 -8.87
N LEU K 505 -33.74 -4.52 -9.97
CA LEU K 505 -33.51 -3.94 -11.29
C LEU K 505 -34.40 -2.74 -11.55
N THR K 506 -35.68 -2.84 -11.22
CA THR K 506 -36.65 -1.80 -11.55
C THR K 506 -36.73 -0.70 -10.49
N ASN K 507 -36.21 -0.95 -9.28
CA ASN K 507 -36.31 -0.03 -8.15
C ASN K 507 -37.76 0.21 -7.76
N THR K 508 -38.41 -0.86 -7.30
CA THR K 508 -39.73 -0.79 -6.71
C THR K 508 -39.74 -1.58 -5.41
N THR K 509 -40.65 -1.22 -4.51
CA THR K 509 -40.68 -1.85 -3.21
C THR K 509 -41.40 -3.20 -3.27
N TYR K 510 -41.21 -3.98 -2.21
CA TYR K 510 -41.92 -5.26 -2.10
C TYR K 510 -43.43 -5.05 -1.99
N ASP K 511 -43.84 -3.93 -1.39
CA ASP K 511 -45.27 -3.67 -1.23
C ASP K 511 -45.94 -3.39 -2.58
N ILE K 512 -45.26 -2.68 -3.47
CA ILE K 512 -45.86 -2.35 -4.76
C ILE K 512 -46.09 -3.60 -5.60
N VAL K 513 -45.13 -4.53 -5.58
CA VAL K 513 -45.20 -5.72 -6.41
C VAL K 513 -45.84 -6.90 -5.69
N ASN K 514 -46.27 -6.73 -4.43
CA ASN K 514 -46.83 -7.84 -3.69
C ASN K 514 -48.12 -8.34 -4.33
N ASN K 515 -48.99 -7.43 -4.73
CA ASN K 515 -50.27 -7.83 -5.34
C ASN K 515 -50.13 -8.22 -6.80
N ASP K 516 -49.01 -7.88 -7.43
CA ASP K 516 -48.81 -8.21 -8.84
C ASP K 516 -48.66 -9.71 -9.03
N THR K 517 -49.21 -10.22 -10.13
CA THR K 517 -49.18 -11.63 -10.44
C THR K 517 -47.92 -11.96 -11.24
N ILE K 518 -47.84 -13.20 -11.73
CA ILE K 518 -46.69 -13.61 -12.52
C ILE K 518 -46.62 -12.83 -13.83
N ASP K 519 -47.76 -12.67 -14.51
CA ASP K 519 -47.76 -12.01 -15.81
C ASP K 519 -47.36 -10.55 -15.69
N VAL K 520 -47.84 -9.84 -14.68
CA VAL K 520 -47.50 -8.44 -14.53
C VAL K 520 -46.02 -8.29 -14.18
N LEU K 521 -45.51 -9.19 -13.34
CA LEU K 521 -44.09 -9.13 -13.00
C LEU K 521 -43.21 -9.42 -14.20
N LYS K 522 -43.62 -10.37 -15.04
CA LYS K 522 -42.85 -10.68 -16.24
C LYS K 522 -42.79 -9.51 -17.19
N MET K 523 -43.92 -8.83 -17.40
CA MET K 523 -43.95 -7.71 -18.33
C MET K 523 -43.08 -6.55 -17.83
N LYS K 524 -43.12 -6.28 -16.53
CA LYS K 524 -42.31 -5.19 -15.98
C LYS K 524 -40.83 -5.48 -16.13
N LEU K 525 -40.42 -6.73 -15.86
CA LEU K 525 -39.01 -7.09 -16.00
C LEU K 525 -38.59 -7.07 -17.46
N ARG K 526 -39.42 -7.61 -18.36
CA ARG K 526 -39.03 -7.68 -19.76
C ARG K 526 -38.94 -6.30 -20.39
N ASN K 527 -39.84 -5.39 -20.02
CA ASN K 527 -39.78 -4.03 -20.57
C ASN K 527 -38.49 -3.34 -20.17
N GLN K 528 -38.02 -3.57 -18.95
CA GLN K 528 -36.76 -2.98 -18.52
C GLN K 528 -35.58 -3.56 -19.28
N GLY K 529 -35.74 -4.73 -19.88
CA GLY K 529 -34.68 -5.33 -20.66
C GLY K 529 -34.15 -6.63 -20.10
N TRP K 530 -34.79 -7.14 -19.06
CA TRP K 530 -34.35 -8.36 -18.41
C TRP K 530 -35.10 -9.54 -19.00
N PRO K 531 -34.44 -10.46 -19.70
CA PRO K 531 -35.16 -11.54 -20.37
C PRO K 531 -35.23 -12.84 -19.58
N PHE K 532 -34.50 -12.92 -18.46
CA PHE K 532 -34.45 -14.15 -17.67
C PHE K 532 -35.62 -14.18 -16.68
N VAL K 533 -36.82 -14.33 -17.26
CA VAL K 533 -38.06 -14.29 -16.51
C VAL K 533 -38.90 -15.56 -16.71
N GLU K 534 -38.31 -16.59 -17.30
CA GLU K 534 -39.04 -17.83 -17.60
C GLU K 534 -38.36 -19.01 -16.94
N ARG K 535 -39.17 -20.00 -16.55
CA ARG K 535 -38.66 -21.28 -16.08
C ARG K 535 -38.55 -22.24 -17.26
N TYR K 536 -37.56 -23.13 -17.18
CA TYR K 536 -37.28 -24.09 -18.24
C TYR K 536 -37.38 -25.50 -17.69
N ASN K 537 -38.11 -26.36 -18.40
CA ASN K 537 -38.28 -27.73 -17.98
C ASN K 537 -37.00 -28.52 -18.20
N ALA K 538 -36.88 -29.63 -17.47
CA ALA K 538 -35.72 -30.51 -17.56
C ALA K 538 -36.12 -31.80 -18.26
N VAL K 539 -35.33 -32.21 -19.24
CA VAL K 539 -35.64 -33.42 -19.99
C VAL K 539 -35.47 -34.64 -19.08
N GLU K 540 -36.09 -35.74 -19.50
CA GLU K 540 -36.07 -36.99 -18.75
C GLU K 540 -35.33 -38.05 -19.55
N ILE K 541 -34.38 -38.71 -18.91
CA ILE K 541 -33.57 -39.75 -19.53
C ILE K 541 -34.03 -41.10 -18.99
N ASP K 542 -34.40 -42.00 -19.90
CA ASP K 542 -34.84 -43.33 -19.50
C ASP K 542 -33.67 -44.15 -18.97
N MET K 543 -33.95 -44.94 -17.93
CA MET K 543 -32.95 -45.81 -17.36
C MET K 543 -32.62 -46.96 -18.29
N SER K 544 -31.37 -47.41 -18.24
CA SER K 544 -30.96 -48.53 -19.08
C SER K 544 -31.52 -49.86 -18.59
N VAL K 545 -31.88 -49.95 -17.31
CA VAL K 545 -32.37 -51.19 -16.73
C VAL K 545 -33.64 -50.91 -15.94
N GLU K 546 -34.45 -51.95 -15.78
CA GLU K 546 -35.71 -51.81 -15.06
C GLU K 546 -35.46 -51.53 -13.59
N PRO K 547 -36.19 -50.59 -12.99
CA PRO K 547 -35.94 -50.23 -11.59
C PRO K 547 -36.22 -51.39 -10.64
N LEU K 548 -35.54 -51.36 -9.50
CA LEU K 548 -35.73 -52.38 -8.48
C LEU K 548 -37.10 -52.25 -7.83
N ARG K 549 -37.70 -53.38 -7.47
CA ARG K 549 -38.99 -53.46 -6.81
C ARG K 549 -40.11 -52.81 -7.63
N SER K 550 -39.91 -52.67 -8.93
CA SER K 550 -40.92 -52.08 -9.83
C SER K 550 -41.08 -53.01 -11.03
N PRO K 551 -41.86 -54.08 -10.90
CA PRO K 551 -41.95 -55.06 -11.98
C PRO K 551 -42.67 -54.49 -13.20
N GLY K 552 -42.04 -54.64 -14.37
CA GLY K 552 -42.64 -54.21 -15.62
C GLY K 552 -42.86 -52.72 -15.73
N GLN K 553 -41.88 -51.91 -15.33
CA GLN K 553 -41.98 -50.47 -15.39
C GLN K 553 -40.64 -49.88 -15.82
N VAL K 554 -40.69 -48.64 -16.28
CA VAL K 554 -39.49 -47.91 -16.69
C VAL K 554 -39.26 -46.77 -15.71
N GLY K 555 -38.01 -46.30 -15.68
CA GLY K 555 -37.62 -45.22 -14.79
C GLY K 555 -37.00 -44.07 -15.55
N ARG K 556 -37.21 -42.86 -15.05
CA ARG K 556 -36.68 -41.66 -15.67
C ARG K 556 -36.16 -40.71 -14.60
N TYR K 557 -35.05 -40.05 -14.91
CA TYR K 557 -34.48 -39.04 -14.04
C TYR K 557 -34.12 -37.81 -14.87
N TYR K 558 -34.29 -36.64 -14.26
CA TYR K 558 -34.05 -35.38 -14.96
C TYR K 558 -32.58 -35.16 -15.20
N ASN K 559 -32.24 -34.71 -16.40
CA ASN K 559 -30.87 -34.34 -16.70
C ASN K 559 -30.52 -33.05 -15.97
N PRO K 560 -29.34 -32.98 -15.35
CA PRO K 560 -28.98 -31.80 -14.56
C PRO K 560 -28.79 -30.56 -15.43
N PHE K 561 -29.02 -29.41 -14.80
CA PHE K 561 -28.70 -28.08 -15.35
C PHE K 561 -29.53 -27.71 -16.57
N ASN K 562 -30.65 -28.40 -16.80
CA ASN K 562 -31.52 -28.12 -17.94
C ASN K 562 -30.75 -28.14 -19.25
N ILE K 563 -29.89 -29.14 -19.40
CA ILE K 563 -29.04 -29.30 -20.58
C ILE K 563 -29.57 -30.48 -21.38
N ASP K 564 -29.88 -30.23 -22.65
CA ASP K 564 -30.43 -31.27 -23.50
C ASP K 564 -29.34 -32.24 -23.92
N PRO K 565 -29.46 -33.53 -23.60
CA PRO K 565 -28.38 -34.47 -23.95
C PRO K 565 -28.14 -34.59 -25.44
N LEU K 566 -29.18 -34.50 -26.26
CA LEU K 566 -29.01 -34.67 -27.70
C LEU K 566 -28.18 -33.54 -28.29
N THR K 567 -28.45 -32.30 -27.90
CA THR K 567 -27.72 -31.15 -28.41
C THR K 567 -26.52 -30.76 -27.56
N LYS K 568 -26.41 -31.32 -26.35
CA LYS K 568 -25.38 -30.91 -25.39
C LYS K 568 -25.41 -29.40 -25.18
N LYS K 569 -26.61 -28.86 -25.06
CA LYS K 569 -26.85 -27.44 -24.94
C LYS K 569 -27.90 -27.20 -23.88
N HIS K 570 -27.94 -25.97 -23.37
CA HIS K 570 -29.06 -25.57 -22.54
C HIS K 570 -30.34 -25.57 -23.37
N VAL K 571 -31.46 -25.78 -22.71
CA VAL K 571 -32.73 -25.94 -23.44
C VAL K 571 -33.08 -24.67 -24.20
N GLU K 572 -32.76 -23.51 -23.64
CA GLU K 572 -32.98 -22.24 -24.32
C GLU K 572 -31.83 -22.02 -25.31
N ASP K 573 -32.16 -21.92 -26.60
CA ASP K 573 -31.16 -21.76 -27.64
C ASP K 573 -30.79 -20.31 -27.90
N ARG K 574 -31.39 -19.37 -27.18
CA ARG K 574 -31.07 -17.95 -27.33
C ARG K 574 -30.29 -17.42 -26.14
N LEU K 575 -29.63 -18.30 -25.39
CA LEU K 575 -28.93 -17.88 -24.18
C LEU K 575 -27.78 -16.94 -24.51
N GLU K 576 -27.05 -17.20 -25.59
CA GLU K 576 -25.94 -16.33 -25.97
C GLU K 576 -26.43 -14.93 -26.29
N GLU K 577 -27.55 -14.84 -27.02
CA GLU K 577 -28.09 -13.52 -27.35
C GLU K 577 -28.74 -12.86 -26.14
N PHE K 578 -29.33 -13.67 -25.25
CA PHE K 578 -29.93 -13.12 -24.04
C PHE K 578 -28.90 -12.47 -23.13
N ILE K 579 -27.73 -13.11 -22.99
CA ILE K 579 -26.69 -12.56 -22.14
C ILE K 579 -26.14 -11.27 -22.72
N ASN K 580 -25.98 -11.20 -24.04
CA ASN K 580 -25.51 -9.97 -24.68
C ASN K 580 -26.50 -8.83 -24.45
N GLN K 581 -27.80 -9.14 -24.51
CA GLN K 581 -28.82 -8.12 -24.26
C GLN K 581 -28.73 -7.60 -22.83
N VAL K 582 -28.49 -8.49 -21.87
CA VAL K 582 -28.36 -8.08 -20.48
C VAL K 582 -27.19 -7.11 -20.32
N GLN K 583 -26.06 -7.42 -20.96
CA GLN K 583 -24.87 -6.59 -20.82
C GLN K 583 -25.09 -5.19 -21.36
N VAL K 584 -25.78 -5.08 -22.50
CA VAL K 584 -26.02 -3.76 -23.11
C VAL K 584 -27.00 -2.95 -22.27
N GLY K 585 -28.03 -3.61 -21.72
CA GLY K 585 -29.10 -2.91 -21.06
C GLY K 585 -28.66 -2.20 -19.80
N ARG K 586 -29.59 -1.43 -19.24
CA ARG K 586 -29.33 -0.58 -18.08
C ARG K 586 -30.31 -0.89 -16.97
N PHE K 587 -29.79 -1.22 -15.78
CA PHE K 587 -30.60 -1.51 -14.61
C PHE K 587 -30.05 -0.73 -13.43
N ARG K 588 -30.94 -0.38 -12.50
CA ARG K 588 -30.63 0.31 -11.25
C ARG K 588 -30.13 1.73 -11.48
N ASN K 589 -29.99 2.15 -12.73
CA ASN K 589 -29.41 3.45 -13.03
C ASN K 589 -29.72 3.79 -14.48
N ALA K 590 -30.01 5.08 -14.74
CA ALA K 590 -30.32 5.49 -16.10
C ALA K 590 -29.08 5.45 -16.99
N SER K 591 -27.91 5.76 -16.45
CA SER K 591 -26.67 5.79 -17.19
C SER K 591 -25.66 4.86 -16.53
N GLY K 592 -24.89 4.17 -17.34
CA GLY K 592 -23.88 3.26 -16.84
C GLY K 592 -24.27 1.81 -17.02
N ASN K 593 -23.26 0.95 -17.12
CA ASN K 593 -23.46 -0.48 -17.31
C ASN K 593 -22.84 -1.29 -16.17
N ALA K 594 -22.83 -0.73 -14.96
CA ALA K 594 -22.23 -1.41 -13.83
C ALA K 594 -22.99 -2.70 -13.50
N VAL K 595 -24.32 -2.62 -13.43
CA VAL K 595 -25.12 -3.78 -13.08
C VAL K 595 -25.13 -4.78 -14.22
N GLY K 596 -25.31 -4.29 -15.45
CA GLY K 596 -25.46 -5.19 -16.58
C GLY K 596 -24.21 -6.00 -16.89
N THR K 597 -23.04 -5.34 -16.87
CA THR K 597 -21.81 -6.03 -17.19
C THR K 597 -21.42 -7.02 -16.11
N THR K 598 -21.72 -6.70 -14.84
CA THR K 598 -21.39 -7.61 -13.74
C THR K 598 -22.19 -8.90 -13.86
N LEU K 599 -23.50 -8.79 -14.08
CA LEU K 599 -24.33 -9.99 -14.14
C LEU K 599 -24.05 -10.80 -15.40
N ALA K 600 -23.85 -10.11 -16.53
CA ALA K 600 -23.54 -10.81 -17.76
C ALA K 600 -22.25 -11.59 -17.65
N ALA K 601 -21.23 -11.00 -17.01
CA ALA K 601 -19.98 -11.71 -16.79
C ALA K 601 -20.17 -12.90 -15.85
N PHE K 602 -20.96 -12.71 -14.80
CA PHE K 602 -21.18 -13.81 -13.85
C PHE K 602 -21.97 -14.95 -14.47
N LEU K 603 -23.06 -14.63 -15.19
CA LEU K 603 -23.82 -15.67 -15.87
C LEU K 603 -22.98 -16.34 -16.94
N ARG K 604 -21.97 -15.65 -17.45
CA ARG K 604 -21.11 -16.20 -18.49
C ARG K 604 -20.27 -17.34 -17.94
N ALA K 605 -19.65 -17.13 -16.78
CA ALA K 605 -18.88 -18.19 -16.14
C ALA K 605 -19.78 -19.32 -15.67
N CYS K 606 -20.98 -18.98 -15.20
CA CYS K 606 -21.91 -20.02 -14.75
C CYS K 606 -22.35 -20.90 -15.91
N ARG K 607 -22.58 -20.32 -17.07
CA ARG K 607 -22.97 -21.11 -18.23
C ARG K 607 -21.84 -22.03 -18.69
N ASP K 608 -20.60 -21.53 -18.67
CA ASP K 608 -19.47 -22.34 -19.10
C ASP K 608 -19.25 -23.53 -18.18
N LYS K 609 -19.41 -23.33 -16.87
CA LYS K 609 -19.21 -24.41 -15.92
C LYS K 609 -20.25 -25.51 -16.11
N THR K 610 -21.50 -25.15 -16.37
CA THR K 610 -22.55 -26.14 -16.52
C THR K 610 -22.35 -26.97 -17.78
N SER K 611 -21.90 -26.33 -18.87
CA SER K 611 -21.71 -27.04 -20.13
C SER K 611 -20.59 -28.06 -20.05
N ALA K 612 -19.66 -27.91 -19.10
CA ALA K 612 -18.53 -28.82 -19.01
C ALA K 612 -18.80 -29.98 -18.04
N ASN K 613 -19.47 -29.68 -16.93
CA ASN K 613 -19.64 -30.66 -15.85
C ASN K 613 -20.97 -31.39 -15.86
N TRP K 614 -21.82 -31.17 -16.88
CA TRP K 614 -23.15 -31.77 -16.86
C TRP K 614 -23.07 -33.28 -17.00
N ARG K 615 -22.13 -33.78 -17.80
CA ARG K 615 -22.02 -35.22 -17.99
C ARG K 615 -21.60 -35.92 -16.70
N GLY K 616 -20.70 -35.29 -15.94
CA GLY K 616 -20.28 -35.88 -14.68
C GLY K 616 -21.42 -36.00 -13.68
N TYR K 617 -22.25 -34.96 -13.59
CA TYR K 617 -23.35 -34.99 -12.64
C TYR K 617 -24.46 -35.92 -13.10
N SER K 618 -24.67 -36.02 -14.42
CA SER K 618 -25.71 -36.89 -14.93
C SER K 618 -25.44 -38.35 -14.58
N VAL K 619 -24.17 -38.75 -14.59
CA VAL K 619 -23.82 -40.11 -14.19
C VAL K 619 -24.12 -40.32 -12.71
N LEU K 620 -23.82 -39.33 -11.87
CA LEU K 620 -24.07 -39.46 -10.44
C LEU K 620 -25.55 -39.63 -10.16
N VAL K 621 -26.40 -38.87 -10.85
CA VAL K 621 -27.83 -38.97 -10.63
C VAL K 621 -28.34 -40.34 -11.06
N SER K 622 -27.71 -40.95 -12.07
CA SER K 622 -28.14 -42.26 -12.53
C SER K 622 -27.96 -43.32 -11.45
N ARG K 623 -26.85 -43.27 -10.71
CA ARG K 623 -26.61 -44.27 -9.68
C ARG K 623 -27.65 -44.19 -8.57
N TYR K 624 -27.93 -42.97 -8.09
CA TYR K 624 -28.80 -42.82 -6.93
C TYR K 624 -30.26 -43.04 -7.32
N ARG K 625 -30.60 -42.83 -8.59
CA ARG K 625 -31.94 -43.18 -9.06
C ARG K 625 -32.14 -44.69 -9.05
N SER K 626 -31.05 -45.46 -9.14
CA SER K 626 -31.13 -46.91 -9.12
C SER K 626 -31.29 -47.46 -7.71
N LEU K 627 -31.28 -46.60 -6.70
CA LEU K 627 -31.47 -47.03 -5.31
C LEU K 627 -32.89 -46.84 -4.82
N ILE K 628 -33.82 -46.38 -5.66
CA ILE K 628 -35.18 -46.12 -5.22
C ILE K 628 -36.16 -46.82 -6.16
N PRO K 629 -37.26 -47.39 -5.65
CA PRO K 629 -38.29 -47.93 -6.54
C PRO K 629 -39.13 -46.83 -7.15
N ASN K 630 -40.00 -47.24 -8.08
CA ASN K 630 -40.86 -46.28 -8.76
C ASN K 630 -41.88 -45.68 -7.80
N GLU K 631 -42.32 -46.44 -6.80
CA GLU K 631 -43.28 -45.94 -5.83
C GLU K 631 -42.70 -44.75 -5.07
N LEU K 632 -41.45 -44.86 -4.63
CA LEU K 632 -40.81 -43.76 -3.92
C LEU K 632 -40.51 -42.59 -4.85
N PHE K 633 -40.33 -42.87 -6.14
CA PHE K 633 -40.02 -41.82 -7.10
C PHE K 633 -41.16 -40.82 -7.22
N GLU K 634 -42.41 -41.31 -7.21
CA GLU K 634 -43.57 -40.47 -7.45
C GLU K 634 -44.35 -40.13 -6.19
N SER K 635 -43.88 -40.54 -5.02
CA SER K 635 -44.62 -40.30 -3.78
C SER K 635 -43.90 -39.38 -2.81
N LEU K 636 -42.58 -39.49 -2.68
CA LEU K 636 -41.86 -38.70 -1.70
C LEU K 636 -41.90 -37.21 -2.06
N ARG K 637 -42.14 -36.38 -1.06
CA ARG K 637 -42.24 -34.94 -1.24
C ARG K 637 -41.41 -34.23 -0.19
N ASN K 638 -41.06 -32.98 -0.49
CA ASN K 638 -40.34 -32.12 0.45
C ASN K 638 -41.37 -31.21 1.10
N ILE K 639 -41.74 -31.53 2.35
CA ILE K 639 -42.75 -30.79 3.08
C ILE K 639 -42.15 -30.07 4.28
N SER K 640 -41.21 -30.69 4.98
CA SER K 640 -40.65 -30.10 6.17
C SER K 640 -39.87 -28.83 5.89
N GLY K 641 -39.36 -28.65 4.68
CA GLY K 641 -38.61 -27.46 4.35
C GLY K 641 -37.24 -27.40 4.98
N GLU K 642 -36.67 -28.54 5.37
CA GLU K 642 -35.35 -28.54 5.98
C GLU K 642 -34.24 -28.35 4.95
N TYR K 643 -34.50 -28.70 3.69
CA TYR K 643 -33.50 -28.59 2.63
C TYR K 643 -33.74 -27.30 1.87
N ASN K 644 -33.10 -26.22 2.33
CA ASN K 644 -33.16 -24.93 1.67
C ASN K 644 -31.75 -24.44 1.41
N ILE K 645 -31.60 -23.62 0.37
CA ILE K 645 -30.30 -23.13 -0.08
C ILE K 645 -30.22 -21.64 0.18
N ASN K 646 -29.12 -21.21 0.79
CA ASN K 646 -28.89 -19.79 0.94
C ASN K 646 -28.55 -19.17 -0.41
N PRO K 647 -28.85 -17.89 -0.60
CA PRO K 647 -28.43 -17.23 -1.85
C PRO K 647 -26.92 -17.25 -2.04
N GLN K 648 -26.15 -17.20 -0.95
CA GLN K 648 -24.70 -17.31 -1.08
C GLN K 648 -24.29 -18.66 -1.63
N ASP K 649 -24.93 -19.73 -1.16
CA ASP K 649 -24.59 -21.07 -1.60
C ASP K 649 -25.01 -21.29 -3.04
N GLU K 650 -26.11 -20.66 -3.46
CA GLU K 650 -26.69 -20.97 -4.76
C GLU K 650 -25.79 -20.48 -5.89
N HIS K 651 -25.29 -19.26 -5.79
CA HIS K 651 -24.45 -18.72 -6.86
C HIS K 651 -23.01 -19.17 -6.75
N SER K 652 -22.50 -19.39 -5.54
CA SER K 652 -21.14 -19.84 -5.39
C SER K 652 -20.96 -21.28 -5.87
N PHE K 653 -22.03 -22.07 -5.83
CA PHE K 653 -21.95 -23.43 -6.34
C PHE K 653 -21.72 -23.45 -7.84
N PHE K 654 -22.44 -22.59 -8.58
CA PHE K 654 -22.31 -22.58 -10.02
C PHE K 654 -21.05 -21.87 -10.49
N PHE K 655 -20.60 -20.85 -9.76
CA PHE K 655 -19.34 -20.21 -10.09
C PHE K 655 -18.16 -21.15 -9.87
N ALA K 656 -18.20 -21.92 -8.79
CA ALA K 656 -17.12 -22.81 -8.41
C ALA K 656 -17.50 -24.27 -8.59
N LEU K 657 -18.24 -24.57 -9.65
CA LEU K 657 -18.61 -25.95 -9.94
C LEU K 657 -17.36 -26.80 -10.15
N ALA K 658 -17.30 -27.94 -9.48
CA ALA K 658 -16.17 -28.85 -9.56
C ALA K 658 -16.60 -30.13 -10.24
N GLN K 659 -15.72 -30.67 -11.08
CA GLN K 659 -16.01 -31.94 -11.74
C GLN K 659 -16.00 -33.08 -10.73
N ILE K 660 -16.58 -34.20 -11.15
CA ILE K 660 -16.79 -35.35 -10.28
C ILE K 660 -15.80 -36.43 -10.67
N ASN K 661 -15.03 -36.91 -9.69
CA ASN K 661 -14.10 -38.01 -9.87
C ASN K 661 -14.70 -39.26 -9.23
N ALA K 662 -14.90 -40.29 -10.02
CA ALA K 662 -15.48 -41.54 -9.54
C ALA K 662 -14.34 -42.47 -9.14
N ASP K 663 -13.90 -42.34 -7.89
CA ASP K 663 -12.87 -43.21 -7.37
C ASP K 663 -13.44 -44.63 -7.19
N ASP K 664 -12.54 -45.61 -7.16
CA ASP K 664 -12.97 -46.99 -6.97
C ASP K 664 -13.64 -47.20 -5.63
N GLU K 665 -13.21 -46.46 -4.60
CA GLU K 665 -13.84 -46.59 -3.29
C GLU K 665 -15.28 -46.10 -3.32
N PHE K 666 -15.55 -45.01 -4.05
CA PHE K 666 -16.91 -44.50 -4.14
C PHE K 666 -17.83 -45.51 -4.82
N ILE K 667 -17.34 -46.20 -5.86
CA ILE K 667 -18.14 -47.23 -6.51
C ILE K 667 -18.45 -48.35 -5.52
N GLY K 668 -17.46 -48.77 -4.74
CA GLY K 668 -17.70 -49.77 -3.73
C GLY K 668 -18.66 -49.29 -2.66
N ALA K 669 -18.60 -47.99 -2.33
CA ALA K 669 -19.50 -47.43 -1.32
C ALA K 669 -20.95 -47.53 -1.77
N ILE K 670 -21.22 -47.22 -3.04
CA ILE K 670 -22.58 -47.31 -3.55
C ILE K 670 -23.04 -48.76 -3.60
N ASP K 671 -22.13 -49.68 -3.93
CA ASP K 671 -22.49 -51.09 -4.02
C ASP K 671 -22.92 -51.64 -2.66
N LYS K 672 -22.22 -51.25 -1.59
CA LYS K 672 -22.67 -51.65 -0.26
C LYS K 672 -24.01 -51.03 0.07
N GLU K 673 -24.24 -49.78 -0.34
CA GLU K 673 -25.52 -49.13 -0.08
C GLU K 673 -26.64 -49.81 -0.85
N SER K 674 -26.34 -50.29 -2.07
CA SER K 674 -27.37 -50.96 -2.86
C SER K 674 -27.86 -52.21 -2.16
N ALA K 675 -26.96 -52.99 -1.55
CA ALA K 675 -27.37 -54.17 -0.82
C ALA K 675 -28.18 -53.80 0.42
N GLU K 676 -27.77 -52.74 1.12
CA GLU K 676 -28.48 -52.34 2.33
C GLU K 676 -29.90 -51.87 2.02
N TYR K 677 -30.08 -51.16 0.91
CA TYR K 677 -31.41 -50.68 0.54
C TYR K 677 -32.36 -51.85 0.25
N LEU K 678 -31.85 -52.89 -0.41
CA LEU K 678 -32.68 -54.07 -0.67
C LEU K 678 -33.13 -54.73 0.62
N ASP K 679 -32.21 -54.88 1.57
CA ASP K 679 -32.57 -55.45 2.86
C ASP K 679 -33.60 -54.58 3.57
N GLU K 680 -33.46 -53.26 3.44
CA GLU K 680 -34.40 -52.35 4.08
C GLU K 680 -35.77 -52.40 3.40
N TYR K 681 -35.78 -52.47 2.06
CA TYR K 681 -37.06 -52.53 1.36
C TYR K 681 -37.79 -53.83 1.64
N ALA K 682 -37.06 -54.94 1.69
CA ALA K 682 -37.69 -56.23 2.00
C ALA K 682 -38.23 -56.24 3.42
N THR K 683 -37.45 -55.71 4.37
CA THR K 683 -37.89 -55.71 5.76
C THR K 683 -39.13 -54.85 5.96
N LEU K 684 -39.15 -53.66 5.34
CA LEU K 684 -40.29 -52.77 5.51
C LEU K 684 -41.56 -53.37 4.92
N ALA K 685 -41.44 -54.04 3.78
CA ALA K 685 -42.61 -54.65 3.16
C ALA K 685 -43.21 -55.72 4.05
N ARG K 686 -42.35 -56.54 4.67
CA ARG K 686 -42.84 -57.56 5.59
C ARG K 686 -43.51 -56.92 6.81
N ASP K 687 -42.93 -55.84 7.32
CA ASP K 687 -43.53 -55.16 8.46
C ASP K 687 -44.88 -54.55 8.09
N ILE K 688 -45.00 -53.99 6.89
CA ILE K 688 -46.27 -53.46 6.44
C ILE K 688 -47.29 -54.58 6.29
N SER K 689 -46.88 -55.71 5.71
CA SER K 689 -47.82 -56.80 5.48
C SER K 689 -48.31 -57.39 6.79
N ASN K 690 -47.43 -57.55 7.77
CA ASN K 690 -47.85 -58.06 9.07
C ASN K 690 -48.84 -57.12 9.73
N SER K 691 -48.59 -55.81 9.66
CA SER K 691 -49.47 -54.84 10.31
C SER K 691 -50.85 -54.83 9.66
N LEU K 692 -50.91 -54.95 8.34
CA LEU K 692 -52.19 -54.96 7.65
C LEU K 692 -53.04 -56.15 8.07
N THR K 693 -52.40 -57.31 8.27
CA THR K 693 -53.13 -58.49 8.72
C THR K 693 -53.60 -58.32 10.16
N LEU K 694 -52.80 -57.67 11.00
CA LEU K 694 -53.18 -57.50 12.40
C LEU K 694 -54.43 -56.64 12.53
N VAL K 695 -54.53 -55.57 11.74
CA VAL K 695 -55.65 -54.65 11.86
C VAL K 695 -56.97 -55.34 11.54
N LYS K 696 -56.97 -56.21 10.53
CA LYS K 696 -58.21 -56.84 10.10
C LYS K 696 -58.83 -57.69 11.20
N ALA K 697 -58.01 -58.38 11.97
CA ALA K 697 -58.52 -59.25 13.02
C ALA K 697 -58.64 -58.56 14.37
N ALA K 698 -57.74 -57.62 14.68
CA ALA K 698 -57.75 -57.00 15.99
C ALA K 698 -58.88 -56.00 16.15
N PHE K 699 -59.17 -55.22 15.11
CA PHE K 699 -60.11 -54.11 15.21
C PHE K 699 -61.21 -54.24 14.17
N GLY K 700 -62.29 -53.51 14.40
CA GLY K 700 -63.40 -53.48 13.48
C GLY K 700 -63.76 -52.06 13.09
N PRO K 701 -65.02 -51.83 12.75
CA PRO K 701 -65.46 -50.47 12.40
C PRO K 701 -65.80 -49.66 13.64
N LEU K 702 -65.54 -48.36 13.56
CA LEU K 702 -65.79 -47.45 14.66
C LEU K 702 -67.08 -46.69 14.44
N GLU K 703 -67.91 -46.63 15.47
CA GLU K 703 -69.14 -45.86 15.44
C GLU K 703 -68.96 -44.55 16.21
N ARG K 704 -69.99 -43.72 16.18
CA ARG K 704 -69.95 -42.45 16.88
C ARG K 704 -70.32 -42.58 18.35
N THR K 705 -70.61 -43.78 18.82
CA THR K 705 -70.95 -44.00 20.22
C THR K 705 -69.70 -43.94 21.09
N SER K 706 -69.86 -43.41 22.31
CA SER K 706 -68.76 -43.44 23.27
C SER K 706 -68.35 -44.85 23.61
N GLY K 707 -69.26 -45.82 23.49
CA GLY K 707 -68.89 -47.21 23.69
C GLY K 707 -67.84 -47.69 22.71
N SER K 708 -67.99 -47.30 21.43
CA SER K 708 -67.01 -47.69 20.42
C SER K 708 -65.66 -47.03 20.69
N ILE K 709 -65.66 -45.76 21.09
CA ILE K 709 -64.41 -45.05 21.34
C ILE K 709 -63.67 -45.66 22.52
N ILE K 710 -64.41 -45.93 23.60
CA ILE K 710 -63.79 -46.54 24.78
C ILE K 710 -63.27 -47.94 24.46
N ASN K 711 -64.09 -48.73 23.77
CA ASN K 711 -63.68 -50.10 23.45
C ASN K 711 -62.48 -50.12 22.52
N HIS K 712 -62.45 -49.22 21.53
CA HIS K 712 -61.32 -49.19 20.60
C HIS K 712 -60.03 -48.79 21.31
N ALA K 713 -60.11 -47.81 22.22
CA ALA K 713 -58.90 -47.32 22.88
C ALA K 713 -58.28 -48.39 23.77
N ASN K 714 -59.09 -49.06 24.58
CA ASN K 714 -58.57 -50.09 25.47
C ASN K 714 -58.03 -51.28 24.69
N ASN K 715 -58.77 -51.72 23.66
CA ASN K 715 -58.35 -52.88 22.88
C ASN K 715 -57.03 -52.61 22.16
N LEU K 716 -56.88 -51.40 21.62
CA LEU K 716 -55.65 -51.08 20.90
C LEU K 716 -54.47 -50.97 21.84
N ASN K 717 -54.70 -50.57 23.10
CA ASN K 717 -53.61 -50.53 24.06
C ASN K 717 -53.10 -51.93 24.35
N LYS K 718 -53.99 -52.91 24.41
CA LYS K 718 -53.57 -54.30 24.61
C LYS K 718 -52.75 -54.80 23.43
N VAL K 719 -53.17 -54.46 22.21
CA VAL K 719 -52.46 -54.93 21.02
C VAL K 719 -51.05 -54.35 20.97
N ILE K 720 -50.92 -53.05 21.21
CA ILE K 720 -49.61 -52.41 21.17
C ILE K 720 -48.72 -52.97 22.28
N ASN K 721 -49.29 -53.15 23.47
CA ASN K 721 -48.50 -53.69 24.58
C ASN K 721 -48.03 -55.11 24.29
N HIS K 722 -48.86 -55.91 23.62
CA HIS K 722 -48.51 -57.29 23.35
C HIS K 722 -47.43 -57.39 22.27
N VAL K 723 -47.56 -56.62 21.20
CA VAL K 723 -46.64 -56.75 20.07
C VAL K 723 -45.23 -56.27 20.42
N PHE K 724 -45.07 -55.49 21.49
CA PHE K 724 -43.77 -54.98 21.88
C PHE K 724 -43.15 -55.77 23.03
N ALA K 725 -43.81 -56.80 23.53
CA ALA K 725 -43.23 -57.65 24.56
C ALA K 725 -42.35 -58.72 23.92
N ASP K 726 -41.24 -59.01 24.57
CA ASP K 726 -40.22 -59.95 24.05
C ASP K 726 -39.74 -59.38 22.70
N LYS K 727 -39.71 -60.17 21.65
CA LYS K 727 -39.27 -59.65 20.35
C LYS K 727 -40.35 -58.78 19.74
N PRO K 728 -40.09 -57.51 19.44
CA PRO K 728 -41.09 -56.68 18.78
C PRO K 728 -41.45 -57.24 17.41
N LEU K 729 -42.73 -57.17 17.06
CA LEU K 729 -43.18 -57.65 15.76
C LEU K 729 -42.57 -56.84 14.63
N ILE K 730 -42.55 -55.52 14.77
CA ILE K 730 -41.97 -54.66 13.75
C ILE K 730 -40.45 -54.62 13.93
N SER K 731 -39.74 -54.47 12.82
CA SER K 731 -38.29 -54.45 12.83
C SER K 731 -37.77 -53.07 13.22
N GLU K 732 -36.47 -53.00 13.46
CA GLU K 732 -35.85 -51.73 13.81
C GLU K 732 -35.80 -50.78 12.62
N THR K 733 -35.82 -51.31 11.40
CA THR K 733 -35.82 -50.45 10.23
C THR K 733 -37.09 -49.61 10.16
N MET K 734 -38.24 -50.22 10.43
CA MET K 734 -39.50 -49.48 10.38
C MET K 734 -39.65 -48.53 11.56
N LEU K 735 -39.13 -48.91 12.73
CA LEU K 735 -39.25 -48.05 13.90
C LEU K 735 -38.50 -46.75 13.72
N LYS K 736 -37.38 -46.79 12.99
CA LYS K 736 -36.58 -45.58 12.79
C LYS K 736 -37.34 -44.53 12.00
N ILE K 737 -38.13 -44.96 11.00
CA ILE K 737 -38.91 -44.01 10.21
C ILE K 737 -39.92 -43.30 11.10
N LEU K 738 -40.61 -44.05 11.96
CA LEU K 738 -41.63 -43.47 12.82
C LEU K 738 -41.04 -42.66 13.97
N THR K 739 -39.82 -42.99 14.41
CA THR K 739 -39.20 -42.32 15.54
C THR K 739 -38.56 -40.99 15.18
N ILE K 740 -38.36 -40.72 13.89
CA ILE K 740 -37.66 -39.50 13.47
C ILE K 740 -38.38 -38.24 13.93
N ASP K 741 -39.71 -38.26 13.90
CA ASP K 741 -40.47 -37.07 14.31
C ASP K 741 -40.18 -36.71 15.76
N GLY K 742 -40.09 -37.70 16.64
CA GLY K 742 -39.81 -37.44 18.04
C GLY K 742 -40.54 -38.37 18.98
N THR K 743 -41.46 -39.18 18.46
CA THR K 743 -42.21 -40.09 19.29
C THR K 743 -41.31 -41.21 19.82
N THR K 744 -41.78 -41.87 20.87
CA THR K 744 -40.96 -42.89 21.53
C THR K 744 -40.74 -44.10 20.63
N GLY K 745 -41.74 -44.48 19.85
CA GLY K 745 -41.65 -45.67 19.02
C GLY K 745 -42.86 -46.56 19.21
N LYS K 746 -43.32 -46.68 20.45
CA LYS K 746 -44.63 -47.30 20.67
C LYS K 746 -45.75 -46.43 20.12
N ASP K 747 -45.65 -45.11 20.29
CA ASP K 747 -46.68 -44.20 19.81
C ASP K 747 -46.70 -44.14 18.29
N GLY K 748 -45.53 -44.24 17.65
CA GLY K 748 -45.50 -44.21 16.20
C GLY K 748 -46.26 -45.35 15.57
N TYR K 749 -46.05 -46.57 16.07
CA TYR K 749 -46.81 -47.71 15.60
C TYR K 749 -48.28 -47.58 15.95
N ARG K 750 -48.57 -47.06 17.15
CA ARG K 750 -49.96 -46.86 17.54
C ARG K 750 -50.65 -45.87 16.61
N ASN K 751 -49.98 -44.77 16.27
CA ASN K 751 -50.55 -43.79 15.35
C ASN K 751 -50.75 -44.40 13.96
N TRP K 752 -49.77 -45.16 13.48
CA TRP K 752 -49.89 -45.75 12.16
C TRP K 752 -51.01 -46.78 12.11
N LEU K 753 -51.16 -47.57 13.19
CA LEU K 753 -52.20 -48.59 13.20
C LEU K 753 -53.59 -47.98 13.16
N ASP K 754 -53.75 -46.75 13.67
CA ASP K 754 -55.06 -46.10 13.63
C ASP K 754 -55.51 -45.86 12.20
N LYS K 755 -54.67 -45.22 11.39
CA LYS K 755 -55.06 -44.85 10.04
C LYS K 755 -55.20 -46.05 9.12
N LEU K 756 -54.67 -47.20 9.53
CA LEU K 756 -54.75 -48.40 8.70
C LEU K 756 -56.08 -49.13 8.85
N VAL K 757 -56.86 -48.80 9.88
CA VAL K 757 -58.13 -49.50 10.08
C VAL K 757 -59.08 -49.19 8.94
N GLY K 758 -59.75 -50.23 8.43
CA GLY K 758 -60.60 -50.07 7.27
C GLY K 758 -59.89 -49.93 5.95
N HIS K 759 -58.68 -50.49 5.84
CA HIS K 759 -57.92 -50.35 4.61
C HIS K 759 -58.53 -51.21 3.50
N ASN K 760 -58.24 -50.82 2.26
CA ASN K 760 -58.58 -51.63 1.09
C ASN K 760 -57.34 -52.17 0.40
N TYR K 761 -56.19 -52.12 1.04
CA TYR K 761 -54.95 -52.60 0.43
C TYR K 761 -55.02 -54.10 0.27
N PRO K 762 -54.70 -54.64 -0.92
CA PRO K 762 -54.69 -56.09 -1.10
C PRO K 762 -53.43 -56.69 -0.50
N VAL K 763 -53.61 -57.72 0.33
CA VAL K 763 -52.51 -58.43 0.96
C VAL K 763 -52.46 -59.84 0.37
N TYR K 764 -51.29 -60.24 -0.10
CA TYR K 764 -51.10 -61.54 -0.71
C TYR K 764 -50.98 -62.59 0.38
N VAL K 765 -51.93 -63.53 0.41
CA VAL K 765 -51.88 -64.61 1.40
C VAL K 765 -50.65 -65.47 1.17
N GLU K 766 -49.93 -65.75 2.23
CA GLU K 766 -48.63 -66.39 2.16
C GLU K 766 -48.76 -67.87 2.50
N PRO K 767 -47.78 -68.69 2.11
CA PRO K 767 -47.85 -70.12 2.43
C PRO K 767 -47.97 -70.40 3.92
N VAL K 768 -47.31 -69.62 4.77
CA VAL K 768 -47.39 -69.85 6.20
C VAL K 768 -48.79 -69.53 6.72
N VAL K 769 -49.43 -68.51 6.16
CA VAL K 769 -50.78 -68.16 6.58
C VAL K 769 -51.75 -69.26 6.19
N ASN K 770 -51.59 -69.84 5.01
CA ASN K 770 -52.47 -70.93 4.59
C ASN K 770 -52.32 -72.14 5.49
N ILE K 771 -51.09 -72.45 5.91
CA ILE K 771 -50.86 -73.62 6.75
C ILE K 771 -51.57 -73.45 8.09
N MET K 772 -51.45 -72.27 8.69
CA MET K 772 -52.08 -72.03 9.99
C MET K 772 -53.60 -72.09 9.88
N ASN K 773 -54.14 -71.60 8.77
CA ASN K 773 -55.59 -71.69 8.57
C ASN K 773 -56.05 -73.14 8.48
N PHE K 774 -55.24 -73.99 7.84
CA PHE K 774 -55.62 -75.40 7.71
C PHE K 774 -55.67 -76.07 9.05
N ILE K 775 -54.64 -75.87 9.89
CA ILE K 775 -54.61 -76.51 11.20
C ILE K 775 -55.73 -75.98 12.08
N SER K 776 -55.98 -74.67 12.03
CA SER K 776 -57.06 -74.09 12.82
C SER K 776 -58.41 -74.65 12.41
N ALA K 777 -58.63 -74.81 11.09
CA ALA K 777 -59.89 -75.36 10.63
C ALA K 777 -60.06 -76.81 11.09
N ARG K 778 -59.00 -77.60 11.02
CA ARG K 778 -59.07 -78.97 11.52
C ARG K 778 -59.25 -79.00 13.03
N PHE K 779 -58.74 -77.99 13.74
CA PHE K 779 -58.94 -77.91 15.18
C PHE K 779 -60.42 -77.74 15.51
N VAL K 780 -61.10 -76.83 14.81
CA VAL K 780 -62.51 -76.61 15.07
C VAL K 780 -63.34 -77.79 14.58
N ALA K 781 -63.06 -78.27 13.37
CA ALA K 781 -63.85 -79.35 12.79
C ALA K 781 -63.67 -80.65 13.57
N ASP K 782 -62.42 -81.06 13.79
CA ASP K 782 -62.10 -82.28 14.51
C ASP K 782 -61.62 -81.91 15.90
N SER K 783 -62.45 -82.19 16.91
CA SER K 783 -62.12 -81.84 18.28
C SER K 783 -61.74 -83.02 19.14
N SER K 784 -62.12 -84.24 18.75
CA SER K 784 -61.78 -85.41 19.55
C SER K 784 -60.28 -85.67 19.54
N TYR K 785 -59.59 -85.24 18.49
CA TYR K 785 -58.14 -85.47 18.42
C TYR K 785 -57.41 -84.72 19.51
N PHE K 786 -57.82 -83.48 19.79
CA PHE K 786 -57.06 -82.58 20.65
C PHE K 786 -57.57 -82.55 22.08
N GLY K 787 -58.64 -83.30 22.40
CA GLY K 787 -59.04 -83.44 23.77
C GLY K 787 -60.12 -82.49 24.26
N TYR K 788 -61.14 -82.28 23.45
CA TYR K 788 -62.31 -81.53 23.91
C TYR K 788 -63.49 -81.88 23.01
N THR K 789 -64.69 -81.73 23.57
CA THR K 789 -65.91 -82.15 22.88
C THR K 789 -67.00 -81.10 23.08
N ASN K 790 -67.96 -81.11 22.16
CA ASN K 790 -69.03 -80.12 22.19
C ASN K 790 -70.07 -80.42 23.26
N GLU K 791 -70.41 -81.70 23.46
CA GLU K 791 -71.47 -82.07 24.37
C GLU K 791 -71.06 -83.30 25.16
N ILE K 792 -71.59 -83.40 26.39
CA ILE K 792 -71.41 -84.55 27.24
C ILE K 792 -72.78 -84.97 27.77
N MET K 793 -72.87 -86.23 28.20
CA MET K 793 -74.12 -86.78 28.71
C MET K 793 -73.88 -87.40 30.09
N ILE K 794 -74.82 -87.15 31.00
CA ILE K 794 -74.78 -87.70 32.35
C ILE K 794 -76.06 -88.48 32.57
N MET K 795 -75.93 -89.79 32.75
CA MET K 795 -77.07 -90.69 32.85
C MET K 795 -76.91 -91.60 34.05
N PRO K 796 -78.00 -91.93 34.74
CA PRO K 796 -77.91 -92.87 35.86
C PRO K 796 -77.48 -94.26 35.41
N ASN K 797 -76.88 -94.99 36.35
CA ASN K 797 -76.30 -96.28 36.01
C ASN K 797 -77.34 -97.31 35.61
N HIS K 798 -78.54 -97.26 36.21
CA HIS K 798 -79.54 -98.28 35.92
C HIS K 798 -80.11 -98.17 34.51
N ILE K 799 -79.83 -97.07 33.81
CA ILE K 799 -80.29 -96.91 32.44
C ILE K 799 -79.18 -97.37 31.50
N ASN K 800 -79.53 -98.27 30.58
CA ASN K 800 -78.57 -98.83 29.64
C ASN K 800 -78.50 -97.95 28.39
N VAL K 801 -77.28 -97.57 28.02
CA VAL K 801 -77.07 -96.77 26.82
C VAL K 801 -76.22 -97.56 25.84
N PRO K 802 -76.35 -97.34 24.53
CA PRO K 802 -75.45 -98.00 23.58
C PRO K 802 -74.08 -97.35 23.60
N VAL K 803 -73.05 -98.20 23.64
CA VAL K 803 -71.67 -97.72 23.71
C VAL K 803 -70.81 -98.53 22.75
N ASP K 804 -69.66 -97.96 22.40
CA ASP K 804 -68.68 -98.67 21.58
C ASP K 804 -68.21 -99.93 22.27
N ASP K 805 -68.20 -101.03 21.54
CA ASP K 805 -67.67 -102.29 22.03
C ASP K 805 -66.49 -102.78 21.21
N ARG K 806 -66.06 -102.00 20.21
CA ARG K 806 -64.93 -102.42 19.39
C ARG K 806 -63.64 -102.48 20.19
N PHE K 807 -63.42 -101.49 21.07
CA PHE K 807 -62.19 -101.45 21.83
C PHE K 807 -62.19 -102.50 22.94
N GLY K 808 -63.33 -102.74 23.57
CA GLY K 808 -63.43 -103.72 24.61
C GLY K 808 -63.30 -103.20 26.03
N PHE K 809 -63.38 -101.89 26.24
CA PHE K 809 -63.27 -101.33 27.58
C PHE K 809 -64.44 -101.79 28.44
N ARG K 810 -64.19 -101.85 29.75
CA ARG K 810 -65.25 -102.17 30.71
C ARG K 810 -66.00 -100.90 31.05
N ASP K 811 -67.32 -100.91 30.85
CA ASP K 811 -68.17 -99.75 31.05
C ASP K 811 -67.63 -98.56 30.25
N SER K 812 -67.49 -98.79 28.96
CA SER K 812 -66.84 -97.80 28.09
C SER K 812 -67.62 -96.50 28.11
N PRO K 813 -66.98 -95.37 28.40
CA PRO K 813 -67.66 -94.08 28.37
C PRO K 813 -67.71 -93.43 27.00
N PHE K 814 -67.41 -94.17 25.94
CA PHE K 814 -67.37 -93.64 24.59
C PHE K 814 -68.55 -94.18 23.79
N CYS K 815 -69.21 -93.30 23.05
CA CYS K 815 -70.35 -93.65 22.21
C CYS K 815 -70.10 -93.22 20.78
N THR K 816 -70.73 -93.93 19.84
CA THR K 816 -70.62 -93.53 18.44
C THR K 816 -71.19 -92.13 18.23
N SER K 817 -72.34 -91.86 18.84
CA SER K 817 -72.93 -90.53 18.85
C SER K 817 -73.89 -90.49 20.04
N LEU K 818 -74.08 -89.30 20.59
CA LEU K 818 -74.94 -89.17 21.75
C LEU K 818 -76.36 -89.53 21.34
N PRO K 819 -77.01 -90.48 22.01
CA PRO K 819 -78.31 -90.98 21.54
C PRO K 819 -79.35 -89.87 21.46
N ARG K 820 -80.13 -89.90 20.38
CA ARG K 820 -81.25 -88.99 20.26
C ARG K 820 -82.39 -89.40 21.19
N THR K 821 -82.73 -90.69 21.21
CA THR K 821 -83.81 -91.21 22.02
C THR K 821 -83.30 -92.36 22.88
N ILE K 822 -83.72 -92.37 24.14
CA ILE K 822 -83.41 -93.46 25.06
C ILE K 822 -84.73 -93.95 25.65
N MET K 823 -85.03 -95.23 25.45
CA MET K 823 -86.27 -95.85 25.93
C MET K 823 -87.49 -95.11 25.41
N GLY K 824 -87.46 -94.71 24.14
CA GLY K 824 -88.61 -94.12 23.48
C GLY K 824 -88.82 -92.64 23.72
N ASN K 825 -87.91 -91.97 24.42
CA ASN K 825 -88.06 -90.55 24.70
C ASN K 825 -86.77 -89.82 24.36
N ASP K 826 -86.91 -88.60 23.86
CA ASP K 826 -85.76 -87.80 23.50
C ASP K 826 -84.98 -87.41 24.74
N VAL K 827 -83.66 -87.41 24.63
CA VAL K 827 -82.79 -87.05 25.74
C VAL K 827 -82.76 -85.53 25.87
N ARG K 828 -83.05 -85.03 27.07
CA ARG K 828 -83.06 -83.60 27.32
C ARG K 828 -81.68 -83.01 27.06
N ARG K 829 -81.65 -81.87 26.39
CA ARG K 829 -80.43 -81.10 26.18
C ARG K 829 -80.54 -79.79 26.94
N ILE K 830 -79.58 -79.53 27.81
CA ILE K 830 -79.58 -78.35 28.67
C ILE K 830 -78.29 -77.57 28.42
N SER K 831 -78.43 -76.27 28.20
CA SER K 831 -77.27 -75.42 28.01
C SER K 831 -76.50 -75.28 29.32
N TYR K 832 -75.19 -75.09 29.20
CA TYR K 832 -74.34 -74.99 30.39
C TYR K 832 -74.71 -73.76 31.21
N ASN K 833 -75.03 -72.64 30.56
CA ASN K 833 -75.42 -71.44 31.28
C ASN K 833 -76.69 -71.66 32.09
N VAL K 834 -77.69 -72.31 31.48
CA VAL K 834 -78.92 -72.62 32.19
C VAL K 834 -78.67 -73.62 33.30
N PHE K 835 -77.77 -74.59 33.05
CA PHE K 835 -77.48 -75.62 34.03
C PHE K 835 -76.88 -75.04 35.30
N SER K 836 -76.03 -74.03 35.16
CA SER K 836 -75.38 -73.44 36.32
C SER K 836 -76.39 -72.77 37.25
N MET K 837 -77.37 -72.07 36.68
CA MET K 837 -78.31 -71.31 37.49
C MET K 837 -79.47 -72.15 38.02
N MET K 838 -79.53 -73.43 37.67
CA MET K 838 -80.64 -74.27 38.10
C MET K 838 -80.50 -74.64 39.56
N GLU K 839 -81.58 -74.42 40.33
CA GLU K 839 -81.61 -74.75 41.75
C GLU K 839 -82.32 -76.06 42.03
N ASP K 840 -82.93 -76.67 41.02
CA ASP K 840 -83.63 -77.95 41.15
C ASP K 840 -82.82 -79.11 40.56
N ILE K 841 -81.49 -78.97 40.56
CA ILE K 841 -80.62 -79.91 39.86
C ILE K 841 -80.84 -81.34 40.32
N ASP K 842 -81.29 -81.54 41.57
CA ASP K 842 -81.51 -82.90 42.06
C ASP K 842 -82.59 -83.61 41.26
N ASP K 843 -83.64 -82.89 40.87
CA ASP K 843 -84.75 -83.51 40.15
C ASP K 843 -84.33 -83.93 38.74
N VAL K 844 -83.69 -83.03 38.00
CA VAL K 844 -83.39 -83.31 36.59
C VAL K 844 -82.27 -84.33 36.43
N ILE K 845 -81.46 -84.54 37.46
CA ILE K 845 -80.38 -85.54 37.36
C ILE K 845 -80.96 -86.94 37.29
N SER K 846 -82.05 -87.20 38.02
CA SER K 846 -82.59 -88.55 38.09
C SER K 846 -83.05 -89.08 36.74
N GLU K 847 -83.23 -88.21 35.75
CA GLU K 847 -83.64 -88.63 34.42
C GLU K 847 -82.51 -88.66 33.41
N GLY K 848 -81.45 -87.90 33.63
CA GLY K 848 -80.40 -87.78 32.64
C GLY K 848 -80.64 -86.64 31.67
N PHE K 849 -79.55 -86.07 31.18
CA PHE K 849 -79.61 -84.91 30.31
C PHE K 849 -78.29 -84.77 29.57
N ILE K 850 -78.24 -83.81 28.66
CA ILE K 850 -77.06 -83.55 27.83
C ILE K 850 -76.70 -82.07 27.94
N LEU K 851 -75.43 -81.79 28.21
CA LEU K 851 -74.90 -80.43 28.23
C LEU K 851 -74.22 -80.15 26.89
N TYR K 852 -74.61 -79.07 26.21
CA TYR K 852 -74.18 -78.88 24.84
C TYR K 852 -73.63 -77.50 24.49
N ASP K 853 -73.79 -76.49 25.34
CA ASP K 853 -73.43 -75.12 24.97
C ASP K 853 -72.06 -74.72 25.50
N ALA K 854 -71.12 -75.65 25.58
CA ALA K 854 -69.80 -75.33 26.11
C ALA K 854 -68.78 -76.32 25.57
N TYR K 855 -67.51 -75.96 25.73
CA TYR K 855 -66.39 -76.81 25.33
C TYR K 855 -65.87 -77.54 26.55
N PHE K 856 -65.93 -78.87 26.51
CA PHE K 856 -65.56 -79.70 27.64
C PHE K 856 -64.20 -80.34 27.38
N ASN K 857 -63.22 -80.03 28.23
CA ASN K 857 -61.88 -80.57 28.11
C ASN K 857 -61.78 -81.84 28.92
N PHE K 858 -61.36 -82.94 28.28
CA PHE K 858 -61.33 -84.24 28.91
C PHE K 858 -60.02 -84.94 28.60
N SER K 859 -59.64 -85.86 29.49
CA SER K 859 -58.46 -86.68 29.32
C SER K 859 -58.76 -88.09 29.80
N TYR K 860 -57.97 -89.04 29.33
CA TYR K 860 -58.14 -90.44 29.74
C TYR K 860 -56.79 -91.11 29.78
N ASP K 861 -56.71 -92.17 30.58
CA ASP K 861 -55.49 -92.98 30.72
C ASP K 861 -55.91 -94.45 30.61
N ILE K 862 -55.81 -95.01 29.41
CA ILE K 862 -56.19 -96.40 29.20
C ILE K 862 -55.18 -97.31 29.87
N MET K 863 -55.65 -98.16 30.78
CA MET K 863 -54.80 -99.06 31.53
C MET K 863 -54.99 -100.48 31.04
N THR K 864 -53.90 -101.26 31.04
CA THR K 864 -53.93 -102.58 30.45
C THR K 864 -54.67 -103.58 31.33
N THR K 865 -54.52 -103.48 32.65
CA THR K 865 -55.17 -104.41 33.54
C THR K 865 -56.67 -104.12 33.63
N ASP K 866 -57.40 -105.06 34.23
CA ASP K 866 -58.83 -104.93 34.40
C ASP K 866 -59.15 -104.13 35.66
N GLY K 867 -60.33 -103.54 35.69
CA GLY K 867 -60.74 -102.77 36.85
C GLY K 867 -62.05 -102.05 36.58
N VAL K 868 -62.46 -101.27 37.58
CA VAL K 868 -63.69 -100.48 37.47
C VAL K 868 -63.35 -99.14 36.83
N THR K 869 -64.09 -98.78 35.78
CA THR K 869 -63.86 -97.53 35.06
C THR K 869 -64.63 -96.42 35.75
N ARG K 870 -63.92 -95.45 36.29
CA ARG K 870 -64.53 -94.37 37.04
C ARG K 870 -63.76 -93.07 36.84
N LEU K 871 -64.47 -91.95 36.93
CA LEU K 871 -63.83 -90.65 36.86
C LEU K 871 -62.94 -90.43 38.07
N LYS K 872 -61.87 -89.66 37.86
CA LYS K 872 -60.97 -89.35 38.97
C LYS K 872 -61.67 -88.51 40.02
N GLU K 873 -62.47 -87.54 39.59
CA GLU K 873 -63.15 -86.63 40.50
C GLU K 873 -64.67 -86.75 40.33
N ASP K 874 -65.39 -85.96 41.11
CA ASP K 874 -66.84 -85.93 41.05
C ASP K 874 -67.28 -85.32 39.72
N ILE K 875 -68.53 -85.62 39.35
CA ILE K 875 -69.08 -85.08 38.11
C ILE K 875 -69.31 -83.58 38.23
N LEU K 876 -69.92 -83.15 39.33
CA LEU K 876 -70.35 -81.77 39.47
C LEU K 876 -70.17 -81.28 40.91
N ILE K 877 -70.01 -79.97 41.05
CA ILE K 877 -69.89 -79.30 42.34
C ILE K 877 -71.00 -78.27 42.44
N VAL K 878 -71.81 -78.36 43.49
CA VAL K 878 -72.95 -77.46 43.70
C VAL K 878 -72.57 -76.44 44.75
N THR K 879 -72.52 -75.18 44.37
CA THR K 879 -72.24 -74.07 45.27
C THR K 879 -73.47 -73.16 45.34
N ASP K 880 -73.37 -72.12 46.17
CA ASP K 880 -74.44 -71.14 46.25
C ASP K 880 -74.52 -70.32 44.97
N THR K 881 -73.37 -70.02 44.36
CA THR K 881 -73.38 -69.25 43.12
C THR K 881 -73.91 -70.07 41.95
N GLY K 882 -73.50 -71.34 41.85
CA GLY K 882 -73.97 -72.15 40.74
C GLY K 882 -73.32 -73.51 40.78
N ASN K 883 -73.64 -74.31 39.76
CA ASN K 883 -73.12 -75.65 39.59
C ASN K 883 -72.13 -75.68 38.45
N ASP K 884 -71.03 -76.40 38.64
CA ASP K 884 -69.99 -76.55 37.62
C ASP K 884 -69.59 -78.01 37.53
N ILE K 885 -69.08 -78.39 36.36
CA ILE K 885 -68.62 -79.75 36.11
C ILE K 885 -67.13 -79.80 36.44
N LYS K 886 -66.76 -80.68 37.36
CA LYS K 886 -65.36 -80.82 37.73
C LYS K 886 -64.58 -81.43 36.58
N PRO K 887 -63.24 -81.27 36.57
CA PRO K 887 -62.45 -81.78 35.44
C PRO K 887 -62.66 -83.26 35.20
N ILE K 888 -62.66 -83.64 33.93
CA ILE K 888 -63.01 -84.99 33.51
C ILE K 888 -61.73 -85.74 33.19
N HIS K 889 -61.46 -86.80 33.95
CA HIS K 889 -60.30 -87.66 33.73
C HIS K 889 -60.75 -89.11 33.83
N PHE K 890 -60.87 -89.78 32.68
CA PHE K 890 -61.32 -91.16 32.63
C PHE K 890 -60.18 -92.09 33.01
N TYR K 891 -60.50 -93.11 33.80
CA TYR K 891 -59.58 -94.21 34.11
C TYR K 891 -60.15 -95.45 33.45
N ILE K 892 -59.76 -95.68 32.20
CA ILE K 892 -60.34 -96.72 31.38
C ILE K 892 -59.57 -98.03 31.59
N TYR K 893 -60.32 -99.10 31.84
CA TYR K 893 -59.75 -100.43 32.03
C TYR K 893 -60.36 -101.39 31.03
N PHE K 894 -59.57 -102.39 30.64
CA PHE K 894 -60.08 -103.42 29.75
C PHE K 894 -61.01 -104.36 30.51
N GLU K 895 -61.81 -105.12 29.76
CA GLU K 895 -62.91 -105.90 30.31
C GLU K 895 -62.65 -107.39 30.14
N ASN K 896 -62.84 -108.14 31.23
CA ASN K 896 -62.92 -109.59 31.19
C ASN K 896 -64.33 -109.94 31.64
N ARG K 897 -65.04 -110.72 30.82
CA ARG K 897 -66.47 -110.93 31.04
C ARG K 897 -66.74 -111.64 32.36
N ASN K 898 -65.96 -112.68 32.67
CA ASN K 898 -66.24 -113.53 33.83
C ASN K 898 -65.38 -113.09 35.01
N ASP K 899 -65.83 -112.02 35.67
CA ASP K 899 -65.21 -111.58 36.91
C ASP K 899 -66.32 -110.94 37.74
N LYS K 900 -66.90 -111.72 38.66
CA LYS K 900 -68.08 -111.27 39.39
C LYS K 900 -67.76 -110.08 40.28
N LYS K 901 -66.56 -110.04 40.85
CA LYS K 901 -66.21 -108.97 41.76
C LYS K 901 -66.26 -107.61 41.06
N LEU K 902 -65.72 -107.54 39.85
CA LEU K 902 -65.73 -106.26 39.13
C LEU K 902 -67.09 -105.96 38.55
N ARG K 903 -67.88 -107.00 38.26
CA ARG K 903 -69.25 -106.77 37.78
C ARG K 903 -70.11 -106.14 38.87
N TYR K 904 -70.02 -106.68 40.09
CA TYR K 904 -70.78 -106.12 41.20
C TYR K 904 -70.29 -104.72 41.56
N GLU K 905 -68.96 -104.53 41.57
CA GLU K 905 -68.40 -103.25 41.93
C GLU K 905 -68.82 -102.15 40.97
N SER K 906 -68.80 -102.45 39.67
CA SER K 906 -69.16 -101.45 38.68
C SER K 906 -70.61 -101.01 38.84
N LYS K 907 -71.51 -101.96 39.10
CA LYS K 907 -72.93 -101.62 39.21
C LYS K 907 -73.25 -100.92 40.52
N MET K 908 -72.71 -101.40 41.64
CA MET K 908 -73.13 -100.96 42.96
C MET K 908 -72.19 -99.94 43.59
N ASN K 909 -71.19 -99.45 42.86
CA ASN K 909 -70.32 -98.41 43.36
C ASN K 909 -70.19 -97.21 42.44
N VAL K 910 -70.71 -97.27 41.23
CA VAL K 910 -70.73 -96.15 40.30
C VAL K 910 -72.19 -95.81 40.06
N SER K 911 -72.72 -94.84 40.80
CA SER K 911 -74.13 -94.49 40.67
C SER K 911 -74.40 -93.76 39.36
N TYR K 912 -73.45 -92.95 38.89
CA TYR K 912 -73.65 -92.14 37.70
C TYR K 912 -72.48 -92.29 36.76
N ARG K 913 -72.76 -92.13 35.47
CA ARG K 913 -71.76 -92.31 34.42
C ARG K 913 -71.78 -91.12 33.48
N LEU K 914 -70.62 -90.79 32.94
CA LEU K 914 -70.45 -89.69 31.98
C LEU K 914 -70.04 -90.25 30.64
N TYR K 915 -70.76 -89.87 29.59
CA TYR K 915 -70.53 -90.39 28.25
C TYR K 915 -70.20 -89.25 27.29
N ILE K 916 -69.32 -89.53 26.34
CA ILE K 916 -68.94 -88.58 25.31
C ILE K 916 -68.85 -89.33 23.98
N LYS K 917 -68.70 -88.57 22.90
CA LYS K 917 -68.44 -89.17 21.61
C LYS K 917 -67.09 -89.88 21.64
N THR K 918 -67.02 -91.00 20.90
CA THR K 918 -65.78 -91.74 20.85
C THR K 918 -64.68 -90.87 20.25
N PRO K 919 -63.55 -90.70 20.93
CA PRO K 919 -62.45 -89.92 20.35
C PRO K 919 -62.00 -90.53 19.02
N ALA K 920 -61.78 -89.66 18.05
CA ALA K 920 -61.40 -90.11 16.72
C ALA K 920 -59.97 -90.63 16.68
N CYS K 921 -59.15 -90.30 17.68
CA CYS K 921 -57.77 -90.74 17.66
C CYS K 921 -57.64 -92.24 17.86
N LEU K 922 -58.59 -92.85 18.57
CA LEU K 922 -58.54 -94.29 18.80
C LEU K 922 -58.89 -95.06 17.53
N LEU K 923 -58.20 -96.17 17.31
CA LEU K 923 -58.40 -97.00 16.14
C LEU K 923 -58.10 -98.44 16.52
N PRO K 924 -59.02 -99.37 16.28
CA PRO K 924 -58.77 -100.77 16.66
C PRO K 924 -57.61 -101.36 15.88
N LEU K 925 -56.93 -102.32 16.50
CA LEU K 925 -55.78 -102.94 15.86
C LEU K 925 -56.16 -103.71 14.61
N SER K 926 -57.35 -104.33 14.62
CA SER K 926 -57.78 -105.12 13.47
C SER K 926 -57.89 -104.26 12.22
N ASP K 927 -58.38 -103.03 12.37
CA ASP K 927 -58.46 -102.09 11.25
C ASP K 927 -57.18 -101.26 11.14
N TYR K 928 -56.04 -101.96 11.06
CA TYR K 928 -54.75 -101.27 10.98
C TYR K 928 -54.38 -100.84 9.58
N MET K 929 -55.06 -101.35 8.56
CA MET K 929 -54.75 -100.97 7.20
C MET K 929 -55.12 -99.52 6.90
N ARG K 930 -56.02 -98.93 7.69
CA ARG K 930 -56.39 -97.54 7.46
C ARG K 930 -55.29 -96.58 7.89
N ALA K 931 -54.36 -97.02 8.73
CA ALA K 931 -53.21 -96.18 9.09
C ALA K 931 -52.19 -96.07 7.98
N GLN K 932 -52.32 -96.87 6.92
CA GLN K 932 -51.38 -96.80 5.81
C GLN K 932 -51.52 -95.46 5.10
N HIS K 933 -50.39 -94.78 4.91
CA HIS K 933 -50.39 -93.44 4.32
C HIS K 933 -49.12 -93.25 3.52
N ASP K 934 -49.17 -92.36 2.54
CA ASP K 934 -48.07 -92.13 1.62
C ASP K 934 -47.50 -90.73 1.78
N TYR K 935 -46.18 -90.63 1.82
CA TYR K 935 -45.47 -89.36 1.84
C TYR K 935 -44.48 -89.34 0.69
N VAL K 936 -44.44 -88.22 -0.03
CA VAL K 936 -43.55 -88.06 -1.17
C VAL K 936 -42.36 -87.22 -0.75
N SER K 937 -41.20 -87.51 -1.34
CA SER K 937 -39.98 -86.76 -1.07
C SER K 937 -39.33 -86.41 -2.40
N PRO K 938 -38.86 -85.19 -2.58
CA PRO K 938 -38.29 -84.79 -3.88
C PRO K 938 -37.02 -85.57 -4.18
N SER K 939 -36.62 -85.50 -5.45
CA SER K 939 -35.48 -86.28 -5.92
C SER K 939 -34.20 -85.85 -5.21
N SER K 940 -33.36 -86.84 -4.90
CA SER K 940 -32.08 -86.57 -4.25
C SER K 940 -31.07 -85.94 -5.20
N SER K 941 -31.35 -85.90 -6.50
CA SER K 941 -30.43 -85.31 -7.46
C SER K 941 -30.46 -83.79 -7.47
N ARG K 942 -31.38 -83.17 -6.73
CA ARG K 942 -31.50 -81.72 -6.71
C ARG K 942 -30.43 -81.09 -5.83
N VAL K 943 -29.91 -79.95 -6.27
CA VAL K 943 -28.99 -79.14 -5.49
C VAL K 943 -29.64 -77.79 -5.25
N TYR K 944 -29.29 -77.16 -4.13
CA TYR K 944 -29.94 -75.95 -3.67
C TYR K 944 -28.95 -74.80 -3.64
N ILE K 945 -29.30 -73.71 -4.32
CA ILE K 945 -28.44 -72.53 -4.44
C ILE K 945 -28.85 -71.56 -3.36
N LYS K 946 -28.01 -71.41 -2.33
CA LYS K 946 -28.32 -70.48 -1.26
C LYS K 946 -28.23 -69.02 -1.74
N ASP K 947 -27.27 -68.74 -2.62
CA ASP K 947 -27.10 -67.39 -3.16
C ASP K 947 -27.43 -67.40 -4.64
N PRO K 948 -28.64 -67.01 -5.03
CA PRO K 948 -29.02 -67.08 -6.44
C PRO K 948 -28.64 -65.85 -7.24
N ALA K 949 -27.74 -65.03 -6.70
CA ALA K 949 -27.30 -63.83 -7.40
C ALA K 949 -26.64 -64.21 -8.72
N VAL K 950 -26.87 -63.39 -9.75
CA VAL K 950 -26.47 -63.71 -11.11
C VAL K 950 -25.32 -62.87 -11.61
N VAL K 951 -24.79 -61.95 -10.79
CA VAL K 951 -23.74 -61.05 -11.23
C VAL K 951 -22.66 -60.91 -10.16
N TYR K 952 -21.52 -60.38 -10.58
CA TYR K 952 -20.38 -60.13 -9.71
C TYR K 952 -19.99 -58.65 -9.81
N THR K 953 -19.53 -58.09 -8.71
CA THR K 953 -19.03 -56.72 -8.74
C THR K 953 -17.77 -56.65 -9.58
N ARG K 954 -17.63 -55.54 -10.32
CA ARG K 954 -16.50 -55.41 -11.24
C ARG K 954 -15.18 -55.43 -10.50
N SER K 955 -15.09 -54.73 -9.37
CA SER K 955 -13.85 -54.67 -8.60
C SER K 955 -13.54 -56.02 -7.97
N VAL L 20 76.55 -129.36 -39.62
CA VAL L 20 75.94 -128.75 -40.80
C VAL L 20 75.59 -127.31 -40.53
N GLN L 21 75.01 -126.64 -41.53
CA GLN L 21 74.66 -125.23 -41.44
C GLN L 21 73.15 -125.10 -41.51
N THR L 22 72.57 -124.40 -40.53
CA THR L 22 71.14 -124.12 -40.56
C THR L 22 70.82 -123.18 -41.71
N GLN L 23 69.70 -123.45 -42.38
CA GLN L 23 69.27 -122.60 -43.49
C GLN L 23 68.92 -121.20 -42.98
N ASP L 24 69.03 -120.22 -43.88
CA ASP L 24 68.68 -118.85 -43.52
C ASP L 24 67.22 -118.72 -43.12
N PHE L 25 66.32 -119.39 -43.85
CA PHE L 25 64.92 -119.42 -43.46
C PHE L 25 64.35 -120.80 -43.73
N LYS L 26 63.29 -121.13 -43.00
CA LYS L 26 62.57 -122.37 -43.20
C LYS L 26 61.54 -122.20 -44.31
N THR L 27 61.39 -123.25 -45.12
CA THR L 27 60.50 -123.23 -46.27
C THR L 27 59.46 -124.33 -46.11
N ALA L 28 58.28 -124.09 -46.69
CA ALA L 28 57.19 -125.07 -46.59
C ALA L 28 57.57 -126.40 -47.23
N VAL L 29 58.50 -126.39 -48.17
CA VAL L 29 58.93 -127.61 -48.84
C VAL L 29 60.20 -128.20 -48.21
N GLN L 30 61.03 -127.37 -47.59
CA GLN L 30 62.30 -127.81 -47.00
C GLN L 30 62.36 -127.33 -45.56
N PRO L 31 61.64 -127.99 -44.64
CA PRO L 31 61.75 -127.63 -43.22
C PRO L 31 63.02 -128.21 -42.62
N ASP L 32 63.83 -127.34 -42.02
CA ASP L 32 65.11 -127.75 -41.45
C ASP L 32 64.88 -128.33 -40.05
N THR L 33 64.51 -129.60 -40.02
CA THR L 33 64.26 -130.30 -38.78
C THR L 33 65.53 -131.04 -38.33
N ASN L 34 65.48 -131.53 -37.08
CA ASN L 34 66.64 -132.20 -36.52
C ASN L 34 66.95 -133.50 -37.25
N THR L 35 65.93 -134.29 -37.57
CA THR L 35 66.17 -135.54 -38.28
C THR L 35 66.73 -135.30 -39.68
N ALA L 36 66.34 -134.19 -40.31
CA ALA L 36 66.92 -133.85 -41.60
C ALA L 36 68.40 -133.55 -41.48
N GLN L 37 68.79 -132.83 -40.43
CA GLN L 37 70.19 -132.48 -40.25
C GLN L 37 71.03 -133.68 -39.83
N LEU L 38 70.42 -134.62 -39.09
CA LEU L 38 71.15 -135.83 -38.73
C LEU L 38 71.46 -136.67 -39.96
N ILE L 39 70.50 -136.78 -40.88
CA ILE L 39 70.75 -137.51 -42.12
C ILE L 39 71.75 -136.76 -42.99
N LYS L 40 71.63 -135.43 -43.04
CA LYS L 40 72.52 -134.62 -43.84
C LYS L 40 73.96 -134.70 -43.37
N THR L 41 74.19 -135.21 -42.16
CA THR L 41 75.56 -135.39 -41.67
C THR L 41 76.34 -136.38 -42.52
N TYR L 42 75.64 -137.26 -43.24
CA TYR L 42 76.30 -138.20 -44.15
C TYR L 42 75.82 -138.11 -45.58
N SER L 43 74.59 -137.68 -45.83
CA SER L 43 74.10 -137.59 -47.20
C SER L 43 74.71 -136.41 -47.94
N ASN L 44 74.83 -135.26 -47.28
CA ASN L 44 75.38 -134.06 -47.89
C ASN L 44 75.93 -133.15 -46.82
N PRO L 45 77.08 -133.50 -46.24
CA PRO L 45 77.61 -132.69 -45.14
C PRO L 45 77.96 -131.27 -45.53
N LYS L 46 78.47 -131.06 -46.73
CA LYS L 46 78.92 -129.73 -47.17
C LYS L 46 77.83 -129.01 -47.93
N GLN L 47 76.70 -128.79 -47.26
CA GLN L 47 75.59 -128.04 -47.83
C GLN L 47 75.45 -126.72 -47.07
N ARG L 48 75.38 -125.63 -47.83
CA ARG L 48 75.33 -124.29 -47.25
C ARG L 48 73.90 -123.78 -47.26
N GLY L 49 73.48 -123.24 -46.13
CA GLY L 49 72.12 -122.76 -46.01
C GLY L 49 71.84 -121.45 -46.70
N ASP L 50 72.85 -120.79 -47.25
CA ASP L 50 72.66 -119.50 -47.89
C ASP L 50 71.71 -119.63 -49.07
N LYS L 51 70.71 -118.73 -49.11
CA LYS L 51 69.71 -118.73 -50.17
C LYS L 51 69.75 -117.46 -51.01
N GLY L 52 70.74 -116.60 -50.79
CA GLY L 52 70.84 -115.36 -51.55
C GLY L 52 70.12 -114.22 -50.88
N GLU L 53 70.23 -113.05 -51.52
CA GLU L 53 69.59 -111.86 -51.00
C GLU L 53 68.07 -111.96 -51.11
N ILE L 54 67.37 -111.40 -50.13
CA ILE L 54 65.92 -111.49 -50.05
C ILE L 54 65.33 -110.32 -50.84
N ILE L 55 64.80 -110.63 -52.03
CA ILE L 55 64.18 -109.59 -52.84
C ILE L 55 62.82 -109.20 -52.25
N TYR L 56 61.99 -110.19 -51.94
CA TYR L 56 60.65 -109.90 -51.42
C TYR L 56 60.26 -110.98 -50.41
N ASP L 57 60.03 -110.56 -49.17
CA ASP L 57 59.53 -111.46 -48.13
C ASP L 57 58.42 -110.71 -47.39
N GLY L 58 57.19 -110.84 -47.88
CA GLY L 58 56.05 -110.23 -47.23
C GLY L 58 56.16 -108.72 -47.22
N GLY L 59 55.55 -108.12 -46.21
CA GLY L 59 55.56 -106.68 -46.06
C GLY L 59 54.29 -106.22 -45.37
N LEU L 60 54.05 -104.91 -45.46
CA LEU L 60 52.86 -104.31 -44.89
C LEU L 60 51.68 -104.50 -45.84
N SER L 61 50.71 -105.30 -45.44
CA SER L 61 49.55 -105.61 -46.26
C SER L 61 48.41 -104.66 -45.90
N SER L 62 47.89 -103.96 -46.90
CA SER L 62 46.80 -103.02 -46.68
C SER L 62 45.46 -103.70 -46.89
N LYS L 63 44.55 -103.51 -45.93
CA LYS L 63 43.21 -104.08 -45.99
C LYS L 63 42.21 -103.02 -46.44
N LEU L 64 41.33 -103.42 -47.36
CA LEU L 64 40.34 -102.50 -47.90
C LEU L 64 39.36 -102.04 -46.84
N ALA L 65 38.90 -102.95 -45.98
CA ALA L 65 37.81 -102.68 -45.06
C ALA L 65 38.29 -102.76 -43.62
N ASP L 66 37.74 -101.88 -42.79
CA ASP L 66 37.89 -101.93 -41.34
C ASP L 66 36.51 -102.21 -40.75
N VAL L 67 36.37 -103.37 -40.12
CA VAL L 67 35.08 -103.83 -39.62
C VAL L 67 35.01 -103.58 -38.12
N VAL L 68 33.95 -102.90 -37.68
CA VAL L 68 33.76 -102.59 -36.26
C VAL L 68 32.88 -103.67 -35.65
N ASP L 69 33.36 -104.28 -34.58
CA ASP L 69 32.68 -105.41 -33.95
C ASP L 69 31.72 -105.00 -32.86
N LYS L 70 31.54 -103.70 -32.61
CA LYS L 70 30.65 -103.21 -31.58
C LYS L 70 29.48 -102.47 -32.20
N THR L 71 28.31 -102.58 -31.57
CA THR L 71 27.13 -101.89 -32.06
C THR L 71 27.35 -100.38 -31.99
N THR L 72 26.97 -99.69 -33.06
CA THR L 72 27.21 -98.27 -33.19
C THR L 72 25.90 -97.50 -33.21
N GLU L 73 25.87 -96.39 -32.49
CA GLU L 73 24.74 -95.48 -32.57
C GLU L 73 24.68 -94.86 -33.96
N PRO L 74 23.49 -94.46 -34.41
CA PRO L 74 23.39 -93.85 -35.73
C PRO L 74 24.27 -92.61 -35.85
N HIS L 75 24.90 -92.45 -37.00
CA HIS L 75 25.86 -91.38 -37.21
C HIS L 75 25.87 -90.99 -38.67
N ASN L 76 26.36 -89.78 -38.92
CA ASN L 76 26.52 -89.28 -40.28
C ASN L 76 27.98 -89.42 -40.71
N ALA L 77 28.23 -89.11 -41.98
CA ALA L 77 29.57 -89.25 -42.54
C ALA L 77 30.54 -88.30 -41.85
N ASP L 78 31.70 -88.81 -41.48
CA ASP L 78 32.72 -88.00 -40.84
C ASP L 78 34.13 -88.31 -41.34
N GLY L 79 34.27 -89.11 -42.38
CA GLY L 79 35.58 -89.45 -42.91
C GLY L 79 36.01 -88.53 -44.04
N ALA L 80 36.14 -89.08 -45.24
CA ALA L 80 36.52 -88.25 -46.39
C ALA L 80 35.45 -87.21 -46.68
N VAL L 81 34.18 -87.60 -46.58
CA VAL L 81 33.07 -86.68 -46.75
C VAL L 81 32.49 -86.35 -45.38
N LYS L 82 32.07 -85.10 -45.21
CA LYS L 82 31.50 -84.64 -43.96
C LYS L 82 30.10 -84.11 -44.21
N ASP L 83 29.20 -84.38 -43.27
CA ASP L 83 27.80 -83.99 -43.41
C ASP L 83 27.58 -82.64 -42.72
N GLY L 84 27.08 -81.67 -43.48
CA GLY L 84 26.78 -80.37 -42.92
C GLY L 84 25.48 -80.29 -42.16
N ARG L 85 24.66 -81.33 -42.21
CA ARG L 85 23.40 -81.35 -41.51
C ARG L 85 23.61 -81.74 -40.05
N ILE L 86 22.57 -81.54 -39.24
CA ILE L 86 22.65 -81.85 -37.82
C ILE L 86 22.75 -83.36 -37.64
N ALA L 87 23.47 -83.77 -36.60
CA ALA L 87 23.54 -85.18 -36.25
C ALA L 87 22.14 -85.68 -35.91
N PRO L 88 21.86 -86.96 -36.18
CA PRO L 88 20.48 -87.47 -36.01
C PRO L 88 19.98 -87.26 -34.59
N VAL L 89 18.89 -86.50 -34.47
CA VAL L 89 18.32 -86.19 -33.17
C VAL L 89 17.62 -87.43 -32.62
N LYS L 90 17.98 -87.80 -31.40
CA LYS L 90 17.47 -89.01 -30.77
C LYS L 90 16.23 -88.68 -29.98
N LEU L 91 15.13 -89.37 -30.30
CA LEU L 91 13.86 -89.18 -29.62
C LEU L 91 13.57 -90.40 -28.77
N ASP L 92 13.26 -90.17 -27.50
CA ASP L 92 12.90 -91.25 -26.58
C ASP L 92 11.38 -91.41 -26.68
N LEU L 93 10.95 -92.44 -27.40
CA LEU L 93 9.55 -92.63 -27.72
C LEU L 93 9.10 -94.03 -27.32
N GLU L 94 7.79 -94.20 -27.27
CA GLU L 94 7.14 -95.48 -26.98
C GLU L 94 7.55 -96.01 -25.60
N LYS L 95 7.31 -95.19 -24.60
CA LYS L 95 7.52 -95.62 -23.22
C LYS L 95 6.48 -96.67 -22.83
N GLN L 96 6.93 -97.68 -22.09
CA GLN L 96 6.03 -98.73 -21.64
C GLN L 96 5.20 -98.33 -20.42
N LYS L 97 5.54 -97.22 -19.77
CA LYS L 97 4.77 -96.71 -18.64
C LYS L 97 4.60 -95.20 -18.81
N LEU L 98 3.56 -94.68 -18.18
CA LEU L 98 3.26 -93.25 -18.31
C LEU L 98 4.14 -92.46 -17.36
N ASP L 99 4.89 -91.51 -17.91
CA ASP L 99 5.74 -90.62 -17.14
C ASP L 99 5.55 -89.21 -17.67
N LYS L 100 5.55 -88.23 -16.76
CA LYS L 100 5.26 -86.82 -17.04
C LYS L 100 4.10 -86.63 -18.02
N LEU L 101 3.02 -87.39 -17.85
CA LEU L 101 1.79 -87.19 -18.60
C LEU L 101 0.63 -87.22 -17.63
N LYS L 102 0.25 -86.06 -17.12
CA LYS L 102 -0.85 -85.92 -16.17
C LYS L 102 -1.95 -85.10 -16.82
N LEU L 103 -3.19 -85.60 -16.72
CA LEU L 103 -4.32 -84.87 -17.29
C LEU L 103 -4.51 -83.53 -16.58
N PHE L 104 -4.39 -83.51 -15.26
CA PHE L 104 -4.57 -82.31 -14.47
C PHE L 104 -3.42 -82.14 -13.50
N GLU L 105 -3.02 -80.88 -13.26
CA GLU L 105 -2.05 -80.62 -12.21
C GLU L 105 -2.60 -81.01 -10.85
N THR L 106 -3.85 -80.64 -10.58
CA THR L 106 -4.59 -81.11 -9.42
C THR L 106 -5.98 -81.53 -9.88
N SER L 107 -6.41 -82.70 -9.41
CA SER L 107 -7.67 -83.24 -9.87
C SER L 107 -8.83 -82.32 -9.47
N PRO L 108 -9.87 -82.25 -10.30
CA PRO L 108 -11.03 -81.42 -9.93
C PRO L 108 -11.65 -81.85 -8.61
N PHE L 109 -11.69 -83.16 -8.34
CA PHE L 109 -12.17 -83.70 -7.09
C PHE L 109 -11.79 -85.18 -7.05
N ASP L 110 -11.85 -85.76 -5.85
CA ASP L 110 -11.65 -87.19 -5.70
C ASP L 110 -12.99 -87.87 -5.71
N PRO L 111 -13.29 -88.71 -6.71
CA PRO L 111 -14.64 -89.30 -6.80
C PRO L 111 -15.02 -90.14 -5.59
N LEU L 112 -14.07 -90.82 -4.96
CA LEU L 112 -14.39 -91.67 -3.82
C LEU L 112 -14.86 -90.86 -2.63
N THR L 113 -14.43 -89.61 -2.52
CA THR L 113 -14.80 -88.78 -1.37
C THR L 113 -16.24 -88.31 -1.46
N ILE L 114 -16.68 -87.89 -2.65
CA ILE L 114 -18.01 -87.31 -2.79
C ILE L 114 -19.07 -88.40 -2.65
N LYS L 115 -20.24 -88.01 -2.13
CA LYS L 115 -21.34 -88.93 -1.88
C LYS L 115 -22.63 -88.58 -2.60
N ASN L 116 -22.89 -87.31 -2.88
CA ASN L 116 -24.10 -86.91 -3.58
C ASN L 116 -23.77 -85.73 -4.49
N ASN L 117 -24.79 -85.24 -5.19
CA ASN L 117 -24.59 -84.14 -6.13
C ASN L 117 -24.12 -82.88 -5.44
N GLN L 118 -24.64 -82.61 -4.23
CA GLN L 118 -24.23 -81.42 -3.51
C GLN L 118 -22.75 -81.44 -3.19
N ASP L 119 -22.20 -82.61 -2.86
CA ASP L 119 -20.78 -82.72 -2.58
C ASP L 119 -19.95 -82.42 -3.81
N VAL L 120 -20.43 -82.83 -4.99
CA VAL L 120 -19.71 -82.54 -6.23
C VAL L 120 -19.62 -81.04 -6.45
N VAL L 121 -20.72 -80.32 -6.22
CA VAL L 121 -20.73 -78.88 -6.43
C VAL L 121 -19.78 -78.19 -5.46
N ASP L 122 -19.80 -78.60 -4.19
CA ASP L 122 -18.93 -77.97 -3.21
C ASP L 122 -17.46 -78.18 -3.54
N LYS L 123 -17.10 -79.38 -3.98
CA LYS L 123 -15.71 -79.65 -4.32
C LYS L 123 -15.25 -78.81 -5.50
N LEU L 124 -16.13 -78.63 -6.49
CA LEU L 124 -15.78 -77.80 -7.64
C LEU L 124 -15.55 -76.35 -7.22
N TYR L 125 -16.25 -75.91 -6.18
CA TYR L 125 -16.07 -74.54 -5.71
C TYR L 125 -14.78 -74.38 -4.93
N ALA L 126 -14.29 -75.45 -4.30
CA ALA L 126 -13.05 -75.36 -3.54
C ALA L 126 -11.84 -75.30 -4.46
N THR L 127 -11.83 -76.09 -5.53
CA THR L 127 -10.68 -76.22 -6.41
C THR L 127 -10.78 -75.31 -7.63
N GLN L 128 -11.77 -74.43 -7.68
CA GLN L 128 -11.97 -73.62 -8.87
C GLN L 128 -10.87 -72.59 -9.09
N SER L 129 -10.09 -72.26 -8.05
CA SER L 129 -9.01 -71.32 -8.23
C SER L 129 -7.86 -71.92 -9.04
N SER L 130 -7.66 -73.23 -8.95
CA SER L 130 -6.54 -73.87 -9.62
C SER L 130 -6.75 -73.98 -11.13
N SER L 131 -7.94 -73.67 -11.62
CA SER L 131 -8.23 -73.77 -13.05
C SER L 131 -8.17 -72.40 -13.72
N ILE L 132 -8.24 -72.40 -15.04
CA ILE L 132 -8.35 -71.18 -15.82
C ILE L 132 -9.83 -70.82 -15.90
N GLN L 133 -10.21 -69.75 -15.20
CA GLN L 133 -11.60 -69.39 -15.02
C GLN L 133 -12.00 -68.30 -15.98
N GLU L 134 -13.20 -68.44 -16.57
CA GLU L 134 -13.73 -67.39 -17.43
C GLU L 134 -13.99 -66.12 -16.62
N VAL L 135 -14.58 -66.26 -15.44
CA VAL L 135 -14.86 -65.15 -14.55
C VAL L 135 -14.24 -65.45 -13.20
N VAL L 136 -13.27 -64.65 -12.80
CA VAL L 136 -12.60 -64.82 -11.51
C VAL L 136 -13.58 -64.38 -10.43
N PRO L 137 -13.91 -65.23 -9.47
CA PRO L 137 -14.94 -64.88 -8.50
C PRO L 137 -14.53 -63.72 -7.61
N THR L 138 -15.53 -62.95 -7.20
CA THR L 138 -15.38 -61.88 -6.22
C THR L 138 -16.68 -61.79 -5.44
N LYS L 139 -16.86 -60.69 -4.72
CA LYS L 139 -18.12 -60.51 -4.00
C LYS L 139 -19.26 -60.36 -4.99
N THR L 140 -20.38 -60.99 -4.68
CA THR L 140 -21.52 -61.05 -5.60
C THR L 140 -22.42 -59.84 -5.40
N PHE L 141 -23.32 -59.64 -6.37
CA PHE L 141 -24.24 -58.51 -6.37
C PHE L 141 -25.66 -59.03 -6.54
N ALA L 142 -26.59 -58.48 -5.76
CA ALA L 142 -27.97 -58.90 -5.76
C ALA L 142 -28.87 -57.76 -6.22
N THR L 143 -29.84 -58.09 -7.08
CA THR L 143 -30.77 -57.09 -7.60
C THR L 143 -32.20 -57.29 -7.14
N GLU L 144 -32.54 -58.45 -6.59
CA GLU L 144 -33.89 -58.70 -6.08
C GLU L 144 -33.76 -59.42 -4.75
N LEU L 145 -34.62 -59.06 -3.80
CA LEU L 145 -34.60 -59.68 -2.48
C LEU L 145 -35.95 -59.52 -1.83
N GLN L 146 -36.51 -60.61 -1.32
CA GLN L 146 -37.79 -60.60 -0.62
C GLN L 146 -37.70 -61.44 0.63
N PHE L 147 -38.55 -61.13 1.60
CA PHE L 147 -38.62 -61.86 2.85
C PHE L 147 -40.09 -62.14 3.17
N GLY L 148 -40.47 -63.41 3.13
CA GLY L 148 -41.83 -63.76 3.50
C GLY L 148 -42.02 -63.80 5.00
N VAL L 149 -43.28 -63.67 5.41
CA VAL L 149 -43.60 -63.68 6.83
C VAL L 149 -43.40 -65.08 7.39
N THR L 150 -42.96 -65.15 8.64
CA THR L 150 -42.59 -66.41 9.27
C THR L 150 -43.67 -66.82 10.28
N SER L 151 -43.44 -67.96 10.92
CA SER L 151 -44.40 -68.46 11.90
C SER L 151 -44.37 -67.64 13.18
N GLU L 152 -43.23 -67.03 13.49
CA GLU L 152 -43.14 -66.20 14.69
C GLU L 152 -44.07 -65.00 14.60
N ASP L 153 -44.15 -64.38 13.43
CA ASP L 153 -45.06 -63.25 13.25
C ASP L 153 -46.50 -63.68 13.43
N MET L 154 -46.87 -64.85 12.90
CA MET L 154 -48.24 -65.34 13.08
C MET L 154 -48.52 -65.66 14.54
N ALA L 155 -47.52 -66.16 15.26
CA ALA L 155 -47.69 -66.38 16.70
C ALA L 155 -47.92 -65.07 17.44
N LYS L 156 -47.20 -64.01 17.06
CA LYS L 156 -47.40 -62.71 17.68
C LYS L 156 -48.77 -62.14 17.36
N ILE L 157 -49.20 -62.27 16.10
CA ILE L 157 -50.48 -61.69 15.70
C ILE L 157 -51.64 -62.38 16.41
N TYR L 158 -51.58 -63.72 16.49
CA TYR L 158 -52.68 -64.46 17.11
C TYR L 158 -52.77 -64.16 18.60
N GLY L 159 -51.63 -63.97 19.26
CA GLY L 159 -51.66 -63.58 20.66
C GLY L 159 -52.30 -62.22 20.86
N ALA L 160 -52.04 -61.28 19.95
CA ALA L 160 -52.65 -59.96 20.04
C ALA L 160 -54.17 -60.06 19.87
N VAL L 161 -54.62 -60.86 18.91
CA VAL L 161 -56.05 -61.01 18.67
C VAL L 161 -56.72 -61.74 19.81
N ALA L 162 -56.05 -62.77 20.36
CA ALA L 162 -56.62 -63.53 21.46
C ALA L 162 -56.80 -62.66 22.69
N ALA L 163 -55.86 -61.75 22.94
CA ALA L 163 -55.98 -60.87 24.10
C ALA L 163 -57.18 -59.94 23.95
N VAL L 164 -57.42 -59.43 22.74
CA VAL L 164 -58.57 -58.56 22.51
C VAL L 164 -59.87 -59.33 22.72
N SER L 165 -59.92 -60.57 22.25
CA SER L 165 -61.15 -61.35 22.38
C SER L 165 -61.46 -61.69 23.83
N LYS L 166 -60.45 -61.74 24.69
CA LYS L 166 -60.67 -62.00 26.10
C LYS L 166 -61.07 -60.75 26.88
N ASN L 167 -60.97 -59.57 26.27
CA ASN L 167 -61.30 -58.33 26.96
C ASN L 167 -62.79 -58.16 27.20
N VAL L 168 -63.64 -59.01 26.63
CA VAL L 168 -65.06 -58.93 26.91
C VAL L 168 -65.32 -59.17 28.39
N ASN L 169 -66.45 -58.68 28.87
CA ASN L 169 -66.77 -58.69 30.29
C ASN L 169 -68.00 -59.54 30.55
N SER L 170 -67.93 -60.33 31.62
CA SER L 170 -68.98 -61.31 31.90
C SER L 170 -70.17 -60.68 32.60
N SER L 171 -69.98 -60.16 33.80
CA SER L 171 -71.08 -59.64 34.60
C SER L 171 -70.50 -58.84 35.76
N VAL L 172 -71.39 -58.35 36.63
CA VAL L 172 -71.02 -57.58 37.80
C VAL L 172 -71.75 -58.17 39.00
N THR L 173 -71.22 -57.87 40.19
CA THR L 173 -71.83 -58.31 41.43
C THR L 173 -71.72 -57.21 42.48
N TYR L 174 -72.78 -57.06 43.27
CA TYR L 174 -72.82 -56.01 44.28
C TYR L 174 -73.86 -56.38 45.33
N GLU L 175 -73.78 -55.72 46.48
CA GLU L 175 -74.71 -55.91 47.58
C GLU L 175 -75.60 -54.70 47.71
N VAL L 176 -76.91 -54.93 47.80
CA VAL L 176 -77.89 -53.87 47.93
C VAL L 176 -78.35 -53.80 49.39
N LYS L 177 -78.08 -52.66 50.03
CA LYS L 177 -78.32 -52.51 51.46
C LYS L 177 -78.93 -51.18 51.84
N ARG L 178 -79.17 -50.28 50.89
CA ARG L 178 -79.70 -48.96 51.23
C ARG L 178 -81.10 -49.08 51.80
N GLY L 179 -81.37 -48.33 52.86
CA GLY L 179 -82.65 -48.38 53.52
C GLY L 179 -82.77 -49.44 54.60
N THR L 180 -81.74 -50.27 54.79
CA THR L 180 -81.77 -51.31 55.81
C THR L 180 -81.06 -50.77 57.06
N HIS L 181 -81.84 -50.54 58.11
CA HIS L 181 -81.33 -50.03 59.37
C HIS L 181 -81.52 -51.08 60.46
N GLU L 182 -80.60 -51.10 61.42
CA GLU L 182 -80.68 -52.06 62.50
C GLU L 182 -81.75 -51.65 63.51
N LEU L 183 -82.17 -52.63 64.31
CA LEU L 183 -83.24 -52.43 65.28
C LEU L 183 -82.67 -52.60 66.69
N ILE L 184 -82.92 -51.63 67.55
CA ILE L 184 -82.57 -51.74 68.95
C ILE L 184 -83.73 -52.38 69.69
N LYS L 185 -83.47 -52.86 70.90
CA LYS L 185 -84.44 -53.64 71.65
C LYS L 185 -84.65 -53.00 73.02
N VAL L 186 -85.92 -52.77 73.36
CA VAL L 186 -86.29 -51.98 74.55
C VAL L 186 -86.75 -52.96 75.62
N PRO L 187 -86.04 -53.08 76.75
CA PRO L 187 -86.46 -54.05 77.77
C PRO L 187 -87.67 -53.62 78.58
N THR L 188 -87.72 -52.36 79.00
CA THR L 188 -88.70 -51.91 79.97
C THR L 188 -89.71 -50.97 79.31
N ILE L 189 -90.98 -51.19 79.65
CA ILE L 189 -92.07 -50.34 79.19
C ILE L 189 -92.17 -49.12 80.10
N PRO L 190 -92.07 -47.90 79.57
CA PRO L 190 -92.22 -46.71 80.42
C PRO L 190 -93.68 -46.48 80.79
N HIS L 191 -93.95 -46.44 82.09
CA HIS L 191 -95.32 -46.26 82.58
C HIS L 191 -95.59 -44.83 83.06
N ASN L 192 -94.60 -44.19 83.66
CA ASN L 192 -94.70 -42.78 84.08
C ASN L 192 -95.88 -42.55 85.03
N LEU L 193 -96.03 -43.44 86.00
CA LEU L 193 -97.11 -43.36 86.97
C LEU L 193 -96.54 -43.29 88.38
N VAL L 194 -97.11 -42.39 89.19
CA VAL L 194 -96.69 -42.20 90.57
C VAL L 194 -97.93 -42.19 91.45
N LEU L 195 -97.90 -42.95 92.53
CA LEU L 195 -99.01 -43.03 93.47
C LEU L 195 -98.70 -42.18 94.70
N ILE L 196 -99.63 -41.27 95.03
CA ILE L 196 -99.47 -40.36 96.16
C ILE L 196 -100.58 -40.68 97.15
N GLN L 197 -100.19 -40.86 98.42
CA GLN L 197 -101.12 -41.21 99.48
C GLN L 197 -100.97 -40.25 100.64
N SER L 198 -102.07 -40.02 101.36
CA SER L 198 -102.02 -39.24 102.57
C SER L 198 -101.29 -40.02 103.67
N ASP L 199 -100.76 -39.29 104.64
CA ASP L 199 -100.02 -39.93 105.73
C ASP L 199 -100.93 -40.84 106.55
N ASN L 200 -102.14 -40.39 106.85
CA ASN L 200 -103.09 -41.23 107.56
C ASN L 200 -103.86 -42.17 106.64
N GLY L 201 -103.63 -42.08 105.33
CA GLY L 201 -104.31 -42.95 104.38
C GLY L 201 -105.71 -42.53 104.01
N LYS L 202 -106.11 -41.31 104.35
CA LYS L 202 -107.47 -40.86 104.04
C LYS L 202 -107.68 -40.78 102.53
N HIS L 203 -106.71 -40.23 101.80
CA HIS L 203 -106.83 -40.04 100.37
C HIS L 203 -105.59 -40.55 99.66
N ALA L 204 -105.80 -41.05 98.45
CA ALA L 204 -104.69 -41.46 97.59
C ALA L 204 -105.09 -41.23 96.14
N LEU L 205 -104.09 -41.07 95.28
CA LEU L 205 -104.35 -40.79 93.87
C LEU L 205 -103.16 -41.26 93.04
N ILE L 206 -103.40 -41.43 91.75
CA ILE L 206 -102.38 -41.85 90.80
C ILE L 206 -102.16 -40.72 89.81
N LYS L 207 -100.92 -40.27 89.70
CA LYS L 207 -100.57 -39.13 88.85
C LYS L 207 -99.58 -39.59 87.79
N GLU L 208 -99.82 -39.16 86.55
CA GLU L 208 -98.93 -39.49 85.45
C GLU L 208 -98.02 -38.29 85.20
N ASP L 209 -96.74 -38.45 85.53
CA ASP L 209 -95.75 -37.37 85.44
C ASP L 209 -95.00 -37.53 84.13
N LEU L 210 -95.36 -36.72 83.13
CA LEU L 210 -94.66 -36.67 81.87
C LEU L 210 -93.70 -35.50 81.78
N GLY L 211 -93.44 -34.83 82.90
CA GLY L 211 -92.56 -33.68 82.91
C GLY L 211 -93.30 -32.38 82.65
N GLN L 212 -92.64 -31.28 82.97
CA GLN L 212 -93.19 -29.94 82.78
C GLN L 212 -92.48 -29.28 81.60
N TRP L 213 -93.25 -28.86 80.61
CA TRP L 213 -92.72 -28.19 79.42
C TRP L 213 -93.36 -26.83 79.29
N PRO L 214 -92.72 -25.78 79.81
CA PRO L 214 -93.33 -24.44 79.74
C PRO L 214 -93.46 -23.95 78.31
N VAL L 215 -94.58 -23.28 78.03
CA VAL L 215 -94.82 -22.70 76.72
C VAL L 215 -94.80 -21.18 76.86
N GLU L 216 -94.62 -20.51 75.73
CA GLU L 216 -94.60 -19.06 75.67
C GLU L 216 -95.80 -18.59 74.86
N THR L 217 -96.56 -17.66 75.42
CA THR L 217 -97.76 -17.18 74.73
C THR L 217 -97.41 -16.41 73.47
N GLY L 218 -96.32 -15.65 73.49
CA GLY L 218 -95.94 -14.89 72.31
C GLY L 218 -95.52 -15.76 71.14
N ILE L 219 -94.70 -16.78 71.40
CA ILE L 219 -94.16 -17.60 70.33
C ILE L 219 -95.20 -18.60 69.86
N SER L 220 -95.00 -19.11 68.64
CA SER L 220 -95.95 -20.02 68.04
C SER L 220 -95.99 -21.36 68.79
N LEU L 221 -97.20 -21.90 68.92
CA LEU L 221 -97.37 -23.18 69.60
C LEU L 221 -96.85 -24.35 68.79
N VAL L 222 -97.00 -24.31 67.47
CA VAL L 222 -96.55 -25.43 66.64
C VAL L 222 -95.04 -25.57 66.69
N ASN L 223 -94.32 -24.45 66.70
CA ASN L 223 -92.87 -24.50 66.82
C ASN L 223 -92.44 -25.09 68.16
N GLN L 224 -93.11 -24.66 69.24
CA GLN L 224 -92.79 -25.20 70.56
C GLN L 224 -93.24 -26.65 70.68
N ALA L 225 -94.38 -26.99 70.07
CA ALA L 225 -94.84 -28.37 70.10
C ALA L 225 -93.86 -29.29 69.38
N GLY L 226 -93.31 -28.84 68.26
CA GLY L 226 -92.35 -29.65 67.54
C GLY L 226 -91.05 -29.85 68.30
N VAL L 227 -90.55 -28.79 68.93
CA VAL L 227 -89.29 -28.89 69.66
C VAL L 227 -89.45 -29.77 70.89
N PHE L 228 -90.54 -29.59 71.63
CA PHE L 228 -90.77 -30.44 72.79
C PHE L 228 -91.07 -31.88 72.39
N ALA L 229 -91.57 -32.09 71.18
CA ALA L 229 -91.80 -33.44 70.69
C ALA L 229 -90.48 -34.19 70.51
N VAL L 230 -89.47 -33.54 69.95
CA VAL L 230 -88.18 -34.18 69.74
C VAL L 230 -87.55 -34.55 71.08
N GLN L 231 -87.63 -33.65 72.06
CA GLN L 231 -87.09 -33.95 73.38
C GLN L 231 -87.84 -35.10 74.04
N LEU L 232 -89.17 -35.12 73.89
CA LEU L 232 -89.96 -36.19 74.51
C LEU L 232 -89.64 -37.54 73.89
N ALA L 233 -89.48 -37.60 72.57
CA ALA L 233 -89.18 -38.86 71.92
C ALA L 233 -87.83 -39.41 72.37
N ASN L 234 -86.83 -38.54 72.50
CA ASN L 234 -85.52 -38.99 72.96
C ASN L 234 -85.58 -39.50 74.40
N LYS L 235 -86.36 -38.84 75.25
CA LYS L 235 -86.47 -39.27 76.64
C LYS L 235 -87.10 -40.66 76.73
N LEU L 236 -88.15 -40.91 75.96
CA LEU L 236 -88.78 -42.22 75.93
C LEU L 236 -87.98 -43.24 75.13
N GLY L 237 -87.09 -42.79 74.24
CA GLY L 237 -86.30 -43.71 73.44
C GLY L 237 -87.03 -44.34 72.28
N ILE L 238 -87.92 -43.61 71.61
CA ILE L 238 -88.69 -44.13 70.50
C ILE L 238 -88.32 -43.45 69.19
N ASP L 239 -87.26 -42.65 69.16
CA ASP L 239 -86.88 -41.95 67.94
C ASP L 239 -86.21 -42.87 66.93
N LYS L 240 -85.41 -43.81 67.40
CA LYS L 240 -84.76 -44.78 66.54
C LYS L 240 -85.63 -46.03 66.43
N PRO L 241 -85.46 -46.82 65.36
CA PRO L 241 -86.25 -48.05 65.22
C PRO L 241 -86.02 -48.98 66.40
N PHE L 242 -87.08 -49.64 66.85
CA PHE L 242 -87.00 -50.45 68.04
C PHE L 242 -88.13 -51.46 68.07
N VAL L 243 -87.93 -52.52 68.86
CA VAL L 243 -88.94 -53.50 69.19
C VAL L 243 -88.91 -53.73 70.69
N LEU L 244 -90.05 -54.06 71.27
CA LEU L 244 -90.18 -54.19 72.72
C LEU L 244 -89.91 -55.62 73.15
N ASP L 245 -89.21 -55.78 74.27
CA ASP L 245 -88.96 -57.07 74.90
C ASP L 245 -89.47 -57.02 76.33
N ALA L 246 -90.76 -57.30 76.51
CA ALA L 246 -91.35 -57.41 77.83
C ALA L 246 -91.63 -58.86 78.20
N GLY L 247 -91.22 -59.81 77.37
CA GLY L 247 -91.51 -61.20 77.63
C GLY L 247 -90.70 -61.78 78.78
N SER L 248 -89.53 -61.18 79.07
CA SER L 248 -88.70 -61.65 80.17
C SER L 248 -88.99 -60.92 81.47
N ASN L 249 -89.84 -59.89 81.45
CA ASN L 249 -90.15 -59.12 82.65
C ASN L 249 -91.39 -59.72 83.31
N TYR L 250 -91.16 -60.78 84.07
CA TYR L 250 -92.24 -61.45 84.79
C TYR L 250 -91.66 -62.30 85.90
N PHE L 251 -92.54 -62.74 86.80
CA PHE L 251 -92.18 -63.67 87.84
C PHE L 251 -93.36 -64.62 88.05
N THR L 252 -93.05 -65.80 88.57
CA THR L 252 -94.02 -66.88 88.67
C THR L 252 -94.11 -67.36 90.12
N ASP L 253 -95.35 -67.62 90.56
CA ASP L 253 -95.57 -68.10 91.92
C ASP L 253 -94.86 -69.43 92.14
N THR L 254 -94.46 -69.67 93.39
CA THR L 254 -93.65 -70.85 93.70
C THR L 254 -94.40 -72.17 93.52
N SER L 255 -95.72 -72.12 93.36
CA SER L 255 -96.48 -73.35 93.19
C SER L 255 -96.09 -74.06 91.90
N PHE L 256 -96.03 -75.39 91.97
CA PHE L 256 -95.70 -76.18 90.78
C PHE L 256 -96.79 -76.07 89.72
N ILE L 257 -98.05 -76.16 90.14
CA ILE L 257 -99.15 -76.15 89.17
C ILE L 257 -99.33 -74.77 88.56
N ASP L 258 -99.18 -73.71 89.36
CA ASP L 258 -99.47 -72.36 88.89
C ASP L 258 -98.41 -71.89 87.92
N THR L 259 -98.82 -71.56 86.70
CA THR L 259 -97.91 -71.07 85.66
C THR L 259 -98.25 -69.66 85.19
N ARG L 260 -99.13 -68.95 85.88
CA ARG L 260 -99.47 -67.59 85.48
C ARG L 260 -98.26 -66.68 85.67
N LYS L 261 -98.06 -65.78 84.71
CA LYS L 261 -96.95 -64.84 84.74
C LYS L 261 -97.44 -63.47 85.13
N TYR L 262 -96.81 -62.88 86.15
CA TYR L 262 -97.19 -61.56 86.65
C TYR L 262 -96.14 -60.55 86.22
N CYS L 263 -96.58 -59.46 85.60
CA CYS L 263 -95.68 -58.48 85.04
C CYS L 263 -95.09 -57.61 86.14
N THR L 264 -93.77 -57.42 86.09
CA THR L 264 -93.09 -56.53 87.03
C THR L 264 -93.08 -55.07 86.58
N ASP L 265 -93.53 -54.79 85.36
CA ASP L 265 -93.54 -53.44 84.85
C ASP L 265 -94.77 -52.69 85.33
N GLY L 266 -94.72 -51.37 85.22
CA GLY L 266 -95.84 -50.53 85.58
C GLY L 266 -96.03 -50.43 87.09
N LEU L 267 -97.15 -49.84 87.47
CA LEU L 267 -97.51 -49.72 88.87
C LEU L 267 -97.94 -51.07 89.40
N SER L 268 -97.22 -51.60 90.38
CA SER L 268 -97.52 -52.92 90.90
C SER L 268 -98.87 -52.90 91.60
N PRO L 269 -99.69 -53.95 91.42
CA PRO L 269 -100.98 -53.99 92.11
C PRO L 269 -100.86 -54.02 93.62
N ARG L 270 -99.70 -54.41 94.16
CA ARG L 270 -99.53 -54.40 95.61
C ARG L 270 -99.55 -52.97 96.15
N GLU L 271 -99.04 -52.01 95.37
CA GLU L 271 -99.12 -50.62 95.79
C GLU L 271 -100.57 -50.15 95.84
N ILE L 272 -101.39 -50.55 94.87
CA ILE L 272 -102.79 -50.19 94.88
C ILE L 272 -103.53 -50.93 95.99
N GLN L 273 -103.20 -52.20 96.20
CA GLN L 273 -103.85 -52.96 97.26
C GLN L 273 -103.55 -52.38 98.63
N LYS L 274 -102.29 -51.99 98.87
CA LYS L 274 -101.94 -51.36 100.13
C LYS L 274 -102.67 -50.04 100.29
N ALA L 275 -102.75 -49.24 99.23
CA ALA L 275 -103.41 -47.95 99.31
C ALA L 275 -104.89 -48.11 99.63
N LEU L 276 -105.55 -49.04 98.96
CA LEU L 276 -106.98 -49.24 99.18
C LEU L 276 -107.27 -49.75 100.58
N ASN L 277 -106.45 -50.67 101.08
CA ASN L 277 -106.67 -51.21 102.42
C ASN L 277 -106.42 -50.17 103.49
N ARG L 278 -105.44 -49.29 103.28
CA ARG L 278 -105.20 -48.21 104.23
C ARG L 278 -106.37 -47.24 104.25
N GLN L 279 -107.00 -47.01 103.10
CA GLN L 279 -108.16 -46.13 103.05
C GLN L 279 -109.33 -46.72 103.84
N ARG L 280 -109.57 -48.02 103.70
CA ARG L 280 -110.70 -48.63 104.37
C ARG L 280 -110.45 -48.83 105.86
N ALA L 281 -109.19 -49.06 106.25
CA ALA L 281 -108.87 -49.20 107.67
C ALA L 281 -109.08 -47.88 108.42
N TYR L 282 -108.91 -46.75 107.73
CA TYR L 282 -109.17 -45.46 108.36
C TYR L 282 -110.64 -45.30 108.71
N TYR L 283 -111.52 -45.67 107.79
CA TYR L 283 -112.95 -45.45 107.96
C TYR L 283 -113.63 -46.58 108.71
N ASP L 284 -112.86 -47.55 109.21
CA ASP L 284 -113.39 -48.69 109.96
C ASP L 284 -114.35 -49.51 109.12
N ARG L 285 -114.06 -49.62 107.83
CA ARG L 285 -114.80 -50.49 106.94
C ARG L 285 -113.97 -51.73 106.62
N PRO L 286 -114.62 -52.86 106.34
CA PRO L 286 -113.86 -54.12 106.17
C PRO L 286 -112.86 -54.03 105.03
N GLU L 287 -111.71 -54.67 105.22
CA GLU L 287 -110.67 -54.70 104.21
C GLU L 287 -111.13 -55.51 103.00
N LEU L 288 -110.35 -55.42 101.93
CA LEU L 288 -110.67 -56.14 100.70
C LEU L 288 -110.78 -57.63 100.98
N THR L 289 -111.86 -58.24 100.49
CA THR L 289 -112.09 -59.65 100.70
C THR L 289 -111.10 -60.47 99.88
N ILE L 290 -111.10 -61.78 100.14
CA ILE L 290 -110.14 -62.67 99.47
C ILE L 290 -110.38 -62.66 97.97
N SER L 291 -111.65 -62.72 97.55
CA SER L 291 -111.96 -62.71 96.12
C SER L 291 -111.51 -61.42 95.46
N GLU L 292 -111.73 -60.28 96.13
CA GLU L 292 -111.30 -59.01 95.57
C GLU L 292 -109.78 -58.94 95.47
N ASN L 293 -109.07 -59.47 96.47
CA ASN L 293 -107.62 -59.46 96.43
C ASN L 293 -107.10 -60.29 95.27
N LYS L 294 -107.69 -61.46 95.03
CA LYS L 294 -107.25 -62.30 93.93
C LYS L 294 -107.47 -61.61 92.59
N THR L 295 -108.61 -60.95 92.42
CA THR L 295 -108.88 -60.26 91.17
C THR L 295 -107.94 -59.08 90.96
N LEU L 296 -107.67 -58.32 92.02
CA LEU L 296 -106.83 -57.13 91.88
C LEU L 296 -105.38 -57.51 91.61
N LEU L 297 -104.84 -58.46 92.39
CA LEU L 297 -103.43 -58.80 92.27
C LEU L 297 -103.11 -59.59 91.02
N SER L 298 -104.11 -60.03 90.26
CA SER L 298 -103.90 -60.79 89.05
C SER L 298 -104.19 -59.98 87.80
N GLN L 299 -104.33 -58.66 87.91
CA GLN L 299 -104.64 -57.85 86.74
C GLN L 299 -103.43 -57.72 85.81
N SER L 300 -102.25 -57.53 86.37
CA SER L 300 -101.03 -57.37 85.58
C SER L 300 -100.48 -58.74 85.23
N ILE L 301 -100.67 -59.16 83.99
CA ILE L 301 -100.25 -60.48 83.53
C ILE L 301 -99.69 -60.37 82.11
N ILE L 302 -99.00 -61.42 81.69
CA ILE L 302 -98.51 -61.56 80.32
C ILE L 302 -99.11 -62.85 79.75
N TYR L 303 -99.75 -62.72 78.59
CA TYR L 303 -100.40 -63.85 77.97
C TYR L 303 -100.00 -63.96 76.50
N PRO L 304 -100.01 -65.17 75.95
CA PRO L 304 -99.58 -65.34 74.55
C PRO L 304 -100.67 -64.92 73.58
N ASP L 305 -100.29 -64.08 72.61
CA ASP L 305 -101.19 -63.66 71.55
C ASP L 305 -101.41 -64.80 70.56
N ALA L 306 -102.51 -64.71 69.81
CA ALA L 306 -102.87 -65.76 68.86
C ALA L 306 -101.81 -65.94 67.77
N ASP L 307 -101.05 -64.90 67.46
CA ASP L 307 -100.00 -64.99 66.46
C ASP L 307 -98.69 -65.48 67.08
N GLY L 308 -98.63 -65.58 68.41
CA GLY L 308 -97.44 -66.03 69.09
C GLY L 308 -96.71 -64.95 69.87
N ASN L 309 -97.11 -63.69 69.74
CA ASN L 309 -96.48 -62.62 70.48
C ASN L 309 -96.86 -62.68 71.96
N ASP L 310 -96.13 -61.92 72.77
CA ASP L 310 -96.39 -61.79 74.20
C ASP L 310 -97.04 -60.43 74.44
N VAL L 311 -98.18 -60.43 75.12
CA VAL L 311 -98.93 -59.21 75.39
C VAL L 311 -98.88 -58.95 76.88
N SER L 312 -98.39 -57.77 77.26
CA SER L 312 -98.23 -57.37 78.64
C SER L 312 -99.32 -56.39 79.02
N ILE L 313 -100.00 -56.64 80.14
CA ILE L 313 -101.02 -55.76 80.68
C ILE L 313 -100.46 -55.14 81.95
N ILE L 314 -100.32 -53.82 81.95
CA ILE L 314 -99.73 -53.10 83.08
C ILE L 314 -100.51 -51.82 83.32
N PHE L 315 -100.34 -51.28 84.54
CA PHE L 315 -100.98 -50.03 84.93
C PHE L 315 -100.05 -48.89 84.53
N SER L 316 -100.42 -48.14 83.50
CA SER L 316 -99.58 -47.09 82.96
C SER L 316 -100.45 -45.91 82.55
N GLY L 317 -99.81 -44.75 82.40
CA GLY L 317 -100.54 -43.55 82.04
C GLY L 317 -101.12 -43.63 80.65
N ALA L 318 -102.19 -42.87 80.43
CA ALA L 318 -102.86 -42.88 79.12
C ALA L 318 -102.00 -42.21 78.06
N MET L 319 -101.29 -41.14 78.41
CA MET L 319 -100.51 -40.41 77.43
C MET L 319 -99.30 -41.21 76.97
N SER L 320 -98.57 -41.81 77.90
CA SER L 320 -97.41 -42.60 77.53
C SER L 320 -97.82 -43.86 76.77
N HIS L 321 -99.00 -44.39 77.09
CA HIS L 321 -99.50 -45.57 76.39
C HIS L 321 -99.78 -45.26 74.93
N ALA L 322 -100.41 -44.12 74.66
CA ALA L 322 -100.73 -43.76 73.29
C ALA L 322 -99.48 -43.48 72.47
N ILE L 323 -98.54 -42.76 73.06
CA ILE L 323 -97.31 -42.39 72.35
C ILE L 323 -96.47 -43.64 72.06
N PHE L 324 -96.30 -44.49 73.06
CA PHE L 324 -95.47 -45.68 72.87
C PHE L 324 -96.10 -46.66 71.90
N THR L 325 -97.41 -46.92 72.03
CA THR L 325 -98.06 -47.87 71.14
C THR L 325 -98.10 -47.37 69.71
N TYR L 326 -98.33 -46.06 69.53
CA TYR L 326 -98.31 -45.49 68.19
C TYR L 326 -96.93 -45.58 67.57
N ALA L 327 -95.89 -45.35 68.37
CA ALA L 327 -94.53 -45.48 67.88
C ALA L 327 -94.24 -46.90 67.43
N GLN L 328 -94.68 -47.89 68.20
CA GLN L 328 -94.50 -49.28 67.81
C GLN L 328 -95.19 -49.57 66.48
N SER L 329 -96.41 -49.04 66.31
CA SER L 329 -97.15 -49.27 65.07
C SER L 329 -96.44 -48.67 63.87
N GLN L 330 -95.88 -47.47 64.04
CA GLN L 330 -95.19 -46.82 62.92
C GLN L 330 -93.96 -47.61 62.49
N TRP L 331 -93.17 -48.08 63.46
CA TRP L 331 -91.96 -48.82 63.11
C TRP L 331 -92.30 -50.20 62.55
N ASN L 332 -93.35 -50.83 63.08
CA ASN L 332 -93.68 -52.19 62.69
C ASN L 332 -94.12 -52.31 61.24
N LYS L 333 -94.51 -51.20 60.61
CA LYS L 333 -94.89 -51.24 59.20
C LYS L 333 -93.70 -51.54 58.31
N ASN L 334 -92.51 -51.10 58.70
CA ASN L 334 -91.31 -51.29 57.91
C ASN L 334 -90.62 -52.62 58.17
N ILE L 335 -91.04 -53.35 59.21
CA ILE L 335 -90.47 -54.66 59.49
C ILE L 335 -91.17 -55.70 58.64
N ILE L 336 -90.44 -56.29 57.70
CA ILE L 336 -90.99 -57.26 56.76
C ILE L 336 -90.14 -58.53 56.78
N LYS L 337 -90.74 -59.61 56.32
CA LYS L 337 -90.04 -60.88 56.26
C LYS L 337 -88.95 -60.83 55.18
N LEU L 338 -88.02 -61.79 55.27
CA LEU L 338 -86.91 -61.80 54.32
C LEU L 338 -87.37 -62.15 52.91
N ASP L 339 -88.39 -63.01 52.79
CA ASP L 339 -88.88 -63.36 51.46
C ASP L 339 -89.46 -62.14 50.75
N ASP L 340 -90.15 -61.27 51.49
CA ASP L 340 -90.63 -60.02 50.89
C ASP L 340 -89.48 -59.12 50.48
N TYR L 341 -88.43 -59.04 51.31
CA TYR L 341 -87.27 -58.23 50.97
C TYR L 341 -86.61 -58.74 49.69
N ILE L 342 -86.51 -60.06 49.55
CA ILE L 342 -85.92 -60.64 48.35
C ILE L 342 -86.76 -60.30 47.13
N ARG L 343 -88.08 -60.39 47.26
CA ARG L 343 -88.96 -60.13 46.12
C ARG L 343 -88.90 -58.67 45.68
N GLU L 344 -88.86 -57.75 46.64
CA GLU L 344 -88.71 -56.33 46.29
C GLU L 344 -87.36 -56.07 45.64
N ILE L 345 -86.31 -56.73 46.14
CA ILE L 345 -84.98 -56.56 45.59
C ILE L 345 -84.93 -57.08 44.16
N THR L 346 -85.59 -58.21 43.89
CA THR L 346 -85.51 -58.84 42.58
C THR L 346 -86.12 -57.97 41.50
N LEU L 347 -87.16 -57.20 41.81
CA LEU L 347 -87.76 -56.33 40.80
C LEU L 347 -86.77 -55.27 40.34
N THR L 348 -86.07 -54.64 41.28
CA THR L 348 -85.10 -53.61 40.94
C THR L 348 -83.84 -54.20 40.30
N VAL L 349 -83.63 -55.50 40.43
CA VAL L 349 -82.47 -56.19 39.87
C VAL L 349 -82.77 -56.52 38.41
N PRO L 350 -81.78 -56.44 37.51
CA PRO L 350 -82.03 -56.82 36.11
C PRO L 350 -82.56 -58.24 35.98
N LYS L 351 -83.09 -58.54 34.80
CA LYS L 351 -83.91 -59.74 34.62
C LYS L 351 -83.11 -61.03 34.74
N GLN L 352 -81.78 -60.98 34.58
CA GLN L 352 -80.98 -62.20 34.68
C GLN L 352 -80.35 -62.39 36.05
N TYR L 353 -79.99 -61.31 36.73
CA TYR L 353 -79.32 -61.43 38.02
C TYR L 353 -80.29 -61.93 39.08
N ARG L 354 -79.76 -62.65 40.06
CA ARG L 354 -80.57 -63.26 41.11
C ARG L 354 -79.88 -63.07 42.45
N PRO L 355 -80.61 -62.60 43.47
CA PRO L 355 -80.00 -62.45 44.80
C PRO L 355 -79.60 -63.78 45.41
N ARG L 356 -78.49 -63.77 46.14
CA ARG L 356 -77.99 -64.97 46.78
C ARG L 356 -78.86 -65.37 47.96
N ARG L 357 -78.95 -66.67 48.20
CA ARG L 357 -79.75 -67.18 49.30
C ARG L 357 -79.03 -66.96 50.64
N PHE L 358 -79.81 -66.61 51.65
CA PHE L 358 -79.31 -66.47 53.01
C PHE L 358 -79.27 -67.86 53.66
N LYS L 359 -79.03 -67.91 54.96
CA LYS L 359 -79.07 -69.18 55.68
C LYS L 359 -80.52 -69.66 55.82
N GLU L 360 -80.67 -70.97 56.02
CA GLU L 360 -82.00 -71.56 56.11
C GLU L 360 -82.76 -71.01 57.30
N ILE L 361 -82.07 -70.76 58.42
CA ILE L 361 -82.73 -70.19 59.59
C ILE L 361 -83.28 -68.81 59.27
N GLU L 362 -82.51 -68.00 58.56
CA GLU L 362 -82.95 -66.64 58.24
C GLU L 362 -84.04 -66.60 57.19
N HIS L 363 -84.21 -67.68 56.40
CA HIS L 363 -85.26 -67.68 55.41
C HIS L 363 -86.61 -68.12 55.97
N THR L 364 -86.63 -68.65 57.20
CA THR L 364 -87.87 -69.08 57.81
C THR L 364 -88.29 -68.22 58.99
N HIS L 365 -87.40 -67.41 59.55
CA HIS L 365 -87.75 -66.51 60.64
C HIS L 365 -87.08 -65.14 60.50
N GLY L 366 -86.56 -64.80 59.32
CA GLY L 366 -85.84 -63.56 59.17
C GLY L 366 -86.76 -62.36 59.00
N TYR L 367 -86.28 -61.21 59.44
CA TYR L 367 -86.99 -59.95 59.29
C TYR L 367 -85.98 -58.83 59.10
N VAL L 368 -86.38 -57.82 58.31
CA VAL L 368 -85.54 -56.67 58.03
C VAL L 368 -86.36 -55.40 58.21
N TYR L 369 -85.65 -54.29 58.40
CA TYR L 369 -86.25 -52.95 58.44
C TYR L 369 -85.87 -52.23 57.15
N ARG L 370 -86.87 -51.70 56.45
CA ARG L 370 -86.66 -51.14 55.13
C ARG L 370 -87.40 -49.82 54.99
N GLU L 371 -86.78 -48.87 54.29
CA GLU L 371 -87.39 -47.60 53.95
C GLU L 371 -87.44 -47.47 52.43
N LEU L 372 -88.59 -47.06 51.89
CA LEU L 372 -88.79 -47.02 50.45
C LEU L 372 -88.68 -45.62 49.86
N ASN L 373 -88.32 -44.61 50.65
CA ASN L 373 -88.24 -43.24 50.15
C ASN L 373 -87.00 -43.09 49.28
N GLN L 374 -87.20 -42.94 47.98
CA GLN L 374 -86.07 -42.73 47.07
C GLN L 374 -85.52 -41.31 47.14
N GLY L 375 -86.36 -40.35 47.48
CA GLY L 375 -85.92 -38.97 47.56
C GLY L 375 -85.79 -38.31 46.21
N SER L 376 -85.38 -37.04 46.24
CA SER L 376 -85.19 -36.27 45.02
C SER L 376 -84.06 -35.27 45.23
N LEU L 377 -83.27 -35.05 44.18
CA LEU L 377 -82.20 -34.08 44.20
C LEU L 377 -82.67 -32.68 43.79
N LEU L 378 -83.95 -32.53 43.46
CA LEU L 378 -84.46 -31.23 43.03
C LEU L 378 -84.26 -30.11 44.07
N PRO L 379 -84.54 -30.30 45.36
CA PRO L 379 -84.35 -29.18 46.29
C PRO L 379 -82.94 -28.60 46.29
N LEU L 380 -81.93 -29.45 46.19
CA LEU L 380 -80.56 -28.96 46.12
C LEU L 380 -80.22 -28.41 44.74
N VAL L 381 -80.72 -29.08 43.69
CA VAL L 381 -80.37 -28.69 42.33
C VAL L 381 -81.03 -27.37 41.96
N ASP L 382 -82.29 -27.18 42.36
CA ASP L 382 -83.06 -26.00 41.98
C ASP L 382 -82.47 -24.79 42.72
N ALA L 383 -81.73 -23.97 42.00
CA ALA L 383 -81.17 -22.71 42.51
C ALA L 383 -80.53 -21.99 41.33
N ASN L 384 -80.01 -20.80 41.59
CA ASN L 384 -79.27 -20.05 40.58
C ASN L 384 -77.82 -20.47 40.69
N LEU L 385 -77.43 -21.47 39.90
CA LEU L 385 -76.13 -22.12 40.01
C LEU L 385 -75.03 -21.37 39.27
N LYS L 386 -75.25 -20.10 38.93
CA LYS L 386 -74.25 -19.36 38.18
C LYS L 386 -72.94 -19.22 38.96
N GLU L 387 -73.03 -18.92 40.25
CA GLU L 387 -71.81 -18.69 41.02
C GLU L 387 -71.23 -20.00 41.56
N SER L 388 -72.09 -20.94 41.95
CA SER L 388 -71.61 -22.20 42.52
C SER L 388 -71.12 -23.18 41.48
N SER L 389 -71.36 -22.93 40.19
CA SER L 389 -70.91 -23.85 39.16
C SER L 389 -69.39 -23.89 39.06
N SER L 390 -68.74 -22.74 39.23
CA SER L 390 -67.29 -22.69 39.10
C SER L 390 -66.61 -23.57 40.15
N TYR L 391 -67.09 -23.52 41.39
CA TYR L 391 -66.53 -24.37 42.42
C TYR L 391 -66.85 -25.84 42.19
N TYR L 392 -68.06 -26.13 41.70
CA TYR L 392 -68.42 -27.52 41.43
C TYR L 392 -67.56 -28.12 40.33
N PHE L 393 -67.29 -27.35 39.28
CA PHE L 393 -66.51 -27.88 38.17
C PHE L 393 -65.07 -28.19 38.60
N LYS L 394 -64.53 -27.38 39.52
CA LYS L 394 -63.20 -27.66 40.05
C LYS L 394 -63.15 -28.99 40.78
N LYS L 395 -64.19 -29.29 41.56
CA LYS L 395 -64.25 -30.57 42.26
C LYS L 395 -64.38 -31.72 41.28
N LEU L 396 -65.10 -31.50 40.18
CA LEU L 396 -65.28 -32.56 39.19
C LEU L 396 -63.95 -32.97 38.57
N MET L 397 -63.08 -32.00 38.27
CA MET L 397 -61.78 -32.33 37.69
C MET L 397 -60.92 -33.12 38.67
N SER L 398 -61.01 -32.81 39.96
CA SER L 398 -60.20 -33.49 40.95
C SER L 398 -60.65 -34.93 41.19
N SER L 399 -61.89 -35.27 40.82
CA SER L 399 -62.38 -36.62 41.07
C SER L 399 -61.59 -37.67 40.29
N ILE L 400 -61.29 -37.38 39.03
CA ILE L 400 -60.51 -38.27 38.18
C ILE L 400 -59.08 -37.73 38.13
N SER L 401 -58.11 -38.54 38.52
CA SER L 401 -56.72 -38.14 38.61
C SER L 401 -56.00 -38.52 37.33
N ASN L 402 -55.40 -37.54 36.66
CA ASN L 402 -54.68 -37.75 35.42
C ASN L 402 -53.33 -37.04 35.49
N VAL L 403 -52.29 -37.73 35.01
CA VAL L 403 -50.93 -37.19 34.96
C VAL L 403 -50.48 -36.70 36.33
N MET L 433 -34.88 -19.06 19.04
CA MET L 433 -36.15 -19.36 18.39
C MET L 433 -37.32 -18.81 19.19
N LEU L 434 -38.53 -19.17 18.77
CA LEU L 434 -39.75 -18.76 19.46
C LEU L 434 -40.23 -19.79 20.47
N THR L 435 -39.50 -20.90 20.65
CA THR L 435 -39.90 -21.92 21.59
C THR L 435 -39.65 -21.52 23.04
N ASN L 436 -38.90 -20.43 23.28
CA ASN L 436 -38.63 -20.01 24.65
C ASN L 436 -39.89 -19.48 25.33
N ARG L 437 -40.78 -18.83 24.58
CA ARG L 437 -41.96 -18.22 25.18
C ARG L 437 -42.97 -19.26 25.68
N LEU L 438 -42.87 -20.50 25.24
CA LEU L 438 -43.83 -21.51 25.65
C LEU L 438 -43.58 -21.94 27.10
N THR L 439 -44.66 -21.99 27.87
CA THR L 439 -44.60 -22.43 29.27
C THR L 439 -45.90 -23.14 29.61
N THR L 440 -45.78 -24.32 30.21
CA THR L 440 -46.93 -25.18 30.50
C THR L 440 -47.30 -25.17 31.97
N ALA L 441 -47.22 -24.00 32.62
CA ALA L 441 -47.58 -23.93 34.03
C ALA L 441 -49.09 -24.05 34.25
N ASN L 442 -49.89 -23.53 33.31
CA ASN L 442 -51.34 -23.51 33.43
C ASN L 442 -52.00 -24.59 32.58
N ALA L 443 -51.30 -25.69 32.33
CA ALA L 443 -51.85 -26.77 31.50
C ALA L 443 -53.12 -27.39 32.09
N PRO L 444 -53.16 -27.75 33.39
CA PRO L 444 -54.40 -28.38 33.90
C PRO L 444 -55.63 -27.51 33.78
N THR L 445 -55.48 -26.19 33.93
CA THR L 445 -56.62 -25.30 33.81
C THR L 445 -57.20 -25.31 32.40
N VAL L 446 -56.33 -25.31 31.38
CA VAL L 446 -56.80 -25.35 30.01
C VAL L 446 -57.47 -26.68 29.71
N ARG L 447 -56.96 -27.77 30.29
CA ARG L 447 -57.60 -29.06 30.13
C ARG L 447 -59.00 -29.07 30.73
N ALA L 448 -59.17 -28.41 31.87
CA ALA L 448 -60.50 -28.29 32.48
C ALA L 448 -61.43 -27.50 31.59
N ILE L 449 -60.93 -26.45 30.94
CA ILE L 449 -61.76 -25.67 30.04
C ILE L 449 -62.15 -26.48 28.82
N THR L 450 -61.23 -27.33 28.34
CA THR L 450 -61.51 -28.13 27.15
C THR L 450 -62.66 -29.10 27.37
N VAL L 451 -62.66 -29.80 28.52
CA VAL L 451 -63.73 -30.75 28.79
C VAL L 451 -65.03 -30.02 29.08
N LEU L 452 -64.95 -28.85 29.69
CA LEU L 452 -66.17 -28.09 30.00
C LEU L 452 -66.84 -27.58 28.73
N THR L 453 -66.06 -27.12 27.76
CA THR L 453 -66.65 -26.60 26.54
C THR L 453 -67.25 -27.71 25.69
N CYS L 454 -66.68 -28.91 25.74
CA CYS L 454 -67.23 -30.03 24.99
C CYS L 454 -68.53 -30.52 25.60
N MET L 455 -68.57 -30.65 26.93
CA MET L 455 -69.74 -31.20 27.60
C MET L 455 -70.95 -30.28 27.48
N PHE L 456 -70.74 -28.97 27.63
CA PHE L 456 -71.81 -28.00 27.60
C PHE L 456 -71.72 -27.15 26.34
N LYS L 457 -72.80 -27.09 25.58
CA LYS L 457 -72.77 -26.35 24.32
C LYS L 457 -72.80 -24.84 24.53
N GLN L 458 -73.39 -24.37 25.63
CA GLN L 458 -73.53 -22.93 25.82
C GLN L 458 -72.23 -22.27 26.22
N PHE L 459 -71.30 -23.00 26.83
CA PHE L 459 -70.04 -22.41 27.26
C PHE L 459 -69.21 -22.00 26.05
N ARG L 460 -68.63 -20.80 26.11
CA ARG L 460 -67.88 -20.23 25.01
C ARG L 460 -66.42 -20.06 25.39
N ILE L 461 -65.61 -19.77 24.37
CA ILE L 461 -64.17 -19.55 24.54
C ILE L 461 -63.81 -18.23 23.90
N GLY L 462 -63.11 -17.38 24.66
CA GLY L 462 -62.67 -16.10 24.16
C GLY L 462 -61.21 -15.88 24.45
N MET L 463 -60.58 -15.06 23.62
CA MET L 463 -59.15 -14.80 23.73
C MET L 463 -58.85 -13.40 23.24
N THR L 464 -57.97 -12.72 23.95
CA THR L 464 -57.61 -11.33 23.68
C THR L 464 -56.15 -11.25 23.28
N TYR L 465 -55.86 -10.58 22.17
CA TYR L 465 -54.52 -10.45 21.64
C TYR L 465 -53.99 -9.05 21.88
N ALA L 466 -52.67 -8.92 21.78
CA ALA L 466 -52.01 -7.64 22.00
C ALA L 466 -52.32 -6.67 20.86
N LEU L 467 -51.96 -5.41 21.06
CA LEU L 467 -52.17 -4.39 20.04
C LEU L 467 -51.36 -4.70 18.78
N ASP L 468 -50.11 -5.12 18.94
CA ASP L 468 -49.29 -5.58 17.82
C ASP L 468 -49.11 -7.08 17.95
N PRO L 469 -49.82 -7.89 17.18
CA PRO L 469 -49.73 -9.35 17.34
C PRO L 469 -48.34 -9.86 17.01
N ASN L 470 -47.94 -10.89 17.75
CA ASN L 470 -46.69 -11.61 17.53
C ASN L 470 -47.06 -12.96 16.90
N ILE L 471 -46.05 -13.66 16.37
CA ILE L 471 -46.30 -14.95 15.74
C ILE L 471 -46.95 -15.92 16.72
N MET L 472 -46.79 -15.67 18.02
CA MET L 472 -47.52 -16.46 19.01
C MET L 472 -49.01 -16.18 18.96
N ASP L 473 -49.38 -14.91 18.78
CA ASP L 473 -50.80 -14.56 18.75
C ASP L 473 -51.50 -15.19 17.55
N VAL L 474 -50.86 -15.16 16.38
CA VAL L 474 -51.45 -15.78 15.20
C VAL L 474 -51.49 -17.29 15.35
N ALA L 475 -50.46 -17.87 15.96
CA ALA L 475 -50.45 -19.31 16.20
C ALA L 475 -51.64 -19.71 17.07
N ALA L 476 -51.93 -18.93 18.11
CA ALA L 476 -53.06 -19.23 18.97
C ALA L 476 -54.39 -19.03 18.24
N ALA L 477 -54.45 -18.02 17.36
CA ALA L 477 -55.68 -17.76 16.63
C ALA L 477 -56.02 -18.92 15.68
N THR L 478 -55.03 -19.40 14.93
CA THR L 478 -55.26 -20.54 14.05
C THR L 478 -55.57 -21.79 14.86
N CYS L 479 -54.85 -22.00 15.97
CA CYS L 479 -55.07 -23.19 16.78
C CYS L 479 -56.47 -23.19 17.39
N MET L 480 -57.01 -22.01 17.66
CA MET L 480 -58.37 -21.93 18.20
C MET L 480 -59.42 -22.22 17.13
N LEU L 481 -59.18 -21.74 15.91
CA LEU L 481 -60.17 -21.94 14.85
C LEU L 481 -60.19 -23.36 14.33
N LEU L 482 -59.08 -24.09 14.48
CA LEU L 482 -59.01 -25.45 13.96
C LEU L 482 -59.50 -26.47 14.98
N PHE L 483 -58.90 -26.46 16.18
CA PHE L 483 -59.07 -27.54 17.13
C PHE L 483 -60.06 -27.21 18.25
N ARG L 484 -60.94 -26.25 18.03
CA ARG L 484 -62.00 -25.97 18.98
C ARG L 484 -63.33 -25.95 18.24
N PRO L 485 -64.42 -26.33 18.90
CA PRO L 485 -65.72 -26.37 18.23
C PRO L 485 -66.12 -24.99 17.72
N ALA L 486 -66.72 -24.97 16.53
CA ALA L 486 -67.22 -23.72 15.97
C ALA L 486 -68.43 -23.20 16.73
N GLN L 487 -69.12 -24.07 17.47
CA GLN L 487 -70.28 -23.64 18.24
C GLN L 487 -69.86 -22.88 19.49
N SER L 488 -68.65 -23.13 19.99
CA SER L 488 -68.15 -22.50 21.20
C SER L 488 -67.34 -21.24 20.91
N ILE L 489 -67.25 -20.81 19.66
CA ILE L 489 -66.55 -19.60 19.27
C ILE L 489 -67.59 -18.60 18.76
N SER L 490 -67.65 -17.44 19.41
CA SER L 490 -68.65 -16.44 19.06
C SER L 490 -68.33 -15.81 17.72
N ASP L 491 -69.34 -15.18 17.12
CA ASP L 491 -69.13 -14.46 15.86
C ASP L 491 -68.23 -13.25 16.05
N GLU L 492 -68.43 -12.51 17.15
CA GLU L 492 -67.55 -11.36 17.42
C GLU L 492 -66.12 -11.83 17.69
N GLN L 493 -65.96 -12.91 18.44
CA GLN L 493 -64.62 -13.46 18.66
C GLN L 493 -64.04 -14.01 17.36
N TYR L 494 -64.89 -14.52 16.48
CA TYR L 494 -64.44 -14.95 15.16
C TYR L 494 -63.90 -13.78 14.36
N ARG L 495 -64.58 -12.63 14.42
CA ARG L 495 -64.12 -11.46 13.70
C ARG L 495 -62.79 -10.96 14.27
N TYR L 496 -62.62 -11.06 15.59
CA TYR L 496 -61.37 -10.62 16.21
C TYR L 496 -60.20 -11.48 15.75
N CYS L 497 -60.41 -12.80 15.70
CA CYS L 497 -59.33 -13.69 15.27
C CYS L 497 -58.95 -13.45 13.81
N LEU L 498 -59.95 -13.22 12.96
CA LEU L 498 -59.66 -12.89 11.57
C LEU L 498 -58.91 -11.57 11.48
N GLN L 499 -59.32 -10.58 12.27
CA GLN L 499 -58.63 -9.30 12.26
C GLN L 499 -57.19 -9.44 12.71
N THR L 500 -56.95 -10.25 13.75
CA THR L 500 -55.59 -10.48 14.22
C THR L 500 -54.75 -11.16 13.16
N MET L 501 -55.33 -12.12 12.45
CA MET L 501 -54.62 -12.75 11.34
C MET L 501 -54.33 -11.73 10.23
N ALA L 502 -55.23 -10.77 10.05
CA ALA L 502 -55.08 -9.82 8.95
C ALA L 502 -53.96 -8.82 9.24
N VAL L 503 -53.92 -8.28 10.47
CA VAL L 503 -52.94 -7.25 10.79
C VAL L 503 -51.52 -7.80 10.74
N PHE L 504 -51.33 -9.05 11.15
CA PHE L 504 -49.98 -9.62 11.16
C PHE L 504 -49.50 -9.96 9.76
N LEU L 505 -50.37 -10.54 8.94
CA LEU L 505 -49.95 -11.10 7.67
C LEU L 505 -50.17 -10.19 6.46
N THR L 506 -51.11 -9.24 6.55
CA THR L 506 -51.43 -8.38 5.42
C THR L 506 -50.90 -6.97 5.59
N ASN L 507 -50.06 -6.73 6.60
CA ASN L 507 -49.42 -5.43 6.82
C ASN L 507 -50.47 -4.33 6.98
N THR L 508 -51.25 -4.44 8.04
CA THR L 508 -52.34 -3.51 8.31
C THR L 508 -52.30 -3.16 9.79
N THR L 509 -53.35 -2.50 10.27
CA THR L 509 -53.50 -2.14 11.67
C THR L 509 -54.94 -2.36 12.07
N TYR L 510 -55.17 -2.50 13.38
CA TYR L 510 -56.51 -2.79 13.87
C TYR L 510 -57.50 -1.68 13.49
N ASP L 511 -57.05 -0.43 13.50
CA ASP L 511 -57.94 0.67 13.18
C ASP L 511 -58.37 0.62 11.71
N ILE L 512 -57.45 0.27 10.81
CA ILE L 512 -57.77 0.26 9.38
C ILE L 512 -58.82 -0.80 9.08
N VAL L 513 -58.69 -1.99 9.65
CA VAL L 513 -59.61 -3.09 9.38
C VAL L 513 -60.70 -3.18 10.46
N ASN L 514 -60.90 -2.12 11.23
CA ASN L 514 -61.90 -2.16 12.30
C ASN L 514 -63.30 -2.33 11.74
N ASN L 515 -63.62 -1.66 10.64
CA ASN L 515 -64.96 -1.68 10.09
C ASN L 515 -65.15 -2.74 9.02
N ASP L 516 -64.14 -3.57 8.75
CA ASP L 516 -64.27 -4.60 7.73
C ASP L 516 -65.17 -5.72 8.22
N THR L 517 -66.12 -6.12 7.38
CA THR L 517 -66.98 -7.24 7.70
C THR L 517 -66.20 -8.55 7.59
N ILE L 518 -66.85 -9.65 7.97
CA ILE L 518 -66.16 -10.94 8.02
C ILE L 518 -65.74 -11.39 6.63
N ASP L 519 -66.62 -11.22 5.64
CA ASP L 519 -66.30 -11.68 4.29
C ASP L 519 -65.14 -10.89 3.69
N VAL L 520 -65.07 -9.59 3.97
CA VAL L 520 -63.98 -8.77 3.44
C VAL L 520 -62.65 -9.24 4.01
N LEU L 521 -62.61 -9.52 5.31
CA LEU L 521 -61.38 -10.01 5.93
C LEU L 521 -60.98 -11.36 5.33
N LYS L 522 -61.95 -12.22 5.07
CA LYS L 522 -61.64 -13.52 4.49
C LYS L 522 -61.05 -13.39 3.10
N MET L 523 -61.55 -12.46 2.30
CA MET L 523 -60.98 -12.23 0.98
C MET L 523 -59.56 -11.72 1.07
N LYS L 524 -59.29 -10.82 2.02
CA LYS L 524 -57.95 -10.27 2.16
C LYS L 524 -56.94 -11.35 2.53
N LEU L 525 -57.30 -12.21 3.47
CA LEU L 525 -56.39 -13.27 3.88
C LEU L 525 -56.16 -14.28 2.76
N ARG L 526 -57.23 -14.65 2.05
CA ARG L 526 -57.10 -15.64 1.00
C ARG L 526 -56.28 -15.13 -0.18
N ASN L 527 -56.38 -13.83 -0.47
CA ASN L 527 -55.59 -13.25 -1.55
C ASN L 527 -54.10 -13.34 -1.23
N GLN L 528 -53.72 -13.11 0.02
CA GLN L 528 -52.32 -13.21 0.40
C GLN L 528 -51.82 -14.64 0.30
N GLY L 529 -52.68 -15.62 0.57
CA GLY L 529 -52.29 -17.01 0.53
C GLY L 529 -52.52 -17.72 1.84
N TRP L 530 -53.44 -17.20 2.65
CA TRP L 530 -53.74 -17.78 3.96
C TRP L 530 -55.07 -18.51 3.88
N PRO L 531 -55.09 -19.84 3.97
CA PRO L 531 -56.34 -20.59 3.80
C PRO L 531 -57.16 -20.80 5.07
N PHE L 532 -56.61 -20.52 6.24
CA PHE L 532 -57.31 -20.78 7.51
C PHE L 532 -58.17 -19.57 7.86
N VAL L 533 -59.38 -19.54 7.30
CA VAL L 533 -60.30 -18.43 7.54
C VAL L 533 -61.67 -18.96 7.91
N GLU L 534 -61.76 -20.25 8.25
CA GLU L 534 -63.04 -20.89 8.48
C GLU L 534 -63.09 -21.53 9.86
N ARG L 535 -64.27 -21.54 10.44
CA ARG L 535 -64.55 -22.28 11.66
C ARG L 535 -65.15 -23.63 11.30
N TYR L 536 -64.73 -24.66 12.03
CA TYR L 536 -65.11 -26.04 11.72
C TYR L 536 -66.00 -26.57 12.83
N ASN L 537 -67.19 -27.06 12.45
CA ASN L 537 -68.12 -27.61 13.41
C ASN L 537 -67.58 -28.91 13.99
N ALA L 538 -67.89 -29.15 15.26
CA ALA L 538 -67.42 -30.33 15.96
C ALA L 538 -68.49 -31.41 15.92
N VAL L 539 -68.11 -32.61 15.51
CA VAL L 539 -69.06 -33.71 15.40
C VAL L 539 -69.53 -34.11 16.79
N GLU L 540 -70.81 -34.45 16.89
CA GLU L 540 -71.41 -34.83 18.17
C GLU L 540 -71.28 -36.33 18.38
N ILE L 541 -71.00 -36.71 19.63
CA ILE L 541 -70.78 -38.10 20.00
C ILE L 541 -71.91 -38.53 20.92
N ASP L 542 -72.61 -39.60 20.55
CA ASP L 542 -73.64 -40.15 21.41
C ASP L 542 -73.02 -40.89 22.58
N MET L 543 -73.74 -40.93 23.69
CA MET L 543 -73.24 -41.54 24.91
C MET L 543 -74.39 -41.75 25.87
N SER L 544 -74.38 -42.91 26.54
CA SER L 544 -75.40 -43.23 27.52
C SER L 544 -74.77 -43.98 28.68
N VAL L 545 -74.99 -43.50 29.89
CA VAL L 545 -74.53 -44.20 31.09
C VAL L 545 -75.41 -45.42 31.32
N GLU L 546 -74.77 -46.56 31.62
CA GLU L 546 -75.52 -47.79 31.76
C GLU L 546 -76.34 -47.76 33.04
N PRO L 547 -77.58 -48.27 33.01
CA PRO L 547 -78.41 -48.30 34.21
C PRO L 547 -77.83 -49.28 35.24
N LEU L 548 -77.65 -48.79 36.47
CA LEU L 548 -77.11 -49.60 37.54
C LEU L 548 -77.68 -49.09 38.85
N ARG L 549 -78.72 -49.75 39.35
CA ARG L 549 -79.41 -49.42 40.59
C ARG L 549 -80.00 -48.01 40.58
N SER L 550 -80.09 -47.37 39.41
CA SER L 550 -80.68 -46.05 39.28
C SER L 550 -81.05 -45.85 37.82
N PRO L 551 -82.08 -45.04 37.53
CA PRO L 551 -82.42 -44.77 36.13
C PRO L 551 -81.23 -44.22 35.36
N GLY L 552 -81.08 -44.68 34.13
CA GLY L 552 -79.98 -44.25 33.30
C GLY L 552 -80.20 -42.89 32.68
N GLN L 553 -79.14 -42.37 32.07
CA GLN L 553 -79.18 -41.09 31.39
C GLN L 553 -78.63 -41.25 29.98
N VAL L 554 -79.05 -40.35 29.10
CA VAL L 554 -78.54 -40.28 27.73
C VAL L 554 -78.15 -38.84 27.45
N GLY L 555 -77.16 -38.66 26.58
CA GLY L 555 -76.68 -37.32 26.31
C GLY L 555 -75.69 -37.34 25.17
N ARG L 556 -75.27 -36.14 24.77
CA ARG L 556 -74.35 -35.96 23.68
C ARG L 556 -73.29 -34.94 24.07
N TYR L 557 -72.09 -35.11 23.51
CA TYR L 557 -71.00 -34.17 23.75
C TYR L 557 -70.16 -34.04 22.49
N TYR L 558 -69.59 -32.86 22.31
CA TYR L 558 -68.73 -32.61 21.17
C TYR L 558 -67.46 -33.44 21.28
N ASN L 559 -67.05 -34.04 20.18
CA ASN L 559 -65.77 -34.75 20.15
C ASN L 559 -64.64 -33.73 20.16
N PRO L 560 -63.64 -33.88 21.03
CA PRO L 560 -62.57 -32.89 21.11
C PRO L 560 -61.76 -32.82 19.83
N PHE L 561 -61.21 -31.64 19.57
CA PHE L 561 -60.25 -31.39 18.50
C PHE L 561 -60.87 -31.53 17.11
N ASN L 562 -62.18 -31.53 17.01
CA ASN L 562 -62.89 -31.59 15.72
C ASN L 562 -62.48 -32.80 14.90
N ILE L 563 -62.40 -33.95 15.55
CA ILE L 563 -62.02 -35.21 14.92
C ILE L 563 -63.25 -36.07 14.77
N ASP L 564 -63.62 -36.36 13.53
CA ASP L 564 -64.75 -37.25 13.28
C ASP L 564 -64.31 -38.69 13.46
N PRO L 565 -64.91 -39.44 14.40
CA PRO L 565 -64.48 -40.83 14.62
C PRO L 565 -64.65 -41.72 13.41
N LEU L 566 -65.68 -41.49 12.58
CA LEU L 566 -65.90 -42.36 11.43
C LEU L 566 -64.76 -42.26 10.44
N THR L 567 -64.27 -41.05 10.18
CA THR L 567 -63.16 -40.84 9.27
C THR L 567 -61.80 -40.86 9.96
N LYS L 568 -61.77 -40.84 11.28
CA LYS L 568 -60.53 -40.86 12.05
C LYS L 568 -59.57 -39.77 11.58
N LYS L 569 -60.13 -38.59 11.32
CA LYS L 569 -59.37 -37.48 10.76
C LYS L 569 -60.12 -36.19 11.09
N HIS L 570 -59.53 -35.07 10.67
CA HIS L 570 -60.14 -33.78 10.91
C HIS L 570 -61.40 -33.61 10.07
N VAL L 571 -62.27 -32.71 10.52
CA VAL L 571 -63.46 -32.40 9.75
C VAL L 571 -63.11 -31.70 8.44
N GLU L 572 -62.07 -30.87 8.46
CA GLU L 572 -61.62 -30.17 7.27
C GLU L 572 -60.77 -31.11 6.43
N ASP L 573 -61.28 -31.51 5.27
CA ASP L 573 -60.69 -32.59 4.48
C ASP L 573 -59.51 -32.14 3.63
N ARG L 574 -59.20 -30.85 3.59
CA ARG L 574 -58.07 -30.34 2.80
C ARG L 574 -56.99 -29.76 3.71
N LEU L 575 -56.85 -30.30 4.91
CA LEU L 575 -55.88 -29.75 5.86
C LEU L 575 -54.45 -29.91 5.35
N GLU L 576 -54.13 -31.06 4.76
CA GLU L 576 -52.75 -31.29 4.31
C GLU L 576 -52.39 -30.40 3.13
N GLU L 577 -53.38 -30.00 2.33
CA GLU L 577 -53.11 -29.07 1.24
C GLU L 577 -52.96 -27.64 1.76
N PHE L 578 -53.73 -27.27 2.77
CA PHE L 578 -53.66 -25.92 3.32
C PHE L 578 -52.33 -25.66 3.99
N ILE L 579 -51.80 -26.63 4.73
CA ILE L 579 -50.53 -26.42 5.42
C ILE L 579 -49.40 -26.29 4.40
N ASN L 580 -49.49 -27.02 3.30
CA ASN L 580 -48.49 -26.87 2.24
C ASN L 580 -48.55 -25.47 1.62
N GLN L 581 -49.74 -24.88 1.56
CA GLN L 581 -49.85 -23.51 1.10
C GLN L 581 -49.09 -22.55 2.01
N VAL L 582 -49.20 -22.75 3.32
CA VAL L 582 -48.53 -21.87 4.27
C VAL L 582 -47.02 -22.02 4.18
N GLN L 583 -46.55 -23.26 3.96
CA GLN L 583 -45.11 -23.52 3.95
C GLN L 583 -44.41 -22.76 2.83
N VAL L 584 -45.01 -22.72 1.65
CA VAL L 584 -44.39 -22.12 0.48
C VAL L 584 -44.84 -20.68 0.26
N GLY L 585 -45.46 -20.06 1.27
CA GLY L 585 -46.01 -18.74 1.15
C GLY L 585 -45.18 -17.70 1.88
N ARG L 586 -44.83 -16.63 1.17
CA ARG L 586 -44.12 -15.50 1.76
C ARG L 586 -45.16 -14.45 2.16
N PHE L 587 -45.64 -14.56 3.40
CA PHE L 587 -46.75 -13.73 3.84
C PHE L 587 -46.31 -12.29 4.06
N ARG L 588 -45.17 -12.09 4.71
CA ARG L 588 -44.64 -10.75 4.98
C ARG L 588 -43.21 -10.71 4.44
N ASN L 589 -43.08 -10.40 3.15
CA ASN L 589 -41.76 -10.34 2.53
C ASN L 589 -41.01 -9.07 2.89
N ALA L 590 -41.74 -7.99 3.22
CA ALA L 590 -41.09 -6.72 3.53
C ALA L 590 -40.32 -6.80 4.84
N SER L 591 -40.95 -7.31 5.89
CA SER L 591 -40.33 -7.43 7.20
C SER L 591 -40.57 -8.82 7.76
N GLY L 592 -39.60 -9.31 8.53
CA GLY L 592 -39.72 -10.64 9.07
C GLY L 592 -39.19 -11.70 8.12
N ASN L 593 -38.70 -12.79 8.70
CA ASN L 593 -38.10 -13.86 7.94
C ASN L 593 -38.72 -15.20 8.33
N ALA L 594 -38.97 -16.03 7.33
CA ALA L 594 -39.44 -17.41 7.53
C ALA L 594 -40.73 -17.44 8.35
N VAL L 595 -41.62 -16.49 8.10
CA VAL L 595 -42.93 -16.50 8.75
C VAL L 595 -43.73 -17.71 8.31
N GLY L 596 -43.72 -18.00 7.01
CA GLY L 596 -44.46 -19.15 6.52
C GLY L 596 -43.90 -20.46 7.01
N THR L 597 -42.58 -20.61 6.97
CA THR L 597 -41.97 -21.87 7.39
C THR L 597 -42.16 -22.11 8.89
N THR L 598 -42.03 -21.04 9.69
CA THR L 598 -42.21 -21.19 11.14
C THR L 598 -43.64 -21.58 11.48
N LEU L 599 -44.61 -20.89 10.88
CA LEU L 599 -46.01 -21.18 11.16
C LEU L 599 -46.39 -22.56 10.64
N ALA L 600 -45.90 -22.93 9.47
CA ALA L 600 -46.21 -24.25 8.92
C ALA L 600 -45.62 -25.36 9.79
N ALA L 601 -44.40 -25.15 10.30
CA ALA L 601 -43.77 -26.16 11.15
C ALA L 601 -44.58 -26.38 12.42
N PHE L 602 -45.12 -25.30 13.00
CA PHE L 602 -45.93 -25.43 14.20
C PHE L 602 -47.24 -26.14 13.91
N LEU L 603 -47.83 -25.89 12.73
CA LEU L 603 -49.14 -26.44 12.42
C LEU L 603 -49.10 -27.97 12.33
N ARG L 604 -48.04 -28.52 11.72
CA ARG L 604 -47.92 -29.97 11.67
C ARG L 604 -47.74 -30.56 13.06
N ALA L 605 -46.97 -29.88 13.92
CA ALA L 605 -46.81 -30.35 15.29
C ALA L 605 -48.15 -30.38 16.02
N CYS L 606 -48.95 -29.32 15.85
CA CYS L 606 -50.27 -29.29 16.45
C CYS L 606 -51.17 -30.36 15.85
N ARG L 607 -51.13 -30.52 14.53
CA ARG L 607 -52.00 -31.49 13.87
C ARG L 607 -51.64 -32.91 14.27
N ASP L 608 -50.35 -33.23 14.32
CA ASP L 608 -49.95 -34.59 14.72
C ASP L 608 -50.32 -34.88 16.16
N LYS L 609 -50.09 -33.92 17.06
CA LYS L 609 -50.49 -34.11 18.44
C LYS L 609 -51.99 -34.23 18.58
N THR L 610 -52.74 -33.42 17.81
CA THR L 610 -54.19 -33.50 17.82
C THR L 610 -54.68 -34.88 17.41
N SER L 611 -54.14 -35.41 16.31
CA SER L 611 -54.60 -36.70 15.82
C SER L 611 -54.07 -37.86 16.63
N ALA L 612 -52.99 -37.65 17.40
CA ALA L 612 -52.45 -38.74 18.20
C ALA L 612 -53.25 -39.00 19.47
N ASN L 613 -53.74 -37.93 20.12
CA ASN L 613 -54.29 -38.04 21.46
C ASN L 613 -55.76 -37.63 21.51
N TRP L 614 -56.47 -37.71 20.39
CA TRP L 614 -57.88 -37.36 20.42
C TRP L 614 -58.73 -38.44 21.08
N ARG L 615 -58.29 -39.70 20.99
CA ARG L 615 -59.05 -40.79 21.59
C ARG L 615 -59.09 -40.68 23.11
N GLY L 616 -57.94 -40.41 23.73
CA GLY L 616 -57.89 -40.36 25.18
C GLY L 616 -58.73 -39.25 25.76
N TYR L 617 -58.71 -38.07 25.13
CA TYR L 617 -59.53 -36.97 25.59
C TYR L 617 -61.02 -37.27 25.44
N SER L 618 -61.40 -37.91 24.33
CA SER L 618 -62.80 -38.27 24.14
C SER L 618 -63.27 -39.23 25.22
N VAL L 619 -62.44 -40.23 25.55
CA VAL L 619 -62.77 -41.13 26.65
C VAL L 619 -62.80 -40.36 27.96
N LEU L 620 -61.91 -39.38 28.11
CA LEU L 620 -61.88 -38.59 29.33
C LEU L 620 -63.16 -37.80 29.52
N VAL L 621 -63.68 -37.20 28.44
CA VAL L 621 -64.92 -36.45 28.54
C VAL L 621 -66.07 -37.38 28.89
N SER L 622 -66.06 -38.60 28.34
CA SER L 622 -67.13 -39.55 28.64
C SER L 622 -67.18 -39.89 30.11
N ARG L 623 -66.01 -40.08 30.74
CA ARG L 623 -65.97 -40.38 32.17
C ARG L 623 -66.48 -39.21 32.99
N TYR L 624 -66.05 -37.99 32.64
CA TYR L 624 -66.44 -36.82 33.41
C TYR L 624 -67.94 -36.59 33.36
N ARG L 625 -68.55 -36.78 32.18
CA ARG L 625 -70.00 -36.64 32.07
C ARG L 625 -70.73 -37.73 32.83
N SER L 626 -70.16 -38.93 32.90
CA SER L 626 -70.79 -40.01 33.65
C SER L 626 -70.88 -39.68 35.13
N LEU L 627 -69.99 -38.81 35.62
CA LEU L 627 -70.05 -38.39 37.02
C LEU L 627 -71.30 -37.57 37.30
N ILE L 628 -71.68 -36.70 36.36
CA ILE L 628 -72.77 -35.76 36.60
C ILE L 628 -74.10 -36.49 36.60
N PRO L 629 -74.97 -36.25 37.57
CA PRO L 629 -76.33 -36.81 37.53
C PRO L 629 -77.21 -35.99 36.59
N ASN L 630 -78.42 -36.50 36.36
CA ASN L 630 -79.30 -35.90 35.36
C ASN L 630 -79.86 -34.56 35.84
N GLU L 631 -80.31 -34.50 37.10
CA GLU L 631 -80.91 -33.28 37.61
C GLU L 631 -79.90 -32.13 37.62
N LEU L 632 -78.65 -32.43 38.01
CA LEU L 632 -77.61 -31.41 37.97
C LEU L 632 -77.34 -30.94 36.55
N PHE L 633 -77.35 -31.86 35.59
CA PHE L 633 -77.08 -31.48 34.20
C PHE L 633 -78.17 -30.56 33.66
N GLU L 634 -79.43 -30.84 33.99
CA GLU L 634 -80.51 -30.02 33.47
C GLU L 634 -80.44 -28.59 33.97
N SER L 635 -80.06 -28.40 35.25
CA SER L 635 -79.98 -27.06 35.79
C SER L 635 -78.78 -26.31 35.25
N LEU L 636 -77.66 -27.00 35.04
CA LEU L 636 -76.48 -26.34 34.46
C LEU L 636 -76.73 -25.89 33.04
N ARG L 637 -77.80 -26.37 32.40
CA ARG L 637 -78.15 -25.89 31.07
C ARG L 637 -78.59 -24.43 31.09
N ASN L 638 -79.25 -24.01 32.16
CA ASN L 638 -79.72 -22.62 32.24
C ASN L 638 -78.55 -21.64 32.28
N ILE L 639 -77.49 -21.98 33.02
CA ILE L 639 -76.37 -21.06 33.15
C ILE L 639 -75.60 -20.97 31.84
N SER L 640 -74.78 -19.93 31.74
CA SER L 640 -73.95 -19.71 30.56
C SER L 640 -72.71 -18.94 30.98
N GLY L 641 -71.68 -18.99 30.14
CA GLY L 641 -70.47 -18.26 30.41
C GLY L 641 -69.50 -18.34 29.25
N GLU L 642 -68.55 -17.40 29.25
CA GLU L 642 -67.48 -17.37 28.27
C GLU L 642 -66.15 -17.44 29.01
N TYR L 643 -65.30 -18.38 28.61
CA TYR L 643 -64.03 -18.60 29.26
C TYR L 643 -62.93 -17.90 28.48
N ASN L 644 -62.10 -17.14 29.20
CA ASN L 644 -61.00 -16.38 28.60
C ASN L 644 -59.68 -17.09 28.90
N ILE L 645 -58.99 -17.51 27.85
CA ILE L 645 -57.71 -18.18 27.96
C ILE L 645 -56.62 -17.22 27.50
N ASN L 646 -55.54 -17.15 28.25
CA ASN L 646 -54.39 -16.36 27.82
C ASN L 646 -53.80 -16.99 26.56
N PRO L 647 -53.46 -16.21 25.53
CA PRO L 647 -53.00 -16.80 24.27
C PRO L 647 -51.77 -17.67 24.42
N GLN L 648 -50.83 -17.31 25.30
CA GLN L 648 -49.65 -18.13 25.50
C GLN L 648 -50.04 -19.50 26.05
N ASP L 649 -51.03 -19.53 26.94
CA ASP L 649 -51.47 -20.80 27.52
C ASP L 649 -52.10 -21.70 26.47
N GLU L 650 -52.79 -21.11 25.49
CA GLU L 650 -53.47 -21.92 24.48
C GLU L 650 -52.46 -22.61 23.56
N HIS L 651 -51.44 -21.86 23.11
CA HIS L 651 -50.42 -22.46 22.25
C HIS L 651 -49.62 -23.51 23.00
N SER L 652 -49.32 -23.25 24.28
CA SER L 652 -48.56 -24.21 25.07
C SER L 652 -49.31 -25.52 25.23
N PHE L 653 -50.64 -25.44 25.41
CA PHE L 653 -51.43 -26.65 25.60
C PHE L 653 -51.40 -27.53 24.36
N PHE L 654 -51.66 -26.94 23.19
CA PHE L 654 -51.73 -27.74 21.96
C PHE L 654 -50.36 -28.20 21.51
N PHE L 655 -49.31 -27.40 21.78
CA PHE L 655 -47.96 -27.81 21.41
C PHE L 655 -47.49 -28.98 22.27
N ALA L 656 -47.67 -28.87 23.59
CA ALA L 656 -47.29 -29.93 24.52
C ALA L 656 -48.58 -30.61 24.98
N LEU L 657 -49.02 -31.60 24.22
CA LEU L 657 -50.25 -32.31 24.49
C LEU L 657 -49.91 -33.57 25.29
N ALA L 658 -50.24 -33.58 26.57
CA ALA L 658 -49.94 -34.73 27.41
C ALA L 658 -50.87 -35.89 27.07
N GLN L 659 -50.27 -37.05 26.78
CA GLN L 659 -51.05 -38.22 26.44
C GLN L 659 -51.75 -38.77 27.68
N ILE L 660 -53.02 -39.12 27.53
CA ILE L 660 -53.84 -39.61 28.63
C ILE L 660 -54.21 -41.06 28.34
N ASN L 661 -53.94 -41.94 29.30
CA ASN L 661 -54.24 -43.37 29.18
C ASN L 661 -55.17 -43.77 30.32
N ALA L 662 -56.29 -44.42 29.97
CA ALA L 662 -57.25 -44.90 30.94
C ALA L 662 -57.44 -46.42 30.85
N ASP L 663 -56.44 -47.14 30.34
CA ASP L 663 -56.57 -48.58 30.20
C ASP L 663 -56.68 -49.26 31.57
N ASP L 664 -55.93 -48.77 32.56
CA ASP L 664 -55.98 -49.37 33.88
C ASP L 664 -57.30 -49.11 34.59
N GLU L 665 -57.95 -47.98 34.29
CA GLU L 665 -59.19 -47.62 34.98
C GLU L 665 -60.35 -48.50 34.54
N PHE L 666 -60.38 -48.89 33.26
CA PHE L 666 -61.51 -49.62 32.70
C PHE L 666 -61.27 -51.13 32.83
N ILE L 667 -62.13 -51.81 33.57
CA ILE L 667 -62.15 -53.26 33.62
C ILE L 667 -63.23 -53.69 32.62
N GLY L 668 -62.83 -53.86 31.37
CA GLY L 668 -63.81 -54.14 30.34
C GLY L 668 -64.69 -52.93 30.10
N ALA L 669 -66.01 -53.13 30.21
CA ALA L 669 -66.95 -52.04 29.96
C ALA L 669 -67.00 -51.04 31.11
N ILE L 670 -67.03 -51.52 32.35
CA ILE L 670 -67.24 -50.66 33.51
C ILE L 670 -65.90 -50.26 34.10
N ASP L 671 -65.73 -48.96 34.36
CA ASP L 671 -64.53 -48.44 34.98
C ASP L 671 -64.52 -48.63 36.49
N LYS L 672 -65.68 -48.93 37.09
CA LYS L 672 -65.80 -49.34 38.49
C LYS L 672 -65.58 -48.18 39.44
N GLU L 673 -65.15 -47.03 38.93
CA GLU L 673 -64.90 -45.86 39.76
C GLU L 673 -66.00 -44.82 39.65
N SER L 674 -66.36 -44.42 38.43
CA SER L 674 -67.43 -43.45 38.26
C SER L 674 -68.78 -44.04 38.65
N ALA L 675 -68.94 -45.36 38.51
CA ALA L 675 -70.19 -46.00 38.93
C ALA L 675 -70.38 -45.86 40.45
N GLU L 676 -69.30 -46.04 41.21
CA GLU L 676 -69.36 -45.85 42.65
C GLU L 676 -69.67 -44.41 43.01
N TYR L 677 -69.06 -43.46 42.30
CA TYR L 677 -69.27 -42.05 42.60
C TYR L 677 -70.68 -41.62 42.25
N LEU L 678 -71.17 -42.00 41.07
CA LEU L 678 -72.50 -41.58 40.65
C LEU L 678 -73.59 -42.22 41.49
N ASP L 679 -73.32 -43.40 42.07
CA ASP L 679 -74.34 -44.07 42.86
C ASP L 679 -74.67 -43.28 44.11
N GLU L 680 -73.68 -42.58 44.67
CA GLU L 680 -73.87 -41.93 45.97
C GLU L 680 -74.77 -40.72 45.88
N TYR L 681 -75.11 -40.25 44.67
CA TYR L 681 -76.09 -39.18 44.57
C TYR L 681 -77.48 -39.65 44.99
N ALA L 682 -77.76 -40.94 44.86
CA ALA L 682 -79.01 -41.48 45.38
C ALA L 682 -79.07 -41.39 46.90
N THR L 683 -77.93 -41.60 47.56
CA THR L 683 -77.89 -41.47 49.02
C THR L 683 -78.15 -40.04 49.45
N LEU L 684 -77.58 -39.08 48.72
CA LEU L 684 -77.81 -37.67 49.05
C LEU L 684 -79.26 -37.28 48.82
N ALA L 685 -79.90 -37.85 47.79
CA ALA L 685 -81.30 -37.57 47.54
C ALA L 685 -82.17 -38.04 48.70
N ARG L 686 -81.87 -39.21 49.24
CA ARG L 686 -82.59 -39.69 50.42
C ARG L 686 -82.33 -38.80 51.63
N ASP L 687 -81.09 -38.34 51.78
CA ASP L 687 -80.76 -37.47 52.90
C ASP L 687 -81.47 -36.13 52.80
N ILE L 688 -81.58 -35.58 51.59
CA ILE L 688 -82.22 -34.28 51.42
C ILE L 688 -83.70 -34.37 51.78
N SER L 689 -84.38 -35.40 51.27
CA SER L 689 -85.82 -35.54 51.52
C SER L 689 -86.11 -35.77 52.99
N ASN L 690 -85.32 -36.63 53.64
CA ASN L 690 -85.56 -36.93 55.04
C ASN L 690 -85.30 -35.71 55.93
N SER L 691 -84.22 -34.99 55.67
CA SER L 691 -83.89 -33.83 56.49
C SER L 691 -84.92 -32.73 56.34
N LEU L 692 -85.34 -32.44 55.10
CA LEU L 692 -86.33 -31.40 54.87
C LEU L 692 -87.65 -31.74 55.54
N THR L 693 -88.06 -33.00 55.46
CA THR L 693 -89.30 -33.42 56.11
C THR L 693 -89.21 -33.26 57.62
N LEU L 694 -88.03 -33.53 58.19
CA LEU L 694 -87.88 -33.47 59.64
C LEU L 694 -87.93 -32.03 60.14
N VAL L 695 -87.25 -31.11 59.46
CA VAL L 695 -87.23 -29.72 59.89
C VAL L 695 -88.63 -29.12 59.80
N LYS L 696 -89.36 -29.43 58.72
CA LYS L 696 -90.72 -28.92 58.58
C LYS L 696 -91.62 -29.44 59.70
N ALA L 697 -91.51 -30.72 60.02
CA ALA L 697 -92.31 -31.27 61.11
C ALA L 697 -91.89 -30.71 62.46
N ALA L 698 -90.58 -30.50 62.66
CA ALA L 698 -90.09 -30.04 63.95
C ALA L 698 -90.38 -28.57 64.19
N PHE L 699 -90.49 -27.76 63.14
CA PHE L 699 -90.66 -26.32 63.29
C PHE L 699 -91.99 -25.80 62.78
N GLY L 700 -92.49 -26.32 61.67
CA GLY L 700 -93.72 -25.84 61.10
C GLY L 700 -93.54 -24.49 60.45
N PRO L 701 -94.62 -23.71 60.37
CA PRO L 701 -94.52 -22.37 59.77
C PRO L 701 -93.55 -21.49 60.52
N LEU L 702 -92.82 -20.67 59.78
CA LEU L 702 -91.82 -19.77 60.33
C LEU L 702 -92.32 -18.33 60.21
N GLU L 703 -92.16 -17.57 61.29
CA GLU L 703 -92.58 -16.17 61.33
C GLU L 703 -91.39 -15.31 61.72
N ARG L 704 -91.16 -14.25 60.95
CA ARG L 704 -90.08 -13.31 61.18
C ARG L 704 -90.66 -12.00 61.68
N THR L 705 -90.24 -11.57 62.87
CA THR L 705 -90.68 -10.31 63.45
C THR L 705 -89.59 -9.25 63.48
N SER L 706 -88.33 -9.64 63.46
CA SER L 706 -87.22 -8.69 63.43
C SER L 706 -86.01 -9.37 62.83
N GLY L 707 -85.07 -8.55 62.37
CA GLY L 707 -83.84 -9.04 61.80
C GLY L 707 -83.93 -9.26 60.30
N SER L 708 -82.76 -9.31 59.67
CA SER L 708 -82.69 -9.49 58.23
C SER L 708 -83.04 -10.93 57.84
N ILE L 709 -83.23 -11.14 56.55
CA ILE L 709 -83.52 -12.49 56.06
C ILE L 709 -82.30 -13.39 56.24
N ILE L 710 -81.10 -12.85 56.05
CA ILE L 710 -79.89 -13.64 56.24
C ILE L 710 -79.75 -14.06 57.69
N ASN L 711 -80.01 -13.13 58.62
CA ASN L 711 -79.90 -13.45 60.04
C ASN L 711 -80.93 -14.48 60.45
N HIS L 712 -82.15 -14.37 59.93
CA HIS L 712 -83.21 -15.30 60.29
C HIS L 712 -82.87 -16.72 59.85
N ALA L 713 -82.38 -16.87 58.63
CA ALA L 713 -82.05 -18.21 58.13
C ALA L 713 -80.80 -18.76 58.81
N ASN L 714 -79.83 -17.90 59.11
CA ASN L 714 -78.61 -18.36 59.76
C ASN L 714 -78.90 -18.85 61.18
N ASN L 715 -79.73 -18.12 61.92
CA ASN L 715 -80.05 -18.53 63.29
C ASN L 715 -80.92 -19.78 63.30
N LEU L 716 -81.72 -19.99 62.27
CA LEU L 716 -82.52 -21.21 62.20
C LEU L 716 -81.65 -22.44 62.06
N ASN L 717 -80.55 -22.32 61.31
CA ASN L 717 -79.63 -23.44 61.15
C ASN L 717 -78.94 -23.78 62.47
N LYS L 718 -78.61 -22.76 63.26
CA LYS L 718 -77.99 -23.01 64.55
C LYS L 718 -78.95 -23.78 65.47
N VAL L 719 -80.22 -23.40 65.46
CA VAL L 719 -81.21 -24.12 66.28
C VAL L 719 -81.41 -25.53 65.75
N ILE L 720 -81.38 -25.70 64.43
CA ILE L 720 -81.49 -27.04 63.84
C ILE L 720 -80.34 -27.91 64.32
N ASN L 721 -79.13 -27.36 64.35
CA ASN L 721 -77.99 -28.11 64.87
C ASN L 721 -78.19 -28.47 66.33
N HIS L 722 -78.70 -27.54 67.12
CA HIS L 722 -78.85 -27.78 68.56
C HIS L 722 -79.92 -28.83 68.84
N VAL L 723 -81.09 -28.69 68.23
CA VAL L 723 -82.19 -29.60 68.49
C VAL L 723 -81.87 -31.00 67.98
N PHE L 724 -81.32 -31.08 66.77
CA PHE L 724 -81.01 -32.36 66.14
C PHE L 724 -79.55 -32.75 66.31
N ALA L 725 -78.95 -32.42 67.45
CA ALA L 725 -77.54 -32.74 67.68
C ALA L 725 -77.30 -34.24 67.74
N ASP L 726 -78.33 -35.04 68.05
CA ASP L 726 -78.16 -36.49 68.07
C ASP L 726 -77.83 -37.03 66.69
N LYS L 727 -78.50 -36.51 65.67
CA LYS L 727 -78.26 -36.92 64.27
C LYS L 727 -77.70 -35.74 63.50
N PRO L 728 -76.38 -35.67 63.29
CA PRO L 728 -75.79 -34.50 62.62
C PRO L 728 -76.08 -34.44 61.13
N LEU L 729 -76.77 -35.43 60.57
CA LEU L 729 -77.01 -35.43 59.14
C LEU L 729 -77.89 -34.25 58.72
N ILE L 730 -78.92 -33.95 59.51
CA ILE L 730 -79.87 -32.90 59.13
C ILE L 730 -79.18 -31.55 59.04
N SER L 731 -78.35 -31.22 60.04
CA SER L 731 -77.64 -29.95 60.00
C SER L 731 -76.65 -29.90 58.85
N GLU L 732 -75.98 -31.02 58.57
CA GLU L 732 -75.05 -31.05 57.44
C GLU L 732 -75.77 -30.84 56.12
N THR L 733 -76.92 -31.49 55.94
CA THR L 733 -77.63 -31.40 54.67
C THR L 733 -78.17 -29.99 54.44
N MET L 734 -78.75 -29.39 55.48
CA MET L 734 -79.34 -28.06 55.33
C MET L 734 -78.30 -27.03 54.94
N LEU L 735 -77.11 -27.08 55.56
CA LEU L 735 -76.06 -26.15 55.22
C LEU L 735 -75.55 -26.37 53.80
N LYS L 736 -75.63 -27.61 53.30
CA LYS L 736 -75.25 -27.88 51.92
C LYS L 736 -76.17 -27.15 50.96
N ILE L 737 -77.47 -27.18 51.23
CA ILE L 737 -78.41 -26.47 50.37
C ILE L 737 -78.24 -24.95 50.51
N LEU L 738 -77.95 -24.49 51.73
CA LEU L 738 -77.76 -23.06 51.94
C LEU L 738 -76.51 -22.54 51.24
N THR L 739 -75.48 -23.38 51.12
CA THR L 739 -74.26 -22.96 50.44
C THR L 739 -74.52 -22.67 48.96
N ILE L 740 -75.29 -23.52 48.30
CA ILE L 740 -75.59 -23.30 46.89
C ILE L 740 -76.53 -22.10 46.73
N ASP L 741 -77.49 -21.95 47.63
CA ASP L 741 -78.45 -20.85 47.53
C ASP L 741 -77.85 -19.52 47.97
N GLY L 742 -76.92 -19.53 48.91
CA GLY L 742 -76.41 -18.28 49.45
C GLY L 742 -75.56 -17.46 48.52
N THR L 743 -75.12 -18.04 47.39
CA THR L 743 -74.31 -17.28 46.45
C THR L 743 -75.10 -16.14 45.83
N THR L 744 -76.39 -16.36 45.58
CA THR L 744 -77.21 -15.31 44.95
C THR L 744 -77.33 -14.08 45.84
N GLY L 745 -77.26 -14.26 47.16
CA GLY L 745 -77.34 -13.16 48.11
C GLY L 745 -78.57 -13.28 48.98
N LYS L 746 -79.21 -12.15 49.25
CA LYS L 746 -80.43 -12.16 50.05
C LYS L 746 -81.57 -12.85 49.30
N ASP L 747 -81.59 -12.72 47.98
CA ASP L 747 -82.61 -13.40 47.18
C ASP L 747 -82.44 -14.92 47.27
N GLY L 748 -81.20 -15.39 47.26
CA GLY L 748 -80.96 -16.82 47.39
C GLY L 748 -81.39 -17.36 48.73
N TYR L 749 -81.17 -16.58 49.79
CA TYR L 749 -81.64 -16.99 51.11
C TYR L 749 -83.15 -17.11 51.14
N ARG L 750 -83.86 -16.16 50.50
CA ARG L 750 -85.31 -16.24 50.42
C ARG L 750 -85.75 -17.48 49.66
N ASN L 751 -85.04 -17.81 48.57
CA ASN L 751 -85.37 -19.01 47.81
C ASN L 751 -85.19 -20.27 48.65
N TRP L 752 -84.21 -20.25 49.56
CA TRP L 752 -84.00 -21.40 50.43
C TRP L 752 -85.16 -21.59 51.39
N LEU L 753 -85.72 -20.50 51.92
CA LEU L 753 -86.82 -20.61 52.87
C LEU L 753 -88.08 -21.16 52.20
N ASP L 754 -88.32 -20.79 50.94
CA ASP L 754 -89.49 -21.30 50.24
C ASP L 754 -89.42 -22.81 50.04
N LYS L 755 -88.21 -23.36 49.95
CA LYS L 755 -88.07 -24.82 49.90
C LYS L 755 -88.61 -25.45 51.17
N LEU L 756 -88.31 -24.87 52.32
CA LEU L 756 -88.85 -25.36 53.58
C LEU L 756 -90.36 -25.21 53.65
N VAL L 757 -90.87 -24.05 53.22
CA VAL L 757 -92.31 -23.81 53.29
C VAL L 757 -93.06 -24.69 52.30
N GLY L 758 -92.57 -24.76 51.06
CA GLY L 758 -93.26 -25.45 50.00
C GLY L 758 -92.99 -26.93 49.88
N HIS L 759 -92.25 -27.52 50.83
CA HIS L 759 -91.96 -28.94 50.76
C HIS L 759 -93.22 -29.75 51.05
N ASN L 760 -93.47 -30.76 50.22
CA ASN L 760 -94.62 -31.63 50.35
C ASN L 760 -94.21 -32.95 51.01
N TYR L 761 -95.06 -33.45 51.89
CA TYR L 761 -94.78 -34.69 52.57
C TYR L 761 -94.73 -35.84 51.57
N PRO L 762 -93.65 -36.60 51.51
CA PRO L 762 -93.58 -37.74 50.59
C PRO L 762 -94.54 -38.85 51.00
N VAL L 763 -94.85 -39.71 50.03
CA VAL L 763 -95.78 -40.80 50.28
C VAL L 763 -95.22 -41.77 51.32
N TYR L 764 -93.94 -42.11 51.20
CA TYR L 764 -93.28 -42.97 52.18
C TYR L 764 -92.53 -42.10 53.19
N VAL L 765 -93.32 -41.42 54.02
CA VAL L 765 -92.77 -40.54 55.02
C VAL L 765 -92.05 -41.35 56.09
N GLU L 766 -90.91 -40.84 56.56
CA GLU L 766 -90.13 -41.54 57.57
C GLU L 766 -90.96 -41.72 58.84
N PRO L 767 -90.86 -42.87 59.50
CA PRO L 767 -91.70 -43.09 60.70
C PRO L 767 -91.46 -42.08 61.81
N VAL L 768 -90.25 -41.51 61.90
CA VAL L 768 -89.98 -40.56 62.98
C VAL L 768 -90.78 -39.28 62.80
N VAL L 769 -91.19 -38.98 61.56
CA VAL L 769 -91.97 -37.78 61.32
C VAL L 769 -93.37 -37.94 61.88
N ASN L 770 -93.98 -39.11 61.67
CA ASN L 770 -95.33 -39.34 62.18
C ASN L 770 -95.36 -39.35 63.70
N ILE L 771 -94.34 -39.92 64.33
CA ILE L 771 -94.29 -39.96 65.78
C ILE L 771 -94.22 -38.54 66.34
N MET L 772 -93.40 -37.69 65.73
CA MET L 772 -93.34 -36.29 66.15
C MET L 772 -94.67 -35.58 65.92
N ASN L 773 -95.31 -35.84 64.77
CA ASN L 773 -96.57 -35.19 64.48
C ASN L 773 -97.66 -35.61 65.47
N PHE L 774 -97.66 -36.89 65.86
CA PHE L 774 -98.62 -37.34 66.85
C PHE L 774 -98.38 -36.67 68.20
N ILE L 775 -97.12 -36.57 68.62
CA ILE L 775 -96.82 -35.92 69.89
C ILE L 775 -97.15 -34.44 69.83
N SER L 776 -96.86 -33.79 68.70
CA SER L 776 -97.23 -32.39 68.55
C SER L 776 -98.75 -32.21 68.60
N ALA L 777 -99.49 -33.13 67.97
CA ALA L 777 -100.95 -33.04 68.01
C ALA L 777 -101.48 -33.20 69.42
N ARG L 778 -100.94 -34.17 70.17
CA ARG L 778 -101.39 -34.36 71.54
C ARG L 778 -100.99 -33.18 72.42
N PHE L 779 -99.84 -32.56 72.12
CA PHE L 779 -99.39 -31.42 72.91
C PHE L 779 -100.38 -30.27 72.83
N VAL L 780 -100.86 -29.95 71.63
CA VAL L 780 -101.82 -28.87 71.47
C VAL L 780 -103.18 -29.27 72.02
N ALA L 781 -103.63 -30.50 71.71
CA ALA L 781 -104.99 -30.90 72.05
C ALA L 781 -105.14 -31.18 73.54
N ASP L 782 -104.41 -32.16 74.06
CA ASP L 782 -104.46 -32.52 75.48
C ASP L 782 -103.44 -31.67 76.23
N SER L 783 -103.81 -30.41 76.45
CA SER L 783 -102.88 -29.45 77.04
C SER L 783 -102.65 -29.68 78.52
N SER L 784 -103.67 -30.16 79.25
CA SER L 784 -103.57 -30.26 80.70
C SER L 784 -102.50 -31.24 81.15
N TYR L 785 -102.12 -32.20 80.31
CA TYR L 785 -101.13 -33.18 80.72
C TYR L 785 -99.78 -32.53 80.98
N PHE L 786 -99.40 -31.56 80.15
CA PHE L 786 -98.06 -31.00 80.19
C PHE L 786 -97.97 -29.72 80.99
N GLY L 787 -99.05 -29.29 81.63
CA GLY L 787 -98.98 -28.18 82.57
C GLY L 787 -99.24 -26.81 82.01
N TYR L 788 -100.28 -26.67 81.16
CA TYR L 788 -100.69 -25.36 80.69
C TYR L 788 -102.14 -25.41 80.26
N THR L 789 -102.88 -24.36 80.57
CA THR L 789 -104.31 -24.30 80.30
C THR L 789 -104.67 -22.97 79.67
N ASN L 790 -105.75 -22.97 78.88
CA ASN L 790 -106.15 -21.78 78.14
C ASN L 790 -106.83 -20.75 79.04
N GLU L 791 -107.62 -21.21 80.00
CA GLU L 791 -108.42 -20.31 80.83
C GLU L 791 -108.15 -20.55 82.30
N ILE L 792 -108.01 -19.45 83.05
CA ILE L 792 -107.93 -19.45 84.51
C ILE L 792 -108.91 -18.41 85.02
N MET L 793 -109.22 -18.47 86.31
CA MET L 793 -110.14 -17.51 86.88
C MET L 793 -109.80 -17.25 88.34
N ILE L 794 -109.79 -15.96 88.70
CA ILE L 794 -109.29 -15.48 89.98
C ILE L 794 -110.46 -14.95 90.78
N MET L 795 -110.55 -15.35 92.04
CA MET L 795 -111.72 -15.00 92.82
C MET L 795 -111.30 -14.73 94.25
N PRO L 796 -112.02 -13.88 94.96
CA PRO L 796 -111.74 -13.63 96.37
C PRO L 796 -112.10 -14.83 97.23
N ASN L 797 -111.52 -14.86 98.43
CA ASN L 797 -111.70 -16.00 99.32
C ASN L 797 -113.14 -16.10 99.82
N HIS L 798 -113.79 -14.97 100.10
CA HIS L 798 -115.08 -15.03 100.78
C HIS L 798 -116.17 -15.65 99.94
N ILE L 799 -116.05 -15.64 98.62
CA ILE L 799 -117.06 -16.25 97.77
C ILE L 799 -116.74 -17.74 97.61
N ASN L 800 -117.72 -18.59 97.88
CA ASN L 800 -117.54 -20.03 97.90
C ASN L 800 -118.11 -20.59 96.61
N VAL L 801 -117.31 -21.35 95.88
CA VAL L 801 -117.73 -21.93 94.60
C VAL L 801 -117.50 -23.44 94.66
N PRO L 802 -118.29 -24.21 93.92
CA PRO L 802 -118.08 -25.66 93.89
C PRO L 802 -116.74 -26.01 93.25
N VAL L 803 -116.05 -26.98 93.85
CA VAL L 803 -114.74 -27.42 93.40
C VAL L 803 -114.75 -28.94 93.31
N ASP L 804 -113.64 -29.48 92.80
CA ASP L 804 -113.49 -30.92 92.63
C ASP L 804 -113.11 -31.54 93.97
N ASP L 805 -113.96 -32.45 94.46
CA ASP L 805 -113.73 -33.11 95.74
C ASP L 805 -113.36 -34.58 95.58
N ARG L 806 -113.00 -34.99 94.37
CA ARG L 806 -112.63 -36.39 94.14
C ARG L 806 -111.38 -36.77 94.91
N PHE L 807 -110.40 -35.88 94.96
CA PHE L 807 -109.10 -36.21 95.56
C PHE L 807 -109.00 -35.85 97.03
N GLY L 808 -109.81 -34.92 97.51
CA GLY L 808 -109.81 -34.58 98.93
C GLY L 808 -108.85 -33.48 99.35
N PHE L 809 -108.45 -32.61 98.44
CA PHE L 809 -107.56 -31.52 98.79
C PHE L 809 -108.28 -30.49 99.64
N ARG L 810 -107.51 -29.70 100.38
CA ARG L 810 -108.04 -28.60 101.18
C ARG L 810 -108.06 -27.35 100.33
N ASP L 811 -109.27 -26.84 100.06
CA ASP L 811 -109.47 -25.75 99.10
C ASP L 811 -108.75 -26.04 97.78
N SER L 812 -109.20 -27.10 97.12
CA SER L 812 -108.57 -27.52 95.88
C SER L 812 -108.72 -26.43 94.83
N PRO L 813 -107.66 -26.09 94.11
CA PRO L 813 -107.77 -25.05 93.09
C PRO L 813 -108.27 -25.59 91.76
N PHE L 814 -108.85 -26.78 91.79
CA PHE L 814 -109.29 -27.47 90.58
C PHE L 814 -110.80 -27.53 90.51
N CYS L 815 -111.33 -27.33 89.31
CA CYS L 815 -112.75 -27.55 89.02
C CYS L 815 -112.85 -28.39 87.74
N THR L 816 -113.93 -29.16 87.65
CA THR L 816 -114.12 -30.00 86.46
C THR L 816 -114.27 -29.15 85.21
N SER L 817 -114.90 -27.99 85.33
CA SER L 817 -114.96 -27.01 84.26
C SER L 817 -115.05 -25.62 84.88
N LEU L 818 -114.64 -24.62 84.11
CA LEU L 818 -114.68 -23.25 84.61
C LEU L 818 -116.13 -22.77 84.63
N PRO L 819 -116.67 -22.38 85.78
CA PRO L 819 -118.10 -22.06 85.86
C PRO L 819 -118.43 -20.79 85.09
N ARG L 820 -119.48 -20.87 84.29
CA ARG L 820 -119.99 -19.67 83.61
C ARG L 820 -120.78 -18.79 84.56
N THR L 821 -121.50 -19.38 85.52
CA THR L 821 -122.27 -18.65 86.50
C THR L 821 -121.96 -19.17 87.89
N ILE L 822 -121.92 -18.25 88.86
CA ILE L 822 -121.68 -18.59 90.25
C ILE L 822 -122.80 -17.97 91.08
N MET L 823 -123.55 -18.82 91.79
CA MET L 823 -124.66 -18.39 92.63
C MET L 823 -125.71 -17.60 91.84
N GLY L 824 -125.86 -17.93 90.56
CA GLY L 824 -126.82 -17.26 89.71
C GLY L 824 -126.33 -16.02 89.01
N ASN L 825 -125.08 -15.62 89.23
CA ASN L 825 -124.50 -14.44 88.59
C ASN L 825 -123.44 -14.88 87.58
N ASP L 826 -123.53 -14.36 86.37
CA ASP L 826 -122.54 -14.68 85.34
C ASP L 826 -121.20 -14.04 85.69
N VAL L 827 -120.13 -14.80 85.52
CA VAL L 827 -118.79 -14.30 85.75
C VAL L 827 -118.40 -13.39 84.60
N ARG L 828 -117.33 -12.61 84.78
CA ARG L 828 -116.84 -11.71 83.74
C ARG L 828 -115.64 -12.35 83.05
N ARG L 829 -115.70 -12.43 81.73
CA ARG L 829 -114.64 -13.00 80.92
C ARG L 829 -113.81 -11.88 80.32
N ILE L 830 -112.51 -11.88 80.59
CA ILE L 830 -111.59 -10.85 80.13
C ILE L 830 -110.45 -11.51 79.40
N SER L 831 -110.15 -11.04 78.20
CA SER L 831 -108.99 -11.53 77.48
C SER L 831 -107.70 -10.96 78.09
N TYR L 832 -106.59 -11.66 77.86
CA TYR L 832 -105.33 -11.23 78.44
C TYR L 832 -104.89 -9.88 77.87
N ASN L 833 -105.23 -9.61 76.61
CA ASN L 833 -104.86 -8.34 76.02
C ASN L 833 -105.56 -7.17 76.70
N VAL L 834 -106.86 -7.29 76.94
CA VAL L 834 -107.59 -6.22 77.60
C VAL L 834 -107.16 -6.09 79.05
N PHE L 835 -106.88 -7.22 79.71
CA PHE L 835 -106.44 -7.19 81.10
C PHE L 835 -105.11 -6.47 81.25
N SER L 836 -104.26 -6.52 80.22
CA SER L 836 -102.97 -5.85 80.29
C SER L 836 -103.14 -4.34 80.41
N MET L 837 -104.07 -3.77 79.66
CA MET L 837 -104.25 -2.33 79.61
C MET L 837 -105.37 -1.82 80.51
N MET L 838 -106.11 -2.71 81.16
CA MET L 838 -107.16 -2.28 82.07
C MET L 838 -106.55 -1.55 83.26
N GLU L 839 -107.14 -0.41 83.63
CA GLU L 839 -106.55 0.47 84.63
C GLU L 839 -107.03 0.15 86.04
N ASP L 840 -108.34 0.13 86.26
CA ASP L 840 -108.89 -0.09 87.60
C ASP L 840 -108.97 -1.59 87.90
N ILE L 841 -107.79 -2.19 88.06
CA ILE L 841 -107.74 -3.62 88.37
C ILE L 841 -108.15 -3.87 89.82
N ASP L 842 -107.95 -2.90 90.70
CA ASP L 842 -108.33 -3.08 92.10
C ASP L 842 -109.82 -3.34 92.24
N ASP L 843 -110.64 -2.59 91.49
CA ASP L 843 -112.09 -2.79 91.57
C ASP L 843 -112.53 -4.02 90.79
N VAL L 844 -111.89 -4.32 89.66
CA VAL L 844 -112.29 -5.46 88.86
C VAL L 844 -111.91 -6.78 89.50
N ILE L 845 -111.07 -6.77 90.53
CA ILE L 845 -110.66 -7.99 91.21
C ILE L 845 -111.44 -8.25 92.49
N SER L 846 -112.22 -7.26 92.96
CA SER L 846 -113.06 -7.51 94.13
C SER L 846 -114.16 -8.52 93.83
N GLU L 847 -114.59 -8.60 92.58
CA GLU L 847 -115.40 -9.71 92.09
C GLU L 847 -114.55 -10.54 91.13
N GLY L 848 -114.86 -11.82 91.02
CA GLY L 848 -114.05 -12.70 90.21
C GLY L 848 -114.14 -12.38 88.73
N PHE L 849 -113.09 -12.78 88.00
CA PHE L 849 -113.05 -12.62 86.56
C PHE L 849 -112.23 -13.74 85.96
N ILE L 850 -112.49 -14.01 84.68
CA ILE L 850 -111.87 -15.11 83.94
C ILE L 850 -110.88 -14.51 82.94
N LEU L 851 -109.67 -15.04 82.92
CA LEU L 851 -108.65 -14.64 81.95
C LEU L 851 -108.49 -15.74 80.92
N TYR L 852 -108.62 -15.38 79.64
CA TYR L 852 -108.49 -16.34 78.56
C TYR L 852 -107.70 -15.69 77.42
N ASP L 853 -107.67 -16.37 76.27
CA ASP L 853 -106.93 -15.92 75.09
C ASP L 853 -105.44 -15.78 75.39
N ALA L 854 -104.89 -16.74 76.14
CA ALA L 854 -103.47 -16.79 76.42
C ALA L 854 -103.15 -18.18 76.96
N TYR L 855 -101.85 -18.46 77.08
CA TYR L 855 -101.35 -19.71 77.63
C TYR L 855 -100.82 -19.46 79.03
N PHE L 856 -101.32 -20.21 80.00
CA PHE L 856 -100.94 -20.06 81.40
C PHE L 856 -100.20 -21.32 81.85
N ASN L 857 -98.95 -21.15 82.27
CA ASN L 857 -98.17 -22.27 82.79
C ASN L 857 -98.35 -22.36 84.30
N PHE L 858 -98.68 -23.55 84.78
CA PHE L 858 -98.87 -23.79 86.19
C PHE L 858 -98.12 -25.04 86.63
N SER L 859 -97.66 -25.03 87.87
CA SER L 859 -97.02 -26.18 88.49
C SER L 859 -97.57 -26.35 89.89
N TYR L 860 -97.48 -27.57 90.40
CA TYR L 860 -98.00 -27.85 91.74
C TYR L 860 -97.18 -28.93 92.39
N ASP L 861 -97.23 -28.95 93.72
CA ASP L 861 -96.64 -30.00 94.53
C ASP L 861 -97.71 -30.58 95.43
N ILE L 862 -97.83 -31.90 95.44
CA ILE L 862 -98.81 -32.59 96.27
C ILE L 862 -98.07 -33.13 97.49
N MET L 863 -98.42 -32.62 98.66
CA MET L 863 -97.78 -32.99 99.91
C MET L 863 -98.73 -33.86 100.74
N THR L 864 -98.18 -34.93 101.31
CA THR L 864 -99.02 -35.90 102.02
C THR L 864 -99.67 -35.29 103.26
N THR L 865 -98.91 -34.52 104.03
CA THR L 865 -99.41 -34.00 105.29
C THR L 865 -100.46 -32.91 105.05
N ASP L 866 -101.29 -32.68 106.06
CA ASP L 866 -102.27 -31.62 106.02
C ASP L 866 -101.59 -30.27 106.16
N GLY L 867 -102.25 -29.24 105.62
CA GLY L 867 -101.71 -27.89 105.69
C GLY L 867 -102.58 -26.93 104.93
N VAL L 868 -102.16 -25.68 104.91
CA VAL L 868 -102.88 -24.63 104.19
C VAL L 868 -102.46 -24.65 102.73
N THR L 869 -103.44 -24.70 101.84
CA THR L 869 -103.17 -24.67 100.41
C THR L 869 -103.15 -23.22 99.93
N ARG L 870 -102.07 -22.83 99.26
CA ARG L 870 -101.88 -21.44 98.88
C ARG L 870 -100.93 -21.38 97.71
N LEU L 871 -100.93 -20.23 97.05
CA LEU L 871 -100.01 -19.97 95.96
C LEU L 871 -98.66 -19.49 96.49
N LYS L 872 -97.60 -19.84 95.78
CA LYS L 872 -96.25 -19.47 96.20
C LYS L 872 -96.05 -17.96 96.13
N GLU L 873 -96.58 -17.31 95.10
CA GLU L 873 -96.36 -15.89 94.87
C GLU L 873 -97.69 -15.17 94.75
N ASP L 874 -97.66 -13.86 95.01
CA ASP L 874 -98.83 -13.03 94.82
C ASP L 874 -99.22 -12.99 93.35
N ILE L 875 -100.52 -12.98 93.08
CA ILE L 875 -101.01 -13.16 91.71
C ILE L 875 -100.71 -11.96 90.84
N LEU L 876 -100.93 -10.75 91.34
CA LEU L 876 -101.04 -9.57 90.51
C LEU L 876 -99.78 -8.72 90.59
N ILE L 877 -99.26 -8.31 89.42
CA ILE L 877 -98.13 -7.40 89.33
C ILE L 877 -98.47 -6.34 88.29
N VAL L 878 -98.31 -5.07 88.65
CA VAL L 878 -98.67 -3.95 87.80
C VAL L 878 -97.42 -3.14 87.51
N THR L 879 -97.14 -2.94 86.22
CA THR L 879 -96.06 -2.06 85.77
C THR L 879 -96.65 -0.88 85.03
N ASP L 880 -95.77 0.04 84.63
CA ASP L 880 -96.20 1.22 83.89
C ASP L 880 -96.74 0.81 82.52
N THR L 881 -96.04 -0.08 81.82
CA THR L 881 -96.44 -0.46 80.47
C THR L 881 -97.74 -1.26 80.48
N GLY L 882 -97.91 -2.15 81.45
CA GLY L 882 -99.10 -2.97 81.48
C GLY L 882 -99.11 -3.88 82.70
N ASN L 883 -100.23 -4.59 82.85
CA ASN L 883 -100.44 -5.50 83.95
C ASN L 883 -100.25 -6.94 83.48
N ASP L 884 -99.51 -7.72 84.27
CA ASP L 884 -99.29 -9.12 84.00
C ASP L 884 -99.63 -9.95 85.23
N ILE L 885 -99.64 -11.26 85.05
CA ILE L 885 -99.92 -12.20 86.12
C ILE L 885 -98.63 -12.95 86.45
N LYS L 886 -98.45 -13.25 87.73
CA LYS L 886 -97.21 -13.87 88.20
C LYS L 886 -97.24 -15.37 87.97
N PRO L 887 -96.08 -16.04 88.04
CA PRO L 887 -96.05 -17.48 87.91
C PRO L 887 -96.92 -18.15 88.96
N ILE L 888 -97.57 -19.25 88.56
CA ILE L 888 -98.50 -19.97 89.42
C ILE L 888 -97.82 -21.24 89.91
N HIS L 889 -97.71 -21.36 91.23
CA HIS L 889 -97.23 -22.57 91.87
C HIS L 889 -98.14 -22.89 93.04
N PHE L 890 -98.61 -24.14 93.10
CA PHE L 890 -99.59 -24.56 94.09
C PHE L 890 -98.94 -25.48 95.10
N TYR L 891 -99.17 -25.19 96.38
CA TYR L 891 -98.79 -26.07 97.49
C TYR L 891 -100.08 -26.72 97.98
N ILE L 892 -100.36 -27.93 97.49
CA ILE L 892 -101.63 -28.60 97.75
C ILE L 892 -101.47 -29.55 98.91
N TYR L 893 -102.43 -29.53 99.83
CA TYR L 893 -102.41 -30.37 101.02
C TYR L 893 -103.73 -31.10 101.18
N PHE L 894 -103.65 -32.37 101.57
CA PHE L 894 -104.85 -33.14 101.85
C PHE L 894 -105.54 -32.60 103.11
N GLU L 895 -106.83 -32.85 103.20
CA GLU L 895 -107.70 -32.12 104.13
C GLU L 895 -108.35 -33.04 105.14
N ASN L 896 -108.37 -32.59 106.39
CA ASN L 896 -109.15 -33.19 107.47
C ASN L 896 -110.20 -32.20 107.92
N ARG L 897 -111.46 -32.63 107.93
CA ARG L 897 -112.56 -31.72 108.27
C ARG L 897 -112.46 -31.28 109.73
N ASN L 898 -112.11 -32.18 110.63
CA ASN L 898 -112.17 -31.90 112.06
C ASN L 898 -111.15 -30.87 112.51
N ASP L 899 -110.09 -30.66 111.74
CA ASP L 899 -109.08 -29.69 112.15
C ASP L 899 -109.66 -28.29 112.22
N LYS L 900 -109.34 -27.57 113.29
CA LYS L 900 -109.86 -26.24 113.53
C LYS L 900 -108.84 -25.14 113.24
N LYS L 901 -107.61 -25.31 113.71
CA LYS L 901 -106.59 -24.30 113.46
C LYS L 901 -106.27 -24.17 111.98
N LEU L 902 -106.20 -25.30 111.27
CA LEU L 902 -105.93 -25.24 109.84
C LEU L 902 -107.07 -24.59 109.09
N ARG L 903 -108.32 -24.86 109.51
CA ARG L 903 -109.47 -24.27 108.83
C ARG L 903 -109.48 -22.76 108.95
N TYR L 904 -109.13 -22.24 110.13
CA TYR L 904 -109.11 -20.79 110.33
C TYR L 904 -108.10 -20.13 109.40
N GLU L 905 -106.91 -20.72 109.26
CA GLU L 905 -105.89 -20.13 108.41
C GLU L 905 -106.33 -20.08 106.96
N SER L 906 -107.00 -21.14 106.50
CA SER L 906 -107.50 -21.16 105.12
C SER L 906 -108.70 -20.26 104.94
N LYS L 907 -109.27 -19.73 106.02
CA LYS L 907 -110.45 -18.88 105.94
C LYS L 907 -110.11 -17.41 106.09
N MET L 908 -109.36 -17.05 107.12
CA MET L 908 -109.13 -15.65 107.45
C MET L 908 -107.80 -15.11 106.95
N ASN L 909 -106.79 -15.96 106.78
CA ASN L 909 -105.45 -15.50 106.44
C ASN L 909 -105.11 -15.64 104.96
N VAL L 910 -106.09 -15.97 104.12
CA VAL L 910 -105.91 -16.01 102.67
C VAL L 910 -106.92 -15.10 102.02
N SER L 911 -106.47 -14.30 101.05
CA SER L 911 -107.31 -13.29 100.42
C SER L 911 -107.85 -13.72 99.07
N TYR L 912 -106.98 -14.14 98.16
CA TYR L 912 -107.37 -14.45 96.79
C TYR L 912 -107.01 -15.89 96.43
N ARG L 913 -107.82 -16.48 95.56
CA ARG L 913 -107.63 -17.84 95.11
C ARG L 913 -107.54 -17.89 93.59
N LEU L 914 -106.80 -18.88 93.09
CA LEU L 914 -106.62 -19.09 91.67
C LEU L 914 -107.09 -20.50 91.32
N TYR L 915 -107.98 -20.59 90.33
CA TYR L 915 -108.58 -21.84 89.93
C TYR L 915 -108.24 -22.15 88.47
N ILE L 916 -108.02 -23.43 88.19
CA ILE L 916 -107.82 -23.93 86.84
C ILE L 916 -108.64 -25.19 86.67
N LYS L 917 -108.80 -25.61 85.41
CA LYS L 917 -109.46 -26.87 85.13
C LYS L 917 -108.64 -28.03 85.69
N THR L 918 -109.33 -29.06 86.12
CA THR L 918 -108.65 -30.21 86.70
C THR L 918 -107.81 -30.90 85.63
N PRO L 919 -106.50 -31.04 85.82
CA PRO L 919 -105.68 -31.67 84.79
C PRO L 919 -106.04 -33.13 84.60
N ALA L 920 -105.83 -33.62 83.38
CA ALA L 920 -106.10 -35.01 83.07
C ALA L 920 -105.05 -35.95 83.63
N CYS L 921 -103.94 -35.42 84.17
CA CYS L 921 -102.93 -36.27 84.79
C CYS L 921 -103.51 -37.02 85.98
N LEU L 922 -104.27 -36.33 86.81
CA LEU L 922 -104.73 -36.89 88.07
C LEU L 922 -105.79 -37.95 87.85
N LEU L 923 -105.85 -38.92 88.77
CA LEU L 923 -106.79 -40.00 88.72
C LEU L 923 -107.08 -40.45 90.14
N PRO L 924 -108.34 -40.51 90.56
CA PRO L 924 -108.66 -40.98 91.91
C PRO L 924 -108.30 -42.45 92.07
N LEU L 925 -108.15 -42.85 93.33
CA LEU L 925 -107.76 -44.23 93.62
C LEU L 925 -108.81 -45.21 93.13
N SER L 926 -110.09 -44.88 93.30
CA SER L 926 -111.15 -45.80 92.90
C SER L 926 -111.12 -46.09 91.41
N ASP L 927 -110.70 -45.12 90.60
CA ASP L 927 -110.61 -45.31 89.15
C ASP L 927 -109.23 -45.81 88.74
N TYR L 928 -108.77 -46.89 89.38
CA TYR L 928 -107.49 -47.48 89.01
C TYR L 928 -107.60 -48.42 87.82
N MET L 929 -108.82 -48.76 87.39
CA MET L 929 -109.01 -49.67 86.28
C MET L 929 -108.82 -49.00 84.94
N ARG L 930 -108.85 -47.66 84.89
CA ARG L 930 -108.62 -46.96 83.64
C ARG L 930 -107.15 -46.97 83.24
N ALA L 931 -106.25 -47.01 84.23
CA ALA L 931 -104.83 -46.99 83.93
C ALA L 931 -104.36 -48.27 83.24
N GLN L 932 -105.11 -49.35 83.36
CA GLN L 932 -104.70 -50.62 82.75
C GLN L 932 -104.64 -50.48 81.23
N HIS L 933 -103.52 -50.91 80.65
CA HIS L 933 -103.27 -50.79 79.23
C HIS L 933 -102.42 -51.95 78.77
N ASP L 934 -102.41 -52.18 77.46
CA ASP L 934 -101.75 -53.33 76.87
C ASP L 934 -100.55 -52.91 76.02
N TYR L 935 -99.49 -53.71 76.07
CA TYR L 935 -98.32 -53.54 75.23
C TYR L 935 -97.99 -54.89 74.60
N VAL L 936 -97.72 -54.89 73.31
CA VAL L 936 -97.49 -56.11 72.55
C VAL L 936 -96.01 -56.21 72.21
N SER L 937 -95.40 -57.35 72.53
CA SER L 937 -94.01 -57.60 72.27
C SER L 937 -93.86 -58.68 71.21
N PRO L 938 -93.09 -58.44 70.15
CA PRO L 938 -92.93 -59.46 69.11
C PRO L 938 -92.25 -60.70 69.66
N SER L 939 -92.55 -61.84 69.03
CA SER L 939 -92.05 -63.12 69.50
C SER L 939 -90.53 -63.14 69.45
N SER L 940 -89.92 -63.78 70.46
CA SER L 940 -88.47 -63.88 70.53
C SER L 940 -87.89 -64.83 69.49
N SER L 941 -88.74 -65.60 68.80
CA SER L 941 -88.24 -66.55 67.83
C SER L 941 -87.69 -65.89 66.58
N ARG L 942 -88.16 -64.69 66.26
CA ARG L 942 -87.74 -64.04 65.03
C ARG L 942 -86.31 -63.53 65.15
N VAL L 943 -85.57 -63.63 64.05
CA VAL L 943 -84.17 -63.22 63.97
C VAL L 943 -84.04 -62.12 62.93
N TYR L 944 -83.34 -61.05 63.30
CA TYR L 944 -83.18 -59.89 62.43
C TYR L 944 -81.87 -59.99 61.67
N ILE L 945 -81.94 -59.75 60.36
CA ILE L 945 -80.77 -59.91 59.50
C ILE L 945 -79.76 -58.81 59.78
N LYS L 946 -78.50 -59.18 59.90
CA LYS L 946 -77.40 -58.24 60.06
C LYS L 946 -76.50 -58.18 58.83
N ASP L 947 -76.89 -58.85 57.74
CA ASP L 947 -76.04 -58.98 56.57
C ASP L 947 -76.75 -58.42 55.34
N PRO L 948 -76.01 -57.96 54.34
CA PRO L 948 -76.63 -57.50 53.10
C PRO L 948 -76.97 -58.67 52.19
N ALA L 949 -77.67 -58.35 51.10
CA ALA L 949 -78.04 -59.32 50.09
C ALA L 949 -77.26 -59.04 48.82
N VAL L 950 -76.49 -60.01 48.37
CA VAL L 950 -75.62 -59.85 47.20
C VAL L 950 -76.32 -60.45 45.98
N VAL L 951 -76.15 -59.80 44.84
CA VAL L 951 -76.75 -60.25 43.59
C VAL L 951 -75.62 -60.72 42.66
N TYR L 952 -75.99 -61.56 41.70
CA TYR L 952 -75.01 -62.17 40.82
C TYR L 952 -75.76 -62.80 39.65
N THR L 953 -75.00 -63.16 38.61
CA THR L 953 -75.54 -63.88 37.48
C THR L 953 -74.41 -64.66 36.82
N ARG L 954 -74.79 -65.62 35.99
CA ARG L 954 -73.80 -66.48 35.34
C ARG L 954 -73.96 -66.54 33.83
N SER L 955 -74.92 -65.83 33.25
CA SER L 955 -75.10 -65.81 31.82
C SER L 955 -74.01 -64.98 31.15
#